data_4O5I
#
_entry.id   4O5I
#
_cell.length_a   318.123
_cell.length_b   187.167
_cell.length_c   353.636
_cell.angle_alpha   90.00
_cell.angle_beta   90.47
_cell.angle_gamma   90.00
#
_symmetry.space_group_name_H-M   'C 1 2 1'
#
loop_
_entity.id
_entity.type
_entity.pdbx_description
1 polymer 'Hemagglutinin HA1 chain'
2 polymer 'Hemagglutinin HA2 chain'
3 polymer 'Fab F045-092 heavy chain'
4 polymer 'Fab F045-092 light chain'
5 branched beta-D-mannopyranose-(1-4)-2-acetamido-2-deoxy-beta-D-glucopyranose-(1-4)-2-acetamido-2-deoxy-beta-D-glucopyranose
6 branched 2-acetamido-2-deoxy-beta-D-glucopyranose-(1-4)-2-acetamido-2-deoxy-beta-D-glucopyranose
7 branched alpha-D-mannopyranose-(1-3)-[alpha-D-mannopyranose-(1-6)]beta-D-mannopyranose-(1-4)-2-acetamido-2-deoxy-beta-D-glucopyranose-(1-4)-2-acetamido-2-deoxy-beta-D-glucopyranose
8 branched alpha-D-mannopyranose-(1-3)-beta-D-mannopyranose-(1-4)-2-acetamido-2-deoxy-beta-D-glucopyranose-(1-4)-2-acetamido-2-deoxy-beta-D-glucopyranose
9 non-polymer 2-acetamido-2-deoxy-beta-D-glucopyranose
#
loop_
_entity_poly.entity_id
_entity_poly.type
_entity_poly.pdbx_seq_one_letter_code
_entity_poly.pdbx_strand_id
1 'polypeptide(L)'
;ADPGATLCLGHHAVPNGTIVKTITNDQIEVTNATELVQNSSIGEICDSPHQILDGENCTLIDALLGDPQCDGFQNKKWDL
FVERSKAYSNCYPYDVPDYASLRSLVASSGTLEFNNESFNWTGVTQNGTSSACIRRSNNSFFSRLNWLTHLNFKYPALNV
TMPNNEQFDKLYIWGVHHPGTDKDQIFLYAQSSGRITVSTKRSQQAVIPNIGSRPRIRNIPSRISIYWTIVKPGDILLIN
STGNLIAPRGYFKIRSGKSSIMRSDAPIGKCNSECITPNGSIPNDKPFQNVNRITYGACPRYVKQSTLKLATGMRNVPEK
QTR
;
A,C,E,G,I,K
2 'polypeptide(L)'
;GIFGAIAGFIENGWEGMVDGWYGFRHQNSEGRGQAADLKSTQAAIDQINGKLNRLIGKTNEKFHQIEKEFSEVEGRIQDL
EKYVEDTKIDLWSYNAELLVALENQHTIDLTDSEMNKLFEKTKKQLRENAEDMGNGCFKIYHKCDNACIGSIRNGTYDHD
VYRDEALNNRFQIKGV
;
B,D,F,H,J,L
3 'polypeptide(L)'
;EVQLVESGAEVKKPGSSVKVSCRASGTFYKYAINWVRQAPGQGLEWMGGIIPFFGTTNYAQKFQGRLTITADGSTNTAYM
QLDSLRSEDTAVYYCAGPSITESHYCLDCAAKDYYYGLDVWGQGTTVTVSSASTKGPSVFPLAPSSKSTSGGTAALGCLV
KDYFPEPVTVSWNSGALTSGVHTFPAVLQSSGLYSLSSVVTVPSSSLGTQTYICNVNHKPSNTKVDKRVEPKSCHHHHHH
;
M,O,Q,S,U,W
4 'polypeptide(L)'
;QSVLTQPPSASGTPGQSVTISCSGSRSNIGGNTVNWYQHLPGMAPKLLIYSSNQRSSGVPDRFSGSKSGTSASLAISGLQ
SEDDADYYCASWDDSLNGVVFGGGTKLTVLGQPKAAPSVTLFPPSSEELQANKATLVCLISDFYPGAVTVAWKADSSPVK
AGVETTTPSKQSNNKYAASSYLSLTPEQWKSHRSYSCQVTHEGSTVEKTVAPTECS
;
N,P,R,T,V,X
#
loop_
_chem_comp.id
_chem_comp.type
_chem_comp.name
_chem_comp.formula
BMA D-saccharide, beta linking beta-D-mannopyranose 'C6 H12 O6'
MAN D-saccharide, alpha linking alpha-D-mannopyranose 'C6 H12 O6'
NAG D-saccharide, beta linking 2-acetamido-2-deoxy-beta-D-glucopyranose 'C8 H15 N O6'
#
# COMPACT_ATOMS: atom_id res chain seq x y z
N PRO A 3 75.89 -137.02 87.64
CA PRO A 3 76.55 -135.71 87.54
C PRO A 3 76.44 -135.11 86.13
N GLY A 4 77.51 -135.20 85.35
CA GLY A 4 77.52 -134.66 84.00
C GLY A 4 77.68 -133.15 83.93
N ALA A 5 77.14 -132.55 82.87
CA ALA A 5 77.25 -131.11 82.69
C ALA A 5 76.07 -130.51 81.92
N THR A 6 75.95 -129.18 81.95
CA THR A 6 74.98 -128.43 81.15
C THR A 6 75.76 -127.39 80.35
N LEU A 7 75.44 -127.22 79.06
CA LEU A 7 76.11 -126.18 78.26
C LEU A 7 75.07 -125.32 77.55
N CYS A 8 75.05 -124.02 77.87
CA CYS A 8 74.06 -123.13 77.26
C CYS A 8 74.65 -122.13 76.29
N LEU A 9 73.95 -121.96 75.17
CA LEU A 9 74.32 -120.99 74.14
C LEU A 9 73.48 -119.77 74.41
N GLY A 10 74.04 -118.59 74.15
CA GLY A 10 73.34 -117.34 74.38
C GLY A 10 73.99 -116.20 73.61
N HIS A 11 73.47 -114.99 73.80
CA HIS A 11 73.94 -113.85 73.05
C HIS A 11 73.95 -112.68 74.02
N HIS A 12 74.65 -111.60 73.69
CA HIS A 12 74.74 -110.51 74.64
C HIS A 12 73.49 -109.65 74.62
N ALA A 13 73.39 -108.75 75.59
CA ALA A 13 72.37 -107.73 75.61
C ALA A 13 72.95 -106.51 76.30
N VAL A 14 72.30 -105.36 76.14
CA VAL A 14 72.74 -104.14 76.82
C VAL A 14 71.58 -103.55 77.60
N PRO A 15 71.87 -102.76 78.64
CA PRO A 15 70.78 -102.13 79.37
C PRO A 15 70.23 -100.89 78.68
N ASN A 16 70.98 -100.38 77.71
CA ASN A 16 70.58 -99.16 77.04
C ASN A 16 70.47 -99.30 75.52
N GLY A 17 69.50 -100.09 75.10
CA GLY A 17 69.32 -100.36 73.68
C GLY A 17 68.71 -99.16 72.98
N THR A 18 68.69 -99.20 71.65
CA THR A 18 68.10 -98.11 70.91
C THR A 18 67.04 -98.64 69.94
N ILE A 19 65.94 -97.90 69.81
CA ILE A 19 64.82 -98.29 68.97
C ILE A 19 65.02 -97.81 67.55
N VAL A 20 64.86 -98.71 66.59
CA VAL A 20 64.94 -98.38 65.18
C VAL A 20 63.67 -98.88 64.52
N LYS A 21 63.43 -98.49 63.27
CA LYS A 21 62.26 -98.99 62.56
C LYS A 21 62.72 -100.05 61.57
N THR A 22 61.84 -101.02 61.33
CA THR A 22 62.10 -102.06 60.34
C THR A 22 60.90 -102.27 59.46
N ILE A 23 61.05 -103.23 58.55
CA ILE A 23 59.99 -103.60 57.65
C ILE A 23 58.73 -104.10 58.36
N THR A 24 58.87 -104.80 59.48
CA THR A 24 57.67 -105.40 60.07
C THR A 24 57.23 -104.81 61.41
N ASN A 25 58.02 -103.87 61.92
CA ASN A 25 57.71 -103.30 63.22
C ASN A 25 58.36 -101.93 63.33
N ASP A 26 57.60 -100.93 63.73
CA ASP A 26 58.14 -99.58 63.75
C ASP A 26 59.02 -99.28 64.98
N GLN A 27 58.98 -100.15 65.98
CA GLN A 27 59.76 -99.93 67.20
C GLN A 27 60.27 -101.25 67.78
N ILE A 28 61.52 -101.58 67.46
CA ILE A 28 62.17 -102.78 67.95
C ILE A 28 63.49 -102.39 68.59
N GLU A 29 63.78 -102.95 69.76
CA GLU A 29 64.99 -102.55 70.44
C GLU A 29 66.16 -103.43 70.00
N VAL A 30 67.25 -102.77 69.61
CA VAL A 30 68.51 -103.43 69.23
C VAL A 30 69.66 -102.98 70.12
N THR A 31 70.81 -103.65 70.02
CA THR A 31 71.91 -103.36 70.94
C THR A 31 72.66 -102.06 70.68
N ASN A 32 72.60 -101.55 69.44
CA ASN A 32 73.35 -100.35 69.09
C ASN A 32 72.85 -99.83 67.75
N ALA A 33 73.01 -98.52 67.51
CA ALA A 33 72.63 -97.94 66.23
C ALA A 33 73.46 -96.70 65.94
N THR A 34 73.36 -96.22 64.71
CA THR A 34 74.04 -94.99 64.29
C THR A 34 73.14 -94.07 63.47
N GLU A 35 73.34 -92.76 63.63
CA GLU A 35 72.45 -91.80 63.01
C GLU A 35 72.92 -91.59 61.57
N LEU A 36 71.99 -91.69 60.62
CA LEU A 36 72.33 -91.54 59.21
C LEU A 36 71.95 -90.17 58.67
N VAL A 37 71.26 -89.39 59.50
CA VAL A 37 70.88 -88.03 59.12
C VAL A 37 71.69 -87.00 59.92
N GLN A 38 72.53 -86.23 59.22
CA GLN A 38 73.23 -85.12 59.86
C GLN A 38 72.20 -84.03 60.14
N ASN A 39 72.04 -83.64 61.40
CA ASN A 39 70.98 -82.71 61.77
C ASN A 39 71.43 -81.35 62.31
N SER A 40 72.73 -81.10 62.28
CA SER A 40 73.24 -79.84 62.80
C SER A 40 74.37 -79.27 61.97
N SER A 41 74.58 -77.96 62.09
CA SER A 41 75.79 -77.32 61.55
C SER A 41 76.52 -76.57 62.66
N ILE A 42 77.80 -76.30 62.45
CA ILE A 42 78.58 -75.49 63.40
C ILE A 42 78.34 -74.00 63.24
N GLY A 43 77.55 -73.64 62.25
CA GLY A 43 77.08 -72.29 62.10
C GLY A 43 78.05 -71.39 61.35
N GLU A 44 79.17 -71.96 60.87
CA GLU A 44 80.07 -71.20 60.02
C GLU A 44 80.49 -71.93 58.73
N ILE A 45 80.78 -71.16 57.68
CA ILE A 45 81.27 -71.72 56.42
C ILE A 45 82.80 -71.77 56.38
N CYS A 46 83.36 -72.97 56.39
CA CYS A 46 84.81 -73.12 56.40
C CYS A 46 85.49 -72.65 55.11
N ASP A 47 86.60 -71.93 55.29
CA ASP A 47 87.33 -71.34 54.16
C ASP A 47 88.21 -72.32 53.38
N SER A 48 88.24 -73.57 53.83
CA SER A 48 89.04 -74.61 53.18
C SER A 48 88.19 -75.85 53.03
N PRO A 49 88.46 -76.66 52.00
CA PRO A 49 89.52 -76.52 51.00
C PRO A 49 89.05 -75.82 49.74
N HIS A 50 87.80 -75.38 49.74
CA HIS A 50 87.25 -74.65 48.60
C HIS A 50 87.59 -73.17 48.77
N GLN A 51 87.78 -72.47 47.64
CA GLN A 51 88.09 -71.05 47.71
C GLN A 51 86.83 -70.24 47.94
N ILE A 52 86.75 -69.61 49.10
CA ILE A 52 85.55 -68.87 49.46
C ILE A 52 85.78 -67.39 49.16
N LEU A 53 84.78 -66.77 48.57
CA LEU A 53 84.80 -65.32 48.38
C LEU A 53 83.58 -64.71 49.05
N ASP A 54 83.82 -63.94 50.11
CA ASP A 54 82.74 -63.29 50.86
C ASP A 54 82.32 -62.00 50.16
N GLY A 55 81.08 -61.97 49.67
CA GLY A 55 80.59 -60.80 48.96
C GLY A 55 80.40 -59.58 49.83
N GLU A 56 80.31 -59.79 51.15
CA GLU A 56 80.09 -58.71 52.11
C GLU A 56 78.90 -57.83 51.71
N ASN A 57 79.16 -56.56 51.43
CA ASN A 57 78.12 -55.61 51.02
C ASN A 57 77.69 -55.68 49.55
N CYS A 58 78.34 -56.55 48.77
CA CYS A 58 78.17 -56.57 47.31
C CYS A 58 77.46 -57.82 46.80
N THR A 59 76.46 -57.64 45.94
CA THR A 59 75.93 -58.77 45.16
C THR A 59 76.96 -59.10 44.09
N LEU A 60 76.84 -60.30 43.50
CA LEU A 60 77.71 -60.71 42.39
C LEU A 60 77.62 -59.72 41.24
N ILE A 61 76.39 -59.33 40.93
CA ILE A 61 76.16 -58.39 39.84
C ILE A 61 76.84 -57.05 40.08
N ASP A 62 76.77 -56.56 41.33
CA ASP A 62 77.43 -55.31 41.70
C ASP A 62 78.97 -55.35 41.62
N ALA A 63 79.56 -56.48 41.97
CA ALA A 63 81.01 -56.68 41.86
C ALA A 63 81.41 -56.73 40.39
N LEU A 64 80.53 -57.32 39.59
CA LEU A 64 80.71 -57.41 38.15
C LEU A 64 80.75 -56.05 37.51
N LEU A 65 79.70 -55.28 37.76
CA LEU A 65 79.55 -53.96 37.18
C LEU A 65 80.64 -53.01 37.65
N GLY A 66 81.08 -53.18 38.89
CA GLY A 66 82.11 -52.32 39.45
C GLY A 66 81.61 -51.18 40.30
N ASP A 67 80.61 -51.45 41.16
CA ASP A 67 80.23 -50.50 42.20
C ASP A 67 81.49 -50.22 43.00
N PRO A 68 81.81 -48.93 43.23
CA PRO A 68 83.05 -48.49 43.85
C PRO A 68 83.42 -49.22 45.13
N GLN A 69 82.42 -49.50 45.95
CA GLN A 69 82.67 -50.21 47.20
C GLN A 69 83.05 -51.68 46.95
N CYS A 70 82.92 -52.12 45.69
CA CYS A 70 83.26 -53.50 45.30
C CYS A 70 84.54 -53.55 44.47
N ASP A 71 85.30 -52.47 44.49
CA ASP A 71 86.52 -52.38 43.69
C ASP A 71 87.54 -53.44 44.07
N GLY A 72 87.52 -53.84 45.34
CA GLY A 72 88.41 -54.87 45.84
C GLY A 72 88.20 -56.23 45.20
N PHE A 73 87.05 -56.40 44.57
CA PHE A 73 86.71 -57.71 44.00
C PHE A 73 87.26 -57.94 42.60
N GLN A 74 87.84 -56.92 42.00
CA GLN A 74 88.26 -57.01 40.60
C GLN A 74 89.14 -58.22 40.32
N ASN A 75 88.74 -59.02 39.34
CA ASN A 75 89.57 -60.09 38.79
C ASN A 75 89.77 -61.29 39.72
N LYS A 76 89.06 -61.32 40.84
CA LYS A 76 89.18 -62.41 41.79
C LYS A 76 88.43 -63.64 41.28
N LYS A 77 88.81 -64.81 41.77
CA LYS A 77 88.13 -66.05 41.42
C LYS A 77 87.52 -66.65 42.67
N TRP A 78 86.64 -67.63 42.47
CA TRP A 78 86.03 -68.30 43.61
C TRP A 78 85.58 -69.68 43.16
N ASP A 79 85.47 -70.60 44.13
CA ASP A 79 84.71 -71.81 43.94
C ASP A 79 83.28 -71.51 44.38
N LEU A 80 83.15 -70.83 45.51
CA LEU A 80 81.82 -70.46 46.00
C LEU A 80 81.78 -68.99 46.42
N PHE A 81 80.97 -68.23 45.70
CA PHE A 81 80.72 -66.85 46.03
C PHE A 81 79.54 -66.78 47.00
N VAL A 82 79.73 -66.08 48.12
CA VAL A 82 78.71 -66.00 49.14
C VAL A 82 78.05 -64.63 49.22
N GLU A 83 76.77 -64.56 48.91
CA GLU A 83 76.05 -63.29 48.95
C GLU A 83 75.35 -63.08 50.28
N ARG A 84 75.54 -61.89 50.85
CA ARG A 84 75.00 -61.58 52.16
C ARG A 84 73.68 -60.84 51.98
N SER A 85 72.74 -61.05 52.88
CA SER A 85 71.43 -60.40 52.80
C SER A 85 71.60 -58.90 53.05
N LYS A 86 72.71 -58.54 53.70
CA LYS A 86 72.99 -57.15 54.02
C LYS A 86 73.50 -56.34 52.80
N ALA A 87 73.78 -57.04 51.71
CA ALA A 87 74.35 -56.41 50.53
C ALA A 87 73.47 -55.28 50.00
N TYR A 88 74.08 -54.25 49.42
CA TYR A 88 73.30 -53.16 48.83
C TYR A 88 74.07 -52.49 47.71
N SER A 89 73.34 -51.90 46.76
CA SER A 89 73.97 -51.15 45.68
C SER A 89 74.09 -49.69 46.09
N ASN A 90 75.17 -49.05 45.67
CA ASN A 90 75.40 -47.65 46.01
C ASN A 90 75.98 -46.93 44.82
N CYS A 91 75.47 -47.29 43.66
CA CYS A 91 75.88 -46.64 42.43
C CYS A 91 74.61 -46.15 41.75
N TYR A 92 74.68 -45.98 40.44
CA TYR A 92 73.53 -45.55 39.68
C TYR A 92 72.53 -46.70 39.74
N PRO A 93 71.24 -46.38 39.99
CA PRO A 93 70.21 -47.40 40.11
C PRO A 93 70.06 -48.15 38.80
N TYR A 94 69.96 -49.47 38.88
CA TYR A 94 69.91 -50.29 37.69
C TYR A 94 68.97 -51.48 37.82
N ASP A 95 68.58 -52.02 36.66
CA ASP A 95 67.96 -53.33 36.63
C ASP A 95 68.64 -54.24 35.61
N VAL A 96 68.42 -55.54 35.73
CA VAL A 96 68.95 -56.52 34.79
C VAL A 96 67.84 -57.42 34.32
N PRO A 97 67.42 -57.27 33.06
CA PRO A 97 66.51 -58.28 32.53
C PRO A 97 67.12 -59.66 32.67
N ASP A 98 66.34 -60.62 33.17
CA ASP A 98 66.85 -61.96 33.45
C ASP A 98 68.08 -61.85 34.36
N TYR A 99 67.96 -61.03 35.41
CA TYR A 99 69.00 -60.92 36.43
C TYR A 99 69.49 -62.28 36.90
N ALA A 100 68.57 -63.19 37.19
CA ALA A 100 68.93 -64.50 37.72
C ALA A 100 69.87 -65.31 36.81
N SER A 101 69.69 -65.21 35.50
CA SER A 101 70.54 -65.94 34.54
C SER A 101 71.97 -65.41 34.43
N LEU A 102 72.08 -64.09 34.41
CA LEU A 102 73.39 -63.47 34.35
C LEU A 102 74.17 -63.78 35.60
N ARG A 103 73.50 -63.62 36.73
CA ARG A 103 74.05 -63.93 38.04
C ARG A 103 74.52 -65.38 38.03
N SER A 104 73.67 -66.24 37.50
CA SER A 104 73.94 -67.67 37.46
C SER A 104 75.14 -68.02 36.58
N LEU A 105 75.18 -67.46 35.38
CA LEU A 105 76.22 -67.83 34.43
C LEU A 105 77.59 -67.37 34.92
N VAL A 106 77.61 -66.22 35.57
CA VAL A 106 78.83 -65.69 36.17
C VAL A 106 79.30 -66.52 37.36
N ALA A 107 78.35 -66.88 38.21
CA ALA A 107 78.63 -67.73 39.35
C ALA A 107 79.28 -69.01 38.88
N SER A 108 78.74 -69.60 37.82
CA SER A 108 79.22 -70.89 37.33
C SER A 108 80.57 -70.74 36.68
N SER A 109 80.78 -69.60 36.02
CA SER A 109 82.06 -69.34 35.38
C SER A 109 83.14 -69.20 36.43
N GLY A 110 82.82 -68.54 37.54
CA GLY A 110 83.68 -68.54 38.70
C GLY A 110 84.83 -67.56 38.65
N THR A 111 84.71 -66.53 37.81
CA THR A 111 85.78 -65.54 37.70
C THR A 111 85.31 -64.14 37.33
N LEU A 112 86.03 -63.13 37.84
CA LEU A 112 85.80 -61.74 37.48
C LEU A 112 86.95 -61.18 36.64
N GLU A 113 87.79 -62.06 36.13
CA GLU A 113 88.92 -61.65 35.29
C GLU A 113 88.43 -60.78 34.16
N PHE A 114 88.99 -59.58 34.07
CA PHE A 114 88.55 -58.60 33.10
C PHE A 114 89.74 -58.11 32.30
N ASN A 115 89.59 -58.04 30.98
CA ASN A 115 90.64 -57.53 30.11
C ASN A 115 90.09 -56.31 29.44
N ASN A 116 90.75 -55.19 29.67
CA ASN A 116 90.34 -53.94 29.04
C ASN A 116 90.61 -53.98 27.54
N GLU A 117 89.78 -53.29 26.75
CA GLU A 117 90.00 -53.17 25.30
C GLU A 117 89.81 -51.74 24.79
N SER A 118 90.56 -51.41 23.75
CA SER A 118 90.55 -50.06 23.20
C SER A 118 89.50 -49.90 22.10
N PHE A 119 88.27 -49.59 22.49
CA PHE A 119 87.20 -49.30 21.55
C PHE A 119 87.40 -47.93 20.93
N ASN A 120 86.92 -47.75 19.71
CA ASN A 120 87.06 -46.46 19.04
C ASN A 120 85.82 -45.61 19.27
N TRP A 121 85.85 -44.77 20.31
CA TRP A 121 84.71 -43.92 20.62
C TRP A 121 84.97 -42.51 20.13
N THR A 122 85.52 -42.40 18.93
CA THR A 122 85.74 -41.12 18.32
C THR A 122 84.38 -40.50 18.00
N GLY A 123 84.21 -39.25 18.38
CA GLY A 123 82.97 -38.55 18.08
C GLY A 123 82.17 -38.22 19.30
N VAL A 124 82.40 -38.95 20.38
CA VAL A 124 81.61 -38.71 21.59
C VAL A 124 82.49 -38.43 22.80
N THR A 125 81.83 -37.98 23.87
CA THR A 125 82.48 -37.75 25.16
C THR A 125 82.35 -39.05 25.94
N GLN A 126 83.45 -39.56 26.47
CA GLN A 126 83.40 -40.78 27.23
C GLN A 126 83.32 -40.49 28.73
N ASN A 127 83.09 -41.56 29.49
CA ASN A 127 83.17 -41.53 30.95
C ASN A 127 82.17 -40.63 31.69
N GLY A 128 80.90 -40.62 31.28
CA GLY A 128 79.91 -39.83 32.00
C GLY A 128 79.73 -40.32 33.43
N THR A 129 79.61 -39.41 34.39
CA THR A 129 79.42 -39.76 35.80
C THR A 129 78.17 -39.21 36.49
N SER A 130 77.93 -39.70 37.71
CA SER A 130 76.77 -39.34 38.50
C SER A 130 77.11 -39.25 39.98
N SER A 131 76.37 -38.39 40.68
CA SER A 131 76.51 -38.14 42.11
C SER A 131 75.91 -39.25 42.95
N ALA A 132 75.22 -40.15 42.28
CA ALA A 132 74.62 -41.31 42.91
C ALA A 132 75.63 -42.45 42.98
N CYS A 133 76.83 -42.20 42.49
CA CYS A 133 77.85 -43.23 42.43
C CYS A 133 79.24 -42.70 42.78
N ILE A 134 79.49 -42.57 44.08
CA ILE A 134 80.68 -41.96 44.63
C ILE A 134 81.86 -42.93 44.78
N ARG A 135 83.02 -42.53 44.28
CA ARG A 135 84.26 -43.30 44.47
C ARG A 135 85.35 -42.41 45.02
N ARG A 136 85.87 -42.77 46.20
CA ARG A 136 86.88 -41.96 46.89
C ARG A 136 86.37 -40.52 47.01
N SER A 137 85.14 -40.37 47.49
CA SER A 137 84.54 -39.06 47.78
C SER A 137 84.20 -38.19 46.54
N ASN A 138 84.48 -38.69 45.33
CA ASN A 138 84.18 -37.96 44.10
C ASN A 138 83.13 -38.68 43.25
N ASN A 139 82.40 -37.90 42.47
CA ASN A 139 81.48 -38.43 41.46
C ASN A 139 82.14 -39.42 40.50
N SER A 140 81.50 -40.56 40.31
CA SER A 140 82.06 -41.62 39.48
C SER A 140 80.97 -42.43 38.75
N PHE A 141 81.35 -43.65 38.37
CA PHE A 141 80.50 -44.58 37.62
C PHE A 141 81.05 -45.98 37.81
N PHE A 142 80.30 -46.98 37.35
CA PHE A 142 80.76 -48.36 37.30
C PHE A 142 82.12 -48.46 36.63
N SER A 143 83.04 -49.21 37.25
CA SER A 143 84.42 -49.25 36.80
C SER A 143 84.54 -49.88 35.42
N ARG A 144 83.66 -50.83 35.13
CA ARG A 144 83.76 -51.61 33.91
C ARG A 144 82.89 -51.03 32.81
N LEU A 145 82.22 -49.92 33.11
CA LEU A 145 81.31 -49.34 32.14
C LEU A 145 81.70 -47.92 31.79
N ASN A 146 81.35 -47.52 30.57
CA ASN A 146 81.77 -46.23 30.05
C ASN A 146 80.53 -45.45 29.59
N TRP A 147 80.13 -44.45 30.38
CA TRP A 147 78.96 -43.63 30.06
C TRP A 147 79.27 -42.58 28.98
N LEU A 148 78.77 -42.80 27.77
CA LEU A 148 79.02 -41.90 26.65
C LEU A 148 78.00 -40.78 26.51
N THR A 149 78.48 -39.57 26.25
CA THR A 149 77.60 -38.42 26.00
C THR A 149 78.07 -37.61 24.80
N HIS A 150 77.28 -36.61 24.39
CA HIS A 150 77.63 -35.82 23.21
C HIS A 150 78.97 -35.14 23.37
N LEU A 151 79.56 -34.77 22.24
CA LEU A 151 80.77 -33.97 22.24
C LEU A 151 80.55 -32.78 21.32
N ASN A 152 80.59 -31.57 21.85
CA ASN A 152 80.32 -30.40 21.02
C ASN A 152 78.94 -30.46 20.37
N PHE A 153 77.97 -30.96 21.11
CA PHE A 153 76.57 -31.02 20.67
C PHE A 153 76.33 -31.96 19.53
N LYS A 154 77.20 -32.94 19.38
CA LYS A 154 76.94 -34.03 18.47
C LYS A 154 77.17 -35.36 19.15
N TYR A 155 76.35 -36.32 18.77
CA TYR A 155 76.51 -37.71 19.17
C TYR A 155 76.38 -38.41 17.85
N PRO A 156 77.52 -38.57 17.17
CA PRO A 156 77.37 -39.22 15.86
C PRO A 156 77.03 -40.67 16.03
N ALA A 157 76.29 -41.20 15.07
CA ALA A 157 75.89 -42.58 15.13
C ALA A 157 77.16 -43.43 15.19
N LEU A 158 77.31 -44.15 16.28
CA LEU A 158 78.50 -44.97 16.46
C LEU A 158 78.32 -46.32 15.78
N ASN A 159 79.40 -46.77 15.14
CA ASN A 159 79.46 -48.06 14.46
C ASN A 159 80.85 -48.60 14.74
N VAL A 160 80.94 -49.26 15.90
CA VAL A 160 82.22 -49.65 16.49
C VAL A 160 82.34 -51.16 16.56
N THR A 161 83.52 -51.66 16.22
CA THR A 161 83.72 -53.08 16.07
C THR A 161 84.77 -53.57 17.06
N MET A 162 84.66 -54.84 17.46
CA MET A 162 85.65 -55.49 18.31
C MET A 162 85.68 -57.00 18.05
N PRO A 163 86.70 -57.47 17.31
CA PRO A 163 86.84 -58.88 16.94
C PRO A 163 87.33 -59.71 18.11
N ASN A 164 86.80 -60.90 18.26
CA ASN A 164 87.40 -61.85 19.17
C ASN A 164 88.41 -62.66 18.37
N ASN A 165 89.69 -62.30 18.48
CA ASN A 165 90.71 -63.07 17.81
C ASN A 165 91.48 -63.88 18.83
N GLU A 166 90.81 -64.12 19.95
CA GLU A 166 91.35 -64.94 21.02
C GLU A 166 90.88 -66.37 20.78
N GLN A 167 91.31 -67.30 21.62
CA GLN A 167 90.86 -68.69 21.51
C GLN A 167 89.81 -69.02 22.56
N PHE A 168 89.39 -68.02 23.33
CA PHE A 168 88.35 -68.22 24.36
C PHE A 168 87.19 -67.25 24.13
N ASP A 169 86.04 -67.55 24.73
CA ASP A 169 84.88 -66.68 24.63
C ASP A 169 85.10 -65.42 25.45
N LYS A 170 84.44 -64.35 25.03
CA LYS A 170 84.47 -63.09 25.74
C LYS A 170 83.06 -62.77 26.23
N LEU A 171 82.95 -62.34 27.47
CA LEU A 171 81.67 -61.90 27.99
C LEU A 171 81.69 -60.40 28.10
N TYR A 172 80.80 -59.79 27.33
CA TYR A 172 80.69 -58.36 27.34
C TYR A 172 79.49 -57.94 28.16
N ILE A 173 79.69 -56.99 29.06
CA ILE A 173 78.59 -56.44 29.80
C ILE A 173 78.38 -55.00 29.38
N TRP A 174 77.15 -54.66 28.98
CA TRP A 174 76.86 -53.30 28.53
C TRP A 174 75.46 -52.89 28.98
N GLY A 175 75.08 -51.64 28.69
CA GLY A 175 73.79 -51.15 29.12
C GLY A 175 73.18 -50.04 28.28
N VAL A 176 71.91 -49.76 28.59
CA VAL A 176 71.19 -48.66 27.96
C VAL A 176 70.70 -47.71 29.05
N HIS A 177 70.89 -46.41 28.86
CA HIS A 177 70.42 -45.45 29.85
C HIS A 177 69.02 -44.94 29.50
N HIS A 178 68.13 -45.00 30.48
CA HIS A 178 66.78 -44.47 30.35
C HIS A 178 66.71 -43.22 31.24
N PRO A 179 66.91 -42.04 30.64
CA PRO A 179 66.85 -40.76 31.37
C PRO A 179 65.46 -40.44 31.92
N GLY A 180 65.39 -39.53 32.90
CA GLY A 180 64.14 -39.24 33.57
C GLY A 180 63.29 -38.22 32.85
N THR A 181 63.90 -37.39 32.01
CA THR A 181 63.17 -36.37 31.25
C THR A 181 63.72 -36.21 29.82
N ASP A 182 62.93 -35.59 28.95
CA ASP A 182 63.40 -35.28 27.60
C ASP A 182 64.55 -34.30 27.75
N LYS A 183 64.42 -33.42 28.74
CA LYS A 183 65.44 -32.43 29.06
C LYS A 183 66.76 -33.15 29.27
N ASP A 184 66.72 -34.27 29.97
CA ASP A 184 67.94 -35.03 30.23
C ASP A 184 68.41 -35.64 28.92
N GLN A 185 67.47 -36.16 28.14
CA GLN A 185 67.77 -36.74 26.84
C GLN A 185 68.57 -35.88 25.89
N ILE A 186 68.08 -34.66 25.70
CA ILE A 186 68.73 -33.72 24.81
C ILE A 186 70.06 -33.44 25.45
N PHE A 187 69.98 -33.29 26.76
CA PHE A 187 71.15 -32.97 27.56
C PHE A 187 72.30 -33.96 27.52
N LEU A 188 71.98 -35.24 27.49
CA LEU A 188 73.04 -36.22 27.48
C LEU A 188 73.56 -36.48 26.08
N TYR A 189 72.61 -36.65 25.17
CA TYR A 189 72.88 -37.19 23.85
C TYR A 189 72.65 -36.24 22.68
N ALA A 190 72.20 -35.03 22.99
CA ALA A 190 72.03 -33.99 21.96
C ALA A 190 71.05 -34.39 20.87
N GLN A 191 70.21 -35.36 21.17
CA GLN A 191 69.12 -35.73 20.27
C GLN A 191 68.02 -36.48 21.00
N SER A 192 66.80 -36.37 20.48
CA SER A 192 65.58 -36.74 21.20
C SER A 192 65.44 -38.22 21.51
N SER A 193 65.97 -39.06 20.65
CA SER A 193 65.77 -40.50 20.78
C SER A 193 67.05 -41.24 20.47
N GLY A 194 67.55 -42.01 21.43
CA GLY A 194 68.73 -42.81 21.20
C GLY A 194 68.33 -44.17 20.69
N ARG A 195 69.29 -44.96 20.22
CA ARG A 195 68.95 -46.28 19.77
C ARG A 195 70.23 -47.09 19.77
N ILE A 196 70.12 -48.33 20.23
CA ILE A 196 71.27 -49.23 20.37
C ILE A 196 71.02 -50.59 19.75
N THR A 197 71.94 -50.98 18.87
CA THR A 197 71.93 -52.34 18.34
C THR A 197 73.28 -52.99 18.61
N VAL A 198 73.24 -54.13 19.31
CA VAL A 198 74.43 -54.92 19.59
C VAL A 198 74.28 -56.28 18.95
N SER A 199 75.19 -56.59 18.06
CA SER A 199 75.12 -57.83 17.30
C SER A 199 76.44 -58.60 17.25
N THR A 200 76.33 -59.89 16.95
CA THR A 200 77.49 -60.71 16.60
C THR A 200 77.11 -61.38 15.29
N LYS A 201 77.90 -62.35 14.86
CA LYS A 201 77.52 -63.10 13.67
C LYS A 201 76.32 -63.97 14.00
N ARG A 202 76.18 -64.36 15.25
CA ARG A 202 75.13 -65.32 15.60
C ARG A 202 74.04 -64.77 16.53
N SER A 203 74.00 -63.45 16.71
CA SER A 203 73.00 -62.85 17.59
C SER A 203 72.80 -61.36 17.38
N GLN A 204 71.65 -60.85 17.83
CA GLN A 204 71.39 -59.42 17.77
C GLN A 204 70.48 -58.96 18.91
N GLN A 205 70.86 -57.85 19.54
CA GLN A 205 70.07 -57.29 20.65
C GLN A 205 69.81 -55.78 20.48
N ALA A 206 68.57 -55.43 20.14
CA ALA A 206 68.15 -54.05 19.87
C ALA A 206 67.27 -53.49 20.99
N VAL A 207 67.65 -52.32 21.51
CA VAL A 207 66.94 -51.71 22.64
C VAL A 207 66.55 -50.25 22.42
N ILE A 208 65.30 -49.90 22.74
CA ILE A 208 64.84 -48.52 22.64
C ILE A 208 64.79 -47.93 24.04
N PRO A 209 65.52 -46.83 24.26
CA PRO A 209 65.53 -46.15 25.55
C PRO A 209 64.13 -45.70 25.91
N ASN A 210 63.81 -45.80 27.19
CA ASN A 210 62.52 -45.33 27.64
C ASN A 210 62.68 -44.18 28.62
N ILE A 211 62.44 -43.00 28.10
CA ILE A 211 62.54 -41.77 28.86
C ILE A 211 61.29 -41.65 29.74
N GLY A 212 61.48 -41.27 30.99
CA GLY A 212 60.36 -41.16 31.91
C GLY A 212 60.84 -41.30 33.33
N SER A 213 60.06 -40.77 34.25
CA SER A 213 60.42 -40.83 35.65
C SER A 213 60.05 -42.18 36.23
N ARG A 214 60.99 -42.72 37.00
CA ARG A 214 60.73 -43.85 37.86
C ARG A 214 60.79 -43.32 39.29
N PRO A 215 60.17 -44.02 40.25
CA PRO A 215 60.32 -43.65 41.66
C PRO A 215 61.80 -43.48 41.98
N ARG A 216 62.17 -42.36 42.58
CA ARG A 216 63.58 -42.08 42.79
C ARG A 216 64.27 -43.08 43.70
N ILE A 217 65.47 -43.49 43.30
CA ILE A 217 66.33 -44.36 44.07
C ILE A 217 67.60 -43.58 44.37
N ARG A 218 67.87 -43.39 45.66
CA ARG A 218 69.00 -42.55 46.08
C ARG A 218 68.95 -41.20 45.34
N ASN A 219 67.75 -40.66 45.28
CA ASN A 219 67.43 -39.39 44.63
C ASN A 219 67.50 -39.40 43.08
N ILE A 220 67.53 -40.59 42.50
CA ILE A 220 67.62 -40.73 41.04
C ILE A 220 66.36 -41.36 40.40
N PRO A 221 65.69 -40.59 39.53
CA PRO A 221 64.46 -41.04 38.84
C PRO A 221 64.74 -41.81 37.55
N SER A 222 65.95 -41.71 37.03
CA SER A 222 66.32 -42.41 35.80
C SER A 222 66.79 -43.82 36.09
N ARG A 223 67.08 -44.59 35.04
CA ARG A 223 67.53 -45.96 35.20
C ARG A 223 68.52 -46.35 34.11
N ILE A 224 69.29 -47.40 34.37
CA ILE A 224 70.09 -48.08 33.35
C ILE A 224 69.64 -49.54 33.24
N SER A 225 69.45 -50.03 32.02
CA SER A 225 69.14 -51.46 31.85
C SER A 225 70.35 -52.22 31.36
N ILE A 226 70.67 -53.32 32.05
CA ILE A 226 71.88 -54.08 31.74
C ILE A 226 71.64 -55.29 30.85
N TYR A 227 72.48 -55.45 29.85
CA TYR A 227 72.39 -56.58 28.94
C TYR A 227 73.75 -57.22 28.86
N TRP A 228 73.80 -58.44 28.35
CA TRP A 228 75.08 -59.10 28.14
C TRP A 228 75.19 -59.81 26.81
N THR A 229 76.42 -59.99 26.35
CA THR A 229 76.68 -60.65 25.08
C THR A 229 77.97 -61.46 25.11
N ILE A 230 77.87 -62.72 24.71
CA ILE A 230 79.03 -63.59 24.61
C ILE A 230 79.49 -63.64 23.15
N VAL A 231 80.78 -63.46 22.94
CA VAL A 231 81.34 -63.46 21.59
C VAL A 231 82.34 -64.61 21.48
N LYS A 232 82.09 -65.55 20.57
CA LYS A 232 82.96 -66.70 20.39
C LYS A 232 84.19 -66.27 19.57
N PRO A 233 85.29 -67.03 19.63
CA PRO A 233 86.45 -66.82 18.74
C PRO A 233 86.03 -66.87 17.27
N GLY A 234 86.50 -65.91 16.47
CA GLY A 234 86.19 -65.88 15.05
C GLY A 234 84.96 -65.03 14.78
N ASP A 235 84.27 -64.66 15.85
CA ASP A 235 83.10 -63.82 15.78
C ASP A 235 83.48 -62.39 16.10
N ILE A 236 82.53 -61.48 15.93
CA ILE A 236 82.85 -60.07 16.05
C ILE A 236 81.73 -59.35 16.80
N LEU A 237 82.11 -58.54 17.77
CA LEU A 237 81.15 -57.66 18.44
C LEU A 237 80.91 -56.40 17.61
N LEU A 238 79.65 -56.10 17.35
CA LEU A 238 79.29 -54.84 16.68
C LEU A 238 78.31 -53.99 17.46
N ILE A 239 78.70 -52.75 17.71
CA ILE A 239 77.84 -51.84 18.44
C ILE A 239 77.45 -50.74 17.48
N ASN A 240 76.15 -50.58 17.24
CA ASN A 240 75.69 -49.50 16.39
C ASN A 240 74.83 -48.69 17.35
N SER A 241 75.18 -47.44 17.60
CA SER A 241 74.38 -46.63 18.53
C SER A 241 74.26 -45.17 18.17
N THR A 242 73.09 -44.63 18.45
CA THR A 242 72.83 -43.21 18.26
C THR A 242 72.51 -42.48 19.56
N GLY A 243 72.81 -43.09 20.70
CA GLY A 243 72.57 -42.47 21.99
C GLY A 243 72.25 -43.49 23.06
N ASN A 244 72.38 -43.09 24.32
CA ASN A 244 71.94 -43.88 25.48
C ASN A 244 72.75 -45.15 25.71
N LEU A 245 73.87 -45.28 25.02
CA LEU A 245 74.72 -46.45 25.22
C LEU A 245 75.57 -46.29 26.45
N ILE A 246 75.52 -47.29 27.33
CA ILE A 246 76.46 -47.39 28.43
C ILE A 246 77.46 -48.43 27.99
N ALA A 247 78.63 -47.96 27.60
CA ALA A 247 79.56 -48.79 26.86
C ALA A 247 80.39 -49.67 27.77
N PRO A 248 80.72 -50.88 27.29
CA PRO A 248 81.66 -51.76 27.98
C PRO A 248 83.07 -51.21 27.83
N ARG A 249 83.92 -51.49 28.79
CA ARG A 249 85.30 -51.04 28.73
C ARG A 249 86.16 -52.21 28.29
N GLY A 250 85.51 -53.34 28.08
CA GLY A 250 86.18 -54.57 27.73
C GLY A 250 85.28 -55.76 27.96
N TYR A 251 85.88 -56.92 28.15
CA TYR A 251 85.12 -58.14 28.31
C TYR A 251 85.60 -58.84 29.55
N PHE A 252 84.74 -59.67 30.09
CA PHE A 252 85.14 -60.59 31.13
C PHE A 252 85.53 -61.93 30.49
N LYS A 253 86.54 -62.61 31.04
CA LYS A 253 86.80 -63.97 30.59
C LYS A 253 85.72 -64.87 31.16
N ILE A 254 85.34 -65.90 30.42
CA ILE A 254 84.36 -66.85 30.91
C ILE A 254 84.92 -68.25 30.89
N ARG A 255 84.83 -68.90 32.05
CA ARG A 255 85.40 -70.22 32.21
C ARG A 255 84.28 -71.19 32.49
N SER A 256 84.63 -72.48 32.53
CA SER A 256 83.72 -73.50 32.99
C SER A 256 84.38 -74.30 34.10
N GLY A 257 83.59 -74.74 35.07
CA GLY A 257 84.11 -75.51 36.17
C GLY A 257 83.12 -75.68 37.30
N LYS A 258 83.64 -75.91 38.49
CA LYS A 258 82.80 -76.35 39.60
C LYS A 258 82.27 -75.18 40.43
N SER A 259 82.35 -73.96 39.90
CA SER A 259 82.00 -72.81 40.72
C SER A 259 80.48 -72.59 40.84
N SER A 260 80.06 -71.94 41.93
CA SER A 260 78.64 -71.60 42.16
C SER A 260 78.47 -70.40 43.08
N ILE A 261 77.23 -70.17 43.52
CA ILE A 261 76.90 -69.05 44.38
C ILE A 261 75.85 -69.50 45.38
N MET A 262 75.92 -68.97 46.59
CA MET A 262 74.98 -69.36 47.62
C MET A 262 74.63 -68.12 48.45
N ARG A 263 73.36 -68.03 48.84
CA ARG A 263 72.90 -66.96 49.72
C ARG A 263 72.98 -67.44 51.16
N SER A 264 73.70 -66.72 52.01
CA SER A 264 73.91 -67.14 53.41
C SER A 264 74.40 -65.98 54.25
N ASP A 265 74.02 -65.98 55.53
CA ASP A 265 74.54 -64.98 56.45
C ASP A 265 75.49 -65.57 57.47
N ALA A 266 75.93 -66.81 57.23
CA ALA A 266 76.84 -67.44 58.15
C ALA A 266 78.23 -66.83 57.98
N PRO A 267 78.92 -66.57 59.10
CA PRO A 267 80.29 -66.03 59.05
C PRO A 267 81.25 -67.05 58.46
N ILE A 268 82.34 -66.58 57.86
CA ILE A 268 83.39 -67.46 57.35
C ILE A 268 84.34 -67.79 58.48
N GLY A 269 84.67 -69.07 58.61
CA GLY A 269 85.60 -69.51 59.63
C GLY A 269 86.90 -70.03 59.04
N LYS A 270 87.94 -70.02 59.86
CA LYS A 270 89.22 -70.61 59.48
C LYS A 270 89.20 -72.10 59.81
N CYS A 271 88.71 -72.90 58.87
CA CYS A 271 88.56 -74.34 59.07
C CYS A 271 88.44 -75.06 57.75
N ASN A 272 88.34 -76.38 57.81
CA ASN A 272 88.38 -77.21 56.62
C ASN A 272 87.15 -78.15 56.61
N SER A 273 86.26 -77.97 55.63
CA SER A 273 85.05 -78.78 55.50
C SER A 273 84.59 -78.88 54.05
N GLU A 274 84.33 -80.12 53.60
CA GLU A 274 83.98 -80.36 52.20
C GLU A 274 82.62 -79.80 51.82
N CYS A 275 81.69 -79.88 52.76
CA CYS A 275 80.31 -79.56 52.45
C CYS A 275 79.86 -78.22 53.00
N ILE A 276 79.38 -77.31 52.15
CA ILE A 276 78.90 -76.01 52.62
C ILE A 276 77.36 -75.91 52.43
N THR A 277 76.66 -75.41 53.45
CA THR A 277 75.24 -75.05 53.34
C THR A 277 75.03 -73.64 53.84
N PRO A 278 73.85 -73.07 53.58
CA PRO A 278 73.64 -71.72 54.09
C PRO A 278 73.68 -71.61 55.60
N ASN A 279 73.46 -72.72 56.31
CA ASN A 279 73.49 -72.70 57.76
C ASN A 279 74.93 -72.75 58.25
N GLY A 280 75.85 -73.08 57.36
CA GLY A 280 77.23 -73.35 57.72
C GLY A 280 77.70 -74.67 57.17
N SER A 281 79.01 -74.94 57.27
CA SER A 281 79.56 -76.23 56.84
C SER A 281 79.09 -77.35 57.77
N ILE A 282 78.94 -78.56 57.22
CA ILE A 282 78.54 -79.74 58.01
C ILE A 282 79.47 -80.91 57.70
N PRO A 283 79.71 -81.77 58.70
CA PRO A 283 80.49 -82.99 58.45
C PRO A 283 79.76 -83.78 57.38
N ASN A 284 80.50 -84.56 56.59
CA ASN A 284 79.91 -85.29 55.49
C ASN A 284 80.06 -86.81 55.60
N ASP A 285 80.22 -87.25 56.84
CA ASP A 285 80.33 -88.67 57.13
C ASP A 285 79.00 -89.38 56.89
N LYS A 286 77.90 -88.72 57.24
CA LYS A 286 76.58 -89.34 57.10
C LYS A 286 76.08 -89.23 55.66
N PRO A 287 75.23 -90.17 55.25
CA PRO A 287 74.73 -90.17 53.87
C PRO A 287 73.61 -89.17 53.65
N PHE A 288 72.94 -88.77 54.74
CA PHE A 288 71.79 -87.88 54.63
C PHE A 288 71.89 -86.68 55.57
N GLN A 289 71.03 -85.70 55.32
CA GLN A 289 71.00 -84.49 56.12
C GLN A 289 69.67 -83.75 55.99
N ASN A 290 69.28 -83.04 57.03
CA ASN A 290 68.05 -82.26 57.03
C ASN A 290 68.30 -80.81 57.44
N VAL A 291 69.53 -80.35 57.20
CA VAL A 291 69.95 -79.00 57.58
C VAL A 291 69.45 -77.95 56.58
N ASN A 292 69.69 -78.17 55.29
CA ASN A 292 69.27 -77.25 54.25
C ASN A 292 69.26 -77.93 52.89
N ARG A 293 68.25 -77.61 52.09
CA ARG A 293 68.18 -78.12 50.73
C ARG A 293 69.21 -77.48 49.82
N ILE A 294 69.77 -76.35 50.25
CA ILE A 294 70.84 -75.71 49.50
C ILE A 294 72.21 -76.19 49.91
N THR A 295 72.96 -76.74 48.96
CA THR A 295 74.30 -77.24 49.27
C THR A 295 75.36 -77.02 48.20
N TYR A 296 76.62 -77.09 48.61
CA TYR A 296 77.75 -77.01 47.70
C TYR A 296 78.90 -77.89 48.19
N GLY A 297 79.47 -78.72 47.31
CA GLY A 297 80.60 -79.54 47.73
C GLY A 297 80.21 -80.99 47.93
N ALA A 298 81.07 -81.76 48.59
CA ALA A 298 80.76 -83.17 48.82
C ALA A 298 79.82 -83.26 50.00
N CYS A 299 78.54 -83.38 49.69
CA CYS A 299 77.50 -83.26 50.69
C CYS A 299 76.59 -84.48 50.73
N PRO A 300 76.07 -84.80 51.92
CA PRO A 300 74.96 -85.75 52.06
C PRO A 300 73.74 -85.24 51.32
N ARG A 301 72.89 -86.15 50.90
CA ARG A 301 71.68 -85.80 50.17
C ARG A 301 70.59 -85.36 51.14
N TYR A 302 69.89 -84.30 50.80
CA TYR A 302 68.83 -83.79 51.67
C TYR A 302 67.59 -84.66 51.74
N VAL A 303 67.15 -84.92 52.98
CA VAL A 303 65.90 -85.64 53.20
C VAL A 303 65.07 -84.91 54.26
N LYS A 304 63.80 -85.28 54.35
CA LYS A 304 62.85 -84.64 55.26
C LYS A 304 62.92 -85.12 56.71
N GLN A 305 63.40 -86.34 56.91
CA GLN A 305 63.49 -86.92 58.24
C GLN A 305 64.51 -86.22 59.09
N SER A 306 64.21 -86.08 60.37
CA SER A 306 65.12 -85.49 61.34
C SER A 306 66.05 -86.56 61.91
N THR A 307 65.69 -87.82 61.69
CA THR A 307 66.46 -88.94 62.21
C THR A 307 66.14 -90.23 61.48
N LEU A 308 67.19 -91.01 61.19
CA LEU A 308 67.01 -92.34 60.65
C LEU A 308 68.03 -93.26 61.29
N LYS A 309 67.58 -94.18 62.15
CA LYS A 309 68.55 -94.96 62.89
C LYS A 309 68.77 -96.32 62.22
N LEU A 310 70.03 -96.58 61.86
CA LEU A 310 70.45 -97.83 61.25
C LEU A 310 70.98 -98.77 62.32
N ALA A 311 70.35 -99.94 62.47
CA ALA A 311 70.85 -100.92 63.41
C ALA A 311 72.31 -101.30 63.12
N THR A 312 73.12 -101.34 64.17
CA THR A 312 74.50 -101.80 64.06
C THR A 312 74.75 -102.92 65.07
N GLY A 313 73.68 -103.57 65.49
CA GLY A 313 73.76 -104.66 66.44
C GLY A 313 72.53 -105.54 66.35
N MET A 314 72.52 -106.64 67.09
CA MET A 314 71.39 -107.56 67.01
C MET A 314 70.25 -107.00 67.84
N ARG A 315 69.09 -107.65 67.76
CA ARG A 315 67.97 -107.32 68.63
C ARG A 315 68.33 -107.45 70.11
N ASN A 316 67.89 -106.50 70.93
CA ASN A 316 68.21 -106.53 72.37
C ASN A 316 67.14 -107.16 73.23
N VAL A 317 67.52 -108.20 73.96
CA VAL A 317 66.54 -108.95 74.74
C VAL A 317 67.10 -109.02 76.15
N PRO A 318 66.81 -107.99 76.97
CA PRO A 318 67.42 -107.85 78.31
C PRO A 318 66.89 -108.83 79.36
N GLU A 319 67.65 -108.98 80.46
CA GLU A 319 67.31 -109.91 81.52
C GLU A 319 65.92 -109.62 82.09
N GLY B 1 65.13 -112.50 64.23
CA GLY B 1 63.80 -112.99 64.49
C GLY B 1 63.42 -114.18 63.64
N ILE B 2 63.84 -114.15 62.37
CA ILE B 2 63.35 -115.09 61.36
C ILE B 2 63.86 -116.53 61.52
N PHE B 3 64.99 -116.67 62.22
CA PHE B 3 65.51 -118.01 62.52
C PHE B 3 65.00 -118.52 63.85
N GLY B 4 64.61 -117.60 64.72
CA GLY B 4 63.86 -117.96 65.92
C GLY B 4 64.76 -118.29 67.09
N ALA B 5 66.01 -117.89 67.02
CA ALA B 5 66.91 -118.09 68.14
C ALA B 5 66.86 -116.88 69.06
N ILE B 6 67.37 -115.75 68.58
CA ILE B 6 67.34 -114.51 69.35
C ILE B 6 65.91 -114.00 69.48
N ALA B 7 65.51 -113.73 70.71
CA ALA B 7 64.12 -113.41 71.06
C ALA B 7 63.18 -114.56 70.72
N GLY B 8 63.73 -115.77 70.71
CA GLY B 8 62.98 -116.94 70.33
C GLY B 8 63.27 -118.02 71.34
N PHE B 9 63.88 -119.12 70.90
CA PHE B 9 64.16 -120.22 71.82
C PHE B 9 65.26 -119.82 72.80
N ILE B 10 66.08 -118.84 72.43
CA ILE B 10 66.95 -118.20 73.39
C ILE B 10 66.05 -117.18 74.07
N GLU B 11 65.77 -117.42 75.34
CA GLU B 11 64.80 -116.63 76.05
C GLU B 11 65.16 -115.16 76.07
N ASN B 12 66.44 -114.92 76.34
CA ASN B 12 67.02 -113.58 76.35
C ASN B 12 68.53 -113.60 76.20
N GLY B 13 69.10 -112.41 76.07
CA GLY B 13 70.54 -112.27 75.99
C GLY B 13 71.16 -112.20 77.37
N TRP B 14 72.49 -112.20 77.42
CA TRP B 14 73.25 -112.19 78.67
C TRP B 14 73.96 -110.84 78.73
N GLU B 15 73.53 -109.98 79.64
CA GLU B 15 74.10 -108.65 79.74
C GLU B 15 75.52 -108.68 80.28
N GLY B 16 75.86 -109.76 80.98
CA GLY B 16 77.18 -109.85 81.53
C GLY B 16 78.18 -110.36 80.51
N MET B 17 77.74 -110.69 79.30
CA MET B 17 78.72 -111.04 78.28
C MET B 17 79.06 -109.82 77.46
N VAL B 18 80.16 -109.20 77.84
CA VAL B 18 80.58 -107.93 77.29
C VAL B 18 81.81 -108.02 76.39
N ASP B 19 82.33 -109.24 76.21
CA ASP B 19 83.52 -109.40 75.36
C ASP B 19 83.23 -110.19 74.10
N GLY B 20 81.94 -110.29 73.78
CA GLY B 20 81.51 -110.87 72.52
C GLY B 20 80.00 -110.83 72.33
N TRP B 21 79.55 -111.16 71.12
CA TRP B 21 78.13 -111.12 70.79
C TRP B 21 77.47 -112.48 70.96
N TYR B 22 78.26 -113.54 70.82
CA TYR B 22 77.71 -114.88 70.97
C TYR B 22 78.67 -115.63 71.88
N GLY B 23 78.18 -116.65 72.58
CA GLY B 23 79.06 -117.42 73.43
C GLY B 23 78.42 -118.57 74.16
N PHE B 24 79.15 -119.06 75.15
CA PHE B 24 78.78 -120.27 75.84
C PHE B 24 78.77 -120.00 77.34
N ARG B 25 77.73 -120.48 78.01
CA ARG B 25 77.72 -120.59 79.47
C ARG B 25 77.60 -122.08 79.77
N HIS B 26 78.36 -122.58 80.75
CA HIS B 26 78.32 -124.00 81.06
C HIS B 26 78.12 -124.22 82.55
N GLN B 27 77.69 -125.42 82.93
CA GLN B 27 77.71 -125.89 84.31
C GLN B 27 78.25 -127.32 84.37
N ASN B 28 79.21 -127.58 85.25
CA ASN B 28 79.75 -128.93 85.42
C ASN B 28 80.16 -129.23 86.85
N SER B 29 80.87 -130.32 87.05
CA SER B 29 81.23 -130.70 88.40
C SER B 29 82.24 -129.75 89.05
N GLU B 30 82.90 -128.91 88.27
CA GLU B 30 83.88 -128.01 88.86
C GLU B 30 83.31 -126.59 89.02
N GLY B 31 82.11 -126.35 88.49
CA GLY B 31 81.48 -125.03 88.54
C GLY B 31 80.74 -124.60 87.28
N ARG B 32 80.50 -123.30 87.11
CA ARG B 32 79.84 -122.78 85.91
C ARG B 32 80.53 -121.51 85.39
N GLY B 33 80.66 -121.36 84.08
CA GLY B 33 81.49 -120.29 83.56
C GLY B 33 80.99 -119.80 82.21
N GLN B 34 81.66 -118.79 81.68
CA GLN B 34 81.20 -118.17 80.44
C GLN B 34 82.41 -117.74 79.61
N ALA B 35 82.27 -117.90 78.30
CA ALA B 35 83.30 -117.49 77.36
C ALA B 35 82.66 -117.07 76.05
N ALA B 36 83.10 -115.95 75.50
CA ALA B 36 82.61 -115.51 74.21
C ALA B 36 83.20 -116.38 73.11
N ASP B 37 82.44 -116.57 72.03
CA ASP B 37 82.95 -117.22 70.83
C ASP B 37 83.32 -116.16 69.82
N LEU B 38 84.61 -116.11 69.50
CA LEU B 38 85.17 -115.05 68.68
C LEU B 38 84.72 -115.14 67.23
N LYS B 39 84.72 -116.35 66.68
CA LYS B 39 84.46 -116.53 65.26
C LYS B 39 83.05 -116.13 64.81
N SER B 40 82.02 -116.54 65.56
CA SER B 40 80.63 -116.15 65.27
C SER B 40 80.40 -114.64 65.43
N THR B 41 80.95 -114.09 66.50
CA THR B 41 80.88 -112.67 66.79
C THR B 41 81.44 -111.86 65.63
N GLN B 42 82.62 -112.27 65.17
CA GLN B 42 83.32 -111.58 64.09
C GLN B 42 82.51 -111.67 62.81
N ALA B 43 81.83 -112.79 62.62
CA ALA B 43 81.04 -113.00 61.42
C ALA B 43 79.91 -111.97 61.35
N ALA B 44 79.27 -111.73 62.49
CA ALA B 44 78.16 -110.78 62.58
C ALA B 44 78.66 -109.35 62.37
N ILE B 45 79.75 -109.01 63.04
CA ILE B 45 80.36 -107.68 62.95
C ILE B 45 80.78 -107.37 61.51
N ASP B 46 81.37 -108.34 60.83
CA ASP B 46 81.86 -108.13 59.48
C ASP B 46 80.76 -107.77 58.50
N GLN B 47 79.59 -108.40 58.64
CA GLN B 47 78.49 -108.11 57.74
C GLN B 47 77.96 -106.70 58.01
N ILE B 48 77.84 -106.34 59.29
CA ILE B 48 77.38 -105.00 59.65
C ILE B 48 78.37 -103.91 59.23
N ASN B 49 79.67 -104.17 59.39
CA ASN B 49 80.68 -103.21 58.94
C ASN B 49 80.65 -103.04 57.42
N GLY B 50 80.28 -104.12 56.72
CA GLY B 50 80.08 -104.09 55.28
C GLY B 50 78.99 -103.16 54.81
N LYS B 51 77.88 -103.17 55.54
CA LYS B 51 76.78 -102.23 55.31
C LYS B 51 77.23 -100.79 55.53
N LEU B 52 77.95 -100.57 56.61
CA LEU B 52 78.47 -99.24 56.95
C LEU B 52 79.41 -98.73 55.87
N ASN B 53 80.24 -99.63 55.35
CA ASN B 53 81.17 -99.26 54.28
C ASN B 53 80.46 -98.72 53.04
N ARG B 54 79.26 -99.21 52.76
CA ARG B 54 78.50 -98.69 51.62
C ARG B 54 77.89 -97.34 51.94
N LEU B 55 77.67 -97.11 53.23
CA LEU B 55 76.87 -95.97 53.69
C LEU B 55 77.67 -94.81 54.31
N ILE B 56 78.80 -95.09 54.95
CA ILE B 56 79.49 -94.06 55.69
C ILE B 56 80.65 -93.48 54.87
N GLY B 57 80.68 -92.15 54.75
CA GLY B 57 81.76 -91.48 54.07
C GLY B 57 81.70 -91.61 52.55
N LYS B 58 80.50 -91.70 51.99
CA LYS B 58 80.35 -91.99 50.56
C LYS B 58 79.50 -90.99 49.79
N THR B 59 79.49 -89.75 50.26
CA THR B 59 78.59 -88.74 49.72
C THR B 59 79.02 -88.31 48.30
N ASN B 60 78.07 -87.74 47.56
CA ASN B 60 78.29 -87.30 46.19
C ASN B 60 78.53 -85.79 46.13
N GLU B 61 79.51 -85.36 45.34
CA GLU B 61 79.79 -83.94 45.15
C GLU B 61 78.83 -83.33 44.15
N LYS B 62 78.21 -82.22 44.54
CA LYS B 62 77.40 -81.45 43.63
C LYS B 62 77.84 -80.00 43.72
N PHE B 63 77.71 -79.28 42.62
CA PHE B 63 78.23 -77.93 42.60
C PHE B 63 77.15 -76.91 42.28
N HIS B 64 77.25 -76.27 41.12
CA HIS B 64 76.20 -75.34 40.72
C HIS B 64 74.93 -76.10 40.32
N GLN B 65 73.81 -75.65 40.84
CA GLN B 65 72.54 -76.33 40.64
C GLN B 65 71.50 -75.31 40.20
N ILE B 66 70.30 -75.40 40.78
CA ILE B 66 69.28 -74.38 40.56
C ILE B 66 69.05 -73.66 41.88
N GLU B 67 68.47 -72.47 41.82
CA GLU B 67 68.05 -71.78 43.05
C GLU B 67 66.86 -72.47 43.67
N LYS B 68 66.74 -72.33 44.98
CA LYS B 68 65.78 -73.10 45.76
C LYS B 68 65.01 -72.24 46.75
N GLU B 69 65.33 -70.96 46.79
CA GLU B 69 64.57 -69.99 47.58
C GLU B 69 64.36 -68.79 46.72
N PHE B 70 63.23 -68.13 46.92
CA PHE B 70 62.84 -67.11 45.99
C PHE B 70 62.19 -65.96 46.74
N SER B 71 62.58 -64.73 46.41
CA SER B 71 62.08 -63.55 47.13
C SER B 71 60.88 -62.87 46.45
N GLU B 72 60.64 -63.23 45.20
CA GLU B 72 59.51 -62.66 44.44
C GLU B 72 58.64 -63.73 43.82
N VAL B 73 57.35 -63.43 43.71
CA VAL B 73 56.42 -64.29 42.99
C VAL B 73 56.70 -64.18 41.48
N GLU B 74 56.82 -65.31 40.79
CA GLU B 74 57.15 -65.29 39.36
C GLU B 74 56.28 -66.19 38.49
N GLY B 75 55.61 -67.17 39.10
CA GLY B 75 54.76 -68.05 38.31
C GLY B 75 55.47 -69.24 37.70
N ARG B 76 55.21 -69.45 36.40
CA ARG B 76 55.48 -70.72 35.70
C ARG B 76 56.86 -71.30 35.91
N ILE B 77 57.88 -70.47 35.75
CA ILE B 77 59.24 -70.95 35.83
C ILE B 77 59.59 -71.34 37.28
N GLN B 78 59.18 -70.52 38.24
CA GLN B 78 59.43 -70.84 39.65
C GLN B 78 58.71 -72.08 40.21
N ASP B 79 57.47 -72.31 39.76
CA ASP B 79 56.72 -73.51 40.14
C ASP B 79 57.47 -74.77 39.75
N LEU B 80 58.05 -74.75 38.55
CA LEU B 80 58.75 -75.92 38.05
C LEU B 80 60.04 -76.19 38.82
N GLU B 81 60.81 -75.15 39.09
CA GLU B 81 62.01 -75.29 39.92
C GLU B 81 61.70 -75.86 41.30
N LYS B 82 60.65 -75.34 41.92
CA LYS B 82 60.23 -75.81 43.23
C LYS B 82 59.72 -77.25 43.15
N TYR B 83 58.95 -77.54 42.10
CA TYR B 83 58.37 -78.87 41.92
C TYR B 83 59.46 -79.89 41.67
N VAL B 84 60.46 -79.49 40.90
CA VAL B 84 61.61 -80.35 40.62
C VAL B 84 62.27 -80.68 41.95
N GLU B 85 62.47 -79.66 42.78
CA GLU B 85 63.14 -79.85 44.06
C GLU B 85 62.35 -80.69 45.05
N ASP B 86 61.05 -80.42 45.17
CA ASP B 86 60.23 -81.22 46.06
C ASP B 86 60.19 -82.69 45.67
N THR B 87 60.08 -82.93 44.37
CA THR B 87 60.05 -84.28 43.81
C THR B 87 61.32 -85.05 44.13
N LYS B 88 62.47 -84.41 43.92
CA LYS B 88 63.78 -85.02 44.19
C LYS B 88 63.85 -85.37 45.67
N ILE B 89 63.48 -84.41 46.51
CA ILE B 89 63.59 -84.58 47.95
C ILE B 89 62.70 -85.72 48.44
N ASP B 90 61.50 -85.84 47.89
CA ASP B 90 60.59 -86.92 48.28
C ASP B 90 61.11 -88.31 47.92
N LEU B 91 61.73 -88.42 46.74
CA LEU B 91 62.29 -89.68 46.27
C LEU B 91 63.50 -90.13 47.04
N TRP B 92 64.35 -89.17 47.37
CA TRP B 92 65.52 -89.44 48.20
C TRP B 92 65.06 -89.81 49.60
N SER B 93 64.02 -89.12 50.07
CA SER B 93 63.44 -89.41 51.37
C SER B 93 62.87 -90.82 51.39
N TYR B 94 62.24 -91.24 50.30
CA TYR B 94 61.78 -92.62 50.20
C TYR B 94 62.82 -93.72 50.26
N ASN B 95 63.87 -93.56 49.47
CA ASN B 95 64.92 -94.55 49.41
C ASN B 95 65.52 -94.70 50.81
N ALA B 96 65.73 -93.58 51.50
CA ALA B 96 66.35 -93.61 52.83
C ALA B 96 65.46 -94.34 53.83
N GLU B 97 64.17 -94.07 53.78
CA GLU B 97 63.21 -94.73 54.67
C GLU B 97 63.22 -96.21 54.36
N LEU B 98 63.15 -96.51 53.08
CA LEU B 98 63.13 -97.89 52.64
C LEU B 98 64.47 -98.57 52.98
N LEU B 99 65.57 -97.87 52.79
CA LEU B 99 66.90 -98.46 53.01
C LEU B 99 67.08 -98.92 54.46
N VAL B 100 66.76 -98.04 55.40
CA VAL B 100 66.96 -98.32 56.82
C VAL B 100 66.07 -99.44 57.40
N ALA B 101 64.80 -99.44 57.01
CA ALA B 101 63.85 -100.49 57.41
C ALA B 101 64.32 -101.85 56.91
N LEU B 102 64.74 -101.87 55.65
CA LEU B 102 65.24 -103.08 55.02
C LEU B 102 66.56 -103.54 55.65
N GLU B 103 67.50 -102.61 55.82
CA GLU B 103 68.79 -102.94 56.42
C GLU B 103 68.61 -103.48 57.82
N ASN B 104 67.69 -102.86 58.55
CA ASN B 104 67.46 -103.24 59.93
C ASN B 104 66.84 -104.65 60.05
N GLN B 105 65.85 -104.98 59.20
CA GLN B 105 65.27 -106.33 59.20
C GLN B 105 66.34 -107.36 58.92
N HIS B 106 67.18 -107.03 57.95
CA HIS B 106 68.22 -107.94 57.50
C HIS B 106 69.30 -108.07 58.59
N THR B 107 69.60 -106.97 59.27
CA THR B 107 70.58 -106.99 60.37
C THR B 107 70.14 -107.83 61.60
N ILE B 108 68.88 -107.67 62.02
CA ILE B 108 68.32 -108.49 63.10
C ILE B 108 68.30 -109.96 62.72
N ASP B 109 67.92 -110.21 61.47
CA ASP B 109 67.83 -111.56 60.94
C ASP B 109 69.19 -112.25 60.75
N LEU B 110 70.20 -111.50 60.30
CA LEU B 110 71.50 -112.09 60.05
C LEU B 110 72.20 -112.42 61.36
N THR B 111 71.95 -111.60 62.38
CA THR B 111 72.52 -111.82 63.71
C THR B 111 71.85 -113.01 64.39
N ASP B 112 70.55 -113.14 64.16
CA ASP B 112 69.77 -114.30 64.60
C ASP B 112 70.35 -115.53 63.93
N SER B 113 70.63 -115.40 62.64
CA SER B 113 71.24 -116.46 61.86
C SER B 113 72.57 -116.96 62.46
N GLU B 114 73.46 -116.05 62.81
CA GLU B 114 74.77 -116.44 63.34
C GLU B 114 74.68 -117.18 64.68
N MET B 115 73.75 -116.75 65.52
CA MET B 115 73.51 -117.43 66.79
C MET B 115 73.09 -118.87 66.52
N ASN B 116 72.16 -119.04 65.60
CA ASN B 116 71.62 -120.36 65.24
C ASN B 116 72.71 -121.27 64.68
N LYS B 117 73.57 -120.70 63.83
CA LYS B 117 74.68 -121.46 63.22
C LYS B 117 75.60 -122.00 64.31
N LEU B 118 75.86 -121.17 65.31
CA LEU B 118 76.75 -121.54 66.40
C LEU B 118 76.08 -122.64 67.18
N PHE B 119 74.78 -122.50 67.39
CA PHE B 119 73.99 -123.54 68.01
C PHE B 119 74.10 -124.81 67.18
N GLU B 120 73.85 -124.67 65.88
CA GLU B 120 73.91 -125.83 64.98
C GLU B 120 75.27 -126.50 64.90
N LYS B 121 76.33 -125.70 64.80
CA LYS B 121 77.67 -126.25 64.75
C LYS B 121 77.95 -127.03 66.04
N THR B 122 77.61 -126.42 67.18
CA THR B 122 77.80 -127.03 68.51
C THR B 122 76.97 -128.30 68.64
N LYS B 123 75.70 -128.23 68.21
CA LYS B 123 74.81 -129.37 68.28
C LYS B 123 75.40 -130.57 67.56
N LYS B 124 75.91 -130.30 66.37
CA LYS B 124 76.51 -131.33 65.52
C LYS B 124 77.78 -131.92 66.15
N GLN B 125 78.58 -131.07 66.79
CA GLN B 125 79.83 -131.50 67.42
C GLN B 125 79.66 -132.59 68.48
N LEU B 126 78.61 -132.44 69.28
CA LEU B 126 78.29 -133.31 70.42
C LEU B 126 77.67 -134.66 70.05
N ARG B 127 77.22 -134.77 68.80
CA ARG B 127 76.70 -136.02 68.26
C ARG B 127 75.59 -136.57 69.15
N GLU B 128 75.77 -137.79 69.62
CA GLU B 128 74.79 -138.45 70.45
C GLU B 128 75.16 -138.27 71.91
N ASN B 129 76.09 -137.36 72.21
CA ASN B 129 76.64 -137.24 73.57
C ASN B 129 75.91 -136.18 74.39
N ALA B 130 74.95 -135.49 73.78
CA ALA B 130 74.25 -134.41 74.45
C ALA B 130 72.82 -134.38 73.92
N GLU B 131 71.90 -133.79 74.68
CA GLU B 131 70.54 -133.57 74.18
C GLU B 131 70.12 -132.10 74.27
N ASP B 132 69.32 -131.67 73.29
CA ASP B 132 68.84 -130.29 73.25
C ASP B 132 67.68 -130.13 74.23
N MET B 133 67.85 -129.29 75.24
CA MET B 133 66.81 -129.07 76.25
C MET B 133 65.74 -128.08 75.76
N GLY B 134 65.93 -127.55 74.55
CA GLY B 134 64.94 -126.68 73.93
C GLY B 134 65.03 -125.17 74.13
N ASN B 135 65.96 -124.69 74.94
CA ASN B 135 66.05 -123.26 75.24
C ASN B 135 67.46 -122.74 74.91
N GLY B 136 68.11 -123.42 73.96
CA GLY B 136 69.49 -123.14 73.58
C GLY B 136 70.60 -123.78 74.39
N CYS B 137 70.22 -124.52 75.42
CA CYS B 137 71.19 -125.20 76.27
C CYS B 137 71.21 -126.71 75.96
N PHE B 138 72.37 -127.35 76.09
CA PHE B 138 72.47 -128.81 75.99
C PHE B 138 72.81 -129.49 77.32
N LYS B 139 72.09 -130.56 77.61
CA LYS B 139 72.48 -131.46 78.69
C LYS B 139 73.46 -132.49 78.15
N ILE B 140 74.67 -132.47 78.71
CA ILE B 140 75.73 -133.37 78.34
C ILE B 140 75.74 -134.52 79.33
N TYR B 141 75.57 -135.75 78.83
CA TYR B 141 75.33 -136.91 79.67
C TYR B 141 76.61 -137.60 80.12
N HIS B 142 77.63 -136.80 80.40
CA HIS B 142 78.88 -137.31 80.94
C HIS B 142 79.61 -136.21 81.72
N LYS B 143 80.53 -136.62 82.59
CA LYS B 143 81.36 -135.67 83.32
C LYS B 143 82.14 -134.87 82.30
N CYS B 144 82.08 -133.56 82.42
CA CYS B 144 82.74 -132.74 81.42
C CYS B 144 83.40 -131.52 82.06
N ASP B 145 84.64 -131.66 82.49
CA ASP B 145 85.34 -130.58 83.17
C ASP B 145 85.71 -129.44 82.20
N ASN B 146 86.44 -128.45 82.69
CA ASN B 146 86.76 -127.27 81.89
C ASN B 146 87.54 -127.61 80.63
N ALA B 147 88.46 -128.57 80.73
CA ALA B 147 89.23 -128.97 79.56
C ALA B 147 88.27 -129.58 78.54
N CYS B 148 87.31 -130.36 79.04
CA CYS B 148 86.28 -130.94 78.18
C CYS B 148 85.46 -129.82 77.54
N ILE B 149 84.97 -128.92 78.39
CA ILE B 149 84.19 -127.76 77.95
C ILE B 149 84.97 -126.89 76.98
N GLY B 150 86.23 -126.65 77.31
CA GLY B 150 87.11 -125.87 76.47
C GLY B 150 87.25 -126.47 75.09
N SER B 151 87.33 -127.80 75.04
CA SER B 151 87.40 -128.53 73.78
C SER B 151 86.20 -128.37 72.85
N ILE B 152 85.00 -128.27 73.42
CA ILE B 152 83.80 -128.04 72.61
C ILE B 152 83.91 -126.66 71.99
N ARG B 153 84.23 -125.71 72.84
CA ARG B 153 84.40 -124.32 72.44
C ARG B 153 85.50 -124.18 71.41
N ASN B 154 86.54 -125.00 71.58
CA ASN B 154 87.75 -124.94 70.79
C ASN B 154 87.61 -125.80 69.52
N GLY B 155 86.47 -126.45 69.38
CA GLY B 155 86.20 -127.27 68.22
C GLY B 155 87.07 -128.51 68.13
N THR B 156 87.60 -128.95 69.27
CA THR B 156 88.44 -130.15 69.28
C THR B 156 87.88 -131.33 70.07
N TYR B 157 86.64 -131.21 70.53
CA TYR B 157 85.98 -132.27 71.30
C TYR B 157 85.89 -133.52 70.43
N ASP B 158 86.33 -134.65 71.00
CA ASP B 158 86.28 -135.94 70.32
C ASP B 158 85.12 -136.74 70.88
N HIS B 159 84.02 -136.78 70.13
CA HIS B 159 82.80 -137.41 70.61
C HIS B 159 83.01 -138.88 70.92
N ASP B 160 83.95 -139.49 70.21
CA ASP B 160 84.22 -140.90 70.37
C ASP B 160 84.74 -141.25 71.77
N VAL B 161 85.44 -140.30 72.40
CA VAL B 161 86.02 -140.51 73.72
C VAL B 161 84.98 -140.74 74.84
N TYR B 162 83.86 -140.07 74.70
CA TYR B 162 82.85 -140.04 75.74
C TYR B 162 81.59 -140.82 75.40
N ARG B 163 81.55 -141.37 74.19
CA ARG B 163 80.31 -141.91 73.64
C ARG B 163 79.72 -143.04 74.44
N ASP B 164 80.57 -144.00 74.82
CA ASP B 164 80.13 -145.12 75.63
C ASP B 164 79.54 -144.59 76.92
N GLU B 165 80.26 -143.67 77.54
CA GLU B 165 79.86 -143.05 78.79
C GLU B 165 78.53 -142.33 78.65
N ALA B 166 78.43 -141.51 77.61
CA ALA B 166 77.25 -140.70 77.36
C ALA B 166 75.99 -141.50 77.06
N LEU B 167 76.15 -142.50 76.19
CA LEU B 167 75.05 -143.36 75.79
C LEU B 167 74.41 -144.14 76.94
N ASN B 168 75.26 -144.63 77.85
CA ASN B 168 74.80 -145.36 79.02
C ASN B 168 73.90 -144.48 79.86
N ASN B 169 74.28 -143.21 79.97
CA ASN B 169 73.52 -142.24 80.73
C ASN B 169 72.22 -141.82 80.04
N ARG B 170 72.24 -141.68 78.71
CA ARG B 170 71.06 -141.23 77.98
C ARG B 170 69.98 -142.30 78.04
N PHE B 171 70.39 -143.55 77.88
CA PHE B 171 69.47 -144.64 77.60
C PHE B 171 69.29 -145.58 78.78
N GLN B 172 69.57 -145.05 79.96
CA GLN B 172 69.28 -145.71 81.22
C GLN B 172 67.79 -145.91 81.41
N ILE B 173 67.44 -146.75 82.38
CA ILE B 173 66.06 -146.97 82.79
C ILE B 173 65.87 -146.59 84.25
N PRO C 3 51.12 -149.36 69.46
CA PRO C 3 50.09 -148.32 69.40
C PRO C 3 50.71 -146.94 69.24
N GLY C 4 50.79 -146.18 70.33
CA GLY C 4 51.35 -144.85 70.29
C GLY C 4 50.43 -143.82 69.68
N ALA C 5 51.05 -142.79 69.09
CA ALA C 5 50.32 -141.70 68.48
C ALA C 5 51.11 -141.10 67.32
N THR C 6 50.44 -140.28 66.51
CA THR C 6 51.10 -139.52 65.47
C THR C 6 50.75 -138.05 65.69
N LEU C 7 51.73 -137.15 65.56
CA LEU C 7 51.43 -135.73 65.69
C LEU C 7 51.98 -134.94 64.50
N CYS C 8 51.08 -134.31 63.75
CA CYS C 8 51.47 -133.56 62.56
C CYS C 8 51.31 -132.06 62.69
N LEU C 9 52.32 -131.35 62.19
CA LEU C 9 52.33 -129.91 62.17
C LEU C 9 51.86 -129.51 60.78
N GLY C 10 51.12 -128.41 60.67
CA GLY C 10 50.64 -127.98 59.37
C GLY C 10 50.22 -126.53 59.33
N HIS C 11 49.72 -126.09 58.18
CA HIS C 11 49.36 -124.70 57.99
C HIS C 11 48.08 -124.64 57.18
N HIS C 12 47.40 -123.50 57.17
CA HIS C 12 46.11 -123.41 56.48
C HIS C 12 46.25 -123.25 54.98
N ALA C 13 45.14 -123.38 54.27
CA ALA C 13 45.06 -123.06 52.85
C ALA C 13 43.66 -122.58 52.53
N VAL C 14 43.48 -121.95 51.37
CA VAL C 14 42.16 -121.52 50.96
C VAL C 14 41.84 -122.05 49.57
N PRO C 15 40.54 -122.18 49.25
CA PRO C 15 40.16 -122.64 47.91
C PRO C 15 40.23 -121.50 46.90
N ASN C 16 40.32 -120.27 47.41
CA ASN C 16 40.31 -119.10 46.56
C ASN C 16 41.51 -118.17 46.76
N GLY C 17 42.69 -118.65 46.39
CA GLY C 17 43.91 -117.86 46.60
C GLY C 17 44.00 -116.73 45.60
N THR C 18 44.94 -115.81 45.80
CA THR C 18 45.12 -114.69 44.88
C THR C 18 46.56 -114.62 44.37
N ILE C 19 46.74 -114.28 43.11
CA ILE C 19 48.08 -114.23 42.51
C ILE C 19 48.74 -112.87 42.68
N VAL C 20 49.99 -112.92 43.15
CA VAL C 20 50.82 -111.75 43.30
C VAL C 20 52.16 -112.01 42.62
N LYS C 21 52.96 -110.96 42.46
CA LYS C 21 54.30 -111.07 41.88
C LYS C 21 55.33 -111.01 42.99
N THR C 22 56.46 -111.70 42.79
CA THR C 22 57.57 -111.63 43.74
C THR C 22 58.89 -111.42 43.06
N ILE C 23 59.94 -111.37 43.87
CA ILE C 23 61.28 -111.20 43.38
C ILE C 23 61.71 -112.34 42.46
N THR C 24 61.26 -113.55 42.71
CA THR C 24 61.79 -114.66 41.90
C THR C 24 60.75 -115.30 41.00
N ASN C 25 59.52 -114.84 41.09
CA ASN C 25 58.45 -115.45 40.32
C ASN C 25 57.30 -114.48 40.12
N ASP C 26 56.83 -114.31 38.89
CA ASP C 26 55.79 -113.33 38.62
C ASP C 26 54.37 -113.78 38.96
N GLN C 27 54.18 -115.07 39.23
CA GLN C 27 52.85 -115.59 39.54
C GLN C 27 52.91 -116.73 40.58
N ILE C 28 52.69 -116.39 41.85
CA ILE C 28 52.69 -117.35 42.95
C ILE C 28 51.38 -117.20 43.72
N GLU C 29 50.75 -118.30 44.07
CA GLU C 29 49.47 -118.18 44.75
C GLU C 29 49.67 -118.08 46.25
N VAL C 30 49.05 -117.08 46.86
CA VAL C 30 49.07 -116.88 48.30
C VAL C 30 47.67 -116.92 48.87
N THR C 31 47.55 -116.98 50.19
CA THR C 31 46.26 -117.14 50.80
C THR C 31 45.44 -115.85 50.75
N ASN C 32 46.11 -114.70 50.61
CA ASN C 32 45.40 -113.42 50.62
C ASN C 32 46.28 -112.27 50.14
N ALA C 33 45.63 -111.22 49.63
CA ALA C 33 46.36 -110.03 49.19
C ALA C 33 45.46 -108.79 49.28
N THR C 34 46.07 -107.62 49.13
CA THR C 34 45.36 -106.33 49.12
C THR C 34 45.84 -105.42 47.99
N GLU C 35 44.93 -104.63 47.42
CA GLU C 35 45.25 -103.83 46.25
C GLU C 35 45.91 -102.56 46.77
N LEU C 36 47.06 -102.20 46.21
CA LEU C 36 47.80 -101.02 46.63
C LEU C 36 47.60 -99.84 45.68
N VAL C 37 46.94 -100.12 44.56
CA VAL C 37 46.64 -99.09 43.58
C VAL C 37 45.16 -98.74 43.57
N GLN C 38 44.83 -97.50 43.94
CA GLN C 38 43.45 -97.02 43.83
C GLN C 38 43.15 -96.84 42.35
N ASN C 39 42.13 -97.55 41.85
CA ASN C 39 41.85 -97.57 40.41
C ASN C 39 40.51 -96.94 40.02
N SER C 40 39.83 -96.35 41.00
CA SER C 40 38.52 -95.76 40.73
C SER C 40 38.29 -94.47 41.50
N SER C 41 37.38 -93.65 40.97
CA SER C 41 36.87 -92.50 41.69
C SER C 41 35.36 -92.59 41.78
N ILE C 42 34.74 -91.88 42.72
CA ILE C 42 33.28 -91.84 42.77
C ILE C 42 32.70 -90.86 41.74
N GLY C 43 33.59 -90.17 41.03
CA GLY C 43 33.22 -89.34 39.89
C GLY C 43 32.76 -87.93 40.19
N GLU C 44 32.77 -87.54 41.46
CA GLU C 44 32.48 -86.16 41.83
C GLU C 44 33.54 -85.59 42.78
N ILE C 45 33.73 -84.28 42.74
CA ILE C 45 34.67 -83.63 43.66
C ILE C 45 33.99 -83.16 44.94
N CYS C 46 34.34 -83.79 46.06
CA CYS C 46 33.74 -83.46 47.35
C CYS C 46 34.06 -82.07 47.87
N ASP C 47 33.03 -81.43 48.39
CA ASP C 47 33.11 -80.05 48.89
C ASP C 47 33.74 -79.90 50.27
N SER C 48 34.11 -81.02 50.89
CA SER C 48 34.72 -81.01 52.22
C SER C 48 35.94 -81.92 52.19
N PRO C 49 36.95 -81.63 53.00
CA PRO C 49 37.06 -80.55 54.00
C PRO C 49 37.75 -79.32 53.43
N HIS C 50 38.10 -79.38 52.15
CA HIS C 50 38.73 -78.24 51.51
C HIS C 50 37.66 -77.28 50.99
N GLN C 51 37.95 -75.99 50.97
CA GLN C 51 36.98 -75.00 50.48
C GLN C 51 37.03 -75.01 48.97
N ILE C 52 35.94 -75.44 48.36
CA ILE C 52 35.90 -75.56 46.92
C ILE C 52 35.22 -74.34 46.30
N LEU C 53 35.82 -73.84 45.23
CA LEU C 53 35.18 -72.79 44.45
C LEU C 53 35.01 -73.24 43.01
N ASP C 54 33.76 -73.44 42.61
CA ASP C 54 33.42 -73.88 41.27
C ASP C 54 33.41 -72.67 40.34
N GLY C 55 34.32 -72.65 39.37
CA GLY C 55 34.41 -71.51 38.45
C GLY C 55 33.23 -71.38 37.51
N GLU C 56 32.49 -72.48 37.33
CA GLU C 56 31.35 -72.54 36.43
C GLU C 56 31.70 -72.05 35.02
N ASN C 57 31.04 -70.97 34.59
CA ASN C 57 31.31 -70.38 33.28
C ASN C 57 32.56 -69.49 33.21
N CYS C 58 33.21 -69.30 34.34
CA CYS C 58 34.29 -68.32 34.46
C CYS C 58 35.66 -68.97 34.67
N THR C 59 36.66 -68.55 33.90
CA THR C 59 38.04 -68.89 34.20
C THR C 59 38.49 -68.06 35.40
N LEU C 60 39.59 -68.48 36.03
CA LEU C 60 40.19 -67.72 37.15
C LEU C 60 40.50 -66.30 36.72
N ILE C 61 41.11 -66.17 35.55
CA ILE C 61 41.47 -64.88 35.03
C ILE C 61 40.24 -63.99 34.82
N ASP C 62 39.17 -64.59 34.31
CA ASP C 62 37.91 -63.88 34.13
C ASP C 62 37.23 -63.40 35.42
N ALA C 63 37.32 -64.21 36.48
CA ALA C 63 36.80 -63.84 37.79
C ALA C 63 37.62 -62.72 38.40
N LEU C 64 38.92 -62.77 38.13
CA LEU C 64 39.86 -61.74 38.59
C LEU C 64 39.54 -60.39 37.99
N LEU C 65 39.49 -60.32 36.67
CA LEU C 65 39.25 -59.06 35.96
C LEU C 65 37.88 -58.44 36.25
N GLY C 66 36.88 -59.28 36.44
CA GLY C 66 35.54 -58.82 36.70
C GLY C 66 34.63 -58.79 35.48
N ASP C 67 34.71 -59.83 34.66
CA ASP C 67 33.74 -60.10 33.60
C ASP C 67 32.40 -60.15 34.33
N PRO C 68 31.39 -59.41 33.83
CA PRO C 68 30.10 -59.26 34.51
C PRO C 68 29.46 -60.56 35.02
N GLN C 69 29.54 -61.63 34.24
CA GLN C 69 28.95 -62.90 34.67
C GLN C 69 29.70 -63.56 35.83
N CYS C 70 30.85 -63.00 36.18
CA CYS C 70 31.69 -63.51 37.27
C CYS C 70 31.65 -62.58 38.49
N ASP C 71 30.67 -61.68 38.50
CA ASP C 71 30.56 -60.69 39.57
C ASP C 71 30.36 -61.35 40.92
N GLY C 72 29.74 -62.51 40.90
CA GLY C 72 29.51 -63.29 42.11
C GLY C 72 30.80 -63.74 42.78
N PHE C 73 31.90 -63.73 42.05
CA PHE C 73 33.14 -64.25 42.60
C PHE C 73 33.97 -63.27 43.44
N GLN C 74 33.57 -62.00 43.45
CA GLN C 74 34.38 -60.97 44.10
C GLN C 74 34.77 -61.29 45.56
N ASN C 75 36.06 -61.23 45.85
CA ASN C 75 36.60 -61.30 47.21
C ASN C 75 36.49 -62.66 47.88
N LYS C 76 36.08 -63.66 47.11
CA LYS C 76 35.93 -65.01 47.63
C LYS C 76 37.30 -65.67 47.75
N LYS C 77 37.41 -66.68 48.61
CA LYS C 77 38.66 -67.41 48.77
C LYS C 77 38.47 -68.87 48.37
N TRP C 78 39.58 -69.59 48.20
CA TRP C 78 39.48 -71.00 47.88
C TRP C 78 40.76 -71.69 48.30
N ASP C 79 40.67 -73.00 48.54
CA ASP C 79 41.83 -73.84 48.55
C ASP C 79 42.01 -74.33 47.12
N LEU C 80 40.91 -74.73 46.49
CA LEU C 80 40.96 -75.20 45.10
C LEU C 80 39.90 -74.60 44.21
N PHE C 81 40.35 -73.85 43.24
CA PHE C 81 39.48 -73.30 42.23
C PHE C 81 39.37 -74.33 41.10
N VAL C 82 38.16 -74.67 40.72
CA VAL C 82 37.93 -75.68 39.69
C VAL C 82 37.45 -75.01 38.42
N GLU C 83 38.26 -75.09 37.37
CA GLU C 83 37.89 -74.48 36.09
C GLU C 83 37.21 -75.48 35.17
N ARG C 84 36.10 -75.05 34.59
CA ARG C 84 35.28 -75.92 33.77
C ARG C 84 35.65 -75.68 32.31
N SER C 85 35.58 -76.74 31.51
CA SER C 85 35.89 -76.66 30.09
C SER C 85 34.88 -75.80 29.35
N LYS C 86 33.70 -75.65 29.94
CA LYS C 86 32.62 -74.88 29.35
C LYS C 86 32.82 -73.37 29.48
N ALA C 87 33.81 -72.97 30.26
CA ALA C 87 34.04 -71.55 30.55
C ALA C 87 34.24 -70.73 29.27
N TYR C 88 33.81 -69.48 29.32
CA TYR C 88 33.99 -68.58 28.19
C TYR C 88 34.03 -67.14 28.68
N SER C 89 34.71 -66.29 27.93
CA SER C 89 34.74 -64.88 28.26
C SER C 89 33.62 -64.17 27.51
N ASN C 90 33.03 -63.16 28.14
CA ASN C 90 31.93 -62.43 27.53
C ASN C 90 32.08 -60.96 27.82
N CYS C 91 33.32 -60.50 27.79
CA CYS C 91 33.62 -59.10 27.99
C CYS C 91 34.45 -58.65 26.79
N TYR C 92 35.23 -57.59 26.95
CA TYR C 92 36.08 -57.12 25.88
C TYR C 92 37.15 -58.18 25.65
N PRO C 93 37.40 -58.53 24.37
CA PRO C 93 38.38 -59.59 24.09
C PRO C 93 39.76 -59.15 24.55
N TYR C 94 40.48 -60.06 25.22
CA TYR C 94 41.77 -59.73 25.78
C TYR C 94 42.75 -60.89 25.69
N ASP C 95 44.04 -60.60 25.80
CA ASP C 95 45.03 -61.63 26.05
C ASP C 95 45.91 -61.22 27.22
N VAL C 96 46.63 -62.20 27.79
CA VAL C 96 47.56 -61.99 28.89
C VAL C 96 48.90 -62.63 28.57
N PRO C 97 49.92 -61.80 28.30
CA PRO C 97 51.26 -62.36 28.19
C PRO C 97 51.63 -63.14 29.44
N ASP C 98 52.16 -64.34 29.23
CA ASP C 98 52.45 -65.25 30.32
C ASP C 98 51.18 -65.48 31.15
N TYR C 99 50.08 -65.72 30.45
CA TYR C 99 48.80 -66.09 31.07
C TYR C 99 48.95 -67.17 32.13
N ALA C 100 49.68 -68.23 31.80
CA ALA C 100 49.84 -69.35 32.71
C ALA C 100 50.44 -68.95 34.04
N SER C 101 51.37 -68.00 34.03
CA SER C 101 51.99 -67.53 35.26
C SER C 101 51.07 -66.72 36.15
N LEU C 102 50.30 -65.84 35.51
CA LEU C 102 49.35 -65.03 36.27
C LEU C 102 48.27 -65.90 36.89
N ARG C 103 47.72 -66.78 36.06
CA ARG C 103 46.71 -67.73 36.50
C ARG C 103 47.26 -68.53 37.69
N SER C 104 48.50 -68.99 37.56
CA SER C 104 49.13 -69.82 38.58
C SER C 104 49.36 -69.07 39.89
N LEU C 105 49.89 -67.87 39.81
CA LEU C 105 50.25 -67.12 41.01
C LEU C 105 48.99 -66.73 41.77
N VAL C 106 47.93 -66.43 41.02
CA VAL C 106 46.63 -66.13 41.63
C VAL C 106 46.03 -67.36 42.27
N ALA C 107 46.09 -68.46 41.54
CA ALA C 107 45.63 -69.74 42.03
C ALA C 107 46.31 -70.05 43.36
N SER C 108 47.61 -69.82 43.40
CA SER C 108 48.43 -70.17 44.56
C SER C 108 48.14 -69.24 45.73
N SER C 109 47.85 -67.98 45.42
CA SER C 109 47.51 -67.02 46.47
C SER C 109 46.19 -67.41 47.13
N GLY C 110 45.24 -67.86 46.31
CA GLY C 110 44.03 -68.47 46.84
C GLY C 110 42.98 -67.48 47.29
N THR C 111 43.04 -66.25 46.78
CA THR C 111 42.07 -65.24 47.17
C THR C 111 41.79 -64.21 46.07
N LEU C 112 40.57 -63.70 46.04
CA LEU C 112 40.19 -62.61 45.13
C LEU C 112 39.92 -61.30 45.87
N GLU C 113 40.32 -61.25 47.14
CA GLU C 113 40.15 -60.05 47.96
C GLU C 113 40.69 -58.80 47.27
N PHE C 114 39.84 -57.80 47.09
CA PHE C 114 40.24 -56.60 46.36
C PHE C 114 39.96 -55.36 47.19
N ASN C 115 40.93 -54.44 47.25
CA ASN C 115 40.74 -53.19 47.95
C ASN C 115 40.87 -52.09 46.94
N ASN C 116 39.79 -51.34 46.82
CA ASN C 116 39.77 -50.20 45.93
C ASN C 116 40.68 -49.07 46.44
N GLU C 117 41.28 -48.31 45.52
CA GLU C 117 42.08 -47.14 45.88
C GLU C 117 41.73 -45.94 45.01
N SER C 118 41.87 -44.76 45.60
CA SER C 118 41.50 -43.51 44.94
C SER C 118 42.67 -42.91 44.15
N PHE C 119 42.84 -43.37 42.91
CA PHE C 119 43.85 -42.81 42.02
C PHE C 119 43.40 -41.44 41.52
N ASN C 120 44.37 -40.58 41.20
CA ASN C 120 44.06 -39.25 40.71
C ASN C 120 44.04 -39.24 39.20
N TRP C 121 42.86 -39.42 38.62
CA TRP C 121 42.75 -39.42 37.17
C TRP C 121 42.18 -38.10 36.69
N THR C 122 42.68 -37.02 37.28
CA THR C 122 42.32 -35.69 36.86
C THR C 122 42.85 -35.40 35.46
N GLY C 123 42.00 -34.89 34.58
CA GLY C 123 42.41 -34.52 33.24
C GLY C 123 41.79 -35.37 32.16
N VAL C 124 41.37 -36.57 32.55
CA VAL C 124 40.80 -37.52 31.59
C VAL C 124 39.41 -37.99 31.99
N THR C 125 38.73 -38.66 31.06
CA THR C 125 37.44 -39.28 31.32
C THR C 125 37.72 -40.70 31.78
N GLN C 126 37.14 -41.09 32.91
CA GLN C 126 37.33 -42.44 33.45
C GLN C 126 36.18 -43.37 33.07
N ASN C 127 36.37 -44.65 33.38
CA ASN C 127 35.32 -45.66 33.27
C ASN C 127 34.75 -45.95 31.88
N GLY C 128 35.59 -46.05 30.86
CA GLY C 128 35.09 -46.38 29.55
C GLY C 128 34.45 -47.76 29.50
N THR C 129 33.33 -47.86 28.78
CA THR C 129 32.61 -49.12 28.65
C THR C 129 32.41 -49.60 27.21
N SER C 130 31.92 -50.83 27.07
CA SER C 130 31.73 -51.45 25.77
C SER C 130 30.50 -52.35 25.71
N SER C 131 29.90 -52.45 24.52
CA SER C 131 28.73 -53.28 24.27
C SER C 131 29.10 -54.76 24.15
N ALA C 132 30.39 -55.03 24.11
CA ALA C 132 30.90 -56.39 24.05
C ALA C 132 31.04 -56.95 25.47
N CYS C 133 30.67 -56.12 26.44
CA CYS C 133 30.81 -56.48 27.84
C CYS C 133 29.60 -55.98 28.62
N ILE C 134 28.52 -56.76 28.53
CA ILE C 134 27.24 -56.40 29.09
C ILE C 134 27.08 -56.80 30.56
N ARG C 135 26.66 -55.84 31.39
CA ARG C 135 26.33 -56.12 32.77
C ARG C 135 24.95 -55.57 33.10
N ARG C 136 24.05 -56.46 33.51
CA ARG C 136 22.67 -56.09 33.81
C ARG C 136 22.04 -55.36 32.64
N SER C 137 22.17 -55.92 31.44
CA SER C 137 21.52 -55.40 30.23
C SER C 137 22.07 -54.05 29.74
N ASN C 138 23.06 -53.49 30.44
CA ASN C 138 23.67 -52.22 30.04
C ASN C 138 25.14 -52.37 29.65
N ASN C 139 25.62 -51.49 28.78
CA ASN C 139 27.02 -51.40 28.44
C ASN C 139 27.93 -51.24 29.66
N SER C 140 28.99 -52.05 29.73
CA SER C 140 29.87 -52.01 30.90
C SER C 140 31.32 -52.32 30.54
N PHE C 141 32.07 -52.77 31.55
CA PHE C 141 33.49 -53.08 31.41
C PHE C 141 33.89 -54.00 32.57
N PHE C 142 35.11 -54.53 32.53
CA PHE C 142 35.68 -55.30 33.65
C PHE C 142 35.56 -54.52 34.96
N SER C 143 35.12 -55.20 36.02
CA SER C 143 34.80 -54.52 37.28
C SER C 143 36.02 -53.89 37.95
N ARG C 144 37.18 -54.52 37.79
CA ARG C 144 38.36 -54.09 38.53
C ARG C 144 39.25 -53.12 37.72
N LEU C 145 38.83 -52.80 36.51
CA LEU C 145 39.62 -51.95 35.63
C LEU C 145 38.88 -50.69 35.22
N ASN C 146 39.64 -49.65 34.92
CA ASN C 146 39.10 -48.33 34.62
C ASN C 146 39.60 -47.86 33.26
N TRP C 147 38.73 -47.92 32.25
CA TRP C 147 39.10 -47.51 30.90
C TRP C 147 39.11 -45.98 30.74
N LEU C 148 40.31 -45.40 30.66
CA LEU C 148 40.47 -43.96 30.54
C LEU C 148 40.50 -43.44 29.10
N THR C 149 39.79 -42.33 28.84
CA THR C 149 39.80 -41.67 27.53
C THR C 149 39.96 -40.16 27.64
N HIS C 150 40.08 -39.48 26.50
CA HIS C 150 40.29 -38.04 26.53
C HIS C 150 39.15 -37.32 27.24
N LEU C 151 39.42 -36.12 27.70
CA LEU C 151 38.40 -35.26 28.25
C LEU C 151 38.49 -33.91 27.57
N ASN C 152 37.43 -33.51 26.87
CA ASN C 152 37.49 -32.23 26.15
C ASN C 152 38.63 -32.20 25.13
N PHE C 153 38.87 -33.31 24.47
CA PHE C 153 39.89 -33.42 23.42
C PHE C 153 41.28 -33.29 23.94
N LYS C 154 41.46 -33.56 25.22
CA LYS C 154 42.80 -33.68 25.74
C LYS C 154 42.96 -34.96 26.53
N TYR C 155 44.15 -35.53 26.43
CA TYR C 155 44.53 -36.65 27.26
C TYR C 155 45.89 -36.20 27.74
N PRO C 156 45.90 -35.49 28.87
CA PRO C 156 47.21 -35.02 29.33
C PRO C 156 48.06 -36.16 29.82
N ALA C 157 49.36 -36.03 29.67
CA ALA C 157 50.27 -37.07 30.10
C ALA C 157 50.07 -37.32 31.59
N LEU C 158 49.64 -38.53 31.92
CA LEU C 158 49.37 -38.87 33.31
C LEU C 158 50.65 -39.28 34.01
N ASN C 159 50.80 -38.81 35.24
CA ASN C 159 51.94 -39.15 36.09
C ASN C 159 51.34 -39.29 37.49
N VAL C 160 50.82 -40.49 37.75
CA VAL C 160 50.00 -40.78 38.92
C VAL C 160 50.66 -41.78 39.85
N THR C 161 50.58 -41.53 41.15
CA THR C 161 51.33 -42.31 42.10
C THR C 161 50.41 -43.05 43.08
N MET C 162 50.89 -44.20 43.58
CA MET C 162 50.19 -44.98 44.62
C MET C 162 51.14 -45.80 45.49
N PRO C 163 51.41 -45.32 46.71
CA PRO C 163 52.33 -45.94 47.66
C PRO C 163 51.73 -47.17 48.31
N ASN C 164 52.55 -48.19 48.49
CA ASN C 164 52.12 -49.27 49.35
C ASN C 164 52.61 -48.93 50.75
N ASN C 165 51.73 -48.40 51.59
CA ASN C 165 52.11 -48.11 52.96
C ASN C 165 51.46 -49.12 53.88
N GLU C 166 51.12 -50.26 53.30
CA GLU C 166 50.55 -51.36 54.06
C GLU C 166 51.69 -52.26 54.52
N GLN C 167 51.37 -53.30 55.27
CA GLN C 167 52.38 -54.25 55.71
C GLN C 167 52.34 -55.55 54.91
N PHE C 168 51.49 -55.62 53.89
CA PHE C 168 51.39 -56.79 53.03
C PHE C 168 51.59 -56.36 51.59
N ASP C 169 51.91 -57.32 50.72
CA ASP C 169 52.09 -57.03 49.31
C ASP C 169 50.79 -56.72 48.60
N LYS C 170 50.91 -55.92 47.54
CA LYS C 170 49.77 -55.60 46.69
C LYS C 170 49.97 -56.12 45.28
N LEU C 171 48.93 -56.72 44.72
CA LEU C 171 48.95 -57.14 43.32
C LEU C 171 48.10 -56.22 42.48
N TYR C 172 48.73 -55.55 41.53
CA TYR C 172 48.00 -54.66 40.65
C TYR C 172 47.80 -55.30 39.30
N ILE C 173 46.57 -55.25 38.83
CA ILE C 173 46.23 -55.74 37.50
C ILE C 173 45.82 -54.61 36.57
N TRP C 174 46.49 -54.52 35.43
CA TRP C 174 46.19 -53.47 34.47
C TRP C 174 46.30 -53.96 33.04
N GLY C 175 46.02 -53.07 32.08
CA GLY C 175 46.04 -53.43 30.69
C GLY C 175 46.33 -52.27 29.76
N VAL C 176 46.58 -52.59 28.50
CA VAL C 176 46.78 -51.61 27.45
C VAL C 176 45.77 -51.86 26.34
N HIS C 177 45.11 -50.81 25.86
CA HIS C 177 44.16 -51.02 24.78
C HIS C 177 44.82 -50.83 23.42
N HIS C 178 44.62 -51.81 22.56
CA HIS C 178 45.08 -51.75 21.18
C HIS C 178 43.83 -51.59 20.32
N PRO C 179 43.48 -50.36 19.94
CA PRO C 179 42.33 -50.09 19.08
C PRO C 179 42.51 -50.67 17.68
N GLY C 180 41.41 -50.85 16.95
CA GLY C 180 41.46 -51.52 15.67
C GLY C 180 41.83 -50.61 14.51
N THR C 181 41.64 -49.31 14.68
CA THR C 181 41.95 -48.33 13.65
C THR C 181 42.54 -47.06 14.24
N ASP C 182 43.18 -46.26 13.39
CA ASP C 182 43.70 -44.95 13.77
C ASP C 182 42.53 -44.06 14.18
N LYS C 183 41.41 -44.24 13.48
CA LYS C 183 40.18 -43.50 13.75
C LYS C 183 39.82 -43.67 15.22
N ASP C 184 39.95 -44.89 15.74
CA ASP C 184 39.61 -45.17 17.12
C ASP C 184 40.64 -44.50 18.03
N GLN C 185 41.91 -44.61 17.65
CA GLN C 185 43.01 -44.01 18.38
C GLN C 185 42.87 -42.52 18.68
N ILE C 186 42.60 -41.74 17.64
CA ILE C 186 42.44 -40.30 17.78
C ILE C 186 41.23 -40.12 18.64
N PHE C 187 40.24 -40.94 18.34
CA PHE C 187 38.98 -40.91 19.02
C PHE C 187 38.92 -41.18 20.52
N LEU C 188 39.72 -42.12 20.99
CA LEU C 188 39.70 -42.45 22.40
C LEU C 188 40.56 -41.53 23.23
N TYR C 189 41.76 -41.31 22.72
CA TYR C 189 42.84 -40.73 23.48
C TYR C 189 43.28 -39.36 22.97
N ALA C 190 42.64 -38.90 21.90
CA ALA C 190 42.88 -37.57 21.36
C ALA C 190 44.32 -37.37 20.91
N GLN C 191 45.02 -38.48 20.66
CA GLN C 191 46.36 -38.41 20.08
C GLN C 191 46.77 -39.74 19.44
N SER C 192 47.65 -39.65 18.44
CA SER C 192 47.93 -40.75 17.50
C SER C 192 48.61 -41.96 18.13
N SER C 193 49.40 -41.73 19.17
CA SER C 193 50.19 -42.81 19.73
C SER C 193 50.19 -42.65 21.24
N GLY C 194 49.69 -43.67 21.92
CA GLY C 194 49.68 -43.70 23.37
C GLY C 194 50.95 -44.35 23.83
N ARG C 195 51.22 -44.27 25.12
CA ARG C 195 52.41 -44.92 25.63
C ARG C 195 52.21 -45.08 27.12
N ILE C 196 52.59 -46.25 27.63
CA ILE C 196 52.40 -46.55 29.04
C ILE C 196 53.67 -47.07 29.68
N THR C 197 54.07 -46.43 30.78
CA THR C 197 55.13 -46.95 31.60
C THR C 197 54.64 -47.10 33.02
N VAL C 198 54.72 -48.32 33.54
CA VAL C 198 54.36 -48.61 34.92
C VAL C 198 55.58 -49.12 35.65
N SER C 199 55.96 -48.40 36.70
CA SER C 199 57.18 -48.74 37.41
C SER C 199 57.03 -48.80 38.92
N THR C 200 57.98 -49.48 39.56
CA THR C 200 58.15 -49.41 41.01
C THR C 200 59.62 -49.09 41.27
N LYS C 201 60.06 -49.19 42.52
CA LYS C 201 61.47 -49.00 42.81
C LYS C 201 62.28 -50.16 42.26
N ARG C 202 61.67 -51.34 42.17
CA ARG C 202 62.45 -52.51 41.79
C ARG C 202 62.04 -53.12 40.45
N SER C 203 61.23 -52.40 39.68
CA SER C 203 60.79 -52.92 38.38
C SER C 203 60.24 -51.83 37.47
N GLN C 204 60.22 -52.11 36.18
CA GLN C 204 59.64 -51.19 35.21
C GLN C 204 59.06 -51.96 34.03
N GLN C 205 57.85 -51.60 33.63
CA GLN C 205 57.18 -52.25 32.51
C GLN C 205 56.60 -51.25 31.51
N ALA C 206 57.24 -51.14 30.34
CA ALA C 206 56.84 -50.17 29.31
C ALA C 206 56.18 -50.84 28.11
N VAL C 207 55.01 -50.36 27.72
CA VAL C 207 54.22 -50.95 26.63
C VAL C 207 53.74 -49.94 25.59
N ILE C 208 53.93 -50.29 24.32
CA ILE C 208 53.45 -49.49 23.20
C ILE C 208 52.21 -50.12 22.59
N PRO C 209 51.12 -49.35 22.55
CA PRO C 209 49.85 -49.81 21.97
C PRO C 209 50.09 -50.17 20.51
N ASN C 210 49.44 -51.20 20.03
CA ASN C 210 49.55 -51.57 18.62
C ASN C 210 48.23 -51.47 17.87
N ILE C 211 48.12 -50.40 17.09
CA ILE C 211 46.93 -50.14 16.30
C ILE C 211 46.90 -51.05 15.08
N GLY C 212 45.73 -51.64 14.81
CA GLY C 212 45.59 -52.56 13.70
C GLY C 212 44.43 -53.48 13.98
N SER C 213 43.86 -54.05 12.94
CA SER C 213 42.74 -54.97 13.08
C SER C 213 43.22 -56.36 13.47
N ARG C 214 42.52 -56.96 14.43
CA ARG C 214 42.65 -58.38 14.72
C ARG C 214 41.37 -59.06 14.26
N PRO C 215 41.41 -60.39 14.02
CA PRO C 215 40.19 -61.14 13.73
C PRO C 215 39.14 -60.81 14.78
N ARG C 216 37.95 -60.43 14.34
CA ARG C 216 36.95 -59.95 15.27
C ARG C 216 36.53 -61.02 16.27
N ILE C 217 36.42 -60.63 17.54
CA ILE C 217 35.93 -61.51 18.59
C ILE C 217 34.66 -60.88 19.12
N ARG C 218 33.55 -61.61 19.03
CA ARG C 218 32.25 -61.07 19.41
C ARG C 218 32.03 -59.70 18.77
N ASN C 219 32.41 -59.63 17.49
CA ASN C 219 32.32 -58.43 16.66
C ASN C 219 33.33 -57.31 16.98
N ILE C 220 34.36 -57.63 17.76
CA ILE C 220 35.35 -56.63 18.16
C ILE C 220 36.73 -56.93 17.57
N PRO C 221 37.24 -56.01 16.72
CA PRO C 221 38.56 -56.18 16.07
C PRO C 221 39.72 -55.65 16.90
N SER C 222 39.44 -54.86 17.92
CA SER C 222 40.49 -54.31 18.78
C SER C 222 40.83 -55.29 19.89
N ARG C 223 41.83 -54.96 20.72
CA ARG C 223 42.21 -55.85 21.81
C ARG C 223 42.72 -55.08 23.03
N ILE C 224 42.70 -55.75 24.18
CA ILE C 224 43.38 -55.28 25.39
C ILE C 224 44.42 -56.32 25.86
N SER C 225 45.63 -55.87 26.18
CA SER C 225 46.62 -56.79 26.74
C SER C 225 46.74 -56.58 28.25
N ILE C 226 46.66 -57.68 29.00
CA ILE C 226 46.65 -57.56 30.44
C ILE C 226 48.01 -57.80 31.07
N TYR C 227 48.39 -56.94 31.99
CA TYR C 227 49.65 -57.05 32.68
C TYR C 227 49.43 -56.99 34.18
N TRP C 228 50.44 -57.39 34.94
CA TRP C 228 50.37 -57.29 36.40
C TRP C 228 51.64 -56.78 37.06
N THR C 229 51.49 -56.21 38.24
CA THR C 229 52.62 -55.67 38.95
C THR C 229 52.46 -55.85 40.45
N ILE C 230 53.48 -56.42 41.06
CA ILE C 230 53.50 -56.59 42.50
C ILE C 230 54.33 -55.48 43.14
N VAL C 231 53.78 -54.86 44.17
CA VAL C 231 54.44 -53.76 44.86
C VAL C 231 54.69 -54.10 46.31
N LYS C 232 55.96 -54.10 46.70
CA LYS C 232 56.31 -54.43 48.07
C LYS C 232 56.02 -53.23 48.99
N PRO C 233 55.86 -53.47 50.31
CA PRO C 233 55.79 -52.41 51.32
C PRO C 233 57.01 -51.51 51.28
N GLY C 234 56.79 -50.20 51.30
CA GLY C 234 57.90 -49.26 51.29
C GLY C 234 58.17 -48.87 49.85
N ASP C 235 57.55 -49.59 48.93
CA ASP C 235 57.69 -49.33 47.50
C ASP C 235 56.49 -48.53 47.01
N ILE C 236 56.55 -48.11 45.75
CA ILE C 236 55.55 -47.19 45.22
C ILE C 236 55.17 -47.57 43.80
N LEU C 237 53.87 -47.62 43.52
CA LEU C 237 53.43 -47.79 42.14
C LEU C 237 53.45 -46.47 41.39
N LEU C 238 54.09 -46.46 40.23
CA LEU C 238 54.06 -45.31 39.36
C LEU C 238 53.57 -45.61 37.96
N ILE C 239 52.54 -44.89 37.53
CA ILE C 239 51.98 -45.09 36.21
C ILE C 239 52.23 -43.81 35.41
N ASN C 240 52.94 -43.92 34.29
CA ASN C 240 53.18 -42.76 33.44
C ASN C 240 52.50 -43.16 32.12
N SER C 241 51.50 -42.41 31.67
CA SER C 241 50.81 -42.75 30.42
C SER C 241 50.39 -41.56 29.59
N THR C 242 50.47 -41.72 28.27
CA THR C 242 50.01 -40.71 27.33
C THR C 242 48.85 -41.23 26.47
N GLY C 243 48.22 -42.33 26.90
CA GLY C 243 47.11 -42.90 26.17
C GLY C 243 47.00 -44.41 26.29
N ASN C 244 45.81 -44.95 26.01
CA ASN C 244 45.62 -46.40 25.89
C ASN C 244 45.75 -47.16 27.19
N LEU C 245 45.80 -46.43 28.29
CA LEU C 245 45.88 -47.07 29.59
C LEU C 245 44.52 -47.57 30.02
N ILE C 246 44.46 -48.85 30.37
CA ILE C 246 43.31 -49.42 31.03
C ILE C 246 43.65 -49.53 32.50
N ALA C 247 43.08 -48.63 33.29
CA ALA C 247 43.57 -48.42 34.65
C ALA C 247 43.00 -49.40 35.65
N PRO C 248 43.80 -49.77 36.65
CA PRO C 248 43.35 -50.57 37.78
C PRO C 248 42.50 -49.69 38.68
N ARG C 249 41.57 -50.29 39.38
CA ARG C 249 40.72 -49.54 40.30
C ARG C 249 41.26 -49.73 41.69
N GLY C 250 42.32 -50.52 41.79
CA GLY C 250 42.91 -50.86 43.07
C GLY C 250 43.80 -52.07 42.94
N TYR C 251 44.01 -52.76 44.06
CA TYR C 251 44.90 -53.90 44.08
C TYR C 251 44.23 -55.10 44.68
N PHE C 252 44.75 -56.27 44.33
CA PHE C 252 44.38 -57.50 45.01
C PHE C 252 45.37 -57.79 46.15
N LYS C 253 44.89 -58.34 47.25
CA LYS C 253 45.80 -58.82 48.28
C LYS C 253 46.41 -60.09 47.75
N ILE C 254 47.66 -60.35 48.11
CA ILE C 254 48.31 -61.58 47.70
C ILE C 254 48.80 -62.34 48.91
N ARG C 255 48.38 -63.60 48.99
CA ARG C 255 48.68 -64.43 50.13
C ARG C 255 49.55 -65.59 49.71
N SER C 256 50.02 -66.33 50.70
CA SER C 256 50.67 -67.60 50.46
C SER C 256 50.01 -68.72 51.27
N GLY C 257 49.99 -69.91 50.69
CA GLY C 257 49.38 -71.04 51.36
C GLY C 257 49.19 -72.24 50.46
N LYS C 258 48.23 -73.08 50.84
CA LYS C 258 48.11 -74.39 50.22
C LYS C 258 47.16 -74.38 49.03
N SER C 259 46.84 -73.19 48.52
CA SER C 259 45.82 -73.13 47.48
C SER C 259 46.36 -73.52 46.09
N SER C 260 45.45 -73.98 45.23
CA SER C 260 45.79 -74.35 43.84
C SER C 260 44.59 -74.25 42.90
N ILE C 261 44.77 -74.76 41.69
CA ILE C 261 43.72 -74.72 40.68
C ILE C 261 43.76 -76.02 39.91
N MET C 262 42.58 -76.48 39.49
CA MET C 262 42.50 -77.73 38.76
C MET C 262 41.45 -77.57 37.68
N ARG C 263 41.72 -78.13 36.51
CA ARG C 263 40.76 -78.15 35.42
C ARG C 263 39.95 -79.43 35.51
N SER C 264 38.64 -79.31 35.59
CA SER C 264 37.79 -80.48 35.76
C SER C 264 36.35 -80.18 35.42
N ASP C 265 35.66 -81.20 34.91
CA ASP C 265 34.24 -81.10 34.64
C ASP C 265 33.41 -81.97 35.59
N ALA C 266 34.04 -82.45 36.66
CA ALA C 266 33.35 -83.30 37.63
C ALA C 266 32.41 -82.47 38.49
N PRO C 267 31.20 -82.99 38.75
CA PRO C 267 30.25 -82.26 39.60
C PRO C 267 30.74 -82.16 41.03
N ILE C 268 30.28 -81.11 41.73
CA ILE C 268 30.58 -80.97 43.13
C ILE C 268 29.57 -81.73 43.96
N GLY C 269 30.05 -82.52 44.91
CA GLY C 269 29.16 -83.26 45.78
C GLY C 269 29.21 -82.77 47.22
N LYS C 270 28.15 -83.04 47.97
CA LYS C 270 28.13 -82.76 49.40
C LYS C 270 28.73 -83.96 50.14
N CYS C 271 30.04 -83.97 50.27
CA CYS C 271 30.75 -85.08 50.89
C CYS C 271 32.13 -84.63 51.35
N ASN C 272 32.87 -85.55 51.96
CA ASN C 272 34.13 -85.21 52.59
C ASN C 272 35.24 -86.16 52.09
N SER C 273 36.24 -85.60 51.39
CA SER C 273 37.38 -86.39 50.86
C SER C 273 38.66 -85.56 50.72
N GLU C 274 39.75 -86.09 51.26
CA GLU C 274 41.03 -85.36 51.27
C GLU C 274 41.63 -85.20 49.90
N CYS C 275 41.46 -86.21 49.07
CA CYS C 275 42.17 -86.20 47.81
C CYS C 275 41.27 -85.89 46.63
N ILE C 276 41.60 -84.85 45.88
CA ILE C 276 40.83 -84.49 44.70
C ILE C 276 41.67 -84.73 43.45
N THR C 277 41.07 -85.33 42.43
CA THR C 277 41.66 -85.44 41.10
C THR C 277 40.65 -84.93 40.10
N PRO C 278 41.08 -84.70 38.84
CA PRO C 278 40.10 -84.24 37.86
C PRO C 278 38.94 -85.20 37.59
N ASN C 279 39.11 -86.49 37.87
CA ASN C 279 38.02 -87.41 37.62
C ASN C 279 37.02 -87.30 38.77
N GLY C 280 37.43 -86.65 39.86
CA GLY C 280 36.67 -86.63 41.09
C GLY C 280 37.55 -87.02 42.26
N SER C 281 37.04 -86.87 43.49
CA SER C 281 37.77 -87.30 44.68
C SER C 281 37.90 -88.83 44.77
N ILE C 282 38.99 -89.30 45.37
CA ILE C 282 39.27 -90.74 45.56
C ILE C 282 39.66 -91.02 47.01
N PRO C 283 39.30 -92.20 47.51
CA PRO C 283 39.75 -92.62 48.85
C PRO C 283 41.27 -92.61 48.89
N ASN C 284 41.83 -92.38 50.07
CA ASN C 284 43.27 -92.26 50.21
C ASN C 284 43.91 -93.30 51.14
N ASP C 285 43.23 -94.42 51.28
CA ASP C 285 43.75 -95.51 52.09
C ASP C 285 44.95 -96.16 51.43
N LYS C 286 44.90 -96.28 50.10
CA LYS C 286 45.97 -96.93 49.36
C LYS C 286 47.15 -96.00 49.13
N PRO C 287 48.36 -96.57 48.98
CA PRO C 287 49.54 -95.72 48.80
C PRO C 287 49.69 -95.23 47.38
N PHE C 288 49.07 -95.94 46.43
CA PHE C 288 49.19 -95.60 45.02
C PHE C 288 47.86 -95.49 44.30
N GLN C 289 47.91 -94.91 43.11
CA GLN C 289 46.71 -94.73 42.30
C GLN C 289 47.11 -94.52 40.83
N ASN C 290 46.23 -94.91 39.93
CA ASN C 290 46.48 -94.73 38.50
C ASN C 290 45.27 -94.01 37.90
N VAL C 291 44.60 -93.23 38.74
CA VAL C 291 43.39 -92.50 38.35
C VAL C 291 43.78 -91.25 37.57
N ASN C 292 44.71 -90.45 38.13
CA ASN C 292 45.16 -89.22 37.46
C ASN C 292 46.48 -88.72 38.01
N ARG C 293 47.33 -88.26 37.11
CA ARG C 293 48.60 -87.66 37.51
C ARG C 293 48.39 -86.27 38.11
N ILE C 294 47.22 -85.68 37.86
CA ILE C 294 46.86 -84.40 38.44
C ILE C 294 46.13 -84.61 39.76
N THR C 295 46.68 -84.08 40.84
CA THR C 295 46.05 -84.23 42.15
C THR C 295 46.14 -83.02 43.08
N TYR C 296 45.25 -83.00 44.08
CA TYR C 296 45.29 -81.96 45.11
C TYR C 296 44.84 -82.55 46.45
N GLY C 297 45.60 -82.31 47.52
CA GLY C 297 45.21 -82.80 48.84
C GLY C 297 46.03 -83.99 49.29
N ALA C 298 45.58 -84.70 50.32
CA ALA C 298 46.34 -85.85 50.79
C ALA C 298 46.06 -87.02 49.88
N CYS C 299 46.97 -87.23 48.95
CA CYS C 299 46.72 -88.16 47.87
C CYS C 299 47.80 -89.23 47.77
N PRO C 300 47.42 -90.43 47.32
CA PRO C 300 48.37 -91.45 46.89
C PRO C 300 49.18 -90.94 45.72
N ARG C 301 50.39 -91.47 45.56
CA ARG C 301 51.27 -91.06 44.47
C ARG C 301 50.87 -91.80 43.18
N TYR C 302 50.83 -91.08 42.06
CA TYR C 302 50.47 -91.67 40.77
C TYR C 302 51.51 -92.63 40.19
N VAL C 303 51.06 -93.80 39.78
CA VAL C 303 51.91 -94.76 39.09
C VAL C 303 51.18 -95.29 37.85
N LYS C 304 51.90 -95.94 36.96
CA LYS C 304 51.31 -96.43 35.71
C LYS C 304 50.55 -97.76 35.84
N GLN C 305 50.89 -98.58 36.84
CA GLN C 305 50.23 -99.87 37.01
C GLN C 305 48.77 -99.70 37.39
N SER C 306 47.93 -100.59 36.86
CA SER C 306 46.51 -100.59 37.19
C SER C 306 46.30 -101.44 38.44
N THR C 307 47.30 -102.22 38.80
CA THR C 307 47.20 -103.09 39.96
C THR C 307 48.56 -103.54 40.48
N LEU C 308 48.71 -103.54 41.80
CA LEU C 308 49.89 -104.11 42.45
C LEU C 308 49.42 -104.84 43.71
N LYS C 309 49.50 -106.17 43.72
CA LYS C 309 48.93 -106.93 44.82
C LYS C 309 49.99 -107.33 45.86
N LEU C 310 49.76 -106.89 47.10
CA LEU C 310 50.64 -107.21 48.23
C LEU C 310 50.14 -108.42 49.00
N ALA C 311 50.95 -109.48 49.07
CA ALA C 311 50.57 -110.64 49.87
C ALA C 311 50.33 -110.22 51.32
N THR C 312 49.24 -110.71 51.89
CA THR C 312 48.96 -110.50 53.31
C THR C 312 48.73 -111.84 53.97
N GLY C 313 49.28 -112.87 53.34
CA GLY C 313 49.14 -114.24 53.83
C GLY C 313 50.25 -115.08 53.25
N MET C 314 50.33 -116.33 53.70
CA MET C 314 51.41 -117.19 53.24
C MET C 314 51.08 -117.72 51.87
N ARG C 315 52.03 -118.41 51.25
CA ARG C 315 51.80 -119.11 50.01
C ARG C 315 50.65 -120.11 50.21
N ASN C 316 49.75 -120.19 49.23
CA ASN C 316 48.60 -121.10 49.30
C ASN C 316 48.85 -122.43 48.62
N VAL C 317 48.72 -123.52 49.36
CA VAL C 317 49.06 -124.83 48.84
C VAL C 317 47.87 -125.76 49.09
N PRO C 318 46.92 -125.77 48.13
CA PRO C 318 45.67 -126.49 48.35
C PRO C 318 45.80 -128.02 48.30
N GLU C 319 44.80 -128.71 48.85
CA GLU C 319 44.80 -130.17 48.93
C GLU C 319 44.95 -130.82 47.55
N GLY D 1 59.07 -119.83 51.11
CA GLY D 1 59.82 -120.73 50.26
C GLY D 1 61.19 -121.07 50.80
N ILE D 2 61.86 -120.09 51.39
CA ILE D 2 63.28 -120.20 51.75
C ILE D 2 63.67 -121.13 52.91
N PHE D 3 62.72 -121.42 53.79
CA PHE D 3 62.98 -122.38 54.87
C PHE D 3 62.59 -123.80 54.50
N GLY D 4 61.68 -123.93 53.55
CA GLY D 4 61.41 -125.20 52.94
C GLY D 4 60.36 -125.99 53.68
N ALA D 5 59.59 -125.31 54.51
CA ALA D 5 58.49 -125.95 55.19
C ALA D 5 57.24 -125.83 54.33
N ILE D 6 56.74 -124.60 54.20
CA ILE D 6 55.58 -124.32 53.38
C ILE D 6 55.97 -124.53 51.92
N ALA D 7 55.16 -125.33 51.21
CA ALA D 7 55.49 -125.79 49.86
C ALA D 7 56.76 -126.61 49.81
N GLY D 8 57.09 -127.26 50.92
CA GLY D 8 58.33 -128.01 51.02
C GLY D 8 58.03 -129.36 51.66
N PHE D 9 58.60 -129.62 52.83
CA PHE D 9 58.39 -130.92 53.47
C PHE D 9 56.96 -131.07 53.99
N ILE D 10 56.28 -129.93 54.20
CA ILE D 10 54.84 -129.94 54.41
C ILE D 10 54.25 -130.01 53.03
N GLU D 11 53.61 -131.14 52.75
CA GLU D 11 53.12 -131.45 51.42
C GLU D 11 52.13 -130.40 50.94
N ASN D 12 51.21 -130.02 51.82
CA ASN D 12 50.23 -128.98 51.54
C ASN D 12 49.64 -128.39 52.81
N GLY D 13 48.84 -127.35 52.61
CA GLY D 13 48.16 -126.72 53.73
C GLY D 13 46.86 -127.45 53.99
N TRP D 14 46.19 -127.08 55.08
CA TRP D 14 44.95 -127.70 55.49
C TRP D 14 43.83 -126.69 55.35
N GLU D 15 42.95 -126.88 54.37
CA GLU D 15 41.86 -125.93 54.14
C GLU D 15 40.82 -125.97 55.24
N GLY D 16 40.78 -127.08 55.96
CA GLY D 16 39.84 -127.22 57.04
C GLY D 16 40.28 -126.58 58.33
N MET D 17 41.47 -125.99 58.34
CA MET D 17 41.88 -125.23 59.51
C MET D 17 41.55 -123.74 59.33
N VAL D 18 40.42 -123.34 59.91
CA VAL D 18 39.87 -122.01 59.70
C VAL D 18 39.97 -121.12 60.94
N ASP D 19 40.54 -121.64 62.03
CA ASP D 19 40.66 -120.83 63.24
C ASP D 19 42.12 -120.52 63.60
N GLY D 20 43.01 -120.71 62.63
CA GLY D 20 44.40 -120.31 62.78
C GLY D 20 45.21 -120.55 61.52
N TRP D 21 46.43 -120.04 61.48
CA TRP D 21 47.28 -120.19 60.31
C TRP D 21 48.22 -121.38 60.44
N TYR D 22 48.53 -121.74 61.67
CA TYR D 22 49.40 -122.86 61.93
C TYR D 22 48.70 -123.66 63.01
N GLY D 23 48.97 -124.96 63.06
CA GLY D 23 48.37 -125.78 64.09
C GLY D 23 48.81 -127.21 64.05
N PHE D 24 48.06 -128.05 64.76
CA PHE D 24 48.46 -129.42 64.99
C PHE D 24 47.34 -130.34 64.57
N ARG D 25 47.70 -131.39 63.86
CA ARG D 25 46.81 -132.52 63.69
C ARG D 25 47.46 -133.72 64.35
N HIS D 26 46.68 -134.51 65.06
CA HIS D 26 47.23 -135.67 65.75
C HIS D 26 46.38 -136.90 65.44
N GLN D 27 46.96 -138.07 65.65
CA GLN D 27 46.22 -139.33 65.69
C GLN D 27 46.69 -140.20 66.86
N ASN D 28 45.77 -140.73 67.68
CA ASN D 28 46.17 -141.60 68.79
C ASN D 28 45.14 -142.69 69.05
N SER D 29 45.28 -143.36 70.20
CA SER D 29 44.38 -144.46 70.47
C SER D 29 42.95 -144.00 70.73
N GLU D 30 42.75 -142.71 70.97
CA GLU D 30 41.39 -142.25 71.22
C GLU D 30 40.83 -141.61 69.96
N GLY D 31 41.65 -141.45 68.93
CA GLY D 31 41.20 -140.82 67.69
C GLY D 31 42.21 -139.90 67.02
N ARG D 32 41.71 -139.01 66.16
CA ARG D 32 42.55 -138.02 65.49
C ARG D 32 41.84 -136.66 65.51
N GLY D 33 42.60 -135.59 65.74
CA GLY D 33 42.00 -134.29 66.00
C GLY D 33 42.85 -133.13 65.54
N GLN D 34 42.33 -131.91 65.72
CA GLN D 34 43.01 -130.73 65.21
C GLN D 34 42.83 -129.54 66.15
N ALA D 35 43.89 -128.75 66.28
CA ALA D 35 43.87 -127.53 67.08
C ALA D 35 44.83 -126.51 66.49
N ALA D 36 44.38 -125.27 66.39
CA ALA D 36 45.24 -124.20 65.91
C ALA D 36 46.22 -123.81 67.01
N ASP D 37 47.41 -123.37 66.60
CA ASP D 37 48.36 -122.79 67.54
C ASP D 37 48.26 -121.28 67.41
N LEU D 38 47.84 -120.65 68.50
CA LEU D 38 47.54 -119.22 68.49
C LEU D 38 48.77 -118.32 68.36
N LYS D 39 49.83 -118.64 69.10
CA LYS D 39 51.01 -117.77 69.17
C LYS D 39 51.76 -117.60 67.85
N SER D 40 52.00 -118.70 67.14
CA SER D 40 52.65 -118.66 65.83
C SER D 40 51.82 -117.92 64.78
N THR D 41 50.52 -118.19 64.76
CA THR D 41 49.59 -117.52 63.85
C THR D 41 49.68 -116.01 64.07
N GLN D 42 49.61 -115.60 65.34
CA GLN D 42 49.65 -114.18 65.72
C GLN D 42 50.98 -113.56 65.34
N ALA D 43 52.05 -114.32 65.44
CA ALA D 43 53.38 -113.80 65.15
C ALA D 43 53.46 -113.41 63.67
N ALA D 44 52.88 -114.26 62.82
CA ALA D 44 52.86 -114.03 61.38
C ALA D 44 51.98 -112.82 61.06
N ILE D 45 50.80 -112.81 61.67
CA ILE D 45 49.83 -111.74 61.48
C ILE D 45 50.43 -110.41 61.91
N ASP D 46 51.14 -110.42 63.03
CA ASP D 46 51.73 -109.21 63.57
C ASP D 46 52.74 -108.62 62.62
N GLN D 47 53.51 -109.48 61.95
CA GLN D 47 54.51 -108.99 61.02
C GLN D 47 53.86 -108.40 59.77
N ILE D 48 52.82 -109.06 59.26
CA ILE D 48 52.08 -108.55 58.10
C ILE D 48 51.33 -107.24 58.36
N ASN D 49 50.71 -107.11 59.54
CA ASN D 49 50.03 -105.86 59.90
C ASN D 49 51.01 -104.67 60.00
N GLY D 50 52.24 -104.98 60.41
CA GLY D 50 53.32 -104.00 60.45
C GLY D 50 53.66 -103.41 59.10
N LYS D 51 53.73 -104.26 58.08
CA LYS D 51 53.91 -103.84 56.69
C LYS D 51 52.77 -102.95 56.25
N LEU D 52 51.55 -103.40 56.56
CA LEU D 52 50.35 -102.66 56.20
C LEU D 52 50.35 -101.29 56.86
N ASN D 53 50.78 -101.27 58.13
CA ASN D 53 50.86 -100.01 58.86
C ASN D 53 51.77 -98.98 58.23
N ARG D 54 52.83 -99.43 57.56
CA ARG D 54 53.72 -98.53 56.87
C ARG D 54 53.10 -98.04 55.57
N LEU D 55 52.20 -98.85 55.03
CA LEU D 55 51.69 -98.64 53.68
C LEU D 55 50.28 -98.08 53.63
N ILE D 56 49.43 -98.41 54.60
CA ILE D 56 48.02 -98.05 54.50
C ILE D 56 47.71 -96.78 55.30
N GLY D 57 47.07 -95.82 54.65
CA GLY D 57 46.63 -94.60 55.32
C GLY D 57 47.77 -93.64 55.62
N LYS D 58 48.79 -93.64 54.78
CA LYS D 58 50.00 -92.88 55.04
C LYS D 58 50.40 -91.93 53.91
N THR D 59 49.41 -91.46 53.15
CA THR D 59 49.68 -90.69 51.94
C THR D 59 50.23 -89.30 52.22
N ASN D 60 50.88 -88.72 51.21
CA ASN D 60 51.50 -87.42 51.34
C ASN D 60 50.62 -86.33 50.70
N GLU D 61 50.49 -85.19 51.40
CA GLU D 61 49.74 -84.05 50.89
C GLU D 61 50.56 -83.23 49.92
N LYS D 62 49.99 -82.97 48.75
CA LYS D 62 50.59 -82.04 47.81
C LYS D 62 49.53 -81.04 47.36
N PHE D 63 49.95 -79.82 47.05
CA PHE D 63 48.98 -78.78 46.74
C PHE D 63 49.18 -78.21 45.34
N HIS D 64 49.57 -76.94 45.27
CA HIS D 64 49.87 -76.35 43.97
C HIS D 64 51.17 -76.92 43.41
N GLN D 65 51.11 -77.30 42.14
CA GLN D 65 52.24 -77.96 41.51
C GLN D 65 52.53 -77.28 40.20
N ILE D 66 52.77 -78.07 39.17
CA ILE D 66 52.91 -77.55 37.82
C ILE D 66 51.72 -78.10 37.04
N GLU D 67 51.40 -77.47 35.92
CA GLU D 67 50.38 -78.02 35.04
C GLU D 67 50.91 -79.26 34.34
N LYS D 68 49.99 -80.15 33.96
CA LYS D 68 50.37 -81.47 33.49
C LYS D 68 49.58 -81.82 32.24
N GLU D 69 48.71 -80.91 31.82
CA GLU D 69 48.01 -81.07 30.57
C GLU D 69 48.01 -79.76 29.82
N PHE D 70 48.06 -79.83 28.50
CA PHE D 70 48.29 -78.64 27.71
C PHE D 70 47.49 -78.65 26.44
N SER D 71 46.88 -77.51 26.13
CA SER D 71 46.01 -77.39 24.98
C SER D 71 46.76 -76.83 23.77
N GLU D 72 47.94 -76.27 24.02
CA GLU D 72 48.75 -75.71 22.96
C GLU D 72 50.18 -76.26 22.94
N VAL D 73 50.74 -76.36 21.75
CA VAL D 73 52.15 -76.70 21.55
C VAL D 73 52.99 -75.50 21.98
N GLU D 74 54.02 -75.70 22.78
CA GLU D 74 54.82 -74.57 23.27
C GLU D 74 56.32 -74.78 23.14
N GLY D 75 56.74 -76.03 23.01
CA GLY D 75 58.16 -76.30 22.89
C GLY D 75 58.90 -76.42 24.20
N ARG D 76 60.03 -75.72 24.26
CA ARG D 76 61.08 -75.93 25.26
C ARG D 76 60.58 -76.00 26.69
N ILE D 77 59.75 -75.03 27.07
CA ILE D 77 59.29 -74.96 28.44
C ILE D 77 58.32 -76.11 28.71
N GLN D 78 57.44 -76.36 27.75
CA GLN D 78 56.48 -77.47 27.85
C GLN D 78 57.07 -78.89 27.85
N ASP D 79 58.13 -79.08 27.05
CA ASP D 79 58.86 -80.33 27.01
C ASP D 79 59.39 -80.69 28.39
N LEU D 80 59.91 -79.68 29.08
CA LEU D 80 60.52 -79.87 30.37
C LEU D 80 59.50 -80.22 31.44
N GLU D 81 58.38 -79.52 31.46
CA GLU D 81 57.31 -79.84 32.39
C GLU D 81 56.82 -81.28 32.22
N LYS D 82 56.62 -81.68 30.97
CA LYS D 82 56.21 -83.04 30.70
C LYS D 82 57.27 -84.06 31.09
N TYR D 83 58.52 -83.74 30.76
CA TYR D 83 59.62 -84.64 31.04
C TYR D 83 59.82 -84.80 32.53
N VAL D 84 59.67 -83.70 33.26
CA VAL D 84 59.78 -83.72 34.72
C VAL D 84 58.74 -84.66 35.28
N GLU D 85 57.52 -84.53 34.80
CA GLU D 85 56.44 -85.36 35.30
C GLU D 85 56.61 -86.84 34.94
N ASP D 86 56.97 -87.12 33.68
CA ASP D 86 57.20 -88.50 33.27
C ASP D 86 58.30 -89.18 34.07
N THR D 87 59.37 -88.44 34.29
CA THR D 87 60.51 -88.93 35.06
C THR D 87 60.06 -89.27 36.47
N LYS D 88 59.30 -88.37 37.08
CA LYS D 88 58.77 -88.55 38.42
C LYS D 88 57.90 -89.79 38.45
N ILE D 89 57.00 -89.89 37.48
CA ILE D 89 56.05 -90.97 37.44
C ILE D 89 56.74 -92.31 37.29
N ASP D 90 57.76 -92.35 36.45
CA ASP D 90 58.50 -93.58 36.25
C ASP D 90 59.23 -94.08 37.50
N LEU D 91 59.80 -93.16 38.27
CA LEU D 91 60.52 -93.51 39.51
C LEU D 91 59.64 -94.01 40.65
N TRP D 92 58.49 -93.36 40.82
CA TRP D 92 57.53 -93.79 41.81
C TRP D 92 56.96 -95.15 41.44
N SER D 93 56.73 -95.31 40.15
CA SER D 93 56.24 -96.56 39.62
C SER D 93 57.27 -97.67 39.84
N TYR D 94 58.56 -97.36 39.65
CA TYR D 94 59.62 -98.32 39.96
C TYR D 94 59.70 -98.78 41.41
N ASN D 95 59.68 -97.83 42.32
CA ASN D 95 59.77 -98.14 43.73
C ASN D 95 58.62 -99.07 44.12
N ALA D 96 57.42 -98.80 43.62
CA ALA D 96 56.24 -99.58 43.97
C ALA D 96 56.32 -101.03 43.48
N GLU D 97 56.78 -101.22 42.25
CA GLU D 97 56.91 -102.57 41.67
C GLU D 97 57.93 -103.34 42.48
N LEU D 98 59.05 -102.69 42.75
CA LEU D 98 60.13 -103.29 43.50
C LEU D 98 59.64 -103.57 44.92
N LEU D 99 58.90 -102.62 45.49
CA LEU D 99 58.42 -102.73 46.86
C LEU D 99 57.58 -103.97 47.04
N VAL D 100 56.63 -104.15 46.13
CA VAL D 100 55.69 -105.26 46.20
C VAL D 100 56.35 -106.62 46.00
N ALA D 101 57.26 -106.69 45.03
CA ALA D 101 58.02 -107.91 44.78
C ALA D 101 58.84 -108.29 46.00
N LEU D 102 59.49 -107.29 46.59
CA LEU D 102 60.30 -107.49 47.78
C LEU D 102 59.46 -107.87 48.99
N GLU D 103 58.39 -107.11 49.22
CA GLU D 103 57.51 -107.37 50.35
C GLU D 103 56.90 -108.74 50.24
N ASN D 104 56.50 -109.12 49.02
CA ASN D 104 55.84 -110.39 48.83
C ASN D 104 56.82 -111.55 49.07
N GLN D 105 58.06 -111.39 48.58
CA GLN D 105 59.10 -112.40 48.82
C GLN D 105 59.36 -112.61 50.31
N HIS D 106 59.42 -111.51 51.04
CA HIS D 106 59.74 -111.57 52.46
C HIS D 106 58.57 -112.17 53.25
N THR D 107 57.33 -111.87 52.87
CA THR D 107 56.15 -112.42 53.54
C THR D 107 55.93 -113.94 53.42
N ILE D 108 56.11 -114.50 52.21
CA ILE D 108 56.04 -115.95 52.05
C ILE D 108 57.12 -116.64 52.86
N ASP D 109 58.31 -116.06 52.83
CA ASP D 109 59.46 -116.60 53.55
C ASP D 109 59.30 -116.46 55.07
N LEU D 110 58.73 -115.34 55.53
CA LEU D 110 58.61 -115.14 56.97
C LEU D 110 57.52 -116.07 57.50
N THR D 111 56.52 -116.32 56.66
CA THR D 111 55.43 -117.23 57.02
C THR D 111 55.93 -118.68 57.02
N ASP D 112 56.80 -118.99 56.06
CA ASP D 112 57.49 -120.26 56.00
C ASP D 112 58.32 -120.40 57.27
N SER D 113 59.00 -119.33 57.63
CA SER D 113 59.80 -119.28 58.84
C SER D 113 58.98 -119.63 60.10
N GLU D 114 57.81 -119.02 60.24
CA GLU D 114 57.00 -119.26 61.44
C GLU D 114 56.50 -120.69 61.56
N MET D 115 56.16 -121.28 60.42
CA MET D 115 55.76 -122.68 60.40
C MET D 115 56.92 -123.55 60.89
N ASN D 116 58.13 -123.28 60.38
CA ASN D 116 59.33 -124.06 60.71
C ASN D 116 59.68 -123.95 62.20
N LYS D 117 59.55 -122.74 62.75
CA LYS D 117 59.83 -122.50 64.17
C LYS D 117 58.93 -123.36 65.05
N LEU D 118 57.66 -123.46 64.67
CA LEU D 118 56.69 -124.20 65.46
C LEU D 118 57.04 -125.68 65.40
N PHE D 119 57.44 -126.14 64.21
CA PHE D 119 57.94 -127.49 64.03
C PHE D 119 59.15 -127.76 64.90
N GLU D 120 60.13 -126.86 64.80
CA GLU D 120 61.36 -126.97 65.56
C GLU D 120 61.11 -126.96 67.07
N LYS D 121 60.24 -126.07 67.54
CA LYS D 121 59.89 -125.98 68.96
C LYS D 121 59.29 -127.32 69.41
N THR D 122 58.38 -127.84 68.59
CA THR D 122 57.69 -129.10 68.83
C THR D 122 58.71 -130.24 68.87
N LYS D 123 59.63 -130.22 67.91
CA LYS D 123 60.67 -131.22 67.81
C LYS D 123 61.47 -131.31 69.11
N LYS D 124 61.87 -130.15 69.62
CA LYS D 124 62.66 -130.07 70.85
C LYS D 124 61.92 -130.58 72.10
N GLN D 125 60.63 -130.24 72.19
CA GLN D 125 59.81 -130.64 73.33
C GLN D 125 59.76 -132.13 73.53
N LEU D 126 59.66 -132.84 72.41
CA LEU D 126 59.48 -134.30 72.39
C LEU D 126 60.77 -135.05 72.69
N ARG D 127 61.89 -134.34 72.61
CA ARG D 127 63.19 -134.89 72.97
C ARG D 127 63.42 -136.20 72.21
N GLU D 128 63.65 -137.26 72.96
CA GLU D 128 63.91 -138.57 72.38
C GLU D 128 62.63 -139.39 72.34
N ASN D 129 61.48 -138.75 72.52
CA ASN D 129 60.23 -139.50 72.67
C ASN D 129 59.47 -139.62 71.34
N ALA D 130 60.00 -138.99 70.29
CA ALA D 130 59.31 -138.99 69.01
C ALA D 130 60.36 -138.98 67.91
N GLU D 131 59.97 -139.41 66.71
CA GLU D 131 60.85 -139.27 65.56
C GLU D 131 60.18 -138.52 64.43
N ASP D 132 61.00 -137.76 63.69
CA ASP D 132 60.52 -136.96 62.58
C ASP D 132 60.32 -137.89 61.39
N MET D 133 59.09 -137.99 60.93
CA MET D 133 58.76 -138.87 59.83
C MET D 133 59.11 -138.19 58.49
N GLY D 134 59.58 -136.95 58.57
CA GLY D 134 60.05 -136.22 57.39
C GLY D 134 59.10 -135.34 56.60
N ASN D 135 57.83 -135.34 56.96
CA ASN D 135 56.82 -134.58 56.22
C ASN D 135 56.09 -133.64 57.19
N GLY D 136 56.81 -133.24 58.24
CA GLY D 136 56.25 -132.41 59.32
C GLY D 136 55.51 -133.09 60.45
N CYS D 137 55.40 -134.41 60.35
CA CYS D 137 54.71 -135.19 61.38
C CYS D 137 55.74 -135.92 62.24
N PHE D 138 55.39 -136.12 63.51
CA PHE D 138 56.20 -136.94 64.41
C PHE D 138 55.50 -138.22 64.77
N LYS D 139 56.23 -139.33 64.68
CA LYS D 139 55.75 -140.57 65.27
C LYS D 139 56.16 -140.58 66.73
N ILE D 140 55.16 -140.62 67.59
CA ILE D 140 55.35 -140.62 69.04
C ILE D 140 55.29 -142.06 69.55
N TYR D 141 56.38 -142.49 70.19
CA TYR D 141 56.56 -143.89 70.53
C TYR D 141 56.02 -144.28 71.91
N HIS D 142 54.89 -143.68 72.28
CA HIS D 142 54.22 -144.04 73.52
C HIS D 142 52.73 -143.72 73.44
N LYS D 143 51.96 -144.33 74.34
CA LYS D 143 50.52 -144.05 74.44
C LYS D 143 50.37 -142.58 74.77
N CYS D 144 49.54 -141.89 73.98
CA CYS D 144 49.38 -140.46 74.14
C CYS D 144 47.96 -139.96 73.95
N ASP D 145 47.18 -139.93 75.02
CA ASP D 145 45.78 -139.52 74.92
C ASP D 145 45.60 -138.03 74.64
N ASN D 146 44.35 -137.57 74.66
CA ASN D 146 44.04 -136.18 74.33
C ASN D 146 44.75 -135.22 75.28
N ALA D 147 44.79 -135.62 76.55
CA ALA D 147 45.46 -134.83 77.57
C ALA D 147 46.95 -134.76 77.25
N CYS D 148 47.50 -135.89 76.80
CA CYS D 148 48.90 -135.94 76.40
C CYS D 148 49.17 -135.01 75.22
N ILE D 149 48.36 -135.13 74.18
CA ILE D 149 48.47 -134.28 72.99
C ILE D 149 48.30 -132.81 73.36
N GLY D 150 47.31 -132.53 74.20
CA GLY D 150 47.05 -131.18 74.66
C GLY D 150 48.23 -130.56 75.37
N SER D 151 48.93 -131.36 76.15
CA SER D 151 50.14 -130.92 76.85
C SER D 151 51.28 -130.47 75.93
N ILE D 152 51.43 -131.15 74.80
CA ILE D 152 52.44 -130.75 73.83
C ILE D 152 52.09 -129.38 73.24
N ARG D 153 50.84 -129.24 72.81
CA ARG D 153 50.34 -127.99 72.24
C ARG D 153 50.43 -126.85 73.25
N ASN D 154 50.22 -127.20 74.51
CA ASN D 154 50.16 -126.21 75.58
C ASN D 154 51.56 -125.93 76.13
N GLY D 155 52.55 -126.62 75.58
CA GLY D 155 53.94 -126.42 75.99
C GLY D 155 54.28 -126.89 77.39
N THR D 156 53.49 -127.83 77.91
CA THR D 156 53.72 -128.35 79.25
C THR D 156 54.07 -129.84 79.28
N TYR D 157 54.29 -130.42 78.11
CA TYR D 157 54.64 -131.84 78.01
C TYR D 157 55.95 -132.12 78.76
N ASP D 158 55.92 -133.15 79.62
CA ASP D 158 57.08 -133.59 80.41
C ASP D 158 57.69 -134.85 79.81
N HIS D 159 58.78 -134.69 79.08
CA HIS D 159 59.40 -135.79 78.35
C HIS D 159 59.83 -136.88 79.33
N ASP D 160 60.16 -136.49 80.55
CA ASP D 160 60.64 -137.43 81.55
C ASP D 160 59.58 -138.47 81.90
N VAL D 161 58.32 -138.06 81.82
CA VAL D 161 57.21 -138.96 82.17
C VAL D 161 57.11 -140.17 81.24
N TYR D 162 57.43 -139.94 79.98
CA TYR D 162 57.23 -140.94 78.93
C TYR D 162 58.51 -141.56 78.38
N ARG D 163 59.65 -141.08 78.86
CA ARG D 163 60.94 -141.38 78.23
C ARG D 163 61.30 -142.84 78.20
N ASP D 164 61.13 -143.48 79.34
CA ASP D 164 61.42 -144.89 79.47
C ASP D 164 60.57 -145.69 78.47
N GLU D 165 59.28 -145.37 78.45
CA GLU D 165 58.32 -146.03 77.57
C GLU D 165 58.69 -145.86 76.10
N ALA D 166 59.00 -144.62 75.75
CA ALA D 166 59.32 -144.28 74.38
C ALA D 166 60.60 -144.95 73.91
N LEU D 167 61.62 -144.93 74.75
CA LEU D 167 62.89 -145.53 74.41
C LEU D 167 62.77 -147.03 74.13
N ASN D 168 61.97 -147.73 74.93
CA ASN D 168 61.75 -149.16 74.73
C ASN D 168 61.13 -149.41 73.37
N ASN D 169 60.19 -148.56 73.00
CA ASN D 169 59.52 -148.66 71.72
C ASN D 169 60.41 -148.28 70.54
N ARG D 170 61.21 -147.24 70.71
CA ARG D 170 62.05 -146.77 69.61
C ARG D 170 63.11 -147.81 69.31
N PHE D 171 63.68 -148.38 70.36
CA PHE D 171 64.91 -149.15 70.23
C PHE D 171 64.70 -150.64 70.38
N GLN D 172 63.46 -151.04 70.08
CA GLN D 172 63.08 -152.43 69.95
C GLN D 172 63.80 -153.06 68.76
N ILE D 173 63.78 -154.39 68.72
CA ILE D 173 64.31 -155.14 67.57
C ILE D 173 63.21 -155.99 66.92
N PRO E 3 81.87 -152.05 59.02
CA PRO E 3 81.85 -151.52 57.65
C PRO E 3 80.99 -150.27 57.49
N GLY E 4 79.78 -150.45 56.96
CA GLY E 4 78.85 -149.35 56.75
C GLY E 4 79.17 -148.47 55.56
N ALA E 5 78.77 -147.21 55.62
CA ALA E 5 78.99 -146.28 54.51
C ALA E 5 79.12 -144.82 54.97
N THR E 6 79.60 -143.97 54.05
CA THR E 6 79.64 -142.52 54.27
C THR E 6 78.89 -141.86 53.10
N LEU E 7 78.04 -140.86 53.39
CA LEU E 7 77.33 -140.13 52.34
C LEU E 7 77.50 -138.62 52.51
N CYS E 8 78.11 -137.96 51.53
CA CYS E 8 78.35 -136.52 51.64
C CYS E 8 77.51 -135.69 50.69
N LEU E 9 76.99 -134.59 51.23
CA LEU E 9 76.22 -133.63 50.47
C LEU E 9 77.19 -132.53 50.10
N GLY E 10 77.02 -131.95 48.92
CA GLY E 10 77.91 -130.88 48.50
C GLY E 10 77.32 -130.05 47.38
N HIS E 11 78.10 -129.09 46.89
CA HIS E 11 77.62 -128.17 45.87
C HIS E 11 78.78 -127.95 44.92
N HIS E 12 78.50 -127.42 43.74
CA HIS E 12 79.56 -127.25 42.77
C HIS E 12 80.41 -126.03 43.07
N ALA E 13 81.53 -125.90 42.36
CA ALA E 13 82.33 -124.70 42.40
C ALA E 13 82.98 -124.54 41.03
N VAL E 14 83.50 -123.36 40.72
CA VAL E 14 84.20 -123.17 39.45
C VAL E 14 85.61 -122.59 39.68
N PRO E 15 86.52 -122.83 38.71
CA PRO E 15 87.86 -122.26 38.82
C PRO E 15 87.93 -120.80 38.39
N ASN E 16 86.90 -120.34 37.70
CA ASN E 16 86.90 -118.99 37.18
C ASN E 16 85.69 -118.17 37.62
N GLY E 17 85.63 -117.89 38.92
CA GLY E 17 84.49 -117.16 39.46
C GLY E 17 84.53 -115.70 39.11
N THR E 18 83.42 -115.01 39.37
CA THR E 18 83.36 -113.58 39.11
C THR E 18 82.96 -112.85 40.37
N ILE E 19 83.56 -111.69 40.60
CA ILE E 19 83.29 -110.90 41.80
C ILE E 19 82.13 -109.95 41.59
N VAL E 20 81.20 -109.96 42.55
CA VAL E 20 80.08 -109.03 42.51
C VAL E 20 80.03 -108.32 43.87
N LYS E 21 79.22 -107.27 43.96
CA LYS E 21 79.05 -106.58 45.23
C LYS E 21 77.72 -106.99 45.84
N THR E 22 77.66 -107.01 47.17
CA THR E 22 76.42 -107.29 47.89
C THR E 22 76.19 -106.31 49.01
N ILE E 23 75.10 -106.52 49.73
CA ILE E 23 74.75 -105.70 50.87
C ILE E 23 75.79 -105.73 51.99
N THR E 24 76.46 -106.85 52.22
CA THR E 24 77.35 -106.89 53.38
C THR E 24 78.82 -107.00 53.03
N ASN E 25 79.13 -107.11 51.74
CA ASN E 25 80.50 -107.28 51.29
C ASN E 25 80.61 -106.84 49.84
N ASP E 26 81.57 -105.97 49.54
CA ASP E 26 81.66 -105.45 48.18
C ASP E 26 82.37 -106.40 47.18
N GLN E 27 83.02 -107.45 47.68
CA GLN E 27 83.73 -108.39 46.81
C GLN E 27 83.66 -109.83 47.32
N ILE E 28 82.73 -110.58 46.77
CA ILE E 28 82.50 -111.98 47.09
C ILE E 28 82.49 -112.78 45.80
N GLU E 29 83.17 -113.92 45.78
CA GLU E 29 83.23 -114.67 44.54
C GLU E 29 82.05 -115.63 44.45
N VAL E 30 81.36 -115.56 43.30
CA VAL E 30 80.25 -116.45 42.99
C VAL E 30 80.57 -117.26 41.73
N THR E 31 79.75 -118.26 41.42
CA THR E 31 80.07 -119.15 40.31
C THR E 31 79.83 -118.52 38.94
N ASN E 32 78.98 -117.49 38.87
CA ASN E 32 78.63 -116.86 37.60
C ASN E 32 77.91 -115.55 37.83
N ALA E 33 77.99 -114.66 36.84
CA ALA E 33 77.29 -113.39 36.92
C ALA E 33 77.00 -112.92 35.50
N THR E 34 76.16 -111.90 35.39
CA THR E 34 75.84 -111.30 34.10
C THR E 34 75.89 -109.78 34.15
N GLU E 35 76.31 -109.14 33.07
CA GLU E 35 76.51 -107.71 33.09
C GLU E 35 75.16 -107.05 32.82
N LEU E 36 74.77 -106.09 33.65
CA LEU E 36 73.49 -105.42 33.52
C LEU E 36 73.60 -104.03 32.88
N VAL E 37 74.84 -103.60 32.69
CA VAL E 37 75.10 -102.31 32.06
C VAL E 37 75.66 -102.48 30.65
N GLN E 38 74.91 -102.05 29.65
CA GLN E 38 75.39 -102.02 28.28
C GLN E 38 76.44 -100.91 28.16
N ASN E 39 77.68 -101.27 27.80
CA ASN E 39 78.76 -100.29 27.80
C ASN E 39 79.34 -99.97 26.43
N SER E 40 78.74 -100.51 25.38
CA SER E 40 79.26 -100.31 24.04
C SER E 40 78.16 -100.13 23.00
N SER E 41 78.52 -99.46 21.90
CA SER E 41 77.69 -99.41 20.71
C SER E 41 78.48 -99.94 19.51
N ILE E 42 77.77 -100.33 18.46
CA ILE E 42 78.44 -100.76 17.23
C ILE E 42 78.88 -99.57 16.38
N GLY E 43 78.54 -98.37 16.86
CA GLY E 43 79.04 -97.14 16.28
C GLY E 43 78.24 -96.64 15.09
N GLU E 44 77.15 -97.32 14.75
CA GLU E 44 76.25 -96.79 13.72
C GLU E 44 74.79 -96.80 14.17
N ILE E 45 74.01 -95.87 13.64
CA ILE E 45 72.57 -95.81 13.92
C ILE E 45 71.81 -96.62 12.88
N CYS E 46 71.20 -97.71 13.31
CA CYS E 46 70.47 -98.58 12.40
C CYS E 46 69.23 -97.90 11.83
N ASP E 47 69.03 -98.09 10.54
CA ASP E 47 67.94 -97.45 9.80
C ASP E 47 66.58 -98.12 10.02
N SER E 48 66.57 -99.21 10.79
CA SER E 48 65.36 -99.97 11.09
C SER E 48 65.32 -100.26 12.58
N PRO E 49 64.11 -100.37 13.15
CA PRO E 49 62.78 -100.32 12.54
C PRO E 49 62.15 -98.94 12.60
N HIS E 50 62.87 -97.96 13.14
CA HIS E 50 62.37 -96.59 13.21
C HIS E 50 62.72 -95.90 11.89
N GLN E 51 61.89 -94.96 11.46
CA GLN E 51 62.17 -94.24 10.22
C GLN E 51 63.20 -93.17 10.46
N ILE E 52 64.38 -93.34 9.88
CA ILE E 52 65.46 -92.42 10.11
C ILE E 52 65.54 -91.43 8.95
N LEU E 53 65.73 -90.15 9.28
CA LEU E 53 66.00 -89.13 8.27
C LEU E 53 67.33 -88.43 8.57
N ASP E 54 68.31 -88.66 7.70
CA ASP E 54 69.63 -88.06 7.87
C ASP E 54 69.63 -86.64 7.35
N GLY E 55 69.83 -85.67 8.24
CA GLY E 55 69.82 -84.28 7.86
C GLY E 55 71.00 -83.89 6.98
N GLU E 56 72.06 -84.69 7.02
CA GLU E 56 73.29 -84.44 6.27
C GLU E 56 73.82 -83.02 6.51
N ASN E 57 73.86 -82.22 5.46
CA ASN E 57 74.32 -80.83 5.54
C ASN E 57 73.30 -79.82 6.07
N CYS E 58 72.08 -80.27 6.33
CA CYS E 58 70.97 -79.38 6.65
C CYS E 58 70.50 -79.53 8.10
N THR E 59 70.33 -78.42 8.81
CA THR E 59 69.61 -78.46 10.09
C THR E 59 68.12 -78.63 9.80
N LEU E 60 67.37 -79.03 10.82
CA LEU E 60 65.91 -79.16 10.71
C LEU E 60 65.28 -77.85 10.28
N ILE E 61 65.73 -76.76 10.89
CA ILE E 61 65.22 -75.45 10.57
C ILE E 61 65.48 -75.09 9.10
N ASP E 62 66.67 -75.44 8.61
CA ASP E 62 67.00 -75.21 7.21
C ASP E 62 66.16 -76.02 6.20
N ALA E 63 65.82 -77.25 6.55
CA ALA E 63 64.96 -78.09 5.72
C ALA E 63 63.55 -77.53 5.73
N LEU E 64 63.17 -77.00 6.88
CA LEU E 64 61.88 -76.35 7.07
C LEU E 64 61.74 -75.14 6.18
N LEU E 65 62.68 -74.23 6.32
CA LEU E 65 62.65 -72.97 5.58
C LEU E 65 62.77 -73.19 4.08
N GLY E 66 63.54 -74.21 3.69
CA GLY E 66 63.74 -74.50 2.29
C GLY E 66 65.02 -73.93 1.71
N ASP E 67 66.12 -74.04 2.46
CA ASP E 67 67.46 -73.79 1.94
C ASP E 67 67.62 -74.71 0.73
N PRO E 68 68.07 -74.15 -0.42
CA PRO E 68 68.14 -74.87 -1.69
C PRO E 68 68.80 -76.25 -1.61
N GLN E 69 69.85 -76.36 -0.81
CA GLN E 69 70.54 -77.63 -0.65
C GLN E 69 69.72 -78.67 0.13
N CYS E 70 68.60 -78.22 0.70
CA CYS E 70 67.70 -79.07 1.48
C CYS E 70 66.40 -79.36 0.74
N ASP E 71 66.37 -79.08 -0.55
CA ASP E 71 65.16 -79.26 -1.35
C ASP E 71 64.67 -80.69 -1.36
N GLY E 72 65.61 -81.62 -1.23
CA GLY E 72 65.29 -83.02 -1.18
C GLY E 72 64.44 -83.42 0.01
N PHE E 73 64.41 -82.58 1.03
CA PHE E 73 63.69 -82.94 2.25
C PHE E 73 62.21 -82.62 2.29
N GLN E 74 61.70 -81.92 1.28
CA GLN E 74 60.33 -81.43 1.28
C GLN E 74 59.29 -82.54 1.53
N ASN E 75 58.43 -82.34 2.53
CA ASN E 75 57.27 -83.19 2.77
C ASN E 75 57.60 -84.58 3.30
N LYS E 76 58.86 -84.80 3.62
CA LYS E 76 59.33 -86.09 4.13
C LYS E 76 58.92 -86.24 5.59
N LYS E 77 58.83 -87.48 6.07
CA LYS E 77 58.51 -87.75 7.46
C LYS E 77 59.68 -88.46 8.12
N TRP E 78 59.65 -88.52 9.45
CA TRP E 78 60.70 -89.23 10.17
C TRP E 78 60.16 -89.66 11.53
N ASP E 79 60.77 -90.69 12.09
CA ASP E 79 60.64 -90.97 13.51
C ASP E 79 61.76 -90.20 14.21
N LEU E 80 62.95 -90.27 13.63
CA LEU E 80 64.11 -89.57 14.19
C LEU E 80 64.88 -88.80 13.15
N PHE E 81 64.89 -87.49 13.30
CA PHE E 81 65.68 -86.64 12.45
C PHE E 81 67.06 -86.51 13.08
N VAL E 82 68.10 -86.78 12.29
CA VAL E 82 69.46 -86.76 12.81
C VAL E 82 70.24 -85.57 12.29
N GLU E 83 70.62 -84.66 13.19
CA GLU E 83 71.38 -83.49 12.77
C GLU E 83 72.87 -83.73 12.90
N ARG E 84 73.58 -83.37 11.84
CA ARG E 84 74.99 -83.61 11.76
C ARG E 84 75.70 -82.34 12.17
N SER E 85 76.85 -82.49 12.82
CA SER E 85 77.62 -81.33 13.26
C SER E 85 78.15 -80.56 12.06
N LYS E 86 78.25 -81.24 10.92
CA LYS E 86 78.77 -80.63 9.70
C LYS E 86 77.77 -79.71 9.00
N ALA E 87 76.51 -79.71 9.46
CA ALA E 87 75.46 -78.93 8.80
C ALA E 87 75.81 -77.45 8.73
N TYR E 88 75.35 -76.77 7.67
CA TYR E 88 75.59 -75.34 7.55
C TYR E 88 74.48 -74.70 6.72
N SER E 89 74.22 -73.42 6.95
CA SER E 89 73.24 -72.70 6.15
C SER E 89 73.92 -72.04 4.96
N ASN E 90 73.22 -71.97 3.83
CA ASN E 90 73.77 -71.39 2.61
C ASN E 90 72.69 -70.60 1.89
N CYS E 91 71.87 -69.93 2.69
CA CYS E 91 70.83 -69.07 2.16
C CYS E 91 71.00 -67.71 2.80
N TYR E 92 69.93 -66.93 2.84
CA TYR E 92 69.97 -65.61 3.46
C TYR E 92 70.17 -65.84 4.96
N PRO E 93 71.09 -65.08 5.58
CA PRO E 93 71.39 -65.25 7.00
C PRO E 93 70.17 -64.93 7.86
N TYR E 94 69.91 -65.76 8.86
CA TYR E 94 68.73 -65.60 9.68
C TYR E 94 69.00 -65.96 11.13
N ASP E 95 68.14 -65.48 12.02
CA ASP E 95 68.10 -66.02 13.37
C ASP E 95 66.65 -66.38 13.69
N VAL E 96 66.47 -67.19 14.74
CA VAL E 96 65.15 -67.57 15.19
C VAL E 96 65.01 -67.34 16.69
N PRO E 97 64.24 -66.33 17.08
CA PRO E 97 63.91 -66.20 18.51
C PRO E 97 63.31 -67.50 19.01
N ASP E 98 63.80 -67.99 20.14
CA ASP E 98 63.37 -69.28 20.66
C ASP E 98 63.57 -70.38 19.62
N TYR E 99 64.73 -70.39 18.97
CA TYR E 99 65.14 -71.44 18.04
C TYR E 99 64.90 -72.84 18.60
N ALA E 100 65.30 -73.06 19.85
CA ALA E 100 65.19 -74.38 20.45
C ALA E 100 63.77 -74.94 20.48
N SER E 101 62.79 -74.07 20.69
CA SER E 101 61.39 -74.49 20.72
C SER E 101 60.80 -74.87 19.37
N LEU E 102 61.12 -74.08 18.35
CA LEU E 102 60.64 -74.37 17.01
C LEU E 102 61.23 -75.68 16.51
N ARG E 103 62.54 -75.81 16.69
CA ARG E 103 63.24 -77.03 16.33
C ARG E 103 62.58 -78.20 17.03
N SER E 104 62.30 -78.01 18.32
CA SER E 104 61.72 -79.05 19.15
C SER E 104 60.31 -79.45 18.72
N LEU E 105 59.45 -78.47 18.49
CA LEU E 105 58.04 -78.75 18.18
C LEU E 105 57.88 -79.43 16.82
N VAL E 106 58.73 -79.04 15.86
CA VAL E 106 58.75 -79.66 14.53
C VAL E 106 59.24 -81.09 14.57
N ALA E 107 60.32 -81.29 15.32
CA ALA E 107 60.87 -82.61 15.52
C ALA E 107 59.79 -83.55 16.05
N SER E 108 59.02 -83.07 17.02
CA SER E 108 58.00 -83.87 17.69
C SER E 108 56.84 -84.13 16.76
N SER E 109 56.54 -83.16 15.91
CA SER E 109 55.47 -83.33 14.94
C SER E 109 55.86 -84.40 13.95
N GLY E 110 57.13 -84.41 13.55
CA GLY E 110 57.68 -85.50 12.79
C GLY E 110 57.37 -85.42 11.32
N THR E 111 57.04 -84.24 10.82
CA THR E 111 56.73 -84.10 9.41
C THR E 111 57.07 -82.74 8.80
N LEU E 112 57.43 -82.76 7.52
CA LEU E 112 57.66 -81.54 6.76
C LEU E 112 56.59 -81.31 5.70
N GLU E 113 55.49 -82.06 5.80
CA GLU E 113 54.37 -81.92 4.86
C GLU E 113 53.90 -80.48 4.75
N PHE E 114 53.91 -79.95 3.53
CA PHE E 114 53.58 -78.56 3.33
C PHE E 114 52.47 -78.45 2.28
N ASN E 115 51.49 -77.62 2.58
CA ASN E 115 50.42 -77.37 1.66
C ASN E 115 50.49 -75.91 1.31
N ASN E 116 50.67 -75.63 0.04
CA ASN E 116 50.73 -74.27 -0.46
C ASN E 116 49.36 -73.59 -0.38
N GLU E 117 49.34 -72.28 -0.16
CA GLU E 117 48.09 -71.53 -0.19
C GLU E 117 48.20 -70.26 -1.00
N SER E 118 47.09 -69.88 -1.61
CA SER E 118 47.03 -68.72 -2.48
C SER E 118 46.66 -67.48 -1.69
N PHE E 119 47.67 -66.84 -1.11
CA PHE E 119 47.49 -65.58 -0.40
C PHE E 119 47.26 -64.45 -1.41
N ASN E 120 46.55 -63.42 -0.99
CA ASN E 120 46.28 -62.29 -1.88
C ASN E 120 47.34 -61.21 -1.66
N TRP E 121 48.39 -61.25 -2.46
CA TRP E 121 49.45 -60.25 -2.32
C TRP E 121 49.34 -59.18 -3.39
N THR E 122 48.12 -58.73 -3.63
CA THR E 122 47.88 -57.63 -4.54
C THR E 122 48.44 -56.33 -4.00
N GLY E 123 49.18 -55.62 -4.84
CA GLY E 123 49.72 -54.33 -4.45
C GLY E 123 51.22 -54.35 -4.36
N VAL E 124 51.78 -55.54 -4.17
CA VAL E 124 53.22 -55.67 -4.02
C VAL E 124 53.87 -56.63 -5.02
N THR E 125 55.21 -56.59 -5.07
CA THR E 125 56.00 -57.51 -5.88
C THR E 125 56.34 -58.69 -4.99
N GLN E 126 56.08 -59.90 -5.47
CA GLN E 126 56.37 -61.08 -4.66
C GLN E 126 57.72 -61.71 -5.01
N ASN E 127 58.12 -62.67 -4.19
CA ASN E 127 59.28 -63.51 -4.48
C ASN E 127 60.65 -62.83 -4.57
N GLY E 128 60.95 -61.90 -3.66
CA GLY E 128 62.28 -61.29 -3.69
C GLY E 128 63.38 -62.31 -3.42
N THR E 129 64.49 -62.20 -4.16
CA THR E 129 65.63 -63.12 -4.01
C THR E 129 66.99 -62.50 -3.70
N SER E 130 67.95 -63.37 -3.40
CA SER E 130 69.30 -62.95 -3.02
C SER E 130 70.37 -63.89 -3.56
N SER E 131 71.55 -63.32 -3.82
CA SER E 131 72.72 -64.05 -4.33
C SER E 131 73.41 -64.86 -3.23
N ALA E 132 72.95 -64.66 -2.01
CA ALA E 132 73.47 -65.39 -0.86
C ALA E 132 72.72 -66.69 -0.71
N CYS E 133 71.78 -66.92 -1.63
CA CYS E 133 70.92 -68.09 -1.57
C CYS E 133 70.69 -68.67 -2.96
N ILE E 134 71.68 -69.41 -3.43
CA ILE E 134 71.74 -69.95 -4.80
C ILE E 134 71.02 -71.30 -4.94
N ARG E 135 70.14 -71.40 -5.93
CA ARG E 135 69.52 -72.69 -6.26
C ARG E 135 69.69 -72.95 -7.74
N ARG E 136 70.34 -74.06 -8.07
CA ARG E 136 70.64 -74.41 -9.46
C ARG E 136 71.32 -73.23 -10.14
N SER E 137 72.37 -72.69 -9.51
CA SER E 137 73.21 -71.63 -10.09
C SER E 137 72.56 -70.23 -10.27
N ASN E 138 71.29 -70.07 -9.89
CA ASN E 138 70.60 -68.77 -10.01
C ASN E 138 70.23 -68.21 -8.64
N ASN E 139 70.15 -66.88 -8.56
CA ASN E 139 69.64 -66.21 -7.38
C ASN E 139 68.26 -66.72 -6.97
N SER E 140 68.11 -67.04 -5.68
CA SER E 140 66.85 -67.59 -5.18
C SER E 140 66.55 -67.17 -3.74
N PHE E 141 65.72 -67.97 -3.07
CA PHE E 141 65.28 -67.71 -1.70
C PHE E 141 64.77 -69.01 -1.09
N PHE E 142 64.48 -68.96 0.21
CA PHE E 142 63.83 -70.05 0.92
C PHE E 142 62.58 -70.53 0.19
N SER E 143 62.44 -71.84 0.04
CA SER E 143 61.38 -72.38 -0.81
C SER E 143 60.00 -72.10 -0.25
N ARG E 144 59.88 -72.05 1.08
CA ARG E 144 58.59 -71.95 1.73
C ARG E 144 58.21 -70.51 2.08
N LEU E 145 59.08 -69.57 1.74
CA LEU E 145 58.87 -68.17 2.08
C LEU E 145 58.81 -67.26 0.85
N ASN E 146 58.09 -66.14 0.98
CA ASN E 146 57.84 -65.23 -0.14
C ASN E 146 58.30 -63.81 0.23
N TRP E 147 59.43 -63.38 -0.32
CA TRP E 147 59.96 -62.06 -0.04
C TRP E 147 59.23 -60.98 -0.83
N LEU E 148 58.39 -60.20 -0.14
CA LEU E 148 57.60 -59.15 -0.77
C LEU E 148 58.30 -57.80 -0.82
N THR E 149 58.20 -57.10 -1.96
CA THR E 149 58.74 -55.75 -2.10
C THR E 149 57.77 -54.81 -2.80
N HIS E 150 58.12 -53.52 -2.89
CA HIS E 150 57.19 -52.55 -3.49
C HIS E 150 56.89 -52.94 -4.94
N LEU E 151 55.78 -52.44 -5.44
CA LEU E 151 55.43 -52.58 -6.83
C LEU E 151 55.11 -51.22 -7.38
N ASN E 152 55.87 -50.76 -8.36
CA ASN E 152 55.63 -49.42 -8.88
C ASN E 152 55.74 -48.33 -7.81
N PHE E 153 56.70 -48.49 -6.91
CA PHE E 153 57.01 -47.51 -5.86
C PHE E 153 55.93 -47.37 -4.82
N LYS E 154 55.11 -48.39 -4.68
CA LYS E 154 54.19 -48.42 -3.57
C LYS E 154 54.26 -49.75 -2.84
N TYR E 155 54.10 -49.71 -1.53
CA TYR E 155 53.95 -50.93 -0.76
C TYR E 155 52.74 -50.59 0.08
N PRO E 156 51.56 -50.93 -0.45
CA PRO E 156 50.34 -50.59 0.27
C PRO E 156 50.18 -51.43 1.52
N ALA E 157 49.55 -50.85 2.53
CA ALA E 157 49.35 -51.56 3.77
C ALA E 157 48.59 -52.83 3.46
N LEU E 158 49.22 -53.97 3.70
CA LEU E 158 48.59 -55.23 3.42
C LEU E 158 47.71 -55.67 4.59
N ASN E 159 46.54 -56.21 4.28
CA ASN E 159 45.60 -56.72 5.28
C ASN E 159 45.01 -57.98 4.67
N VAL E 160 45.73 -59.07 4.83
CA VAL E 160 45.43 -60.31 4.13
C VAL E 160 45.01 -61.40 5.09
N THR E 161 43.99 -62.14 4.69
CA THR E 161 43.37 -63.09 5.58
C THR E 161 43.51 -64.49 4.98
N MET E 162 43.54 -65.49 5.85
CA MET E 162 43.55 -66.89 5.45
C MET E 162 42.90 -67.77 6.53
N PRO E 163 41.66 -68.20 6.28
CA PRO E 163 40.90 -68.99 7.25
C PRO E 163 41.40 -70.42 7.30
N ASN E 164 41.46 -70.99 8.49
CA ASN E 164 41.65 -72.42 8.62
C ASN E 164 40.29 -73.08 8.66
N ASN E 165 39.87 -73.62 7.51
CA ASN E 165 38.61 -74.33 7.45
C ASN E 165 38.87 -75.82 7.36
N GLU E 166 40.05 -76.23 7.81
CA GLU E 166 40.42 -77.63 7.83
C GLU E 166 40.03 -78.23 9.18
N GLN E 167 40.24 -79.53 9.34
CA GLN E 167 39.97 -80.18 10.61
C GLN E 167 41.25 -80.47 11.42
N PHE E 168 42.39 -80.00 10.91
CA PHE E 168 43.68 -80.17 11.59
C PHE E 168 44.34 -78.80 11.78
N ASP E 169 45.32 -78.72 12.69
CA ASP E 169 46.04 -77.46 12.91
C ASP E 169 46.99 -77.11 11.77
N LYS E 170 47.23 -75.81 11.60
CA LYS E 170 48.18 -75.31 10.62
C LYS E 170 49.34 -74.59 11.29
N LEU E 171 50.55 -74.88 10.83
CA LEU E 171 51.73 -74.16 11.31
C LEU E 171 52.22 -73.21 10.25
N TYR E 172 52.18 -71.92 10.57
CA TYR E 172 52.67 -70.95 9.62
C TYR E 172 54.04 -70.48 10.03
N ILE E 173 54.96 -70.47 9.08
CA ILE E 173 56.29 -69.94 9.30
C ILE E 173 56.48 -68.69 8.46
N TRP E 174 56.87 -67.61 9.12
CA TRP E 174 57.08 -66.33 8.45
C TRP E 174 58.26 -65.57 9.04
N GLY E 175 58.57 -64.42 8.46
CA GLY E 175 59.69 -63.64 8.92
C GLY E 175 59.62 -62.14 8.69
N VAL E 176 60.56 -61.42 9.28
CA VAL E 176 60.70 -59.99 9.10
C VAL E 176 62.11 -59.70 8.58
N HIS E 177 62.23 -58.88 7.56
CA HIS E 177 63.55 -58.56 7.04
C HIS E 177 64.08 -57.30 7.71
N HIS E 178 65.30 -57.40 8.22
CA HIS E 178 66.01 -56.28 8.79
C HIS E 178 67.14 -55.90 7.84
N PRO E 179 66.90 -54.91 6.95
CA PRO E 179 67.92 -54.45 6.00
C PRO E 179 69.13 -53.80 6.69
N GLY E 180 70.25 -53.73 5.98
CA GLY E 180 71.49 -53.25 6.56
C GLY E 180 71.61 -51.73 6.56
N THR E 181 70.87 -51.08 5.66
CA THR E 181 70.90 -49.62 5.55
C THR E 181 69.51 -49.06 5.26
N ASP E 182 69.35 -47.75 5.49
CA ASP E 182 68.11 -47.07 5.16
C ASP E 182 67.88 -47.13 3.65
N LYS E 183 68.97 -47.03 2.89
CA LYS E 183 68.91 -47.11 1.43
C LYS E 183 68.20 -48.39 1.03
N ASP E 184 68.51 -49.48 1.72
CA ASP E 184 67.90 -50.76 1.40
C ASP E 184 66.44 -50.70 1.78
N GLN E 185 66.16 -50.11 2.94
CA GLN E 185 64.78 -49.95 3.37
C GLN E 185 63.87 -49.30 2.35
N ILE E 186 64.29 -48.16 1.86
CA ILE E 186 63.52 -47.41 0.88
C ILE E 186 63.47 -48.27 -0.35
N PHE E 187 64.61 -48.86 -0.63
CA PHE E 187 64.79 -49.71 -1.78
C PHE E 187 63.92 -50.93 -1.90
N LEU E 188 63.68 -51.57 -0.77
CA LEU E 188 62.88 -52.77 -0.80
C LEU E 188 61.41 -52.45 -0.76
N TYR E 189 61.06 -51.56 0.15
CA TYR E 189 59.68 -51.36 0.54
C TYR E 189 59.11 -49.98 0.20
N ALA E 190 59.92 -49.13 -0.40
CA ALA E 190 59.44 -47.82 -0.87
C ALA E 190 58.90 -46.94 0.25
N GLN E 191 59.27 -47.24 1.50
CA GLN E 191 58.95 -46.37 2.63
C GLN E 191 59.90 -46.65 3.81
N SER E 192 60.10 -45.61 4.63
CA SER E 192 61.18 -45.57 5.61
C SER E 192 61.11 -46.59 6.76
N SER E 193 59.90 -46.97 7.16
CA SER E 193 59.74 -47.81 8.34
C SER E 193 58.65 -48.84 8.09
N GLY E 194 59.02 -50.11 8.16
CA GLY E 194 58.05 -51.18 8.00
C GLY E 194 57.43 -51.59 9.31
N ARG E 195 56.38 -52.39 9.22
CA ARG E 195 55.73 -52.88 10.41
C ARG E 195 54.91 -54.11 10.07
N ILE E 196 54.97 -55.12 10.92
CA ILE E 196 54.26 -56.37 10.67
C ILE E 196 53.45 -56.78 11.88
N THR E 197 52.17 -57.02 11.67
CA THR E 197 51.34 -57.63 12.70
C THR E 197 50.65 -58.88 12.16
N VAL E 198 50.88 -59.99 12.85
CA VAL E 198 50.25 -61.25 12.52
C VAL E 198 49.42 -61.70 13.70
N SER E 199 48.12 -61.86 13.48
CA SER E 199 47.24 -62.19 14.57
C SER E 199 46.30 -63.34 14.24
N THR E 200 45.76 -63.96 15.30
CA THR E 200 44.66 -64.90 15.18
C THR E 200 43.58 -64.48 16.16
N LYS E 201 42.59 -65.33 16.37
CA LYS E 201 41.58 -65.03 17.38
C LYS E 201 42.17 -65.13 18.77
N ARG E 202 43.18 -65.97 18.93
CA ARG E 202 43.72 -66.22 20.25
C ARG E 202 45.17 -65.77 20.43
N SER E 203 45.68 -64.99 19.49
CA SER E 203 47.05 -64.50 19.57
C SER E 203 47.34 -63.32 18.66
N GLN E 204 48.41 -62.60 18.99
CA GLN E 204 48.86 -61.49 18.16
C GLN E 204 50.37 -61.36 18.27
N GLN E 205 51.04 -61.18 17.14
CA GLN E 205 52.49 -61.04 17.14
C GLN E 205 52.90 -59.82 16.31
N ALA E 206 53.35 -58.77 16.99
CA ALA E 206 53.71 -57.51 16.33
C ALA E 206 55.24 -57.29 16.36
N VAL E 207 55.82 -57.03 15.19
CA VAL E 207 57.27 -56.89 15.07
C VAL E 207 57.71 -55.63 14.32
N ILE E 208 58.68 -54.92 14.88
CA ILE E 208 59.25 -53.75 14.23
C ILE E 208 60.60 -54.13 13.64
N PRO E 209 60.76 -53.95 12.32
CA PRO E 209 62.01 -54.24 11.62
C PRO E 209 63.12 -53.38 12.18
N ASN E 210 64.32 -53.93 12.27
CA ASN E 210 65.47 -53.18 12.75
C ASN E 210 66.55 -53.01 11.71
N ILE E 211 66.60 -51.82 11.15
CA ILE E 211 67.57 -51.46 10.13
C ILE E 211 68.93 -51.21 10.78
N GLY E 212 69.98 -51.74 10.18
CA GLY E 212 71.31 -51.59 10.72
C GLY E 212 72.19 -52.72 10.26
N SER E 213 73.50 -52.46 10.28
CA SER E 213 74.46 -53.46 9.87
C SER E 213 74.72 -54.45 10.98
N ARG E 214 74.72 -55.72 10.61
CA ARG E 214 75.24 -56.77 11.47
C ARG E 214 76.54 -57.25 10.84
N PRO E 215 77.42 -57.90 11.62
CA PRO E 215 78.63 -58.51 11.03
C PRO E 215 78.24 -59.37 9.85
N ARG E 216 78.91 -59.17 8.72
CA ARG E 216 78.49 -59.82 7.50
C ARG E 216 78.61 -61.34 7.56
N ILE E 217 77.58 -62.00 7.05
CA ILE E 217 77.55 -63.45 6.92
C ILE E 217 77.44 -63.76 5.44
N ARG E 218 78.44 -64.48 4.92
CA ARG E 218 78.52 -64.76 3.50
C ARG E 218 78.34 -63.48 2.68
N ASN E 219 79.01 -62.43 3.16
CA ASN E 219 79.02 -61.09 2.57
C ASN E 219 77.71 -60.28 2.73
N ILE E 220 76.82 -60.74 3.61
CA ILE E 220 75.53 -60.08 3.81
C ILE E 220 75.39 -59.47 5.21
N PRO E 221 75.23 -58.12 5.29
CA PRO E 221 75.09 -57.40 6.56
C PRO E 221 73.66 -57.33 7.11
N SER E 222 72.68 -57.63 6.27
CA SER E 222 71.28 -57.60 6.71
C SER E 222 70.89 -58.93 7.35
N ARG E 223 69.66 -59.01 7.85
CA ARG E 223 69.17 -60.25 8.49
C ARG E 223 67.68 -60.46 8.29
N ILE E 224 67.25 -61.71 8.46
CA ILE E 224 65.83 -62.03 8.58
C ILE E 224 65.55 -62.67 9.94
N SER E 225 64.49 -62.22 10.62
CA SER E 225 64.10 -62.89 11.85
C SER E 225 62.88 -63.76 11.59
N ILE E 226 62.95 -65.01 12.03
CA ILE E 226 61.88 -65.96 11.73
C ILE E 226 60.90 -66.14 12.88
N TYR E 227 59.62 -66.12 12.55
CA TYR E 227 58.59 -66.33 13.56
C TYR E 227 57.63 -67.40 13.11
N TRP E 228 56.86 -67.93 14.05
CA TRP E 228 55.84 -68.91 13.72
C TRP E 228 54.51 -68.70 14.42
N THR E 229 53.44 -69.22 13.80
CA THR E 229 52.11 -69.09 14.36
C THR E 229 51.27 -70.31 14.05
N ILE E 230 50.65 -70.89 15.08
CA ILE E 230 49.75 -72.02 14.89
C ILE E 230 48.31 -71.53 14.85
N VAL E 231 47.57 -71.99 13.85
CA VAL E 231 46.18 -71.58 13.68
C VAL E 231 45.26 -72.78 13.76
N LYS E 232 44.37 -72.75 14.74
CA LYS E 232 43.42 -73.84 14.93
C LYS E 232 42.28 -73.74 13.92
N PRO E 233 41.57 -74.84 13.67
CA PRO E 233 40.33 -74.86 12.89
C PRO E 233 39.30 -73.90 13.50
N GLY E 234 38.65 -73.10 12.65
CA GLY E 234 37.65 -72.17 13.11
C GLY E 234 38.28 -70.82 13.39
N ASP E 235 39.61 -70.80 13.38
CA ASP E 235 40.36 -69.58 13.59
C ASP E 235 40.82 -69.04 12.24
N ILE E 236 41.39 -67.84 12.25
CA ILE E 236 41.72 -67.16 11.00
C ILE E 236 43.09 -66.48 11.14
N LEU E 237 43.95 -66.67 10.15
CA LEU E 237 45.20 -65.93 10.09
C LEU E 237 45.02 -64.54 9.50
N LEU E 238 45.50 -63.54 10.22
CA LEU E 238 45.51 -62.19 9.68
C LEU E 238 46.89 -61.57 9.69
N ILE E 239 47.33 -61.13 8.53
CA ILE E 239 48.63 -60.51 8.39
C ILE E 239 48.38 -59.06 8.01
N ASN E 240 48.86 -58.13 8.83
CA ASN E 240 48.72 -56.73 8.50
C ASN E 240 50.17 -56.25 8.39
N SER E 241 50.57 -55.77 7.21
CA SER E 241 51.95 -55.31 7.03
C SER E 241 52.09 -54.11 6.10
N THR E 242 53.05 -53.24 6.44
CA THR E 242 53.38 -52.09 5.62
C THR E 242 54.82 -52.17 5.12
N GLY E 243 55.42 -53.35 5.19
CA GLY E 243 56.78 -53.55 4.72
C GLY E 243 57.53 -54.62 5.50
N ASN E 244 58.62 -55.12 4.91
CA ASN E 244 59.56 -56.02 5.60
C ASN E 244 58.98 -57.40 5.90
N LEU E 245 57.81 -57.68 5.32
CA LEU E 245 57.20 -58.98 5.52
C LEU E 245 57.84 -60.03 4.62
N ILE E 246 58.28 -61.11 5.24
CA ILE E 246 58.68 -62.32 4.52
C ILE E 246 57.54 -63.31 4.62
N ALA E 247 56.80 -63.45 3.54
CA ALA E 247 55.51 -64.11 3.61
C ALA E 247 55.61 -65.63 3.53
N PRO E 248 54.71 -66.33 4.22
CA PRO E 248 54.57 -67.77 4.11
C PRO E 248 53.88 -68.07 2.78
N ARG E 249 54.16 -69.24 2.21
CA ARG E 249 53.52 -69.62 0.95
C ARG E 249 52.39 -70.56 1.26
N GLY E 250 52.24 -70.86 2.54
CA GLY E 250 51.26 -71.80 3.01
C GLY E 250 51.60 -72.24 4.41
N TYR E 251 51.13 -73.41 4.79
CA TYR E 251 51.32 -73.91 6.14
C TYR E 251 51.89 -75.31 6.07
N PHE E 252 52.55 -75.70 7.14
CA PHE E 252 52.92 -77.08 7.33
C PHE E 252 51.82 -77.76 8.14
N LYS E 253 51.54 -79.03 7.84
CA LYS E 253 50.64 -79.77 8.71
C LYS E 253 51.44 -80.05 9.97
N ILE E 254 50.75 -80.07 11.10
CA ILE E 254 51.42 -80.39 12.36
C ILE E 254 50.75 -81.59 13.01
N ARG E 255 51.58 -82.58 13.33
CA ARG E 255 51.09 -83.83 13.87
C ARG E 255 51.63 -84.03 15.27
N SER E 256 51.12 -85.07 15.91
CA SER E 256 51.63 -85.56 17.16
C SER E 256 51.97 -87.03 17.07
N GLY E 257 53.01 -87.44 17.78
CA GLY E 257 53.43 -88.81 17.77
C GLY E 257 54.78 -89.03 18.42
N LYS E 258 55.44 -90.10 18.05
CA LYS E 258 56.61 -90.53 18.78
C LYS E 258 57.88 -89.92 18.21
N SER E 259 57.75 -88.90 17.38
CA SER E 259 58.92 -88.38 16.69
C SER E 259 59.81 -87.49 17.56
N SER E 260 61.09 -87.42 17.19
CA SER E 260 62.08 -86.57 17.88
C SER E 260 63.25 -86.22 16.95
N ILE E 261 64.30 -85.63 17.55
CA ILE E 261 65.47 -85.21 16.79
C ILE E 261 66.70 -85.48 17.66
N MET E 262 67.81 -85.85 17.03
CA MET E 262 69.02 -86.14 17.80
C MET E 262 70.23 -85.63 17.05
N ARG E 263 71.19 -85.10 17.80
CA ARG E 263 72.46 -84.65 17.26
C ARG E 263 73.47 -85.79 17.36
N SER E 264 74.04 -86.18 16.24
CA SER E 264 74.96 -87.31 16.20
C SER E 264 75.78 -87.29 14.93
N ASP E 265 77.01 -87.80 15.03
CA ASP E 265 77.83 -87.93 13.83
C ASP E 265 78.04 -89.38 13.42
N ALA E 266 77.25 -90.28 14.00
CA ALA E 266 77.36 -91.69 13.67
C ALA E 266 76.75 -91.93 12.29
N PRO E 267 77.41 -92.75 11.46
CA PRO E 267 76.91 -93.11 10.13
C PRO E 267 75.62 -93.93 10.22
N ILE E 268 74.79 -93.88 9.18
CA ILE E 268 73.59 -94.72 9.14
C ILE E 268 73.94 -96.09 8.59
N GLY E 269 73.49 -97.13 9.27
CA GLY E 269 73.74 -98.48 8.81
C GLY E 269 72.48 -99.21 8.35
N LYS E 270 72.67 -100.22 7.52
CA LYS E 270 71.59 -101.09 7.12
C LYS E 270 71.44 -102.20 8.16
N CYS E 271 70.68 -101.92 9.21
CA CYS E 271 70.52 -102.87 10.31
C CYS E 271 69.27 -102.56 11.14
N ASN E 272 69.01 -103.39 12.14
CA ASN E 272 67.77 -103.30 12.91
C ASN E 272 68.04 -103.24 14.42
N SER E 273 67.69 -102.12 15.04
CA SER E 273 67.87 -101.90 16.48
C SER E 273 66.85 -100.93 17.07
N GLU E 274 66.22 -101.33 18.17
CA GLU E 274 65.15 -100.54 18.79
C GLU E 274 65.68 -99.25 19.38
N CYS E 275 66.88 -99.32 19.93
CA CYS E 275 67.41 -98.22 20.70
C CYS E 275 68.50 -97.42 19.99
N ILE E 276 68.30 -96.11 19.85
CA ILE E 276 69.30 -95.26 19.22
C ILE E 276 69.93 -94.29 20.24
N THR E 277 71.25 -94.17 20.20
CA THR E 277 71.95 -93.13 20.94
C THR E 277 72.87 -92.40 19.97
N PRO E 278 73.40 -91.23 20.38
CA PRO E 278 74.32 -90.53 19.48
C PRO E 278 75.57 -91.30 19.14
N ASN E 279 75.94 -92.26 19.98
CA ASN E 279 77.13 -93.04 19.71
C ASN E 279 76.80 -94.11 18.68
N GLY E 280 75.50 -94.30 18.45
CA GLY E 280 75.06 -95.42 17.63
C GLY E 280 73.99 -96.22 18.34
N SER E 281 73.36 -97.15 17.61
CA SER E 281 72.38 -98.04 18.20
C SER E 281 73.05 -99.02 19.17
N ILE E 282 72.33 -99.43 20.20
CA ILE E 282 72.83 -100.40 21.20
C ILE E 282 71.80 -101.51 21.43
N PRO E 283 72.28 -102.73 21.73
CA PRO E 283 71.36 -103.83 22.08
C PRO E 283 70.56 -103.40 23.30
N ASN E 284 69.35 -103.92 23.44
CA ASN E 284 68.46 -103.51 24.53
C ASN E 284 68.07 -104.64 25.46
N ASP E 285 68.94 -105.64 25.51
CA ASP E 285 68.74 -106.76 26.41
C ASP E 285 68.93 -106.36 27.86
N LYS E 286 69.91 -105.49 28.10
CA LYS E 286 70.22 -105.07 29.46
C LYS E 286 69.28 -103.98 29.95
N PRO E 287 69.08 -103.91 31.28
CA PRO E 287 68.16 -102.92 31.84
C PRO E 287 68.80 -101.55 31.94
N PHE E 288 70.14 -101.52 31.95
CA PHE E 288 70.88 -100.27 32.12
C PHE E 288 71.95 -100.08 31.06
N GLN E 289 72.46 -98.85 30.99
CA GLN E 289 73.49 -98.50 30.02
C GLN E 289 74.26 -97.26 30.44
N ASN E 290 75.51 -97.19 30.02
CA ASN E 290 76.36 -96.04 30.34
C ASN E 290 76.96 -95.47 29.05
N VAL E 291 76.26 -95.67 27.94
CA VAL E 291 76.72 -95.21 26.64
C VAL E 291 76.46 -93.73 26.41
N ASN E 292 75.21 -93.31 26.63
CA ASN E 292 74.82 -91.91 26.45
C ASN E 292 73.53 -91.58 27.17
N ARG E 293 73.47 -90.40 27.76
CA ARG E 293 72.25 -89.93 28.39
C ARG E 293 71.20 -89.54 27.37
N ILE E 294 71.66 -89.34 26.13
CA ILE E 294 70.76 -89.07 25.03
C ILE E 294 70.34 -90.36 24.37
N THR E 295 69.05 -90.64 24.34
CA THR E 295 68.57 -91.87 23.73
C THR E 295 67.25 -91.74 22.98
N TYR E 296 67.00 -92.71 22.09
CA TYR E 296 65.74 -92.76 21.38
C TYR E 296 65.32 -94.21 21.14
N GLY E 297 64.08 -94.54 21.45
CA GLY E 297 63.57 -95.89 21.22
C GLY E 297 63.45 -96.71 22.49
N ALA E 298 63.28 -98.03 22.36
CA ALA E 298 63.15 -98.86 23.54
C ALA E 298 64.55 -99.07 24.07
N CYS E 299 64.88 -98.28 25.08
CA CYS E 299 66.27 -98.22 25.52
C CYS E 299 66.41 -98.51 27.00
N PRO E 300 67.55 -99.11 27.39
CA PRO E 300 67.94 -99.18 28.79
C PRO E 300 68.13 -97.79 29.37
N ARG E 301 67.94 -97.68 30.67
CA ARG E 301 68.08 -96.41 31.36
C ARG E 301 69.55 -96.13 31.68
N TYR E 302 69.96 -94.89 31.46
CA TYR E 302 71.33 -94.47 31.71
C TYR E 302 71.72 -94.40 33.18
N VAL E 303 72.87 -94.99 33.50
CA VAL E 303 73.40 -94.88 34.84
C VAL E 303 74.87 -94.53 34.72
N LYS E 304 75.45 -94.10 35.84
CA LYS E 304 76.85 -93.67 35.87
C LYS E 304 77.81 -94.83 35.98
N GLN E 305 77.36 -95.95 36.52
CA GLN E 305 78.26 -97.08 36.69
C GLN E 305 78.68 -97.65 35.34
N SER E 306 79.93 -98.07 35.27
CA SER E 306 80.43 -98.68 34.07
C SER E 306 80.16 -100.18 34.12
N THR E 307 79.81 -100.67 35.31
CA THR E 307 79.53 -102.09 35.50
C THR E 307 78.74 -102.38 36.77
N LEU E 308 77.77 -103.28 36.66
CA LEU E 308 77.05 -103.78 37.82
C LEU E 308 76.81 -105.27 37.61
N LYS E 309 77.49 -106.12 38.38
CA LYS E 309 77.39 -107.55 38.11
C LYS E 309 76.37 -108.24 39.03
N LEU E 310 75.39 -108.88 38.40
CA LEU E 310 74.35 -109.64 39.09
C LEU E 310 74.69 -111.11 39.17
N ALA E 311 74.80 -111.63 40.39
CA ALA E 311 75.02 -113.06 40.57
C ALA E 311 73.91 -113.86 39.89
N THR E 312 74.31 -114.90 39.15
CA THR E 312 73.34 -115.83 38.57
C THR E 312 73.71 -117.24 39.00
N GLY E 313 74.44 -117.31 40.12
CA GLY E 313 74.88 -118.57 40.69
C GLY E 313 75.20 -118.40 42.15
N MET E 314 75.51 -119.50 42.82
CA MET E 314 75.77 -119.43 44.25
C MET E 314 77.18 -118.91 44.49
N ARG E 315 77.51 -118.67 45.75
CA ARG E 315 78.87 -118.32 46.14
C ARG E 315 79.86 -119.41 45.72
N ASN E 316 81.02 -119.01 45.21
CA ASN E 316 82.01 -119.98 44.77
C ASN E 316 83.08 -120.28 45.82
N VAL E 317 83.19 -121.55 46.18
CA VAL E 317 84.08 -121.93 47.26
C VAL E 317 84.95 -123.06 46.73
N PRO E 318 86.07 -122.71 46.09
CA PRO E 318 86.94 -123.67 45.37
C PRO E 318 87.77 -124.60 46.27
N GLU E 319 88.25 -125.69 45.68
CA GLU E 319 89.02 -126.70 46.42
C GLU E 319 90.25 -126.08 47.10
N GLY F 1 74.97 -117.48 52.50
CA GLY F 1 75.67 -117.26 53.76
C GLY F 1 74.80 -117.51 54.97
N ILE F 2 73.54 -117.11 54.87
CA ILE F 2 72.64 -117.04 56.04
C ILE F 2 72.15 -118.36 56.62
N PHE F 3 72.17 -119.44 55.83
CA PHE F 3 71.81 -120.74 56.35
C PHE F 3 73.02 -121.50 56.88
N GLY F 4 74.19 -121.16 56.36
CA GLY F 4 75.43 -121.63 56.95
C GLY F 4 75.88 -122.96 56.40
N ALA F 5 75.35 -123.34 55.25
CA ALA F 5 75.81 -124.56 54.62
C ALA F 5 76.95 -124.26 53.67
N ILE F 6 76.63 -123.56 52.59
CA ILE F 6 77.64 -123.16 51.61
C ILE F 6 78.55 -122.13 52.24
N ALA F 7 79.86 -122.37 52.15
CA ALA F 7 80.86 -121.59 52.86
C ALA F 7 80.67 -121.63 54.36
N GLY F 8 80.06 -122.71 54.85
CA GLY F 8 79.76 -122.84 56.25
C GLY F 8 80.17 -124.23 56.66
N PHE F 9 79.21 -125.06 57.06
CA PHE F 9 79.56 -126.40 57.50
C PHE F 9 79.97 -127.26 56.30
N ILE F 10 79.53 -126.86 55.10
CA ILE F 10 80.12 -127.41 53.89
C ILE F 10 81.38 -126.61 53.67
N GLU F 11 82.51 -127.27 53.82
CA GLU F 11 83.80 -126.60 53.80
C GLU F 11 84.05 -125.87 52.48
N ASN F 12 83.73 -126.55 51.38
CA ASN F 12 83.85 -125.99 50.04
C ASN F 12 83.00 -126.75 49.02
N GLY F 13 82.95 -126.22 47.80
CA GLY F 13 82.22 -126.87 46.72
C GLY F 13 83.03 -127.92 46.00
N TRP F 14 82.38 -128.64 45.08
CA TRP F 14 83.02 -129.72 44.34
C TRP F 14 83.13 -129.34 42.87
N GLU F 15 84.36 -129.07 42.44
CA GLU F 15 84.64 -128.64 41.08
C GLU F 15 84.42 -129.73 40.05
N GLY F 16 84.47 -130.98 40.49
CA GLY F 16 84.28 -132.09 39.58
C GLY F 16 82.82 -132.39 39.34
N MET F 17 81.93 -131.64 39.99
CA MET F 17 80.50 -131.79 39.70
C MET F 17 80.03 -130.79 38.66
N VAL F 18 79.95 -131.26 37.42
CA VAL F 18 79.66 -130.41 36.29
C VAL F 18 78.27 -130.68 35.71
N ASP F 19 77.53 -131.60 36.33
CA ASP F 19 76.18 -131.91 35.83
C ASP F 19 75.07 -131.53 36.82
N GLY F 20 75.41 -130.69 37.79
CA GLY F 20 74.42 -130.14 38.71
C GLY F 20 75.02 -129.16 39.70
N TRP F 21 74.16 -128.45 40.43
CA TRP F 21 74.63 -127.46 41.38
C TRP F 21 74.74 -128.04 42.78
N TYR F 22 73.93 -129.07 43.04
CA TYR F 22 73.95 -129.75 44.33
C TYR F 22 73.99 -131.23 44.02
N GLY F 23 74.53 -132.02 44.95
CA GLY F 23 74.57 -133.46 44.75
C GLY F 23 75.15 -134.26 45.89
N PHE F 24 75.47 -135.50 45.59
CA PHE F 24 75.87 -136.46 46.61
C PHE F 24 77.18 -137.08 46.22
N ARG F 25 78.09 -137.19 47.18
CA ARG F 25 79.25 -138.05 47.05
C ARG F 25 79.12 -139.12 48.13
N HIS F 26 79.41 -140.36 47.79
CA HIS F 26 79.27 -141.44 48.76
C HIS F 26 80.53 -142.28 48.80
N GLN F 27 80.68 -143.03 49.88
CA GLN F 27 81.64 -144.11 50.00
C GLN F 27 80.99 -145.34 50.61
N ASN F 28 81.20 -146.51 50.00
CA ASN F 28 80.66 -147.75 50.54
C ASN F 28 81.58 -148.93 50.27
N SER F 29 81.10 -150.14 50.48
CA SER F 29 81.94 -151.31 50.33
C SER F 29 82.35 -151.60 48.90
N GLU F 30 81.68 -150.99 47.94
CA GLU F 30 82.03 -151.26 46.56
C GLU F 30 82.91 -150.14 45.96
N GLY F 31 83.09 -149.06 46.70
CA GLY F 31 83.86 -147.92 46.22
C GLY F 31 83.27 -146.57 46.62
N ARG F 32 83.65 -145.51 45.91
CA ARG F 32 83.10 -144.17 46.16
C ARG F 32 82.76 -143.45 44.85
N GLY F 33 81.64 -142.71 44.84
CA GLY F 33 81.07 -142.16 43.62
C GLY F 33 80.29 -140.86 43.80
N GLN F 34 79.79 -140.31 42.69
CA GLN F 34 79.14 -139.00 42.72
C GLN F 34 77.95 -138.92 41.75
N ALA F 35 76.90 -138.22 42.18
CA ALA F 35 75.72 -137.98 41.35
C ALA F 35 75.03 -136.66 41.69
N ALA F 36 74.66 -135.90 40.67
CA ALA F 36 73.95 -134.65 40.90
C ALA F 36 72.50 -134.91 41.29
N ASP F 37 71.94 -134.02 42.11
CA ASP F 37 70.52 -134.02 42.45
C ASP F 37 69.80 -132.97 41.61
N LEU F 38 68.89 -133.44 40.78
CA LEU F 38 68.22 -132.60 39.78
C LEU F 38 67.24 -131.57 40.36
N LYS F 39 66.42 -132.00 41.32
CA LYS F 39 65.33 -131.16 41.84
C LYS F 39 65.80 -129.90 42.58
N SER F 40 66.78 -130.04 43.46
CA SER F 40 67.34 -128.90 44.17
C SER F 40 68.04 -127.95 43.22
N THR F 41 68.81 -128.52 42.29
CA THR F 41 69.51 -127.74 41.27
C THR F 41 68.53 -126.90 40.47
N GLN F 42 67.45 -127.54 40.01
CA GLN F 42 66.45 -126.87 39.19
C GLN F 42 65.73 -125.78 39.98
N ALA F 43 65.56 -126.02 41.28
CA ALA F 43 64.87 -125.09 42.15
C ALA F 43 65.64 -123.77 42.25
N ALA F 44 66.95 -123.88 42.36
CA ALA F 44 67.82 -122.72 42.46
C ALA F 44 67.82 -121.94 41.15
N ILE F 45 67.97 -122.67 40.04
CA ILE F 45 67.99 -122.07 38.70
C ILE F 45 66.71 -121.32 38.39
N ASP F 46 65.57 -121.90 38.77
CA ASP F 46 64.28 -121.30 38.50
C ASP F 46 64.14 -119.96 39.19
N GLN F 47 64.66 -119.86 40.41
CA GLN F 47 64.55 -118.62 41.15
C GLN F 47 65.46 -117.55 40.53
N ILE F 48 66.66 -117.93 40.13
CA ILE F 48 67.57 -116.98 39.49
C ILE F 48 67.08 -116.52 38.11
N ASN F 49 66.51 -117.44 37.34
CA ASN F 49 65.92 -117.10 36.05
C ASN F 49 64.71 -116.17 36.18
N GLY F 50 64.00 -116.32 37.29
CA GLY F 50 62.91 -115.44 37.66
C GLY F 50 63.36 -114.00 37.83
N LYS F 51 64.51 -113.84 38.48
CA LYS F 51 65.14 -112.52 38.61
C LYS F 51 65.52 -112.01 37.23
N LEU F 52 66.10 -112.88 36.43
CA LEU F 52 66.51 -112.52 35.09
C LEU F 52 65.30 -112.11 34.24
N ASN F 53 64.20 -112.85 34.37
CA ASN F 53 62.98 -112.51 33.64
C ASN F 53 62.43 -111.12 33.93
N ARG F 54 62.62 -110.64 35.15
CA ARG F 54 62.20 -109.30 35.51
C ARG F 54 63.12 -108.22 34.97
N LEU F 55 64.38 -108.58 34.75
CA LEU F 55 65.43 -107.60 34.48
C LEU F 55 65.91 -107.50 33.02
N ILE F 56 65.88 -108.61 32.31
CA ILE F 56 66.47 -108.64 30.97
C ILE F 56 65.44 -108.48 29.88
N GLY F 57 65.68 -107.55 28.95
CA GLY F 57 64.79 -107.38 27.81
C GLY F 57 63.49 -106.71 28.18
N LYS F 58 63.53 -105.84 29.18
CA LYS F 58 62.32 -105.25 29.72
C LYS F 58 62.38 -103.73 29.71
N THR F 59 63.13 -103.20 28.76
CA THR F 59 63.40 -101.77 28.73
C THR F 59 62.16 -100.95 28.37
N ASN F 60 62.18 -99.68 28.74
CA ASN F 60 61.08 -98.77 28.52
C ASN F 60 61.35 -97.88 27.31
N GLU F 61 60.33 -97.70 26.47
CA GLU F 61 60.42 -96.83 25.30
C GLU F 61 60.24 -95.38 25.72
N LYS F 62 61.19 -94.54 25.30
CA LYS F 62 61.07 -93.11 25.45
C LYS F 62 61.32 -92.44 24.11
N PHE F 63 60.69 -91.30 23.87
CA PHE F 63 60.79 -90.71 22.54
C PHE F 63 61.38 -89.30 22.60
N HIS F 64 60.57 -88.30 22.28
CA HIS F 64 61.02 -86.93 22.39
C HIS F 64 61.14 -86.49 23.84
N GLN F 65 62.27 -85.88 24.18
CA GLN F 65 62.52 -85.51 25.57
C GLN F 65 62.95 -84.06 25.66
N ILE F 66 63.97 -83.80 26.47
CA ILE F 66 64.57 -82.48 26.53
C ILE F 66 65.98 -82.60 26.00
N GLU F 67 66.57 -81.47 25.60
CA GLU F 67 67.97 -81.49 25.22
C GLU F 67 68.83 -81.68 26.47
N LYS F 68 70.01 -82.25 26.29
CA LYS F 68 70.83 -82.68 27.41
C LYS F 68 72.29 -82.29 27.20
N GLU F 69 72.55 -81.65 26.07
CA GLU F 69 73.86 -81.07 25.78
C GLU F 69 73.61 -79.71 25.19
N PHE F 70 74.51 -78.77 25.45
CA PHE F 70 74.22 -77.38 25.10
C PHE F 70 75.47 -76.68 24.60
N SER F 71 75.35 -75.94 23.52
CA SER F 71 76.49 -75.29 22.88
C SER F 71 76.68 -73.83 23.31
N GLU F 72 75.66 -73.26 23.94
CA GLU F 72 75.74 -71.87 24.38
C GLU F 72 75.38 -71.73 25.86
N VAL F 73 75.99 -70.76 26.51
CA VAL F 73 75.62 -70.41 27.88
C VAL F 73 74.25 -69.70 27.83
N GLU F 74 73.30 -70.13 28.67
CA GLU F 74 71.94 -69.54 28.65
C GLU F 74 71.38 -69.19 30.01
N GLY F 75 71.94 -69.78 31.06
CA GLY F 75 71.46 -69.50 32.40
C GLY F 75 70.30 -70.34 32.89
N ARG F 76 69.31 -69.64 33.44
CA ARG F 76 68.26 -70.22 34.29
C ARG F 76 67.59 -71.45 33.71
N ILE F 77 67.20 -71.37 32.46
CA ILE F 77 66.47 -72.45 31.84
C ILE F 77 67.40 -73.63 31.62
N GLN F 78 68.62 -73.36 31.17
CA GLN F 78 69.60 -74.42 30.97
C GLN F 78 70.04 -75.11 32.26
N ASP F 79 70.15 -74.33 33.34
CA ASP F 79 70.45 -74.86 34.66
C ASP F 79 69.41 -75.90 35.07
N LEU F 80 68.14 -75.57 34.82
CA LEU F 80 67.05 -76.44 35.22
C LEU F 80 67.00 -77.74 34.41
N GLU F 81 67.15 -77.65 33.10
CA GLU F 81 67.21 -78.84 32.24
C GLU F 81 68.32 -79.83 32.61
N LYS F 82 69.50 -79.30 32.84
CA LYS F 82 70.64 -80.11 33.24
C LYS F 82 70.45 -80.76 34.61
N TYR F 83 69.93 -79.98 35.56
CA TYR F 83 69.73 -80.43 36.94
C TYR F 83 68.68 -81.53 37.03
N VAL F 84 67.62 -81.38 36.26
CA VAL F 84 66.55 -82.37 36.18
C VAL F 84 67.19 -83.67 35.72
N GLU F 85 68.02 -83.55 34.70
CA GLU F 85 68.67 -84.71 34.12
C GLU F 85 69.66 -85.32 35.11
N ASP F 86 70.46 -84.49 35.76
CA ASP F 86 71.40 -85.00 36.75
C ASP F 86 70.69 -85.70 37.91
N THR F 87 69.59 -85.09 38.35
CA THR F 87 68.77 -85.62 39.41
C THR F 87 68.22 -86.99 39.04
N LYS F 88 67.69 -87.09 37.82
CA LYS F 88 67.13 -88.32 37.29
C LYS F 88 68.21 -89.39 37.26
N ILE F 89 69.38 -89.04 36.73
CA ILE F 89 70.46 -89.99 36.56
C ILE F 89 70.92 -90.57 37.90
N ASP F 90 71.01 -89.71 38.91
CA ASP F 90 71.42 -90.17 40.23
C ASP F 90 70.47 -91.17 40.90
N LEU F 91 69.17 -90.94 40.76
CA LEU F 91 68.18 -91.84 41.35
C LEU F 91 68.12 -93.21 40.69
N TRP F 92 68.20 -93.21 39.36
CA TRP F 92 68.25 -94.46 38.64
C TRP F 92 69.54 -95.20 38.93
N SER F 93 70.63 -94.45 38.99
CA SER F 93 71.92 -95.04 39.32
C SER F 93 71.86 -95.61 40.73
N TYR F 94 71.20 -94.90 41.64
CA TYR F 94 70.98 -95.45 42.97
C TYR F 94 70.16 -96.73 43.04
N ASN F 95 69.03 -96.75 42.37
CA ASN F 95 68.16 -97.92 42.38
C ASN F 95 68.91 -99.14 41.88
N ALA F 96 69.70 -98.98 40.82
CA ALA F 96 70.43 -100.08 40.21
C ALA F 96 71.49 -100.65 41.17
N GLU F 97 72.21 -99.76 41.85
CA GLU F 97 73.24 -100.18 42.80
C GLU F 97 72.58 -100.95 43.93
N LEU F 98 71.49 -100.40 44.44
CA LEU F 98 70.78 -101.04 45.53
C LEU F 98 70.20 -102.36 45.04
N LEU F 99 69.67 -102.35 43.83
CA LEU F 99 69.02 -103.52 43.25
C LEU F 99 70.02 -104.69 43.20
N VAL F 100 71.20 -104.41 42.66
CA VAL F 100 72.22 -105.44 42.48
C VAL F 100 72.77 -106.01 43.79
N ALA F 101 73.01 -105.12 44.74
CA ALA F 101 73.46 -105.52 46.08
C ALA F 101 72.42 -106.40 46.75
N LEU F 102 71.16 -106.00 46.65
CA LEU F 102 70.04 -106.75 47.22
C LEU F 102 69.81 -108.09 46.55
N GLU F 103 69.78 -108.08 45.21
CA GLU F 103 69.56 -109.31 44.45
C GLU F 103 70.68 -110.30 44.73
N ASN F 104 71.90 -109.79 44.81
CA ASN F 104 73.05 -110.65 45.01
C ASN F 104 73.06 -111.30 46.42
N GLN F 105 72.73 -110.52 47.46
CA GLN F 105 72.65 -111.08 48.83
C GLN F 105 71.62 -112.19 48.93
N HIS F 106 70.47 -111.94 48.30
CA HIS F 106 69.36 -112.86 48.36
C HIS F 106 69.70 -114.14 47.56
N THR F 107 70.41 -113.98 46.44
CA THR F 107 70.83 -115.12 45.61
C THR F 107 71.84 -116.08 46.29
N ILE F 108 72.85 -115.54 46.98
CA ILE F 108 73.77 -116.35 47.76
C ILE F 108 73.01 -117.07 48.85
N ASP F 109 72.09 -116.34 49.46
CA ASP F 109 71.28 -116.86 50.54
C ASP F 109 70.25 -117.91 50.08
N LEU F 110 69.66 -117.72 48.91
CA LEU F 110 68.63 -118.67 48.44
C LEU F 110 69.30 -119.98 48.02
N THR F 111 70.51 -119.86 47.50
CA THR F 111 71.29 -121.03 47.08
C THR F 111 71.79 -121.82 48.29
N ASP F 112 72.16 -121.09 49.33
CA ASP F 112 72.53 -121.64 50.62
C ASP F 112 71.32 -122.39 51.16
N SER F 113 70.15 -121.76 51.05
CA SER F 113 68.89 -122.37 51.46
C SER F 113 68.64 -123.71 50.77
N GLU F 114 68.82 -123.77 49.46
CA GLU F 114 68.54 -125.00 48.72
C GLU F 114 69.46 -126.16 49.09
N MET F 115 70.72 -125.84 49.33
CA MET F 115 71.68 -126.85 49.77
C MET F 115 71.23 -127.42 51.13
N ASN F 116 70.86 -126.53 52.05
CA ASN F 116 70.46 -126.90 53.42
C ASN F 116 69.20 -127.76 53.42
N LYS F 117 68.22 -127.40 52.58
CA LYS F 117 66.97 -128.14 52.47
C LYS F 117 67.28 -129.57 52.03
N LEU F 118 68.21 -129.70 51.10
CA LEU F 118 68.57 -131.00 50.55
C LEU F 118 69.25 -131.80 51.65
N PHE F 119 70.07 -131.13 52.44
CA PHE F 119 70.69 -131.74 53.61
C PHE F 119 69.63 -132.24 54.59
N GLU F 120 68.71 -131.36 54.93
CA GLU F 120 67.65 -131.70 55.87
C GLU F 120 66.75 -132.84 55.41
N LYS F 121 66.35 -132.82 54.15
CA LYS F 121 65.51 -133.88 53.59
C LYS F 121 66.26 -135.19 53.73
N THR F 122 67.53 -135.18 53.36
CA THR F 122 68.40 -136.36 53.43
C THR F 122 68.54 -136.78 54.89
N LYS F 123 68.77 -135.80 55.76
CA LYS F 123 68.93 -136.05 57.17
C LYS F 123 67.71 -136.79 57.73
N LYS F 124 66.53 -136.27 57.40
CA LYS F 124 65.28 -136.86 57.86
C LYS F 124 65.01 -138.27 57.33
N GLN F 125 65.34 -138.51 56.06
CA GLN F 125 65.11 -139.81 55.40
C GLN F 125 65.79 -140.98 56.10
N LEU F 126 67.01 -140.74 56.56
CA LEU F 126 67.85 -141.77 57.16
C LEU F 126 67.41 -142.09 58.58
N ARG F 127 66.57 -141.21 59.12
CA ARG F 127 65.96 -141.41 60.43
C ARG F 127 67.05 -141.70 61.46
N GLU F 128 66.96 -142.85 62.10
CA GLU F 128 67.91 -143.22 63.14
C GLU F 128 69.01 -144.08 62.55
N ASN F 129 69.10 -144.12 61.22
CA ASN F 129 70.01 -145.06 60.56
C ASN F 129 71.34 -144.39 60.22
N ALA F 130 71.46 -143.09 60.51
CA ALA F 130 72.66 -142.35 60.15
C ALA F 130 72.90 -141.26 61.19
N GLU F 131 74.14 -140.79 61.28
CA GLU F 131 74.47 -139.64 62.12
C GLU F 131 75.15 -138.53 61.32
N ASP F 132 74.89 -137.28 61.70
CA ASP F 132 75.45 -136.10 61.04
C ASP F 132 76.89 -135.92 61.52
N MET F 133 77.85 -136.01 60.60
CA MET F 133 79.26 -135.89 60.96
C MET F 133 79.67 -134.42 61.11
N GLY F 134 78.75 -133.51 60.82
CA GLY F 134 79.00 -132.09 61.03
C GLY F 134 79.57 -131.29 59.88
N ASN F 135 79.92 -131.96 58.79
CA ASN F 135 80.56 -131.28 57.67
C ASN F 135 79.77 -131.55 56.39
N GLY F 136 78.47 -131.80 56.56
CA GLY F 136 77.56 -132.17 55.47
C GLY F 136 77.50 -133.62 55.06
N CYS F 137 78.32 -134.45 55.69
CA CYS F 137 78.34 -135.88 55.39
C CYS F 137 77.63 -136.68 56.49
N PHE F 138 77.02 -137.79 56.10
CA PHE F 138 76.44 -138.75 57.05
C PHE F 138 77.20 -140.07 57.09
N LYS F 139 77.48 -140.54 58.30
CA LYS F 139 77.95 -141.92 58.50
C LYS F 139 76.76 -142.85 58.60
N ILE F 140 76.67 -143.78 57.66
CA ILE F 140 75.60 -144.76 57.64
C ILE F 140 76.07 -146.03 58.30
N TYR F 141 75.36 -146.42 59.36
CA TYR F 141 75.80 -147.49 60.24
C TYR F 141 75.30 -148.87 59.80
N HIS F 142 75.26 -149.08 58.49
CA HIS F 142 74.90 -150.37 57.93
C HIS F 142 75.49 -150.50 56.53
N LYS F 143 75.59 -151.74 56.04
CA LYS F 143 76.05 -151.98 54.69
C LYS F 143 75.09 -151.29 53.71
N CYS F 144 75.64 -150.50 52.79
CA CYS F 144 74.81 -149.73 51.87
C CYS F 144 75.40 -149.64 50.47
N ASP F 145 75.08 -150.61 49.61
CA ASP F 145 75.65 -150.62 48.26
C ASP F 145 75.07 -149.52 47.38
N ASN F 146 75.43 -149.52 46.11
CA ASN F 146 75.02 -148.47 45.18
C ASN F 146 73.50 -148.40 45.08
N ALA F 147 72.85 -149.57 45.08
CA ALA F 147 71.39 -149.61 45.02
C ALA F 147 70.84 -148.97 46.29
N CYS F 148 71.47 -149.25 47.42
CA CYS F 148 71.09 -148.65 48.69
C CYS F 148 71.29 -147.14 48.61
N ILE F 149 72.48 -146.75 48.17
CA ILE F 149 72.85 -145.36 47.99
C ILE F 149 71.90 -144.69 47.01
N GLY F 150 71.61 -145.40 45.92
CA GLY F 150 70.70 -144.92 44.90
C GLY F 150 69.31 -144.63 45.43
N SER F 151 68.85 -145.49 46.34
CA SER F 151 67.54 -145.32 46.98
C SER F 151 67.41 -144.05 47.82
N ILE F 152 68.48 -143.65 48.48
CA ILE F 152 68.48 -142.41 49.25
C ILE F 152 68.34 -141.24 48.30
N ARG F 153 69.17 -141.28 47.27
CA ARG F 153 69.17 -140.27 46.23
C ARG F 153 67.84 -140.18 45.49
N ASN F 154 67.23 -141.34 45.32
CA ASN F 154 66.01 -141.47 44.54
C ASN F 154 64.80 -141.24 45.46
N GLY F 155 65.07 -141.01 46.73
CA GLY F 155 64.02 -140.76 47.71
C GLY F 155 63.14 -141.97 47.99
N THR F 156 63.68 -143.17 47.77
CA THR F 156 62.92 -144.40 48.01
C THR F 156 63.52 -145.29 49.10
N TYR F 157 64.52 -144.79 49.81
CA TYR F 157 65.15 -145.54 50.90
C TYR F 157 64.11 -145.87 51.97
N ASP F 158 64.07 -147.15 52.35
CA ASP F 158 63.15 -147.60 53.39
C ASP F 158 63.90 -147.81 54.69
N HIS F 159 63.80 -146.84 55.59
CA HIS F 159 64.57 -146.86 56.82
C HIS F 159 64.29 -148.08 57.69
N ASP F 160 63.05 -148.59 57.61
CA ASP F 160 62.66 -149.73 58.44
C ASP F 160 63.46 -150.99 58.09
N VAL F 161 63.88 -151.08 56.82
CA VAL F 161 64.61 -152.22 56.31
C VAL F 161 65.97 -152.40 57.01
N TYR F 162 66.59 -151.28 57.35
CA TYR F 162 67.96 -151.27 57.84
C TYR F 162 68.08 -150.98 59.33
N ARG F 163 66.95 -150.69 59.96
CA ARG F 163 66.95 -150.12 61.31
C ARG F 163 67.60 -150.95 62.40
N ASP F 164 67.26 -152.23 62.45
CA ASP F 164 67.83 -153.13 63.43
C ASP F 164 69.35 -153.14 63.27
N GLU F 165 69.78 -153.30 62.01
CA GLU F 165 71.19 -153.34 61.67
C GLU F 165 71.88 -152.05 62.10
N ALA F 166 71.26 -150.94 61.72
CA ALA F 166 71.84 -149.64 62.00
C ALA F 166 71.91 -149.34 63.49
N LEU F 167 70.83 -149.64 64.20
CA LEU F 167 70.77 -149.39 65.63
C LEU F 167 71.83 -150.16 66.43
N ASN F 168 72.05 -151.41 66.05
CA ASN F 168 73.05 -152.26 66.69
C ASN F 168 74.44 -151.64 66.57
N ASN F 169 74.72 -151.10 65.40
CA ASN F 169 75.98 -150.47 65.12
C ASN F 169 76.19 -149.13 65.82
N ARG F 170 75.14 -148.33 65.91
CA ARG F 170 75.26 -147.00 66.50
C ARG F 170 75.54 -147.15 67.98
N PHE F 171 74.84 -148.09 68.60
CA PHE F 171 74.76 -148.12 70.05
C PHE F 171 75.56 -149.28 70.63
N GLN F 172 76.54 -149.73 69.87
CA GLN F 172 77.52 -150.69 70.34
C GLN F 172 78.36 -150.08 71.45
N ILE F 173 79.08 -150.94 72.17
CA ILE F 173 80.04 -150.51 73.19
C ILE F 173 81.45 -150.96 72.84
N PRO G 3 -55.10 141.28 -82.44
CA PRO G 3 -54.04 140.40 -81.94
C PRO G 3 -54.41 139.72 -80.62
N GLY G 4 -53.89 140.24 -79.52
CA GLY G 4 -54.15 139.68 -78.21
C GLY G 4 -53.35 138.43 -77.99
N ALA G 5 -53.86 137.53 -77.16
CA ALA G 5 -53.14 136.30 -76.86
C ALA G 5 -54.09 135.14 -76.52
N THR G 6 -53.53 133.94 -76.52
CA THR G 6 -54.24 132.74 -76.06
C THR G 6 -53.40 132.09 -74.97
N LEU G 7 -54.04 131.65 -73.89
CA LEU G 7 -53.36 130.94 -72.82
C LEU G 7 -54.18 129.67 -72.59
N CYS G 8 -53.55 128.51 -72.81
CA CYS G 8 -54.27 127.25 -72.66
C CYS G 8 -53.80 126.44 -71.47
N LEU G 9 -54.77 125.88 -70.76
CA LEU G 9 -54.48 125.04 -69.62
C LEU G 9 -54.50 123.60 -70.08
N GLY G 10 -53.64 122.79 -69.47
CA GLY G 10 -53.55 121.40 -69.82
C GLY G 10 -52.84 120.63 -68.72
N HIS G 11 -52.66 119.35 -68.95
CA HIS G 11 -52.10 118.43 -67.98
C HIS G 11 -51.21 117.46 -68.74
N HIS G 12 -50.34 116.73 -68.04
CA HIS G 12 -49.42 115.87 -68.77
C HIS G 12 -50.09 114.57 -69.23
N ALA G 13 -49.37 113.83 -70.07
CA ALA G 13 -49.77 112.48 -70.44
C ALA G 13 -48.51 111.70 -70.70
N VAL G 14 -48.63 110.38 -70.74
CA VAL G 14 -47.49 109.53 -71.04
C VAL G 14 -47.80 108.58 -72.19
N PRO G 15 -46.77 108.10 -72.91
CA PRO G 15 -47.04 107.14 -73.99
C PRO G 15 -47.22 105.69 -73.50
N ASN G 16 -46.85 105.37 -72.26
CA ASN G 16 -46.96 104.00 -71.78
C ASN G 16 -47.77 103.95 -70.48
N GLY G 17 -49.06 104.26 -70.58
CA GLY G 17 -49.90 104.32 -69.40
C GLY G 17 -50.22 102.95 -68.86
N THR G 18 -50.81 102.91 -67.67
CA THR G 18 -51.17 101.64 -67.07
C THR G 18 -52.64 101.56 -66.69
N ILE G 19 -53.24 100.40 -66.90
CA ILE G 19 -54.66 100.18 -66.62
C ILE G 19 -54.87 99.71 -65.17
N VAL G 20 -55.79 100.36 -64.46
CA VAL G 20 -56.17 99.96 -63.10
C VAL G 20 -57.68 99.81 -63.05
N LYS G 21 -58.21 99.24 -61.98
CA LYS G 21 -59.67 99.14 -61.84
C LYS G 21 -60.16 100.20 -60.86
N THR G 22 -61.38 100.66 -61.09
CA THR G 22 -62.03 101.61 -60.19
C THR G 22 -63.46 101.21 -59.90
N ILE G 23 -64.11 102.05 -59.10
CA ILE G 23 -65.50 101.85 -58.75
C ILE G 23 -66.48 101.83 -59.92
N THR G 24 -66.22 102.63 -60.96
CA THR G 24 -67.22 102.74 -62.02
C THR G 24 -66.74 102.17 -63.35
N ASN G 25 -65.51 101.70 -63.39
CA ASN G 25 -64.94 101.20 -64.62
C ASN G 25 -63.82 100.22 -64.30
N ASP G 26 -63.85 99.03 -64.89
CA ASP G 26 -62.84 98.03 -64.55
C ASP G 26 -61.52 98.23 -65.28
N GLN G 27 -61.50 99.10 -66.29
CA GLN G 27 -60.28 99.34 -67.06
C GLN G 27 -60.16 100.81 -67.51
N ILE G 28 -59.43 101.61 -66.74
CA ILE G 28 -59.20 103.01 -67.06
C ILE G 28 -57.69 103.23 -67.03
N GLU G 29 -57.14 103.92 -68.03
CA GLU G 29 -55.70 104.11 -68.11
C GLU G 29 -55.24 105.37 -67.37
N VAL G 30 -54.22 105.20 -66.51
CA VAL G 30 -53.59 106.31 -65.78
C VAL G 30 -52.12 106.47 -66.13
N THR G 31 -51.51 107.56 -65.66
CA THR G 31 -50.13 107.86 -66.06
C THR G 31 -49.11 106.96 -65.37
N ASN G 32 -49.49 106.36 -64.24
CA ASN G 32 -48.55 105.55 -63.49
C ASN G 32 -49.32 104.76 -62.43
N ALA G 33 -48.79 103.62 -62.00
CA ALA G 33 -49.42 102.85 -60.94
C ALA G 33 -48.37 102.03 -60.21
N THR G 34 -48.76 101.46 -59.07
CA THR G 34 -47.89 100.60 -58.29
C THR G 34 -48.56 99.31 -57.81
N GLU G 35 -47.78 98.23 -57.75
CA GLU G 35 -48.32 96.92 -57.43
C GLU G 35 -48.39 96.81 -55.90
N LEU G 36 -49.55 96.40 -55.38
CA LEU G 36 -49.73 96.28 -53.93
C LEU G 36 -49.64 94.83 -53.48
N VAL G 37 -49.55 93.92 -54.44
CA VAL G 37 -49.42 92.49 -54.16
C VAL G 37 -48.02 91.97 -54.50
N GLN G 38 -47.29 91.53 -53.48
CA GLN G 38 -46.00 90.87 -53.68
C GLN G 38 -46.25 89.49 -54.31
N ASN G 39 -45.67 89.26 -55.49
CA ASN G 39 -45.96 88.04 -56.23
C ASN G 39 -44.78 87.08 -56.43
N SER G 40 -43.64 87.41 -55.81
CA SER G 40 -42.46 86.58 -55.97
C SER G 40 -41.67 86.47 -54.68
N SER G 41 -40.87 85.40 -54.56
CA SER G 41 -39.89 85.29 -53.49
C SER G 41 -38.50 85.07 -54.09
N ILE G 42 -37.46 85.35 -53.32
CA ILE G 42 -36.10 85.05 -53.78
C ILE G 42 -35.73 83.59 -53.59
N GLY G 43 -36.65 82.82 -53.00
CA GLY G 43 -36.52 81.38 -52.94
C GLY G 43 -35.69 80.85 -51.79
N GLU G 44 -35.22 81.74 -50.92
CA GLU G 44 -34.54 81.30 -49.71
C GLU G 44 -35.06 81.98 -48.45
N ILE G 45 -34.95 81.29 -47.33
CA ILE G 45 -35.34 81.85 -46.04
C ILE G 45 -34.11 82.51 -45.43
N CYS G 46 -34.14 83.84 -45.33
CA CYS G 46 -33.01 84.58 -44.79
C CYS G 46 -32.78 84.30 -43.31
N ASP G 47 -31.51 84.12 -42.93
CA ASP G 47 -31.13 83.77 -41.57
C ASP G 47 -31.16 84.93 -40.57
N SER G 48 -31.50 86.11 -41.07
CA SER G 48 -31.57 87.32 -40.26
C SER G 48 -32.87 88.04 -40.62
N PRO G 49 -33.47 88.78 -39.67
CA PRO G 49 -33.00 89.02 -38.30
C PRO G 49 -33.61 88.06 -37.29
N HIS G 50 -34.42 87.12 -37.76
CA HIS G 50 -35.00 86.13 -36.87
C HIS G 50 -34.03 84.98 -36.72
N GLN G 51 -34.04 84.33 -35.55
CA GLN G 51 -33.14 83.21 -35.33
C GLN G 51 -33.73 81.96 -35.96
N ILE G 52 -33.06 81.45 -36.99
CA ILE G 52 -33.58 80.29 -37.72
C ILE G 52 -32.89 79.03 -37.25
N LEU G 53 -33.67 77.97 -37.05
CA LEU G 53 -33.09 76.68 -36.77
C LEU G 53 -33.58 75.70 -37.83
N ASP G 54 -32.67 75.27 -38.69
CA ASP G 54 -32.97 74.33 -39.76
C ASP G 54 -32.99 72.92 -39.19
N GLY G 55 -34.15 72.27 -39.20
CA GLY G 55 -34.25 70.94 -38.64
C GLY G 55 -33.51 69.85 -39.42
N GLU G 56 -33.20 70.10 -40.69
CA GLU G 56 -32.52 69.12 -41.54
C GLU G 56 -33.20 67.74 -41.53
N ASN G 57 -32.50 66.74 -41.02
CA ASN G 57 -33.05 65.39 -40.96
C ASN G 57 -34.01 65.15 -39.78
N CYS G 58 -34.17 66.15 -38.92
CA CYS G 58 -34.88 65.97 -37.65
C CYS G 58 -36.21 66.73 -37.56
N THR G 59 -37.29 66.06 -37.15
CA THR G 59 -38.49 66.79 -36.76
C THR G 59 -38.22 67.44 -35.40
N LEU G 60 -39.03 68.43 -35.02
CA LEU G 60 -38.92 69.07 -33.71
C LEU G 60 -39.05 68.07 -32.59
N ILE G 61 -40.03 67.20 -32.73
CA ILE G 61 -40.28 66.18 -31.74
C ILE G 61 -39.07 65.26 -31.62
N ASP G 62 -38.47 64.94 -32.75
CA ASP G 62 -37.27 64.13 -32.75
C ASP G 62 -36.12 64.87 -32.08
N ALA G 63 -36.06 66.18 -32.30
CA ALA G 63 -35.06 67.00 -31.64
C ALA G 63 -35.37 67.10 -30.16
N LEU G 64 -36.66 67.15 -29.85
CA LEU G 64 -37.11 67.18 -28.48
C LEU G 64 -36.73 65.90 -27.73
N LEU G 65 -37.15 64.76 -28.25
CA LEU G 65 -36.89 63.48 -27.59
C LEU G 65 -35.40 63.11 -27.50
N GLY G 66 -34.63 63.50 -28.51
CA GLY G 66 -33.21 63.20 -28.55
C GLY G 66 -32.83 61.97 -29.36
N ASP G 67 -33.45 61.80 -30.53
CA ASP G 67 -33.01 60.84 -31.55
C ASP G 67 -31.55 61.19 -31.83
N PRO G 68 -30.66 60.19 -31.82
CA PRO G 68 -29.20 60.39 -31.92
C PRO G 68 -28.74 61.33 -33.03
N GLN G 69 -29.35 61.30 -34.21
CA GLN G 69 -28.92 62.20 -35.28
C GLN G 69 -29.28 63.67 -34.99
N CYS G 70 -30.07 63.87 -33.92
CA CYS G 70 -30.50 65.21 -33.53
C CYS G 70 -29.80 65.70 -32.25
N ASP G 71 -28.73 65.02 -31.85
CA ASP G 71 -28.02 65.38 -30.62
C ASP G 71 -27.46 66.79 -30.64
N GLY G 72 -27.14 67.25 -31.84
CA GLY G 72 -26.64 68.59 -32.06
C GLY G 72 -27.61 69.69 -31.68
N PHE G 73 -28.89 69.31 -31.56
CA PHE G 73 -29.93 70.29 -31.29
C PHE G 73 -30.11 70.60 -29.81
N GLN G 74 -29.41 69.85 -28.95
CA GLN G 74 -29.64 69.96 -27.51
C GLN G 74 -29.53 71.40 -27.00
N ASN G 75 -30.58 71.84 -26.32
CA ASN G 75 -30.59 73.11 -25.60
C ASN G 75 -30.60 74.36 -26.48
N LYS G 76 -30.76 74.18 -27.79
CA LYS G 76 -30.78 75.30 -28.73
C LYS G 76 -32.12 76.06 -28.69
N LYS G 77 -32.10 77.32 -29.11
CA LYS G 77 -33.32 78.13 -29.17
C LYS G 77 -33.61 78.55 -30.60
N TRP G 78 -34.82 79.04 -30.85
CA TRP G 78 -35.15 79.53 -32.18
C TRP G 78 -36.31 80.50 -32.08
N ASP G 79 -36.41 81.38 -33.07
CA ASP G 79 -37.65 82.09 -33.34
C ASP G 79 -38.45 81.23 -34.31
N LEU G 80 -37.77 80.65 -35.30
CA LEU G 80 -38.43 79.78 -36.28
C LEU G 80 -37.70 78.49 -36.54
N PHE G 81 -38.36 77.39 -36.15
CA PHE G 81 -37.85 76.08 -36.44
C PHE G 81 -38.36 75.67 -37.81
N VAL G 82 -37.45 75.26 -38.67
CA VAL G 82 -37.83 74.91 -40.04
C VAL G 82 -37.72 73.39 -40.20
N GLU G 83 -38.85 72.74 -40.43
CA GLU G 83 -38.88 71.29 -40.61
C GLU G 83 -38.78 70.93 -42.07
N ARG G 84 -37.89 69.99 -42.38
CA ARG G 84 -37.66 69.65 -43.77
C ARG G 84 -38.48 68.43 -44.11
N SER G 85 -38.94 68.35 -45.35
CA SER G 85 -39.74 67.24 -45.81
C SER G 85 -38.90 65.97 -45.83
N LYS G 86 -37.59 66.16 -45.90
CA LYS G 86 -36.65 65.05 -45.94
C LYS G 86 -36.44 64.38 -44.57
N ALA G 87 -36.96 65.01 -43.52
CA ALA G 87 -36.73 64.52 -42.16
C ALA G 87 -37.20 63.07 -41.95
N TYR G 88 -36.52 62.33 -41.08
CA TYR G 88 -36.93 60.96 -40.77
C TYR G 88 -36.48 60.57 -39.37
N SER G 89 -37.21 59.63 -38.74
CA SER G 89 -36.82 59.12 -37.43
C SER G 89 -35.95 57.88 -37.60
N ASN G 90 -34.99 57.72 -36.70
CA ASN G 90 -34.08 56.60 -36.77
C ASN G 90 -33.82 56.12 -35.37
N CYS G 91 -34.87 56.14 -34.56
CA CYS G 91 -34.79 55.65 -33.20
C CYS G 91 -35.90 54.62 -33.01
N TYR G 92 -36.32 54.39 -31.77
CA TYR G 92 -37.39 53.43 -31.53
C TYR G 92 -38.66 54.01 -32.12
N PRO G 93 -39.42 53.18 -32.85
CA PRO G 93 -40.64 53.70 -33.47
C PRO G 93 -41.60 54.17 -32.40
N TYR G 94 -42.19 55.34 -32.60
CA TYR G 94 -43.08 55.93 -31.61
C TYR G 94 -44.24 56.68 -32.24
N ASP G 95 -45.29 56.89 -31.45
CA ASP G 95 -46.33 57.85 -31.80
C ASP G 95 -46.56 58.77 -30.61
N VAL G 96 -47.22 59.90 -30.89
CA VAL G 96 -47.58 60.88 -29.87
C VAL G 96 -49.06 61.23 -29.99
N PRO G 97 -49.87 60.79 -29.02
CA PRO G 97 -51.25 61.28 -28.98
C PRO G 97 -51.28 62.80 -28.98
N ASP G 98 -52.12 63.36 -29.84
CA ASP G 98 -52.18 64.80 -30.03
C ASP G 98 -50.79 65.36 -30.37
N TYR G 99 -50.12 64.69 -31.28
CA TYR G 99 -48.83 65.14 -31.83
C TYR G 99 -48.86 66.61 -32.23
N ALA G 100 -49.90 67.01 -32.94
CA ALA G 100 -49.98 68.38 -33.44
C ALA G 100 -49.91 69.42 -32.33
N SER G 101 -50.51 69.09 -31.18
CA SER G 101 -50.48 70.00 -30.06
C SER G 101 -49.12 70.11 -29.39
N LEU G 102 -48.46 68.97 -29.23
CA LEU G 102 -47.14 68.96 -28.63
C LEU G 102 -46.16 69.70 -29.52
N ARG G 103 -46.20 69.39 -30.80
CA ARG G 103 -45.38 70.05 -31.81
C ARG G 103 -45.60 71.55 -31.72
N SER G 104 -46.87 71.93 -31.65
CA SER G 104 -47.25 73.34 -31.63
C SER G 104 -46.76 74.04 -30.37
N LEU G 105 -46.98 73.43 -29.21
CA LEU G 105 -46.65 74.06 -27.93
C LEU G 105 -45.14 74.21 -27.72
N VAL G 106 -44.38 73.24 -28.20
CA VAL G 106 -42.92 73.28 -28.15
C VAL G 106 -42.40 74.37 -29.07
N ALA G 107 -42.97 74.42 -30.26
CA ALA G 107 -42.64 75.46 -31.23
C ALA G 107 -42.81 76.85 -30.60
N SER G 108 -43.91 77.05 -29.88
CA SER G 108 -44.24 78.37 -29.33
C SER G 108 -43.33 78.75 -28.17
N SER G 109 -42.91 77.77 -27.38
CA SER G 109 -42.00 78.04 -26.26
C SER G 109 -40.64 78.49 -26.79
N GLY G 110 -40.20 77.85 -27.87
CA GLY G 110 -39.03 78.33 -28.59
C GLY G 110 -37.70 77.92 -27.99
N THR G 111 -37.69 76.88 -27.18
CA THR G 111 -36.44 76.43 -26.57
C THR G 111 -36.40 74.92 -26.30
N LEU G 112 -35.19 74.35 -26.39
CA LEU G 112 -34.95 72.94 -26.03
C LEU G 112 -34.12 72.81 -24.77
N GLU G 113 -33.99 73.90 -24.03
CA GLU G 113 -33.24 73.91 -22.78
C GLU G 113 -33.73 72.80 -21.87
N PHE G 114 -32.82 71.94 -21.45
CA PHE G 114 -33.18 70.75 -20.68
C PHE G 114 -32.38 70.73 -19.40
N ASN G 115 -33.08 70.45 -18.30
CA ASN G 115 -32.43 70.34 -17.02
C ASN G 115 -32.63 68.93 -16.49
N ASN G 116 -31.53 68.24 -16.26
CA ASN G 116 -31.59 66.90 -15.70
C ASN G 116 -32.05 66.92 -14.23
N GLU G 117 -32.76 65.88 -13.79
CA GLU G 117 -33.14 65.74 -12.39
C GLU G 117 -32.90 64.33 -11.86
N SER G 118 -32.59 64.25 -10.56
CA SER G 118 -32.26 62.98 -9.94
C SER G 118 -33.51 62.30 -9.40
N PHE G 119 -34.17 61.56 -10.28
CA PHE G 119 -35.32 60.77 -9.90
C PHE G 119 -34.82 59.55 -9.13
N ASN G 120 -35.64 59.04 -8.23
CA ASN G 120 -35.26 57.88 -7.45
C ASN G 120 -35.77 56.61 -8.13
N TRP G 121 -34.94 55.98 -8.96
CA TRP G 121 -35.38 54.76 -9.64
C TRP G 121 -34.82 53.50 -8.99
N THR G 122 -34.87 53.49 -7.67
CA THR G 122 -34.46 52.32 -6.89
C THR G 122 -35.42 51.17 -7.11
N GLY G 123 -34.87 49.99 -7.39
CA GLY G 123 -35.66 48.79 -7.55
C GLY G 123 -35.61 48.29 -8.97
N VAL G 124 -35.28 49.20 -9.88
CA VAL G 124 -35.24 48.82 -11.27
C VAL G 124 -33.90 49.12 -11.94
N THR G 125 -33.76 48.56 -13.14
CA THR G 125 -32.62 48.80 -14.01
C THR G 125 -33.00 49.99 -14.88
N GLN G 126 -32.14 51.00 -14.96
CA GLN G 126 -32.46 52.17 -15.78
C GLN G 126 -31.84 52.12 -17.18
N ASN G 127 -32.25 53.06 -18.02
CA ASN G 127 -31.62 53.30 -19.32
C ASN G 127 -31.69 52.16 -20.34
N GLY G 128 -32.82 51.49 -20.49
CA GLY G 128 -32.90 50.45 -21.50
C GLY G 128 -32.69 50.96 -22.91
N THR G 129 -31.95 50.20 -23.70
CA THR G 129 -31.65 50.54 -25.09
C THR G 129 -32.05 49.50 -26.12
N SER G 130 -31.94 49.91 -27.39
CA SER G 130 -32.32 49.08 -28.52
C SER G 130 -31.38 49.29 -29.72
N SER G 131 -31.25 48.24 -30.53
CA SER G 131 -30.41 48.24 -31.73
C SER G 131 -31.09 49.01 -32.85
N ALA G 132 -32.33 49.39 -32.63
CA ALA G 132 -33.08 50.17 -33.59
C ALA G 132 -32.83 51.67 -33.41
N CYS G 133 -31.99 52.02 -32.44
CA CYS G 133 -31.72 53.43 -32.15
C CYS G 133 -30.23 53.61 -31.83
N ILE G 134 -29.44 53.67 -32.90
CA ILE G 134 -27.98 53.69 -32.81
C ILE G 134 -27.38 55.09 -32.61
N ARG G 135 -26.50 55.20 -31.61
CA ARG G 135 -25.73 56.42 -31.41
C ARG G 135 -24.26 56.05 -31.29
N ARG G 136 -23.45 56.59 -32.18
CA ARG G 136 -22.02 56.28 -32.26
C ARG G 136 -21.75 54.79 -32.34
N SER G 137 -22.43 54.11 -33.27
CA SER G 137 -22.20 52.70 -33.56
C SER G 137 -22.61 51.74 -32.44
N ASN G 138 -23.14 52.28 -31.35
CA ASN G 138 -23.58 51.43 -30.25
C ASN G 138 -25.09 51.52 -30.06
N ASN G 139 -25.67 50.44 -29.54
CA ASN G 139 -27.06 50.40 -29.13
C ASN G 139 -27.37 51.54 -28.16
N SER G 140 -28.45 52.28 -28.42
CA SER G 140 -28.78 53.43 -27.58
C SER G 140 -30.29 53.65 -27.45
N PHE G 141 -30.66 54.89 -27.13
CA PHE G 141 -32.05 55.29 -26.91
C PHE G 141 -32.19 56.80 -27.04
N PHE G 142 -33.43 57.29 -27.03
CA PHE G 142 -33.70 58.73 -26.98
C PHE G 142 -32.89 59.34 -25.84
N SER G 143 -32.22 60.47 -26.11
CA SER G 143 -31.28 61.04 -25.13
C SER G 143 -31.98 61.50 -23.85
N ARG G 144 -33.22 61.95 -23.99
CA ARG G 144 -33.94 62.57 -22.88
C ARG G 144 -34.85 61.60 -22.12
N LEU G 145 -34.85 60.33 -22.53
CA LEU G 145 -35.74 59.32 -21.93
C LEU G 145 -34.98 58.15 -21.30
N ASN G 146 -35.60 57.54 -20.30
CA ASN G 146 -34.98 56.47 -19.50
C ASN G 146 -35.86 55.21 -19.51
N TRP G 147 -35.45 54.20 -20.27
CA TRP G 147 -36.21 52.94 -20.37
C TRP G 147 -35.97 52.05 -19.14
N LEU G 148 -36.96 51.98 -18.25
CA LEU G 148 -36.80 51.18 -17.03
C LEU G 148 -37.26 49.72 -17.15
N THR G 149 -36.45 48.80 -16.65
CA THR G 149 -36.79 47.37 -16.58
C THR G 149 -36.47 46.69 -15.26
N HIS G 150 -36.86 45.42 -15.15
CA HIS G 150 -36.66 44.68 -13.92
C HIS G 150 -35.19 44.58 -13.53
N LEU G 151 -34.96 44.33 -12.25
CA LEU G 151 -33.65 44.05 -11.73
C LEU G 151 -33.74 42.78 -10.93
N ASN G 152 -33.01 41.73 -11.34
CA ASN G 152 -33.11 40.48 -10.61
C ASN G 152 -34.55 39.92 -10.56
N PHE G 153 -35.28 40.05 -11.68
CA PHE G 153 -36.65 39.53 -11.83
C PHE G 153 -37.64 40.26 -10.96
N LYS G 154 -37.33 41.48 -10.56
CA LYS G 154 -38.35 42.28 -9.92
C LYS G 154 -38.50 43.65 -10.53
N TYR G 155 -39.73 44.12 -10.58
CA TYR G 155 -39.98 45.49 -10.96
C TYR G 155 -40.93 45.91 -9.86
N PRO G 156 -40.37 46.42 -8.76
CA PRO G 156 -41.30 46.78 -7.69
C PRO G 156 -42.10 48.01 -8.09
N ALA G 157 -43.33 48.10 -7.58
CA ALA G 157 -44.17 49.21 -7.92
C ALA G 157 -43.46 50.49 -7.52
N LEU G 158 -43.15 51.30 -8.51
CA LEU G 158 -42.43 52.55 -8.26
C LEU G 158 -43.42 53.66 -7.89
N ASN G 159 -43.04 54.47 -6.90
CA ASN G 159 -43.85 55.61 -6.45
C ASN G 159 -42.87 56.74 -6.14
N VAL G 160 -42.51 57.48 -7.18
CA VAL G 160 -41.41 58.44 -7.15
C VAL G 160 -41.90 59.88 -7.33
N THR G 161 -41.34 60.79 -6.55
CA THR G 161 -41.84 62.15 -6.52
C THR G 161 -40.76 63.11 -6.97
N MET G 162 -41.19 64.24 -7.54
CA MET G 162 -40.29 65.32 -7.93
C MET G 162 -41.03 66.66 -7.88
N PRO G 163 -40.79 67.45 -6.83
CA PRO G 163 -41.49 68.72 -6.64
C PRO G 163 -40.94 69.80 -7.57
N ASN G 164 -41.82 70.63 -8.12
CA ASN G 164 -41.36 71.83 -8.80
C ASN G 164 -41.31 72.97 -7.78
N ASN G 165 -40.11 73.26 -7.28
CA ASN G 165 -39.89 74.36 -6.35
C ASN G 165 -39.16 75.53 -7.00
N GLU G 166 -39.27 75.59 -8.33
CA GLU G 166 -38.69 76.66 -9.12
C GLU G 166 -39.74 77.75 -9.26
N GLN G 167 -39.39 78.84 -9.92
CA GLN G 167 -40.35 79.92 -10.15
C GLN G 167 -40.88 79.89 -11.58
N PHE G 168 -40.49 78.86 -12.33
CA PHE G 168 -40.97 78.69 -13.70
C PHE G 168 -41.63 77.32 -13.84
N ASP G 169 -42.45 77.17 -14.87
CA ASP G 169 -43.10 75.90 -15.16
C ASP G 169 -42.14 74.83 -15.72
N LYS G 170 -42.46 73.56 -15.48
CA LYS G 170 -41.68 72.46 -16.04
C LYS G 170 -42.51 71.62 -17.01
N LEU G 171 -41.92 71.29 -18.15
CA LEU G 171 -42.56 70.38 -19.10
C LEU G 171 -41.88 69.03 -19.05
N TYR G 172 -42.60 68.01 -18.64
CA TYR G 172 -42.06 66.66 -18.58
C TYR G 172 -42.52 65.82 -19.77
N ILE G 173 -41.58 65.15 -20.42
CA ILE G 173 -41.90 64.22 -21.49
C ILE G 173 -41.56 62.79 -21.07
N TRP G 174 -42.55 61.91 -21.16
CA TRP G 174 -42.39 60.51 -20.77
C TRP G 174 -43.17 59.61 -21.73
N GLY G 175 -43.07 58.30 -21.53
CA GLY G 175 -43.74 57.36 -22.42
C GLY G 175 -44.10 56.01 -21.83
N VAL G 176 -44.88 55.25 -22.59
CA VAL G 176 -45.26 53.88 -22.22
C VAL G 176 -44.80 52.95 -23.33
N HIS G 177 -44.17 51.84 -22.96
CA HIS G 177 -43.72 50.89 -23.98
C HIS G 177 -44.79 49.85 -24.19
N HIS G 178 -45.14 49.64 -25.45
CA HIS G 178 -46.06 48.59 -25.84
C HIS G 178 -45.26 47.51 -26.56
N PRO G 179 -44.86 46.47 -25.81
CA PRO G 179 -44.11 45.36 -26.42
C PRO G 179 -44.94 44.59 -27.44
N GLY G 180 -44.27 43.85 -28.33
CA GLY G 180 -44.97 43.18 -29.42
C GLY G 180 -45.54 41.83 -29.01
N THR G 181 -44.97 41.25 -27.96
CA THR G 181 -45.43 39.95 -27.45
C THR G 181 -45.40 39.91 -25.92
N ASP G 182 -46.13 38.94 -25.36
CA ASP G 182 -46.11 38.69 -23.93
C ASP G 182 -44.72 38.29 -23.47
N LYS G 183 -44.03 37.53 -24.33
CA LYS G 183 -42.67 37.09 -24.04
C LYS G 183 -41.79 38.30 -23.73
N ASP G 184 -41.96 39.37 -24.48
CA ASP G 184 -41.17 40.56 -24.25
C ASP G 184 -41.62 41.20 -22.94
N GLN G 185 -42.93 41.25 -22.74
CA GLN G 185 -43.50 41.79 -21.52
C GLN G 185 -42.97 41.21 -20.22
N ILE G 186 -42.97 39.88 -20.13
CA ILE G 186 -42.50 39.22 -18.93
C ILE G 186 -41.03 39.54 -18.85
N PHE G 187 -40.39 39.47 -20.00
CA PHE G 187 -38.98 39.73 -20.07
C PHE G 187 -38.45 41.10 -19.68
N LEU G 188 -39.19 42.14 -20.01
CA LEU G 188 -38.74 43.47 -19.71
C LEU G 188 -39.06 43.86 -18.29
N TYR G 189 -40.28 43.58 -17.89
CA TYR G 189 -40.84 44.14 -16.68
C TYR G 189 -41.10 43.11 -15.60
N ALA G 190 -40.79 41.85 -15.91
CA ALA G 190 -40.89 40.76 -14.94
C ALA G 190 -42.30 40.55 -14.39
N GLN G 191 -43.29 41.06 -15.11
CA GLN G 191 -44.68 40.81 -14.78
C GLN G 191 -45.60 41.06 -15.96
N SER G 192 -46.73 40.36 -15.97
CA SER G 192 -47.57 40.23 -17.16
C SER G 192 -48.21 41.52 -17.61
N SER G 193 -48.46 42.42 -16.67
CA SER G 193 -49.20 43.62 -16.97
C SER G 193 -48.60 44.79 -16.24
N GLY G 194 -48.16 45.78 -17.01
CA GLY G 194 -47.61 46.99 -16.44
C GLY G 194 -48.74 47.99 -16.27
N ARG G 195 -48.47 49.07 -15.56
CA ARG G 195 -49.48 50.08 -15.38
C ARG G 195 -48.78 51.38 -14.99
N ILE G 196 -49.22 52.49 -15.56
CA ILE G 196 -48.57 53.78 -15.32
C ILE G 196 -49.55 54.87 -14.94
N THR G 197 -49.32 55.54 -13.82
CA THR G 197 -50.07 56.74 -13.49
C THR G 197 -49.14 57.92 -13.22
N VAL G 198 -49.34 59.00 -13.97
CA VAL G 198 -48.57 60.24 -13.79
C VAL G 198 -49.52 61.36 -13.41
N SER G 199 -49.31 61.94 -12.24
CA SER G 199 -50.21 62.95 -11.71
C SER G 199 -49.52 64.21 -11.18
N THR G 200 -50.30 65.29 -11.08
CA THR G 200 -49.90 66.48 -10.34
C THR G 200 -51.04 66.79 -9.40
N LYS G 201 -51.01 67.97 -8.77
CA LYS G 201 -52.12 68.39 -7.93
C LYS G 201 -53.33 68.70 -8.79
N ARG G 202 -53.07 69.09 -10.03
CA ARG G 202 -54.13 69.55 -10.92
C ARG G 202 -54.37 68.67 -12.14
N SER G 203 -53.81 67.48 -12.15
CA SER G 203 -54.00 66.59 -13.30
C SER G 203 -53.67 65.13 -13.04
N GLN G 204 -54.20 64.25 -13.89
CA GLN G 204 -53.89 62.82 -13.81
C GLN G 204 -53.96 62.18 -15.20
N GLN G 205 -52.97 61.37 -15.54
CA GLN G 205 -52.93 60.69 -16.83
C GLN G 205 -52.64 59.21 -16.66
N ALA G 206 -53.64 58.37 -16.88
CA ALA G 206 -53.48 56.93 -16.67
C ALA G 206 -53.44 56.17 -17.99
N VAL G 207 -52.40 55.37 -18.18
CA VAL G 207 -52.19 54.64 -19.43
C VAL G 207 -51.91 53.15 -19.22
N ILE G 208 -52.60 52.31 -19.97
CA ILE G 208 -52.37 50.87 -19.94
C ILE G 208 -51.60 50.46 -21.18
N PRO G 209 -50.43 49.84 -20.99
CA PRO G 209 -49.60 49.36 -22.09
C PRO G 209 -50.39 48.34 -22.91
N ASN G 210 -50.20 48.35 -24.22
CA ASN G 210 -50.84 47.40 -25.10
C ASN G 210 -49.91 46.46 -25.82
N ILE G 211 -49.87 45.23 -25.31
CA ILE G 211 -49.03 44.21 -25.86
C ILE G 211 -49.68 43.69 -27.16
N GLY G 212 -48.88 43.53 -28.20
CA GLY G 212 -49.38 43.09 -29.48
C GLY G 212 -48.46 43.57 -30.58
N SER G 213 -48.50 42.87 -31.71
CA SER G 213 -47.65 43.24 -32.82
C SER G 213 -48.29 44.38 -33.58
N ARG G 214 -47.48 45.38 -33.91
CA ARG G 214 -47.84 46.40 -34.88
C ARG G 214 -46.98 46.14 -36.11
N PRO G 215 -47.41 46.66 -37.28
CA PRO G 215 -46.55 46.58 -38.47
C PRO G 215 -45.15 47.06 -38.15
N ARG G 216 -44.16 46.25 -38.50
CA ARG G 216 -42.79 46.54 -38.09
C ARG G 216 -42.26 47.83 -38.71
N ILE G 217 -41.57 48.63 -37.91
CA ILE G 217 -40.91 49.84 -38.39
C ILE G 217 -39.43 49.67 -38.15
N ARG G 218 -38.64 49.70 -39.21
CA ARG G 218 -37.21 49.44 -39.12
C ARG G 218 -36.97 48.14 -38.35
N ASN G 219 -37.78 47.15 -38.69
CA ASN G 219 -37.77 45.81 -38.10
C ASN G 219 -38.30 45.72 -36.66
N ILE G 220 -38.99 46.76 -36.19
CA ILE G 220 -39.51 46.76 -34.83
C ILE G 220 -41.04 46.75 -34.79
N PRO G 221 -41.62 45.68 -34.21
CA PRO G 221 -43.08 45.50 -34.09
C PRO G 221 -43.69 46.16 -32.86
N SER G 222 -42.85 46.52 -31.90
CA SER G 222 -43.33 47.15 -30.68
C SER G 222 -43.44 48.65 -30.89
N ARG G 223 -43.93 49.36 -29.88
CA ARG G 223 -44.09 50.80 -29.97
C ARG G 223 -43.89 51.47 -28.62
N ILE G 224 -43.61 52.77 -28.66
CA ILE G 224 -43.65 53.63 -27.49
C ILE G 224 -44.68 54.73 -27.73
N SER G 225 -45.54 54.99 -26.76
CA SER G 225 -46.47 56.12 -26.89
C SER G 225 -45.97 57.28 -26.05
N ILE G 226 -45.91 58.47 -26.64
CA ILE G 226 -45.33 59.61 -25.96
C ILE G 226 -46.39 60.53 -25.34
N TYR G 227 -46.16 60.94 -24.09
CA TYR G 227 -47.07 61.84 -23.38
C TYR G 227 -46.30 63.02 -22.80
N TRP G 228 -47.01 64.08 -22.42
CA TRP G 228 -46.39 65.23 -21.76
C TRP G 228 -47.21 65.73 -20.59
N THR G 229 -46.55 66.39 -19.66
CA THR G 229 -47.23 66.91 -18.49
C THR G 229 -46.59 68.21 -18.06
N ILE G 230 -47.42 69.23 -17.86
CA ILE G 230 -46.89 70.50 -17.37
C ILE G 230 -47.09 70.63 -15.86
N VAL G 231 -46.02 71.00 -15.16
CA VAL G 231 -46.03 71.15 -13.71
C VAL G 231 -45.72 72.56 -13.25
N LYS G 232 -46.68 73.19 -12.55
CA LYS G 232 -46.51 74.55 -12.05
C LYS G 232 -45.63 74.58 -10.79
N PRO G 233 -45.06 75.76 -10.47
CA PRO G 233 -44.36 75.99 -9.20
C PRO G 233 -45.28 75.71 -8.01
N GLY G 234 -44.78 74.98 -7.02
CA GLY G 234 -45.58 74.67 -5.84
C GLY G 234 -46.28 73.35 -6.02
N ASP G 235 -46.23 72.83 -7.25
CA ASP G 235 -46.85 71.55 -7.57
C ASP G 235 -45.78 70.46 -7.60
N ILE G 236 -46.20 69.21 -7.74
CA ILE G 236 -45.29 68.07 -7.62
C ILE G 236 -45.62 67.04 -8.70
N LEU G 237 -44.60 66.55 -9.39
CA LEU G 237 -44.78 65.42 -10.31
C LEU G 237 -44.77 64.12 -9.54
N LEU G 238 -45.80 63.29 -9.75
CA LEU G 238 -45.82 61.95 -9.18
C LEU G 238 -46.02 60.85 -10.21
N ILE G 239 -45.10 59.90 -10.24
CA ILE G 239 -45.16 58.78 -11.17
C ILE G 239 -45.38 57.50 -10.36
N ASN G 240 -46.47 56.79 -10.63
CA ASN G 240 -46.73 55.51 -9.96
C ASN G 240 -46.73 54.51 -11.12
N SER G 241 -45.81 53.56 -11.09
CA SER G 241 -45.71 52.56 -12.16
C SER G 241 -45.33 51.16 -11.72
N THR G 242 -45.91 50.18 -12.41
CA THR G 242 -45.59 48.77 -12.20
C THR G 242 -44.97 48.13 -13.44
N GLY G 243 -44.51 48.94 -14.37
CA GLY G 243 -43.89 48.43 -15.60
C GLY G 243 -44.10 49.33 -16.80
N ASN G 244 -43.28 49.15 -17.83
CA ASN G 244 -43.50 49.79 -19.12
C ASN G 244 -43.32 51.30 -19.09
N LEU G 245 -42.78 51.83 -18.00
CA LEU G 245 -42.55 53.26 -17.94
C LEU G 245 -41.30 53.65 -18.69
N ILE G 246 -41.47 54.62 -19.59
CA ILE G 246 -40.36 55.29 -20.24
C ILE G 246 -40.22 56.62 -19.52
N ALA G 247 -39.20 56.71 -18.68
CA ALA G 247 -39.10 57.77 -17.71
C ALA G 247 -38.49 59.05 -18.26
N PRO G 248 -38.94 60.20 -17.76
CA PRO G 248 -38.28 61.45 -18.11
C PRO G 248 -36.95 61.51 -17.38
N ARG G 249 -35.97 62.20 -17.95
CA ARG G 249 -34.67 62.31 -17.31
C ARG G 249 -34.56 63.66 -16.62
N GLY G 250 -35.61 64.46 -16.75
CA GLY G 250 -35.63 65.81 -16.24
C GLY G 250 -36.75 66.52 -16.95
N TYR G 251 -36.65 67.84 -17.02
CA TYR G 251 -37.71 68.64 -17.62
C TYR G 251 -37.12 69.58 -18.65
N PHE G 252 -37.95 70.01 -19.59
CA PHE G 252 -37.61 71.09 -20.47
C PHE G 252 -38.12 72.38 -19.84
N LYS G 253 -37.37 73.47 -20.00
CA LYS G 253 -37.87 74.77 -19.60
C LYS G 253 -38.92 75.17 -20.61
N ILE G 254 -39.95 75.88 -20.16
CA ILE G 254 -40.98 76.35 -21.06
C ILE G 254 -41.14 77.86 -20.99
N ARG G 255 -41.06 78.46 -22.17
CA ARG G 255 -41.09 79.90 -22.26
C ARG G 255 -42.33 80.31 -23.04
N SER G 256 -42.60 81.61 -23.09
CA SER G 256 -43.61 82.14 -23.98
C SER G 256 -42.97 83.23 -24.82
N GLY G 257 -43.39 83.36 -26.07
CA GLY G 257 -42.79 84.37 -26.91
C GLY G 257 -43.13 84.29 -28.38
N LYS G 258 -42.26 84.84 -29.21
CA LYS G 258 -42.58 85.05 -30.61
C LYS G 258 -42.17 83.87 -31.47
N SER G 259 -41.88 82.74 -30.84
CA SER G 259 -41.33 81.61 -31.57
C SER G 259 -42.41 80.84 -32.34
N SER G 260 -42.00 80.15 -33.41
CA SER G 260 -42.91 79.32 -34.20
C SER G 260 -42.16 78.21 -34.94
N ILE G 261 -42.87 77.52 -35.84
CA ILE G 261 -42.29 76.43 -36.60
C ILE G 261 -42.86 76.47 -38.01
N MET G 262 -42.06 76.09 -38.99
CA MET G 262 -42.53 76.11 -40.36
C MET G 262 -42.02 74.93 -41.17
N ARG G 263 -42.89 74.41 -42.02
CA ARG G 263 -42.48 73.35 -42.93
C ARG G 263 -42.07 74.01 -44.25
N SER G 264 -40.84 73.78 -44.69
CA SER G 264 -40.34 74.42 -45.90
C SER G 264 -39.12 73.67 -46.38
N ASP G 265 -38.94 73.63 -47.70
CA ASP G 265 -37.74 73.05 -48.27
C ASP G 265 -36.84 74.11 -48.92
N ALA G 266 -37.12 75.37 -48.63
CA ALA G 266 -36.32 76.46 -49.20
C ALA G 266 -34.98 76.48 -48.48
N PRO G 267 -33.89 76.68 -49.22
CA PRO G 267 -32.58 76.75 -48.57
C PRO G 267 -32.47 77.96 -47.66
N ILE G 268 -31.62 77.88 -46.63
CA ILE G 268 -31.37 79.03 -45.78
C ILE G 268 -30.28 79.86 -46.42
N GLY G 269 -30.51 81.16 -46.51
CA GLY G 269 -29.53 82.06 -47.07
C GLY G 269 -28.94 83.00 -46.03
N LYS G 270 -27.76 83.51 -46.33
CA LYS G 270 -27.14 84.55 -45.51
C LYS G 270 -27.63 85.91 -46.02
N CYS G 271 -28.77 86.37 -45.51
CA CYS G 271 -29.38 87.61 -45.97
C CYS G 271 -30.33 88.13 -44.92
N ASN G 272 -30.94 89.29 -45.19
CA ASN G 272 -31.75 89.95 -44.19
C ASN G 272 -33.15 90.30 -44.72
N SER G 273 -34.16 89.66 -44.14
CA SER G 273 -35.56 89.88 -44.51
C SER G 273 -36.53 89.60 -43.36
N GLU G 274 -37.43 90.54 -43.07
CA GLU G 274 -38.35 90.40 -41.94
C GLU G 274 -39.38 89.30 -42.14
N CYS G 275 -39.84 89.12 -43.37
CA CYS G 275 -40.96 88.24 -43.62
C CYS G 275 -40.57 86.91 -44.27
N ILE G 276 -40.93 85.82 -43.62
CA ILE G 276 -40.65 84.49 -44.11
C ILE G 276 -41.93 83.74 -44.52
N THR G 277 -41.90 83.08 -45.66
CA THR G 277 -42.95 82.15 -46.06
C THR G 277 -42.24 80.84 -46.42
N PRO G 278 -43.00 79.74 -46.56
CA PRO G 278 -42.36 78.48 -46.94
C PRO G 278 -41.65 78.51 -48.28
N ASN G 279 -42.04 79.46 -49.13
CA ASN G 279 -41.42 79.57 -50.43
C ASN G 279 -40.07 80.28 -50.34
N GLY G 280 -39.81 80.90 -49.19
CA GLY G 280 -38.64 81.76 -49.05
C GLY G 280 -39.04 83.10 -48.46
N SER G 281 -38.05 83.91 -48.10
CA SER G 281 -38.34 85.25 -47.61
C SER G 281 -38.91 86.14 -48.73
N ILE G 282 -39.76 87.08 -48.37
CA ILE G 282 -40.35 88.02 -49.34
C ILE G 282 -40.25 89.45 -48.82
N PRO G 283 -40.07 90.41 -49.75
CA PRO G 283 -40.08 91.83 -49.36
C PRO G 283 -41.40 92.20 -48.70
N ASN G 284 -41.37 93.17 -47.80
CA ASN G 284 -42.55 93.56 -47.05
C ASN G 284 -42.98 95.02 -47.25
N ASP G 285 -42.59 95.60 -48.37
CA ASP G 285 -42.98 96.97 -48.71
C ASP G 285 -44.46 97.10 -49.05
N LYS G 286 -44.96 96.09 -49.75
CA LYS G 286 -46.34 96.08 -50.22
C LYS G 286 -47.30 95.65 -49.11
N PRO G 287 -48.55 96.10 -49.19
CA PRO G 287 -49.49 95.76 -48.12
C PRO G 287 -50.07 94.35 -48.27
N PHE G 288 -50.00 93.79 -49.46
CA PHE G 288 -50.57 92.47 -49.71
C PHE G 288 -49.58 91.54 -50.41
N GLN G 289 -49.90 90.25 -50.42
CA GLN G 289 -49.02 89.27 -51.05
C GLN G 289 -49.83 88.02 -51.37
N ASN G 290 -49.42 87.31 -52.41
CA ASN G 290 -50.09 86.09 -52.81
C ASN G 290 -49.09 84.91 -52.92
N VAL G 291 -48.02 85.00 -52.14
CA VAL G 291 -46.94 84.00 -52.15
C VAL G 291 -47.32 82.76 -51.34
N ASN G 292 -47.76 82.97 -50.10
CA ASN G 292 -48.14 81.86 -49.24
C ASN G 292 -49.02 82.33 -48.10
N ARG G 293 -50.02 81.54 -47.78
CA ARG G 293 -50.88 81.85 -46.65
C ARG G 293 -50.19 81.61 -45.32
N ILE G 294 -49.10 80.84 -45.36
CA ILE G 294 -48.29 80.61 -44.18
C ILE G 294 -47.20 81.67 -44.11
N THR G 295 -47.18 82.45 -43.03
CA THR G 295 -46.18 83.48 -42.89
C THR G 295 -45.66 83.66 -41.46
N TYR G 296 -44.49 84.29 -41.34
CA TYR G 296 -43.90 84.62 -40.04
C TYR G 296 -43.15 85.94 -40.12
N GLY G 297 -43.39 86.85 -39.18
CA GLY G 297 -42.66 88.11 -39.17
C GLY G 297 -43.51 89.27 -39.67
N ALA G 298 -42.88 90.40 -39.98
CA ALA G 298 -43.64 91.55 -40.46
C ALA G 298 -43.95 91.31 -41.91
N CYS G 299 -45.16 90.85 -42.16
CA CYS G 299 -45.50 90.37 -43.49
C CYS G 299 -46.73 91.09 -44.02
N PRO G 300 -46.78 91.27 -45.34
CA PRO G 300 -48.02 91.67 -46.03
C PRO G 300 -49.09 90.62 -45.80
N ARG G 301 -50.34 91.04 -45.86
CA ARG G 301 -51.46 90.13 -45.65
C ARG G 301 -51.76 89.35 -46.91
N TYR G 302 -52.01 88.06 -46.76
CA TYR G 302 -52.30 87.20 -47.90
C TYR G 302 -53.66 87.49 -48.50
N VAL G 303 -53.67 87.64 -49.83
CA VAL G 303 -54.91 87.80 -50.58
C VAL G 303 -54.88 86.90 -51.80
N LYS G 304 -56.04 86.72 -52.42
CA LYS G 304 -56.20 85.84 -53.57
C LYS G 304 -55.77 86.47 -54.89
N GLN G 305 -55.79 87.79 -54.95
CA GLN G 305 -55.43 88.47 -56.19
C GLN G 305 -53.97 88.30 -56.50
N SER G 306 -53.67 88.14 -57.80
CA SER G 306 -52.31 88.05 -58.27
C SER G 306 -51.77 89.44 -58.55
N THR G 307 -52.67 90.41 -58.60
CA THR G 307 -52.32 91.80 -58.89
C THR G 307 -53.42 92.78 -58.47
N LEU G 308 -53.00 93.89 -57.88
CA LEU G 308 -53.91 94.99 -57.58
C LEU G 308 -53.20 96.30 -57.85
N LYS G 309 -53.60 97.04 -58.88
CA LYS G 309 -52.82 98.21 -59.24
C LYS G 309 -53.45 99.48 -58.67
N LEU G 310 -52.68 100.18 -57.86
CA LEU G 310 -53.08 101.44 -57.26
C LEU G 310 -52.59 102.62 -58.08
N ALA G 311 -53.51 103.43 -58.58
CA ALA G 311 -53.13 104.63 -59.31
C ALA G 311 -52.24 105.55 -58.47
N THR G 312 -51.15 106.04 -59.06
CA THR G 312 -50.30 107.02 -58.40
C THR G 312 -50.14 108.23 -59.32
N GLY G 313 -51.11 108.40 -60.21
CA GLY G 313 -51.12 109.49 -61.16
C GLY G 313 -52.53 109.70 -61.66
N MET G 314 -52.73 110.75 -62.44
CA MET G 314 -54.06 111.06 -62.92
C MET G 314 -54.43 110.15 -64.09
N ARG G 315 -55.68 110.24 -64.54
CA ARG G 315 -56.11 109.55 -65.74
C ARG G 315 -55.27 109.97 -66.95
N ASN G 316 -54.88 109.02 -67.80
CA ASN G 316 -54.05 109.34 -68.96
C ASN G 316 -54.82 109.53 -70.27
N VAL G 317 -54.67 110.72 -70.87
CA VAL G 317 -55.44 111.06 -72.04
C VAL G 317 -54.45 111.55 -73.09
N PRO G 318 -53.90 110.61 -73.87
CA PRO G 318 -52.80 110.84 -74.83
C PRO G 318 -53.22 111.63 -76.08
N GLU G 319 -52.24 112.19 -76.81
CA GLU G 319 -52.52 113.01 -77.99
C GLU G 319 -53.35 112.23 -79.02
N GLY H 1 -62.48 112.63 -63.22
CA GLY H 1 -63.66 112.52 -64.06
C GLY H 1 -64.82 113.36 -63.58
N ILE H 2 -64.99 113.41 -62.27
CA ILE H 2 -66.19 113.97 -61.65
C ILE H 2 -66.32 115.49 -61.75
N PHE H 3 -65.20 116.18 -61.93
CA PHE H 3 -65.20 117.62 -62.13
C PHE H 3 -65.27 118.02 -63.60
N GLY H 4 -64.80 117.13 -64.47
CA GLY H 4 -65.02 117.29 -65.89
C GLY H 4 -63.95 118.10 -66.58
N ALA H 5 -62.80 118.26 -65.94
CA ALA H 5 -61.69 118.96 -66.58
C ALA H 5 -60.81 117.96 -67.33
N ILE H 6 -60.12 117.11 -66.59
CA ILE H 6 -59.29 116.08 -67.19
C ILE H 6 -60.17 115.03 -67.87
N ALA H 7 -59.88 114.75 -69.14
CA ALA H 7 -60.74 113.92 -69.97
C ALA H 7 -62.13 114.52 -70.15
N GLY H 8 -62.22 115.84 -70.03
CA GLY H 8 -63.49 116.54 -70.09
C GLY H 8 -63.34 117.74 -71.01
N PHE H 9 -63.47 118.95 -70.48
CA PHE H 9 -63.37 120.11 -71.34
C PHE H 9 -61.93 120.33 -71.80
N ILE H 10 -60.99 119.77 -71.04
CA ILE H 10 -59.62 119.64 -71.53
C ILE H 10 -59.63 118.38 -72.38
N GLU H 11 -59.45 118.53 -73.68
CA GLU H 11 -59.61 117.41 -74.61
C GLU H 11 -58.66 116.26 -74.32
N ASN H 12 -57.40 116.61 -74.07
CA ASN H 12 -56.36 115.65 -73.70
C ASN H 12 -55.18 116.27 -72.98
N GLY H 13 -54.26 115.42 -72.51
CA GLY H 13 -53.06 115.89 -71.85
C GLY H 13 -51.91 116.21 -72.80
N TRP H 14 -50.84 116.77 -72.25
CA TRP H 14 -49.68 117.17 -73.04
C TRP H 14 -48.47 116.29 -72.69
N GLU H 15 -48.08 115.41 -73.61
CA GLU H 15 -46.97 114.47 -73.37
C GLU H 15 -45.60 115.15 -73.35
N GLY H 16 -45.52 116.32 -73.98
CA GLY H 16 -44.28 117.06 -74.03
C GLY H 16 -44.04 117.86 -72.78
N MET H 17 -44.99 117.78 -71.84
CA MET H 17 -44.78 118.39 -70.54
C MET H 17 -44.23 117.32 -69.61
N VAL H 18 -42.91 117.34 -69.47
CA VAL H 18 -42.19 116.30 -68.74
C VAL H 18 -41.67 116.86 -67.44
N ASP H 19 -41.99 118.13 -67.21
CA ASP H 19 -41.56 118.81 -66.00
C ASP H 19 -42.68 119.25 -65.05
N GLY H 20 -43.88 118.70 -65.24
CA GLY H 20 -44.97 118.91 -64.30
C GLY H 20 -46.24 118.16 -64.66
N TRP H 21 -47.20 118.15 -63.75
CA TRP H 21 -48.44 117.43 -63.99
C TRP H 21 -49.45 118.41 -64.55
N TYR H 22 -49.26 119.67 -64.19
CA TYR H 22 -50.13 120.72 -64.64
C TYR H 22 -49.29 121.87 -65.14
N GLY H 23 -49.83 122.67 -66.04
CA GLY H 23 -49.10 123.82 -66.53
C GLY H 23 -49.87 124.67 -67.51
N PHE H 24 -49.15 125.54 -68.21
CA PHE H 24 -49.75 126.56 -69.05
C PHE H 24 -49.15 126.45 -70.43
N ARG H 25 -49.98 126.50 -71.46
CA ARG H 25 -49.47 126.76 -72.80
C ARG H 25 -50.06 128.08 -73.29
N HIS H 26 -49.24 128.91 -73.91
CA HIS H 26 -49.72 130.21 -74.38
C HIS H 26 -49.30 130.43 -75.83
N GLN H 27 -49.98 131.37 -76.49
CA GLN H 27 -49.52 131.92 -77.76
C GLN H 27 -49.70 133.44 -77.66
N ASN H 28 -48.68 134.20 -78.01
CA ASN H 28 -48.76 135.67 -77.98
C ASN H 28 -47.95 136.33 -79.09
N SER H 29 -47.75 137.64 -78.98
CA SER H 29 -47.07 138.34 -80.05
C SER H 29 -45.59 137.93 -80.11
N GLU H 30 -45.09 137.28 -79.05
CA GLU H 30 -43.69 136.88 -79.06
C GLU H 30 -43.57 135.41 -79.40
N GLY H 31 -44.71 134.73 -79.49
CA GLY H 31 -44.67 133.31 -79.76
C GLY H 31 -45.65 132.43 -79.03
N ARG H 32 -45.34 131.15 -78.96
CA ARG H 32 -46.16 130.19 -78.23
C ARG H 32 -45.26 129.27 -77.41
N GLY H 33 -45.71 128.98 -76.18
CA GLY H 33 -44.88 128.30 -75.18
C GLY H 33 -45.59 127.45 -74.15
N GLN H 34 -44.80 126.84 -73.26
CA GLN H 34 -45.32 125.90 -72.27
C GLN H 34 -44.51 126.07 -70.99
N ALA H 35 -45.18 125.98 -69.84
CA ALA H 35 -44.54 126.06 -68.53
C ALA H 35 -45.31 125.24 -67.51
N ALA H 36 -44.62 124.45 -66.71
CA ALA H 36 -45.32 123.70 -65.67
C ALA H 36 -45.73 124.64 -64.54
N ASP H 37 -46.85 124.33 -63.89
CA ASP H 37 -47.28 125.01 -62.68
C ASP H 37 -46.89 124.14 -61.49
N LEU H 38 -46.00 124.66 -60.64
CA LEU H 38 -45.43 123.89 -59.54
C LEU H 38 -46.43 123.57 -58.42
N LYS H 39 -47.23 124.57 -58.03
CA LYS H 39 -48.11 124.43 -56.87
C LYS H 39 -49.21 123.37 -57.04
N SER H 40 -49.88 123.37 -58.18
CA SER H 40 -50.90 122.35 -58.46
C SER H 40 -50.34 120.94 -58.59
N THR H 41 -49.22 120.80 -59.29
CA THR H 41 -48.54 119.51 -59.44
C THR H 41 -48.17 118.88 -58.09
N GLN H 42 -47.54 119.68 -57.24
CA GLN H 42 -47.08 119.22 -55.92
C GLN H 42 -48.24 118.83 -55.03
N ALA H 43 -49.36 119.55 -55.17
CA ALA H 43 -50.56 119.32 -54.37
C ALA H 43 -51.09 117.92 -54.65
N ALA H 44 -51.08 117.55 -55.93
CA ALA H 44 -51.55 116.26 -56.38
C ALA H 44 -50.61 115.19 -55.85
N ILE H 45 -49.30 115.45 -56.01
CA ILE H 45 -48.27 114.53 -55.55
C ILE H 45 -48.34 114.27 -54.05
N ASP H 46 -48.55 115.33 -53.26
CA ASP H 46 -48.59 115.19 -51.80
C ASP H 46 -49.74 114.29 -51.38
N GLN H 47 -50.87 114.44 -52.06
CA GLN H 47 -52.05 113.65 -51.72
C GLN H 47 -51.85 112.18 -52.10
N ILE H 48 -51.26 111.91 -53.26
CA ILE H 48 -50.99 110.53 -53.66
C ILE H 48 -49.95 109.85 -52.77
N ASN H 49 -48.91 110.59 -52.40
CA ASN H 49 -47.89 110.07 -51.48
C ASN H 49 -48.49 109.82 -50.09
N GLY H 50 -49.48 110.62 -49.73
CA GLY H 50 -50.23 110.43 -48.50
C GLY H 50 -50.95 109.09 -48.44
N LYS H 51 -51.56 108.71 -49.57
CA LYS H 51 -52.16 107.39 -49.71
C LYS H 51 -51.11 106.30 -49.60
N LEU H 52 -50.00 106.51 -50.28
CA LEU H 52 -48.89 105.57 -50.28
C LEU H 52 -48.28 105.38 -48.90
N ASN H 53 -48.13 106.47 -48.14
CA ASN H 53 -47.58 106.40 -46.79
C ASN H 53 -48.39 105.50 -45.85
N ARG H 54 -49.70 105.44 -46.06
CA ARG H 54 -50.57 104.57 -45.28
C ARG H 54 -50.47 103.11 -45.70
N LEU H 55 -50.07 102.89 -46.95
CA LEU H 55 -50.16 101.56 -47.54
C LEU H 55 -48.81 100.84 -47.69
N ILE H 56 -47.74 101.58 -47.90
CA ILE H 56 -46.47 100.95 -48.20
C ILE H 56 -45.61 100.88 -46.94
N GLY H 57 -45.10 99.69 -46.64
CA GLY H 57 -44.20 99.52 -45.52
C GLY H 57 -44.87 99.57 -44.15
N LYS H 58 -46.13 99.13 -44.09
CA LYS H 58 -46.93 99.27 -42.88
C LYS H 58 -47.51 97.93 -42.44
N THR H 59 -46.79 96.86 -42.80
CA THR H 59 -47.28 95.50 -42.60
C THR H 59 -47.33 95.13 -41.14
N ASN H 60 -48.14 94.13 -40.82
CA ASN H 60 -48.31 93.71 -39.45
C ASN H 60 -47.48 92.46 -39.14
N GLU H 61 -46.82 92.47 -37.98
CA GLU H 61 -46.03 91.31 -37.55
C GLU H 61 -46.96 90.26 -36.93
N LYS H 62 -46.86 89.03 -37.43
CA LYS H 62 -47.54 87.90 -36.84
C LYS H 62 -46.55 86.75 -36.63
N PHE H 63 -46.81 85.93 -35.60
CA PHE H 63 -45.86 84.88 -35.23
C PHE H 63 -46.46 83.48 -35.29
N HIS H 64 -46.63 82.84 -34.13
CA HIS H 64 -47.28 81.54 -34.12
C HIS H 64 -48.77 81.64 -34.40
N GLN H 65 -49.22 80.79 -35.30
CA GLN H 65 -50.59 80.83 -35.77
C GLN H 65 -51.20 79.44 -35.70
N ILE H 66 -51.94 79.10 -36.74
CA ILE H 66 -52.46 77.75 -36.87
C ILE H 66 -51.80 77.12 -38.10
N GLU H 67 -51.80 75.79 -38.18
CA GLU H 67 -51.36 75.13 -39.38
C GLU H 67 -52.41 75.36 -40.46
N LYS H 68 -51.97 75.33 -41.71
CA LYS H 68 -52.82 75.72 -42.82
C LYS H 68 -52.69 74.72 -43.95
N GLU H 69 -51.86 73.71 -43.73
CA GLU H 69 -51.74 72.59 -44.66
C GLU H 69 -51.73 71.31 -43.86
N PHE H 70 -52.27 70.26 -44.44
CA PHE H 70 -52.51 69.05 -43.68
C PHE H 70 -52.25 67.82 -44.54
N SER H 71 -51.54 66.86 -43.96
CA SER H 71 -51.15 65.65 -44.68
C SER H 71 -52.12 64.50 -44.44
N GLU H 72 -52.98 64.65 -43.42
CA GLU H 72 -53.96 63.63 -43.09
C GLU H 72 -55.40 64.16 -42.98
N VAL H 73 -56.37 63.31 -43.32
CA VAL H 73 -57.78 63.60 -43.12
C VAL H 73 -58.07 63.50 -41.63
N GLU H 74 -58.75 64.49 -41.05
CA GLU H 74 -59.00 64.48 -39.61
C GLU H 74 -60.43 64.80 -39.24
N GLY H 75 -61.17 65.44 -40.16
CA GLY H 75 -62.55 65.78 -39.89
C GLY H 75 -62.75 67.10 -39.17
N ARG H 76 -63.58 67.07 -38.14
CA ARG H 76 -64.17 68.26 -37.54
C ARG H 76 -63.18 69.37 -37.24
N ILE H 77 -62.08 69.02 -36.59
CA ILE H 77 -61.14 70.03 -36.17
C ILE H 77 -60.39 70.63 -37.36
N GLN H 78 -59.96 69.79 -38.29
CA GLN H 78 -59.27 70.26 -39.49
C GLN H 78 -60.16 71.12 -40.41
N ASP H 79 -61.43 70.76 -40.51
CA ASP H 79 -62.42 71.51 -41.25
C ASP H 79 -62.51 72.94 -40.74
N LEU H 80 -62.49 73.07 -39.41
CA LEU H 80 -62.62 74.37 -38.77
C LEU H 80 -61.40 75.23 -39.01
N GLU H 81 -60.22 74.64 -38.88
CA GLU H 81 -58.97 75.36 -39.17
C GLU H 81 -58.90 75.91 -40.61
N LYS H 82 -59.25 75.08 -41.59
CA LYS H 82 -59.27 75.52 -42.98
C LYS H 82 -60.31 76.59 -43.24
N TYR H 83 -61.50 76.40 -42.66
CA TYR H 83 -62.60 77.34 -42.87
C TYR H 83 -62.31 78.70 -42.25
N VAL H 84 -61.69 78.68 -41.07
CA VAL H 84 -61.29 79.91 -40.39
C VAL H 84 -60.35 80.69 -41.31
N GLU H 85 -59.38 79.99 -41.87
CA GLU H 85 -58.41 80.63 -42.74
C GLU H 85 -59.03 81.14 -44.04
N ASP H 86 -59.89 80.33 -44.67
CA ASP H 86 -60.56 80.77 -45.90
C ASP H 86 -61.40 82.01 -45.67
N THR H 87 -62.09 82.03 -44.53
CA THR H 87 -62.92 83.16 -44.15
C THR H 87 -62.04 84.40 -44.02
N LYS H 88 -60.89 84.25 -43.36
CA LYS H 88 -59.94 85.35 -43.16
C LYS H 88 -59.42 85.89 -44.48
N ILE H 89 -58.97 84.99 -45.34
CA ILE H 89 -58.35 85.37 -46.60
C ILE H 89 -59.31 86.10 -47.53
N ASP H 90 -60.56 85.63 -47.58
CA ASP H 90 -61.59 86.24 -48.42
C ASP H 90 -61.95 87.68 -48.02
N LEU H 91 -62.00 87.96 -46.72
CA LEU H 91 -62.32 89.29 -46.22
C LEU H 91 -61.21 90.27 -46.52
N TRP H 92 -59.98 89.79 -46.37
CA TRP H 92 -58.81 90.59 -46.71
C TRP H 92 -58.79 90.80 -48.21
N SER H 93 -59.15 89.76 -48.95
CA SER H 93 -59.22 89.88 -50.38
C SER H 93 -60.29 90.90 -50.74
N TYR H 94 -61.41 90.90 -50.03
CA TYR H 94 -62.41 91.95 -50.22
C TYR H 94 -61.94 93.34 -49.90
N ASN H 95 -61.31 93.46 -48.75
CA ASN H 95 -60.82 94.74 -48.28
C ASN H 95 -59.83 95.29 -49.31
N ALA H 96 -58.96 94.43 -49.82
CA ALA H 96 -57.93 94.86 -50.76
C ALA H 96 -58.58 95.34 -52.06
N GLU H 97 -59.58 94.60 -52.55
CA GLU H 97 -60.29 94.96 -53.78
C GLU H 97 -61.04 96.26 -53.63
N LEU H 98 -61.75 96.39 -52.52
CA LEU H 98 -62.52 97.59 -52.27
C LEU H 98 -61.55 98.75 -52.11
N LEU H 99 -60.44 98.52 -51.42
CA LEU H 99 -59.47 99.56 -51.16
C LEU H 99 -58.91 100.17 -52.44
N VAL H 100 -58.46 99.31 -53.35
CA VAL H 100 -57.84 99.75 -54.60
C VAL H 100 -58.80 100.46 -55.55
N ALA H 101 -60.01 99.89 -55.65
CA ALA H 101 -61.08 100.47 -56.46
C ALA H 101 -61.44 101.85 -55.93
N LEU H 102 -61.54 101.96 -54.61
CA LEU H 102 -61.88 103.23 -53.97
C LEU H 102 -60.78 104.28 -54.13
N GLU H 103 -59.54 103.89 -53.87
CA GLU H 103 -58.41 104.82 -54.00
C GLU H 103 -58.25 105.34 -55.40
N ASN H 104 -58.42 104.45 -56.37
CA ASN H 104 -58.22 104.80 -57.76
C ASN H 104 -59.28 105.79 -58.27
N GLN H 105 -60.54 105.57 -57.89
CA GLN H 105 -61.63 106.49 -58.26
C GLN H 105 -61.38 107.89 -57.72
N HIS H 106 -60.95 107.92 -56.47
CA HIS H 106 -60.73 109.15 -55.76
C HIS H 106 -59.50 109.88 -56.34
N THR H 107 -58.48 109.14 -56.73
CA THR H 107 -57.27 109.71 -57.32
C THR H 107 -57.48 110.39 -58.68
N ILE H 108 -58.26 109.78 -59.57
CA ILE H 108 -58.61 110.41 -60.83
C ILE H 108 -59.39 111.67 -60.53
N ASP H 109 -60.28 111.55 -59.55
CA ASP H 109 -61.11 112.67 -59.15
C ASP H 109 -60.33 113.78 -58.46
N LEU H 110 -59.35 113.42 -57.63
CA LEU H 110 -58.61 114.45 -56.92
C LEU H 110 -57.70 115.16 -57.91
N THR H 111 -57.21 114.40 -58.88
CA THR H 111 -56.35 114.94 -59.93
C THR H 111 -57.09 115.82 -60.93
N ASP H 112 -58.32 115.43 -61.25
CA ASP H 112 -59.23 116.22 -62.06
C ASP H 112 -59.49 117.54 -61.34
N SER H 113 -59.73 117.43 -60.03
CA SER H 113 -59.97 118.57 -59.16
C SER H 113 -58.84 119.61 -59.21
N GLU H 114 -57.60 119.17 -59.11
CA GLU H 114 -56.48 120.10 -59.10
C GLU H 114 -56.40 120.83 -60.43
N MET H 115 -56.71 120.11 -61.50
CA MET H 115 -56.76 120.70 -62.82
C MET H 115 -57.81 121.79 -62.90
N ASN H 116 -59.00 121.51 -62.38
CA ASN H 116 -60.09 122.47 -62.42
C ASN H 116 -59.77 123.72 -61.61
N LYS H 117 -59.18 123.52 -60.44
CA LYS H 117 -58.80 124.61 -59.55
C LYS H 117 -57.81 125.56 -60.21
N LEU H 118 -56.83 125.01 -60.93
CA LEU H 118 -55.81 125.82 -61.57
C LEU H 118 -56.48 126.64 -62.67
N PHE H 119 -57.39 126.00 -63.38
CA PHE H 119 -58.19 126.68 -64.38
C PHE H 119 -58.97 127.84 -63.78
N GLU H 120 -59.69 127.55 -62.70
CA GLU H 120 -60.49 128.54 -62.01
C GLU H 120 -59.69 129.72 -61.45
N LYS H 121 -58.55 129.43 -60.83
CA LYS H 121 -57.69 130.48 -60.28
C LYS H 121 -57.25 131.43 -61.37
N THR H 122 -56.79 130.86 -62.49
CA THR H 122 -56.34 131.62 -63.64
C THR H 122 -57.50 132.43 -64.16
N LYS H 123 -58.65 131.76 -64.28
CA LYS H 123 -59.86 132.39 -64.77
C LYS H 123 -60.23 133.63 -63.97
N LYS H 124 -60.21 133.52 -62.63
CA LYS H 124 -60.55 134.66 -61.78
C LYS H 124 -59.54 135.79 -61.93
N GLN H 125 -58.27 135.40 -62.03
CA GLN H 125 -57.17 136.34 -62.13
C GLN H 125 -57.32 137.28 -63.33
N LEU H 126 -57.78 136.73 -64.44
CA LEU H 126 -57.89 137.47 -65.68
C LEU H 126 -59.10 138.39 -65.63
N ARG H 127 -59.98 138.14 -64.67
CA ARG H 127 -61.13 138.99 -64.40
C ARG H 127 -61.92 139.19 -65.69
N GLU H 128 -62.07 140.45 -66.09
CA GLU H 128 -62.84 140.78 -67.28
C GLU H 128 -61.91 140.93 -68.47
N ASN H 129 -60.66 140.46 -68.31
CA ASN H 129 -59.64 140.68 -69.33
C ASN H 129 -59.53 139.49 -70.27
N ALA H 130 -60.30 138.44 -70.01
CA ALA H 130 -60.21 137.22 -70.80
C ALA H 130 -61.57 136.55 -70.87
N GLU H 131 -61.76 135.70 -71.89
CA GLU H 131 -62.96 134.87 -71.98
C GLU H 131 -62.63 133.38 -72.09
N ASP H 132 -63.49 132.55 -71.52
CA ASP H 132 -63.31 131.10 -71.51
C ASP H 132 -63.70 130.56 -72.89
N MET H 133 -62.74 129.96 -73.58
CA MET H 133 -63.00 129.44 -74.92
C MET H 133 -63.67 128.06 -74.85
N GLY H 134 -63.83 127.56 -73.63
CA GLY H 134 -64.55 126.32 -73.39
C GLY H 134 -63.73 125.05 -73.42
N ASN H 135 -62.46 125.15 -73.77
CA ASN H 135 -61.60 123.97 -73.90
C ASN H 135 -60.34 124.09 -73.05
N GLY H 136 -60.46 124.85 -71.97
CA GLY H 136 -59.34 125.13 -71.08
C GLY H 136 -58.44 126.29 -71.47
N CYS H 137 -58.71 126.89 -72.62
CA CYS H 137 -57.91 128.03 -73.08
C CYS H 137 -58.68 129.33 -72.86
N PHE H 138 -57.95 130.41 -72.58
CA PHE H 138 -58.53 131.75 -72.52
C PHE H 138 -58.02 132.60 -73.70
N LYS H 139 -58.91 133.30 -74.40
CA LYS H 139 -58.48 134.34 -75.33
C LYS H 139 -58.31 135.67 -74.61
N ILE H 140 -57.09 136.20 -74.61
CA ILE H 140 -56.79 137.46 -73.96
C ILE H 140 -56.85 138.59 -74.96
N TYR H 141 -57.72 139.55 -74.67
CA TYR H 141 -58.09 140.60 -75.60
C TYR H 141 -57.21 141.85 -75.48
N HIS H 142 -55.92 141.63 -75.22
CA HIS H 142 -54.95 142.71 -75.18
C HIS H 142 -53.57 142.12 -75.50
N LYS H 143 -52.62 142.97 -75.89
CA LYS H 143 -51.26 142.52 -76.12
C LYS H 143 -50.70 141.97 -74.82
N CYS H 144 -50.16 140.76 -74.89
CA CYS H 144 -49.69 140.10 -73.69
C CYS H 144 -48.41 139.34 -73.97
N ASP H 145 -47.28 140.02 -73.84
CA ASP H 145 -46.01 139.39 -74.13
C ASP H 145 -45.64 138.35 -73.07
N ASN H 146 -44.45 137.79 -73.16
CA ASN H 146 -44.04 136.72 -72.25
C ASN H 146 -44.03 137.12 -70.78
N ALA H 147 -43.61 138.34 -70.48
CA ALA H 147 -43.59 138.84 -69.11
C ALA H 147 -45.03 138.89 -68.62
N CYS H 148 -45.93 139.31 -69.50
CA CYS H 148 -47.36 139.35 -69.18
C CYS H 148 -47.87 137.96 -68.89
N ILE H 149 -47.58 137.03 -69.79
CA ILE H 149 -47.99 135.64 -69.62
C ILE H 149 -47.39 135.12 -68.32
N GLY H 150 -46.11 135.47 -68.12
CA GLY H 150 -45.37 135.09 -66.94
C GLY H 150 -46.03 135.64 -65.67
N SER H 151 -46.54 136.86 -65.78
CA SER H 151 -47.25 137.48 -64.67
C SER H 151 -48.50 136.71 -64.27
N ILE H 152 -49.19 136.14 -65.26
CA ILE H 152 -50.36 135.32 -64.99
C ILE H 152 -49.96 134.04 -64.23
N ARG H 153 -48.95 133.36 -64.74
CA ARG H 153 -48.46 132.13 -64.13
C ARG H 153 -47.93 132.33 -62.70
N ASN H 154 -47.31 133.49 -62.44
CA ASN H 154 -46.67 133.77 -61.14
C ASN H 154 -47.64 134.38 -60.13
N GLY H 155 -48.88 134.59 -60.57
CA GLY H 155 -49.91 135.17 -59.74
C GLY H 155 -49.71 136.63 -59.38
N THR H 156 -48.96 137.37 -60.20
CA THR H 156 -48.72 138.79 -59.97
C THR H 156 -49.28 139.70 -61.07
N TYR H 157 -50.05 139.12 -61.99
CA TYR H 157 -50.68 139.84 -63.09
C TYR H 157 -51.62 140.91 -62.53
N ASP H 158 -51.50 142.13 -63.02
CA ASP H 158 -52.35 143.23 -62.57
C ASP H 158 -53.45 143.54 -63.60
N HIS H 159 -54.66 143.05 -63.34
CA HIS H 159 -55.75 143.17 -64.33
C HIS H 159 -56.11 144.62 -64.67
N ASP H 160 -55.95 145.54 -63.72
CA ASP H 160 -56.32 146.94 -63.94
C ASP H 160 -55.49 147.60 -65.03
N VAL H 161 -54.26 147.13 -65.20
CA VAL H 161 -53.32 147.69 -66.17
C VAL H 161 -53.82 147.54 -67.61
N TYR H 162 -54.51 146.43 -67.88
CA TYR H 162 -54.90 146.08 -69.25
C TYR H 162 -56.39 146.26 -69.50
N ARG H 163 -57.13 146.63 -68.46
CA ARG H 163 -58.59 146.56 -68.50
C ARG H 163 -59.25 147.40 -69.58
N ASP H 164 -58.84 148.67 -69.69
CA ASP H 164 -59.39 149.56 -70.69
C ASP H 164 -59.15 148.95 -72.08
N GLU H 165 -57.92 148.51 -72.29
CA GLU H 165 -57.50 147.90 -73.56
C GLU H 165 -58.33 146.68 -73.90
N ALA H 166 -58.46 145.81 -72.90
CA ALA H 166 -59.17 144.55 -73.07
C ALA H 166 -60.65 144.76 -73.33
N LEU H 167 -61.25 145.67 -72.56
CA LEU H 167 -62.67 145.98 -72.68
C LEU H 167 -63.02 146.50 -74.06
N ASN H 168 -62.15 147.35 -74.60
CA ASN H 168 -62.35 147.90 -75.94
C ASN H 168 -62.41 146.76 -76.93
N ASN H 169 -61.54 145.78 -76.73
CA ASN H 169 -61.48 144.63 -77.60
C ASN H 169 -62.64 143.66 -77.46
N ARG H 170 -63.09 143.44 -76.23
CA ARG H 170 -64.17 142.47 -76.01
C ARG H 170 -65.45 143.01 -76.60
N PHE H 171 -65.71 144.29 -76.40
CA PHE H 171 -67.04 144.81 -76.63
C PHE H 171 -67.08 145.67 -77.88
N GLN H 172 -66.12 145.40 -78.75
CA GLN H 172 -66.09 145.94 -80.09
C GLN H 172 -67.30 145.39 -80.84
N ILE H 173 -67.62 145.99 -81.99
CA ILE H 173 -68.68 145.47 -82.87
C ILE H 173 -68.16 145.09 -84.25
N PRO I 3 -86.99 140.90 -76.53
CA PRO I 3 -87.39 139.52 -76.77
C PRO I 3 -86.34 138.50 -76.32
N GLY I 4 -85.55 137.97 -77.27
CA GLY I 4 -84.52 137.00 -76.94
C GLY I 4 -85.08 135.62 -76.66
N ALA I 5 -84.38 134.86 -75.84
CA ALA I 5 -84.83 133.51 -75.53
C ALA I 5 -84.37 133.08 -74.13
N THR I 6 -84.96 132.00 -73.64
CA THR I 6 -84.55 131.35 -72.39
C THR I 6 -84.25 129.88 -72.67
N LEU I 7 -83.17 129.36 -72.11
CA LEU I 7 -82.81 127.94 -72.24
C LEU I 7 -82.56 127.45 -70.82
N CYS I 8 -83.36 126.47 -70.38
CA CYS I 8 -83.23 125.97 -69.01
C CYS I 8 -82.67 124.56 -68.96
N LEU I 9 -81.78 124.34 -68.02
CA LEU I 9 -81.19 123.03 -67.82
C LEU I 9 -81.98 122.36 -66.73
N GLY I 10 -82.13 121.04 -66.87
CA GLY I 10 -82.86 120.26 -65.90
C GLY I 10 -82.52 118.80 -66.01
N HIS I 11 -83.19 118.00 -65.18
CA HIS I 11 -82.94 116.57 -65.08
C HIS I 11 -84.28 115.90 -64.89
N HIS I 12 -84.34 114.59 -65.08
CA HIS I 12 -85.63 113.92 -65.00
C HIS I 12 -86.06 113.68 -63.55
N ALA I 13 -87.30 113.26 -63.39
CA ALA I 13 -87.79 112.80 -62.09
C ALA I 13 -88.85 111.74 -62.33
N VAL I 14 -89.18 110.97 -61.30
CA VAL I 14 -90.23 109.98 -61.43
C VAL I 14 -91.29 110.15 -60.34
N PRO I 15 -92.52 109.67 -60.58
CA PRO I 15 -93.54 109.79 -59.53
C PRO I 15 -93.43 108.69 -58.47
N ASN I 16 -92.65 107.64 -58.75
CA ASN I 16 -92.55 106.53 -57.81
C ASN I 16 -91.09 106.23 -57.45
N GLY I 17 -90.46 107.16 -56.75
CA GLY I 17 -89.05 107.02 -56.40
C GLY I 17 -88.84 105.99 -55.31
N THR I 18 -87.59 105.63 -55.06
CA THR I 18 -87.32 104.67 -54.00
C THR I 18 -86.31 105.23 -53.00
N ILE I 19 -86.54 104.94 -51.73
CA ILE I 19 -85.70 105.43 -50.65
C ILE I 19 -84.53 104.46 -50.40
N VAL I 20 -83.32 104.99 -50.35
CA VAL I 20 -82.12 104.20 -50.03
C VAL I 20 -81.36 104.91 -48.90
N LYS I 21 -80.37 104.24 -48.30
CA LYS I 21 -79.56 104.88 -47.26
C LYS I 21 -78.22 105.29 -47.84
N THR I 22 -77.67 106.37 -47.29
CA THR I 22 -76.35 106.84 -47.67
C THR I 22 -75.52 107.18 -46.46
N ILE I 23 -74.30 107.65 -46.73
CA ILE I 23 -73.38 108.06 -45.70
C ILE I 23 -73.90 109.21 -44.82
N THR I 24 -74.67 110.14 -45.38
CA THR I 24 -75.06 111.30 -44.58
C THR I 24 -76.54 111.38 -44.26
N ASN I 25 -77.30 110.42 -44.77
CA ASN I 25 -78.73 110.46 -44.59
C ASN I 25 -79.29 109.05 -44.74
N ASP I 26 -80.09 108.61 -43.78
CA ASP I 26 -80.58 107.23 -43.82
C ASP I 26 -81.79 107.07 -44.76
N GLN I 27 -82.37 108.18 -45.22
CA GLN I 27 -83.53 108.15 -46.11
C GLN I 27 -83.54 109.26 -47.16
N ILE I 28 -83.06 108.95 -48.35
CA ILE I 28 -83.02 109.89 -49.46
C ILE I 28 -83.69 109.19 -50.66
N GLU I 29 -84.57 109.90 -51.36
CA GLU I 29 -85.29 109.29 -52.48
C GLU I 29 -84.55 109.42 -53.81
N VAL I 30 -84.40 108.30 -54.51
CA VAL I 30 -83.80 108.27 -55.85
C VAL I 30 -84.76 107.76 -56.92
N THR I 31 -84.38 107.87 -58.19
CA THR I 31 -85.30 107.53 -59.28
C THR I 31 -85.45 106.03 -59.45
N ASN I 32 -84.47 105.26 -58.97
CA ASN I 32 -84.48 103.81 -59.13
C ASN I 32 -83.43 103.21 -58.23
N ALA I 33 -83.62 101.96 -57.85
CA ALA I 33 -82.63 101.26 -57.04
C ALA I 33 -82.76 99.77 -57.32
N THR I 34 -81.80 98.99 -56.84
CA THR I 34 -81.85 97.53 -57.00
C THR I 34 -81.51 96.79 -55.70
N GLU I 35 -82.16 95.66 -55.50
CA GLU I 35 -82.02 94.94 -54.25
C GLU I 35 -80.76 94.09 -54.37
N LEU I 36 -79.89 94.17 -53.38
CA LEU I 36 -78.63 93.42 -53.40
C LEU I 36 -78.72 92.20 -52.50
N VAL I 37 -79.82 92.09 -51.77
CA VAL I 37 -80.06 90.95 -50.89
C VAL I 37 -81.16 90.03 -51.43
N GLN I 38 -80.78 88.81 -51.77
CA GLN I 38 -81.74 87.77 -52.16
C GLN I 38 -82.51 87.34 -50.93
N ASN I 39 -83.83 87.50 -50.99
CA ASN I 39 -84.66 87.26 -49.81
C ASN I 39 -85.62 86.08 -49.95
N SER I 40 -85.54 85.34 -51.05
CA SER I 40 -86.45 84.23 -51.27
C SER I 40 -85.80 83.01 -51.92
N SER I 41 -86.40 81.84 -51.72
CA SER I 41 -86.06 80.63 -52.46
C SER I 41 -87.31 80.07 -53.14
N ILE I 42 -87.13 79.25 -54.17
CA ILE I 42 -88.27 78.58 -54.82
C ILE I 42 -88.73 77.34 -54.03
N GLY I 43 -88.00 77.02 -52.96
CA GLY I 43 -88.44 75.99 -52.04
C GLY I 43 -88.05 74.57 -52.44
N GLU I 44 -87.31 74.43 -53.52
CA GLU I 44 -86.78 73.13 -53.92
C GLU I 44 -85.27 73.15 -54.22
N ILE I 45 -84.61 72.02 -54.01
CA ILE I 45 -83.19 71.90 -54.34
C ILE I 45 -83.08 71.37 -55.76
N CYS I 46 -82.59 72.21 -56.66
CA CYS I 46 -82.47 71.82 -58.06
C CYS I 46 -81.42 70.73 -58.29
N ASP I 47 -81.79 69.75 -59.12
CA ASP I 47 -80.93 68.59 -59.38
C ASP I 47 -79.78 68.86 -60.36
N SER I 48 -79.74 70.09 -60.87
CA SER I 48 -78.71 70.50 -61.82
C SER I 48 -78.18 71.87 -61.40
N PRO I 49 -76.90 72.13 -61.71
CA PRO I 49 -75.98 71.29 -62.47
C PRO I 49 -75.11 70.43 -61.54
N HIS I 50 -75.35 70.53 -60.23
CA HIS I 50 -74.60 69.71 -59.29
C HIS I 50 -75.29 68.37 -59.13
N GLN I 51 -74.51 67.33 -58.87
CA GLN I 51 -75.07 65.99 -58.69
C GLN I 51 -75.63 65.82 -57.28
N ILE I 52 -76.95 65.67 -57.18
CA ILE I 52 -77.60 65.57 -55.88
C ILE I 52 -77.87 64.10 -55.58
N LEU I 53 -77.60 63.68 -54.34
CA LEU I 53 -77.99 62.35 -53.91
C LEU I 53 -78.91 62.50 -52.68
N ASP I 54 -80.18 62.17 -52.85
CA ASP I 54 -81.16 62.27 -51.76
C ASP I 54 -81.07 61.05 -50.86
N GLY I 55 -80.69 61.27 -49.60
CA GLY I 55 -80.53 60.18 -48.65
C GLY I 55 -81.83 59.52 -48.26
N GLU I 56 -82.94 60.22 -48.47
CA GLU I 56 -84.25 59.71 -48.11
C GLU I 56 -84.30 59.25 -46.66
N ASN I 57 -84.52 57.95 -46.49
CA ASN I 57 -84.60 57.34 -45.17
C ASN I 57 -83.25 57.03 -44.51
N CYS I 58 -82.18 57.33 -45.25
CA CYS I 58 -80.84 56.91 -44.86
C CYS I 58 -79.94 58.09 -44.51
N THR I 59 -79.28 58.00 -43.36
CA THR I 59 -78.17 58.91 -43.06
C THR I 59 -76.98 58.49 -43.92
N LEU I 60 -76.00 59.37 -44.06
CA LEU I 60 -74.76 59.05 -44.78
C LEU I 60 -74.05 57.85 -44.18
N ILE I 61 -73.97 57.86 -42.86
CA ILE I 61 -73.32 56.78 -42.14
C ILE I 61 -74.03 55.45 -42.37
N ASP I 62 -75.35 55.49 -42.39
CA ASP I 62 -76.14 54.29 -42.67
C ASP I 62 -75.92 53.79 -44.10
N ALA I 63 -75.78 54.72 -45.04
CA ALA I 63 -75.49 54.35 -46.42
C ALA I 63 -74.08 53.80 -46.52
N LEU I 64 -73.18 54.37 -45.72
CA LEU I 64 -71.81 53.90 -45.65
C LEU I 64 -71.75 52.48 -45.13
N LEU I 65 -72.32 52.27 -43.95
CA LEU I 65 -72.28 50.97 -43.30
C LEU I 65 -73.04 49.88 -44.07
N GLY I 66 -74.13 50.27 -44.73
CA GLY I 66 -74.94 49.32 -45.48
C GLY I 66 -76.16 48.80 -44.73
N ASP I 67 -76.87 49.69 -44.03
CA ASP I 67 -78.19 49.38 -43.49
C ASP I 67 -79.00 48.93 -44.71
N PRO I 68 -79.70 47.79 -44.59
CA PRO I 68 -80.38 47.17 -45.73
C PRO I 68 -81.23 48.13 -46.54
N GLN I 69 -81.93 49.07 -45.92
CA GLN I 69 -82.74 49.99 -46.69
C GLN I 69 -81.89 50.99 -47.50
N CYS I 70 -80.57 51.00 -47.24
CA CYS I 70 -79.67 51.90 -47.95
C CYS I 70 -78.77 51.18 -48.96
N ASP I 71 -79.10 49.93 -49.27
CA ASP I 71 -78.28 49.13 -50.19
C ASP I 71 -78.21 49.75 -51.57
N GLY I 72 -79.26 50.47 -51.93
CA GLY I 72 -79.34 51.16 -53.21
C GLY I 72 -78.28 52.22 -53.37
N PHE I 73 -77.69 52.62 -52.25
CA PHE I 73 -76.72 53.71 -52.28
C PHE I 73 -75.32 53.20 -52.59
N GLN I 74 -75.15 51.89 -52.66
CA GLN I 74 -73.83 51.30 -52.81
C GLN I 74 -73.07 51.87 -54.02
N ASN I 75 -71.87 52.37 -53.75
CA ASN I 75 -70.89 52.79 -54.75
C ASN I 75 -71.27 54.06 -55.51
N LYS I 76 -72.34 54.73 -55.07
CA LYS I 76 -72.79 55.96 -55.73
C LYS I 76 -71.90 57.15 -55.32
N LYS I 77 -71.88 58.18 -56.15
CA LYS I 77 -71.14 59.40 -55.85
C LYS I 77 -72.12 60.55 -55.76
N TRP I 78 -71.64 61.68 -55.23
CA TRP I 78 -72.48 62.86 -55.14
C TRP I 78 -71.55 64.06 -55.06
N ASP I 79 -72.06 65.22 -55.46
CA ASP I 79 -71.46 66.49 -55.10
C ASP I 79 -72.10 66.91 -53.77
N LEU I 80 -73.41 66.75 -53.66
CA LEU I 80 -74.11 67.10 -52.42
C LEU I 80 -75.07 66.00 -51.97
N PHE I 81 -74.74 65.43 -50.83
CA PHE I 81 -75.60 64.46 -50.20
C PHE I 81 -76.57 65.24 -49.32
N VAL I 82 -77.87 64.99 -49.49
CA VAL I 82 -78.89 65.71 -48.75
C VAL I 82 -79.53 64.79 -47.71
N GLU I 83 -79.34 65.10 -46.42
CA GLU I 83 -79.90 64.28 -45.35
C GLU I 83 -81.25 64.79 -44.90
N ARG I 84 -82.19 63.87 -44.79
CA ARG I 84 -83.56 64.22 -44.46
C ARG I 84 -83.77 64.04 -42.97
N SER I 85 -84.61 64.89 -42.38
CA SER I 85 -84.88 64.82 -40.95
C SER I 85 -85.63 63.54 -40.62
N LYS I 86 -86.28 62.99 -41.64
CA LYS I 86 -87.06 61.77 -41.53
C LYS I 86 -86.22 60.50 -41.47
N ALA I 87 -84.92 60.62 -41.72
CA ALA I 87 -84.04 59.45 -41.80
C ALA I 87 -84.05 58.63 -40.50
N TYR I 88 -83.88 57.32 -40.61
CA TYR I 88 -83.80 56.47 -39.43
C TYR I 88 -82.98 55.21 -39.68
N SER I 89 -82.39 54.67 -38.62
CA SER I 89 -81.64 53.42 -38.74
C SER I 89 -82.55 52.24 -38.41
N ASN I 90 -82.33 51.12 -39.09
CA ASN I 90 -83.16 49.95 -38.86
C ASN I 90 -82.30 48.70 -38.93
N CYS I 91 -81.09 48.81 -38.38
CA CYS I 91 -80.18 47.69 -38.30
C CYS I 91 -79.76 47.50 -36.86
N TYR I 92 -78.61 46.89 -36.63
CA TYR I 92 -78.13 46.71 -35.27
C TYR I 92 -77.80 48.08 -34.73
N PRO I 93 -78.24 48.38 -33.50
CA PRO I 93 -78.01 49.70 -32.92
C PRO I 93 -76.52 49.97 -32.76
N TYR I 94 -76.09 51.16 -33.14
CA TYR I 94 -74.67 51.50 -33.10
C TYR I 94 -74.46 52.95 -32.70
N ASP I 95 -73.24 53.25 -32.25
CA ASP I 95 -72.79 54.63 -32.14
C ASP I 95 -71.43 54.75 -32.82
N VAL I 96 -71.03 55.99 -33.11
CA VAL I 96 -69.74 56.28 -33.71
C VAL I 96 -69.06 57.37 -32.91
N PRO I 97 -67.99 57.01 -32.17
CA PRO I 97 -67.18 58.07 -31.58
C PRO I 97 -66.71 59.03 -32.65
N ASP I 98 -66.86 60.33 -32.40
CA ASP I 98 -66.56 61.36 -33.38
C ASP I 98 -67.35 61.14 -34.68
N TYR I 99 -68.64 60.84 -34.53
CA TYR I 99 -69.57 60.73 -35.66
C TYR I 99 -69.47 61.87 -36.67
N ALA I 100 -69.45 63.11 -36.17
CA ALA I 100 -69.45 64.27 -37.06
C ALA I 100 -68.26 64.29 -38.02
N SER I 101 -67.11 63.85 -37.53
CA SER I 101 -65.91 63.80 -38.37
C SER I 101 -65.95 62.74 -39.44
N LEU I 102 -66.45 61.55 -39.06
CA LEU I 102 -66.58 60.47 -40.02
C LEU I 102 -67.58 60.89 -41.06
N ARG I 103 -68.70 61.41 -40.60
CA ARG I 103 -69.74 61.93 -41.47
C ARG I 103 -69.15 62.96 -42.40
N SER I 104 -68.37 63.87 -41.82
CA SER I 104 -67.76 64.97 -42.57
C SER I 104 -66.73 64.53 -43.62
N LEU I 105 -65.82 63.66 -43.22
CA LEU I 105 -64.73 63.25 -44.11
C LEU I 105 -65.26 62.46 -45.30
N VAL I 106 -66.29 61.64 -45.04
CA VAL I 106 -66.96 60.87 -46.08
C VAL I 106 -67.70 61.79 -47.03
N ALA I 107 -68.40 62.76 -46.45
CA ALA I 107 -69.11 63.76 -47.22
C ALA I 107 -68.19 64.46 -48.21
N SER I 108 -67.00 64.83 -47.75
CA SER I 108 -66.06 65.60 -48.57
C SER I 108 -65.45 64.75 -49.69
N SER I 109 -65.23 63.47 -49.41
CA SER I 109 -64.68 62.57 -50.42
C SER I 109 -65.66 62.36 -51.57
N GLY I 110 -66.94 62.26 -51.25
CA GLY I 110 -67.98 62.27 -52.26
C GLY I 110 -68.25 60.98 -53.00
N THR I 111 -67.86 59.86 -52.41
CA THR I 111 -68.09 58.58 -53.07
C THR I 111 -68.29 57.44 -52.07
N LEU I 112 -69.12 56.45 -52.45
CA LEU I 112 -69.32 55.23 -51.68
C LEU I 112 -68.71 54.01 -52.37
N GLU I 113 -67.88 54.25 -53.38
CA GLU I 113 -67.22 53.19 -54.12
C GLU I 113 -66.52 52.27 -53.13
N PHE I 114 -66.86 50.99 -53.20
CA PHE I 114 -66.36 50.02 -52.23
C PHE I 114 -65.68 48.89 -52.98
N ASN I 115 -64.51 48.51 -52.49
CA ASN I 115 -63.79 47.41 -53.07
C ASN I 115 -63.62 46.31 -52.06
N ASN I 116 -64.16 45.15 -52.38
CA ASN I 116 -64.02 44.01 -51.52
C ASN I 116 -62.57 43.49 -51.46
N GLU I 117 -62.15 42.95 -50.33
CA GLU I 117 -60.83 42.31 -50.18
C GLU I 117 -60.90 40.98 -49.44
N SER I 118 -60.01 40.05 -49.77
CA SER I 118 -60.02 38.71 -49.18
C SER I 118 -59.19 38.63 -47.91
N PHE I 119 -59.81 38.98 -46.78
CA PHE I 119 -59.18 38.86 -45.48
C PHE I 119 -59.11 37.40 -45.06
N ASN I 120 -58.11 37.06 -44.26
CA ASN I 120 -57.97 35.69 -43.79
C ASN I 120 -58.63 35.49 -42.43
N TRP I 121 -59.89 35.06 -42.42
CA TRP I 121 -60.57 34.86 -41.15
C TRP I 121 -60.62 33.39 -40.78
N THR I 122 -59.51 32.70 -40.98
CA THR I 122 -59.42 31.31 -40.59
C THR I 122 -59.47 31.22 -39.08
N GLY I 123 -60.32 30.32 -38.58
CA GLY I 123 -60.41 30.10 -37.16
C GLY I 123 -61.74 30.52 -36.60
N VAL I 124 -62.42 31.42 -37.30
CA VAL I 124 -63.68 31.92 -36.80
C VAL I 124 -64.83 31.74 -37.76
N THR I 125 -66.03 31.96 -37.23
CA THR I 125 -67.24 31.96 -38.01
C THR I 125 -67.43 33.39 -38.45
N GLN I 126 -67.64 33.62 -39.74
CA GLN I 126 -67.81 34.97 -40.23
C GLN I 126 -69.28 35.35 -40.38
N ASN I 127 -69.53 36.63 -40.64
CA ASN I 127 -70.86 37.10 -41.01
C ASN I 127 -71.98 36.96 -39.99
N GLY I 128 -71.73 37.25 -38.71
CA GLY I 128 -72.81 37.16 -37.74
C GLY I 128 -73.96 38.13 -37.98
N THR I 129 -75.19 37.65 -37.78
CA THR I 129 -76.41 38.44 -37.98
C THR I 129 -77.34 38.55 -36.78
N SER I 130 -78.33 39.43 -36.96
CA SER I 130 -79.31 39.76 -35.92
C SER I 130 -80.69 40.00 -36.53
N SER I 131 -81.71 39.71 -35.73
CA SER I 131 -83.11 39.87 -36.11
C SER I 131 -83.49 41.34 -36.07
N ALA I 132 -82.57 42.15 -35.56
CA ALA I 132 -82.76 43.59 -35.48
C ALA I 132 -82.31 44.27 -36.78
N CYS I 133 -81.86 43.47 -37.74
CA CYS I 133 -81.34 44.00 -39.00
C CYS I 133 -81.77 43.16 -40.20
N ILE I 134 -83.00 43.38 -40.64
CA ILE I 134 -83.64 42.58 -41.68
C ILE I 134 -83.35 43.02 -43.11
N ARG I 135 -82.93 42.07 -43.95
CA ARG I 135 -82.77 42.32 -45.38
C ARG I 135 -83.50 41.24 -46.17
N ARG I 136 -84.44 41.68 -47.00
CA ARG I 136 -85.28 40.79 -47.77
C ARG I 136 -85.95 39.74 -46.87
N SER I 137 -86.57 40.20 -45.79
CA SER I 137 -87.34 39.36 -44.89
C SER I 137 -86.52 38.35 -44.08
N ASN I 138 -85.20 38.35 -44.26
CA ASN I 138 -84.33 37.44 -43.51
C ASN I 138 -83.39 38.20 -42.59
N ASN I 139 -82.99 37.57 -41.49
CA ASN I 139 -81.96 38.10 -40.61
C ASN I 139 -80.69 38.42 -41.37
N SER I 140 -80.16 39.62 -41.15
CA SER I 140 -78.97 40.07 -41.87
C SER I 140 -78.10 40.98 -41.01
N PHE I 141 -77.29 41.79 -41.68
CA PHE I 141 -76.34 42.69 -41.03
C PHE I 141 -75.95 43.79 -41.99
N PHE I 142 -75.21 44.78 -41.49
CA PHE I 142 -74.62 45.82 -42.31
C PHE I 142 -73.88 45.18 -43.49
N SER I 143 -74.11 45.71 -44.70
CA SER I 143 -73.59 45.08 -45.90
C SER I 143 -72.07 45.09 -45.96
N ARG I 144 -71.46 46.12 -45.39
CA ARG I 144 -70.02 46.33 -45.51
C ARG I 144 -69.22 45.77 -44.33
N LEU I 145 -69.92 45.15 -43.38
CA LEU I 145 -69.28 44.63 -42.17
C LEU I 145 -69.45 43.12 -41.95
N ASN I 146 -68.49 42.53 -41.26
CA ASN I 146 -68.43 41.09 -41.05
C ASN I 146 -68.35 40.73 -39.57
N TRP I 147 -69.46 40.27 -38.99
CA TRP I 147 -69.49 39.91 -37.58
C TRP I 147 -68.85 38.54 -37.36
N LEU I 148 -67.64 38.51 -36.80
CA LEU I 148 -66.95 37.24 -36.58
C LEU I 148 -67.23 36.58 -35.22
N THR I 149 -67.47 35.27 -35.22
CA THR I 149 -67.65 34.51 -33.98
C THR I 149 -66.91 33.19 -33.93
N HIS I 150 -66.99 32.55 -32.76
CA HIS I 150 -66.30 31.28 -32.52
C HIS I 150 -66.71 30.17 -33.47
N LEU I 151 -65.86 29.17 -33.58
CA LEU I 151 -66.15 27.95 -34.30
C LEU I 151 -65.87 26.77 -33.40
N ASN I 152 -66.89 25.97 -33.09
CA ASN I 152 -66.70 24.86 -32.17
C ASN I 152 -66.17 25.30 -30.79
N PHE I 153 -66.68 26.44 -30.29
CA PHE I 153 -66.30 26.96 -28.96
C PHE I 153 -64.85 27.39 -28.96
N LYS I 154 -64.31 27.71 -30.13
CA LYS I 154 -63.01 28.34 -30.12
C LYS I 154 -63.04 29.61 -30.95
N TYR I 155 -62.31 30.62 -30.48
CA TYR I 155 -62.08 31.83 -31.24
C TYR I 155 -60.59 32.03 -31.09
N PRO I 156 -59.78 31.45 -31.99
CA PRO I 156 -58.36 31.66 -31.75
C PRO I 156 -57.97 33.12 -32.03
N ALA I 157 -56.97 33.61 -31.32
CA ALA I 157 -56.54 34.98 -31.50
C ALA I 157 -56.15 35.24 -32.95
N LEU I 158 -56.91 36.12 -33.60
CA LEU I 158 -56.66 36.44 -34.99
C LEU I 158 -55.57 37.51 -35.14
N ASN I 159 -54.71 37.32 -36.13
CA ASN I 159 -53.63 38.25 -36.44
C ASN I 159 -53.52 38.28 -37.96
N VAL I 160 -54.36 39.13 -38.57
CA VAL I 160 -54.58 39.13 -40.02
C VAL I 160 -54.11 40.43 -40.69
N THR I 161 -53.47 40.30 -41.85
CA THR I 161 -52.83 41.44 -42.48
C THR I 161 -53.45 41.73 -43.84
N MET I 162 -53.41 43.00 -44.25
CA MET I 162 -53.84 43.43 -45.58
C MET I 162 -53.10 44.69 -46.03
N PRO I 163 -52.12 44.52 -46.93
CA PRO I 163 -51.27 45.60 -47.42
C PRO I 163 -51.99 46.50 -48.43
N ASN I 164 -51.75 47.81 -48.36
CA ASN I 164 -52.18 48.71 -49.42
C ASN I 164 -51.07 48.83 -50.45
N ASN I 165 -51.19 48.10 -51.55
CA ASN I 165 -50.23 48.20 -52.64
C ASN I 165 -50.83 48.93 -53.83
N GLU I 166 -51.83 49.73 -53.53
CA GLU I 166 -52.49 50.56 -54.52
C GLU I 166 -51.75 51.90 -54.54
N GLN I 167 -52.17 52.79 -55.42
CA GLN I 167 -51.58 54.12 -55.47
C GLN I 167 -52.51 55.15 -54.82
N PHE I 168 -53.60 54.67 -54.23
CA PHE I 168 -54.53 55.55 -53.54
C PHE I 168 -54.72 55.07 -52.10
N ASP I 169 -55.22 55.96 -51.24
CA ASP I 169 -55.50 55.62 -49.85
C ASP I 169 -56.73 54.73 -49.72
N LYS I 170 -56.75 53.92 -48.66
CA LYS I 170 -57.91 53.09 -48.37
C LYS I 170 -58.55 53.49 -47.05
N LEU I 171 -59.87 53.58 -47.04
CA LEU I 171 -60.59 53.84 -45.81
C LEU I 171 -61.29 52.58 -45.35
N TYR I 172 -60.88 52.12 -44.19
CA TYR I 172 -61.47 50.94 -43.61
C TYR I 172 -62.45 51.32 -42.51
N ILE I 173 -63.63 50.72 -42.56
CA ILE I 173 -64.63 50.91 -41.52
C ILE I 173 -64.83 49.58 -40.78
N TRP I 174 -64.67 49.59 -39.45
CA TRP I 174 -64.82 48.40 -38.63
C TRP I 174 -65.48 48.74 -37.30
N GLY I 175 -65.72 47.73 -36.48
CA GLY I 175 -66.40 47.94 -35.21
C GLY I 175 -66.08 46.95 -34.10
N VAL I 176 -66.54 47.27 -32.90
CA VAL I 176 -66.41 46.39 -31.75
C VAL I 176 -67.81 46.12 -31.22
N HIS I 177 -68.12 44.85 -30.93
CA HIS I 177 -69.44 44.52 -30.39
C HIS I 177 -69.39 44.52 -28.87
N HIS I 178 -70.34 45.24 -28.28
CA HIS I 178 -70.54 45.26 -26.84
C HIS I 178 -71.81 44.51 -26.52
N PRO I 179 -71.70 43.22 -26.16
CA PRO I 179 -72.88 42.41 -25.80
C PRO I 179 -73.57 42.90 -24.53
N GLY I 180 -74.84 42.51 -24.35
CA GLY I 180 -75.63 43.02 -23.26
C GLY I 180 -75.45 42.26 -21.95
N THR I 181 -74.98 41.01 -22.05
CA THR I 181 -74.75 40.17 -20.89
C THR I 181 -73.49 39.34 -21.07
N ASP I 182 -73.00 38.80 -19.95
CA ASP I 182 -71.86 37.89 -19.98
C ASP I 182 -72.27 36.65 -20.76
N LYS I 183 -73.53 36.27 -20.60
CA LYS I 183 -74.11 35.12 -21.31
C LYS I 183 -73.89 35.25 -22.80
N ASP I 184 -74.08 36.46 -23.32
CA ASP I 184 -73.91 36.68 -24.75
C ASP I 184 -72.42 36.59 -25.08
N GLN I 185 -71.60 37.20 -24.23
CA GLN I 185 -70.14 37.18 -24.39
C GLN I 185 -69.47 35.83 -24.55
N ILE I 186 -69.75 34.91 -23.65
CA ILE I 186 -69.13 33.59 -23.72
C ILE I 186 -69.64 32.97 -25.00
N PHE I 187 -70.92 33.16 -25.23
CA PHE I 187 -71.59 32.61 -26.39
C PHE I 187 -71.15 33.03 -27.78
N LEU I 188 -70.78 34.28 -27.95
CA LEU I 188 -70.40 34.74 -29.27
C LEU I 188 -68.95 34.42 -29.56
N TYR I 189 -68.10 34.70 -28.59
CA TYR I 189 -66.67 34.74 -28.80
C TYR I 189 -65.93 33.65 -28.04
N ALA I 190 -66.67 32.84 -27.30
CA ALA I 190 -66.10 31.69 -26.61
C ALA I 190 -65.03 32.04 -25.58
N GLN I 191 -65.02 33.29 -25.15
CA GLN I 191 -64.15 33.69 -24.06
C GLN I 191 -64.65 34.97 -23.41
N SER I 192 -64.30 35.12 -22.13
CA SER I 192 -64.93 36.10 -21.27
C SER I 192 -64.64 37.52 -21.71
N SER I 193 -63.48 37.70 -22.33
CA SER I 193 -63.05 39.05 -22.67
C SER I 193 -62.41 39.04 -24.04
N GLY I 194 -63.00 39.83 -24.93
CA GLY I 194 -62.47 40.00 -26.27
C GLY I 194 -61.53 41.18 -26.23
N ARG I 195 -60.78 41.37 -27.30
CA ARG I 195 -59.89 42.51 -27.33
C ARG I 195 -59.52 42.78 -28.79
N ILE I 196 -59.51 44.06 -29.17
CA ILE I 196 -59.23 44.46 -30.55
C ILE I 196 -58.16 45.55 -30.66
N THR I 197 -57.13 45.30 -31.46
CA THR I 197 -56.17 46.34 -31.81
C THR I 197 -56.06 46.45 -33.33
N VAL I 198 -56.29 47.65 -33.85
CA VAL I 198 -56.15 47.91 -35.29
C VAL I 198 -55.07 48.94 -35.48
N SER I 199 -54.04 48.55 -36.21
CA SER I 199 -52.87 49.38 -36.40
C SER I 199 -52.41 49.48 -37.86
N THR I 200 -51.61 50.53 -38.12
CA THR I 200 -50.87 50.65 -39.37
C THR I 200 -49.42 50.93 -38.96
N LYS I 201 -48.60 51.30 -39.92
CA LYS I 201 -47.23 51.70 -39.60
C LYS I 201 -47.28 53.01 -38.85
N ARG I 202 -48.32 53.80 -39.12
CA ARG I 202 -48.42 55.14 -38.57
C ARG I 202 -49.56 55.38 -37.58
N SER I 203 -50.20 54.32 -37.10
CA SER I 203 -51.31 54.47 -36.16
C SER I 203 -51.66 53.19 -35.40
N GLN I 204 -52.34 53.34 -34.27
CA GLN I 204 -52.82 52.19 -33.50
C GLN I 204 -54.11 52.56 -32.77
N GLN I 205 -55.10 51.68 -32.85
CA GLN I 205 -56.37 51.90 -32.19
C GLN I 205 -56.79 50.68 -31.38
N ALA I 206 -56.73 50.80 -30.06
CA ALA I 206 -57.04 49.67 -29.19
C ALA I 206 -58.36 49.89 -28.45
N VAL I 207 -59.26 48.90 -28.54
CA VAL I 207 -60.60 49.00 -27.96
C VAL I 207 -60.97 47.78 -27.12
N ILE I 208 -61.49 48.04 -25.92
CA ILE I 208 -61.96 46.97 -25.04
C ILE I 208 -63.47 46.94 -25.07
N PRO I 209 -64.04 45.79 -25.45
CA PRO I 209 -65.49 45.64 -25.48
C PRO I 209 -66.02 45.89 -24.08
N ASN I 210 -67.18 46.52 -24.02
CA ASN I 210 -67.81 46.74 -22.74
C ASN I 210 -69.13 46.01 -22.64
N ILE I 211 -69.07 44.91 -21.91
CA ILE I 211 -70.21 44.06 -21.71
C ILE I 211 -71.11 44.74 -20.67
N GLY I 212 -72.41 44.77 -20.94
CA GLY I 212 -73.37 45.42 -20.08
C GLY I 212 -74.61 45.83 -20.85
N SER I 213 -75.70 46.00 -20.12
CA SER I 213 -76.95 46.39 -20.76
C SER I 213 -77.01 47.89 -21.02
N ARG I 214 -77.45 48.24 -22.23
CA ARG I 214 -77.85 49.60 -22.55
C ARG I 214 -79.35 49.59 -22.74
N PRO I 215 -79.99 50.77 -22.62
CA PRO I 215 -81.42 50.88 -22.94
C PRO I 215 -81.67 50.27 -24.31
N ARG I 216 -82.65 49.37 -24.39
CA ARG I 216 -82.87 48.61 -25.61
C ARG I 216 -83.29 49.48 -26.79
N ILE I 217 -82.72 49.20 -27.96
CA ILE I 217 -83.09 49.89 -29.20
C ILE I 217 -83.67 48.83 -30.13
N ARG I 218 -84.94 49.01 -30.52
CA ARG I 218 -85.65 48.02 -31.33
C ARG I 218 -85.46 46.64 -30.69
N ASN I 219 -85.63 46.64 -29.37
CA ASN I 219 -85.49 45.47 -28.50
C ASN I 219 -84.06 44.94 -28.30
N ILE I 220 -83.07 45.75 -28.66
CA ILE I 220 -81.68 45.35 -28.53
C ILE I 220 -80.94 46.20 -27.50
N PRO I 221 -80.46 45.57 -26.42
CA PRO I 221 -79.73 46.19 -25.30
C PRO I 221 -78.23 46.29 -25.53
N SER I 222 -77.73 45.55 -26.52
CA SER I 222 -76.31 45.56 -26.83
C SER I 222 -75.98 46.69 -27.79
N ARG I 223 -74.69 46.85 -28.10
CA ARG I 223 -74.28 47.92 -29.00
C ARG I 223 -73.08 47.50 -29.84
N ILE I 224 -72.88 48.20 -30.94
CA ILE I 224 -71.64 48.13 -31.72
C ILE I 224 -71.03 49.52 -31.75
N SER I 225 -69.72 49.64 -31.50
CA SER I 225 -69.07 50.94 -31.64
C SER I 225 -68.27 51.00 -32.94
N ILE I 226 -68.49 52.05 -33.71
CA ILE I 226 -67.87 52.15 -35.02
C ILE I 226 -66.59 53.00 -35.06
N TYR I 227 -65.55 52.48 -35.70
CA TYR I 227 -64.28 53.18 -35.87
C TYR I 227 -63.85 53.18 -37.33
N TRP I 228 -62.90 54.05 -37.67
CA TRP I 228 -62.35 54.08 -39.03
C TRP I 228 -60.84 54.24 -39.05
N THR I 229 -60.21 53.78 -40.12
CA THR I 229 -58.76 53.86 -40.25
C THR I 229 -58.37 54.10 -41.70
N ILE I 230 -57.52 55.11 -41.91
CA ILE I 230 -57.01 55.39 -43.23
C ILE I 230 -55.62 54.79 -43.39
N VAL I 231 -55.43 54.09 -44.50
CA VAL I 231 -54.18 53.43 -44.81
C VAL I 231 -53.54 53.96 -46.09
N LYS I 232 -52.34 54.48 -45.97
CA LYS I 232 -51.63 55.02 -47.11
C LYS I 232 -51.03 53.88 -47.95
N PRO I 233 -50.74 54.15 -49.24
CA PRO I 233 -49.99 53.22 -50.11
C PRO I 233 -48.64 52.85 -49.51
N GLY I 234 -48.28 51.57 -49.51
CA GLY I 234 -47.00 51.15 -48.99
C GLY I 234 -47.13 50.77 -47.52
N ASP I 235 -48.28 51.10 -46.95
CA ASP I 235 -48.59 50.78 -45.57
C ASP I 235 -49.45 49.54 -45.51
N ILE I 236 -49.69 49.03 -44.30
CA ILE I 236 -50.37 47.76 -44.13
C ILE I 236 -51.38 47.80 -42.97
N LEU I 237 -52.58 47.31 -43.21
CA LEU I 237 -53.55 47.14 -42.12
C LEU I 237 -53.30 45.85 -41.37
N LEU I 238 -53.20 45.95 -40.05
CA LEU I 238 -53.10 44.78 -39.20
C LEU I 238 -54.19 44.76 -38.13
N ILE I 239 -54.95 43.66 -38.10
CA ILE I 239 -56.01 43.52 -37.13
C ILE I 239 -55.63 42.37 -36.20
N ASN I 240 -55.52 42.65 -34.91
CA ASN I 240 -55.23 41.61 -33.92
C ASN I 240 -56.46 41.59 -33.00
N SER I 241 -57.16 40.46 -32.95
CA SER I 241 -58.36 40.33 -32.12
C SER I 241 -58.56 38.97 -31.45
N THR I 242 -59.11 39.00 -30.24
CA THR I 242 -59.45 37.78 -29.53
C THR I 242 -60.96 37.69 -29.28
N GLY I 243 -61.73 38.49 -30.01
CA GLY I 243 -63.18 38.50 -29.88
C GLY I 243 -63.81 39.85 -30.14
N ASN I 244 -65.11 39.87 -30.43
CA ASN I 244 -65.89 41.11 -30.50
C ASN I 244 -65.52 42.00 -31.67
N LEU I 245 -64.73 41.47 -32.58
CA LEU I 245 -64.36 42.25 -33.75
C LEU I 245 -65.49 42.23 -34.76
N ILE I 246 -65.91 43.42 -35.19
CA ILE I 246 -66.80 43.57 -36.33
C ILE I 246 -65.94 43.97 -37.52
N ALA I 247 -65.73 43.01 -38.40
CA ALA I 247 -64.69 43.12 -39.41
C ALA I 247 -65.13 43.90 -40.64
N PRO I 248 -64.19 44.62 -41.26
CA PRO I 248 -64.45 45.27 -42.53
C PRO I 248 -64.49 44.21 -43.61
N ARG I 249 -65.24 44.45 -44.68
CA ARG I 249 -65.31 43.49 -45.76
C ARG I 249 -64.41 43.96 -46.89
N GLY I 250 -63.80 45.12 -46.67
CA GLY I 250 -62.98 45.75 -47.68
C GLY I 250 -62.80 47.19 -47.31
N TYR I 251 -62.50 48.03 -48.29
CA TYR I 251 -62.25 49.43 -48.02
C TYR I 251 -63.10 50.28 -48.93
N PHE I 252 -63.33 51.51 -48.50
CA PHE I 252 -63.92 52.51 -49.38
C PHE I 252 -62.77 53.26 -50.05
N LYS I 253 -62.96 53.66 -51.31
CA LYS I 253 -62.00 54.55 -51.96
C LYS I 253 -62.22 55.93 -51.36
N ILE I 254 -61.15 56.71 -51.24
CA ILE I 254 -61.26 58.07 -50.73
C ILE I 254 -60.72 59.09 -51.71
N ARG I 255 -61.56 60.08 -52.00
CA ARG I 255 -61.21 61.07 -52.99
C ARG I 255 -61.13 62.40 -52.27
N SER I 256 -60.66 63.42 -52.98
CA SER I 256 -60.76 64.79 -52.49
C SER I 256 -61.45 65.62 -53.55
N GLY I 257 -62.22 66.61 -53.12
CA GLY I 257 -62.92 67.41 -54.09
C GLY I 257 -63.97 68.31 -53.51
N LYS I 258 -64.93 68.67 -54.35
CA LYS I 258 -65.85 69.72 -54.00
C LYS I 258 -67.09 69.18 -53.32
N SER I 259 -67.04 67.92 -52.88
CA SER I 259 -68.25 67.30 -52.35
C SER I 259 -68.59 67.73 -50.92
N SER I 260 -69.87 67.67 -50.56
CA SER I 260 -70.33 67.98 -49.21
C SER I 260 -71.64 67.27 -48.85
N ILE I 261 -72.22 67.68 -47.72
CA ILE I 261 -73.45 67.09 -47.23
C ILE I 261 -74.33 68.17 -46.60
N MET I 262 -75.64 68.04 -46.73
CA MET I 262 -76.54 69.05 -46.18
C MET I 262 -77.79 68.41 -45.59
N ARG I 263 -78.23 68.96 -44.47
CA ARG I 263 -79.49 68.53 -43.87
C ARG I 263 -80.58 69.44 -44.40
N SER I 264 -81.60 68.86 -45.01
CA SER I 264 -82.65 69.66 -45.62
C SER I 264 -83.87 68.79 -45.87
N ASP I 265 -85.05 69.39 -45.77
CA ASP I 265 -86.29 68.70 -46.11
C ASP I 265 -86.92 69.26 -47.37
N ALA I 266 -86.16 70.05 -48.12
CA ALA I 266 -86.69 70.63 -49.35
C ALA I 266 -86.76 69.53 -50.41
N PRO I 267 -87.85 69.49 -51.18
CA PRO I 267 -87.93 68.48 -52.23
C PRO I 267 -86.88 68.72 -53.31
N ILE I 268 -86.47 67.67 -54.00
CA ILE I 268 -85.55 67.83 -55.11
C ILE I 268 -86.40 68.11 -56.33
N GLY I 269 -86.02 69.13 -57.08
CA GLY I 269 -86.74 69.48 -58.29
C GLY I 269 -85.90 69.22 -59.53
N LYS I 270 -86.58 69.07 -60.66
CA LYS I 270 -85.91 68.95 -61.94
C LYS I 270 -85.67 70.35 -62.49
N CYS I 271 -84.56 70.96 -62.11
CA CYS I 271 -84.24 72.33 -62.51
C CYS I 271 -82.74 72.57 -62.37
N ASN I 272 -82.30 73.76 -62.74
CA ASN I 272 -80.87 74.05 -62.80
C ASN I 272 -80.56 75.33 -62.01
N SER I 273 -79.79 75.17 -60.94
CA SER I 273 -79.40 76.30 -60.08
C SER I 273 -78.06 76.06 -59.38
N GLU I 274 -77.17 77.04 -59.49
CA GLU I 274 -75.84 76.89 -58.94
C GLU I 274 -75.83 76.87 -57.42
N CYS I 275 -76.71 77.65 -56.81
CA CYS I 275 -76.65 77.82 -55.37
C CYS I 275 -77.76 77.08 -54.65
N ILE I 276 -77.37 76.20 -53.73
CA ILE I 276 -78.33 75.43 -52.93
C ILE I 276 -78.25 75.87 -51.47
N THR I 277 -79.41 76.05 -50.84
CA THR I 277 -79.50 76.24 -49.38
C THR I 277 -80.51 75.25 -48.85
N PRO I 278 -80.55 75.06 -47.52
CA PRO I 278 -81.54 74.12 -46.97
C PRO I 278 -82.99 74.51 -47.25
N ASN I 279 -83.25 75.79 -47.53
CA ASN I 279 -84.61 76.23 -47.81
C ASN I 279 -84.97 75.88 -49.26
N GLY I 280 -83.95 75.53 -50.03
CA GLY I 280 -84.10 75.37 -51.46
C GLY I 280 -83.03 76.14 -52.19
N SER I 281 -82.92 75.95 -53.51
CA SER I 281 -81.96 76.72 -54.29
C SER I 281 -82.42 78.18 -54.34
N ILE I 282 -81.46 79.10 -54.44
CA ILE I 282 -81.76 80.53 -54.53
C ILE I 282 -80.97 81.14 -55.70
N PRO I 283 -81.55 82.15 -56.36
CA PRO I 283 -80.81 82.85 -57.42
C PRO I 283 -79.53 83.48 -56.91
N ASN I 284 -78.53 83.59 -57.77
CA ASN I 284 -77.23 84.11 -57.37
C ASN I 284 -76.80 85.38 -58.13
N ASP I 285 -77.76 86.13 -58.67
CA ASP I 285 -77.44 87.37 -59.36
C ASP I 285 -76.99 88.44 -58.39
N LYS I 286 -77.63 88.46 -57.22
CA LYS I 286 -77.36 89.45 -56.20
C LYS I 286 -76.13 89.04 -55.41
N PRO I 287 -75.43 90.03 -54.83
CA PRO I 287 -74.19 89.73 -54.11
C PRO I 287 -74.43 89.19 -52.70
N PHE I 288 -75.61 89.42 -52.14
CA PHE I 288 -75.89 89.00 -50.77
C PHE I 288 -77.19 88.21 -50.63
N GLN I 289 -77.36 87.56 -49.48
CA GLN I 289 -78.55 86.78 -49.23
C GLN I 289 -78.75 86.56 -47.73
N ASN I 290 -80.01 86.43 -47.34
CA ASN I 290 -80.35 86.20 -45.94
C ASN I 290 -81.26 84.96 -45.84
N VAL I 291 -81.11 84.06 -46.80
CA VAL I 291 -81.94 82.86 -46.87
C VAL I 291 -81.46 81.79 -45.88
N ASN I 292 -80.16 81.49 -45.90
CA ASN I 292 -79.58 80.49 -45.00
C ASN I 292 -78.07 80.64 -44.90
N ARG I 293 -77.56 80.47 -43.68
CA ARG I 293 -76.12 80.49 -43.48
C ARG I 293 -75.45 79.21 -44.01
N ILE I 294 -76.24 78.17 -44.22
CA ILE I 294 -75.70 76.95 -44.83
C ILE I 294 -75.84 76.99 -46.33
N THR I 295 -74.71 76.91 -47.05
CA THR I 295 -74.78 76.95 -48.51
C THR I 295 -73.80 76.04 -49.21
N TYR I 296 -74.10 75.75 -50.48
CA TYR I 296 -73.22 74.98 -51.34
C TYR I 296 -73.32 75.46 -52.79
N GLY I 297 -72.18 75.70 -53.44
CA GLY I 297 -72.22 76.11 -54.83
C GLY I 297 -71.92 77.59 -55.01
N ALA I 298 -72.22 78.14 -56.19
CA ALA I 298 -71.95 79.55 -56.42
C ALA I 298 -73.07 80.37 -55.79
N CYS I 299 -72.80 80.88 -54.60
CA CYS I 299 -73.83 81.49 -53.77
C CYS I 299 -73.47 82.90 -53.36
N PRO I 300 -74.48 83.76 -53.20
CA PRO I 300 -74.32 85.05 -52.53
C PRO I 300 -73.87 84.84 -51.10
N ARG I 301 -73.19 85.83 -50.54
CA ARG I 301 -72.68 85.73 -49.18
C ARG I 301 -73.79 86.05 -48.19
N TYR I 302 -73.89 85.26 -47.13
CA TYR I 302 -74.93 85.49 -46.14
C TYR I 302 -74.71 86.75 -45.30
N VAL I 303 -75.77 87.55 -45.21
CA VAL I 303 -75.77 88.74 -44.36
C VAL I 303 -77.06 88.82 -43.52
N LYS I 304 -77.06 89.68 -42.51
CA LYS I 304 -78.20 89.84 -41.59
C LYS I 304 -79.34 90.71 -42.11
N GLN I 305 -79.03 91.64 -43.01
CA GLN I 305 -80.04 92.52 -43.53
C GLN I 305 -81.01 91.74 -44.39
N SER I 306 -82.28 92.12 -44.31
CA SER I 306 -83.31 91.51 -45.12
C SER I 306 -83.42 92.24 -46.47
N THR I 307 -82.80 93.41 -46.53
CA THR I 307 -82.83 94.25 -47.73
C THR I 307 -81.68 95.26 -47.70
N LEU I 308 -81.06 95.45 -48.85
CA LEU I 308 -80.07 96.49 -49.04
C LEU I 308 -80.27 97.11 -50.42
N LYS I 309 -80.72 98.36 -50.48
CA LYS I 309 -81.08 98.91 -51.77
C LYS I 309 -79.95 99.76 -52.34
N LEU I 310 -79.46 99.38 -53.52
CA LEU I 310 -78.40 100.10 -54.21
C LEU I 310 -79.00 101.07 -55.22
N ALA I 311 -78.73 102.36 -55.06
CA ALA I 311 -79.18 103.35 -56.04
C ALA I 311 -78.67 103.04 -57.43
N THR I 312 -79.54 103.12 -58.44
CA THR I 312 -79.12 102.97 -59.83
C THR I 312 -79.60 104.17 -60.63
N GLY I 313 -79.82 105.28 -59.95
CA GLY I 313 -80.29 106.51 -60.56
C GLY I 313 -79.97 107.67 -59.65
N MET I 314 -80.20 108.89 -60.12
CA MET I 314 -79.87 110.06 -59.35
C MET I 314 -80.93 110.30 -58.27
N ARG I 315 -80.68 111.29 -57.40
CA ARG I 315 -81.67 111.74 -56.41
C ARG I 315 -82.99 112.21 -57.04
N ASN I 316 -84.13 111.83 -56.45
CA ASN I 316 -85.41 112.24 -57.00
C ASN I 316 -86.03 113.48 -56.37
N VAL I 317 -86.28 114.48 -57.21
CA VAL I 317 -86.76 115.77 -56.75
C VAL I 317 -87.98 116.12 -57.59
N PRO I 318 -89.17 115.66 -57.16
CA PRO I 318 -90.39 115.81 -57.97
C PRO I 318 -90.93 117.24 -58.05
N GLU I 319 -91.79 117.53 -59.03
CA GLU I 319 -92.32 118.90 -59.23
C GLU I 319 -92.99 119.41 -57.96
N GLY J 1 -75.58 115.75 -54.64
CA GLY J 1 -75.76 116.73 -53.59
C GLY J 1 -74.56 117.64 -53.42
N ILE J 2 -73.37 117.06 -53.54
CA ILE J 2 -72.14 117.75 -53.16
C ILE J 2 -71.73 118.88 -54.12
N PHE J 3 -72.22 118.83 -55.35
CA PHE J 3 -71.97 119.90 -56.33
C PHE J 3 -73.06 120.99 -56.33
N GLY J 4 -74.27 120.63 -55.91
CA GLY J 4 -75.29 121.63 -55.64
C GLY J 4 -76.15 121.97 -56.83
N ALA J 5 -76.14 121.12 -57.86
CA ALA J 5 -77.01 121.31 -59.00
C ALA J 5 -78.34 120.59 -58.75
N ILE J 6 -78.28 119.26 -58.76
CA ILE J 6 -79.46 118.45 -58.48
C ILE J 6 -79.86 118.60 -57.02
N ALA J 7 -81.13 118.91 -56.80
CA ALA J 7 -81.63 119.29 -55.48
C ALA J 7 -80.95 120.54 -54.92
N GLY J 8 -80.48 121.38 -55.84
CA GLY J 8 -79.74 122.57 -55.47
C GLY J 8 -80.26 123.73 -56.28
N PHE J 9 -79.42 124.31 -57.13
CA PHE J 9 -79.84 125.46 -57.92
C PHE J 9 -80.84 125.06 -59.00
N ILE J 10 -80.83 123.78 -59.37
CA ILE J 10 -81.93 123.21 -60.16
C ILE J 10 -83.01 122.89 -59.14
N GLU J 11 -84.12 123.62 -59.21
CA GLU J 11 -85.15 123.53 -58.20
C GLU J 11 -85.75 122.13 -58.04
N ASN J 12 -86.03 121.49 -59.17
CA ASN J 12 -86.53 120.13 -59.20
C ASN J 12 -86.30 119.48 -60.56
N GLY J 13 -86.59 118.18 -60.65
CA GLY J 13 -86.46 117.47 -61.91
C GLY J 13 -87.68 117.55 -62.81
N TRP J 14 -87.57 117.03 -64.03
CA TRP J 14 -88.66 117.09 -65.00
C TRP J 14 -89.20 115.67 -65.28
N GLU J 15 -90.42 115.38 -64.80
CA GLU J 15 -91.04 114.05 -64.97
C GLU J 15 -91.49 113.75 -66.40
N GLY J 16 -91.70 114.80 -67.18
CA GLY J 16 -92.15 114.66 -68.57
C GLY J 16 -91.00 114.35 -69.50
N MET J 17 -89.79 114.28 -68.96
CA MET J 17 -88.63 113.85 -69.72
C MET J 17 -88.45 112.35 -69.53
N VAL J 18 -88.93 111.59 -70.50
CA VAL J 18 -89.00 110.15 -70.40
C VAL J 18 -87.95 109.57 -71.33
N ASP J 19 -87.23 110.47 -72.00
CA ASP J 19 -86.18 110.06 -72.91
C ASP J 19 -84.76 110.46 -72.52
N GLY J 20 -84.54 110.83 -71.27
CA GLY J 20 -83.18 111.07 -70.80
C GLY J 20 -83.09 111.47 -69.34
N TRP J 21 -81.87 111.50 -68.81
CA TRP J 21 -81.67 111.85 -67.40
C TRP J 21 -81.37 113.32 -67.35
N TYR J 22 -80.81 113.84 -68.44
CA TYR J 22 -80.47 115.24 -68.51
C TYR J 22 -80.96 115.80 -69.83
N GLY J 23 -81.22 117.10 -69.87
CA GLY J 23 -81.65 117.72 -71.10
C GLY J 23 -81.86 119.22 -71.02
N PHE J 24 -82.54 119.74 -72.03
CA PHE J 24 -82.69 121.18 -72.21
C PHE J 24 -84.16 121.48 -72.35
N ARG J 25 -84.62 122.51 -71.65
CA ARG J 25 -85.91 123.10 -71.96
C ARG J 25 -85.64 124.54 -72.40
N HIS J 26 -86.33 124.98 -73.45
CA HIS J 26 -86.12 126.33 -73.96
C HIS J 26 -87.43 127.06 -74.16
N GLN J 27 -87.36 128.39 -74.24
CA GLN J 27 -88.47 129.22 -74.73
C GLN J 27 -87.85 130.23 -75.69
N ASN J 28 -88.43 130.39 -76.88
CA ASN J 28 -87.92 131.36 -77.85
C ASN J 28 -89.03 131.97 -78.67
N SER J 29 -88.64 132.65 -79.75
CA SER J 29 -89.64 133.33 -80.56
C SER J 29 -90.51 132.31 -81.28
N GLU J 30 -90.08 131.05 -81.31
CA GLU J 30 -90.86 130.04 -82.00
C GLU J 30 -91.65 129.20 -81.00
N GLY J 31 -91.41 129.39 -79.71
CA GLY J 31 -92.12 128.60 -78.71
C GLY J 31 -91.26 128.17 -77.53
N ARG J 32 -91.71 127.11 -76.85
CA ARG J 32 -90.97 126.54 -75.74
C ARG J 32 -90.99 125.00 -75.86
N GLY J 33 -89.85 124.37 -75.56
CA GLY J 33 -89.68 122.95 -75.84
C GLY J 33 -88.73 122.20 -74.92
N GLN J 34 -88.58 120.90 -75.15
CA GLN J 34 -87.79 120.05 -74.26
C GLN J 34 -87.05 118.99 -75.08
N ALA J 35 -85.81 118.70 -74.70
CA ALA J 35 -85.02 117.66 -75.34
C ALA J 35 -84.04 117.01 -74.37
N ALA J 36 -83.95 115.68 -74.39
CA ALA J 36 -82.98 114.99 -73.54
C ALA J 36 -81.59 115.19 -74.15
N ASP J 37 -80.57 115.22 -73.29
CA ASP J 37 -79.17 115.23 -73.74
C ASP J 37 -78.57 113.84 -73.66
N LEU J 38 -78.19 113.31 -74.82
CA LEU J 38 -77.74 111.93 -74.92
C LEU J 38 -76.38 111.74 -74.25
N LYS J 39 -75.44 112.66 -74.49
CA LYS J 39 -74.06 112.49 -74.02
C LYS J 39 -73.94 112.46 -72.48
N SER J 40 -74.60 113.40 -71.81
CA SER J 40 -74.63 113.45 -70.34
C SER J 40 -75.34 112.25 -69.69
N THR J 41 -76.48 111.88 -70.26
CA THR J 41 -77.27 110.74 -69.80
C THR J 41 -76.52 109.41 -69.78
N GLN J 42 -75.85 109.11 -70.90
CA GLN J 42 -75.11 107.85 -71.06
C GLN J 42 -73.94 107.76 -70.08
N ALA J 43 -73.33 108.90 -69.79
CA ALA J 43 -72.18 108.96 -68.89
C ALA J 43 -72.59 108.53 -67.50
N ALA J 44 -73.76 108.98 -67.07
CA ALA J 44 -74.28 108.63 -65.76
C ALA J 44 -74.61 107.15 -65.74
N ILE J 45 -75.29 106.70 -66.79
CA ILE J 45 -75.67 105.29 -66.90
C ILE J 45 -74.45 104.36 -66.91
N ASP J 46 -73.42 104.75 -67.66
CA ASP J 46 -72.21 103.94 -67.78
C ASP J 46 -71.51 103.77 -66.45
N GLN J 47 -71.48 104.83 -65.66
CA GLN J 47 -70.82 104.79 -64.36
C GLN J 47 -71.59 103.90 -63.40
N ILE J 48 -72.92 104.01 -63.40
CA ILE J 48 -73.76 103.17 -62.56
C ILE J 48 -73.72 101.70 -62.97
N ASN J 49 -73.69 101.45 -64.28
CA ASN J 49 -73.55 100.09 -64.80
C ASN J 49 -72.21 99.45 -64.45
N GLY J 50 -71.19 100.31 -64.35
CA GLY J 50 -69.87 99.90 -63.89
C GLY J 50 -69.88 99.36 -62.48
N LYS J 51 -70.63 100.04 -61.62
CA LYS J 51 -70.87 99.59 -60.26
C LYS J 51 -71.60 98.26 -60.23
N LEU J 52 -72.63 98.15 -61.06
CA LEU J 52 -73.42 96.93 -61.16
C LEU J 52 -72.59 95.73 -61.62
N ASN J 53 -71.71 95.95 -62.60
CA ASN J 53 -70.85 94.87 -63.10
C ASN J 53 -69.93 94.21 -62.06
N ARG J 54 -69.47 94.97 -61.08
CA ARG J 54 -68.65 94.40 -60.02
C ARG J 54 -69.50 93.62 -59.02
N LEU J 55 -70.78 93.97 -58.91
CA LEU J 55 -71.64 93.48 -57.84
C LEU J 55 -72.63 92.40 -58.26
N ILE J 56 -73.11 92.44 -59.49
CA ILE J 56 -74.17 91.52 -59.88
C ILE J 56 -73.55 90.34 -60.65
N GLY J 57 -73.89 89.14 -60.23
CA GLY J 57 -73.43 87.94 -60.92
C GLY J 57 -71.97 87.61 -60.70
N LYS J 58 -71.44 87.95 -59.53
CA LYS J 58 -70.01 87.82 -59.25
C LYS J 58 -69.71 87.03 -57.99
N THR J 59 -70.62 86.11 -57.65
CA THR J 59 -70.56 85.39 -56.38
C THR J 59 -69.40 84.40 -56.34
N ASN J 60 -68.98 84.03 -55.15
CA ASN J 60 -67.85 83.12 -54.97
C ASN J 60 -68.36 81.71 -54.70
N GLU J 61 -67.78 80.70 -55.35
CA GLU J 61 -68.18 79.31 -55.08
C GLU J 61 -67.50 78.80 -53.82
N LYS J 62 -68.33 78.26 -52.92
CA LYS J 62 -67.83 77.56 -51.75
C LYS J 62 -68.55 76.21 -51.65
N PHE J 63 -67.86 75.23 -51.08
CA PHE J 63 -68.37 73.87 -51.06
C PHE J 63 -68.53 73.32 -49.65
N HIS J 64 -67.70 72.34 -49.30
CA HIS J 64 -67.74 71.80 -47.95
C HIS J 64 -67.18 72.82 -46.98
N GLN J 65 -67.92 73.02 -45.89
CA GLN J 65 -67.59 74.04 -44.91
C GLN J 65 -67.61 73.45 -43.53
N ILE J 66 -68.20 74.17 -42.58
CA ILE J 66 -68.42 73.64 -41.25
C ILE J 66 -69.91 73.51 -41.05
N GLU J 67 -70.31 72.69 -40.09
CA GLU J 67 -71.72 72.64 -39.73
C GLU J 67 -72.07 73.93 -39.01
N LYS J 68 -73.33 74.32 -39.09
CA LYS J 68 -73.73 75.63 -38.65
C LYS J 68 -75.02 75.52 -37.83
N GLU J 69 -75.49 74.29 -37.72
CA GLU J 69 -76.62 73.96 -36.87
C GLU J 69 -76.27 72.69 -36.12
N PHE J 70 -76.79 72.58 -34.91
CA PHE J 70 -76.36 71.52 -34.01
C PHE J 70 -77.55 71.00 -33.21
N SER J 71 -77.67 69.68 -33.10
CA SER J 71 -78.81 69.09 -32.43
C SER J 71 -78.47 68.79 -30.96
N GLU J 72 -77.18 68.84 -30.64
CA GLU J 72 -76.73 68.58 -29.26
C GLU J 72 -75.83 69.70 -28.71
N VAL J 73 -75.92 69.91 -27.40
CA VAL J 73 -75.02 70.82 -26.66
C VAL J 73 -73.68 70.11 -26.57
N GLU J 74 -72.59 70.79 -26.88
CA GLU J 74 -71.28 70.13 -26.89
C GLU J 74 -70.20 70.91 -26.15
N GLY J 75 -70.43 72.21 -25.96
CA GLY J 75 -69.45 73.01 -25.26
C GLY J 75 -68.37 73.55 -26.16
N ARG J 76 -67.12 73.38 -25.71
CA ARG J 76 -65.98 74.11 -26.23
C ARG J 76 -65.88 74.10 -27.76
N ILE J 77 -66.00 72.93 -28.37
CA ILE J 77 -65.81 72.86 -29.80
C ILE J 77 -66.95 73.52 -30.57
N GLN J 78 -68.18 73.28 -30.14
CA GLN J 78 -69.36 73.90 -30.76
C GLN J 78 -69.45 75.43 -30.59
N ASP J 79 -69.03 75.92 -29.44
CA ASP J 79 -68.95 77.36 -29.16
C ASP J 79 -68.07 78.05 -30.18
N LEU J 80 -66.95 77.41 -30.49
CA LEU J 80 -65.98 77.97 -31.41
C LEU J 80 -66.53 77.99 -32.83
N GLU J 81 -67.16 76.89 -33.23
CA GLU J 81 -67.81 76.82 -34.53
C GLU J 81 -68.88 77.90 -34.74
N LYS J 82 -69.71 78.10 -33.73
CA LYS J 82 -70.74 79.13 -33.76
C LYS J 82 -70.15 80.54 -33.79
N TYR J 83 -69.12 80.75 -32.98
CA TYR J 83 -68.49 82.07 -32.88
C TYR J 83 -67.80 82.44 -34.17
N VAL J 84 -67.15 81.45 -34.80
CA VAL J 84 -66.49 81.67 -36.08
C VAL J 84 -67.53 82.13 -37.09
N GLU J 85 -68.66 81.43 -37.11
CA GLU J 85 -69.72 81.76 -38.06
C GLU J 85 -70.35 83.11 -37.75
N ASP J 86 -70.62 83.36 -36.48
CA ASP J 86 -71.18 84.65 -36.09
C ASP J 86 -70.24 85.79 -36.47
N THR J 87 -68.95 85.59 -36.24
CA THR J 87 -67.92 86.56 -36.59
C THR J 87 -67.89 86.88 -38.08
N LYS J 88 -67.92 85.84 -38.90
CA LYS J 88 -67.91 85.97 -40.37
C LYS J 88 -69.10 86.76 -40.91
N ILE J 89 -70.28 86.38 -40.46
CA ILE J 89 -71.52 86.97 -40.96
C ILE J 89 -71.60 88.47 -40.64
N ASP J 90 -71.17 88.86 -39.44
CA ASP J 90 -71.18 90.27 -39.02
C ASP J 90 -70.24 91.15 -39.86
N LEU J 91 -69.09 90.60 -40.21
CA LEU J 91 -68.10 91.32 -41.02
C LEU J 91 -68.60 91.50 -42.44
N TRP J 92 -69.25 90.45 -42.93
CA TRP J 92 -69.87 90.52 -44.23
C TRP J 92 -71.03 91.50 -44.19
N SER J 93 -71.76 91.45 -43.07
CA SER J 93 -72.87 92.36 -42.87
C SER J 93 -72.40 93.81 -42.78
N TYR J 94 -71.28 94.02 -42.10
CA TYR J 94 -70.67 95.34 -42.07
C TYR J 94 -70.24 95.86 -43.43
N ASN J 95 -69.51 95.01 -44.16
CA ASN J 95 -68.99 95.37 -45.46
C ASN J 95 -70.13 95.74 -46.40
N ALA J 96 -71.22 94.97 -46.36
CA ALA J 96 -72.36 95.18 -47.24
C ALA J 96 -73.03 96.52 -46.94
N GLU J 97 -73.19 96.80 -45.64
CA GLU J 97 -73.81 98.02 -45.19
C GLU J 97 -72.96 99.19 -45.64
N LEU J 98 -71.66 99.07 -45.42
CA LEU J 98 -70.74 100.13 -45.80
C LEU J 98 -70.73 100.27 -47.31
N LEU J 99 -70.74 99.15 -48.01
CA LEU J 99 -70.65 99.16 -49.46
C LEU J 99 -71.79 99.95 -50.10
N VAL J 100 -73.02 99.64 -49.68
CA VAL J 100 -74.20 100.27 -50.26
C VAL J 100 -74.35 101.76 -49.95
N ALA J 101 -74.06 102.12 -48.70
CA ALA J 101 -74.07 103.51 -48.24
C ALA J 101 -73.08 104.36 -48.99
N LEU J 102 -71.89 103.81 -49.18
CA LEU J 102 -70.83 104.48 -49.91
C LEU J 102 -71.22 104.63 -51.39
N GLU J 103 -71.70 103.54 -51.99
CA GLU J 103 -72.11 103.57 -53.39
C GLU J 103 -73.21 104.56 -53.65
N ASN J 104 -74.15 104.60 -52.72
CA ASN J 104 -75.29 105.46 -52.88
C ASN J 104 -74.89 106.94 -52.78
N GLN J 105 -74.02 107.26 -51.83
CA GLN J 105 -73.51 108.62 -51.68
C GLN J 105 -72.77 109.10 -52.93
N HIS J 106 -71.93 108.23 -53.46
CA HIS J 106 -71.12 108.56 -54.61
C HIS J 106 -71.96 108.70 -55.87
N THR J 107 -72.98 107.85 -55.98
CA THR J 107 -73.90 107.87 -57.12
C THR J 107 -74.75 109.15 -57.22
N ILE J 108 -75.28 109.63 -56.09
CA ILE J 108 -76.01 110.91 -56.09
C ILE J 108 -75.08 112.03 -56.49
N ASP J 109 -73.86 111.95 -55.97
CA ASP J 109 -72.86 112.96 -56.27
C ASP J 109 -72.37 112.91 -57.72
N LEU J 110 -72.20 111.71 -58.27
CA LEU J 110 -71.69 111.61 -59.63
C LEU J 110 -72.76 112.07 -60.62
N THR J 111 -74.02 111.80 -60.27
CA THR J 111 -75.15 112.22 -61.10
C THR J 111 -75.38 113.72 -61.01
N ASP J 112 -75.17 114.26 -59.81
CA ASP J 112 -75.19 115.69 -59.57
C ASP J 112 -74.08 116.33 -60.39
N SER J 113 -72.92 115.68 -60.36
CA SER J 113 -71.75 116.11 -61.12
C SER J 113 -71.99 116.22 -62.60
N GLU J 114 -72.64 115.21 -63.17
CA GLU J 114 -72.88 115.19 -64.61
C GLU J 114 -73.82 116.34 -65.00
N MET J 115 -74.79 116.63 -64.14
CA MET J 115 -75.69 117.76 -64.34
C MET J 115 -74.94 119.08 -64.38
N ASN J 116 -74.06 119.27 -63.42
CA ASN J 116 -73.28 120.49 -63.31
C ASN J 116 -72.42 120.67 -64.55
N LYS J 117 -71.81 119.56 -64.98
CA LYS J 117 -70.95 119.54 -66.16
C LYS J 117 -71.70 119.98 -67.41
N LEU J 118 -72.94 119.50 -67.56
CA LEU J 118 -73.74 119.82 -68.74
C LEU J 118 -74.11 121.29 -68.75
N PHE J 119 -74.45 121.81 -67.56
CA PHE J 119 -74.71 123.23 -67.39
C PHE J 119 -73.50 124.08 -67.80
N GLU J 120 -72.33 123.74 -67.25
CA GLU J 120 -71.09 124.46 -67.53
C GLU J 120 -70.67 124.44 -68.99
N LYS J 121 -70.78 123.27 -69.64
CA LYS J 121 -70.43 123.16 -71.06
C LYS J 121 -71.31 124.14 -71.81
N THR J 122 -72.61 124.10 -71.49
CA THR J 122 -73.59 124.97 -72.12
C THR J 122 -73.22 126.41 -71.78
N LYS J 123 -72.90 126.64 -70.51
CA LYS J 123 -72.51 127.97 -70.05
C LYS J 123 -71.34 128.56 -70.83
N LYS J 124 -70.29 127.77 -71.01
CA LYS J 124 -69.09 128.21 -71.73
C LYS J 124 -69.38 128.48 -73.21
N GLN J 125 -70.21 127.64 -73.80
CA GLN J 125 -70.57 127.71 -75.21
C GLN J 125 -71.20 129.04 -75.62
N LEU J 126 -72.05 129.58 -74.74
CA LEU J 126 -72.80 130.78 -75.01
C LEU J 126 -71.95 132.04 -74.87
N ARG J 127 -70.78 131.88 -74.25
CA ARG J 127 -69.79 132.95 -74.13
C ARG J 127 -70.44 134.19 -73.50
N GLU J 128 -70.40 135.31 -74.21
CA GLU J 128 -70.95 136.56 -73.69
C GLU J 128 -72.38 136.76 -74.20
N ASN J 129 -72.98 135.71 -74.74
CA ASN J 129 -74.28 135.83 -75.41
C ASN J 129 -75.44 135.49 -74.48
N ALA J 130 -75.13 135.07 -73.25
CA ALA J 130 -76.17 134.64 -72.31
C ALA J 130 -75.73 134.98 -70.89
N GLU J 131 -76.70 135.08 -69.99
CA GLU J 131 -76.41 135.25 -68.56
C GLU J 131 -77.06 134.16 -67.72
N ASP J 132 -76.39 133.78 -66.64
CA ASP J 132 -76.87 132.72 -65.73
C ASP J 132 -77.97 133.32 -64.85
N MET J 133 -79.18 132.78 -64.99
CA MET J 133 -80.32 133.29 -64.24
C MET J 133 -80.35 132.73 -62.81
N GLY J 134 -79.41 131.84 -62.51
CA GLY J 134 -79.25 131.30 -61.16
C GLY J 134 -80.02 130.04 -60.81
N ASN J 135 -80.88 129.59 -61.71
CA ASN J 135 -81.74 128.44 -61.45
C ASN J 135 -81.58 127.37 -62.53
N GLY J 136 -80.40 127.34 -63.16
CA GLY J 136 -80.11 126.45 -64.27
C GLY J 136 -80.54 126.93 -65.65
N CYS J 137 -81.16 128.10 -65.71
CA CYS J 137 -81.61 128.66 -66.98
C CYS J 137 -80.68 129.80 -67.40
N PHE J 138 -80.51 129.97 -68.71
CA PHE J 138 -79.80 131.12 -69.27
C PHE J 138 -80.77 132.04 -70.02
N LYS J 139 -80.68 133.34 -69.77
CA LYS J 139 -81.36 134.32 -70.62
C LYS J 139 -80.47 134.67 -71.81
N ILE J 140 -80.96 134.38 -73.01
CA ILE J 140 -80.24 134.65 -74.25
C ILE J 140 -80.68 135.98 -74.83
N TYR J 141 -79.72 136.87 -74.99
CA TYR J 141 -79.98 138.26 -75.33
C TYR J 141 -80.00 138.52 -76.83
N HIS J 142 -80.52 137.56 -77.58
CA HIS J 142 -80.69 137.71 -79.02
C HIS J 142 -81.81 136.77 -79.49
N LYS J 143 -82.36 137.04 -80.68
CA LYS J 143 -83.36 136.15 -81.26
C LYS J 143 -82.69 134.81 -81.46
N CYS J 144 -83.33 133.75 -80.97
CA CYS J 144 -82.71 132.44 -81.05
C CYS J 144 -83.79 131.42 -81.33
N ASP J 145 -84.06 131.20 -82.61
CA ASP J 145 -85.11 130.28 -82.97
C ASP J 145 -84.70 128.83 -82.68
N ASN J 146 -85.56 127.89 -83.09
CA ASN J 146 -85.33 126.48 -82.78
C ASN J 146 -84.03 125.91 -83.36
N ALA J 147 -83.67 126.34 -84.57
CA ALA J 147 -82.44 125.90 -85.19
C ALA J 147 -81.27 126.39 -84.34
N CYS J 148 -81.38 127.61 -83.84
CA CYS J 148 -80.38 128.20 -82.96
C CYS J 148 -80.22 127.40 -81.67
N ILE J 149 -81.35 127.12 -81.01
CA ILE J 149 -81.35 126.35 -79.77
C ILE J 149 -80.77 124.96 -80.01
N GLY J 150 -81.17 124.36 -81.13
CA GLY J 150 -80.68 123.06 -81.52
C GLY J 150 -79.17 123.06 -81.68
N SER J 151 -78.64 124.15 -82.23
CA SER J 151 -77.19 124.30 -82.40
C SER J 151 -76.46 124.31 -81.06
N ILE J 152 -77.07 124.91 -80.04
CA ILE J 152 -76.49 124.91 -78.70
C ILE J 152 -76.45 123.49 -78.16
N ARG J 153 -77.59 122.82 -78.27
CA ARG J 153 -77.73 121.46 -77.83
C ARG J 153 -76.80 120.51 -78.58
N ASN J 154 -76.60 120.80 -79.86
CA ASN J 154 -75.84 119.96 -80.77
C ASN J 154 -74.35 120.36 -80.74
N GLY J 155 -74.05 121.38 -79.94
CA GLY J 155 -72.69 121.84 -79.81
C GLY J 155 -72.10 122.51 -81.04
N THR J 156 -72.94 123.06 -81.92
CA THR J 156 -72.44 123.73 -83.13
C THR J 156 -72.76 125.22 -83.20
N TYR J 157 -73.30 125.75 -82.10
CA TYR J 157 -73.64 127.17 -82.00
C TYR J 157 -72.38 128.00 -82.18
N ASP J 158 -72.44 129.00 -83.07
CA ASP J 158 -71.31 129.89 -83.32
C ASP J 158 -71.55 131.22 -82.62
N HIS J 159 -70.92 131.43 -81.47
CA HIS J 159 -71.19 132.61 -80.64
C HIS J 159 -70.90 133.94 -81.35
N ASP J 160 -69.93 133.93 -82.26
CA ASP J 160 -69.53 135.15 -82.95
C ASP J 160 -70.63 135.75 -83.82
N VAL J 161 -71.51 134.89 -84.34
CA VAL J 161 -72.59 135.30 -85.24
C VAL J 161 -73.59 136.25 -84.56
N TYR J 162 -73.81 136.03 -83.26
CA TYR J 162 -74.84 136.73 -82.51
C TYR J 162 -74.27 137.75 -81.56
N ARG J 163 -72.94 137.82 -81.49
CA ARG J 163 -72.27 138.56 -80.43
C ARG J 163 -72.61 140.03 -80.40
N ASP J 164 -72.57 140.65 -81.57
CA ASP J 164 -72.90 142.06 -81.68
C ASP J 164 -74.34 142.32 -81.18
N GLU J 165 -75.28 141.51 -81.64
CA GLU J 165 -76.70 141.62 -81.29
C GLU J 165 -76.91 141.46 -79.79
N ALA J 166 -76.31 140.43 -79.24
CA ALA J 166 -76.46 140.09 -77.84
C ALA J 166 -75.89 141.17 -76.93
N LEU J 167 -74.70 141.66 -77.27
CA LEU J 167 -74.03 142.68 -76.49
C LEU J 167 -74.86 143.97 -76.40
N ASN J 168 -75.50 144.35 -77.50
CA ASN J 168 -76.36 145.53 -77.52
C ASN J 168 -77.49 145.35 -76.51
N ASN J 169 -78.03 144.14 -76.46
CA ASN J 169 -79.11 143.83 -75.54
C ASN J 169 -78.70 143.74 -74.08
N ARG J 170 -77.54 143.15 -73.80
CA ARG J 170 -77.11 142.97 -72.42
C ARG J 170 -76.81 144.30 -71.78
N PHE J 171 -76.14 145.16 -72.52
CA PHE J 171 -75.53 146.34 -71.92
C PHE J 171 -76.29 147.58 -72.29
N GLN J 172 -77.55 147.38 -72.63
CA GLN J 172 -78.49 148.46 -72.83
C GLN J 172 -78.70 149.19 -71.48
N ILE J 173 -79.29 150.38 -71.55
CA ILE J 173 -79.66 151.13 -70.35
C ILE J 173 -81.17 151.37 -70.28
N PRO K 3 -66.82 154.46 -55.60
CA PRO K 3 -67.21 153.94 -54.28
C PRO K 3 -67.67 152.48 -54.35
N GLY K 4 -68.97 152.25 -54.34
CA GLY K 4 -69.49 150.89 -54.40
C GLY K 4 -69.36 150.17 -53.07
N ALA K 5 -69.24 148.85 -53.13
CA ALA K 5 -69.13 148.06 -51.92
C ALA K 5 -68.32 146.80 -52.17
N THR K 6 -67.92 146.15 -51.08
CA THR K 6 -67.28 144.84 -51.14
C THR K 6 -68.07 143.86 -50.27
N LEU K 7 -68.28 142.65 -50.77
CA LEU K 7 -68.96 141.61 -49.98
C LEU K 7 -68.10 140.36 -50.03
N CYS K 8 -67.63 139.91 -48.86
CA CYS K 8 -66.75 138.75 -48.79
C CYS K 8 -67.41 137.54 -48.17
N LEU K 9 -67.14 136.39 -48.78
CA LEU K 9 -67.64 135.12 -48.29
C LEU K 9 -66.53 134.49 -47.47
N GLY K 10 -66.92 133.79 -46.41
CA GLY K 10 -65.97 133.13 -45.55
C GLY K 10 -66.61 132.06 -44.70
N HIS K 11 -65.80 131.45 -43.85
CA HIS K 11 -66.23 130.33 -43.02
C HIS K 11 -65.59 130.51 -41.65
N HIS K 12 -66.07 129.79 -40.64
CA HIS K 12 -65.55 130.00 -39.29
C HIS K 12 -64.21 129.31 -39.04
N ALA K 13 -63.61 129.63 -37.90
CA ALA K 13 -62.43 128.92 -37.43
C ALA K 13 -62.48 128.96 -35.91
N VAL K 14 -61.70 128.10 -35.27
CA VAL K 14 -61.60 128.08 -33.82
C VAL K 14 -60.14 128.19 -33.40
N PRO K 15 -59.87 128.68 -32.17
CA PRO K 15 -58.48 128.74 -31.73
C PRO K 15 -57.93 127.40 -31.23
N ASN K 16 -58.82 126.43 -30.96
CA ASN K 16 -58.38 125.14 -30.41
C ASN K 16 -58.86 123.97 -31.28
N GLY K 17 -58.31 123.87 -32.48
CA GLY K 17 -58.73 122.84 -33.42
C GLY K 17 -58.22 121.47 -33.02
N THR K 18 -58.71 120.44 -33.70
CA THR K 18 -58.27 119.08 -33.41
C THR K 18 -57.75 118.34 -34.64
N ILE K 19 -56.71 117.55 -34.44
CA ILE K 19 -56.08 116.82 -35.54
C ILE K 19 -56.72 115.45 -35.73
N VAL K 20 -57.08 115.15 -36.97
CA VAL K 20 -57.63 113.84 -37.33
C VAL K 20 -56.83 113.30 -38.52
N LYS K 21 -57.02 112.02 -38.85
CA LYS K 21 -56.36 111.43 -40.00
C LYS K 21 -57.37 111.33 -41.14
N THR K 22 -56.86 111.42 -42.36
CA THR K 22 -57.69 111.25 -43.54
C THR K 22 -57.01 110.33 -44.53
N ILE K 23 -57.68 110.13 -45.65
CA ILE K 23 -57.14 109.30 -46.72
C ILE K 23 -55.80 109.75 -47.29
N THR K 24 -55.57 111.05 -47.37
CA THR K 24 -54.36 111.51 -48.04
C THR K 24 -53.35 112.18 -47.11
N ASN K 25 -53.72 112.30 -45.83
CA ASN K 25 -52.86 113.00 -44.89
C ASN K 25 -53.16 112.53 -43.48
N ASP K 26 -52.12 112.15 -42.75
CA ASP K 26 -52.33 111.61 -41.41
C ASP K 26 -52.55 112.67 -40.32
N GLN K 27 -52.28 113.95 -40.64
CA GLN K 27 -52.45 115.02 -39.66
C GLN K 27 -52.93 116.34 -40.29
N ILE K 28 -54.24 116.56 -40.25
CA ILE K 28 -54.88 117.77 -40.78
C ILE K 28 -55.76 118.37 -39.67
N GLU K 29 -55.71 119.68 -39.47
CA GLU K 29 -56.47 120.27 -38.37
C GLU K 29 -57.91 120.67 -38.76
N VAL K 30 -58.87 120.24 -37.95
CA VAL K 30 -60.28 120.59 -38.13
C VAL K 30 -60.86 121.34 -36.93
N THR K 31 -62.06 121.88 -37.09
CA THR K 31 -62.66 122.72 -36.05
C THR K 31 -63.17 121.89 -34.87
N ASN K 32 -63.43 120.61 -35.10
CA ASN K 32 -64.01 119.76 -34.07
C ASN K 32 -63.92 118.28 -34.45
N ALA K 33 -63.91 117.40 -33.46
CA ALA K 33 -63.90 115.96 -33.72
C ALA K 33 -64.53 115.21 -32.54
N THR K 34 -64.81 113.91 -32.71
CA THR K 34 -65.34 113.07 -31.64
C THR K 34 -64.63 111.71 -31.53
N GLU K 35 -64.50 111.20 -30.30
CA GLU K 35 -63.73 109.98 -30.07
C GLU K 35 -64.62 108.78 -30.34
N LEU K 36 -64.13 107.84 -31.14
CA LEU K 36 -64.93 106.66 -31.50
C LEU K 36 -64.48 105.44 -30.70
N VAL K 37 -63.40 105.58 -29.96
CA VAL K 37 -62.89 104.50 -29.13
C VAL K 37 -63.10 104.78 -27.64
N GLN K 38 -63.94 103.97 -27.00
CA GLN K 38 -64.10 104.04 -25.55
C GLN K 38 -62.82 103.51 -24.92
N ASN K 39 -62.16 104.33 -24.12
CA ASN K 39 -60.85 103.96 -23.59
C ASN K 39 -60.80 103.80 -22.06
N SER K 40 -61.96 103.90 -21.42
CA SER K 40 -62.00 103.81 -19.96
C SER K 40 -63.23 103.04 -19.47
N SER K 41 -63.12 102.50 -18.26
CA SER K 41 -64.26 101.96 -17.54
C SER K 41 -64.38 102.63 -16.18
N ILE K 42 -65.55 102.57 -15.57
CA ILE K 42 -65.73 103.10 -14.23
C ILE K 42 -65.21 102.13 -13.15
N GLY K 43 -64.76 100.96 -13.60
CA GLY K 43 -64.07 100.02 -12.72
C GLY K 43 -64.95 99.09 -11.91
N GLU K 44 -66.27 99.16 -12.12
CA GLU K 44 -67.16 98.21 -11.49
C GLU K 44 -68.14 97.58 -12.49
N ILE K 45 -68.56 96.35 -12.20
CA ILE K 45 -69.56 95.70 -13.05
C ILE K 45 -70.94 96.02 -12.50
N CYS K 46 -71.70 96.82 -13.25
CA CYS K 46 -73.04 97.22 -12.83
C CYS K 46 -74.04 96.07 -12.77
N ASP K 47 -74.82 96.06 -11.70
CA ASP K 47 -75.79 95.01 -11.43
C ASP K 47 -77.09 95.10 -12.25
N SER K 48 -77.19 96.14 -13.08
CA SER K 48 -78.36 96.34 -13.92
C SER K 48 -77.88 96.69 -15.32
N PRO K 49 -78.67 96.33 -16.35
CA PRO K 49 -79.98 95.68 -16.31
C PRO K 49 -79.86 94.19 -16.45
N HIS K 50 -78.64 93.67 -16.52
CA HIS K 50 -78.44 92.24 -16.62
C HIS K 50 -78.41 91.65 -15.21
N GLN K 51 -78.88 90.42 -15.06
CA GLN K 51 -78.88 89.78 -13.75
C GLN K 51 -77.48 89.23 -13.47
N ILE K 52 -76.81 89.81 -12.49
CA ILE K 52 -75.44 89.44 -12.16
C ILE K 52 -75.43 88.47 -10.99
N LEU K 53 -74.62 87.43 -11.10
CA LEU K 53 -74.40 86.53 -9.98
C LEU K 53 -72.91 86.49 -9.63
N ASP K 54 -72.55 87.03 -8.47
CA ASP K 54 -71.17 87.06 -8.03
C ASP K 54 -70.81 85.72 -7.41
N GLY K 55 -69.88 85.01 -8.05
CA GLY K 55 -69.47 83.69 -7.58
C GLY K 55 -68.72 83.75 -6.28
N GLU K 56 -68.21 84.93 -5.95
CA GLU K 56 -67.42 85.13 -4.74
C GLU K 56 -66.29 84.12 -4.59
N ASN K 57 -66.37 83.30 -3.55
CA ASN K 57 -65.37 82.26 -3.30
C ASN K 57 -65.57 81.00 -4.14
N CYS K 58 -66.64 80.95 -4.92
CA CYS K 58 -67.06 79.74 -5.62
C CYS K 58 -66.91 79.82 -7.14
N THR K 59 -66.30 78.80 -7.75
CA THR K 59 -66.37 78.65 -9.19
C THR K 59 -67.78 78.16 -9.56
N LEU K 60 -68.14 78.29 -10.83
CA LEU K 60 -69.43 77.78 -11.34
C LEU K 60 -69.58 76.30 -11.08
N ILE K 61 -68.51 75.57 -11.35
CA ILE K 61 -68.52 74.14 -11.16
C ILE K 61 -68.75 73.76 -9.69
N ASP K 62 -68.13 74.50 -8.78
CA ASP K 62 -68.35 74.26 -7.35
C ASP K 62 -69.78 74.55 -6.86
N ALA K 63 -70.40 75.59 -7.40
CA ALA K 63 -71.78 75.92 -7.07
C ALA K 63 -72.74 74.89 -7.65
N LEU K 64 -72.37 74.39 -8.82
CA LEU K 64 -73.13 73.35 -9.50
C LEU K 64 -73.11 72.08 -8.65
N LEU K 65 -71.91 71.62 -8.33
CA LEU K 65 -71.78 70.38 -7.56
C LEU K 65 -72.37 70.51 -6.16
N GLY K 66 -72.26 71.70 -5.58
CA GLY K 66 -72.77 71.93 -4.24
C GLY K 66 -71.70 71.83 -3.16
N ASP K 67 -70.52 72.39 -3.43
CA ASP K 67 -69.50 72.60 -2.40
C ASP K 67 -70.22 73.40 -1.32
N PRO K 68 -70.10 72.96 -0.06
CA PRO K 68 -70.86 73.54 1.07
C PRO K 68 -70.84 75.06 1.14
N GLN K 69 -69.70 75.68 0.87
CA GLN K 69 -69.63 77.14 0.91
C GLN K 69 -70.41 77.79 -0.23
N CYS K 70 -70.85 76.97 -1.18
CA CYS K 70 -71.61 77.47 -2.33
C CYS K 70 -73.08 77.08 -2.25
N ASP K 71 -73.52 76.64 -1.09
CA ASP K 71 -74.89 76.17 -0.93
C ASP K 71 -75.93 77.27 -1.19
N GLY K 72 -75.55 78.52 -0.92
CA GLY K 72 -76.42 79.67 -1.15
C GLY K 72 -76.79 79.88 -2.61
N PHE K 73 -76.01 79.28 -3.50
CA PHE K 73 -76.21 79.48 -4.92
C PHE K 73 -77.25 78.54 -5.51
N GLN K 74 -77.73 77.60 -4.70
CA GLN K 74 -78.61 76.54 -5.18
C GLN K 74 -79.82 77.11 -5.92
N ASN K 75 -80.01 76.63 -7.15
CA ASN K 75 -81.21 76.90 -7.94
C ASN K 75 -81.32 78.34 -8.44
N LYS K 76 -80.25 79.10 -8.24
CA LYS K 76 -80.22 80.50 -8.67
C LYS K 76 -80.00 80.60 -10.18
N LYS K 77 -80.41 81.72 -10.77
CA LYS K 77 -80.20 81.95 -12.19
C LYS K 77 -79.31 83.16 -12.41
N TRP K 78 -78.80 83.33 -13.63
CA TRP K 78 -77.99 84.50 -13.93
C TRP K 78 -78.06 84.72 -15.44
N ASP K 79 -77.81 85.95 -15.84
CA ASP K 79 -77.45 86.25 -17.21
C ASP K 79 -75.92 86.14 -17.27
N LEU K 80 -75.24 86.68 -16.26
CA LEU K 80 -73.78 86.61 -16.21
C LEU K 80 -73.25 86.19 -14.85
N PHE K 81 -72.61 85.03 -14.84
CA PHE K 81 -71.94 84.54 -13.67
C PHE K 81 -70.51 85.09 -13.69
N VAL K 82 -70.09 85.70 -12.59
CA VAL K 82 -68.78 86.33 -12.50
C VAL K 82 -67.88 85.52 -11.59
N GLU K 83 -66.82 84.95 -12.15
CA GLU K 83 -65.89 84.14 -11.37
C GLU K 83 -64.73 84.97 -10.86
N ARG K 84 -64.44 84.83 -9.58
CA ARG K 84 -63.42 85.65 -8.94
C ARG K 84 -62.12 84.85 -8.93
N SER K 85 -60.99 85.54 -9.04
CA SER K 85 -59.69 84.87 -9.05
C SER K 85 -59.40 84.26 -7.68
N LYS K 86 -60.07 84.78 -6.66
CA LYS K 86 -59.90 84.33 -5.29
C LYS K 86 -60.60 83.00 -4.98
N ALA K 87 -61.43 82.52 -5.90
CA ALA K 87 -62.23 81.32 -5.66
C ALA K 87 -61.39 80.09 -5.32
N TYR K 88 -61.93 79.20 -4.50
CA TYR K 88 -61.25 77.96 -4.15
C TYR K 88 -62.25 76.87 -3.78
N SER K 89 -61.85 75.61 -3.98
CA SER K 89 -62.69 74.48 -3.58
C SER K 89 -62.30 74.05 -2.18
N ASN K 90 -63.28 73.60 -1.42
CA ASN K 90 -63.05 73.17 -0.05
C ASN K 90 -63.89 71.95 0.19
N CYS K 91 -63.96 71.10 -0.83
CA CYS K 91 -64.69 69.86 -0.72
C CYS K 91 -63.74 68.74 -1.11
N TYR K 92 -64.27 67.59 -1.53
CA TYR K 92 -63.40 66.51 -1.93
C TYR K 92 -62.69 66.93 -3.20
N PRO K 93 -61.37 66.69 -3.24
CA PRO K 93 -60.64 67.11 -4.45
C PRO K 93 -61.16 66.36 -5.66
N TYR K 94 -61.38 67.07 -6.75
CA TYR K 94 -61.95 66.46 -7.94
C TYR K 94 -61.36 67.08 -9.18
N ASP K 95 -61.46 66.38 -10.30
CA ASP K 95 -61.23 66.99 -11.60
C ASP K 95 -62.40 66.68 -12.54
N VAL K 96 -62.48 67.46 -13.62
CA VAL K 96 -63.50 67.28 -14.65
C VAL K 96 -62.83 67.26 -16.02
N PRO K 97 -62.82 66.08 -16.67
CA PRO K 97 -62.38 65.98 -18.06
C PRO K 97 -63.18 66.94 -18.91
N ASP K 98 -62.50 67.70 -19.77
CA ASP K 98 -63.15 68.74 -20.54
C ASP K 98 -63.90 69.70 -19.63
N TYR K 99 -63.22 70.12 -18.56
CA TYR K 99 -63.72 71.15 -17.65
C TYR K 99 -64.28 72.35 -18.42
N ALA K 100 -63.54 72.82 -19.42
CA ALA K 100 -63.95 74.01 -20.16
C ALA K 100 -65.32 73.87 -20.84
N SER K 101 -65.65 72.69 -21.33
CA SER K 101 -66.95 72.47 -21.97
C SER K 101 -68.13 72.44 -20.99
N LEU K 102 -67.92 71.79 -19.85
CA LEU K 102 -68.96 71.73 -18.84
C LEU K 102 -69.25 73.11 -18.26
N ARG K 103 -68.19 73.82 -17.90
CA ARG K 103 -68.30 75.18 -17.40
C ARG K 103 -69.06 76.04 -18.39
N SER K 104 -68.69 75.93 -19.66
CA SER K 104 -69.28 76.72 -20.74
C SER K 104 -70.76 76.42 -20.97
N LEU K 105 -71.11 75.14 -21.05
CA LEU K 105 -72.47 74.73 -21.37
C LEU K 105 -73.43 75.11 -20.24
N VAL K 106 -72.95 75.03 -19.00
CA VAL K 106 -73.72 75.43 -17.82
C VAL K 106 -73.91 76.94 -17.80
N ALA K 107 -72.83 77.65 -18.09
CA ALA K 107 -72.86 79.10 -18.19
C ALA K 107 -73.94 79.56 -19.16
N SER K 108 -74.02 78.90 -20.31
CA SER K 108 -74.95 79.30 -21.37
C SER K 108 -76.40 79.00 -21.01
N SER K 109 -76.62 77.92 -20.28
CA SER K 109 -77.97 77.56 -19.85
C SER K 109 -78.51 78.59 -18.85
N GLY K 110 -77.64 79.04 -17.96
CA GLY K 110 -77.97 80.17 -17.11
C GLY K 110 -78.80 79.86 -15.88
N THR K 111 -78.80 78.61 -15.44
CA THR K 111 -79.57 78.24 -14.26
C THR K 111 -78.96 77.08 -13.45
N LEU K 112 -79.16 77.10 -12.14
CA LEU K 112 -78.74 76.01 -11.25
C LEU K 112 -79.93 75.24 -10.69
N GLU K 113 -81.10 75.48 -11.28
CA GLU K 113 -82.33 74.81 -10.88
C GLU K 113 -82.14 73.29 -10.85
N PHE K 114 -82.40 72.69 -9.71
CA PHE K 114 -82.14 71.26 -9.52
C PHE K 114 -83.42 70.58 -9.07
N ASN K 115 -83.71 69.44 -9.68
CA ASN K 115 -84.87 68.66 -9.30
C ASN K 115 -84.39 67.31 -8.80
N ASN K 116 -84.70 67.02 -7.55
CA ASN K 116 -84.36 65.74 -6.97
C ASN K 116 -85.18 64.60 -7.58
N GLU K 117 -84.58 63.40 -7.67
CA GLU K 117 -85.28 62.21 -8.12
C GLU K 117 -84.97 61.01 -7.22
N SER K 118 -85.95 60.10 -7.09
CA SER K 118 -85.80 58.94 -6.21
C SER K 118 -85.19 57.76 -6.95
N PHE K 119 -83.86 57.74 -6.99
CA PHE K 119 -83.14 56.62 -7.60
C PHE K 119 -83.24 55.41 -6.66
N ASN K 120 -83.19 54.21 -7.24
CA ASN K 120 -83.27 53.00 -6.45
C ASN K 120 -81.87 52.47 -6.10
N TRP K 121 -81.34 52.85 -4.95
CA TRP K 121 -80.02 52.38 -4.55
C TRP K 121 -80.10 51.26 -3.52
N THR K 122 -81.02 50.34 -3.76
CA THR K 122 -81.14 49.17 -2.90
C THR K 122 -79.92 48.29 -3.05
N GLY K 123 -79.36 47.89 -1.93
CA GLY K 123 -78.21 47.00 -1.93
C GLY K 123 -76.99 47.70 -1.40
N VAL K 124 -76.99 49.02 -1.46
CA VAL K 124 -75.82 49.77 -1.01
C VAL K 124 -76.11 50.82 0.05
N THR K 125 -75.03 51.32 0.65
CA THR K 125 -75.10 52.42 1.59
C THR K 125 -74.92 53.69 0.79
N GLN K 126 -75.82 54.65 0.95
CA GLN K 126 -75.70 55.89 0.20
C GLN K 126 -75.03 57.01 0.99
N ASN K 127 -74.74 58.11 0.29
CA ASN K 127 -74.27 59.35 0.90
C ASN K 127 -72.92 59.36 1.64
N GLY K 128 -71.89 58.73 1.09
CA GLY K 128 -70.58 58.77 1.73
C GLY K 128 -69.95 60.16 1.85
N THR K 129 -69.34 60.43 3.00
CA THR K 129 -68.68 61.71 3.27
C THR K 129 -67.20 61.65 3.66
N SER K 130 -66.62 62.85 3.72
CA SER K 130 -65.20 63.04 4.00
C SER K 130 -65.01 64.30 4.85
N SER K 131 -63.95 64.27 5.66
CA SER K 131 -63.58 65.38 6.54
C SER K 131 -62.95 66.50 5.75
N ALA K 132 -62.71 66.24 4.47
CA ALA K 132 -62.15 67.23 3.58
C ALA K 132 -63.24 68.11 2.96
N CYS K 133 -64.49 67.85 3.34
CA CYS K 133 -65.64 68.58 2.78
C CYS K 133 -66.66 68.88 3.87
N ILE K 134 -66.37 69.91 4.64
CA ILE K 134 -67.15 70.27 5.83
C ILE K 134 -68.37 71.17 5.58
N ARG K 135 -69.51 70.75 6.11
CA ARG K 135 -70.73 71.56 6.09
C ARG K 135 -71.33 71.66 7.49
N ARG K 136 -71.46 72.89 7.98
CA ARG K 136 -71.96 73.16 9.33
C ARG K 136 -71.21 72.38 10.41
N SER K 137 -69.89 72.44 10.40
CA SER K 137 -69.06 71.84 11.44
C SER K 137 -69.09 70.31 11.44
N ASN K 138 -69.85 69.74 10.51
CA ASN K 138 -69.94 68.29 10.40
C ASN K 138 -69.36 67.78 9.08
N ASN K 139 -68.86 66.55 9.09
CA ASN K 139 -68.42 65.85 7.88
C ASN K 139 -69.52 65.81 6.82
N SER K 140 -69.18 66.18 5.58
CA SER K 140 -70.21 66.22 4.54
C SER K 140 -69.69 65.84 3.15
N PHE K 141 -70.41 66.30 2.13
CA PHE K 141 -70.07 65.98 0.75
C PHE K 141 -70.76 66.99 -0.18
N PHE K 142 -70.44 66.95 -1.47
CA PHE K 142 -71.13 67.75 -2.47
C PHE K 142 -72.64 67.55 -2.32
N SER K 143 -73.39 68.65 -2.33
CA SER K 143 -74.82 68.60 -2.04
C SER K 143 -75.62 67.81 -3.08
N ARG K 144 -75.17 67.85 -4.34
CA ARG K 144 -75.94 67.28 -5.45
C ARG K 144 -75.52 65.85 -5.82
N LEU K 145 -74.56 65.32 -5.08
CA LEU K 145 -74.02 64.00 -5.38
C LEU K 145 -74.16 63.00 -4.23
N ASN K 146 -74.22 61.72 -4.58
CA ASN K 146 -74.47 60.65 -3.62
C ASN K 146 -73.36 59.60 -3.67
N TRP K 147 -72.50 59.63 -2.67
CA TRP K 147 -71.38 58.70 -2.58
C TRP K 147 -71.86 57.34 -2.05
N LEU K 148 -71.94 56.35 -2.92
CA LEU K 148 -72.41 55.02 -2.52
C LEU K 148 -71.29 54.08 -2.04
N THR K 149 -71.51 53.37 -0.95
CA THR K 149 -70.53 52.38 -0.47
C THR K 149 -71.20 51.07 -0.08
N HIS K 150 -70.41 50.05 0.27
CA HIS K 150 -70.97 48.74 0.59
C HIS K 150 -71.92 48.79 1.79
N LEU K 151 -72.77 47.78 1.86
CA LEU K 151 -73.62 47.58 3.01
C LEU K 151 -73.42 46.13 3.41
N ASN K 152 -72.92 45.88 4.62
CA ASN K 152 -72.65 44.50 5.03
C ASN K 152 -71.68 43.72 4.13
N PHE K 153 -70.63 44.39 3.64
CA PHE K 153 -69.59 43.75 2.83
C PHE K 153 -70.17 43.29 1.51
N LYS K 154 -71.26 43.92 1.09
CA LYS K 154 -71.70 43.67 -0.25
C LYS K 154 -71.94 44.96 -1.01
N TYR K 155 -71.62 44.94 -2.29
CA TYR K 155 -71.96 46.03 -3.17
C TYR K 155 -72.54 45.27 -4.34
N PRO K 156 -73.85 45.01 -4.31
CA PRO K 156 -74.28 44.23 -5.47
C PRO K 156 -74.25 45.11 -6.71
N ALA K 157 -73.99 44.50 -7.87
CA ALA K 157 -73.93 45.24 -9.11
C ALA K 157 -75.25 45.97 -9.30
N LEU K 158 -75.19 47.29 -9.31
CA LEU K 158 -76.39 48.10 -9.46
C LEU K 158 -76.77 48.28 -10.93
N ASN K 159 -78.07 48.19 -11.20
CA ASN K 159 -78.62 48.37 -12.55
C ASN K 159 -79.92 49.13 -12.34
N VAL K 160 -79.79 50.45 -12.27
CA VAL K 160 -80.86 51.37 -11.84
C VAL K 160 -81.30 52.32 -12.95
N THR K 161 -82.60 52.54 -13.08
CA THR K 161 -83.11 53.28 -14.23
C THR K 161 -83.84 54.56 -13.82
N MET K 162 -83.80 55.56 -14.70
CA MET K 162 -84.53 56.81 -14.54
C MET K 162 -84.88 57.44 -15.89
N PRO K 163 -86.14 57.30 -16.32
CA PRO K 163 -86.64 57.79 -17.60
C PRO K 163 -86.85 59.30 -17.61
N ASN K 164 -86.51 59.96 -18.71
CA ASN K 164 -86.95 61.33 -18.88
C ASN K 164 -88.29 61.38 -19.59
N ASN K 165 -89.37 61.54 -18.83
CA ASN K 165 -90.70 61.67 -19.41
C ASN K 165 -91.20 63.11 -19.32
N GLU K 166 -90.25 64.03 -19.20
CA GLU K 166 -90.56 65.46 -19.17
C GLU K 166 -90.52 65.98 -20.60
N GLN K 167 -90.83 67.27 -20.80
CA GLN K 167 -90.75 67.86 -22.12
C GLN K 167 -89.53 68.72 -22.35
N PHE K 168 -88.63 68.72 -21.37
CA PHE K 168 -87.39 69.47 -21.48
C PHE K 168 -86.24 68.50 -21.22
N ASP K 169 -85.04 68.88 -21.65
CA ASP K 169 -83.86 68.06 -21.42
C ASP K 169 -83.42 68.08 -19.96
N LYS K 170 -82.77 66.99 -19.53
CA LYS K 170 -82.19 66.88 -18.21
C LYS K 170 -80.68 66.75 -18.28
N LEU K 171 -80.00 67.48 -17.42
CA LEU K 171 -78.56 67.36 -17.31
C LEU K 171 -78.17 66.63 -16.04
N TYR K 172 -77.54 65.47 -16.20
CA TYR K 172 -77.09 64.68 -15.05
C TYR K 172 -75.60 64.84 -14.82
N ILE K 173 -75.25 65.10 -13.56
CA ILE K 173 -73.86 65.18 -13.13
C ILE K 173 -73.52 64.03 -12.19
N TRP K 174 -72.48 63.27 -12.52
CA TRP K 174 -72.07 62.14 -11.71
C TRP K 174 -70.55 62.02 -11.70
N GLY K 175 -70.03 61.06 -10.96
CA GLY K 175 -68.59 60.90 -10.85
C GLY K 175 -68.10 59.50 -10.54
N VAL K 176 -66.79 59.33 -10.63
CA VAL K 176 -66.15 58.07 -10.26
C VAL K 176 -65.11 58.36 -9.20
N HIS K 177 -65.09 57.56 -8.14
CA HIS K 177 -64.10 57.76 -7.10
C HIS K 177 -62.88 56.91 -7.38
N HIS K 178 -61.72 57.56 -7.34
CA HIS K 178 -60.43 56.88 -7.46
C HIS K 178 -59.77 56.91 -6.08
N PRO K 179 -59.90 55.82 -5.30
CA PRO K 179 -59.26 55.76 -3.98
C PRO K 179 -57.73 55.77 -4.07
N GLY K 180 -57.06 56.11 -2.97
CA GLY K 180 -55.62 56.28 -2.96
C GLY K 180 -54.84 54.99 -2.77
N THR K 181 -55.50 53.98 -2.18
CA THR K 181 -54.88 52.70 -1.93
C THR K 181 -55.86 51.57 -2.18
N ASP K 182 -55.32 50.36 -2.32
CA ASP K 182 -56.14 49.16 -2.47
C ASP K 182 -56.97 48.98 -1.20
N LYS K 183 -56.37 49.32 -0.07
CA LYS K 183 -57.03 49.23 1.23
C LYS K 183 -58.33 50.00 1.19
N ASP K 184 -58.34 51.17 0.57
CA ASP K 184 -59.56 51.96 0.51
C ASP K 184 -60.57 51.30 -0.40
N GLN K 185 -60.11 50.81 -1.54
CA GLN K 185 -60.98 50.13 -2.48
C GLN K 185 -61.83 48.99 -1.93
N ILE K 186 -61.18 48.05 -1.25
CA ILE K 186 -61.87 46.90 -0.68
C ILE K 186 -62.79 47.45 0.38
N PHE K 187 -62.23 48.40 1.11
CA PHE K 187 -62.91 49.04 2.19
C PHE K 187 -64.18 49.82 1.89
N LEU K 188 -64.20 50.49 0.76
CA LEU K 188 -65.37 51.29 0.39
C LEU K 188 -66.45 50.45 -0.27
N TYR K 189 -66.02 49.64 -1.22
CA TYR K 189 -66.88 48.98 -2.17
C TYR K 189 -66.94 47.47 -2.05
N ALA K 190 -66.18 46.94 -1.09
CA ALA K 190 -66.22 45.50 -0.80
C ALA K 190 -65.81 44.62 -1.98
N GLN K 191 -65.11 45.19 -2.95
CA GLN K 191 -64.55 44.42 -4.04
C GLN K 191 -63.39 45.15 -4.74
N SER K 192 -62.49 44.36 -5.32
CA SER K 192 -61.18 44.85 -5.74
C SER K 192 -61.24 45.85 -6.88
N SER K 193 -62.24 45.72 -7.73
CA SER K 193 -62.31 46.55 -8.92
C SER K 193 -63.74 46.96 -9.16
N GLY K 194 -63.96 48.27 -9.16
CA GLY K 194 -65.28 48.81 -9.44
C GLY K 194 -65.35 49.05 -10.93
N ARG K 195 -66.55 49.34 -11.40
CA ARG K 195 -66.73 49.63 -12.81
C ARG K 195 -68.07 50.37 -12.97
N ILE K 196 -68.07 51.40 -13.79
CA ILE K 196 -69.26 52.23 -13.96
C ILE K 196 -69.58 52.41 -15.44
N THR K 197 -70.81 52.09 -15.81
CA THR K 197 -71.29 52.41 -17.14
C THR K 197 -72.57 53.23 -17.07
N VAL K 198 -72.55 54.40 -17.70
CA VAL K 198 -73.72 55.26 -17.78
C VAL K 198 -74.11 55.45 -19.23
N SER K 199 -75.33 55.03 -19.56
CA SER K 199 -75.78 55.05 -20.94
C SER K 199 -77.16 55.67 -21.11
N THR K 200 -77.45 56.08 -22.34
CA THR K 200 -78.81 56.44 -22.76
C THR K 200 -79.10 55.67 -24.04
N LYS K 201 -80.18 56.02 -24.71
CA LYS K 201 -80.48 55.39 -26.00
C LYS K 201 -79.47 55.85 -27.03
N ARG K 202 -78.93 57.04 -26.83
CA ARG K 202 -78.05 57.66 -27.81
C ARG K 202 -76.62 57.85 -27.32
N SER K 203 -76.28 57.23 -26.21
CA SER K 203 -74.93 57.36 -25.66
C SER K 203 -74.53 56.31 -24.63
N GLN K 204 -73.23 56.15 -24.43
CA GLN K 204 -72.70 55.26 -23.41
C GLN K 204 -71.36 55.81 -22.93
N GLN K 205 -71.17 55.85 -21.61
CA GLN K 205 -69.93 56.35 -21.02
C GLN K 205 -69.40 55.37 -19.98
N ALA K 206 -68.33 54.68 -20.32
CA ALA K 206 -67.76 53.66 -19.45
C ALA K 206 -66.45 54.11 -18.82
N VAL K 207 -66.36 54.03 -17.50
CA VAL K 207 -65.19 54.50 -16.75
C VAL K 207 -64.65 53.48 -15.75
N ILE K 208 -63.33 53.29 -15.76
CA ILE K 208 -62.65 52.41 -14.81
C ILE K 208 -61.95 53.24 -13.76
N PRO K 209 -62.30 52.99 -12.49
CA PRO K 209 -61.67 53.69 -11.38
C PRO K 209 -60.18 53.40 -11.41
N ASN K 210 -59.37 54.39 -11.07
CA ASN K 210 -57.94 54.19 -11.00
C ASN K 210 -57.36 54.35 -9.62
N ILE K 211 -57.06 53.20 -9.01
CA ILE K 211 -56.51 53.16 -7.67
C ILE K 211 -55.02 53.53 -7.74
N GLY K 212 -54.59 54.39 -6.82
CA GLY K 212 -53.22 54.86 -6.77
C GLY K 212 -53.18 56.20 -6.08
N SER K 213 -52.02 56.54 -5.54
CA SER K 213 -51.88 57.81 -4.85
C SER K 213 -51.67 58.96 -5.83
N ARG K 214 -52.38 60.06 -5.61
CA ARG K 214 -52.08 61.34 -6.26
C ARG K 214 -51.52 62.27 -5.19
N PRO K 215 -50.78 63.32 -5.60
CA PRO K 215 -50.34 64.35 -4.65
C PRO K 215 -51.51 64.84 -3.82
N ARG K 216 -51.35 64.84 -2.51
CA ARG K 216 -52.46 65.15 -1.61
C ARG K 216 -52.99 66.57 -1.77
N ILE K 217 -54.30 66.71 -1.77
CA ILE K 217 -54.94 68.01 -1.79
C ILE K 217 -55.74 68.12 -0.50
N ARG K 218 -55.41 69.10 0.33
CA ARG K 218 -56.01 69.25 1.64
C ARG K 218 -55.98 67.92 2.41
N ASN K 219 -54.82 67.27 2.32
CA ASN K 219 -54.52 65.97 2.95
C ASN K 219 -55.22 64.76 2.31
N ILE K 220 -55.77 64.93 1.12
CA ILE K 220 -56.48 63.83 0.45
C ILE K 220 -55.74 63.41 -0.82
N PRO K 221 -55.26 62.14 -0.83
CA PRO K 221 -54.51 61.56 -1.95
C PRO K 221 -55.41 60.94 -3.02
N SER K 222 -56.67 60.73 -2.68
CA SER K 222 -57.63 60.15 -3.62
C SER K 222 -58.24 61.24 -4.48
N ARG K 223 -59.08 60.86 -5.44
CA ARG K 223 -59.71 61.83 -6.32
C ARG K 223 -61.12 61.39 -6.73
N ILE K 224 -61.93 62.35 -7.18
CA ILE K 224 -63.19 62.08 -7.85
C ILE K 224 -63.13 62.67 -9.25
N SER K 225 -63.55 61.91 -10.25
CA SER K 225 -63.63 62.45 -11.60
C SER K 225 -65.07 62.77 -11.94
N ILE K 226 -65.33 63.98 -12.45
CA ILE K 226 -66.69 64.40 -12.69
C ILE K 226 -67.09 64.22 -14.15
N TYR K 227 -68.28 63.67 -14.37
CA TYR K 227 -68.80 63.45 -15.71
C TYR K 227 -70.20 64.03 -15.86
N TRP K 228 -70.67 64.20 -17.10
CA TRP K 228 -72.05 64.66 -17.33
C TRP K 228 -72.78 63.91 -18.44
N THR K 229 -74.10 63.91 -18.36
CA THR K 229 -74.92 63.23 -19.35
C THR K 229 -76.21 63.97 -19.60
N ILE K 230 -76.50 64.24 -20.87
CA ILE K 230 -77.76 64.89 -21.22
C ILE K 230 -78.76 63.83 -21.70
N VAL K 231 -79.97 63.90 -21.16
CA VAL K 231 -81.01 62.95 -21.51
C VAL K 231 -82.20 63.66 -22.13
N LYS K 232 -82.52 63.31 -23.36
CA LYS K 232 -83.62 63.92 -24.07
C LYS K 232 -84.96 63.35 -23.60
N PRO K 233 -86.08 64.07 -23.82
CA PRO K 233 -87.42 63.52 -23.58
C PRO K 233 -87.66 62.23 -24.36
N GLY K 234 -88.22 61.21 -23.69
CA GLY K 234 -88.51 59.95 -24.35
C GLY K 234 -87.34 59.00 -24.17
N ASP K 235 -86.23 59.54 -23.67
CA ASP K 235 -85.02 58.76 -23.41
C ASP K 235 -84.93 58.41 -21.92
N ILE K 236 -83.94 57.59 -21.57
CA ILE K 236 -83.83 57.03 -20.22
C ILE K 236 -82.37 57.02 -19.76
N LEU K 237 -82.12 57.48 -18.53
CA LEU K 237 -80.78 57.32 -17.94
C LEU K 237 -80.62 55.93 -17.35
N LEU K 238 -79.54 55.25 -17.74
CA LEU K 238 -79.18 53.95 -17.17
C LEU K 238 -77.76 53.88 -16.58
N ILE K 239 -77.66 53.49 -15.31
CA ILE K 239 -76.36 53.37 -14.62
C ILE K 239 -76.14 51.91 -14.27
N ASN K 240 -75.06 51.30 -14.75
CA ASN K 240 -74.79 49.91 -14.37
C ASN K 240 -73.43 50.08 -13.65
N SER K 241 -73.36 49.73 -12.36
CA SER K 241 -72.11 49.88 -11.62
C SER K 241 -71.82 48.78 -10.61
N THR K 242 -70.54 48.46 -10.45
CA THR K 242 -70.11 47.49 -9.46
C THR K 242 -69.19 48.10 -8.40
N GLY K 243 -69.20 49.43 -8.30
CA GLY K 243 -68.38 50.12 -7.33
C GLY K 243 -67.92 51.49 -7.80
N ASN K 244 -67.52 52.33 -6.84
CA ASN K 244 -66.84 53.60 -7.14
C ASN K 244 -67.76 54.62 -7.82
N LEU K 245 -69.05 54.33 -7.83
CA LEU K 245 -69.99 55.27 -8.41
C LEU K 245 -70.30 56.39 -7.43
N ILE K 246 -70.14 57.63 -7.92
CA ILE K 246 -70.61 58.81 -7.23
C ILE K 246 -71.90 59.26 -7.90
N ALA K 247 -73.02 59.02 -7.24
CA ALA K 247 -74.33 59.10 -7.88
C ALA K 247 -74.89 60.52 -7.94
N PRO K 248 -75.64 60.82 -9.01
CA PRO K 248 -76.38 62.07 -9.09
C PRO K 248 -77.56 61.99 -8.14
N ARG K 249 -78.00 63.12 -7.62
CA ARG K 249 -79.13 63.13 -6.72
C ARG K 249 -80.37 63.54 -7.46
N GLY K 250 -80.20 63.85 -8.74
CA GLY K 250 -81.29 64.34 -9.55
C GLY K 250 -80.66 64.98 -10.77
N TYR K 251 -81.38 65.90 -11.40
CA TYR K 251 -80.88 66.52 -12.62
C TYR K 251 -80.96 68.02 -12.53
N PHE K 252 -80.14 68.68 -13.33
CA PHE K 252 -80.29 70.10 -13.51
C PHE K 252 -81.18 70.33 -14.72
N LYS K 253 -82.03 71.35 -14.66
CA LYS K 253 -82.77 71.77 -15.84
C LYS K 253 -81.76 72.45 -16.74
N ILE K 254 -81.96 72.31 -18.05
CA ILE K 254 -81.09 72.97 -19.00
C ILE K 254 -81.88 73.86 -19.94
N ARG K 255 -81.44 75.12 -20.00
CA ARG K 255 -82.14 76.11 -20.78
C ARG K 255 -81.24 76.59 -21.90
N SER K 256 -81.79 77.39 -22.80
CA SER K 256 -80.99 78.10 -23.79
C SER K 256 -81.32 79.58 -23.68
N GLY K 257 -80.33 80.43 -23.91
CA GLY K 257 -80.58 81.84 -23.81
C GLY K 257 -79.34 82.69 -23.82
N LYS K 258 -79.46 83.88 -23.25
CA LYS K 258 -78.44 84.88 -23.40
C LYS K 258 -77.39 84.83 -22.31
N SER K 259 -77.37 83.74 -21.55
CA SER K 259 -76.50 83.70 -20.38
C SER K 259 -75.03 83.41 -20.75
N SER K 260 -74.11 83.85 -19.90
CA SER K 260 -72.68 83.60 -20.08
C SER K 260 -71.92 83.64 -18.76
N ILE K 261 -70.60 83.64 -18.86
CA ILE K 261 -69.75 83.65 -17.68
C ILE K 261 -68.53 84.51 -17.96
N MET K 262 -68.06 85.19 -16.92
CA MET K 262 -66.93 86.05 -17.10
C MET K 262 -66.05 85.95 -15.87
N ARG K 263 -64.74 85.95 -16.09
CA ARG K 263 -63.78 85.96 -15.02
C ARG K 263 -63.43 87.42 -14.74
N SER K 264 -63.60 87.89 -13.50
CA SER K 264 -63.34 89.30 -13.22
C SER K 264 -63.19 89.54 -11.74
N ASP K 265 -62.34 90.50 -11.40
CA ASP K 265 -62.19 90.94 -10.02
C ASP K 265 -62.73 92.36 -9.79
N ALA K 266 -63.50 92.88 -10.74
CA ALA K 266 -64.07 94.21 -10.62
C ALA K 266 -65.20 94.15 -9.62
N PRO K 267 -65.31 95.16 -8.72
CA PRO K 267 -66.43 95.11 -7.77
C PRO K 267 -67.79 95.26 -8.47
N ILE K 268 -68.84 94.72 -7.86
CA ILE K 268 -70.19 94.91 -8.40
C ILE K 268 -70.74 96.21 -7.84
N GLY K 269 -71.29 97.05 -8.71
CA GLY K 269 -71.87 98.29 -8.26
C GLY K 269 -73.38 98.32 -8.43
N LYS K 270 -74.04 99.18 -7.66
CA LYS K 270 -75.47 99.43 -7.81
C LYS K 270 -75.64 100.54 -8.85
N CYS K 271 -75.69 100.16 -10.12
CA CYS K 271 -75.79 101.11 -11.23
C CYS K 271 -76.34 100.40 -12.45
N ASN K 272 -76.52 101.15 -13.54
CA ASN K 272 -77.19 100.60 -14.71
C ASN K 272 -76.32 100.82 -15.97
N SER K 273 -75.84 99.72 -16.56
CA SER K 273 -75.01 99.76 -17.78
C SER K 273 -75.13 98.51 -18.64
N GLU K 274 -75.36 98.71 -19.93
CA GLU K 274 -75.58 97.60 -20.84
C GLU K 274 -74.36 96.75 -21.07
N CYS K 275 -73.19 97.39 -21.11
CA CYS K 275 -72.00 96.67 -21.53
C CYS K 275 -71.07 96.35 -20.36
N ILE K 276 -70.77 95.07 -20.18
CA ILE K 276 -69.85 94.64 -19.13
C ILE K 276 -68.56 94.08 -19.74
N THR K 277 -67.42 94.47 -19.18
CA THR K 277 -66.13 93.86 -19.49
C THR K 277 -65.48 93.47 -18.17
N PRO K 278 -64.41 92.66 -18.23
CA PRO K 278 -63.75 92.29 -16.97
C PRO K 278 -63.17 93.47 -16.21
N ASN K 279 -62.92 94.59 -16.89
CA ASN K 279 -62.37 95.76 -16.23
C ASN K 279 -63.48 96.51 -15.50
N GLY K 280 -64.72 96.16 -15.80
CA GLY K 280 -65.88 96.91 -15.33
C GLY K 280 -66.81 97.26 -16.47
N SER K 281 -67.99 97.78 -16.15
CA SER K 281 -68.92 98.22 -17.20
C SER K 281 -68.36 99.44 -17.93
N ILE K 282 -68.69 99.58 -19.21
CA ILE K 282 -68.26 100.73 -20.01
C ILE K 282 -69.44 101.32 -20.76
N PRO K 283 -69.42 102.65 -20.96
CA PRO K 283 -70.46 103.29 -21.78
C PRO K 283 -70.44 102.70 -23.19
N ASN K 284 -71.60 102.69 -23.85
CA ASN K 284 -71.72 102.08 -25.18
C ASN K 284 -72.16 103.05 -26.28
N ASP K 285 -71.91 104.34 -26.09
CA ASP K 285 -72.24 105.35 -27.10
C ASP K 285 -71.34 105.24 -28.32
N LYS K 286 -70.08 104.94 -28.06
CA LYS K 286 -69.09 104.87 -29.13
C LYS K 286 -69.17 103.53 -29.84
N PRO K 287 -68.77 103.51 -31.12
CA PRO K 287 -68.86 102.27 -31.91
C PRO K 287 -67.72 101.33 -31.61
N PHE K 288 -66.63 101.84 -31.04
CA PHE K 288 -65.45 101.01 -30.77
C PHE K 288 -64.97 101.15 -29.33
N GLN K 289 -64.09 100.23 -28.92
CA GLN K 289 -63.56 100.25 -27.56
C GLN K 289 -62.26 99.47 -27.48
N ASN K 290 -61.39 99.86 -26.57
CA ASN K 290 -60.12 99.18 -26.38
C ASN K 290 -59.92 98.76 -24.94
N VAL K 291 -61.02 98.54 -24.22
CA VAL K 291 -60.96 98.18 -22.81
C VAL K 291 -60.65 96.70 -22.62
N ASN K 292 -61.39 95.83 -23.29
CA ASN K 292 -61.17 94.39 -23.17
C ASN K 292 -61.80 93.66 -24.34
N ARG K 293 -61.11 92.65 -24.84
CA ARG K 293 -61.65 91.82 -25.89
C ARG K 293 -62.76 90.91 -25.37
N ILE K 294 -62.82 90.75 -24.04
CA ILE K 294 -63.89 89.98 -23.44
C ILE K 294 -65.04 90.92 -23.10
N THR K 295 -66.21 90.65 -23.68
CA THR K 295 -67.37 91.49 -23.42
C THR K 295 -68.69 90.73 -23.33
N TYR K 296 -69.69 91.36 -22.71
CA TYR K 296 -71.04 90.81 -22.62
C TYR K 296 -72.09 91.94 -22.69
N GLY K 297 -73.09 91.79 -23.54
CA GLY K 297 -74.15 92.79 -23.62
C GLY K 297 -74.02 93.66 -24.85
N ALA K 298 -74.73 94.79 -24.89
CA ALA K 298 -74.64 95.66 -26.06
C ALA K 298 -73.38 96.48 -25.91
N CYS K 299 -72.32 96.03 -26.58
CA CYS K 299 -71.01 96.59 -26.36
C CYS K 299 -70.41 97.07 -27.66
N PRO K 300 -69.57 98.12 -27.58
CA PRO K 300 -68.72 98.47 -28.72
C PRO K 300 -67.78 97.33 -29.04
N ARG K 301 -67.36 97.25 -30.29
CA ARG K 301 -66.45 96.20 -30.74
C ARG K 301 -65.01 96.53 -30.39
N TYR K 302 -64.29 95.54 -29.91
CA TYR K 302 -62.88 95.73 -29.53
C TYR K 302 -61.95 95.96 -30.71
N VAL K 303 -61.13 97.00 -30.60
CA VAL K 303 -60.09 97.27 -31.58
C VAL K 303 -58.78 97.58 -30.85
N LYS K 304 -57.68 97.56 -31.58
CA LYS K 304 -56.35 97.79 -31.00
C LYS K 304 -55.98 99.27 -30.80
N GLN K 305 -56.60 100.16 -31.57
CA GLN K 305 -56.30 101.59 -31.46
C GLN K 305 -56.77 102.14 -30.13
N SER K 306 -56.00 103.05 -29.58
CA SER K 306 -56.35 103.72 -28.34
C SER K 306 -57.20 104.96 -28.60
N THR K 307 -57.25 105.39 -29.85
CA THR K 307 -58.00 106.57 -30.23
C THR K 307 -58.27 106.59 -31.74
N LEU K 308 -59.49 106.98 -32.10
CA LEU K 308 -59.83 107.21 -33.50
C LEU K 308 -60.71 108.45 -33.59
N LYS K 309 -60.18 109.53 -34.17
CA LYS K 309 -60.92 110.79 -34.13
C LYS K 309 -61.70 111.05 -35.43
N LEU K 310 -63.01 111.20 -35.30
CA LEU K 310 -63.90 111.50 -36.42
C LEU K 310 -64.16 112.99 -36.54
N ALA K 311 -63.79 113.59 -37.66
CA ALA K 311 -64.08 115.00 -37.89
C ALA K 311 -65.59 115.27 -37.79
N THR K 312 -65.96 116.32 -37.06
CA THR K 312 -67.36 116.75 -37.01
C THR K 312 -67.46 118.22 -37.38
N GLY K 313 -66.46 118.68 -38.13
CA GLY K 313 -66.41 120.06 -38.56
C GLY K 313 -65.50 120.17 -39.76
N MET K 314 -65.43 121.35 -40.36
CA MET K 314 -64.62 121.54 -41.55
C MET K 314 -63.16 121.66 -41.15
N ARG K 315 -62.28 121.70 -42.13
CA ARG K 315 -60.86 121.98 -41.91
C ARG K 315 -60.65 123.32 -41.21
N ASN K 316 -59.76 123.37 -40.23
CA ASN K 316 -59.52 124.61 -39.50
C ASN K 316 -58.36 125.43 -40.05
N VAL K 317 -58.67 126.66 -40.44
CA VAL K 317 -57.70 127.53 -41.09
C VAL K 317 -57.70 128.88 -40.38
N PRO K 318 -56.88 129.00 -39.32
CA PRO K 318 -56.89 130.18 -38.44
C PRO K 318 -56.29 131.43 -39.09
N GLU K 319 -56.56 132.61 -38.51
CA GLU K 319 -56.10 133.89 -39.07
C GLU K 319 -54.58 133.91 -39.24
N GLY L 1 -61.23 119.98 -49.13
CA GLY L 1 -60.02 120.20 -49.89
C GLY L 1 -60.25 120.17 -51.39
N ILE L 2 -61.11 119.26 -51.83
CA ILE L 2 -61.25 118.94 -53.26
C ILE L 2 -61.93 120.00 -54.14
N PHE L 3 -62.72 120.91 -53.55
CA PHE L 3 -63.33 122.01 -54.31
C PHE L 3 -62.49 123.29 -54.33
N GLY L 4 -61.64 123.46 -53.32
CA GLY L 4 -60.64 124.50 -53.36
C GLY L 4 -61.12 125.82 -52.80
N ALA L 5 -62.21 125.79 -52.03
CA ALA L 5 -62.68 126.99 -51.38
C ALA L 5 -62.02 127.08 -50.00
N ILE L 6 -62.41 126.18 -49.11
CA ILE L 6 -61.83 126.11 -47.78
C ILE L 6 -60.39 125.64 -47.88
N ALA L 7 -59.48 126.40 -47.27
CA ALA L 7 -58.05 126.19 -47.44
C ALA L 7 -57.60 126.35 -48.89
N GLY L 8 -58.35 127.14 -49.64
CA GLY L 8 -58.10 127.32 -51.07
C GLY L 8 -58.17 128.80 -51.38
N PHE L 9 -59.13 129.20 -52.21
CA PHE L 9 -59.23 130.60 -52.60
C PHE L 9 -59.72 131.47 -51.43
N ILE L 10 -60.38 130.84 -50.45
CA ILE L 10 -60.63 131.49 -49.17
C ILE L 10 -59.36 131.31 -48.37
N GLU L 11 -58.67 132.41 -48.11
CA GLU L 11 -57.34 132.37 -47.50
C GLU L 11 -57.34 131.71 -46.12
N ASN L 12 -58.34 132.07 -45.32
CA ASN L 12 -58.53 131.49 -44.00
C ASN L 12 -59.95 131.68 -43.47
N GLY L 13 -60.25 131.05 -42.34
CA GLY L 13 -61.55 131.20 -41.72
C GLY L 13 -61.62 132.42 -40.82
N TRP L 14 -62.81 132.70 -40.31
CA TRP L 14 -63.05 133.87 -39.47
C TRP L 14 -63.41 133.37 -38.06
N GLU L 15 -62.49 133.55 -37.10
CA GLU L 15 -62.70 133.09 -35.73
C GLU L 15 -63.75 133.88 -34.96
N GLY L 16 -64.00 135.11 -35.41
CA GLY L 16 -64.97 135.99 -34.79
C GLY L 16 -66.40 135.70 -35.21
N MET L 17 -66.57 134.72 -36.09
CA MET L 17 -67.91 134.26 -36.46
C MET L 17 -68.32 133.11 -35.57
N VAL L 18 -69.10 133.43 -34.56
CA VAL L 18 -69.46 132.49 -33.53
C VAL L 18 -70.92 132.05 -33.63
N ASP L 19 -71.62 132.59 -34.63
CA ASP L 19 -73.02 132.23 -34.84
C ASP L 19 -73.30 131.47 -36.15
N GLY L 20 -72.27 130.94 -36.79
CA GLY L 20 -72.46 130.09 -37.96
C GLY L 20 -71.18 129.52 -38.56
N TRP L 21 -71.32 128.58 -39.50
CA TRP L 21 -70.15 127.96 -40.11
C TRP L 21 -69.81 128.69 -41.38
N TYR L 22 -70.82 129.32 -41.97
CA TYR L 22 -70.59 130.07 -43.19
C TYR L 22 -71.29 131.40 -43.03
N GLY L 23 -70.80 132.41 -43.75
CA GLY L 23 -71.43 133.71 -43.70
C GLY L 23 -70.81 134.76 -44.60
N PHE L 24 -71.17 136.01 -44.34
CA PHE L 24 -70.82 137.12 -45.21
C PHE L 24 -70.15 138.19 -44.38
N ARG L 25 -69.05 138.74 -44.89
CA ARG L 25 -68.52 139.98 -44.37
C ARG L 25 -68.60 141.00 -45.50
N HIS L 26 -69.01 142.23 -45.19
CA HIS L 26 -69.14 143.25 -46.22
C HIS L 26 -68.47 144.56 -45.82
N GLN L 27 -68.21 145.41 -46.81
CA GLN L 27 -67.85 146.81 -46.60
C GLN L 27 -68.65 147.67 -47.57
N ASN L 28 -69.29 148.73 -47.07
CA ASN L 28 -70.06 149.64 -47.91
C ASN L 28 -70.04 151.06 -47.44
N SER L 29 -70.92 151.87 -47.99
CA SER L 29 -70.93 153.27 -47.65
C SER L 29 -71.39 153.47 -46.21
N GLU L 30 -72.00 152.43 -45.62
CA GLU L 30 -72.45 152.59 -44.25
C GLU L 30 -71.51 151.92 -43.26
N GLY L 31 -70.52 151.19 -43.76
CA GLY L 31 -69.62 150.50 -42.85
C GLY L 31 -69.18 149.10 -43.25
N ARG L 32 -68.74 148.32 -42.26
CA ARG L 32 -68.35 146.93 -42.50
C ARG L 32 -68.91 146.03 -41.39
N GLY L 33 -69.41 144.86 -41.76
CA GLY L 33 -70.15 144.01 -40.85
C GLY L 33 -70.01 142.53 -41.19
N GLN L 34 -70.63 141.67 -40.38
CA GLN L 34 -70.48 140.24 -40.55
C GLN L 34 -71.81 139.58 -40.19
N ALA L 35 -72.19 138.54 -40.92
CA ALA L 35 -73.40 137.78 -40.64
C ALA L 35 -73.25 136.32 -41.05
N ALA L 36 -73.68 135.40 -40.19
CA ALA L 36 -73.64 133.98 -40.52
C ALA L 36 -74.74 133.65 -41.51
N ASP L 37 -74.49 132.66 -42.37
CA ASP L 37 -75.51 132.11 -43.26
C ASP L 37 -76.09 130.82 -42.70
N LEU L 38 -77.38 130.84 -42.40
CA LEU L 38 -78.03 129.73 -41.72
C LEU L 38 -78.18 128.48 -42.59
N LYS L 39 -78.59 128.66 -43.86
CA LYS L 39 -78.90 127.51 -44.73
C LYS L 39 -77.68 126.63 -45.04
N SER L 40 -76.57 127.24 -45.41
CA SER L 40 -75.34 126.49 -45.67
C SER L 40 -74.77 125.80 -44.42
N THR L 41 -74.76 126.51 -43.30
CA THR L 41 -74.29 125.97 -42.02
C THR L 41 -75.07 124.71 -41.60
N GLN L 42 -76.39 124.79 -41.65
CA GLN L 42 -77.27 123.68 -41.24
C GLN L 42 -77.09 122.48 -42.16
N ALA L 43 -76.84 122.76 -43.43
CA ALA L 43 -76.68 121.71 -44.44
C ALA L 43 -75.45 120.87 -44.09
N ALA L 44 -74.39 121.56 -43.67
CA ALA L 44 -73.16 120.90 -43.29
C ALA L 44 -73.38 120.11 -42.00
N ILE L 45 -74.02 120.74 -41.03
CA ILE L 45 -74.32 120.11 -39.75
C ILE L 45 -75.19 118.86 -39.91
N ASP L 46 -76.22 118.96 -40.75
CA ASP L 46 -77.14 117.86 -40.97
C ASP L 46 -76.42 116.66 -41.58
N GLN L 47 -75.49 116.92 -42.49
CA GLN L 47 -74.77 115.84 -43.13
C GLN L 47 -73.81 115.18 -42.14
N ILE L 48 -73.15 116.01 -41.32
CA ILE L 48 -72.26 115.49 -40.29
C ILE L 48 -73.02 114.73 -39.20
N ASN L 49 -74.19 115.25 -38.80
CA ASN L 49 -75.06 114.57 -37.83
C ASN L 49 -75.57 113.23 -38.35
N GLY L 50 -75.75 113.15 -39.67
CA GLY L 50 -76.12 111.92 -40.35
C GLY L 50 -75.09 110.82 -40.17
N LYS L 51 -73.81 111.19 -40.28
CA LYS L 51 -72.71 110.29 -39.99
C LYS L 51 -72.72 109.80 -38.56
N LEU L 52 -72.91 110.73 -37.64
CA LEU L 52 -72.96 110.42 -36.23
C LEU L 52 -74.10 109.47 -35.88
N ASN L 53 -75.27 109.70 -36.48
CA ASN L 53 -76.43 108.86 -36.25
C ASN L 53 -76.20 107.39 -36.61
N ARG L 54 -75.38 107.12 -37.62
CA ARG L 54 -75.06 105.74 -38.00
C ARG L 54 -74.05 105.10 -37.05
N LEU L 55 -73.23 105.94 -36.40
CA LEU L 55 -72.07 105.45 -35.66
C LEU L 55 -72.22 105.46 -34.14
N ILE L 56 -73.00 106.40 -33.60
CA ILE L 56 -73.06 106.57 -32.16
C ILE L 56 -74.30 105.89 -31.60
N GLY L 57 -74.11 105.05 -30.58
CA GLY L 57 -75.25 104.42 -29.94
C GLY L 57 -75.85 103.30 -30.76
N LYS L 58 -75.01 102.61 -31.54
CA LYS L 58 -75.52 101.61 -32.49
C LYS L 58 -74.87 100.25 -32.32
N THR L 59 -74.45 99.96 -31.10
CA THR L 59 -73.67 98.76 -30.81
C THR L 59 -74.50 97.48 -30.92
N ASN L 60 -73.81 96.35 -31.11
CA ASN L 60 -74.43 95.06 -31.28
C ASN L 60 -74.39 94.25 -29.99
N GLU L 61 -75.50 93.61 -29.63
CA GLU L 61 -75.49 92.76 -28.44
C GLU L 61 -74.88 91.42 -28.78
N LYS L 62 -73.90 91.02 -27.98
CA LYS L 62 -73.34 89.69 -28.05
C LYS L 62 -73.31 89.11 -26.64
N PHE L 63 -73.42 87.79 -26.54
CA PHE L 63 -73.55 87.16 -25.23
C PHE L 63 -72.46 86.13 -24.95
N HIS L 64 -72.83 84.86 -24.89
CA HIS L 64 -71.84 83.82 -24.70
C HIS L 64 -71.00 83.66 -25.96
N GLN L 65 -69.68 83.61 -25.76
CA GLN L 65 -68.72 83.58 -26.85
C GLN L 65 -67.72 82.44 -26.67
N ILE L 66 -66.45 82.74 -26.90
CA ILE L 66 -65.40 81.78 -26.60
C ILE L 66 -64.56 82.39 -25.49
N GLU L 67 -63.80 81.56 -24.80
CA GLU L 67 -62.86 82.10 -23.83
C GLU L 67 -61.74 82.76 -24.60
N LYS L 68 -61.12 83.75 -23.98
CA LYS L 68 -60.19 84.61 -24.69
C LYS L 68 -58.94 84.83 -23.85
N GLU L 69 -58.94 84.23 -22.66
CA GLU L 69 -57.78 84.20 -21.79
C GLU L 69 -57.67 82.78 -21.24
N PHE L 70 -56.44 82.34 -20.99
CA PHE L 70 -56.22 80.94 -20.69
C PHE L 70 -55.14 80.79 -19.63
N SER L 71 -55.39 79.92 -18.65
CA SER L 71 -54.45 79.77 -17.55
C SER L 71 -53.50 78.61 -17.81
N GLU L 72 -53.83 77.78 -18.79
CA GLU L 72 -52.99 76.64 -19.15
C GLU L 72 -52.67 76.60 -20.65
N VAL L 73 -51.48 76.10 -20.99
CA VAL L 73 -51.06 75.84 -22.37
C VAL L 73 -51.83 74.61 -22.86
N GLU L 74 -52.42 74.67 -24.05
CA GLU L 74 -53.23 73.55 -24.54
C GLU L 74 -52.91 73.15 -25.97
N GLY L 75 -52.28 74.03 -26.73
CA GLY L 75 -51.94 73.66 -28.09
C GLY L 75 -53.06 73.89 -29.07
N ARG L 76 -53.29 72.87 -29.89
CA ARG L 76 -54.06 72.95 -31.13
C ARG L 76 -55.38 73.65 -30.91
N ILE L 77 -56.10 73.24 -29.87
CA ILE L 77 -57.44 73.79 -29.65
C ILE L 77 -57.31 75.24 -29.19
N GLN L 78 -56.37 75.49 -28.28
CA GLN L 78 -56.11 76.84 -27.80
C GLN L 78 -55.56 77.79 -28.86
N ASP L 79 -54.72 77.26 -29.74
CA ASP L 79 -54.16 77.98 -30.87
C ASP L 79 -55.24 78.55 -31.77
N LEU L 80 -56.26 77.75 -32.03
CA LEU L 80 -57.34 78.14 -32.93
C LEU L 80 -58.20 79.25 -32.34
N GLU L 81 -58.54 79.12 -31.06
CA GLU L 81 -59.31 80.17 -30.37
C GLU L 81 -58.67 81.56 -30.36
N LYS L 82 -57.37 81.63 -30.07
CA LYS L 82 -56.66 82.91 -30.07
C LYS L 82 -56.58 83.49 -31.49
N TYR L 83 -56.31 82.63 -32.46
CA TYR L 83 -56.16 83.07 -33.84
C TYR L 83 -57.47 83.57 -34.39
N VAL L 84 -58.56 82.90 -34.05
CA VAL L 84 -59.89 83.33 -34.46
C VAL L 84 -60.12 84.72 -33.90
N GLU L 85 -59.80 84.87 -32.62
CA GLU L 85 -60.02 86.14 -31.95
C GLU L 85 -59.09 87.23 -32.48
N ASP L 86 -57.82 86.89 -32.68
CA ASP L 86 -56.88 87.85 -33.23
C ASP L 86 -57.27 88.31 -34.62
N THR L 87 -57.74 87.37 -35.43
CA THR L 87 -58.19 87.64 -36.80
C THR L 87 -59.37 88.60 -36.81
N LYS L 88 -60.35 88.36 -35.95
CA LYS L 88 -61.55 89.18 -35.83
C LYS L 88 -61.15 90.60 -35.47
N ILE L 89 -60.29 90.71 -34.47
CA ILE L 89 -59.88 92.00 -33.96
C ILE L 89 -59.18 92.81 -35.04
N ASP L 90 -58.33 92.14 -35.83
CA ASP L 90 -57.62 92.81 -36.90
C ASP L 90 -58.54 93.36 -37.98
N LEU L 91 -59.58 92.60 -38.30
CA LEU L 91 -60.55 93.03 -39.31
C LEU L 91 -61.40 94.19 -38.86
N TRP L 92 -61.81 94.14 -37.59
CA TRP L 92 -62.55 95.24 -37.01
C TRP L 92 -61.69 96.47 -36.89
N SER L 93 -60.45 96.25 -36.51
CA SER L 93 -59.49 97.33 -36.41
C SER L 93 -59.22 97.97 -37.77
N TYR L 94 -59.13 97.13 -38.80
CA TYR L 94 -59.01 97.66 -40.16
C TYR L 94 -60.19 98.48 -40.61
N ASN L 95 -61.37 97.93 -40.39
CA ASN L 95 -62.60 98.57 -40.79
C ASN L 95 -62.69 99.94 -40.13
N ALA L 96 -62.34 100.01 -38.84
CA ALA L 96 -62.45 101.26 -38.08
C ALA L 96 -61.49 102.31 -38.63
N GLU L 97 -60.27 101.88 -38.94
CA GLU L 97 -59.23 102.76 -39.49
C GLU L 97 -59.68 103.28 -40.83
N LEU L 98 -60.17 102.36 -41.65
CA LEU L 98 -60.63 102.71 -42.97
C LEU L 98 -61.83 103.63 -42.82
N LEU L 99 -62.70 103.32 -41.87
CA LEU L 99 -63.93 104.07 -41.67
C LEU L 99 -63.66 105.54 -41.37
N VAL L 100 -62.76 105.77 -40.43
CA VAL L 100 -62.44 107.13 -39.97
C VAL L 100 -61.73 108.02 -41.01
N ALA L 101 -60.77 107.44 -41.72
CA ALA L 101 -60.03 108.14 -42.78
C ALA L 101 -60.96 108.60 -43.91
N LEU L 102 -61.86 107.71 -44.30
CA LEU L 102 -62.82 108.00 -45.35
C LEU L 102 -63.80 109.08 -44.90
N GLU L 103 -64.34 108.92 -43.70
CA GLU L 103 -65.29 109.90 -43.18
C GLU L 103 -64.68 111.27 -43.04
N ASN L 104 -63.44 111.30 -42.57
CA ASN L 104 -62.77 112.57 -42.35
C ASN L 104 -62.47 113.25 -43.67
N GLN L 105 -62.02 112.47 -44.65
CA GLN L 105 -61.76 112.97 -45.99
C GLN L 105 -63.02 113.56 -46.62
N HIS L 106 -64.11 112.81 -46.47
CA HIS L 106 -65.39 113.16 -47.06
C HIS L 106 -65.99 114.40 -46.37
N THR L 107 -65.83 114.48 -45.05
CA THR L 107 -66.32 115.61 -44.26
C THR L 107 -65.66 116.96 -44.60
N ILE L 108 -64.34 116.98 -44.77
CA ILE L 108 -63.64 118.19 -45.20
C ILE L 108 -64.11 118.65 -46.56
N ASP L 109 -64.27 117.70 -47.46
CA ASP L 109 -64.71 117.99 -48.81
C ASP L 109 -66.16 118.45 -48.90
N LEU L 110 -67.04 117.85 -48.08
CA LEU L 110 -68.45 118.22 -48.16
C LEU L 110 -68.61 119.61 -47.56
N THR L 111 -67.78 119.90 -46.56
CA THR L 111 -67.80 121.22 -45.92
C THR L 111 -67.20 122.29 -46.84
N ASP L 112 -66.17 121.88 -47.58
CA ASP L 112 -65.56 122.69 -48.62
C ASP L 112 -66.64 122.94 -49.66
N SER L 113 -67.36 121.88 -50.00
CA SER L 113 -68.47 121.91 -50.95
C SER L 113 -69.53 122.95 -50.56
N GLU L 114 -69.95 122.98 -49.31
CA GLU L 114 -71.00 123.92 -48.90
C GLU L 114 -70.54 125.36 -49.01
N MET L 115 -69.27 125.60 -48.71
CA MET L 115 -68.66 126.92 -48.86
C MET L 115 -68.69 127.38 -50.31
N ASN L 116 -68.28 126.48 -51.20
CA ASN L 116 -68.22 126.78 -52.63
C ASN L 116 -69.60 127.09 -53.21
N LYS L 117 -70.59 126.30 -52.79
CA LYS L 117 -71.97 126.47 -53.23
C LYS L 117 -72.52 127.85 -52.87
N LEU L 118 -72.21 128.30 -51.66
CA LEU L 118 -72.69 129.57 -51.14
C LEU L 118 -72.06 130.71 -51.94
N PHE L 119 -70.78 130.55 -52.26
CA PHE L 119 -70.08 131.48 -53.13
C PHE L 119 -70.79 131.55 -54.48
N GLU L 120 -71.04 130.38 -55.04
CA GLU L 120 -71.70 130.28 -56.34
C GLU L 120 -73.09 130.89 -56.36
N LYS L 121 -73.89 130.63 -55.33
CA LYS L 121 -75.23 131.21 -55.26
C LYS L 121 -75.15 132.73 -55.27
N THR L 122 -74.26 133.24 -54.43
CA THR L 122 -74.05 134.67 -54.32
C THR L 122 -73.56 135.24 -55.64
N LYS L 123 -72.59 134.56 -56.24
CA LYS L 123 -72.04 134.98 -57.51
C LYS L 123 -73.11 135.12 -58.60
N LYS L 124 -73.98 134.13 -58.71
CA LYS L 124 -75.04 134.15 -59.72
C LYS L 124 -76.07 135.26 -59.47
N GLN L 125 -76.38 135.48 -58.20
CA GLN L 125 -77.37 136.50 -57.78
C GLN L 125 -76.99 137.89 -58.24
N LEU L 126 -75.70 138.18 -58.16
CA LEU L 126 -75.17 139.51 -58.45
C LEU L 126 -75.12 139.74 -59.95
N ARG L 127 -75.24 138.65 -60.71
CA ARG L 127 -75.33 138.75 -62.16
C ARG L 127 -74.15 139.54 -62.69
N GLU L 128 -74.44 140.61 -63.39
CA GLU L 128 -73.41 141.44 -63.98
C GLU L 128 -73.10 142.63 -63.07
N ASN L 129 -73.56 142.58 -61.82
CA ASN L 129 -73.46 143.74 -60.93
C ASN L 129 -72.23 143.70 -60.01
N ALA L 130 -71.46 142.61 -60.09
CA ALA L 130 -70.32 142.43 -59.20
C ALA L 130 -69.26 141.66 -59.96
N GLU L 131 -68.01 141.76 -59.51
CA GLU L 131 -66.95 140.93 -60.07
C GLU L 131 -66.25 140.12 -59.00
N ASP L 132 -65.81 138.92 -59.38
CA ASP L 132 -65.14 138.02 -58.46
C ASP L 132 -63.71 138.55 -58.33
N MET L 133 -63.34 138.94 -57.12
CA MET L 133 -62.03 139.49 -56.85
C MET L 133 -60.98 138.39 -56.68
N GLY L 134 -61.43 137.13 -56.75
CA GLY L 134 -60.57 135.96 -56.75
C GLY L 134 -60.24 135.34 -55.40
N ASN L 135 -60.68 135.98 -54.33
CA ASN L 135 -60.36 135.52 -52.99
C ASN L 135 -61.62 135.31 -52.16
N GLY L 136 -62.73 135.01 -52.84
CA GLY L 136 -64.05 134.87 -52.23
C GLY L 136 -64.85 136.14 -52.00
N CYS L 137 -64.28 137.28 -52.35
CA CYS L 137 -64.96 138.55 -52.20
C CYS L 137 -65.44 139.05 -53.56
N PHE L 138 -66.56 139.77 -53.57
CA PHE L 138 -67.03 140.44 -54.77
C PHE L 138 -66.92 141.95 -54.60
N LYS L 139 -66.38 142.64 -55.61
CA LYS L 139 -66.49 144.08 -55.67
C LYS L 139 -67.81 144.45 -56.34
N ILE L 140 -68.67 145.14 -55.60
CA ILE L 140 -69.96 145.56 -56.10
C ILE L 140 -69.87 146.99 -56.61
N TYR L 141 -70.21 147.15 -57.88
CA TYR L 141 -69.96 148.39 -58.60
C TYR L 141 -71.13 149.38 -58.53
N HIS L 142 -71.79 149.42 -57.38
CA HIS L 142 -72.85 150.39 -57.13
C HIS L 142 -72.98 150.63 -55.63
N LYS L 143 -73.62 151.74 -55.25
CA LYS L 143 -73.87 152.00 -53.84
C LYS L 143 -74.73 150.91 -53.28
N CYS L 144 -74.29 150.35 -52.17
CA CYS L 144 -75.00 149.22 -51.60
C CYS L 144 -75.01 149.33 -50.09
N ASP L 145 -76.01 150.01 -49.57
CA ASP L 145 -76.08 150.22 -48.13
C ASP L 145 -76.45 148.89 -47.43
N ASN L 146 -76.69 148.92 -46.12
CA ASN L 146 -76.93 147.70 -45.36
C ASN L 146 -78.15 146.89 -45.81
N ALA L 147 -79.22 147.57 -46.19
CA ALA L 147 -80.43 146.90 -46.67
C ALA L 147 -80.10 146.14 -47.95
N CYS L 148 -79.28 146.73 -48.80
CA CYS L 148 -78.83 146.09 -50.04
C CYS L 148 -78.06 144.80 -49.78
N ILE L 149 -77.06 144.89 -48.90
CA ILE L 149 -76.27 143.71 -48.55
C ILE L 149 -77.19 142.67 -47.96
N GLY L 150 -78.08 143.12 -47.09
CA GLY L 150 -79.06 142.26 -46.46
C GLY L 150 -79.92 141.57 -47.49
N SER L 151 -80.28 142.31 -48.54
CA SER L 151 -81.06 141.75 -49.63
C SER L 151 -80.33 140.61 -50.35
N ILE L 152 -79.01 140.74 -50.48
CA ILE L 152 -78.20 139.69 -51.07
C ILE L 152 -78.18 138.42 -50.22
N ARG L 153 -77.92 138.61 -48.94
CA ARG L 153 -77.87 137.54 -47.95
C ARG L 153 -79.20 136.80 -47.82
N ASN L 154 -80.27 137.57 -47.95
CA ASN L 154 -81.62 137.09 -47.74
C ASN L 154 -82.18 136.52 -49.05
N GLY L 155 -81.38 136.58 -50.10
CA GLY L 155 -81.76 136.07 -51.41
C GLY L 155 -82.88 136.82 -52.12
N THR L 156 -83.09 138.09 -51.80
CA THR L 156 -84.14 138.90 -52.44
C THR L 156 -83.58 140.08 -53.24
N TYR L 157 -82.26 140.11 -53.39
CA TYR L 157 -81.59 141.17 -54.15
C TYR L 157 -82.08 141.20 -55.59
N ASP L 158 -82.45 142.39 -56.05
CA ASP L 158 -82.93 142.61 -57.41
C ASP L 158 -81.87 143.25 -58.31
N HIS L 159 -81.20 142.42 -59.12
CA HIS L 159 -80.08 142.89 -59.92
C HIS L 159 -80.46 143.99 -60.91
N ASP L 160 -81.70 143.94 -61.38
CA ASP L 160 -82.19 144.89 -62.38
C ASP L 160 -82.24 146.33 -61.86
N VAL L 161 -82.44 146.48 -60.56
CA VAL L 161 -82.55 147.80 -59.94
C VAL L 161 -81.25 148.59 -60.07
N TYR L 162 -80.14 147.86 -60.01
CA TYR L 162 -78.82 148.46 -59.95
C TYR L 162 -78.01 148.32 -61.23
N ARG L 163 -78.59 147.62 -62.22
CA ARG L 163 -77.82 147.18 -63.38
C ARG L 163 -77.21 148.29 -64.20
N ASP L 164 -78.01 149.30 -64.50
CA ASP L 164 -77.54 150.44 -65.27
C ASP L 164 -76.37 151.09 -64.53
N GLU L 165 -76.54 151.30 -63.23
CA GLU L 165 -75.54 151.93 -62.37
C GLU L 165 -74.24 151.14 -62.36
N ALA L 166 -74.38 149.84 -62.16
CA ALA L 166 -73.24 148.95 -62.04
C ALA L 166 -72.47 148.87 -63.36
N LEU L 167 -73.19 148.74 -64.46
CA LEU L 167 -72.58 148.65 -65.78
C LEU L 167 -71.73 149.87 -66.13
N ASN L 168 -72.23 151.05 -65.78
CA ASN L 168 -71.50 152.29 -66.02
C ASN L 168 -70.19 152.24 -65.26
N ASN L 169 -70.25 151.71 -64.04
CA ASN L 169 -69.08 151.60 -63.21
C ASN L 169 -68.09 150.54 -63.65
N ARG L 170 -68.58 149.39 -64.11
CA ARG L 170 -67.70 148.31 -64.50
C ARG L 170 -66.95 148.73 -65.76
N PHE L 171 -67.66 149.37 -66.68
CA PHE L 171 -67.13 149.52 -68.02
C PHE L 171 -66.69 150.94 -68.31
N GLN L 172 -66.40 151.67 -67.24
CA GLN L 172 -65.77 152.97 -67.35
C GLN L 172 -64.37 152.79 -67.93
N ILE L 173 -63.78 153.90 -68.36
CA ILE L 173 -62.39 153.91 -68.83
C ILE L 173 -61.53 154.85 -67.98
N GLU M 1 93.32 -22.75 27.75
CA GLU M 1 93.41 -23.05 26.33
C GLU M 1 92.53 -22.12 25.51
N VAL M 2 91.26 -22.04 25.87
CA VAL M 2 90.30 -21.16 25.23
C VAL M 2 90.61 -19.73 25.66
N GLN M 3 90.39 -18.77 24.77
CA GLN M 3 90.46 -17.36 25.14
C GLN M 3 89.08 -16.73 25.13
N LEU M 4 88.89 -15.72 25.96
CA LEU M 4 87.59 -15.09 26.10
C LEU M 4 87.68 -13.63 25.70
N VAL M 5 86.81 -13.23 24.78
CA VAL M 5 86.75 -11.85 24.32
C VAL M 5 85.35 -11.27 24.47
N GLU M 6 85.25 -10.15 25.18
CA GLU M 6 83.97 -9.47 25.40
C GLU M 6 83.72 -8.33 24.42
N SER M 7 82.44 -7.95 24.28
CA SER M 7 82.06 -6.82 23.43
C SER M 7 82.57 -5.52 24.04
N GLY M 8 82.47 -4.41 23.30
CA GLY M 8 83.13 -3.19 23.72
C GLY M 8 82.41 -2.45 24.83
N ALA M 9 83.05 -1.42 25.35
CA ALA M 9 82.52 -0.60 26.44
C ALA M 9 81.14 -0.03 26.11
N GLU M 10 80.28 0.07 27.12
CA GLU M 10 78.91 0.50 26.93
C GLU M 10 78.48 1.60 27.89
N VAL M 11 77.53 2.40 27.42
CA VAL M 11 76.89 3.43 28.22
C VAL M 11 75.38 3.50 28.09
N LYS M 12 74.71 3.52 29.23
CA LYS M 12 73.27 3.36 29.26
C LYS M 12 72.66 4.42 30.19
N LYS M 13 71.47 4.91 29.85
CA LYS M 13 70.75 5.85 30.70
C LYS M 13 70.12 5.07 31.84
N PRO M 14 69.89 5.73 32.99
CA PRO M 14 69.18 5.02 34.06
C PRO M 14 67.81 4.51 33.61
N GLY M 15 67.50 3.28 34.05
CA GLY M 15 66.21 2.66 33.79
C GLY M 15 66.26 1.75 32.57
N SER M 16 67.31 1.90 31.76
CA SER M 16 67.48 1.09 30.56
C SER M 16 68.14 -0.26 30.82
N SER M 17 68.36 -1.00 29.73
CA SER M 17 68.95 -2.33 29.81
C SER M 17 70.25 -2.39 29.02
N VAL M 18 71.19 -3.19 29.51
CA VAL M 18 72.43 -3.44 28.79
C VAL M 18 72.66 -4.95 28.57
N LYS M 19 73.24 -5.31 27.43
CA LYS M 19 73.64 -6.69 27.16
C LYS M 19 75.11 -6.75 26.75
N VAL M 20 75.88 -7.58 27.45
CA VAL M 20 77.30 -7.77 27.13
C VAL M 20 77.55 -9.20 26.65
N SER M 21 78.31 -9.33 25.55
CA SER M 21 78.63 -10.64 25.00
C SER M 21 80.03 -11.13 25.40
N CYS M 22 80.24 -12.44 25.35
CA CYS M 22 81.49 -13.05 25.77
C CYS M 22 81.83 -14.22 24.86
N ARG M 23 82.62 -14.00 23.82
CA ARG M 23 82.89 -15.07 22.86
C ARG M 23 84.17 -15.83 23.17
N ALA M 24 84.03 -17.14 23.32
CA ALA M 24 85.14 -18.05 23.54
C ALA M 24 85.72 -18.53 22.22
N SER M 25 87.02 -18.83 22.22
CA SER M 25 87.68 -19.30 21.01
C SER M 25 87.40 -20.75 20.64
N GLY M 26 86.74 -21.49 21.52
CA GLY M 26 86.27 -22.83 21.19
C GLY M 26 85.17 -23.28 22.13
N THR M 27 84.78 -24.56 22.04
CA THR M 27 83.77 -25.12 22.94
C THR M 27 84.15 -24.85 24.39
N PHE M 28 83.18 -24.43 25.17
CA PHE M 28 83.37 -24.05 26.55
C PHE M 28 82.01 -24.20 27.17
N TYR M 29 81.63 -25.45 27.33
CA TYR M 29 80.24 -25.79 27.53
C TYR M 29 80.01 -26.53 28.81
N LYS M 30 81.05 -27.14 29.34
CA LYS M 30 80.88 -28.13 30.37
C LYS M 30 80.84 -27.49 31.76
N TYR M 31 81.53 -26.38 31.93
CA TYR M 31 81.68 -25.80 33.25
C TYR M 31 81.10 -24.41 33.36
N ALA M 32 80.90 -23.96 34.59
CA ALA M 32 80.16 -22.73 34.83
C ALA M 32 80.92 -21.50 34.34
N ILE M 33 80.24 -20.72 33.50
CA ILE M 33 80.72 -19.41 33.09
C ILE M 33 80.22 -18.39 34.09
N ASN M 34 81.14 -17.74 34.78
CA ASN M 34 80.75 -16.82 35.84
C ASN M 34 80.81 -15.38 35.37
N TRP M 35 79.97 -14.54 35.98
CA TRP M 35 80.04 -13.12 35.73
C TRP M 35 80.37 -12.39 37.04
N VAL M 36 81.37 -11.53 37.01
CA VAL M 36 81.87 -10.84 38.19
C VAL M 36 82.14 -9.39 37.83
N ARG M 37 81.75 -8.45 38.68
CA ARG M 37 81.98 -7.04 38.37
C ARG M 37 82.81 -6.31 39.44
N GLN M 38 83.30 -5.13 39.06
CA GLN M 38 83.97 -4.20 39.97
C GLN M 38 83.54 -2.77 39.75
N ALA M 39 82.84 -2.22 40.73
CA ALA M 39 82.50 -0.80 40.69
C ALA M 39 83.73 -0.03 41.15
N PRO M 40 83.88 1.23 40.72
CA PRO M 40 85.07 1.98 41.12
C PRO M 40 85.17 2.09 42.64
N GLY M 41 86.32 1.76 43.21
CA GLY M 41 86.49 1.84 44.66
C GLY M 41 85.78 0.75 45.43
N GLN M 42 85.25 -0.24 44.71
CA GLN M 42 84.55 -1.35 45.35
C GLN M 42 85.34 -2.63 45.11
N GLY M 43 85.03 -3.66 45.88
CA GLY M 43 85.61 -4.98 45.68
C GLY M 43 84.97 -5.75 44.53
N LEU M 44 85.61 -6.84 44.14
CA LEU M 44 85.06 -7.72 43.13
C LEU M 44 83.71 -8.21 43.61
N GLU M 45 82.74 -8.27 42.70
CA GLU M 45 81.41 -8.69 43.10
C GLU M 45 80.87 -9.80 42.22
N TRP M 46 80.57 -10.94 42.81
CA TRP M 46 79.99 -12.01 42.05
C TRP M 46 78.54 -11.68 41.76
N MET M 47 78.16 -11.82 40.49
CA MET M 47 76.81 -11.49 40.06
C MET M 47 76.03 -12.78 39.88
N GLY M 48 76.67 -13.75 39.23
CA GLY M 48 76.05 -15.02 38.99
C GLY M 48 76.85 -15.88 38.03
N GLY M 49 76.31 -17.05 37.71
CA GLY M 49 76.91 -17.90 36.71
C GLY M 49 75.90 -18.84 36.09
N ILE M 50 76.33 -19.50 35.02
CA ILE M 50 75.52 -20.51 34.36
C ILE M 50 76.37 -21.71 34.04
N ILE M 51 75.82 -22.90 34.21
CA ILE M 51 76.54 -24.06 33.76
C ILE M 51 75.86 -24.40 32.44
N PRO M 52 76.52 -24.04 31.35
CA PRO M 52 75.95 -24.06 30.00
C PRO M 52 75.44 -25.41 29.52
N PHE M 53 76.17 -26.45 29.91
CA PHE M 53 75.90 -27.82 29.52
C PHE M 53 74.42 -28.12 29.97
N PHE M 54 73.96 -27.51 31.08
CA PHE M 54 72.60 -27.67 31.65
C PHE M 54 71.67 -26.50 31.42
N GLY M 55 72.23 -25.34 31.09
CA GLY M 55 71.45 -24.13 30.97
C GLY M 55 71.14 -23.54 32.35
N THR M 56 71.54 -24.26 33.40
CA THR M 56 71.28 -23.86 34.79
C THR M 56 71.96 -22.56 35.18
N THR M 57 71.19 -21.66 35.78
CA THR M 57 71.69 -20.36 36.18
C THR M 57 71.61 -20.18 37.68
N ASN M 58 72.64 -19.52 38.22
CA ASN M 58 72.66 -19.14 39.62
C ASN M 58 72.91 -17.64 39.68
N TYR M 59 72.14 -16.93 40.49
CA TYR M 59 72.25 -15.47 40.54
C TYR M 59 72.41 -14.98 41.98
N ALA M 60 73.21 -13.93 42.18
CA ALA M 60 73.29 -13.27 43.48
C ALA M 60 71.94 -12.62 43.83
N GLN M 61 71.56 -12.65 45.10
CA GLN M 61 70.25 -12.13 45.53
C GLN M 61 70.03 -10.68 45.15
N LYS M 62 71.09 -9.90 45.25
CA LYS M 62 71.09 -8.49 44.89
C LYS M 62 70.60 -8.23 43.46
N PHE M 63 70.72 -9.21 42.58
CA PHE M 63 70.42 -8.96 41.17
C PHE M 63 69.24 -9.79 40.65
N GLN M 64 68.71 -10.68 41.49
CA GLN M 64 67.57 -11.51 41.09
C GLN M 64 66.39 -10.67 40.64
N GLY M 65 65.82 -11.03 39.49
CA GLY M 65 64.74 -10.27 38.91
C GLY M 65 65.20 -9.22 37.91
N ARG M 66 66.47 -8.85 37.97
CA ARG M 66 66.99 -7.92 36.97
C ARG M 66 68.24 -8.35 36.20
N LEU M 67 68.78 -9.52 36.51
CA LEU M 67 69.93 -10.02 35.77
C LEU M 67 69.56 -11.32 35.04
N THR M 68 69.87 -11.39 33.76
CA THR M 68 69.64 -12.61 33.00
C THR M 68 70.90 -13.02 32.26
N ILE M 69 71.34 -14.26 32.46
CA ILE M 69 72.52 -14.77 31.77
C ILE M 69 72.08 -15.87 30.79
N THR M 70 72.60 -15.82 29.56
CA THR M 70 72.26 -16.80 28.54
C THR M 70 73.54 -17.47 28.03
N ALA M 71 73.45 -18.76 27.68
CA ALA M 71 74.54 -19.38 26.94
C ALA M 71 74.04 -20.05 25.67
N ASP M 72 74.55 -19.56 24.54
CA ASP M 72 74.22 -20.09 23.24
C ASP M 72 75.39 -20.95 22.77
N GLY M 73 75.29 -22.25 23.00
CA GLY M 73 76.33 -23.18 22.63
C GLY M 73 76.73 -23.12 21.16
N SER M 74 75.74 -22.97 20.29
CA SER M 74 75.95 -22.95 18.84
C SER M 74 76.93 -21.91 18.29
N THR M 75 77.20 -20.86 19.05
CA THR M 75 78.14 -19.84 18.60
C THR M 75 79.28 -19.64 19.59
N ASN M 76 79.34 -20.49 20.62
CA ASN M 76 80.30 -20.36 21.71
C ASN M 76 80.35 -18.97 22.35
N THR M 77 79.19 -18.34 22.49
CA THR M 77 79.09 -16.99 23.06
C THR M 77 78.15 -16.97 24.28
N ALA M 78 78.57 -16.27 25.33
CA ALA M 78 77.76 -16.08 26.53
C ALA M 78 77.36 -14.61 26.68
N TYR M 79 76.33 -14.35 27.46
CA TYR M 79 75.84 -12.97 27.56
C TYR M 79 75.41 -12.64 28.96
N MET M 80 75.52 -11.36 29.32
CA MET M 80 75.02 -10.88 30.59
C MET M 80 74.09 -9.73 30.27
N GLN M 81 72.84 -9.80 30.73
CA GLN M 81 71.94 -8.66 30.57
C GLN M 81 71.43 -8.17 31.92
N LEU M 82 71.61 -6.88 32.18
CA LEU M 82 71.20 -6.28 33.45
C LEU M 82 70.23 -5.13 33.20
N ASP M 83 69.02 -5.25 33.75
CA ASP M 83 67.93 -4.31 33.47
C ASP M 83 67.80 -3.25 34.56
N SER M 84 67.01 -2.20 34.28
CA SER M 84 66.69 -1.14 35.24
C SER M 84 67.94 -0.59 35.92
N LEU M 85 68.89 -0.16 35.10
CA LEU M 85 70.22 0.23 35.57
C LEU M 85 70.21 1.46 36.47
N ARG M 86 71.07 1.43 37.49
CA ARG M 86 71.28 2.57 38.37
C ARG M 86 72.75 2.88 38.42
N SER M 87 73.07 4.01 39.05
CA SER M 87 74.44 4.49 39.13
C SER M 87 75.35 3.46 39.78
N GLU M 88 74.79 2.69 40.70
CA GLU M 88 75.52 1.63 41.38
C GLU M 88 75.96 0.49 40.44
N ASP M 89 75.43 0.48 39.23
CA ASP M 89 75.75 -0.56 38.26
C ASP M 89 76.97 -0.23 37.40
N THR M 90 77.47 0.98 37.57
CA THR M 90 78.72 1.39 36.93
C THR M 90 79.86 0.53 37.44
N ALA M 91 80.53 -0.18 36.54
CA ALA M 91 81.51 -1.20 36.91
C ALA M 91 82.24 -1.72 35.67
N VAL M 92 83.34 -2.43 35.89
CA VAL M 92 83.95 -3.22 34.83
C VAL M 92 83.33 -4.60 34.88
N TYR M 93 82.82 -5.06 33.74
CA TYR M 93 82.17 -6.36 33.73
C TYR M 93 83.05 -7.39 33.05
N TYR M 94 83.41 -8.43 33.78
CA TYR M 94 84.23 -9.51 33.25
C TYR M 94 83.38 -10.77 33.15
N CYS M 95 83.57 -11.58 32.10
CA CYS M 95 83.15 -12.98 32.15
C CYS M 95 84.37 -13.87 32.40
N ALA M 96 84.14 -15.06 32.94
CA ALA M 96 85.23 -15.95 33.29
C ALA M 96 84.80 -17.40 33.45
N GLY M 97 85.73 -18.32 33.25
CA GLY M 97 85.49 -19.72 33.47
C GLY M 97 86.78 -20.46 33.76
N PRO M 98 86.68 -21.78 34.01
CA PRO M 98 87.84 -22.62 34.34
C PRO M 98 88.34 -23.40 33.13
N SER M 99 89.63 -23.74 33.12
CA SER M 99 90.18 -24.56 32.04
C SER M 99 90.10 -26.02 32.43
N ILE M 100 89.29 -26.30 33.45
CA ILE M 100 89.11 -27.66 33.95
C ILE M 100 88.70 -28.66 32.87
N THR M 101 89.26 -29.85 32.95
CA THR M 101 88.80 -31.04 32.25
C THR M 101 88.81 -32.21 33.26
N GLU M 102 88.08 -33.27 32.96
CA GLU M 102 88.06 -34.45 33.83
C GLU M 102 88.07 -35.66 32.91
N SER M 103 88.58 -36.75 33.45
CA SER M 103 88.55 -38.00 32.74
C SER M 103 87.07 -38.35 32.66
N HIS M 104 86.35 -38.04 33.72
CA HIS M 104 84.93 -38.32 33.74
C HIS M 104 84.04 -37.17 34.27
N TYR M 105 83.22 -36.69 33.34
CA TYR M 105 82.22 -35.62 33.53
C TYR M 105 80.89 -36.01 34.21
N CYS M 106 80.48 -35.26 35.23
CA CYS M 106 79.24 -35.58 35.95
C CYS M 106 77.96 -35.22 35.16
N LEU M 107 77.05 -36.17 35.06
CA LEU M 107 75.84 -35.95 34.26
C LEU M 107 74.52 -35.56 34.95
N ASP M 108 74.49 -35.52 36.28
CA ASP M 108 73.23 -35.31 37.01
C ASP M 108 73.43 -34.63 38.35
N CYS M 109 74.45 -33.79 38.45
CA CYS M 109 74.81 -33.18 39.72
C CYS M 109 74.19 -31.84 40.12
N ALA M 110 74.32 -31.57 41.42
CA ALA M 110 74.00 -30.28 42.02
C ALA M 110 74.81 -29.21 41.33
N ALA M 111 74.24 -28.02 41.20
CA ALA M 111 74.89 -26.91 40.51
C ALA M 111 76.29 -26.54 40.99
N LYS M 112 76.51 -26.55 42.29
CA LYS M 112 77.83 -26.23 42.83
C LYS M 112 79.01 -27.07 42.30
N ASP M 113 78.75 -28.29 41.85
CA ASP M 113 79.84 -29.17 41.41
C ASP M 113 80.55 -28.77 40.09
N TYR M 114 79.97 -27.86 39.33
CA TYR M 114 80.56 -27.43 38.06
C TYR M 114 81.18 -26.04 38.15
N TYR M 115 81.20 -25.49 39.35
CA TYR M 115 81.86 -24.22 39.60
C TYR M 115 83.28 -24.40 40.16
N TYR M 116 84.28 -23.83 39.49
CA TYR M 116 85.68 -23.97 39.89
C TYR M 116 86.35 -22.62 39.91
N GLY M 117 87.55 -22.58 40.48
CA GLY M 117 88.42 -21.43 40.39
C GLY M 117 88.54 -20.96 38.95
N LEU M 118 88.50 -19.64 38.78
CA LEU M 118 88.42 -19.04 37.46
C LEU M 118 89.80 -18.60 36.96
N ASP M 119 90.36 -19.38 36.05
CA ASP M 119 91.68 -19.10 35.50
C ASP M 119 91.66 -18.69 34.03
N VAL M 120 90.46 -18.56 33.48
CA VAL M 120 90.26 -18.03 32.14
C VAL M 120 89.37 -16.80 32.23
N TRP M 121 89.90 -15.64 31.81
CA TRP M 121 89.16 -14.39 31.95
C TRP M 121 89.00 -13.64 30.63
N GLY M 122 87.83 -13.02 30.44
CA GLY M 122 87.65 -11.99 29.45
C GLY M 122 88.44 -10.73 29.75
N GLN M 123 88.48 -9.81 28.79
CA GLN M 123 89.28 -8.58 28.92
C GLN M 123 88.54 -7.51 29.69
N GLY M 124 87.24 -7.74 29.92
CA GLY M 124 86.42 -6.82 30.67
C GLY M 124 85.68 -5.84 29.78
N THR M 125 84.48 -5.47 30.22
CA THR M 125 83.62 -4.53 29.50
C THR M 125 83.21 -3.37 30.39
N THR M 126 83.58 -2.16 29.98
CA THR M 126 83.21 -0.97 30.74
C THR M 126 81.78 -0.54 30.44
N VAL M 127 80.95 -0.54 31.47
CA VAL M 127 79.57 -0.11 31.34
C VAL M 127 79.33 1.12 32.19
N THR M 128 78.87 2.19 31.57
CA THR M 128 78.61 3.40 32.32
C THR M 128 77.12 3.65 32.31
N VAL M 129 76.59 3.86 33.51
CA VAL M 129 75.17 4.18 33.67
C VAL M 129 75.01 5.68 34.02
N SER M 130 74.48 6.46 33.10
CA SER M 130 74.34 7.90 33.32
C SER M 130 73.21 8.50 32.53
N SER M 131 72.66 9.62 33.05
CA SER M 131 71.55 10.28 32.39
C SER M 131 72.08 11.25 31.34
N ALA M 132 73.41 11.43 31.37
CA ALA M 132 74.15 12.29 30.46
C ALA M 132 74.21 11.74 29.03
N SER M 133 73.86 12.55 28.04
CA SER M 133 74.15 12.15 26.66
C SER M 133 75.52 12.74 26.40
N THR M 134 76.01 12.67 25.16
CA THR M 134 77.39 13.10 24.85
C THR M 134 77.51 14.63 25.03
N LYS M 135 78.57 15.07 25.71
CA LYS M 135 78.76 16.50 26.04
C LYS M 135 80.24 16.90 26.06
N GLY M 136 80.54 18.00 25.36
CA GLY M 136 81.89 18.53 25.32
C GLY M 136 82.22 19.23 26.63
N PRO M 137 83.52 19.39 26.89
CA PRO M 137 83.90 19.88 28.21
C PRO M 137 83.93 21.39 28.31
N SER M 138 83.77 21.87 29.53
CA SER M 138 84.05 23.25 29.85
C SER M 138 85.45 23.16 30.42
N VAL M 139 86.32 24.10 30.05
CA VAL M 139 87.69 24.05 30.55
C VAL M 139 88.03 25.33 31.32
N PHE M 140 88.53 25.19 32.53
CA PHE M 140 88.85 26.35 33.38
C PHE M 140 90.31 26.39 33.76
N PRO M 141 90.89 27.60 33.75
CA PRO M 141 92.28 27.79 34.13
C PRO M 141 92.49 27.62 35.62
N LEU M 142 93.59 26.97 35.96
CA LEU M 142 93.99 26.88 37.35
C LEU M 142 95.25 27.70 37.58
N ALA M 143 95.06 28.91 38.10
CA ALA M 143 96.15 29.88 38.22
C ALA M 143 97.19 29.38 39.22
N PRO M 144 98.46 29.71 38.97
CA PRO M 144 99.57 29.33 39.87
C PRO M 144 99.46 29.93 41.28
N SER M 145 99.81 29.12 42.29
CA SER M 145 99.76 29.56 43.69
C SER M 145 100.64 30.77 43.97
N GLY M 152 112.10 26.20 44.73
CA GLY M 152 110.89 26.98 44.88
C GLY M 152 110.05 26.92 43.63
N THR M 153 109.18 25.93 43.55
CA THR M 153 108.37 25.72 42.37
C THR M 153 106.91 26.06 42.63
N ALA M 154 106.15 26.23 41.55
CA ALA M 154 104.72 26.46 41.61
C ALA M 154 103.97 25.51 40.67
N ALA M 155 102.72 25.22 41.00
CA ALA M 155 101.85 24.42 40.15
C ALA M 155 100.69 25.21 39.55
N LEU M 156 100.47 25.04 38.24
CA LEU M 156 99.31 25.62 37.56
C LEU M 156 98.76 24.52 36.65
N GLY M 157 97.53 24.70 36.19
CA GLY M 157 96.88 23.69 35.36
C GLY M 157 95.57 24.07 34.71
N CYS M 158 94.85 23.07 34.22
CA CYS M 158 93.56 23.28 33.61
C CYS M 158 92.54 22.30 34.15
N LEU M 159 91.36 22.83 34.47
CA LEU M 159 90.26 22.00 34.93
C LEU M 159 89.31 21.71 33.79
N VAL M 160 89.13 20.42 33.51
CA VAL M 160 88.32 20.01 32.39
C VAL M 160 87.06 19.38 32.97
N LYS M 161 85.97 20.15 32.96
CA LYS M 161 84.80 19.85 33.76
C LYS M 161 83.63 19.42 32.89
N ASP M 162 82.90 18.42 33.38
CA ASP M 162 81.58 18.10 32.87
C ASP M 162 81.57 17.67 31.41
N TYR M 163 82.33 16.63 31.07
CA TYR M 163 82.32 16.11 29.71
C TYR M 163 81.82 14.68 29.73
N PHE M 164 81.36 14.18 28.59
CA PHE M 164 81.00 12.78 28.54
C PHE M 164 80.97 12.32 27.08
N PRO M 165 81.45 11.09 26.78
CA PRO M 165 82.13 10.10 27.61
C PRO M 165 83.62 10.34 27.59
N GLU M 166 84.38 9.43 28.20
CA GLU M 166 85.79 9.31 27.92
C GLU M 166 85.97 9.00 26.43
N PRO M 167 87.14 9.31 25.85
CA PRO M 167 88.32 9.93 26.48
C PRO M 167 88.51 11.41 26.16
N VAL M 168 89.34 12.07 26.97
CA VAL M 168 89.85 13.42 26.67
C VAL M 168 91.37 13.34 26.59
N THR M 169 91.98 14.11 25.69
CA THR M 169 93.42 14.30 25.76
C THR M 169 93.80 15.75 26.07
N VAL M 170 94.95 15.93 26.69
CA VAL M 170 95.46 17.25 27.00
C VAL M 170 96.94 17.39 26.63
N SER M 171 97.26 18.43 25.85
CA SER M 171 98.66 18.77 25.67
C SER M 171 98.91 20.18 26.18
N TRP M 172 100.18 20.55 26.28
CA TRP M 172 100.54 21.89 26.72
C TRP M 172 101.44 22.52 25.67
N ASN M 173 101.11 23.75 25.28
CA ASN M 173 101.83 24.46 24.23
C ASN M 173 101.96 23.55 23.00
N SER M 174 100.83 22.92 22.65
CA SER M 174 100.69 22.07 21.46
C SER M 174 101.62 20.87 21.45
N GLY M 175 102.03 20.42 22.63
CA GLY M 175 102.92 19.28 22.73
C GLY M 175 104.36 19.70 22.92
N ALA M 176 104.62 20.99 22.73
CA ALA M 176 105.97 21.53 22.88
C ALA M 176 106.42 21.48 24.32
N LEU M 177 105.45 21.49 25.23
CA LEU M 177 105.75 21.47 26.65
C LEU M 177 105.38 20.07 27.15
N THR M 178 106.37 19.33 27.62
CA THR M 178 106.14 17.97 28.08
C THR M 178 106.70 17.69 29.48
N SER M 179 107.84 18.31 29.81
CA SER M 179 108.46 18.10 31.13
C SER M 179 107.60 18.67 32.26
N GLY M 180 107.42 17.89 33.33
CA GLY M 180 106.70 18.37 34.50
C GLY M 180 105.19 18.30 34.40
N VAL M 181 104.69 17.69 33.32
CA VAL M 181 103.25 17.59 33.10
C VAL M 181 102.66 16.35 33.74
N HIS M 182 101.59 16.54 34.48
CA HIS M 182 100.90 15.42 35.08
C HIS M 182 99.42 15.62 34.82
N THR M 183 98.88 14.82 33.92
CA THR M 183 97.44 14.81 33.68
C THR M 183 96.77 13.71 34.48
N PHE M 184 95.77 14.07 35.28
CA PHE M 184 95.15 13.14 36.19
C PHE M 184 93.98 12.42 35.57
N PRO M 185 93.74 11.19 36.02
CA PRO M 185 92.58 10.39 35.68
C PRO M 185 91.32 11.15 36.02
N ALA M 186 90.27 10.94 35.24
CA ALA M 186 89.05 11.69 35.46
C ALA M 186 88.30 11.12 36.66
N VAL M 187 87.48 11.97 37.30
CA VAL M 187 86.53 11.51 38.30
C VAL M 187 85.18 11.36 37.61
N LEU M 188 84.46 10.30 37.94
CA LEU M 188 83.08 10.18 37.47
C LEU M 188 82.13 10.77 38.51
N GLN M 189 81.55 11.92 38.18
CA GLN M 189 80.73 12.68 39.13
C GLN M 189 79.31 12.16 39.30
N SER M 190 78.66 12.62 40.37
CA SER M 190 77.26 12.30 40.66
C SER M 190 76.30 12.75 39.56
N SER M 191 76.76 13.68 38.72
CA SER M 191 75.99 14.15 37.59
C SER M 191 76.05 13.16 36.43
N GLY M 192 76.97 12.21 36.51
CA GLY M 192 77.16 11.27 35.40
C GLY M 192 78.14 11.76 34.37
N LEU M 193 78.71 12.94 34.63
CA LEU M 193 79.76 13.48 33.78
C LEU M 193 81.14 13.29 34.41
N TYR M 194 82.16 13.27 33.56
CA TYR M 194 83.53 13.14 34.00
C TYR M 194 84.20 14.51 34.15
N SER M 195 85.20 14.58 35.02
CA SER M 195 86.07 15.75 35.08
C SER M 195 87.50 15.29 35.35
N LEU M 196 88.47 15.95 34.75
CA LEU M 196 89.88 15.69 35.09
C LEU M 196 90.67 16.99 35.10
N SER M 197 91.90 16.93 35.61
CA SER M 197 92.80 18.06 35.52
C SER M 197 94.17 17.66 34.99
N SER M 198 94.82 18.59 34.29
CA SER M 198 96.22 18.42 33.93
C SER M 198 96.99 19.58 34.54
N VAL M 199 98.09 19.28 35.21
CA VAL M 199 98.89 20.32 35.86
C VAL M 199 100.33 20.26 35.39
N VAL M 200 100.95 21.42 35.27
CA VAL M 200 102.37 21.49 34.95
C VAL M 200 103.15 22.17 36.06
N THR M 201 104.25 21.54 36.46
CA THR M 201 105.10 22.14 37.47
C THR M 201 106.24 22.83 36.75
N VAL M 202 106.41 24.11 37.07
CA VAL M 202 107.33 24.97 36.34
C VAL M 202 108.15 25.76 37.36
N PRO M 203 109.32 26.26 36.95
CA PRO M 203 110.01 27.17 37.88
C PRO M 203 109.15 28.41 38.11
N SER M 204 109.01 28.82 39.37
CA SER M 204 108.18 29.97 39.73
C SER M 204 108.76 31.23 39.11
N SER M 205 110.08 31.25 38.97
CA SER M 205 110.78 32.41 38.43
C SER M 205 110.35 32.73 37.00
N SER M 206 109.86 31.71 36.28
CA SER M 206 109.51 31.90 34.88
C SER M 206 108.02 32.18 34.62
N LEU M 207 107.26 32.40 35.68
CA LEU M 207 105.83 32.70 35.54
C LEU M 207 105.54 34.02 34.80
N GLY M 208 106.42 35.00 34.97
CA GLY M 208 106.24 36.33 34.41
C GLY M 208 106.29 36.52 32.91
N THR M 209 107.10 35.70 32.26
CA THR M 209 107.40 35.87 30.84
C THR M 209 106.87 34.71 30.01
N GLN M 210 106.96 33.50 30.54
CA GLN M 210 106.64 32.30 29.79
C GLN M 210 105.13 32.13 29.63
N THR M 211 104.72 31.59 28.49
CA THR M 211 103.31 31.46 28.19
C THR M 211 102.89 30.01 28.34
N TYR M 212 101.71 29.78 28.91
CA TYR M 212 101.26 28.42 29.12
C TYR M 212 99.82 28.30 28.62
N ILE M 213 99.61 27.50 27.57
CA ILE M 213 98.28 27.25 27.05
C ILE M 213 98.02 25.74 26.99
N CYS M 214 96.95 25.28 27.64
CA CYS M 214 96.56 23.87 27.53
C CYS M 214 95.63 23.59 26.35
N ASN M 215 95.85 22.45 25.70
CA ASN M 215 95.06 22.05 24.54
C ASN M 215 94.29 20.79 24.87
N VAL M 216 92.98 20.93 24.99
CA VAL M 216 92.16 19.82 25.44
C VAL M 216 91.37 19.31 24.26
N ASN M 217 91.41 17.99 24.07
CA ASN M 217 90.69 17.36 22.97
C ASN M 217 89.73 16.30 23.50
N HIS M 218 88.46 16.42 23.11
CA HIS M 218 87.46 15.42 23.44
C HIS M 218 86.81 14.89 22.17
N LYS M 219 87.39 13.83 21.64
CA LYS M 219 86.96 13.26 20.38
C LYS M 219 85.47 12.84 20.32
N PRO M 220 84.95 12.20 21.39
CA PRO M 220 83.54 11.79 21.31
C PRO M 220 82.55 12.94 21.05
N SER M 221 82.88 14.15 21.50
CA SER M 221 82.00 15.29 21.24
C SER M 221 82.56 16.17 20.13
N ASN M 222 83.72 15.78 19.62
CA ASN M 222 84.41 16.55 18.58
C ASN M 222 84.63 17.99 19.00
N THR M 223 85.11 18.15 20.22
CA THR M 223 85.34 19.44 20.83
C THR M 223 86.82 19.57 21.13
N LYS M 224 87.37 20.75 20.90
CA LYS M 224 88.74 21.05 21.28
C LYS M 224 88.78 22.40 21.98
N VAL M 225 89.57 22.52 23.04
CA VAL M 225 89.66 23.79 23.77
C VAL M 225 91.10 24.22 24.06
N ASP M 226 91.38 25.48 23.74
CA ASP M 226 92.64 26.12 24.13
C ASP M 226 92.35 27.18 25.20
N LYS M 227 93.11 27.14 26.29
CA LYS M 227 93.00 28.12 27.36
C LYS M 227 94.35 28.65 27.82
N ARG M 228 94.52 29.97 27.77
CA ARG M 228 95.74 30.57 28.28
C ARG M 228 95.65 30.59 29.81
N VAL M 229 96.73 30.23 30.50
CA VAL M 229 96.70 30.15 31.96
C VAL M 229 97.67 31.14 32.56
N GLU M 230 97.09 32.15 33.20
CA GLU M 230 97.87 33.24 33.75
C GLU M 230 97.66 33.40 35.25
N PRO M 231 98.62 34.05 35.94
CA PRO M 231 98.45 34.36 37.36
C PRO M 231 97.29 35.35 37.56
N LYS M 232 96.58 35.24 38.69
CA LYS M 232 95.40 36.06 38.94
C LYS M 232 95.73 37.51 39.34
N GLN N 1 79.65 -5.38 54.95
CA GLN N 1 79.76 -6.80 55.29
C GLN N 1 79.74 -7.69 54.05
N SER N 2 80.91 -8.23 53.73
CA SER N 2 81.02 -9.32 52.78
C SER N 2 80.83 -10.60 53.59
N VAL N 3 80.44 -11.68 52.90
CA VAL N 3 80.17 -12.94 53.59
C VAL N 3 81.46 -13.50 54.17
N LEU N 4 82.55 -13.33 53.43
CA LEU N 4 83.88 -13.66 53.94
C LEU N 4 84.52 -12.37 54.41
N THR N 5 85.20 -12.43 55.55
CA THR N 5 85.80 -11.23 56.11
C THR N 5 87.30 -11.25 55.91
N GLN N 6 87.82 -10.21 55.27
CA GLN N 6 89.25 -10.07 55.09
C GLN N 6 89.70 -8.74 55.69
N PRO N 7 90.92 -8.70 56.22
CA PRO N 7 91.49 -7.41 56.61
C PRO N 7 91.61 -6.54 55.38
N PRO N 8 91.40 -5.23 55.53
CA PRO N 8 91.50 -4.35 54.36
C PRO N 8 92.92 -4.20 53.82
N SER N 9 93.93 -4.44 54.66
CA SER N 9 95.30 -4.19 54.27
C SER N 9 96.31 -5.18 54.86
N ALA N 10 97.41 -5.39 54.14
CA ALA N 10 98.55 -6.15 54.65
C ALA N 10 99.81 -5.53 54.08
N SER N 11 100.95 -5.73 54.73
CA SER N 11 102.20 -5.18 54.22
C SER N 11 103.47 -5.89 54.67
N GLY N 12 104.52 -5.72 53.87
CA GLY N 12 105.86 -6.15 54.21
C GLY N 12 106.87 -5.43 53.34
N THR N 13 108.15 -5.64 53.60
CA THR N 13 109.20 -5.05 52.78
C THR N 13 109.80 -6.16 51.89
N PRO N 14 110.63 -5.81 50.88
CA PRO N 14 111.09 -6.87 49.97
C PRO N 14 111.81 -8.02 50.66
N GLY N 15 111.45 -9.25 50.30
CA GLY N 15 112.07 -10.43 50.86
C GLY N 15 111.43 -10.90 52.15
N GLN N 16 110.54 -10.07 52.71
CA GLN N 16 109.82 -10.46 53.92
C GLN N 16 108.68 -11.39 53.54
N SER N 17 107.87 -11.75 54.52
CA SER N 17 106.71 -12.57 54.25
C SER N 17 105.47 -12.01 54.91
N VAL N 18 104.30 -12.41 54.41
CA VAL N 18 103.03 -12.00 54.99
C VAL N 18 102.04 -13.16 54.94
N THR N 19 101.03 -13.10 55.81
CA THR N 19 99.89 -14.00 55.70
C THR N 19 98.61 -13.20 55.74
N ILE N 20 97.72 -13.50 54.80
CA ILE N 20 96.45 -12.80 54.71
C ILE N 20 95.35 -13.79 55.05
N SER N 21 94.49 -13.44 56.01
CA SER N 21 93.48 -14.38 56.48
C SER N 21 92.13 -14.14 55.79
N CYS N 22 91.25 -15.14 55.85
CA CYS N 22 89.94 -15.04 55.21
C CYS N 22 88.97 -15.87 56.04
N SER N 23 87.97 -15.21 56.64
CA SER N 23 87.08 -15.88 57.58
C SER N 23 85.66 -15.94 57.06
N GLY N 24 85.07 -17.12 57.17
CA GLY N 24 83.71 -17.36 56.71
C GLY N 24 82.92 -18.14 57.75
N SER N 25 82.07 -19.04 57.28
CA SER N 25 81.14 -19.76 58.15
C SER N 25 80.99 -21.18 57.64
N ARG N 26 80.28 -22.02 58.40
CA ARG N 26 80.01 -23.42 58.05
C ARG N 26 79.45 -23.52 56.62
N SER N 27 78.59 -22.59 56.25
CA SER N 27 77.88 -22.64 54.98
C SER N 27 78.80 -22.35 53.80
N ASN N 28 79.91 -21.64 54.06
CA ASN N 28 80.90 -21.38 53.02
C ASN N 28 82.26 -22.11 53.15
N ILE N 29 83.23 -21.49 53.81
CA ILE N 29 84.57 -22.08 53.95
C ILE N 29 84.60 -23.47 54.60
N GLY N 30 83.75 -23.69 55.59
CA GLY N 30 83.64 -24.96 56.28
C GLY N 30 83.39 -26.21 55.44
N GLY N 31 82.65 -26.05 54.35
CA GLY N 31 82.23 -27.15 53.50
C GLY N 31 82.59 -27.05 52.03
N ASN N 32 83.48 -26.13 51.69
CA ASN N 32 83.76 -25.79 50.29
C ASN N 32 85.22 -25.41 50.09
N THR N 33 85.72 -25.56 48.86
CA THR N 33 87.11 -25.19 48.60
C THR N 33 87.24 -23.68 48.54
N VAL N 34 88.45 -23.19 48.74
CA VAL N 34 88.70 -21.76 48.70
C VAL N 34 89.52 -21.40 47.47
N ASN N 35 89.13 -20.32 46.81
CA ASN N 35 89.91 -19.76 45.71
C ASN N 35 90.54 -18.45 46.15
N TRP N 36 91.74 -18.14 45.67
CA TRP N 36 92.36 -16.85 45.95
C TRP N 36 92.71 -16.15 44.64
N TYR N 37 92.35 -14.87 44.54
CA TYR N 37 92.65 -14.07 43.36
C TYR N 37 93.58 -12.88 43.62
N GLN N 38 94.45 -12.59 42.66
CA GLN N 38 95.23 -11.35 42.64
C GLN N 38 94.60 -10.41 41.63
N HIS N 39 94.54 -9.13 41.98
CA HIS N 39 93.93 -8.15 41.10
C HIS N 39 94.81 -6.91 41.06
N LEU N 40 95.33 -6.65 39.86
CA LEU N 40 96.19 -5.50 39.59
C LEU N 40 95.33 -4.46 38.88
N PRO N 41 95.64 -3.17 39.09
CA PRO N 41 94.92 -2.11 38.37
C PRO N 41 94.82 -2.33 36.85
N GLY N 42 93.61 -2.23 36.32
CA GLY N 42 93.35 -2.23 34.89
C GLY N 42 93.09 -3.55 34.18
N MET N 43 93.48 -4.66 34.79
CA MET N 43 93.33 -5.95 34.12
C MET N 43 92.44 -6.89 34.91
N ALA N 44 92.07 -7.98 34.26
CA ALA N 44 91.27 -9.00 34.93
C ALA N 44 92.09 -9.62 36.05
N PRO N 45 91.41 -10.12 37.09
CA PRO N 45 92.02 -10.93 38.14
C PRO N 45 92.69 -12.17 37.58
N LYS N 46 93.65 -12.68 38.35
CA LYS N 46 94.36 -13.89 38.00
C LYS N 46 94.22 -14.86 39.18
N LEU N 47 93.88 -16.12 38.89
CA LEU N 47 93.81 -17.16 39.91
C LEU N 47 95.19 -17.58 40.41
N LEU N 48 95.41 -17.49 41.71
CA LEU N 48 96.65 -17.97 42.31
C LEU N 48 96.46 -19.33 42.95
N ILE N 49 95.37 -19.47 43.70
CA ILE N 49 95.15 -20.67 44.47
C ILE N 49 93.73 -21.18 44.24
N TYR N 50 93.58 -22.48 44.05
CA TYR N 50 92.27 -23.12 44.00
C TYR N 50 92.27 -24.36 44.89
N SER N 51 91.09 -24.90 45.18
CA SER N 51 90.98 -26.09 46.01
C SER N 51 91.74 -25.92 47.33
N SER N 52 91.73 -24.69 47.85
CA SER N 52 92.34 -24.27 49.13
C SER N 52 93.88 -24.27 49.19
N ASN N 53 94.57 -25.25 48.63
CA ASN N 53 96.04 -25.30 48.82
C ASN N 53 96.85 -25.68 47.56
N GLN N 54 96.21 -25.67 46.40
CA GLN N 54 96.86 -25.99 45.13
C GLN N 54 97.20 -24.72 44.35
N ARG N 55 98.42 -24.64 43.86
CA ARG N 55 98.83 -23.49 43.05
C ARG N 55 98.42 -23.64 41.58
N SER N 56 97.85 -22.57 41.04
CA SER N 56 97.51 -22.48 39.61
C SER N 56 98.76 -22.53 38.74
N SER N 57 98.60 -22.98 37.50
CA SER N 57 99.71 -23.09 36.53
C SER N 57 100.58 -21.85 36.44
N GLY N 58 101.89 -22.05 36.54
CA GLY N 58 102.87 -20.98 36.41
C GLY N 58 103.11 -20.14 37.66
N VAL N 59 102.32 -20.36 38.70
CA VAL N 59 102.45 -19.58 39.92
C VAL N 59 103.58 -20.11 40.78
N PRO N 60 104.50 -19.24 41.20
CA PRO N 60 105.64 -19.69 42.01
C PRO N 60 105.22 -20.15 43.40
N ASP N 61 106.03 -20.99 44.03
CA ASP N 61 105.64 -21.63 45.28
C ASP N 61 105.71 -20.73 46.53
N ARG N 62 106.12 -19.47 46.35
CA ARG N 62 106.03 -18.46 47.41
C ARG N 62 104.60 -17.96 47.69
N PHE N 63 103.66 -18.22 46.80
CA PHE N 63 102.24 -18.06 47.10
C PHE N 63 101.72 -19.41 47.55
N SER N 64 101.10 -19.44 48.71
CA SER N 64 100.55 -20.69 49.20
C SER N 64 99.20 -20.45 49.87
N GLY N 65 98.27 -21.39 49.70
CA GLY N 65 96.95 -21.25 50.27
C GLY N 65 96.71 -22.36 51.27
N SER N 66 95.90 -22.08 52.27
CA SER N 66 95.47 -23.07 53.24
C SER N 66 94.09 -22.77 53.77
N LYS N 67 93.48 -23.79 54.38
CA LYS N 67 92.16 -23.64 54.95
C LYS N 67 92.09 -24.60 56.13
N SER N 68 91.40 -24.19 57.19
CA SER N 68 91.03 -25.11 58.27
C SER N 68 89.79 -24.59 58.98
N GLY N 69 88.91 -25.51 59.37
CA GLY N 69 87.66 -25.13 59.98
C GLY N 69 86.91 -24.20 59.05
N THR N 70 86.69 -22.98 59.49
CA THR N 70 85.90 -22.03 58.71
C THR N 70 86.71 -20.80 58.28
N SER N 71 88.03 -20.95 58.30
CA SER N 71 88.90 -19.88 57.84
C SER N 71 89.97 -20.36 56.85
N ALA N 72 90.41 -19.47 55.95
CA ALA N 72 91.43 -19.81 54.95
C ALA N 72 92.55 -18.75 54.98
N SER N 73 93.72 -19.10 54.44
CA SER N 73 94.84 -18.15 54.41
C SER N 73 95.65 -18.17 53.10
N LEU N 74 96.13 -17.01 52.67
CA LEU N 74 97.12 -16.93 51.58
C LEU N 74 98.40 -16.35 52.15
N ALA N 75 99.49 -17.12 52.06
CA ALA N 75 100.78 -16.69 52.56
C ALA N 75 101.76 -16.33 51.44
N ILE N 76 102.45 -15.21 51.61
CA ILE N 76 103.39 -14.75 50.60
C ILE N 76 104.75 -14.41 51.20
N SER N 77 105.78 -15.16 50.81
CA SER N 77 107.16 -14.90 51.24
C SER N 77 108.03 -14.37 50.10
N GLY N 78 109.23 -13.92 50.42
CA GLY N 78 110.16 -13.46 49.39
C GLY N 78 109.58 -12.28 48.62
N LEU N 79 108.98 -11.35 49.34
CA LEU N 79 108.20 -10.26 48.75
C LEU N 79 108.98 -9.46 47.69
N GLN N 80 108.31 -9.24 46.56
CA GLN N 80 108.84 -8.46 45.45
C GLN N 80 107.85 -7.34 45.16
N SER N 81 108.32 -6.25 44.55
CA SER N 81 107.47 -5.12 44.15
C SER N 81 106.16 -5.51 43.43
N GLU N 82 106.21 -6.46 42.48
CA GLU N 82 105.02 -6.82 41.69
C GLU N 82 103.89 -7.57 42.42
N ASP N 83 104.13 -7.97 43.66
CA ASP N 83 103.11 -8.62 44.46
C ASP N 83 102.11 -7.63 45.06
N ASP N 84 102.45 -6.35 44.97
CA ASP N 84 101.56 -5.27 45.40
C ASP N 84 100.27 -5.30 44.60
N ALA N 85 99.15 -5.57 45.26
CA ALA N 85 97.90 -5.83 44.57
C ALA N 85 96.78 -6.02 45.60
N ASP N 86 95.56 -6.17 45.10
CA ASP N 86 94.43 -6.54 45.94
C ASP N 86 94.29 -8.04 45.82
N TYR N 87 94.00 -8.67 46.94
CA TYR N 87 93.85 -10.11 46.98
C TYR N 87 92.49 -10.49 47.49
N TYR N 88 91.82 -11.38 46.76
CA TYR N 88 90.47 -11.77 47.12
C TYR N 88 90.38 -13.26 47.38
N CYS N 89 89.68 -13.65 48.44
CA CYS N 89 89.29 -15.05 48.58
C CYS N 89 87.89 -15.26 48.04
N ALA N 90 87.58 -16.50 47.67
CA ALA N 90 86.24 -16.84 47.22
C ALA N 90 85.95 -18.31 47.51
N SER N 91 84.67 -18.64 47.62
CA SER N 91 84.21 -20.01 47.72
C SER N 91 82.72 -20.11 47.39
N TRP N 92 82.22 -21.32 47.24
CA TRP N 92 80.78 -21.51 47.12
C TRP N 92 80.17 -21.33 48.51
N ASP N 93 78.93 -20.86 48.56
CA ASP N 93 78.19 -20.77 49.81
C ASP N 93 76.93 -21.60 49.64
N ASP N 94 76.79 -22.60 50.50
CA ASP N 94 75.70 -23.56 50.39
C ASP N 94 74.31 -23.06 50.81
N SER N 95 74.27 -21.96 51.56
CA SER N 95 72.99 -21.36 51.97
C SER N 95 72.43 -20.39 50.93
N LEU N 96 73.33 -19.63 50.32
CA LEU N 96 72.98 -18.68 49.27
C LEU N 96 72.86 -19.33 47.91
N ASN N 97 73.43 -20.53 47.80
CA ASN N 97 73.53 -21.25 46.53
C ASN N 97 74.23 -20.41 45.49
N GLY N 98 75.43 -19.95 45.81
CA GLY N 98 76.21 -19.12 44.93
C GLY N 98 77.59 -18.86 45.48
N VAL N 99 78.43 -18.20 44.68
CA VAL N 99 79.78 -17.87 45.10
C VAL N 99 79.83 -16.57 45.90
N VAL N 100 80.61 -16.57 46.97
CA VAL N 100 80.84 -15.39 47.78
C VAL N 100 82.33 -15.00 47.80
N PHE N 101 82.61 -13.70 47.83
CA PHE N 101 83.98 -13.17 47.94
C PHE N 101 84.18 -12.48 49.27
N GLY N 102 85.41 -12.52 49.78
CA GLY N 102 85.81 -11.63 50.85
C GLY N 102 85.93 -10.21 50.34
N GLY N 103 86.13 -9.27 51.26
CA GLY N 103 86.20 -7.87 50.89
C GLY N 103 87.49 -7.42 50.22
N GLY N 104 88.49 -8.29 50.22
CA GLY N 104 89.78 -7.96 49.65
C GLY N 104 90.76 -7.42 50.66
N THR N 105 92.03 -7.72 50.43
CA THR N 105 93.12 -7.15 51.21
C THR N 105 94.07 -6.41 50.28
N LYS N 106 94.33 -5.13 50.58
CA LYS N 106 95.31 -4.39 49.81
C LYS N 106 96.66 -4.73 50.45
N LEU N 107 97.48 -5.47 49.70
CA LEU N 107 98.83 -5.82 50.13
C LEU N 107 99.83 -4.82 49.64
N THR N 108 100.66 -4.31 50.54
CA THR N 108 101.67 -3.43 50.05
C THR N 108 103.05 -4.02 50.28
N VAL N 109 103.77 -4.07 49.17
CA VAL N 109 105.15 -4.44 49.06
C VAL N 109 105.96 -3.17 49.08
N LEU N 110 106.59 -2.86 50.21
CA LEU N 110 107.31 -1.60 50.28
C LEU N 110 108.70 -1.71 49.69
N GLY N 111 108.75 -1.79 48.36
CA GLY N 111 110.00 -1.83 47.60
C GLY N 111 110.57 -0.44 47.39
N GLN N 112 109.88 0.53 47.98
CA GLN N 112 110.30 1.92 48.05
C GLN N 112 109.77 2.42 49.39
N PRO N 113 110.53 3.33 50.04
CA PRO N 113 110.09 3.87 51.31
C PRO N 113 108.70 4.50 51.18
N LYS N 114 107.87 4.33 52.21
CA LYS N 114 106.52 4.90 52.25
C LYS N 114 106.72 6.37 51.97
N ALA N 115 105.91 6.91 51.05
CA ALA N 115 106.13 8.26 50.59
C ALA N 115 104.89 9.12 50.79
N ALA N 116 105.08 10.25 51.46
CA ALA N 116 103.98 11.14 51.76
C ALA N 116 103.47 11.79 50.49
N PRO N 117 102.17 12.10 50.43
CA PRO N 117 101.58 12.65 49.21
C PRO N 117 101.95 14.12 48.97
N SER N 118 102.10 14.51 47.70
CA SER N 118 102.20 15.93 47.33
C SER N 118 100.81 16.39 46.98
N VAL N 119 100.38 17.47 47.62
CA VAL N 119 99.00 17.88 47.48
C VAL N 119 98.99 19.27 46.91
N THR N 120 98.17 19.43 45.88
CA THR N 120 97.96 20.74 45.33
C THR N 120 96.46 21.08 45.36
N LEU N 121 96.11 22.25 45.86
CA LEU N 121 94.70 22.67 45.94
C LEU N 121 94.48 23.96 45.17
N PHE N 122 93.51 23.94 44.26
CA PHE N 122 93.16 25.14 43.51
C PHE N 122 91.79 25.65 43.90
N PRO N 123 91.66 26.98 44.01
CA PRO N 123 90.36 27.62 44.24
C PRO N 123 89.59 27.68 42.91
N PRO N 124 88.30 28.06 42.96
CA PRO N 124 87.59 28.30 41.70
C PRO N 124 88.28 29.39 40.86
N SER N 125 88.26 29.19 39.55
CA SER N 125 88.72 30.22 38.62
C SER N 125 87.64 31.29 38.54
N SER N 126 88.05 32.51 38.20
CA SER N 126 87.11 33.60 37.96
C SER N 126 86.06 33.31 36.87
N GLU N 127 86.44 32.62 35.81
CA GLU N 127 85.51 32.30 34.73
C GLU N 127 84.35 31.47 35.25
N GLU N 128 84.68 30.48 36.05
CA GLU N 128 83.70 29.57 36.59
C GLU N 128 82.74 30.27 37.54
N LEU N 129 83.29 31.10 38.43
CA LEU N 129 82.44 31.88 39.33
C LEU N 129 81.41 32.70 38.57
N GLN N 130 81.84 33.30 37.46
CA GLN N 130 80.95 34.05 36.59
C GLN N 130 79.90 33.18 35.92
N ALA N 131 80.19 31.89 35.79
CA ALA N 131 79.20 30.94 35.27
C ALA N 131 78.33 30.32 36.38
N ASN N 132 78.32 30.96 37.55
CA ASN N 132 77.47 30.59 38.68
C ASN N 132 77.76 29.21 39.26
N LYS N 133 79.02 28.82 39.19
CA LYS N 133 79.49 27.58 39.80
C LYS N 133 80.83 27.83 40.49
N ALA N 134 81.29 26.86 41.26
CA ALA N 134 82.56 26.99 41.96
C ALA N 134 83.06 25.60 42.33
N THR N 135 84.26 25.27 41.87
CA THR N 135 84.88 23.99 42.17
C THR N 135 86.27 24.22 42.75
N LEU N 136 86.53 23.66 43.92
CA LEU N 136 87.88 23.63 44.45
C LEU N 136 88.49 22.30 44.06
N VAL N 137 89.77 22.32 43.73
CA VAL N 137 90.40 21.18 43.10
C VAL N 137 91.62 20.76 43.88
N CYS N 138 91.58 19.55 44.41
CA CYS N 138 92.66 19.08 45.26
C CYS N 138 93.36 17.90 44.59
N LEU N 139 94.59 18.18 44.17
CA LEU N 139 95.36 17.21 43.41
C LEU N 139 96.47 16.64 44.25
N ILE N 140 96.52 15.32 44.26
CA ILE N 140 97.34 14.58 45.18
C ILE N 140 98.26 13.64 44.42
N SER N 141 99.57 13.77 44.64
CA SER N 141 100.51 13.01 43.83
C SER N 141 101.67 12.41 44.63
N ASP N 142 102.39 11.50 43.99
CA ASP N 142 103.63 10.92 44.52
C ASP N 142 103.54 10.15 45.86
N PHE N 143 102.41 9.52 46.15
CA PHE N 143 102.31 8.76 47.41
C PHE N 143 102.43 7.25 47.23
N TYR N 144 102.86 6.58 48.29
CA TYR N 144 102.91 5.13 48.29
C TYR N 144 102.83 4.67 49.76
N PRO N 145 101.99 3.67 50.05
CA PRO N 145 101.07 2.91 49.19
C PRO N 145 99.91 3.69 48.58
N GLY N 146 99.20 3.05 47.65
CA GLY N 146 98.19 3.73 46.87
C GLY N 146 96.83 3.83 47.50
N ALA N 147 96.77 4.44 48.68
CA ALA N 147 95.52 4.64 49.38
C ALA N 147 95.50 5.95 50.14
N VAL N 148 94.50 6.78 49.88
CA VAL N 148 94.31 7.98 50.69
C VAL N 148 92.84 8.18 50.97
N THR N 149 92.57 8.98 52.00
CA THR N 149 91.25 9.54 52.21
C THR N 149 91.28 11.05 52.26
N VAL N 150 90.17 11.65 51.82
CA VAL N 150 90.09 13.10 51.73
C VAL N 150 88.87 13.64 52.47
N ALA N 151 89.10 14.67 53.29
CA ALA N 151 88.04 15.35 54.02
C ALA N 151 88.05 16.80 53.60
N TRP N 152 86.90 17.44 53.59
CA TRP N 152 86.85 18.86 53.25
C TRP N 152 86.30 19.68 54.41
N LYS N 153 86.80 20.91 54.51
CA LYS N 153 86.33 21.85 55.52
C LYS N 153 86.02 23.22 54.93
N ALA N 154 84.96 23.84 55.44
CA ALA N 154 84.66 25.25 55.21
C ALA N 154 85.04 25.94 56.48
N ASP N 155 86.03 26.84 56.40
CA ASP N 155 86.69 27.35 57.59
C ASP N 155 87.21 26.16 58.41
N SER N 156 86.69 25.95 59.62
CA SER N 156 87.05 24.75 60.39
C SER N 156 85.95 23.67 60.46
N SER N 157 84.84 23.91 59.77
CA SER N 157 83.69 22.99 59.79
C SER N 157 83.81 21.96 58.66
N PRO N 158 83.63 20.67 58.98
CA PRO N 158 83.68 19.57 58.00
C PRO N 158 82.63 19.73 56.92
N VAL N 159 83.02 19.49 55.67
CA VAL N 159 82.09 19.52 54.55
C VAL N 159 82.01 18.17 53.88
N LYS N 160 80.81 17.61 53.89
CA LYS N 160 80.56 16.31 53.30
C LYS N 160 79.83 16.34 51.95
N ALA N 161 78.93 17.31 51.75
CA ALA N 161 78.16 17.35 50.51
C ALA N 161 78.99 17.89 49.36
N GLY N 162 78.68 17.45 48.14
CA GLY N 162 79.31 18.01 46.96
C GLY N 162 80.74 17.52 46.72
N VAL N 163 81.10 16.40 47.33
CA VAL N 163 82.47 15.89 47.20
C VAL N 163 82.53 14.73 46.20
N GLU N 164 83.53 14.77 45.33
CA GLU N 164 83.78 13.72 44.34
C GLU N 164 85.24 13.33 44.36
N THR N 165 85.50 12.06 44.64
CA THR N 165 86.86 11.61 44.82
C THR N 165 87.16 10.40 43.96
N THR N 166 88.31 10.45 43.29
CA THR N 166 88.72 9.40 42.37
C THR N 166 89.31 8.25 43.15
N THR N 167 89.39 7.09 42.51
CA THR N 167 90.25 6.04 42.99
C THR N 167 91.70 6.43 42.70
N PRO N 168 92.62 5.96 43.54
CA PRO N 168 94.03 6.28 43.26
C PRO N 168 94.47 5.54 42.00
N SER N 169 95.39 6.10 41.24
CA SER N 169 95.88 5.44 40.04
C SER N 169 97.39 5.47 40.01
N LYS N 170 98.01 4.45 39.42
CA LYS N 170 99.46 4.41 39.30
C LYS N 170 99.97 5.49 38.34
N GLN N 171 100.96 6.23 38.81
CA GLN N 171 101.70 7.19 38.00
C GLN N 171 102.83 6.51 37.23
N SER N 172 103.47 7.25 36.31
CA SER N 172 104.55 6.68 35.52
C SER N 172 105.79 6.33 36.35
N ASN N 173 105.90 6.94 37.53
CA ASN N 173 107.00 6.66 38.45
C ASN N 173 106.72 5.60 39.54
N ASN N 174 105.62 4.86 39.38
CA ASN N 174 105.15 3.80 40.30
C ASN N 174 104.72 4.19 41.73
N LYS N 175 104.63 5.49 42.02
CA LYS N 175 103.85 5.95 43.17
C LYS N 175 102.45 6.20 42.61
N TYR N 176 101.54 6.67 43.45
CA TYR N 176 100.14 6.73 43.03
C TYR N 176 99.59 8.16 42.94
N ALA N 177 98.54 8.38 42.12
CA ALA N 177 97.91 9.70 42.04
C ALA N 177 96.39 9.62 42.19
N ALA N 178 95.81 10.73 42.66
CA ALA N 178 94.35 10.90 42.76
C ALA N 178 93.94 12.37 42.68
N SER N 179 92.65 12.62 42.48
CA SER N 179 92.11 13.98 42.46
C SER N 179 90.82 14.05 43.29
N SER N 180 90.55 15.22 43.89
CA SER N 180 89.29 15.45 44.58
C SER N 180 88.70 16.81 44.25
N TYR N 181 87.38 16.83 44.08
CA TYR N 181 86.68 18.03 43.68
C TYR N 181 85.54 18.44 44.63
N LEU N 182 85.47 19.71 45.02
CA LEU N 182 84.35 20.19 45.82
C LEU N 182 83.49 21.20 45.05
N SER N 183 82.21 20.91 44.89
CA SER N 183 81.28 21.86 44.26
C SER N 183 80.59 22.75 45.28
N LEU N 184 80.63 24.06 45.03
CA LEU N 184 79.99 25.02 45.92
C LEU N 184 79.17 25.99 45.06
N THR N 185 78.27 26.73 45.68
CA THR N 185 77.71 27.90 45.02
C THR N 185 78.72 29.02 45.23
N PRO N 186 78.72 30.00 44.32
CA PRO N 186 79.57 31.18 44.49
C PRO N 186 79.30 31.86 45.82
N GLU N 187 78.04 31.85 46.26
CA GLU N 187 77.65 32.48 47.52
C GLU N 187 78.33 31.83 48.71
N GLN N 188 78.39 30.51 48.69
CA GLN N 188 79.07 29.76 49.73
C GLN N 188 80.58 30.05 49.77
N TRP N 189 81.20 30.00 48.59
CA TRP N 189 82.64 30.22 48.46
C TRP N 189 83.16 31.54 49.01
N LYS N 190 82.48 32.63 48.70
CA LYS N 190 82.95 33.96 49.09
C LYS N 190 82.63 34.25 50.55
N SER N 191 81.75 33.46 51.18
CA SER N 191 81.24 33.78 52.51
C SER N 191 82.08 33.24 53.66
N HIS N 192 83.04 32.39 53.34
CA HIS N 192 83.88 31.78 54.38
C HIS N 192 85.26 32.40 54.27
N ARG N 193 86.04 32.40 55.34
CA ARG N 193 87.39 32.93 55.31
C ARG N 193 88.25 32.03 54.42
N SER N 194 88.04 30.70 54.53
CA SER N 194 88.84 29.78 53.73
C SER N 194 88.21 28.39 53.67
N TYR N 195 88.77 27.59 52.77
CA TYR N 195 88.48 26.18 52.68
C TYR N 195 89.77 25.39 52.70
N SER N 196 89.66 24.16 53.18
CA SER N 196 90.82 23.28 53.23
C SER N 196 90.49 21.90 52.68
N CYS N 197 91.48 21.31 52.02
CA CYS N 197 91.42 19.93 51.55
C CYS N 197 92.35 19.11 52.42
N GLN N 198 91.83 18.08 53.07
CA GLN N 198 92.63 17.28 53.98
C GLN N 198 92.87 15.86 53.49
N VAL N 199 94.13 15.50 53.29
CA VAL N 199 94.46 14.20 52.72
C VAL N 199 95.10 13.32 53.77
N THR N 200 94.52 12.17 54.02
CA THR N 200 95.08 11.25 55.00
C THR N 200 95.70 10.05 54.32
N HIS N 201 96.94 9.76 54.65
CA HIS N 201 97.66 8.64 54.05
C HIS N 201 98.36 7.89 55.18
N GLU N 202 98.02 6.60 55.35
CA GLU N 202 98.59 5.77 56.42
C GLU N 202 98.56 6.48 57.76
N GLY N 203 97.41 7.08 58.07
CA GLY N 203 97.17 7.67 59.36
C GLY N 203 97.70 9.08 59.54
N SER N 204 98.43 9.60 58.55
CA SER N 204 99.02 10.91 58.67
C SER N 204 98.30 11.89 57.75
N THR N 205 97.85 12.99 58.32
CA THR N 205 97.00 13.92 57.58
C THR N 205 97.66 15.25 57.30
N VAL N 206 97.73 15.61 56.02
CA VAL N 206 98.22 16.92 55.59
C VAL N 206 97.08 17.61 54.83
N GLU N 207 97.13 18.93 54.67
CA GLU N 207 95.97 19.62 54.10
C GLU N 207 96.53 20.81 53.35
N LYS N 208 95.71 21.33 52.45
CA LYS N 208 96.03 22.58 51.80
C LYS N 208 94.82 23.47 52.01
N THR N 209 95.05 24.78 52.02
CA THR N 209 93.97 25.74 52.26
C THR N 209 93.98 26.88 51.25
N VAL N 210 92.79 27.25 50.80
CA VAL N 210 92.61 28.41 49.93
C VAL N 210 91.58 29.41 50.48
N ALA N 211 91.71 30.67 50.05
CA ALA N 211 90.83 31.75 50.49
C ALA N 211 90.36 32.61 49.32
N PRO N 212 89.18 33.23 49.45
CA PRO N 212 88.59 34.01 48.36
C PRO N 212 89.49 35.16 47.97
N THR N 213 90.29 35.58 48.93
CA THR N 213 91.10 36.77 48.79
C THR N 213 92.54 36.41 48.46
N GLU O 1 22.22 -28.20 32.47
CA GLU O 1 23.26 -27.27 32.90
C GLU O 1 23.68 -26.34 31.76
N VAL O 2 24.05 -26.94 30.63
CA VAL O 2 24.43 -26.19 29.44
C VAL O 2 23.19 -25.56 28.83
N GLN O 3 23.36 -24.38 28.24
CA GLN O 3 22.31 -23.76 27.46
C GLN O 3 22.68 -23.75 25.98
N LEU O 4 21.65 -23.78 25.14
CA LEU O 4 21.86 -23.86 23.72
C LEU O 4 21.29 -22.62 23.05
N VAL O 5 22.13 -21.94 22.27
CA VAL O 5 21.72 -20.74 21.54
C VAL O 5 21.99 -20.96 20.07
N GLU O 6 20.93 -20.81 19.28
CA GLU O 6 20.99 -20.99 17.84
C GLU O 6 21.18 -19.67 17.08
N SER O 7 21.66 -19.76 15.84
CA SER O 7 21.81 -18.57 15.00
C SER O 7 20.45 -17.99 14.63
N GLY O 8 20.44 -16.79 14.05
CA GLY O 8 19.18 -16.08 13.87
C GLY O 8 18.33 -16.55 12.70
N ALA O 9 17.12 -16.02 12.62
CA ALA O 9 16.19 -16.37 11.56
C ALA O 9 16.77 -16.11 10.16
N GLU O 10 16.41 -16.98 9.22
CA GLU O 10 16.96 -16.91 7.87
C GLU O 10 15.87 -17.00 6.82
N VAL O 11 16.17 -16.40 5.67
CA VAL O 11 15.31 -16.48 4.50
C VAL O 11 16.08 -16.77 3.23
N LYS O 12 15.62 -17.78 2.51
CA LYS O 12 16.37 -18.32 1.39
C LYS O 12 15.46 -18.50 0.19
N LYS O 13 15.99 -18.29 -1.00
CA LYS O 13 15.23 -18.53 -2.22
C LYS O 13 15.19 -20.03 -2.46
N PRO O 14 14.15 -20.51 -3.15
CA PRO O 14 14.15 -21.93 -3.49
C PRO O 14 15.40 -22.31 -4.29
N GLY O 15 15.95 -23.48 -3.97
CA GLY O 15 17.09 -24.03 -4.68
C GLY O 15 18.40 -23.70 -3.98
N SER O 16 18.38 -22.75 -3.05
CA SER O 16 19.57 -22.35 -2.31
C SER O 16 19.87 -23.24 -1.10
N SER O 17 20.90 -22.90 -0.35
CA SER O 17 21.31 -23.67 0.82
C SER O 17 21.28 -22.85 2.11
N VAL O 18 20.95 -23.50 3.23
CA VAL O 18 21.00 -22.84 4.53
C VAL O 18 21.86 -23.60 5.56
N LYS O 19 22.57 -22.85 6.41
CA LYS O 19 23.33 -23.40 7.53
C LYS O 19 22.92 -22.72 8.84
N VAL O 20 22.52 -23.49 9.83
CA VAL O 20 22.16 -22.96 11.14
C VAL O 20 23.16 -23.40 12.20
N SER O 21 23.60 -22.48 13.05
CA SER O 21 24.55 -22.86 14.10
C SER O 21 23.85 -23.06 15.44
N CYS O 22 24.49 -23.82 16.33
CA CYS O 22 23.91 -24.17 17.62
C CYS O 22 25.03 -24.20 18.67
N ARG O 23 25.21 -23.09 19.38
CA ARG O 23 26.31 -22.97 20.32
C ARG O 23 25.92 -23.35 21.76
N ALA O 24 26.65 -24.31 22.31
CA ALA O 24 26.45 -24.72 23.70
C ALA O 24 27.30 -23.86 24.61
N SER O 25 26.82 -23.65 25.83
CA SER O 25 27.53 -22.82 26.79
C SER O 25 28.72 -23.52 27.44
N GLY O 26 28.87 -24.81 27.20
CA GLY O 26 30.05 -25.54 27.61
C GLY O 26 30.19 -26.82 26.83
N THR O 27 31.12 -27.67 27.22
CA THR O 27 31.30 -28.98 26.59
C THR O 27 30.00 -29.74 26.49
N PHE O 28 29.76 -30.32 25.32
CA PHE O 28 28.53 -31.03 25.03
C PHE O 28 28.88 -31.97 23.92
N TYR O 29 29.64 -32.98 24.31
CA TYR O 29 30.39 -33.78 23.38
C TYR O 29 30.06 -35.24 23.43
N LYS O 30 29.51 -35.71 24.54
CA LYS O 30 29.46 -37.14 24.77
C LYS O 30 28.20 -37.71 24.14
N TYR O 31 27.15 -36.91 24.07
CA TYR O 31 25.87 -37.43 23.65
C TYR O 31 25.31 -36.79 22.40
N ALA O 32 24.33 -37.47 21.80
CA ALA O 32 23.84 -37.08 20.48
C ALA O 32 23.12 -35.75 20.50
N ILE O 33 23.57 -34.84 19.62
CA ILE O 33 22.87 -33.59 19.36
C ILE O 33 21.85 -33.78 18.25
N ASN O 34 20.58 -33.60 18.57
CA ASN O 34 19.52 -33.86 17.61
C ASN O 34 19.03 -32.58 16.99
N TRP O 35 18.54 -32.68 15.76
CA TRP O 35 17.90 -31.55 15.09
C TRP O 35 16.46 -31.91 14.78
N VAL O 36 15.54 -31.03 15.15
CA VAL O 36 14.11 -31.29 15.01
C VAL O 36 13.40 -30.05 14.49
N ARG O 37 12.49 -30.22 13.53
CA ARG O 37 11.78 -29.07 13.00
C ARG O 37 10.26 -29.18 13.13
N GLN O 38 9.60 -28.03 12.97
CA GLN O 38 8.14 -27.94 12.88
C GLN O 38 7.67 -26.99 11.80
N ALA O 39 7.04 -27.54 10.76
CA ALA O 39 6.43 -26.70 9.75
C ALA O 39 5.09 -26.23 10.30
N PRO O 40 4.58 -25.07 9.84
CA PRO O 40 3.30 -24.57 10.38
C PRO O 40 2.18 -25.57 10.17
N GLY O 41 1.43 -25.86 11.23
CA GLY O 41 0.34 -26.82 11.15
C GLY O 41 0.75 -28.27 11.07
N GLN O 42 2.04 -28.54 11.25
CA GLN O 42 2.56 -29.90 11.20
C GLN O 42 3.09 -30.30 12.58
N GLY O 43 3.31 -31.59 12.77
CA GLY O 43 3.93 -32.09 13.97
C GLY O 43 5.45 -31.94 13.98
N LEU O 44 6.05 -32.15 15.15
CA LEU O 44 7.50 -32.13 15.28
C LEU O 44 8.09 -33.19 14.35
N GLU O 45 9.20 -32.87 13.71
CA GLU O 45 9.81 -33.80 12.78
C GLU O 45 11.29 -34.01 13.04
N TRP O 46 11.66 -35.26 13.32
CA TRP O 46 13.06 -35.57 13.51
C TRP O 46 13.76 -35.56 12.17
N MET O 47 14.89 -34.86 12.10
CA MET O 47 15.62 -34.72 10.86
C MET O 47 16.82 -35.64 10.91
N GLY O 48 17.51 -35.62 12.04
CA GLY O 48 18.68 -36.44 12.23
C GLY O 48 19.43 -36.06 13.49
N GLY O 49 20.55 -36.71 13.73
CA GLY O 49 21.40 -36.33 14.82
C GLY O 49 22.83 -36.75 14.62
N ILE O 50 23.70 -36.25 15.48
CA ILE O 50 25.09 -36.64 15.48
C ILE O 50 25.55 -36.89 16.91
N ILE O 51 26.37 -37.91 17.10
CA ILE O 51 26.95 -38.11 18.41
C ILE O 51 28.34 -37.57 18.21
N PRO O 52 28.56 -36.36 18.74
CA PRO O 52 29.75 -35.56 18.48
C PRO O 52 31.06 -36.24 18.84
N PHE O 53 31.03 -36.98 19.94
CA PHE O 53 32.20 -37.66 20.47
C PHE O 53 32.74 -38.56 19.32
N PHE O 54 31.87 -39.09 18.47
CA PHE O 54 32.22 -40.00 17.35
C PHE O 54 32.20 -39.38 15.96
N GLY O 55 31.52 -38.26 15.83
CA GLY O 55 31.31 -37.63 14.53
C GLY O 55 30.22 -38.35 13.75
N THR O 56 29.72 -39.44 14.31
CA THR O 56 28.70 -40.28 13.68
C THR O 56 27.37 -39.58 13.49
N THR O 57 26.82 -39.68 12.28
CA THR O 57 25.58 -39.02 11.98
C THR O 57 24.48 -39.99 11.60
N ASN O 58 23.28 -39.66 12.04
CA ASN O 58 22.09 -40.40 11.69
C ASN O 58 21.09 -39.44 11.11
N TYR O 59 20.49 -39.81 9.98
CA TYR O 59 19.58 -38.91 9.31
C TYR O 59 18.26 -39.58 9.01
N ALA O 60 17.16 -38.82 9.10
CA ALA O 60 15.86 -39.32 8.65
C ALA O 60 15.92 -39.56 7.14
N GLN O 61 15.25 -40.60 6.67
CA GLN O 61 15.30 -40.99 5.26
C GLN O 61 14.90 -39.87 4.29
N LYS O 62 13.89 -39.11 4.68
CA LYS O 62 13.40 -37.98 3.89
C LYS O 62 14.47 -36.95 3.49
N PHE O 63 15.55 -36.86 4.24
CA PHE O 63 16.53 -35.79 4.00
C PHE O 63 17.91 -36.28 3.55
N GLN O 64 18.11 -37.59 3.50
CA GLN O 64 19.39 -38.17 3.08
C GLN O 64 19.80 -37.69 1.70
N GLY O 65 21.05 -37.25 1.59
CA GLY O 65 21.56 -36.69 0.36
C GLY O 65 21.44 -35.18 0.32
N ARG O 66 20.58 -34.61 1.17
CA ARG O 66 20.52 -33.15 1.23
C ARG O 66 20.67 -32.50 2.61
N LEU O 67 20.82 -33.30 3.67
CA LEU O 67 21.06 -32.74 4.99
C LEU O 67 22.44 -33.17 5.51
N THR O 68 23.23 -32.21 5.97
CA THR O 68 24.53 -32.51 6.58
C THR O 68 24.66 -31.84 7.94
N ILE O 69 25.02 -32.61 8.95
CA ILE O 69 25.21 -32.06 10.28
C ILE O 69 26.68 -32.11 10.70
N THR O 70 27.15 -30.98 11.24
CA THR O 70 28.52 -30.88 11.69
C THR O 70 28.55 -30.51 13.16
N ALA O 71 29.54 -31.03 13.88
CA ALA O 71 29.83 -30.58 15.23
C ALA O 71 31.29 -30.20 15.37
N ASP O 72 31.55 -28.94 15.70
CA ASP O 72 32.93 -28.52 15.90
C ASP O 72 33.16 -28.46 17.40
N GLY O 73 33.70 -29.53 17.96
CA GLY O 73 33.96 -29.63 19.38
C GLY O 73 34.81 -28.51 19.93
N SER O 74 35.84 -28.12 19.16
CA SER O 74 36.80 -27.09 19.57
C SER O 74 36.15 -25.74 19.92
N THR O 75 34.93 -25.54 19.45
CA THR O 75 34.20 -24.30 19.73
C THR O 75 32.85 -24.62 20.39
N ASN O 76 32.63 -25.88 20.72
CA ASN O 76 31.35 -26.37 21.24
C ASN O 76 30.14 -25.96 20.40
N THR O 77 30.30 -25.99 19.08
CA THR O 77 29.23 -25.60 18.18
C THR O 77 28.85 -26.68 17.16
N ALA O 78 27.54 -26.85 16.99
CA ALA O 78 26.99 -27.77 16.00
C ALA O 78 26.25 -27.01 14.91
N TYR O 79 26.05 -27.67 13.76
CA TYR O 79 25.45 -27.00 12.62
C TYR O 79 24.53 -27.92 11.87
N MET O 80 23.54 -27.32 11.23
CA MET O 80 22.65 -28.06 10.36
C MET O 80 22.69 -27.34 9.02
N GLN O 81 23.00 -28.07 7.97
CA GLN O 81 22.97 -27.50 6.63
C GLN O 81 22.00 -28.30 5.77
N LEU O 82 21.03 -27.60 5.16
CA LEU O 82 20.01 -28.25 4.35
C LEU O 82 20.00 -27.70 2.92
N ASP O 83 20.25 -28.57 1.95
CA ASP O 83 20.39 -28.17 0.55
C ASP O 83 19.09 -28.35 -0.24
N SER O 84 19.06 -27.78 -1.43
CA SER O 84 17.94 -27.91 -2.39
C SER O 84 16.60 -27.65 -1.73
N LEU O 85 16.49 -26.48 -1.09
CA LEU O 85 15.35 -26.13 -0.26
C LEU O 85 14.06 -25.99 -1.06
N ARG O 86 12.96 -26.43 -0.45
CA ARG O 86 11.64 -26.26 -1.04
C ARG O 86 10.72 -25.59 -0.03
N SER O 87 9.54 -25.19 -0.47
CA SER O 87 8.60 -24.48 0.39
C SER O 87 8.26 -25.28 1.64
N GLU O 88 8.25 -26.60 1.48
CA GLU O 88 8.00 -27.52 2.58
C GLU O 88 9.09 -27.49 3.65
N ASP O 89 10.22 -26.84 3.36
CA ASP O 89 11.32 -26.78 4.31
C ASP O 89 11.17 -25.59 5.24
N THR O 90 10.18 -24.76 4.94
CA THR O 90 9.81 -23.66 5.80
C THR O 90 9.33 -24.24 7.14
N ALA O 91 10.01 -23.85 8.22
CA ALA O 91 9.79 -24.48 9.53
C ALA O 91 10.57 -23.73 10.61
N VAL O 92 10.24 -24.00 11.87
CA VAL O 92 11.10 -23.58 12.97
C VAL O 92 12.09 -24.69 13.24
N TYR O 93 13.38 -24.35 13.24
CA TYR O 93 14.40 -25.36 13.43
C TYR O 93 15.06 -25.34 14.82
N TYR O 94 14.96 -26.44 15.56
CA TYR O 94 15.58 -26.55 16.88
C TYR O 94 16.73 -27.55 16.86
N CYS O 95 17.79 -27.26 17.61
CA CYS O 95 18.74 -28.29 18.02
C CYS O 95 18.46 -28.67 19.47
N ALA O 96 18.86 -29.88 19.86
CA ALA O 96 18.58 -30.36 21.21
C ALA O 96 19.50 -31.52 21.58
N GLY O 97 19.70 -31.68 22.88
CA GLY O 97 20.47 -32.79 23.40
C GLY O 97 20.07 -33.11 24.83
N PRO O 98 20.69 -34.14 25.42
CA PRO O 98 20.36 -34.55 26.79
C PRO O 98 21.36 -34.00 27.81
N SER O 99 20.90 -33.80 29.04
CA SER O 99 21.77 -33.34 30.11
C SER O 99 22.35 -34.55 30.83
N ILE O 100 22.25 -35.72 30.19
CA ILE O 100 22.73 -36.99 30.73
C ILE O 100 24.21 -37.01 31.14
N THR O 101 24.48 -37.70 32.25
CA THR O 101 25.81 -38.12 32.65
C THR O 101 25.74 -39.59 33.10
N GLU O 102 26.88 -40.27 33.15
CA GLU O 102 26.96 -41.67 33.58
C GLU O 102 28.21 -41.83 34.41
N SER O 103 28.17 -42.81 35.30
CA SER O 103 29.35 -43.15 36.06
C SER O 103 30.34 -43.68 35.05
N HIS O 104 29.83 -44.42 34.05
CA HIS O 104 30.67 -44.97 33.02
C HIS O 104 30.13 -44.81 31.58
N TYR O 105 30.86 -44.02 30.80
CA TYR O 105 30.63 -43.71 29.38
C TYR O 105 31.06 -44.79 28.37
N CYS O 106 30.18 -45.17 27.45
CA CYS O 106 30.51 -46.21 26.45
C CYS O 106 31.45 -45.78 25.33
N LEU O 107 32.50 -46.57 25.09
CA LEU O 107 33.49 -46.17 24.09
C LEU O 107 33.47 -46.75 22.67
N ASP O 108 32.58 -47.68 22.37
CA ASP O 108 32.63 -48.37 21.07
C ASP O 108 31.24 -48.87 20.67
N CYS O 109 30.21 -48.15 21.09
CA CYS O 109 28.86 -48.62 20.86
C CYS O 109 28.13 -48.21 19.60
N ALA O 110 27.06 -48.97 19.35
CA ALA O 110 26.09 -48.66 18.31
C ALA O 110 25.56 -47.27 18.61
N ALA O 111 25.26 -46.55 17.55
CA ALA O 111 24.78 -45.17 17.65
C ALA O 111 23.58 -44.93 18.55
N LYS O 112 22.60 -45.82 18.50
CA LYS O 112 21.41 -45.67 19.33
C LYS O 112 21.65 -45.53 20.83
N ASP O 113 22.77 -46.06 21.32
CA ASP O 113 23.03 -46.02 22.76
C ASP O 113 23.33 -44.62 23.31
N TYR O 114 23.61 -43.66 22.42
CA TYR O 114 23.92 -42.31 22.86
C TYR O 114 22.78 -41.33 22.60
N TYR O 115 21.66 -41.86 22.14
CA TYR O 115 20.46 -41.04 21.98
C TYR O 115 19.50 -41.19 23.16
N TYR O 116 19.16 -40.07 23.79
CA TYR O 116 18.29 -40.05 24.97
C TYR O 116 17.22 -38.99 24.79
N GLY O 117 16.22 -39.03 25.67
CA GLY O 117 15.24 -37.97 25.77
C GLY O 117 15.92 -36.62 25.83
N LEU O 118 15.35 -35.66 25.10
CA LEU O 118 15.96 -34.37 24.91
C LEU O 118 15.42 -33.31 25.87
N ASP O 119 16.19 -32.96 26.90
CA ASP O 119 15.73 -31.99 27.90
C ASP O 119 16.49 -30.66 27.90
N VAL O 120 17.42 -30.51 26.95
CA VAL O 120 18.12 -29.25 26.73
C VAL O 120 17.89 -28.80 25.29
N TRP O 121 17.28 -27.62 25.13
CA TRP O 121 16.92 -27.16 23.79
C TRP O 121 17.48 -25.79 23.45
N GLY O 122 17.89 -25.62 22.19
CA GLY O 122 18.09 -24.29 21.66
C GLY O 122 16.75 -23.58 21.55
N GLN O 123 16.79 -22.28 21.26
CA GLN O 123 15.58 -21.47 21.22
C GLN O 123 14.86 -21.55 19.88
N GLY O 124 15.51 -22.16 18.89
CA GLY O 124 14.91 -22.32 17.57
C GLY O 124 15.25 -21.23 16.57
N THR O 125 15.35 -21.63 15.30
CA THR O 125 15.66 -20.71 14.21
C THR O 125 14.60 -20.78 13.13
N THR O 126 13.96 -19.66 12.87
CA THR O 126 12.94 -19.61 11.84
C THR O 126 13.58 -19.47 10.47
N VAL O 127 13.35 -20.47 9.63
CA VAL O 127 13.86 -20.46 8.27
C VAL O 127 12.69 -20.44 7.29
N THR O 128 12.66 -19.45 6.41
CA THR O 128 11.59 -19.35 5.43
C THR O 128 12.17 -19.54 4.03
N VAL O 129 11.56 -20.43 3.25
CA VAL O 129 11.99 -20.65 1.87
C VAL O 129 10.98 -20.03 0.88
N SER O 130 11.39 -18.92 0.24
CA SER O 130 10.53 -18.14 -0.65
C SER O 130 11.24 -17.29 -1.73
N SER O 131 10.47 -16.85 -2.71
CA SER O 131 10.94 -15.96 -3.80
C SER O 131 10.89 -14.45 -3.42
N ALA O 132 10.26 -14.12 -2.31
CA ALA O 132 10.09 -12.73 -1.86
C ALA O 132 11.32 -12.00 -1.26
N SER O 133 11.61 -10.81 -1.82
CA SER O 133 12.49 -9.83 -1.16
C SER O 133 11.59 -8.86 -0.38
N THR O 134 12.16 -7.75 0.10
CA THR O 134 11.43 -6.83 0.99
C THR O 134 10.27 -6.10 0.29
N LYS O 135 9.10 -6.05 0.94
CA LYS O 135 7.90 -5.44 0.31
C LYS O 135 6.95 -4.77 1.30
N GLY O 136 6.57 -3.53 1.01
CA GLY O 136 5.57 -2.81 1.80
C GLY O 136 4.17 -3.30 1.52
N PRO O 137 3.24 -3.04 2.45
CA PRO O 137 1.90 -3.62 2.36
C PRO O 137 0.92 -2.80 1.51
N SER O 138 -0.08 -3.50 0.98
CA SER O 138 -1.25 -2.86 0.38
C SER O 138 -2.36 -2.93 1.43
N VAL O 139 -3.12 -1.86 1.59
CA VAL O 139 -4.22 -1.86 2.56
C VAL O 139 -5.57 -1.54 1.92
N PHE O 140 -6.57 -2.39 2.18
CA PHE O 140 -7.91 -2.22 1.62
C PHE O 140 -8.96 -2.12 2.72
N PRO O 141 -9.97 -1.25 2.52
CA PRO O 141 -11.05 -1.08 3.50
C PRO O 141 -12.03 -2.26 3.52
N LEU O 142 -12.45 -2.64 4.72
CA LEU O 142 -13.49 -3.63 4.89
C LEU O 142 -14.75 -2.97 5.43
N ALA O 143 -15.70 -2.71 4.54
CA ALA O 143 -16.89 -1.92 4.86
C ALA O 143 -17.79 -2.64 5.86
N PRO O 144 -18.44 -1.86 6.74
CA PRO O 144 -19.39 -2.41 7.72
C PRO O 144 -20.60 -3.12 7.13
N SER O 145 -20.99 -4.22 7.76
CA SER O 145 -22.14 -4.98 7.30
C SER O 145 -23.41 -4.14 7.32
N GLY O 152 -26.77 -4.65 19.50
CA GLY O 152 -26.84 -4.59 18.06
C GLY O 152 -25.58 -3.96 17.49
N THR O 153 -24.57 -4.76 17.22
CA THR O 153 -23.31 -4.25 16.73
C THR O 153 -23.06 -4.60 15.27
N ALA O 154 -22.12 -3.89 14.65
CA ALA O 154 -21.67 -4.15 13.28
C ALA O 154 -20.14 -4.23 13.25
N ALA O 155 -19.58 -4.96 12.29
CA ALA O 155 -18.12 -5.02 12.12
C ALA O 155 -17.52 -4.36 10.85
N LEU O 156 -16.45 -3.57 11.04
CA LEU O 156 -15.65 -2.99 9.95
C LEU O 156 -14.18 -3.18 10.35
N GLY O 157 -13.27 -3.05 9.40
CA GLY O 157 -11.87 -3.28 9.71
C GLY O 157 -10.91 -2.89 8.60
N CYS O 158 -9.66 -3.35 8.69
CA CYS O 158 -8.69 -3.07 7.65
C CYS O 158 -7.93 -4.30 7.22
N LEU O 159 -7.81 -4.48 5.91
CA LEU O 159 -7.04 -5.59 5.36
C LEU O 159 -5.64 -5.17 4.93
N VAL O 160 -4.64 -5.80 5.53
CA VAL O 160 -3.26 -5.45 5.28
C VAL O 160 -2.62 -6.61 4.51
N LYS O 161 -2.46 -6.46 3.19
CA LYS O 161 -2.17 -7.61 2.33
C LYS O 161 -0.75 -7.61 1.75
N ASP O 162 -0.15 -8.80 1.71
CA ASP O 162 1.05 -9.07 0.89
C ASP O 162 2.31 -8.28 1.29
N TYR O 163 2.72 -8.41 2.55
CA TYR O 163 3.94 -7.75 3.02
C TYR O 163 5.00 -8.75 3.51
N PHE O 164 6.26 -8.31 3.57
CA PHE O 164 7.31 -9.14 4.14
C PHE O 164 8.51 -8.30 4.56
N PRO O 165 9.13 -8.62 5.72
CA PRO O 165 8.74 -9.62 6.72
C PRO O 165 7.82 -8.97 7.74
N GLU O 166 7.50 -9.71 8.79
CA GLU O 166 6.96 -9.16 10.01
C GLU O 166 7.99 -8.17 10.60
N PRO O 167 7.52 -7.21 11.43
CA PRO O 167 6.16 -6.97 11.91
C PRO O 167 5.44 -5.78 11.26
N VAL O 168 4.12 -5.77 11.41
CA VAL O 168 3.30 -4.61 11.11
C VAL O 168 2.57 -4.19 12.40
N THR O 169 2.38 -2.89 12.61
CA THR O 169 1.45 -2.44 13.65
C THR O 169 0.24 -1.69 13.07
N VAL O 170 -0.89 -1.73 13.77
CA VAL O 170 -2.11 -1.01 13.36
C VAL O 170 -2.78 -0.25 14.51
N SER O 171 -3.03 1.04 14.33
CA SER O 171 -3.89 1.74 15.27
C SER O 171 -5.11 2.25 14.52
N TRP O 172 -6.10 2.70 15.28
CA TRP O 172 -7.33 3.26 14.72
C TRP O 172 -7.53 4.67 15.27
N ASN O 173 -7.83 5.63 14.39
CA ASN O 173 -7.97 7.02 14.76
C ASN O 173 -6.74 7.46 15.58
N SER O 174 -5.57 7.08 15.08
CA SER O 174 -4.26 7.44 15.63
C SER O 174 -4.03 6.94 17.05
N GLY O 175 -4.72 5.86 17.42
CA GLY O 175 -4.58 5.30 18.74
C GLY O 175 -5.69 5.78 19.65
N ALA O 176 -6.45 6.78 19.19
CA ALA O 176 -7.55 7.34 19.97
C ALA O 176 -8.70 6.36 20.13
N LEU O 177 -8.79 5.44 19.18
CA LEU O 177 -9.85 4.45 19.21
C LEU O 177 -9.19 3.13 19.60
N THR O 178 -9.58 2.58 20.75
CA THR O 178 -8.98 1.33 21.25
C THR O 178 -10.03 0.29 21.62
N SER O 179 -11.19 0.72 22.14
CA SER O 179 -12.23 -0.22 22.54
C SER O 179 -12.83 -0.96 21.34
N GLY O 180 -12.98 -2.28 21.46
CA GLY O 180 -13.60 -3.07 20.43
C GLY O 180 -12.65 -3.44 19.30
N VAL O 181 -11.37 -3.11 19.46
CA VAL O 181 -10.38 -3.38 18.42
C VAL O 181 -9.74 -4.75 18.57
N HIS O 182 -9.73 -5.50 17.48
CA HIS O 182 -9.05 -6.78 17.47
C HIS O 182 -8.21 -6.90 16.20
N THR O 183 -6.90 -6.82 16.35
CA THR O 183 -6.01 -7.06 15.21
C THR O 183 -5.55 -8.51 15.24
N PHE O 184 -5.77 -9.20 14.13
CA PHE O 184 -5.51 -10.63 14.09
C PHE O 184 -4.09 -10.87 13.65
N PRO O 185 -3.50 -11.98 14.13
CA PRO O 185 -2.20 -12.48 13.70
C PRO O 185 -2.19 -12.69 12.20
N ALA O 186 -1.04 -12.49 11.57
CA ALA O 186 -0.96 -12.58 10.13
C ALA O 186 -0.93 -14.03 9.66
N VAL O 187 -1.38 -14.24 8.43
CA VAL O 187 -1.19 -15.50 7.72
C VAL O 187 0.03 -15.36 6.81
N LEU O 188 0.86 -16.40 6.76
CA LEU O 188 1.95 -16.44 5.78
C LEU O 188 1.45 -17.15 4.52
N GLN O 189 1.29 -16.39 3.44
CA GLN O 189 0.68 -16.89 2.21
C GLN O 189 1.60 -17.72 1.33
N SER O 190 0.99 -18.42 0.38
CA SER O 190 1.70 -19.23 -0.61
C SER O 190 2.67 -18.40 -1.44
N SER O 191 2.46 -17.10 -1.47
CA SER O 191 3.35 -16.20 -2.18
C SER O 191 4.62 -15.93 -1.36
N GLY O 192 4.61 -16.30 -0.09
CA GLY O 192 5.74 -16.01 0.78
C GLY O 192 5.63 -14.66 1.47
N LEU O 193 4.54 -13.96 1.19
CA LEU O 193 4.23 -12.69 1.85
C LEU O 193 3.20 -12.89 2.95
N TYR O 194 3.21 -11.99 3.94
CA TYR O 194 2.27 -12.03 5.05
C TYR O 194 1.06 -11.13 4.79
N SER O 195 -0.08 -11.46 5.42
CA SER O 195 -1.22 -10.56 5.45
C SER O 195 -1.91 -10.61 6.81
N LEU O 196 -2.41 -9.48 7.29
CA LEU O 196 -3.24 -9.48 8.51
C LEU O 196 -4.39 -8.50 8.36
N SER O 197 -5.32 -8.56 9.30
CA SER O 197 -6.37 -7.57 9.38
C SER O 197 -6.54 -7.00 10.78
N SER O 198 -6.99 -5.74 10.84
CA SER O 198 -7.40 -5.15 12.10
C SER O 198 -8.86 -4.72 11.99
N VAL O 199 -9.66 -5.11 12.98
CA VAL O 199 -11.10 -4.81 13.03
C VAL O 199 -11.53 -4.09 14.30
N VAL O 200 -12.50 -3.20 14.18
CA VAL O 200 -13.09 -2.52 15.32
C VAL O 200 -14.59 -2.78 15.46
N THR O 201 -15.04 -3.12 16.67
CA THR O 201 -16.46 -3.33 16.86
C THR O 201 -17.06 -2.05 17.44
N VAL O 202 -18.08 -1.55 16.76
CA VAL O 202 -18.65 -0.25 17.06
C VAL O 202 -20.16 -0.35 17.07
N PRO O 203 -20.83 0.60 17.74
CA PRO O 203 -22.29 0.60 17.63
C PRO O 203 -22.73 0.87 16.19
N SER O 204 -23.68 0.09 15.68
CA SER O 204 -24.14 0.22 14.31
C SER O 204 -24.78 1.58 14.12
N SER O 205 -25.40 2.08 15.19
CA SER O 205 -26.10 3.37 15.18
C SER O 205 -25.17 4.53 14.85
N SER O 206 -23.88 4.33 15.14
CA SER O 206 -22.92 5.41 14.96
C SER O 206 -22.15 5.37 13.63
N LEU O 207 -22.56 4.47 12.74
CA LEU O 207 -21.93 4.36 11.43
C LEU O 207 -22.11 5.63 10.60
N GLY O 208 -23.25 6.29 10.80
CA GLY O 208 -23.63 7.47 10.04
C GLY O 208 -22.80 8.73 10.26
N THR O 209 -22.31 8.90 11.48
CA THR O 209 -21.66 10.14 11.87
C THR O 209 -20.17 9.98 12.17
N GLN O 210 -19.82 8.86 12.82
CA GLN O 210 -18.46 8.65 13.31
C GLN O 210 -17.46 8.30 12.21
N THR O 211 -16.21 8.76 12.36
CA THR O 211 -15.19 8.56 11.34
C THR O 211 -14.24 7.48 11.85
N TYR O 212 -13.81 6.60 10.96
CA TYR O 212 -12.92 5.51 11.34
C TYR O 212 -11.77 5.45 10.33
N ILE O 213 -10.57 5.73 10.81
CA ILE O 213 -9.37 5.65 9.97
C ILE O 213 -8.37 4.70 10.63
N CYS O 214 -7.94 3.67 9.91
CA CYS O 214 -6.90 2.77 10.41
C CYS O 214 -5.49 3.23 10.05
N ASN O 215 -4.57 3.07 10.99
CA ASN O 215 -3.19 3.49 10.79
C ASN O 215 -2.27 2.30 10.80
N VAL O 216 -1.72 1.97 9.63
CA VAL O 216 -0.93 0.76 9.49
C VAL O 216 0.54 1.14 9.36
N ASN O 217 1.40 0.49 10.14
CA ASN O 217 2.83 0.76 10.11
C ASN O 217 3.67 -0.48 9.81
N HIS O 218 4.52 -0.41 8.80
CA HIS O 218 5.47 -1.50 8.51
C HIS O 218 6.92 -1.02 8.49
N LYS O 219 7.58 -1.11 9.64
CA LYS O 219 8.95 -0.60 9.77
C LYS O 219 10.02 -1.20 8.83
N PRO O 220 10.03 -2.53 8.60
CA PRO O 220 11.08 -3.10 7.74
C PRO O 220 11.11 -2.50 6.33
N SER O 221 9.97 -2.07 5.82
CA SER O 221 9.93 -1.44 4.52
C SER O 221 9.80 0.05 4.74
N ASN O 222 9.75 0.44 6.02
CA ASN O 222 9.57 1.84 6.37
C ASN O 222 8.34 2.47 5.75
N THR O 223 7.23 1.75 5.86
CA THR O 223 5.94 2.13 5.29
C THR O 223 4.87 2.34 6.36
N LYS O 224 4.04 3.38 6.16
CA LYS O 224 2.87 3.64 6.99
C LYS O 224 1.67 3.93 6.11
N VAL O 225 0.51 3.40 6.48
CA VAL O 225 -0.71 3.64 5.72
C VAL O 225 -1.88 4.03 6.61
N ASP O 226 -2.56 5.11 6.22
CA ASP O 226 -3.83 5.51 6.85
C ASP O 226 -4.92 5.25 5.85
N LYS O 227 -6.01 4.59 6.23
CA LYS O 227 -7.14 4.39 5.32
C LYS O 227 -8.49 4.66 5.99
N ARG O 228 -9.31 5.56 5.44
CA ARG O 228 -10.66 5.78 5.97
C ARG O 228 -11.62 4.66 5.55
N VAL O 229 -12.44 4.18 6.48
CA VAL O 229 -13.37 3.06 6.24
C VAL O 229 -14.82 3.50 6.35
N GLU O 230 -15.49 3.51 5.22
CA GLU O 230 -16.86 3.99 5.12
C GLU O 230 -17.79 2.91 4.56
N PRO O 231 -19.10 3.05 4.83
CA PRO O 231 -20.10 2.15 4.25
C PRO O 231 -20.17 2.27 2.72
N LYS O 232 -20.47 1.17 2.04
CA LYS O 232 -20.46 1.12 0.57
C LYS O 232 -21.67 1.80 -0.07
N GLN P 1 0.62 -40.43 7.84
CA GLN P 1 1.14 -41.56 8.60
C GLN P 1 2.48 -41.24 9.24
N SER P 2 2.46 -41.05 10.56
CA SER P 2 3.66 -41.04 11.38
C SER P 2 3.97 -42.48 11.78
N VAL P 3 5.21 -42.75 12.13
CA VAL P 3 5.63 -44.11 12.47
C VAL P 3 4.94 -44.57 13.75
N LEU P 4 4.80 -43.63 14.69
CA LEU P 4 4.02 -43.86 15.89
C LEU P 4 2.65 -43.23 15.69
N THR P 5 1.59 -43.90 16.11
CA THR P 5 0.24 -43.39 15.89
C THR P 5 -0.35 -42.85 17.19
N GLN P 6 -0.75 -41.59 17.17
CA GLN P 6 -1.41 -40.97 18.31
C GLN P 6 -2.76 -40.46 17.84
N PRO P 7 -3.77 -40.47 18.74
CA PRO P 7 -5.03 -39.80 18.43
C PRO P 7 -4.77 -38.31 18.22
N PRO P 8 -5.49 -37.69 17.29
CA PRO P 8 -5.27 -36.27 17.04
C PRO P 8 -5.69 -35.34 18.18
N SER P 9 -6.60 -35.77 19.05
CA SER P 9 -7.14 -34.86 20.06
C SER P 9 -7.45 -35.56 21.38
N ALA P 10 -7.35 -34.80 22.47
CA ALA P 10 -7.82 -35.27 23.77
C ALA P 10 -8.36 -34.08 24.54
N SER P 11 -9.23 -34.35 25.53
CA SER P 11 -9.78 -33.27 26.34
C SER P 11 -10.28 -33.67 27.72
N GLY P 12 -10.32 -32.70 28.63
CA GLY P 12 -10.96 -32.88 29.92
C GLY P 12 -11.28 -31.55 30.58
N THR P 13 -11.95 -31.59 31.73
CA THR P 13 -12.27 -30.39 32.50
C THR P 13 -11.38 -30.32 33.75
N PRO P 14 -11.36 -29.17 34.47
CA PRO P 14 -10.39 -29.08 35.57
C PRO P 14 -10.54 -30.16 36.62
N GLY P 15 -9.44 -30.76 37.01
CA GLY P 15 -9.44 -31.79 38.02
C GLY P 15 -9.71 -33.17 37.46
N GLN P 16 -10.10 -33.25 36.19
CA GLN P 16 -10.31 -34.56 35.56
C GLN P 16 -8.99 -35.19 35.17
N SER P 17 -9.08 -36.35 34.52
CA SER P 17 -7.89 -37.00 34.02
C SER P 17 -8.09 -37.46 32.59
N VAL P 18 -6.96 -37.67 31.90
CA VAL P 18 -6.99 -38.18 30.53
C VAL P 18 -5.82 -39.13 30.36
N THR P 19 -5.92 -40.02 29.39
CA THR P 19 -4.78 -40.82 28.98
C THR P 19 -4.59 -40.72 27.48
N ILE P 20 -3.35 -40.48 27.05
CA ILE P 20 -3.08 -40.35 25.63
C ILE P 20 -2.23 -41.54 25.23
N SER P 21 -2.69 -42.27 24.21
CA SER P 21 -2.00 -43.49 23.82
C SER P 21 -1.04 -43.24 22.67
N CYS P 22 -0.12 -44.17 22.45
CA CYS P 22 0.88 -44.02 21.40
C CYS P 22 1.22 -45.43 20.93
N SER P 23 0.92 -45.74 19.66
CA SER P 23 1.06 -47.10 19.16
C SER P 23 2.14 -47.15 18.08
N GLY P 24 3.02 -48.14 18.20
CA GLY P 24 4.12 -48.35 17.27
C GLY P 24 4.25 -49.80 16.87
N SER P 25 5.48 -50.27 16.74
CA SER P 25 5.74 -51.61 16.24
C SER P 25 6.96 -52.18 16.97
N ARG P 26 7.25 -53.47 16.73
CA ARG P 26 8.40 -54.17 17.33
C ARG P 26 9.70 -53.39 17.18
N SER P 27 9.88 -52.78 16.02
CA SER P 27 11.13 -52.10 15.69
C SER P 27 11.33 -50.81 16.48
N ASN P 28 10.23 -50.21 16.96
CA ASN P 28 10.34 -49.01 17.79
C ASN P 28 9.98 -49.16 19.28
N ILE P 29 8.72 -48.92 19.66
CA ILE P 29 8.32 -48.99 21.07
C ILE P 29 8.58 -50.35 21.74
N GLY P 30 8.38 -51.44 21.00
CA GLY P 30 8.61 -52.78 21.49
C GLY P 30 9.99 -53.06 22.06
N GLY P 31 11.00 -52.41 21.48
CA GLY P 31 12.40 -52.63 21.83
C GLY P 31 13.20 -51.42 22.27
N ASN P 32 12.52 -50.31 22.56
CA ASN P 32 13.17 -49.03 22.80
C ASN P 32 12.40 -48.22 23.85
N THR P 33 13.08 -47.30 24.53
CA THR P 33 12.36 -46.51 25.53
C THR P 33 11.49 -45.47 24.85
N VAL P 34 10.49 -45.00 25.58
CA VAL P 34 9.59 -44.00 25.03
C VAL P 34 9.83 -42.67 25.72
N ASN P 35 9.86 -41.61 24.93
CA ASN P 35 9.92 -40.26 25.48
C ASN P 35 8.58 -39.54 25.22
N TRP P 36 8.16 -38.69 26.15
CA TRP P 36 6.96 -37.88 25.93
C TRP P 36 7.33 -36.42 26.06
N TYR P 37 6.88 -35.63 25.09
CA TYR P 37 7.14 -34.21 25.09
C TYR P 37 5.86 -33.37 25.16
N GLN P 38 5.93 -32.25 25.87
CA GLN P 38 4.88 -31.23 25.84
C GLN P 38 5.36 -30.10 24.95
N HIS P 39 4.47 -29.57 24.12
CA HIS P 39 4.81 -28.50 23.19
C HIS P 39 3.76 -27.40 23.20
N LEU P 40 4.18 -26.23 23.63
CA LEU P 40 3.32 -25.06 23.69
C LEU P 40 3.65 -24.15 22.51
N PRO P 41 2.64 -23.44 22.00
CA PRO P 41 2.86 -22.46 20.93
C PRO P 41 4.01 -21.50 21.24
N GLY P 42 4.93 -21.34 20.31
CA GLY P 42 5.97 -20.34 20.43
C GLY P 42 7.27 -20.74 21.12
N MET P 43 7.26 -21.82 21.89
CA MET P 43 8.46 -22.19 22.63
C MET P 43 8.95 -23.56 22.24
N ALA P 44 10.16 -23.87 22.66
CA ALA P 44 10.72 -25.18 22.43
C ALA P 44 9.86 -26.19 23.19
N PRO P 45 9.81 -27.43 22.69
CA PRO P 45 9.22 -28.54 23.44
C PRO P 45 9.89 -28.73 24.79
N LYS P 46 9.17 -29.33 25.73
CA LYS P 46 9.70 -29.63 27.04
C LYS P 46 9.54 -31.13 27.29
N LEU P 47 10.60 -31.77 27.77
CA LEU P 47 10.54 -33.20 28.13
C LEU P 47 9.76 -33.47 29.39
N LEU P 48 8.73 -34.32 29.27
CA LEU P 48 7.97 -34.72 30.44
C LEU P 48 8.40 -36.09 30.94
N ILE P 49 8.54 -37.04 30.01
CA ILE P 49 8.80 -38.43 30.37
C ILE P 49 9.94 -39.00 29.52
N TYR P 50 10.87 -39.73 30.14
CA TYR P 50 11.87 -40.48 29.38
C TYR P 50 11.95 -41.90 29.91
N SER P 51 12.61 -42.78 29.17
CA SER P 51 12.75 -44.17 29.60
C SER P 51 11.39 -44.80 29.94
N SER P 52 10.36 -44.40 29.18
CA SER P 52 8.96 -44.87 29.29
C SER P 52 8.18 -44.46 30.56
N ASN P 53 8.78 -44.47 31.74
CA ASN P 53 7.99 -44.21 32.95
C ASN P 53 8.66 -43.29 33.99
N GLN P 54 9.74 -42.62 33.59
CA GLN P 54 10.47 -41.70 34.46
C GLN P 54 10.11 -40.24 34.15
N ARG P 55 9.81 -39.45 35.18
CA ARG P 55 9.50 -38.03 35.00
C ARG P 55 10.79 -37.20 34.93
N SER P 56 10.86 -36.28 33.97
CA SER P 56 11.98 -35.34 33.90
C SER P 56 12.00 -34.44 35.13
N SER P 57 13.18 -33.93 35.47
CA SER P 57 13.37 -33.07 36.64
C SER P 57 12.36 -31.94 36.74
N GLY P 58 11.77 -31.81 37.93
CA GLY P 58 10.80 -30.77 38.22
C GLY P 58 9.37 -31.04 37.79
N VAL P 59 9.14 -32.13 37.06
CA VAL P 59 7.79 -32.44 36.59
C VAL P 59 6.97 -33.09 37.70
N PRO P 60 5.78 -32.55 37.96
CA PRO P 60 4.90 -33.05 39.03
C PRO P 60 4.37 -34.43 38.72
N ASP P 61 3.99 -35.17 39.75
CA ASP P 61 3.64 -36.58 39.59
C ASP P 61 2.26 -36.84 38.99
N ARG P 62 1.50 -35.79 38.69
CA ARG P 62 0.27 -35.95 37.91
C ARG P 62 0.47 -36.27 36.42
N PHE P 63 1.69 -36.06 35.92
CA PHE P 63 2.09 -36.60 34.62
C PHE P 63 2.78 -37.93 34.83
N SER P 64 2.29 -38.95 34.14
CA SER P 64 2.91 -40.26 34.24
C SER P 64 2.96 -40.95 32.89
N GLY P 65 4.04 -41.70 32.65
CA GLY P 65 4.21 -42.38 31.38
C GLY P 65 4.26 -43.88 31.63
N SER P 66 3.80 -44.65 30.65
CA SER P 66 3.91 -46.10 30.72
C SER P 66 4.05 -46.74 29.35
N LYS P 67 4.49 -47.99 29.34
CA LYS P 67 4.67 -48.74 28.11
C LYS P 67 4.44 -50.22 28.41
N SER P 68 3.84 -50.93 27.45
CA SER P 68 3.81 -52.38 27.49
C SER P 68 3.64 -52.91 26.07
N GLY P 69 4.33 -54.00 25.77
CA GLY P 69 4.33 -54.56 24.44
C GLY P 69 4.82 -53.52 23.46
N THR P 70 3.95 -53.16 22.54
CA THR P 70 4.30 -52.23 21.48
C THR P 70 3.49 -50.94 21.52
N SER P 71 2.89 -50.65 22.67
CA SER P 71 2.15 -49.41 22.84
C SER P 71 2.55 -48.68 24.13
N ALA P 72 2.44 -47.35 24.12
CA ALA P 72 2.79 -46.55 25.29
C ALA P 72 1.65 -45.59 25.65
N SER P 73 1.64 -45.08 26.88
CA SER P 73 0.60 -44.16 27.33
C SER P 73 1.13 -43.00 28.18
N LEU P 74 0.54 -41.82 28.01
CA LEU P 74 0.77 -40.70 28.92
C LEU P 74 -0.54 -40.36 29.63
N ALA P 75 -0.53 -40.45 30.95
CA ALA P 75 -1.71 -40.14 31.73
C ALA P 75 -1.56 -38.82 32.45
N ILE P 76 -2.60 -37.99 32.39
CA ILE P 76 -2.56 -36.68 33.02
C ILE P 76 -3.81 -36.47 33.89
N SER P 77 -3.60 -36.33 35.20
CA SER P 77 -4.68 -36.08 36.15
C SER P 77 -4.62 -34.67 36.73
N GLY P 78 -5.68 -34.26 37.44
CA GLY P 78 -5.70 -32.96 38.10
C GLY P 78 -5.58 -31.83 37.11
N LEU P 79 -6.30 -31.95 36.00
CA LEU P 79 -6.13 -31.05 34.86
C LEU P 79 -6.26 -29.58 35.22
N GLN P 80 -5.28 -28.81 34.73
CA GLN P 80 -5.21 -27.37 34.89
C GLN P 80 -5.14 -26.74 33.50
N SER P 81 -5.55 -25.49 33.38
CA SER P 81 -5.49 -24.73 32.12
C SER P 81 -4.15 -24.82 31.35
N GLU P 82 -3.02 -24.75 32.05
CA GLU P 82 -1.71 -24.74 31.39
C GLU P 82 -1.25 -26.03 30.72
N ASP P 83 -2.01 -27.10 30.91
CA ASP P 83 -1.72 -28.37 30.26
C ASP P 83 -2.21 -28.38 28.81
N ASP P 84 -3.00 -27.36 28.45
CA ASP P 84 -3.45 -27.19 27.07
C ASP P 84 -2.25 -27.03 26.16
N ALA P 85 -2.04 -28.02 25.29
CA ALA P 85 -0.81 -28.11 24.50
C ALA P 85 -0.86 -29.30 23.55
N ASP P 86 0.15 -29.41 22.70
CA ASP P 86 0.33 -30.62 21.89
C ASP P 86 1.32 -31.49 22.65
N TYR P 87 1.06 -32.80 22.63
CA TYR P 87 1.92 -33.75 23.31
C TYR P 87 2.42 -34.78 22.33
N TYR P 88 3.73 -35.01 22.34
CA TYR P 88 4.33 -35.94 21.39
C TYR P 88 5.04 -37.07 22.11
N CYS P 89 4.83 -38.28 21.62
CA CYS P 89 5.68 -39.39 22.00
C CYS P 89 6.80 -39.57 20.99
N ALA P 90 7.91 -40.19 21.42
CA ALA P 90 9.01 -40.49 20.51
C ALA P 90 9.77 -41.72 20.99
N SER P 91 10.45 -42.39 20.07
CA SER P 91 11.36 -43.48 20.41
C SER P 91 12.32 -43.74 19.26
N TRP P 92 13.34 -44.54 19.53
CA TRP P 92 14.24 -45.03 18.49
C TRP P 92 13.51 -46.10 17.68
N ASP P 93 13.86 -46.22 16.41
CA ASP P 93 13.35 -47.29 15.57
C ASP P 93 14.54 -48.08 15.05
N ASP P 94 14.58 -49.37 15.37
CA ASP P 94 15.72 -50.22 15.04
C ASP P 94 15.78 -50.59 13.56
N SER P 95 14.66 -50.42 12.86
CA SER P 95 14.62 -50.69 11.42
C SER P 95 15.05 -49.47 10.59
N LEU P 96 14.64 -48.31 11.06
CA LEU P 96 14.99 -47.05 10.44
C LEU P 96 16.35 -46.53 10.88
N ASN P 97 16.85 -47.07 11.99
CA ASN P 97 18.09 -46.60 12.62
C ASN P 97 17.99 -45.11 12.90
N GLY P 98 16.94 -44.73 13.63
CA GLY P 98 16.70 -43.34 13.95
C GLY P 98 15.54 -43.14 14.91
N VAL P 99 15.32 -41.90 15.33
CA VAL P 99 14.22 -41.57 16.22
C VAL P 99 12.95 -41.35 15.42
N VAL P 100 11.83 -41.88 15.91
CA VAL P 100 10.54 -41.64 15.29
C VAL P 100 9.59 -40.95 16.25
N PHE P 101 8.76 -40.06 15.71
CA PHE P 101 7.73 -39.37 16.50
C PHE P 101 6.33 -39.78 16.06
N GLY P 102 5.41 -39.78 17.02
CA GLY P 102 4.00 -39.83 16.72
C GLY P 102 3.48 -38.54 16.10
N GLY P 103 2.23 -38.56 15.64
CA GLY P 103 1.64 -37.42 14.98
C GLY P 103 1.23 -36.29 15.91
N GLY P 104 1.25 -36.56 17.21
CA GLY P 104 0.84 -35.56 18.17
C GLY P 104 -0.62 -35.70 18.56
N THR P 105 -0.91 -35.36 19.81
CA THR P 105 -2.26 -35.28 20.29
C THR P 105 -2.52 -33.87 20.80
N LYS P 106 -3.54 -33.23 20.30
CA LYS P 106 -3.90 -31.93 20.83
C LYS P 106 -4.76 -32.21 22.05
N LEU P 107 -4.21 -31.87 23.21
CA LEU P 107 -4.89 -32.00 24.50
C LEU P 107 -5.64 -30.75 24.86
N THR P 108 -6.90 -30.90 25.20
CA THR P 108 -7.64 -29.75 25.63
C THR P 108 -8.08 -29.83 27.08
N VAL P 109 -7.72 -28.76 27.77
CA VAL P 109 -8.13 -28.52 29.13
C VAL P 109 -9.36 -27.64 29.14
N LEU P 110 -10.54 -28.21 29.37
CA LEU P 110 -11.72 -27.38 29.33
C LEU P 110 -11.86 -26.75 30.70
N GLY P 111 -10.91 -25.87 30.99
CA GLY P 111 -10.83 -25.06 32.20
C GLY P 111 -11.62 -23.79 32.02
N GLN P 112 -12.36 -23.75 30.91
CA GLN P 112 -13.16 -22.60 30.53
C GLN P 112 -14.46 -23.08 29.89
N PRO P 113 -15.57 -22.35 30.10
CA PRO P 113 -16.80 -22.79 29.41
C PRO P 113 -16.53 -22.88 27.91
N LYS P 114 -16.96 -23.99 27.29
CA LYS P 114 -16.80 -24.19 25.86
C LYS P 114 -17.50 -23.02 25.15
N ALA P 115 -16.80 -22.37 24.22
CA ALA P 115 -17.34 -21.18 23.56
C ALA P 115 -17.35 -21.32 22.04
N ALA P 116 -18.53 -21.14 21.44
CA ALA P 116 -18.68 -21.26 19.99
C ALA P 116 -17.99 -20.07 19.32
N PRO P 117 -17.48 -20.27 18.09
CA PRO P 117 -16.74 -19.18 17.44
C PRO P 117 -17.64 -18.06 16.94
N SER P 118 -17.17 -16.82 17.02
CA SER P 118 -17.80 -15.68 16.37
C SER P 118 -17.09 -15.46 15.06
N VAL P 119 -17.86 -15.34 13.98
CA VAL P 119 -17.27 -15.30 12.66
C VAL P 119 -17.68 -14.02 12.00
N THR P 120 -16.70 -13.33 11.42
CA THR P 120 -16.98 -12.16 10.62
C THR P 120 -16.40 -12.39 9.23
N LEU P 121 -17.20 -12.14 8.19
CA LEU P 121 -16.76 -12.32 6.81
C LEU P 121 -16.85 -11.03 5.99
N PHE P 122 -15.73 -10.66 5.38
CA PHE P 122 -15.67 -9.49 4.49
C PHE P 122 -15.47 -9.88 3.05
N PRO P 123 -16.19 -9.19 2.15
CA PRO P 123 -16.00 -9.33 0.71
C PRO P 123 -14.78 -8.56 0.25
N PRO P 124 -14.38 -8.74 -1.01
CA PRO P 124 -13.33 -7.89 -1.57
C PRO P 124 -13.78 -6.43 -1.50
N SER P 125 -12.84 -5.53 -1.23
CA SER P 125 -13.12 -4.12 -1.31
C SER P 125 -13.17 -3.71 -2.77
N SER P 126 -13.90 -2.63 -3.05
CA SER P 126 -13.94 -2.05 -4.39
C SER P 126 -12.53 -1.73 -4.85
N GLU P 127 -11.70 -1.26 -3.92
CA GLU P 127 -10.31 -0.91 -4.20
C GLU P 127 -9.52 -2.09 -4.74
N GLU P 128 -9.67 -3.24 -4.08
CA GLU P 128 -8.93 -4.43 -4.46
C GLU P 128 -9.35 -4.92 -5.84
N LEU P 129 -10.65 -4.93 -6.07
CA LEU P 129 -11.21 -5.30 -7.38
C LEU P 129 -10.59 -4.44 -8.48
N GLN P 130 -10.39 -3.16 -8.18
CA GLN P 130 -9.76 -2.25 -9.11
C GLN P 130 -8.30 -2.59 -9.40
N ALA P 131 -7.64 -3.29 -8.48
CA ALA P 131 -6.28 -3.78 -8.71
C ALA P 131 -6.22 -5.19 -9.32
N ASN P 132 -7.33 -5.63 -9.91
CA ASN P 132 -7.39 -6.90 -10.63
C ASN P 132 -7.13 -8.08 -9.70
N LYS P 133 -7.56 -7.93 -8.46
CA LYS P 133 -7.52 -8.97 -7.44
C LYS P 133 -8.80 -9.01 -6.61
N ALA P 134 -8.93 -10.05 -5.78
CA ALA P 134 -10.11 -10.18 -4.94
C ALA P 134 -9.82 -11.14 -3.78
N THR P 135 -10.00 -10.63 -2.55
CA THR P 135 -9.80 -11.42 -1.34
C THR P 135 -11.02 -11.32 -0.46
N LEU P 136 -11.56 -12.47 -0.09
CA LEU P 136 -12.61 -12.53 0.92
C LEU P 136 -11.91 -12.82 2.23
N VAL P 137 -12.42 -12.21 3.29
CA VAL P 137 -11.72 -12.19 4.56
C VAL P 137 -12.65 -12.72 5.64
N CYS P 138 -12.28 -13.84 6.23
CA CYS P 138 -13.12 -14.50 7.21
C CYS P 138 -12.46 -14.46 8.57
N LEU P 139 -13.05 -13.68 9.46
CA LEU P 139 -12.45 -13.44 10.76
C LEU P 139 -13.19 -14.14 11.87
N ILE P 140 -12.43 -14.88 12.66
CA ILE P 140 -12.99 -15.81 13.61
C ILE P 140 -12.47 -15.54 15.01
N SER P 141 -13.37 -15.30 15.95
CA SER P 141 -12.95 -14.89 17.27
C SER P 141 -13.75 -15.57 18.37
N ASP P 142 -13.24 -15.44 19.59
CA ASP P 142 -13.92 -15.89 20.81
C ASP P 142 -14.26 -17.38 20.94
N PHE P 143 -13.45 -18.27 20.36
CA PHE P 143 -13.73 -19.71 20.48
C PHE P 143 -12.81 -20.43 21.47
N TYR P 144 -13.28 -21.54 22.02
CA TYR P 144 -12.43 -22.38 22.88
C TYR P 144 -13.04 -23.78 22.81
N PRO P 145 -12.21 -24.82 22.61
CA PRO P 145 -10.75 -24.86 22.43
C PRO P 145 -10.20 -24.23 21.16
N GLY P 146 -8.88 -24.10 21.11
CA GLY P 146 -8.23 -23.37 20.03
C GLY P 146 -8.00 -24.20 18.81
N ALA P 147 -9.07 -24.75 18.27
CA ALA P 147 -8.96 -25.55 17.05
C ALA P 147 -10.21 -25.36 16.21
N VAL P 148 -10.00 -24.95 14.96
CA VAL P 148 -11.08 -24.89 14.00
C VAL P 148 -10.61 -25.40 12.65
N THR P 149 -11.56 -25.76 11.81
CA THR P 149 -11.29 -25.94 10.39
C THR P 149 -12.16 -25.05 9.51
N VAL P 150 -11.64 -24.66 8.36
CA VAL P 150 -12.35 -23.73 7.48
C VAL P 150 -12.52 -24.27 6.06
N ALA P 151 -13.76 -24.19 5.58
CA ALA P 151 -14.10 -24.58 4.22
C ALA P 151 -14.69 -23.40 3.49
N TRP P 152 -14.48 -23.34 2.19
CA TRP P 152 -15.07 -22.27 1.42
C TRP P 152 -16.00 -22.83 0.35
N LYS P 153 -17.06 -22.09 0.05
CA LYS P 153 -17.99 -22.49 -1.00
C LYS P 153 -18.28 -21.35 -1.96
N ALA P 154 -18.42 -21.69 -3.23
CA ALA P 154 -18.95 -20.79 -4.24
C ALA P 154 -20.36 -21.28 -4.53
N ASP P 155 -21.36 -20.44 -4.23
CA ASP P 155 -22.74 -20.90 -4.18
C ASP P 155 -22.82 -22.08 -3.23
N SER P 156 -23.17 -23.25 -3.73
CA SER P 156 -23.14 -24.45 -2.90
C SER P 156 -21.95 -25.39 -3.17
N SER P 157 -21.08 -25.00 -4.09
CA SER P 157 -19.93 -25.82 -4.47
C SER P 157 -18.69 -25.50 -3.63
N PRO P 158 -18.04 -26.53 -3.07
CA PRO P 158 -16.82 -26.41 -2.26
C PRO P 158 -15.67 -25.78 -3.04
N VAL P 159 -14.95 -24.85 -2.42
CA VAL P 159 -13.76 -24.25 -3.04
C VAL P 159 -12.53 -24.55 -2.20
N LYS P 160 -11.57 -25.24 -2.83
CA LYS P 160 -10.33 -25.62 -2.17
C LYS P 160 -9.11 -24.77 -2.56
N ALA P 161 -9.06 -24.31 -3.82
CA ALA P 161 -7.88 -23.56 -4.26
C ALA P 161 -7.92 -22.13 -3.72
N GLY P 162 -6.75 -21.55 -3.51
CA GLY P 162 -6.67 -20.15 -3.12
C GLY P 162 -7.01 -19.88 -1.65
N VAL P 163 -6.92 -20.91 -0.82
CA VAL P 163 -7.28 -20.76 0.59
C VAL P 163 -6.02 -20.65 1.43
N GLU P 164 -6.01 -19.69 2.35
CA GLU P 164 -4.90 -19.49 3.28
C GLU P 164 -5.44 -19.35 4.69
N THR P 165 -5.01 -20.26 5.56
CA THR P 165 -5.55 -20.32 6.90
C THR P 165 -4.45 -20.30 7.97
N THR P 166 -4.65 -19.46 8.99
CA THR P 166 -3.69 -19.28 10.06
C THR P 166 -3.81 -20.42 11.06
N THR P 167 -2.78 -20.59 11.87
CA THR P 167 -2.92 -21.37 13.09
C THR P 167 -3.73 -20.54 14.10
N PRO P 168 -4.48 -21.21 15.00
CA PRO P 168 -5.22 -20.43 15.99
C PRO P 168 -4.28 -19.77 16.99
N SER P 169 -4.65 -18.61 17.52
CA SER P 169 -3.80 -17.92 18.50
C SER P 169 -4.61 -17.46 19.70
N LYS P 170 -3.98 -17.45 20.88
CA LYS P 170 -4.64 -16.97 22.09
C LYS P 170 -4.92 -15.47 22.02
N GLN P 171 -6.17 -15.12 22.33
CA GLN P 171 -6.56 -13.72 22.48
C GLN P 171 -6.25 -13.27 23.90
N SER P 172 -6.38 -11.96 24.15
CA SER P 172 -6.08 -11.41 25.46
C SER P 172 -7.08 -11.92 26.51
N ASN P 173 -8.22 -12.39 26.04
CA ASN P 173 -9.24 -12.95 26.92
C ASN P 173 -9.18 -14.47 27.11
N ASN P 174 -8.08 -15.06 26.68
CA ASN P 174 -7.83 -16.51 26.77
C ASN P 174 -8.74 -17.48 25.98
N LYS P 175 -9.61 -16.94 25.13
CA LYS P 175 -10.21 -17.74 24.06
C LYS P 175 -9.29 -17.57 22.85
N TYR P 176 -9.65 -18.18 21.73
CA TYR P 176 -8.72 -18.22 20.60
C TYR P 176 -9.24 -17.44 19.37
N ALA P 177 -8.33 -16.99 18.51
CA ALA P 177 -8.73 -16.30 17.28
C ALA P 177 -8.02 -16.87 16.05
N ALA P 178 -8.65 -16.72 14.88
CA ALA P 178 -8.05 -17.08 13.61
C ALA P 178 -8.62 -16.27 12.45
N SER P 179 -7.93 -16.31 11.30
CA SER P 179 -8.40 -15.65 10.08
C SER P 179 -8.25 -16.59 8.89
N SER P 180 -9.14 -16.44 7.90
CA SER P 180 -9.02 -17.19 6.64
C SER P 180 -9.25 -16.30 5.44
N TYR P 181 -8.45 -16.51 4.40
CA TYR P 181 -8.51 -15.68 3.22
C TYR P 181 -8.73 -16.48 1.93
N LEU P 182 -9.65 -16.05 1.09
CA LEU P 182 -9.82 -16.69 -0.22
C LEU P 182 -9.47 -15.71 -1.34
N SER P 183 -8.50 -16.08 -2.18
CA SER P 183 -8.17 -15.28 -3.35
C SER P 183 -8.95 -15.73 -4.57
N LEU P 184 -9.58 -14.78 -5.24
CA LEU P 184 -10.36 -15.08 -6.43
C LEU P 184 -9.96 -14.08 -7.49
N THR P 185 -10.30 -14.37 -8.73
CA THR P 185 -10.27 -13.33 -9.75
C THR P 185 -11.57 -12.55 -9.60
N PRO P 186 -11.56 -11.28 -10.02
CA PRO P 186 -12.78 -10.46 -10.02
C PRO P 186 -13.88 -11.11 -10.85
N GLU P 187 -13.49 -11.79 -11.93
CA GLU P 187 -14.45 -12.46 -12.80
C GLU P 187 -15.18 -13.56 -12.02
N GLN P 188 -14.43 -14.32 -11.23
CA GLN P 188 -15.01 -15.35 -10.39
C GLN P 188 -15.94 -14.75 -9.35
N TRP P 189 -15.45 -13.71 -8.67
CA TRP P 189 -16.24 -13.07 -7.62
C TRP P 189 -17.59 -12.59 -8.12
N LYS P 190 -17.60 -11.94 -9.29
CA LYS P 190 -18.82 -11.35 -9.82
C LYS P 190 -19.73 -12.38 -10.50
N SER P 191 -19.22 -13.58 -10.79
CA SER P 191 -19.97 -14.55 -11.60
C SER P 191 -20.87 -15.47 -10.77
N HIS P 192 -20.69 -15.43 -9.46
CA HIS P 192 -21.46 -16.30 -8.58
C HIS P 192 -22.48 -15.45 -7.83
N ARG P 193 -23.57 -16.06 -7.36
CA ARG P 193 -24.55 -15.31 -6.58
C ARG P 193 -23.97 -14.91 -5.24
N SER P 194 -23.17 -15.79 -4.63
CA SER P 194 -22.59 -15.47 -3.33
C SER P 194 -21.44 -16.39 -3.00
N TYR P 195 -20.69 -16.04 -1.97
CA TYR P 195 -19.69 -16.94 -1.39
C TYR P 195 -19.89 -17.11 0.11
N SER P 196 -19.46 -18.26 0.62
CA SER P 196 -19.59 -18.54 2.05
C SER P 196 -18.30 -19.08 2.67
N CYS P 197 -18.07 -18.69 3.91
CA CYS P 197 -17.00 -19.21 4.75
C CYS P 197 -17.63 -20.07 5.82
N GLN P 198 -17.24 -21.34 5.90
CA GLN P 198 -17.83 -22.26 6.87
C GLN P 198 -16.81 -22.68 7.92
N VAL P 199 -17.13 -22.37 9.18
CA VAL P 199 -16.17 -22.61 10.25
C VAL P 199 -16.66 -23.74 11.15
N THR P 200 -15.83 -24.77 11.28
CA THR P 200 -16.19 -25.90 12.11
C THR P 200 -15.39 -25.95 13.40
N HIS P 201 -16.11 -26.05 14.52
CA HIS P 201 -15.46 -26.10 15.83
C HIS P 201 -16.13 -27.21 16.63
N GLU P 202 -15.35 -28.21 17.04
CA GLU P 202 -15.87 -29.34 17.80
C GLU P 202 -17.15 -29.94 17.21
N GLY P 203 -17.17 -30.14 15.91
CA GLY P 203 -18.26 -30.83 15.24
C GLY P 203 -19.47 -29.97 14.88
N SER P 204 -19.46 -28.71 15.31
CA SER P 204 -20.59 -27.81 15.05
C SER P 204 -20.16 -26.78 14.03
N THR P 205 -20.93 -26.64 12.96
CA THR P 205 -20.49 -25.80 11.87
C THR P 205 -21.35 -24.56 11.71
N VAL P 206 -20.70 -23.40 11.75
CA VAL P 206 -21.37 -22.13 11.49
C VAL P 206 -20.70 -21.47 10.30
N GLU P 207 -21.38 -20.52 9.66
CA GLU P 207 -20.88 -19.97 8.40
C GLU P 207 -21.32 -18.52 8.31
N LYS P 208 -20.64 -17.74 7.49
CA LYS P 208 -21.11 -16.41 7.17
C LYS P 208 -21.11 -16.38 5.65
N THR P 209 -21.97 -15.56 5.06
CA THR P 209 -22.04 -15.53 3.60
C THR P 209 -22.02 -14.12 3.03
N VAL P 210 -21.26 -13.93 1.95
CA VAL P 210 -21.28 -12.65 1.25
C VAL P 210 -21.58 -12.72 -0.26
N ALA P 211 -22.10 -11.61 -0.78
CA ALA P 211 -22.48 -11.47 -2.19
C ALA P 211 -22.01 -10.13 -2.77
N PRO P 212 -21.74 -10.09 -4.08
CA PRO P 212 -21.20 -8.89 -4.75
C PRO P 212 -22.09 -7.66 -4.66
N THR P 213 -23.39 -7.87 -4.48
CA THR P 213 -24.35 -6.77 -4.54
C THR P 213 -24.76 -6.32 -3.15
N GLU Q 1 57.07 -55.57 -24.28
CA GLU Q 1 55.76 -55.03 -23.93
C GLU Q 1 55.80 -53.51 -23.84
N VAL Q 2 56.74 -52.99 -23.05
CA VAL Q 2 56.93 -51.55 -22.90
C VAL Q 2 57.56 -51.00 -24.18
N GLN Q 3 57.20 -49.77 -24.52
CA GLN Q 3 57.87 -49.06 -25.60
C GLN Q 3 58.71 -47.92 -25.07
N LEU Q 4 59.78 -47.59 -25.79
CA LEU Q 4 60.71 -46.57 -25.34
C LEU Q 4 60.75 -45.43 -26.34
N VAL Q 5 60.55 -44.21 -25.86
CA VAL Q 5 60.59 -43.03 -26.73
C VAL Q 5 61.59 -42.00 -26.22
N GLU Q 6 62.54 -41.64 -27.06
CA GLU Q 6 63.57 -40.65 -26.74
C GLU Q 6 63.25 -39.23 -27.23
N SER Q 7 63.90 -38.24 -26.62
CA SER Q 7 63.74 -36.84 -27.04
C SER Q 7 64.31 -36.61 -28.44
N GLY Q 8 64.06 -35.44 -29.02
CA GLY Q 8 64.37 -35.18 -30.41
C GLY Q 8 65.84 -34.91 -30.67
N ALA Q 9 66.21 -34.81 -31.95
CA ALA Q 9 67.59 -34.55 -32.35
C ALA Q 9 68.13 -33.30 -31.69
N GLU Q 10 69.42 -33.30 -31.37
CA GLU Q 10 70.03 -32.19 -30.63
C GLU Q 10 71.33 -31.73 -31.28
N VAL Q 11 71.62 -30.44 -31.06
CA VAL Q 11 72.87 -29.83 -31.49
C VAL Q 11 73.57 -28.93 -30.46
N LYS Q 12 74.85 -29.18 -30.23
CA LYS Q 12 75.56 -28.55 -29.13
C LYS Q 12 76.91 -28.01 -29.62
N LYS Q 13 77.34 -26.88 -29.06
CA LYS Q 13 78.66 -26.33 -29.35
C LYS Q 13 79.65 -27.12 -28.51
N PRO Q 14 80.92 -27.20 -28.97
CA PRO Q 14 81.91 -27.87 -28.12
C PRO Q 14 82.00 -27.22 -26.75
N GLY Q 15 82.11 -28.06 -25.73
CA GLY Q 15 82.29 -27.60 -24.37
C GLY Q 15 80.97 -27.53 -23.63
N SER Q 16 79.86 -27.58 -24.37
CA SER Q 16 78.54 -27.50 -23.75
C SER Q 16 78.05 -28.86 -23.25
N SER Q 17 76.83 -28.88 -22.72
CA SER Q 17 76.26 -30.10 -22.18
C SER Q 17 74.97 -30.46 -22.90
N VAL Q 18 74.70 -31.75 -23.04
CA VAL Q 18 73.44 -32.21 -23.60
C VAL Q 18 72.73 -33.19 -22.64
N LYS Q 19 71.41 -33.12 -22.59
CA LYS Q 19 70.63 -34.09 -21.82
C LYS Q 19 69.56 -34.68 -22.73
N VAL Q 20 69.53 -36.00 -22.83
CA VAL Q 20 68.53 -36.70 -23.62
C VAL Q 20 67.60 -37.51 -22.73
N SER Q 21 66.30 -37.41 -22.97
CA SER Q 21 65.34 -38.15 -22.18
C SER Q 21 64.86 -39.41 -22.89
N CYS Q 22 64.36 -40.37 -22.12
CA CYS Q 22 63.94 -41.66 -22.64
C CYS Q 22 62.71 -42.11 -21.87
N ARG Q 23 61.53 -41.84 -22.40
CA ARG Q 23 60.29 -42.13 -21.68
C ARG Q 23 59.70 -43.48 -22.05
N ALA Q 24 59.51 -44.33 -21.05
CA ALA Q 24 58.87 -45.61 -21.25
C ALA Q 24 57.36 -45.47 -21.12
N SER Q 25 56.64 -46.32 -21.85
CA SER Q 25 55.19 -46.29 -21.82
C SER Q 25 54.58 -46.89 -20.56
N GLY Q 26 55.41 -47.53 -19.74
CA GLY Q 26 54.98 -48.00 -18.44
C GLY Q 26 56.17 -48.24 -17.55
N THR Q 27 55.93 -48.83 -16.39
CA THR Q 27 56.98 -49.19 -15.44
C THR Q 27 58.11 -49.98 -16.10
N PHE Q 28 59.34 -49.60 -15.79
CA PHE Q 28 60.53 -50.20 -16.39
C PHE Q 28 61.63 -49.93 -15.39
N TYR Q 29 61.52 -50.63 -14.29
CA TYR Q 29 62.21 -50.28 -13.08
C TYR Q 29 63.12 -51.31 -12.53
N LYS Q 30 62.87 -52.55 -12.93
CA LYS Q 30 63.49 -53.62 -12.22
C LYS Q 30 64.86 -53.89 -12.81
N TYR Q 31 64.98 -53.62 -14.10
CA TYR Q 31 66.20 -53.99 -14.82
C TYR Q 31 66.94 -52.81 -15.42
N ALA Q 32 68.20 -53.06 -15.77
CA ALA Q 32 69.11 -52.01 -16.17
C ALA Q 32 68.75 -51.35 -17.49
N ILE Q 33 68.64 -50.03 -17.45
CA ILE Q 33 68.49 -49.21 -18.64
C ILE Q 33 69.86 -48.83 -19.17
N ASN Q 34 70.19 -49.29 -20.37
CA ASN Q 34 71.51 -49.08 -20.92
C ASN Q 34 71.53 -47.93 -21.90
N TRP Q 35 72.68 -47.28 -22.01
CA TRP Q 35 72.87 -46.26 -23.03
C TRP Q 35 74.01 -46.67 -23.96
N VAL Q 36 73.74 -46.64 -25.26
CA VAL Q 36 74.69 -47.11 -26.27
C VAL Q 36 74.70 -46.12 -27.44
N ARG Q 37 75.87 -45.76 -27.96
CA ARG Q 37 75.88 -44.82 -29.08
C ARG Q 37 76.57 -45.40 -30.32
N GLN Q 38 76.34 -44.74 -31.46
CA GLN Q 38 77.05 -45.05 -32.68
C GLN Q 38 77.45 -43.78 -33.41
N ALA Q 39 78.76 -43.52 -33.46
CA ALA Q 39 79.31 -42.41 -34.24
C ALA Q 39 79.39 -42.84 -35.70
N PRO Q 40 79.36 -41.89 -36.65
CA PRO Q 40 79.41 -42.29 -38.06
C PRO Q 40 80.68 -43.07 -38.37
N GLY Q 41 80.54 -44.23 -39.02
CA GLY Q 41 81.69 -45.06 -39.36
C GLY Q 41 82.33 -45.84 -38.22
N GLN Q 42 81.71 -45.81 -37.04
CA GLN Q 42 82.23 -46.54 -35.87
C GLN Q 42 81.26 -47.64 -35.47
N GLY Q 43 81.74 -48.55 -34.62
CA GLY Q 43 80.88 -49.56 -34.07
C GLY Q 43 80.05 -49.02 -32.93
N LEU Q 44 79.05 -49.80 -32.51
CA LEU Q 44 78.21 -49.46 -31.37
C LEU Q 44 79.11 -49.32 -30.15
N GLU Q 45 78.83 -48.33 -29.32
CA GLU Q 45 79.66 -48.11 -28.15
C GLU Q 45 78.81 -48.03 -26.89
N TRP Q 46 79.09 -48.93 -25.96
CA TRP Q 46 78.41 -48.93 -24.69
C TRP Q 46 78.95 -47.78 -23.86
N MET Q 47 78.04 -46.99 -23.30
CA MET Q 47 78.40 -45.82 -22.53
C MET Q 47 78.28 -46.11 -21.04
N GLY Q 48 77.17 -46.75 -20.68
CA GLY Q 48 76.90 -47.08 -19.29
C GLY Q 48 75.49 -47.58 -19.11
N GLY Q 49 75.12 -47.85 -17.87
CA GLY Q 49 73.75 -48.21 -17.56
C GLY Q 49 73.43 -47.90 -16.12
N ILE Q 50 72.15 -47.99 -15.81
CA ILE Q 50 71.69 -47.81 -14.44
C ILE Q 50 70.69 -48.88 -14.09
N ILE Q 51 70.76 -49.39 -12.87
CA ILE Q 51 69.72 -50.30 -12.44
C ILE Q 51 68.82 -49.45 -11.58
N PRO Q 52 67.69 -49.04 -12.17
CA PRO Q 52 66.82 -48.03 -11.61
C PRO Q 52 66.27 -48.33 -10.22
N PHE Q 53 65.96 -49.60 -10.04
CA PHE Q 53 65.35 -50.11 -8.82
C PHE Q 53 66.36 -49.69 -7.69
N PHE Q 54 67.66 -49.63 -7.98
CA PHE Q 54 68.75 -49.25 -7.01
C PHE Q 54 69.32 -47.86 -7.17
N GLY Q 55 69.12 -47.28 -8.34
CA GLY Q 55 69.73 -46.00 -8.66
C GLY Q 55 71.19 -46.23 -9.04
N THR Q 56 71.66 -47.49 -8.91
CA THR Q 56 73.05 -47.84 -9.19
C THR Q 56 73.46 -47.66 -10.64
N THR Q 57 74.59 -47.01 -10.84
CA THR Q 57 75.08 -46.72 -12.16
C THR Q 57 76.42 -47.38 -12.44
N ASN Q 58 76.58 -47.84 -13.67
CA ASN Q 58 77.83 -48.38 -14.13
C ASN Q 58 78.21 -47.64 -15.39
N TYR Q 59 79.46 -47.20 -15.48
CA TYR Q 59 79.88 -46.40 -16.62
C TYR Q 59 81.13 -46.94 -17.28
N ALA Q 60 81.20 -46.83 -18.60
CA ALA Q 60 82.42 -47.14 -19.34
C ALA Q 60 83.54 -46.16 -18.97
N GLN Q 61 84.78 -46.65 -18.92
CA GLN Q 61 85.91 -45.83 -18.48
C GLN Q 61 86.12 -44.55 -19.26
N LYS Q 62 85.92 -44.63 -20.57
CA LYS Q 62 86.05 -43.48 -21.46
C LYS Q 62 85.20 -42.27 -21.03
N PHE Q 63 84.13 -42.48 -20.29
CA PHE Q 63 83.21 -41.37 -20.00
C PHE Q 63 83.11 -40.96 -18.53
N GLN Q 64 83.76 -41.70 -17.63
CA GLN Q 64 83.72 -41.37 -16.21
C GLN Q 64 84.16 -39.94 -15.94
N GLY Q 65 83.35 -39.25 -15.15
CA GLY Q 65 83.56 -37.85 -14.84
C GLY Q 65 82.81 -36.91 -15.76
N ARG Q 66 82.37 -37.39 -16.93
CA ARG Q 66 81.53 -36.53 -17.77
C ARG Q 66 80.18 -37.09 -18.24
N LEU Q 67 79.86 -38.33 -17.86
CA LEU Q 67 78.56 -38.90 -18.19
C LEU Q 67 77.77 -39.19 -16.91
N THR Q 68 76.52 -38.73 -16.86
CA THR Q 68 75.67 -39.03 -15.74
C THR Q 68 74.33 -39.60 -16.17
N ILE Q 69 73.94 -40.74 -15.61
CA ILE Q 69 72.66 -41.33 -15.95
C ILE Q 69 71.72 -41.27 -14.74
N THR Q 70 70.49 -40.84 -14.99
CA THR Q 70 69.47 -40.71 -13.95
C THR Q 70 68.25 -41.54 -14.33
N ALA Q 71 67.57 -42.08 -13.34
CA ALA Q 71 66.26 -42.67 -13.58
C ALA Q 71 65.24 -42.07 -12.62
N ASP Q 72 64.24 -41.42 -13.20
CA ASP Q 72 63.16 -40.84 -12.42
C ASP Q 72 61.97 -41.76 -12.52
N GLY Q 73 61.84 -42.65 -11.54
CA GLY Q 73 60.76 -43.62 -11.48
C GLY Q 73 59.36 -43.04 -11.55
N SER Q 74 59.17 -41.94 -10.83
CA SER Q 74 57.87 -41.29 -10.72
C SER Q 74 57.24 -40.87 -12.05
N THR Q 75 58.05 -40.77 -13.10
CA THR Q 75 57.55 -40.39 -14.43
C THR Q 75 57.87 -41.42 -15.51
N ASN Q 76 58.41 -42.57 -15.11
CA ASN Q 76 58.88 -43.60 -16.02
C ASN Q 76 59.82 -43.08 -17.10
N THR Q 77 60.68 -42.14 -16.71
CA THR Q 77 61.62 -41.53 -17.65
C THR Q 77 63.07 -41.65 -17.18
N ALA Q 78 63.97 -42.00 -18.10
CA ALA Q 78 65.39 -42.07 -17.83
C ALA Q 78 66.10 -40.98 -18.63
N TYR Q 79 67.33 -40.62 -18.23
CA TYR Q 79 68.00 -39.51 -18.89
C TYR Q 79 69.48 -39.79 -19.03
N MET Q 80 70.08 -39.23 -20.06
CA MET Q 80 71.51 -39.31 -20.23
C MET Q 80 72.02 -37.88 -20.38
N GLN Q 81 72.97 -37.48 -19.55
CA GLN Q 81 73.57 -36.18 -19.69
C GLN Q 81 75.09 -36.32 -19.88
N LEU Q 82 75.61 -35.71 -20.95
CA LEU Q 82 77.03 -35.81 -21.28
C LEU Q 82 77.67 -34.43 -21.38
N ASP Q 83 78.68 -34.18 -20.54
CA ASP Q 83 79.30 -32.86 -20.42
C ASP Q 83 80.57 -32.77 -21.25
N SER Q 84 81.06 -31.55 -21.40
CA SER Q 84 82.31 -31.23 -22.09
C SER Q 84 82.41 -31.90 -23.45
N LEU Q 85 81.41 -31.66 -24.29
CA LEU Q 85 81.27 -32.36 -25.55
C LEU Q 85 82.37 -32.03 -26.55
N ARG Q 86 82.79 -33.04 -27.29
CA ARG Q 86 83.76 -32.87 -28.37
C ARG Q 86 83.19 -33.52 -29.63
N SER Q 87 83.86 -33.29 -30.76
CA SER Q 87 83.38 -33.78 -32.05
C SER Q 87 83.18 -35.28 -32.08
N GLU Q 88 84.01 -35.99 -31.31
CA GLU Q 88 83.91 -37.44 -31.22
C GLU Q 88 82.59 -37.86 -30.54
N ASP Q 89 81.89 -36.90 -29.95
CA ASP Q 89 80.65 -37.21 -29.26
C ASP Q 89 79.46 -37.15 -30.22
N THR Q 90 79.72 -36.70 -31.44
CA THR Q 90 78.72 -36.72 -32.50
C THR Q 90 78.34 -38.18 -32.80
N ALA Q 91 77.07 -38.53 -32.63
CA ALA Q 91 76.65 -39.94 -32.69
C ALA Q 91 75.14 -40.06 -32.64
N VAL Q 92 74.62 -41.25 -32.96
CA VAL Q 92 73.23 -41.57 -32.65
C VAL Q 92 73.18 -42.19 -31.27
N TYR Q 93 72.34 -41.64 -30.40
CA TYR Q 93 72.23 -42.13 -29.04
C TYR Q 93 70.96 -42.92 -28.77
N TYR Q 94 71.12 -44.18 -28.36
CA TYR Q 94 69.99 -45.04 -28.05
C TYR Q 94 69.97 -45.32 -26.54
N CYS Q 95 68.77 -45.38 -25.96
CA CYS Q 95 68.59 -46.06 -24.68
C CYS Q 95 67.97 -47.42 -24.92
N ALA Q 96 68.17 -48.34 -23.98
CA ALA Q 96 67.68 -49.70 -24.15
C ALA Q 96 67.60 -50.44 -22.84
N GLY Q 97 66.72 -51.43 -22.80
CA GLY Q 97 66.60 -52.31 -21.66
C GLY Q 97 66.02 -53.63 -22.09
N PRO Q 98 65.86 -54.55 -21.14
CA PRO Q 98 65.35 -55.90 -21.40
C PRO Q 98 63.86 -56.01 -21.06
N SER Q 99 63.15 -56.91 -21.72
CA SER Q 99 61.74 -57.16 -21.43
C SER Q 99 61.64 -58.29 -20.40
N ILE Q 100 62.77 -58.58 -19.76
CA ILE Q 100 62.85 -59.62 -18.75
C ILE Q 100 61.81 -59.47 -17.64
N THR Q 101 61.27 -60.60 -17.23
CA THR Q 101 60.53 -60.74 -16.00
C THR Q 101 61.04 -62.00 -15.33
N GLU Q 102 60.79 -62.15 -14.03
CA GLU Q 102 61.21 -63.35 -13.31
C GLU Q 102 60.11 -63.71 -12.33
N SER Q 103 60.04 -64.99 -12.01
CA SER Q 103 59.12 -65.44 -11.00
C SER Q 103 59.62 -64.79 -9.72
N HIS Q 104 60.94 -64.74 -9.58
CA HIS Q 104 61.54 -64.15 -8.41
C HIS Q 104 62.71 -63.20 -8.68
N TYR Q 105 62.48 -61.93 -8.35
CA TYR Q 105 63.42 -60.79 -8.45
C TYR Q 105 64.49 -60.66 -7.35
N CYS Q 106 65.77 -60.49 -7.72
CA CYS Q 106 66.85 -60.38 -6.73
C CYS Q 106 66.89 -59.02 -6.02
N LEU Q 107 66.96 -59.04 -4.68
CA LEU Q 107 66.92 -57.81 -3.90
C LEU Q 107 68.21 -57.18 -3.36
N ASP Q 108 69.35 -57.82 -3.53
CA ASP Q 108 70.57 -57.34 -2.88
C ASP Q 108 71.81 -57.74 -3.67
N CYS Q 109 71.67 -57.84 -4.98
CA CYS Q 109 72.77 -58.33 -5.81
C CYS Q 109 73.77 -57.34 -6.39
N ALA Q 110 74.89 -57.91 -6.84
CA ALA Q 110 75.90 -57.20 -7.59
C ALA Q 110 75.22 -56.64 -8.82
N ALA Q 111 75.68 -55.48 -9.26
CA ALA Q 111 75.08 -54.78 -10.39
C ALA Q 111 74.94 -55.62 -11.65
N LYS Q 112 75.95 -56.42 -11.97
CA LYS Q 112 75.91 -57.25 -13.16
C LYS Q 112 74.71 -58.21 -13.28
N ASP Q 113 74.11 -58.59 -12.15
CA ASP Q 113 73.01 -59.55 -12.17
C ASP Q 113 71.70 -59.03 -12.76
N TYR Q 114 71.60 -57.72 -12.93
CA TYR Q 114 70.40 -57.10 -13.47
C TYR Q 114 70.60 -56.64 -14.90
N TYR Q 115 71.76 -56.95 -15.45
CA TYR Q 115 72.03 -56.66 -16.85
C TYR Q 115 71.78 -57.85 -17.78
N TYR Q 116 70.92 -57.66 -18.78
CA TYR Q 116 70.53 -58.72 -19.72
C TYR Q 116 70.64 -58.23 -21.15
N GLY Q 117 70.53 -59.17 -22.10
CA GLY Q 117 70.40 -58.84 -23.50
C GLY Q 117 69.32 -57.81 -23.76
N LEU Q 118 69.61 -56.86 -24.63
CA LEU Q 118 68.74 -55.70 -24.85
C LEU Q 118 67.80 -55.86 -26.04
N ASP Q 119 66.53 -56.15 -25.77
CA ASP Q 119 65.53 -56.35 -26.82
C ASP Q 119 64.43 -55.29 -26.91
N VAL Q 120 64.54 -54.27 -26.07
CA VAL Q 120 63.64 -53.11 -26.14
C VAL Q 120 64.45 -51.85 -26.36
N TRP Q 121 64.21 -51.18 -27.49
CA TRP Q 121 65.00 -50.02 -27.85
C TRP Q 121 64.20 -48.75 -28.11
N GLY Q 122 64.75 -47.62 -27.70
CA GLY Q 122 64.32 -46.32 -28.19
C GLY Q 122 64.64 -46.14 -29.66
N GLN Q 123 64.11 -45.06 -30.26
CA GLN Q 123 64.26 -44.84 -31.70
C GLN Q 123 65.61 -44.17 -31.99
N GLY Q 124 66.28 -43.71 -30.94
CA GLY Q 124 67.59 -43.08 -31.08
C GLY Q 124 67.48 -41.57 -31.19
N THR Q 125 68.48 -40.88 -30.65
CA THR Q 125 68.52 -39.42 -30.69
C THR Q 125 69.82 -38.93 -31.32
N THR Q 126 69.69 -38.18 -32.41
CA THR Q 126 70.87 -37.64 -33.07
C THR Q 126 71.37 -36.37 -32.41
N VAL Q 127 72.59 -36.45 -31.91
CA VAL Q 127 73.24 -35.32 -31.27
C VAL Q 127 74.46 -34.97 -32.10
N THR Q 128 74.55 -33.72 -32.54
CA THR Q 128 75.70 -33.33 -33.31
C THR Q 128 76.45 -32.30 -32.48
N VAL Q 129 77.75 -32.53 -32.31
CA VAL Q 129 78.61 -31.62 -31.59
C VAL Q 129 79.50 -30.84 -32.56
N SER Q 130 79.26 -29.55 -32.68
CA SER Q 130 80.00 -28.71 -33.63
C SER Q 130 80.08 -27.28 -33.13
N SER Q 131 81.11 -26.56 -33.61
CA SER Q 131 81.32 -25.18 -33.19
C SER Q 131 80.44 -24.32 -34.06
N ALA Q 132 79.84 -24.98 -35.06
CA ALA Q 132 78.94 -24.38 -36.02
C ALA Q 132 77.61 -23.99 -35.36
N SER Q 133 77.20 -22.73 -35.58
CA SER Q 133 75.84 -22.27 -35.23
C SER Q 133 75.03 -22.47 -36.48
N THR Q 134 73.78 -22.02 -36.55
CA THR Q 134 72.96 -22.40 -37.71
C THR Q 134 73.54 -21.75 -38.98
N LYS Q 135 73.68 -22.51 -40.07
CA LYS Q 135 74.36 -21.97 -41.27
C LYS Q 135 73.81 -22.47 -42.61
N GLY Q 136 73.52 -21.52 -43.51
CA GLY Q 136 73.06 -21.84 -44.85
C GLY Q 136 74.19 -22.28 -45.75
N PRO Q 137 73.83 -22.97 -46.86
CA PRO Q 137 74.86 -23.58 -47.71
C PRO Q 137 75.40 -22.65 -48.77
N SER Q 138 76.62 -22.93 -49.23
CA SER Q 138 77.16 -22.34 -50.44
C SER Q 138 76.90 -23.38 -51.52
N VAL Q 139 76.46 -22.95 -52.70
CA VAL Q 139 76.17 -23.90 -53.77
C VAL Q 139 77.03 -23.61 -55.00
N PHE Q 140 77.72 -24.63 -55.48
CA PHE Q 140 78.61 -24.48 -56.62
C PHE Q 140 78.18 -25.40 -57.75
N PRO Q 141 78.24 -24.91 -58.99
CA PRO Q 141 77.90 -25.74 -60.15
C PRO Q 141 78.98 -26.78 -60.43
N LEU Q 142 78.55 -27.98 -60.81
CA LEU Q 142 79.49 -29.01 -61.25
C LEU Q 142 79.33 -29.22 -62.76
N ALA Q 143 80.20 -28.59 -63.53
CA ALA Q 143 80.09 -28.53 -64.99
C ALA Q 143 80.25 -29.91 -65.62
N PRO Q 144 79.52 -30.16 -66.73
CA PRO Q 144 79.62 -31.43 -67.47
C PRO Q 144 81.02 -31.71 -68.06
N SER Q 145 81.43 -32.98 -67.99
CA SER Q 145 82.74 -33.46 -68.47
C SER Q 145 82.98 -33.19 -69.95
N GLY Q 152 76.23 -43.29 -74.54
CA GLY Q 152 77.13 -42.18 -74.30
C GLY Q 152 76.45 -41.08 -73.48
N THR Q 153 76.54 -41.19 -72.17
CA THR Q 153 75.89 -40.25 -71.26
C THR Q 153 76.90 -39.35 -70.56
N ALA Q 154 76.41 -38.24 -69.99
CA ALA Q 154 77.25 -37.34 -69.20
C ALA Q 154 76.61 -37.05 -67.85
N ALA Q 155 77.46 -36.74 -66.87
CA ALA Q 155 77.01 -36.33 -65.53
C ALA Q 155 77.33 -34.87 -65.21
N LEU Q 156 76.34 -34.16 -64.68
CA LEU Q 156 76.52 -32.80 -64.17
C LEU Q 156 75.77 -32.74 -62.84
N GLY Q 157 76.07 -31.75 -62.02
CA GLY Q 157 75.43 -31.64 -60.72
C GLY Q 157 75.67 -30.36 -59.95
N CYS Q 158 75.35 -30.40 -58.67
CA CYS Q 158 75.56 -29.27 -57.78
C CYS Q 158 76.22 -29.73 -56.50
N LEU Q 159 77.23 -28.96 -56.09
CA LEU Q 159 77.93 -29.21 -54.85
C LEU Q 159 77.39 -28.30 -53.76
N VAL Q 160 76.87 -28.91 -52.69
CA VAL Q 160 76.24 -28.15 -51.62
C VAL Q 160 77.16 -28.23 -50.42
N LYS Q 161 77.90 -27.14 -50.19
CA LYS Q 161 79.05 -27.16 -49.30
C LYS Q 161 78.81 -26.38 -48.03
N ASP Q 162 79.27 -26.93 -46.92
CA ASP Q 162 79.43 -26.20 -45.68
C ASP Q 162 78.13 -25.66 -45.09
N TYR Q 163 77.17 -26.54 -44.84
CA TYR Q 163 75.91 -26.12 -44.22
C TYR Q 163 75.76 -26.84 -42.89
N PHE Q 164 74.91 -26.29 -42.01
CA PHE Q 164 74.63 -27.00 -40.77
C PHE Q 164 73.32 -26.48 -40.18
N PRO Q 165 72.47 -27.36 -39.61
CA PRO Q 165 72.50 -28.82 -39.53
C PRO Q 165 71.80 -29.42 -40.73
N GLU Q 166 71.63 -30.73 -40.71
CA GLU Q 166 70.67 -31.40 -41.57
C GLU Q 166 69.28 -30.83 -41.23
N PRO Q 167 68.31 -30.90 -42.18
CA PRO Q 167 68.41 -31.47 -43.52
C PRO Q 167 68.49 -30.43 -44.65
N VAL Q 168 68.93 -30.88 -45.83
CA VAL Q 168 68.82 -30.14 -47.10
C VAL Q 168 67.99 -30.99 -48.07
N THR Q 169 67.17 -30.37 -48.90
CA THR Q 169 66.58 -31.07 -50.04
C THR Q 169 67.08 -30.50 -51.36
N VAL Q 170 67.12 -31.29 -52.42
CA VAL Q 170 67.54 -30.80 -53.73
C VAL Q 170 66.60 -31.24 -54.86
N SER Q 171 66.11 -30.27 -55.63
CA SER Q 171 65.41 -30.57 -56.88
C SER Q 171 66.09 -29.97 -58.12
N TRP Q 172 65.63 -30.41 -59.29
CA TRP Q 172 66.10 -29.92 -60.58
C TRP Q 172 64.96 -29.39 -61.42
N ASN Q 173 65.16 -28.20 -61.98
CA ASN Q 173 64.15 -27.51 -62.77
C ASN Q 173 62.80 -27.46 -62.03
N SER Q 174 62.88 -27.11 -60.74
CA SER Q 174 61.73 -26.90 -59.86
C SER Q 174 60.87 -28.16 -59.68
N GLY Q 175 61.48 -29.32 -59.85
CA GLY Q 175 60.78 -30.59 -59.71
C GLY Q 175 60.36 -31.17 -61.05
N ALA Q 176 60.46 -30.34 -62.09
CA ALA Q 176 60.08 -30.76 -63.44
C ALA Q 176 61.04 -31.81 -63.97
N LEU Q 177 62.25 -31.80 -63.44
CA LEU Q 177 63.26 -32.75 -63.85
C LEU Q 177 63.46 -33.77 -62.73
N THR Q 178 63.14 -35.03 -62.99
CA THR Q 178 63.25 -36.07 -61.96
C THR Q 178 64.00 -37.34 -62.38
N SER Q 179 63.90 -37.74 -63.65
CA SER Q 179 64.56 -38.96 -64.14
C SER Q 179 66.09 -38.87 -64.17
N GLY Q 180 66.78 -39.90 -63.68
CA GLY Q 180 68.22 -39.94 -63.76
C GLY Q 180 68.93 -39.16 -62.66
N VAL Q 181 68.15 -38.65 -61.72
CA VAL Q 181 68.68 -37.84 -60.65
C VAL Q 181 69.11 -38.67 -59.46
N HIS Q 182 70.32 -38.42 -58.99
CA HIS Q 182 70.82 -39.09 -57.82
C HIS Q 182 71.45 -38.04 -56.89
N THR Q 183 70.75 -37.77 -55.80
CA THR Q 183 71.25 -36.91 -54.72
C THR Q 183 71.88 -37.77 -53.64
N PHE Q 184 73.13 -37.45 -53.31
CA PHE Q 184 73.90 -38.27 -52.40
C PHE Q 184 73.73 -37.85 -50.96
N PRO Q 185 73.84 -38.81 -50.04
CA PRO Q 185 73.88 -38.54 -48.61
C PRO Q 185 74.98 -37.57 -48.29
N ALA Q 186 74.79 -36.72 -47.29
CA ALA Q 186 75.80 -35.71 -46.99
C ALA Q 186 76.98 -36.31 -46.25
N VAL Q 187 78.14 -35.67 -46.39
CA VAL Q 187 79.30 -35.96 -45.57
C VAL Q 187 79.35 -34.94 -44.43
N LEU Q 188 79.67 -35.39 -43.22
CA LEU Q 188 79.92 -34.45 -42.13
C LEU Q 188 81.42 -34.14 -42.06
N GLN Q 189 81.81 -32.92 -42.43
CA GLN Q 189 83.24 -32.55 -42.55
C GLN Q 189 83.94 -32.21 -41.24
N SER Q 190 85.28 -32.17 -41.31
CA SER Q 190 86.17 -31.82 -40.20
C SER Q 190 85.92 -30.43 -39.60
N SER Q 191 85.26 -29.59 -40.38
CA SER Q 191 84.89 -28.26 -39.92
C SER Q 191 83.66 -28.35 -39.01
N GLY Q 192 83.01 -29.52 -39.00
CA GLY Q 192 81.77 -29.70 -38.26
C GLY Q 192 80.53 -29.38 -39.07
N LEU Q 193 80.74 -29.01 -40.32
CA LEU Q 193 79.68 -28.76 -41.29
C LEU Q 193 79.47 -29.93 -42.25
N TYR Q 194 78.25 -30.03 -42.79
CA TYR Q 194 77.92 -31.08 -43.77
C TYR Q 194 78.09 -30.59 -45.20
N SER Q 195 78.34 -31.52 -46.12
CA SER Q 195 78.30 -31.24 -47.56
C SER Q 195 77.68 -32.39 -48.33
N LEU Q 196 76.92 -32.08 -49.39
CA LEU Q 196 76.44 -33.11 -50.30
C LEU Q 196 76.47 -32.68 -51.76
N SER Q 197 76.25 -33.64 -52.66
CA SER Q 197 76.09 -33.33 -54.07
C SER Q 197 74.85 -34.00 -54.63
N SER Q 198 74.24 -33.37 -55.62
CA SER Q 198 73.18 -34.00 -56.39
C SER Q 198 73.61 -34.02 -57.86
N VAL Q 199 73.49 -35.17 -58.51
CA VAL Q 199 73.89 -35.26 -59.91
C VAL Q 199 72.75 -35.78 -60.78
N VAL Q 200 72.67 -35.27 -62.00
CA VAL Q 200 71.72 -35.76 -62.99
C VAL Q 200 72.44 -36.30 -64.22
N THR Q 201 72.04 -37.49 -64.66
CA THR Q 201 72.62 -38.08 -65.86
C THR Q 201 71.71 -37.80 -67.04
N VAL Q 202 72.28 -37.22 -68.08
CA VAL Q 202 71.52 -36.71 -69.21
C VAL Q 202 72.17 -37.14 -70.52
N PRO Q 203 71.40 -37.16 -71.62
CA PRO Q 203 72.04 -37.40 -72.92
C PRO Q 203 73.01 -36.27 -73.22
N SER Q 204 74.21 -36.62 -73.68
CA SER Q 204 75.25 -35.63 -73.96
C SER Q 204 74.76 -34.74 -75.09
N SER Q 205 73.96 -35.31 -75.97
CA SER Q 205 73.44 -34.59 -77.11
C SER Q 205 72.61 -33.37 -76.72
N SER Q 206 72.00 -33.38 -75.53
CA SER Q 206 71.11 -32.28 -75.16
C SER Q 206 71.72 -31.18 -74.28
N LEU Q 207 73.04 -31.21 -74.08
CA LEU Q 207 73.71 -30.17 -73.29
C LEU Q 207 73.63 -28.78 -73.91
N GLY Q 208 73.61 -28.73 -75.24
CA GLY Q 208 73.62 -27.49 -75.97
C GLY Q 208 72.38 -26.63 -75.84
N THR Q 209 71.23 -27.28 -75.66
CA THR Q 209 69.95 -26.57 -75.69
C THR Q 209 69.25 -26.60 -74.34
N GLN Q 210 69.32 -27.73 -73.66
CA GLN Q 210 68.55 -27.92 -72.43
C GLN Q 210 69.14 -27.20 -71.22
N THR Q 211 68.27 -26.71 -70.34
CA THR Q 211 68.71 -25.92 -69.20
C THR Q 211 68.57 -26.78 -67.94
N TYR Q 212 69.55 -26.68 -67.04
CA TYR Q 212 69.52 -27.48 -65.83
C TYR Q 212 69.79 -26.58 -64.63
N ILE Q 213 68.80 -26.45 -63.76
CA ILE Q 213 68.94 -25.66 -62.55
C ILE Q 213 68.62 -26.48 -61.30
N CYS Q 214 69.56 -26.54 -60.37
CA CYS Q 214 69.29 -27.20 -59.10
C CYS Q 214 68.71 -26.22 -58.09
N ASN Q 215 67.74 -26.71 -57.32
CA ASN Q 215 67.07 -25.90 -56.31
C ASN Q 215 67.35 -26.49 -54.95
N VAL Q 216 68.14 -25.78 -54.15
CA VAL Q 216 68.60 -26.33 -52.89
C VAL Q 216 67.88 -25.60 -51.77
N ASN Q 217 67.33 -26.38 -50.84
CA ASN Q 217 66.61 -25.83 -49.70
C ASN Q 217 67.22 -26.31 -48.39
N HIS Q 218 67.55 -25.37 -47.52
CA HIS Q 218 68.03 -25.69 -46.19
C HIS Q 218 67.15 -25.01 -45.14
N LYS Q 219 66.12 -25.73 -44.72
CA LYS Q 219 65.13 -25.18 -43.81
C LYS Q 219 65.67 -24.64 -42.46
N PRO Q 220 66.62 -25.37 -41.82
CA PRO Q 220 67.10 -24.86 -40.53
C PRO Q 220 67.70 -23.45 -40.58
N SER Q 221 68.26 -23.07 -41.72
CA SER Q 221 68.83 -21.74 -41.89
C SER Q 221 67.93 -20.82 -42.72
N ASN Q 222 66.80 -21.36 -43.17
CA ASN Q 222 65.86 -20.63 -44.01
C ASN Q 222 66.54 -20.07 -45.26
N THR Q 223 67.32 -20.93 -45.91
CA THR Q 223 68.07 -20.54 -47.08
C THR Q 223 67.61 -21.41 -48.26
N LYS Q 224 67.49 -20.80 -49.43
CA LYS Q 224 67.21 -21.52 -50.66
C LYS Q 224 68.16 -21.01 -51.73
N VAL Q 225 68.71 -21.91 -52.54
CA VAL Q 225 69.62 -21.49 -53.61
C VAL Q 225 69.27 -22.15 -54.94
N ASP Q 226 69.21 -21.33 -56.01
CA ASP Q 226 69.08 -21.85 -57.35
C ASP Q 226 70.39 -21.62 -58.11
N LYS Q 227 70.92 -22.67 -58.76
CA LYS Q 227 72.13 -22.52 -59.55
C LYS Q 227 72.01 -23.22 -60.91
N ARG Q 228 72.19 -22.47 -62.00
CA ARG Q 228 72.21 -23.05 -63.35
C ARG Q 228 73.53 -23.76 -63.65
N VAL Q 229 73.47 -24.93 -64.27
CA VAL Q 229 74.65 -25.74 -64.55
C VAL Q 229 74.85 -25.88 -66.05
N GLU Q 230 75.91 -25.25 -66.54
CA GLU Q 230 76.23 -25.18 -67.96
C GLU Q 230 77.61 -25.78 -68.23
N PRO Q 231 77.89 -26.20 -69.49
CA PRO Q 231 79.25 -26.68 -69.81
C PRO Q 231 80.33 -25.59 -69.70
N LYS Q 232 81.53 -25.99 -69.31
CA LYS Q 232 82.63 -25.04 -69.08
C LYS Q 232 83.27 -24.54 -70.38
N GLN R 1 91.27 -51.56 -31.12
CA GLN R 1 91.07 -52.68 -30.21
C GLN R 1 89.76 -52.55 -29.42
N SER R 2 88.77 -53.37 -29.78
CA SER R 2 87.60 -53.58 -28.95
C SER R 2 87.94 -54.71 -27.97
N VAL R 3 87.23 -54.79 -26.84
CA VAL R 3 87.54 -55.79 -25.82
C VAL R 3 87.26 -57.18 -26.36
N LEU R 4 86.18 -57.28 -27.13
CA LEU R 4 85.88 -58.50 -27.85
C LEU R 4 86.37 -58.29 -29.28
N THR R 5 86.97 -59.33 -29.86
CA THR R 5 87.53 -59.19 -31.20
C THR R 5 86.65 -59.91 -32.21
N GLN R 6 86.20 -59.16 -33.22
CA GLN R 6 85.40 -59.72 -34.32
C GLN R 6 86.12 -59.44 -35.63
N PRO R 7 85.98 -60.36 -36.61
CA PRO R 7 86.46 -60.11 -37.98
C PRO R 7 85.73 -58.93 -38.58
N PRO R 8 86.42 -58.13 -39.40
CA PRO R 8 85.75 -56.97 -39.99
C PRO R 8 84.66 -57.31 -40.99
N SER R 9 84.73 -58.51 -41.59
CA SER R 9 83.82 -58.84 -42.67
C SER R 9 83.45 -60.33 -42.67
N ALA R 10 82.25 -60.65 -43.18
CA ALA R 10 81.86 -62.03 -43.43
C ALA R 10 80.99 -62.04 -44.68
N SER R 11 80.92 -63.18 -45.35
CA SER R 11 80.09 -63.28 -46.55
C SER R 11 79.62 -64.67 -46.97
N GLY R 12 78.52 -64.70 -47.72
CA GLY R 12 78.06 -65.92 -48.36
C GLY R 12 77.11 -65.56 -49.50
N THR R 13 76.68 -66.56 -50.26
CA THR R 13 75.71 -66.35 -51.34
C THR R 13 74.37 -66.93 -50.89
N PRO R 14 73.26 -66.65 -51.63
CA PRO R 14 71.97 -67.09 -51.10
C PRO R 14 71.88 -68.58 -50.84
N GLY R 15 71.35 -68.94 -49.68
CA GLY R 15 71.19 -70.33 -49.31
C GLY R 15 72.44 -70.90 -48.67
N GLN R 16 73.54 -70.16 -48.69
CA GLN R 16 74.76 -70.62 -48.04
C GLN R 16 74.68 -70.36 -46.55
N SER R 17 75.77 -70.67 -45.87
CA SER R 17 75.86 -70.40 -44.45
C SER R 17 77.16 -69.72 -44.08
N VAL R 18 77.19 -69.05 -42.93
CA VAL R 18 78.41 -68.42 -42.44
C VAL R 18 78.48 -68.58 -40.93
N THR R 19 79.69 -68.48 -40.39
CA THR R 19 79.89 -68.39 -38.96
C THR R 19 80.79 -67.21 -38.63
N ILE R 20 80.37 -66.41 -37.66
CA ILE R 20 81.12 -65.24 -37.28
C ILE R 20 81.66 -65.47 -35.88
N SER R 21 82.97 -65.32 -35.70
CA SER R 21 83.56 -65.63 -34.42
C SER R 21 83.70 -64.36 -33.60
N CYS R 22 83.90 -64.50 -32.30
CA CYS R 22 84.00 -63.35 -31.43
C CYS R 22 84.92 -63.77 -30.28
N SER R 23 86.07 -63.12 -30.15
CA SER R 23 87.08 -63.58 -29.19
C SER R 23 87.32 -62.59 -28.06
N GLY R 24 87.32 -63.11 -26.83
CA GLY R 24 87.54 -62.33 -25.63
C GLY R 24 88.51 -62.98 -24.66
N SER R 25 88.21 -62.83 -23.37
CA SER R 25 89.10 -63.26 -22.30
C SER R 25 88.30 -63.79 -21.12
N ARG R 26 89.00 -64.33 -20.13
CA ARG R 26 88.41 -64.87 -18.90
C ARG R 26 87.44 -63.89 -18.25
N SER R 27 87.80 -62.61 -18.25
CA SER R 27 87.03 -61.58 -17.55
C SER R 27 85.70 -61.28 -18.21
N ASN R 28 85.59 -61.55 -19.51
CA ASN R 28 84.33 -61.36 -20.21
C ASN R 28 83.60 -62.63 -20.65
N ILE R 29 83.85 -63.12 -21.86
CA ILE R 29 83.16 -64.30 -22.39
C ILE R 29 83.29 -65.57 -21.54
N GLY R 30 84.47 -65.77 -20.95
CA GLY R 30 84.73 -66.92 -20.10
C GLY R 30 83.80 -67.17 -18.92
N GLY R 31 83.29 -66.09 -18.32
CA GLY R 31 82.47 -66.18 -17.12
C GLY R 31 81.09 -65.54 -17.18
N ASN R 32 80.65 -65.19 -18.38
CA ASN R 32 79.44 -64.39 -18.57
C ASN R 32 78.70 -64.81 -19.85
N THR R 33 77.41 -64.55 -19.93
CA THR R 33 76.69 -64.92 -21.13
C THR R 33 77.00 -63.97 -22.26
N VAL R 34 76.78 -64.44 -23.48
CA VAL R 34 77.04 -63.63 -24.66
C VAL R 34 75.73 -63.23 -25.31
N ASN R 35 75.66 -61.98 -25.73
CA ASN R 35 74.55 -61.48 -26.52
C ASN R 35 75.01 -61.20 -27.94
N TRP R 36 74.15 -61.42 -28.93
CA TRP R 36 74.50 -61.08 -30.32
C TRP R 36 73.48 -60.12 -30.89
N TYR R 37 73.97 -59.05 -31.53
CA TYR R 37 73.09 -58.07 -32.14
C TYR R 37 73.23 -57.92 -33.66
N GLN R 38 72.09 -57.70 -34.31
CA GLN R 38 72.03 -57.28 -35.71
C GLN R 38 71.72 -55.78 -35.79
N HIS R 39 72.40 -55.09 -36.72
CA HIS R 39 72.23 -53.64 -36.90
C HIS R 39 72.12 -53.28 -38.37
N LEU R 40 70.96 -52.75 -38.73
CA LEU R 40 70.69 -52.33 -40.08
C LEU R 40 70.83 -50.81 -40.10
N PRO R 41 71.27 -50.27 -41.23
CA PRO R 41 71.34 -48.82 -41.38
C PRO R 41 70.04 -48.14 -40.99
N GLY R 42 70.13 -47.13 -40.13
CA GLY R 42 68.99 -46.29 -39.81
C GLY R 42 68.11 -46.68 -38.63
N MET R 43 68.17 -47.94 -38.19
CA MET R 43 67.28 -48.35 -37.11
C MET R 43 68.06 -48.80 -35.91
N ALA R 44 67.35 -48.96 -34.80
CA ALA R 44 67.97 -49.46 -33.60
C ALA R 44 68.39 -50.89 -33.90
N PRO R 45 69.43 -51.36 -33.21
CA PRO R 45 69.83 -52.77 -33.21
C PRO R 45 68.70 -53.67 -32.74
N LYS R 46 68.76 -54.94 -33.15
CA LYS R 46 67.79 -55.93 -32.72
C LYS R 46 68.55 -57.09 -32.10
N LEU R 47 68.09 -57.54 -30.93
CA LEU R 47 68.68 -58.69 -30.28
C LEU R 47 68.35 -59.98 -31.01
N LEU R 48 69.38 -60.72 -31.39
CA LEU R 48 69.21 -62.02 -32.02
C LEU R 48 69.43 -63.15 -31.04
N ILE R 49 70.50 -63.06 -30.26
CA ILE R 49 70.88 -64.14 -29.37
C ILE R 49 71.18 -63.56 -27.99
N TYR R 50 70.69 -64.22 -26.94
CA TYR R 50 71.09 -63.87 -25.58
C TYR R 50 71.43 -65.14 -24.83
N SER R 51 72.07 -65.00 -23.67
CA SER R 51 72.46 -66.15 -22.86
C SER R 51 73.26 -67.17 -23.69
N SER R 52 74.05 -66.65 -24.62
CA SER R 52 74.94 -67.38 -25.54
C SER R 52 74.29 -68.26 -26.62
N ASN R 53 73.21 -68.98 -26.32
CA ASN R 53 72.67 -69.92 -27.33
C ASN R 53 71.14 -69.92 -27.44
N GLN R 54 70.49 -68.94 -26.82
CA GLN R 54 69.04 -68.82 -26.86
C GLN R 54 68.61 -67.77 -27.89
N ARG R 55 67.64 -68.14 -28.73
CA ARG R 55 67.13 -67.21 -29.72
C ARG R 55 66.07 -66.30 -29.12
N SER R 56 66.17 -65.00 -29.40
CA SER R 56 65.13 -64.06 -29.00
C SER R 56 63.82 -64.38 -29.70
N SER R 57 62.71 -63.99 -29.07
CA SER R 57 61.38 -64.24 -29.60
C SER R 57 61.25 -63.83 -31.06
N GLY R 58 60.72 -64.74 -31.88
CA GLY R 58 60.48 -64.46 -33.29
C GLY R 58 61.66 -64.64 -34.23
N VAL R 59 62.85 -64.88 -33.69
CA VAL R 59 64.03 -65.04 -34.53
C VAL R 59 64.06 -66.45 -35.10
N PRO R 60 64.23 -66.57 -36.42
CA PRO R 60 64.22 -67.91 -37.02
C PRO R 60 65.42 -68.75 -36.62
N ASP R 61 65.28 -70.06 -36.67
CA ASP R 61 66.31 -70.95 -36.14
C ASP R 61 67.56 -71.10 -37.02
N ARG R 62 67.57 -70.42 -38.17
CA ARG R 62 68.77 -70.31 -38.99
C ARG R 62 69.83 -69.37 -38.42
N PHE R 63 69.43 -68.57 -37.43
CA PHE R 63 70.38 -67.84 -36.60
C PHE R 63 70.67 -68.64 -35.35
N SER R 64 71.94 -68.89 -35.10
CA SER R 64 72.31 -69.62 -33.89
C SER R 64 73.57 -69.07 -33.23
N GLY R 65 73.59 -69.09 -31.90
CA GLY R 65 74.72 -68.57 -31.16
C GLY R 65 75.35 -69.69 -30.36
N SER R 66 76.66 -69.60 -30.14
CA SER R 66 77.36 -70.55 -29.28
C SER R 66 78.55 -69.91 -28.57
N LYS R 67 79.03 -70.57 -27.52
CA LYS R 67 80.16 -70.10 -26.75
C LYS R 67 80.90 -71.30 -26.17
N SER R 68 82.22 -71.22 -26.10
CA SER R 68 83.00 -72.17 -25.32
C SER R 68 84.30 -71.54 -24.91
N GLY R 69 84.74 -71.84 -23.69
CA GLY R 69 85.94 -71.23 -23.16
C GLY R 69 85.78 -69.72 -23.18
N THR R 70 86.64 -69.06 -23.95
CA THR R 70 86.65 -67.60 -23.99
C THR R 70 86.29 -67.07 -25.37
N SER R 71 85.64 -67.90 -26.17
CA SER R 71 85.17 -67.48 -27.48
C SER R 71 83.71 -67.83 -27.75
N ALA R 72 83.05 -67.02 -28.58
CA ALA R 72 81.65 -67.24 -28.93
C ALA R 72 81.45 -67.21 -30.46
N SER R 73 80.35 -67.76 -30.95
CA SER R 73 80.08 -67.78 -32.39
C SER R 73 78.61 -67.52 -32.74
N LEU R 74 78.38 -66.80 -33.83
CA LEU R 74 77.02 -66.69 -34.39
C LEU R 74 77.01 -67.34 -35.77
N ALA R 75 76.18 -68.37 -35.94
CA ALA R 75 76.10 -69.05 -37.22
C ALA R 75 74.80 -68.72 -37.94
N ILE R 76 74.92 -68.45 -39.22
CA ILE R 76 73.77 -68.10 -40.02
C ILE R 76 73.72 -68.93 -41.29
N SER R 77 72.68 -69.75 -41.41
CA SER R 77 72.47 -70.56 -42.61
C SER R 77 71.28 -70.08 -43.43
N GLY R 78 71.12 -70.61 -44.65
CA GLY R 78 69.98 -70.27 -45.48
C GLY R 78 69.97 -68.80 -45.80
N LEU R 79 71.15 -68.27 -46.11
CA LEU R 79 71.36 -66.84 -46.26
C LEU R 79 70.41 -66.15 -47.24
N GLN R 80 69.85 -65.03 -46.79
CA GLN R 80 68.94 -64.21 -47.59
C GLN R 80 69.50 -62.78 -47.65
N SER R 81 69.13 -62.04 -48.69
CA SER R 81 69.52 -60.63 -48.84
C SER R 81 69.36 -59.74 -47.59
N GLU R 82 68.25 -59.86 -46.86
CA GLU R 82 68.01 -58.98 -45.69
C GLU R 82 68.90 -59.21 -44.47
N ASP R 83 69.70 -60.26 -44.53
CA ASP R 83 70.66 -60.54 -43.46
C ASP R 83 71.92 -59.68 -43.58
N ASP R 84 72.04 -59.01 -44.72
CA ASP R 84 73.12 -58.06 -44.97
C ASP R 84 73.05 -56.96 -43.92
N ALA R 85 74.05 -56.89 -43.06
CA ALA R 85 73.99 -56.02 -41.89
C ALA R 85 75.32 -56.08 -41.12
N ASP R 86 75.42 -55.25 -40.09
CA ASP R 86 76.53 -55.33 -39.14
C ASP R 86 76.07 -56.17 -37.96
N TYR R 87 76.95 -57.02 -37.45
CA TYR R 87 76.58 -57.87 -36.33
C TYR R 87 77.51 -57.69 -35.15
N TYR R 88 76.93 -57.49 -33.96
CA TYR R 88 77.75 -57.25 -32.78
C TYR R 88 77.52 -58.29 -31.72
N CYS R 89 78.61 -58.76 -31.14
CA CYS R 89 78.52 -59.52 -29.91
C CYS R 89 78.71 -58.60 -28.71
N ALA R 90 78.20 -59.03 -27.56
CA ALA R 90 78.40 -58.29 -26.32
C ALA R 90 78.36 -59.23 -25.13
N SER R 91 78.99 -58.80 -24.04
CA SER R 91 78.91 -59.51 -22.76
C SER R 91 79.32 -58.56 -21.65
N TRP R 92 79.10 -58.96 -20.40
CA TRP R 92 79.61 -58.24 -19.26
C TRP R 92 81.11 -58.52 -19.16
N ASP R 93 81.87 -57.57 -18.63
CA ASP R 93 83.29 -57.79 -18.35
C ASP R 93 83.48 -57.55 -16.86
N ASP R 94 83.95 -58.58 -16.15
CA ASP R 94 84.08 -58.52 -14.70
C ASP R 94 85.24 -57.66 -14.20
N SER R 95 86.19 -57.37 -15.09
CA SER R 95 87.32 -56.51 -14.75
C SER R 95 87.02 -55.03 -14.93
N LEU R 96 86.28 -54.74 -15.99
CA LEU R 96 85.85 -53.39 -16.31
C LEU R 96 84.60 -52.92 -15.57
N ASN R 97 83.86 -53.89 -15.02
CA ASN R 97 82.56 -53.63 -14.38
C ASN R 97 81.63 -52.92 -15.34
N GLY R 98 81.44 -53.53 -16.51
CA GLY R 98 80.59 -52.96 -17.54
C GLY R 98 80.42 -53.90 -18.71
N VAL R 99 79.55 -53.50 -19.66
CA VAL R 99 79.31 -54.29 -20.86
C VAL R 99 80.37 -53.96 -21.89
N VAL R 100 80.88 -54.98 -22.58
CA VAL R 100 81.82 -54.76 -23.66
C VAL R 100 81.28 -55.31 -24.98
N PHE R 101 81.57 -54.60 -26.07
CA PHE R 101 81.19 -55.04 -27.41
C PHE R 101 82.41 -55.40 -28.24
N GLY R 102 82.25 -56.35 -29.14
CA GLY R 102 83.21 -56.56 -30.21
C GLY R 102 83.16 -55.44 -31.22
N GLY R 103 84.10 -55.45 -32.16
CA GLY R 103 84.18 -54.40 -33.15
C GLY R 103 83.14 -54.50 -34.25
N GLY R 104 82.43 -55.63 -34.30
CA GLY R 104 81.43 -55.84 -35.33
C GLY R 104 81.93 -56.58 -36.55
N THR R 105 81.05 -57.36 -37.17
CA THR R 105 81.36 -57.98 -38.45
C THR R 105 80.31 -57.55 -39.47
N LYS R 106 80.77 -57.01 -40.60
CA LYS R 106 79.86 -56.66 -41.68
C LYS R 106 79.65 -57.92 -42.51
N LEU R 107 78.44 -58.46 -42.47
CA LEU R 107 78.07 -59.63 -43.27
C LEU R 107 77.46 -59.26 -44.60
N THR R 108 78.01 -59.83 -45.66
CA THR R 108 77.39 -59.59 -46.94
C THR R 108 76.84 -60.85 -47.57
N VAL R 109 75.58 -60.76 -47.94
CA VAL R 109 74.84 -61.76 -48.70
C VAL R 109 74.89 -61.37 -50.18
N LEU R 110 75.72 -62.02 -50.97
CA LEU R 110 75.84 -61.67 -52.39
C LEU R 110 74.74 -62.39 -53.15
N GLY R 111 73.52 -61.85 -53.02
CA GLY R 111 72.36 -62.44 -53.66
C GLY R 111 72.18 -62.06 -55.12
N GLN R 112 73.14 -61.30 -55.64
CA GLN R 112 73.19 -60.97 -57.07
C GLN R 112 74.66 -60.76 -57.43
N PRO R 113 75.03 -61.03 -58.68
CA PRO R 113 76.43 -60.87 -59.06
C PRO R 113 76.98 -59.50 -58.69
N LYS R 114 78.23 -59.51 -58.23
CA LYS R 114 78.95 -58.30 -57.85
C LYS R 114 78.91 -57.26 -58.94
N ALA R 115 78.68 -56.01 -58.57
CA ALA R 115 78.57 -54.94 -59.56
C ALA R 115 79.62 -53.88 -59.23
N ALA R 116 80.48 -53.59 -60.20
CA ALA R 116 81.56 -52.62 -60.01
C ALA R 116 81.01 -51.20 -59.93
N PRO R 117 81.69 -50.34 -59.17
CA PRO R 117 81.19 -48.96 -58.97
C PRO R 117 81.36 -48.07 -60.20
N SER R 118 80.39 -47.18 -60.41
CA SER R 118 80.52 -46.11 -61.39
C SER R 118 80.98 -44.87 -60.64
N VAL R 119 82.04 -44.26 -61.15
CA VAL R 119 82.66 -43.16 -60.44
C VAL R 119 82.67 -41.95 -61.35
N THR R 120 82.24 -40.83 -60.80
CA THR R 120 82.31 -39.54 -61.48
C THR R 120 83.10 -38.58 -60.60
N LEU R 121 84.07 -37.89 -61.20
CA LEU R 121 84.90 -36.93 -60.48
C LEU R 121 84.77 -35.54 -61.07
N PHE R 122 84.46 -34.57 -60.22
CA PHE R 122 84.36 -33.16 -60.63
C PHE R 122 85.52 -32.35 -60.06
N PRO R 123 86.08 -31.45 -60.87
CA PRO R 123 87.10 -30.49 -60.47
C PRO R 123 86.48 -29.32 -59.73
N PRO R 124 87.30 -28.44 -59.13
CA PRO R 124 86.72 -27.21 -58.59
C PRO R 124 86.01 -26.42 -59.69
N SER R 125 84.89 -25.80 -59.33
CA SER R 125 84.21 -24.88 -60.21
C SER R 125 85.00 -23.59 -60.19
N SER R 126 84.88 -22.81 -61.26
CA SER R 126 85.48 -21.50 -61.30
C SER R 126 85.00 -20.64 -60.13
N GLU R 127 83.73 -20.76 -59.78
CA GLU R 127 83.13 -19.98 -58.70
C GLU R 127 83.81 -20.22 -57.35
N GLU R 128 84.03 -21.49 -57.03
CA GLU R 128 84.63 -21.88 -55.77
C GLU R 128 86.06 -21.36 -55.74
N LEU R 129 86.75 -21.56 -56.86
CA LEU R 129 88.09 -21.03 -57.03
C LEU R 129 88.12 -19.54 -56.73
N GLN R 130 87.10 -18.83 -57.18
CA GLN R 130 86.94 -17.40 -56.92
C GLN R 130 86.74 -17.05 -55.44
N ALA R 131 86.24 -17.99 -54.67
CA ALA R 131 86.12 -17.82 -53.22
C ALA R 131 87.35 -18.30 -52.44
N ASN R 132 88.48 -18.46 -53.14
CA ASN R 132 89.78 -18.80 -52.55
C ASN R 132 89.77 -20.19 -51.87
N LYS R 133 88.99 -21.09 -52.44
CA LYS R 133 88.90 -22.51 -52.06
C LYS R 133 88.84 -23.39 -53.30
N ALA R 134 88.95 -24.70 -53.08
CA ALA R 134 88.90 -25.65 -54.19
C ALA R 134 88.55 -27.03 -53.66
N THR R 135 87.45 -27.57 -54.18
CA THR R 135 87.01 -28.90 -53.80
C THR R 135 86.81 -29.75 -55.05
N LEU R 136 87.47 -30.89 -55.06
CA LEU R 136 87.22 -31.90 -56.09
C LEU R 136 86.23 -32.90 -55.52
N VAL R 137 85.32 -33.39 -56.37
CA VAL R 137 84.18 -34.14 -55.89
C VAL R 137 84.10 -35.49 -56.58
N CYS R 138 84.25 -36.57 -55.81
CA CYS R 138 84.28 -37.91 -56.37
C CYS R 138 83.08 -38.72 -55.91
N LEU R 139 82.17 -38.99 -56.84
CA LEU R 139 80.91 -39.65 -56.54
C LEU R 139 80.86 -41.08 -57.08
N ILE R 140 80.49 -42.01 -56.20
CA ILE R 140 80.63 -43.43 -56.48
C ILE R 140 79.28 -44.12 -56.32
N SER R 141 78.82 -44.79 -57.38
CA SER R 141 77.47 -45.35 -57.36
C SER R 141 77.35 -46.76 -57.96
N ASP R 142 76.19 -47.38 -57.73
CA ASP R 142 75.81 -48.67 -58.32
C ASP R 142 76.73 -49.86 -58.00
N PHE R 143 77.34 -49.86 -56.83
CA PHE R 143 78.22 -50.97 -56.46
C PHE R 143 77.58 -51.94 -55.46
N TYR R 144 78.06 -53.18 -55.49
CA TYR R 144 77.62 -54.19 -54.52
C TYR R 144 78.71 -55.24 -54.39
N PRO R 145 79.08 -55.62 -53.16
CA PRO R 145 78.61 -55.17 -51.83
C PRO R 145 78.92 -53.72 -51.44
N GLY R 146 78.33 -53.27 -50.34
CA GLY R 146 78.40 -51.87 -49.95
C GLY R 146 79.62 -51.47 -49.15
N ALA R 147 80.80 -51.70 -49.71
CA ALA R 147 82.04 -51.32 -49.04
C ALA R 147 83.07 -50.89 -50.07
N VAL R 148 83.61 -49.70 -49.92
CA VAL R 148 84.72 -49.25 -50.75
C VAL R 148 85.74 -48.51 -49.92
N THR R 149 86.95 -48.39 -50.47
CA THR R 149 87.93 -47.44 -49.96
C THR R 149 88.41 -46.45 -51.03
N VAL R 150 88.76 -45.23 -50.61
CA VAL R 150 89.15 -44.17 -51.53
C VAL R 150 90.52 -43.56 -51.20
N ALA R 151 91.36 -43.44 -52.23
CA ALA R 151 92.67 -42.81 -52.11
C ALA R 151 92.73 -41.63 -53.07
N TRP R 152 93.49 -40.59 -52.71
CA TRP R 152 93.62 -39.47 -53.62
C TRP R 152 95.08 -39.28 -54.02
N LYS R 153 95.27 -38.81 -55.25
CA LYS R 153 96.60 -38.51 -55.76
C LYS R 153 96.69 -37.13 -56.43
N ALA R 154 97.83 -36.46 -56.24
CA ALA R 154 98.18 -35.28 -57.00
C ALA R 154 99.25 -35.74 -57.99
N ASP R 155 98.95 -35.67 -59.28
CA ASP R 155 99.75 -36.36 -60.29
C ASP R 155 99.85 -37.85 -59.92
N SER R 156 101.05 -38.35 -59.63
CA SER R 156 101.18 -39.73 -59.15
C SER R 156 101.47 -39.92 -57.64
N SER R 157 101.53 -38.83 -56.90
CA SER R 157 101.84 -38.87 -55.46
C SER R 157 100.56 -38.99 -54.63
N PRO R 158 100.53 -39.94 -53.69
CA PRO R 158 99.40 -40.17 -52.80
C PRO R 158 99.05 -38.95 -51.94
N VAL R 159 97.76 -38.64 -51.83
CA VAL R 159 97.29 -37.53 -50.98
C VAL R 159 96.36 -38.00 -49.86
N LYS R 160 96.77 -37.76 -48.62
CA LYS R 160 95.99 -38.16 -47.46
C LYS R 160 95.23 -37.05 -46.69
N ALA R 161 95.79 -35.86 -46.62
CA ALA R 161 95.16 -34.77 -45.85
C ALA R 161 94.00 -34.12 -46.58
N GLY R 162 93.02 -33.61 -45.83
CA GLY R 162 91.95 -32.85 -46.44
C GLY R 162 90.93 -33.70 -47.15
N VAL R 163 90.88 -34.98 -46.80
CA VAL R 163 89.98 -35.91 -47.46
C VAL R 163 88.76 -36.15 -46.57
N GLU R 164 87.58 -36.11 -47.17
CA GLU R 164 86.36 -36.39 -46.44
C GLU R 164 85.51 -37.39 -47.19
N THR R 165 85.26 -38.53 -46.56
CA THR R 165 84.56 -39.64 -47.21
C THR R 165 83.38 -40.15 -46.39
N THR R 166 82.26 -40.36 -47.07
CA THR R 166 81.03 -40.81 -46.44
C THR R 166 81.08 -42.30 -46.18
N THR R 167 80.19 -42.77 -45.33
CA THR R 167 79.86 -44.17 -45.26
C THR R 167 79.00 -44.54 -46.48
N PRO R 168 79.09 -45.79 -46.94
CA PRO R 168 78.26 -46.16 -48.10
C PRO R 168 76.78 -46.16 -47.73
N SER R 169 75.90 -45.85 -48.68
CA SER R 169 74.47 -45.87 -48.40
C SER R 169 73.69 -46.60 -49.48
N LYS R 170 72.59 -47.25 -49.09
CA LYS R 170 71.74 -47.95 -50.05
C LYS R 170 71.03 -46.96 -50.97
N GLN R 171 71.13 -47.24 -52.26
CA GLN R 171 70.38 -46.53 -53.29
C GLN R 171 69.01 -47.15 -53.43
N SER R 172 68.14 -46.51 -54.21
CA SER R 172 66.79 -47.00 -54.41
C SER R 172 66.77 -48.33 -55.19
N ASN R 173 67.86 -48.61 -55.91
CA ASN R 173 67.99 -49.87 -56.65
C ASN R 173 68.70 -51.01 -55.91
N ASN R 174 68.87 -50.84 -54.60
CA ASN R 174 69.54 -51.83 -53.75
C ASN R 174 71.03 -52.07 -54.02
N LYS R 175 71.62 -51.25 -54.89
CA LYS R 175 73.07 -51.11 -54.92
C LYS R 175 73.42 -49.98 -53.96
N TYR R 176 74.70 -49.67 -53.85
CA TYR R 176 75.14 -48.73 -52.83
C TYR R 176 75.76 -47.45 -53.44
N ALA R 177 75.73 -46.35 -52.69
CA ALA R 177 76.35 -45.11 -53.15
C ALA R 177 77.26 -44.53 -52.08
N ALA R 178 78.25 -43.75 -52.52
CA ALA R 178 79.12 -43.02 -51.61
C ALA R 178 79.69 -41.77 -52.27
N SER R 179 80.25 -40.87 -51.47
CA SER R 179 80.90 -39.67 -51.97
C SER R 179 82.23 -39.44 -51.26
N SER R 180 83.19 -38.83 -51.96
CA SER R 180 84.44 -38.43 -51.34
C SER R 180 84.82 -37.03 -51.77
N TYR R 181 85.31 -36.23 -50.83
CA TYR R 181 85.64 -34.85 -51.14
C TYR R 181 87.09 -34.49 -50.78
N LEU R 182 87.78 -33.81 -51.68
CA LEU R 182 89.13 -33.32 -51.37
C LEU R 182 89.14 -31.79 -51.38
N SER R 183 89.54 -31.18 -50.26
CA SER R 183 89.70 -29.73 -50.19
C SER R 183 91.12 -29.30 -50.51
N LEU R 184 91.28 -28.34 -51.40
CA LEU R 184 92.59 -27.84 -51.76
C LEU R 184 92.59 -26.34 -51.74
N THR R 185 93.77 -25.75 -51.71
CA THR R 185 93.91 -24.33 -52.03
C THR R 185 93.95 -24.24 -53.56
N PRO R 186 93.54 -23.08 -54.10
CA PRO R 186 93.63 -22.85 -55.54
C PRO R 186 95.06 -22.99 -56.09
N GLU R 187 96.06 -22.60 -55.30
CA GLU R 187 97.45 -22.70 -55.74
C GLU R 187 97.88 -24.15 -55.97
N GLN R 188 97.46 -25.03 -55.06
CA GLN R 188 97.75 -26.45 -55.21
C GLN R 188 97.08 -27.05 -56.44
N TRP R 189 95.79 -26.74 -56.62
CA TRP R 189 95.02 -27.25 -57.74
C TRP R 189 95.64 -26.91 -59.08
N LYS R 190 96.07 -25.65 -59.23
CA LYS R 190 96.59 -25.17 -60.51
C LYS R 190 98.05 -25.59 -60.74
N SER R 191 98.73 -26.06 -59.69
CA SER R 191 100.17 -26.32 -59.78
C SER R 191 100.52 -27.74 -60.24
N HIS R 192 99.53 -28.59 -60.31
CA HIS R 192 99.75 -29.97 -60.69
C HIS R 192 99.18 -30.21 -62.08
N ARG R 193 99.69 -31.21 -62.80
CA ARG R 193 99.16 -31.52 -64.12
C ARG R 193 97.75 -32.08 -63.96
N SER R 194 97.54 -32.91 -62.91
CA SER R 194 96.22 -33.48 -62.71
C SER R 194 96.06 -34.05 -61.31
N TYR R 195 94.81 -34.36 -60.98
CA TYR R 195 94.47 -35.11 -59.79
C TYR R 195 93.60 -36.29 -60.13
N SER R 196 93.69 -37.33 -59.30
CA SER R 196 92.91 -38.54 -59.51
C SER R 196 92.21 -39.03 -58.24
N CYS R 197 91.02 -39.58 -58.42
CA CYS R 197 90.29 -40.25 -57.35
C CYS R 197 90.30 -41.74 -57.62
N GLN R 198 90.83 -42.52 -56.69
CA GLN R 198 90.96 -43.97 -56.87
C GLN R 198 90.06 -44.76 -55.93
N VAL R 199 89.17 -45.55 -56.50
CA VAL R 199 88.19 -46.27 -55.70
C VAL R 199 88.47 -47.77 -55.73
N THR R 200 88.66 -48.38 -54.57
CA THR R 200 88.93 -49.81 -54.51
C THR R 200 87.70 -50.51 -53.96
N HIS R 201 87.21 -51.51 -54.67
CA HIS R 201 86.03 -52.21 -54.24
C HIS R 201 86.37 -53.70 -54.43
N GLU R 202 86.36 -54.45 -53.33
CA GLU R 202 86.70 -55.88 -53.35
C GLU R 202 87.98 -56.13 -54.13
N GLY R 203 88.99 -55.31 -53.88
CA GLY R 203 90.31 -55.51 -54.45
C GLY R 203 90.54 -54.99 -55.83
N SER R 204 89.50 -54.47 -56.48
CA SER R 204 89.66 -54.00 -57.85
C SER R 204 89.59 -52.50 -57.85
N THR R 205 90.60 -51.86 -58.43
CA THR R 205 90.69 -50.41 -58.33
C THR R 205 90.50 -49.71 -59.67
N VAL R 206 89.53 -48.81 -59.70
CA VAL R 206 89.26 -47.95 -60.85
C VAL R 206 89.41 -46.51 -60.34
N GLU R 207 89.60 -45.55 -61.24
CA GLU R 207 89.92 -44.20 -60.79
C GLU R 207 89.35 -43.20 -61.77
N LYS R 208 89.22 -41.97 -61.30
CA LYS R 208 88.89 -40.90 -62.22
C LYS R 208 89.96 -39.84 -62.03
N THR R 209 90.20 -39.09 -63.09
CA THR R 209 91.23 -38.05 -63.08
C THR R 209 90.74 -36.73 -63.66
N VAL R 210 91.13 -35.64 -63.01
CA VAL R 210 90.86 -34.29 -63.53
C VAL R 210 92.11 -33.43 -63.65
N ALA R 211 92.08 -32.44 -64.54
CA ALA R 211 93.21 -31.55 -64.78
C ALA R 211 92.76 -30.10 -64.85
N PRO R 212 93.65 -29.16 -64.48
CA PRO R 212 93.28 -27.74 -64.43
C PRO R 212 92.83 -27.25 -65.80
N THR R 213 93.34 -27.91 -66.83
CA THR R 213 93.15 -27.44 -68.20
C THR R 213 92.05 -28.24 -68.89
N GLU S 1 -15.52 42.46 -10.29
CA GLU S 1 -16.07 42.63 -8.95
C GLU S 1 -16.60 41.30 -8.39
N VAL S 2 -17.44 40.62 -9.15
CA VAL S 2 -17.98 39.31 -8.76
C VAL S 2 -16.90 38.22 -8.85
N GLN S 3 -16.96 37.23 -7.96
CA GLN S 3 -16.09 36.05 -8.09
C GLN S 3 -16.91 34.84 -8.47
N LEU S 4 -16.27 33.91 -9.18
CA LEU S 4 -16.96 32.72 -9.69
C LEU S 4 -16.31 31.48 -9.08
N VAL S 5 -17.11 30.62 -8.46
CA VAL S 5 -16.58 29.38 -7.88
C VAL S 5 -17.34 28.18 -8.45
N GLU S 6 -16.61 27.26 -9.05
CA GLU S 6 -17.18 26.05 -9.64
C GLU S 6 -17.13 24.84 -8.71
N SER S 7 -17.97 23.85 -8.97
CA SER S 7 -17.99 22.60 -8.21
C SER S 7 -16.72 21.77 -8.43
N GLY S 8 -16.52 20.72 -7.64
CA GLY S 8 -15.25 20.01 -7.64
C GLY S 8 -15.05 19.06 -8.81
N ALA S 9 -13.84 18.52 -8.92
CA ALA S 9 -13.51 17.57 -9.98
C ALA S 9 -14.45 16.36 -10.01
N GLU S 10 -14.73 15.88 -11.23
CA GLU S 10 -15.68 14.79 -11.45
C GLU S 10 -15.12 13.73 -12.36
N VAL S 11 -15.60 12.51 -12.19
CA VAL S 11 -15.25 11.42 -13.08
C VAL S 11 -16.45 10.57 -13.50
N LYS S 12 -16.58 10.38 -14.82
CA LYS S 12 -17.75 9.79 -15.44
C LYS S 12 -17.32 8.74 -16.45
N LYS S 13 -18.08 7.67 -16.59
CA LYS S 13 -17.80 6.65 -17.60
C LYS S 13 -18.30 7.17 -18.95
N PRO S 14 -17.69 6.70 -20.06
CA PRO S 14 -18.22 7.11 -21.36
C PRO S 14 -19.71 6.75 -21.51
N GLY S 15 -20.44 7.68 -22.10
CA GLY S 15 -21.85 7.51 -22.40
C GLY S 15 -22.70 8.11 -21.30
N SER S 16 -22.10 8.41 -20.16
CA SER S 16 -22.83 9.00 -19.03
C SER S 16 -22.91 10.53 -19.17
N SER S 17 -23.51 11.19 -18.18
CA SER S 17 -23.67 12.64 -18.22
C SER S 17 -22.99 13.34 -17.06
N VAL S 18 -22.49 14.55 -17.32
CA VAL S 18 -21.93 15.38 -16.27
C VAL S 18 -22.62 16.75 -16.25
N LYS S 19 -22.81 17.29 -15.05
CA LYS S 19 -23.35 18.65 -14.89
C LYS S 19 -22.40 19.46 -13.99
N VAL S 20 -21.95 20.62 -14.47
CA VAL S 20 -21.08 21.50 -13.68
C VAL S 20 -21.75 22.82 -13.31
N SER S 21 -21.63 23.21 -12.05
CA SER S 21 -22.22 24.46 -11.58
C SER S 21 -21.21 25.62 -11.48
N CYS S 22 -21.72 26.85 -11.50
CA CYS S 22 -20.87 28.04 -11.50
C CYS S 22 -21.57 29.12 -10.67
N ARG S 23 -21.22 29.21 -9.40
CA ARG S 23 -21.91 30.13 -8.49
C ARG S 23 -21.20 31.47 -8.35
N ALA S 24 -21.92 32.55 -8.66
CA ALA S 24 -21.37 33.88 -8.47
C ALA S 24 -21.66 34.41 -7.06
N SER S 25 -20.75 35.23 -6.56
CA SER S 25 -20.88 35.80 -5.22
C SER S 25 -21.86 36.97 -5.13
N GLY S 26 -22.35 37.43 -6.28
CA GLY S 26 -23.41 38.42 -6.33
C GLY S 26 -24.10 38.41 -7.67
N THR S 27 -24.97 39.38 -7.91
CA THR S 27 -25.64 39.52 -9.20
C THR S 27 -24.71 39.47 -10.40
N PHE S 28 -25.09 38.70 -11.41
CA PHE S 28 -24.26 38.51 -12.59
C PHE S 28 -25.23 38.07 -13.65
N TYR S 29 -26.06 39.01 -14.08
CA TYR S 29 -27.27 38.68 -14.80
C TYR S 29 -27.43 39.28 -16.16
N LYS S 30 -26.73 40.37 -16.39
CA LYS S 30 -27.07 41.16 -17.54
C LYS S 30 -26.34 40.67 -18.77
N TYR S 31 -25.16 40.08 -18.57
CA TYR S 31 -24.31 39.74 -19.69
C TYR S 31 -24.02 38.25 -19.77
N ALA S 32 -23.55 37.81 -20.94
CA ALA S 32 -23.43 36.40 -21.24
C ALA S 32 -22.38 35.67 -20.40
N ILE S 33 -22.81 34.60 -19.75
CA ILE S 33 -21.90 33.68 -19.08
C ILE S 33 -21.43 32.60 -20.05
N ASN S 34 -20.14 32.58 -20.32
CA ASN S 34 -19.56 31.68 -21.31
C ASN S 34 -18.93 30.47 -20.67
N TRP S 35 -18.91 29.38 -21.42
CA TRP S 35 -18.21 28.18 -21.02
C TRP S 35 -17.09 27.89 -22.01
N VAL S 36 -15.89 27.69 -21.49
CA VAL S 36 -14.70 27.49 -22.31
C VAL S 36 -13.91 26.37 -21.68
N ARG S 37 -13.42 25.45 -22.50
CA ARG S 37 -12.66 24.33 -21.98
C ARG S 37 -11.25 24.23 -22.56
N GLN S 38 -10.40 23.45 -21.89
CA GLN S 38 -9.09 23.11 -22.42
C GLN S 38 -8.78 21.63 -22.17
N ALA S 39 -8.72 20.85 -23.24
CA ALA S 39 -8.30 19.46 -23.14
C ALA S 39 -6.79 19.44 -23.09
N PRO S 40 -6.20 18.39 -22.50
CA PRO S 40 -4.74 18.36 -22.40
C PRO S 40 -4.09 18.42 -23.80
N GLY S 41 -3.12 19.31 -23.97
CA GLY S 41 -2.42 19.51 -25.23
C GLY S 41 -3.19 20.22 -26.33
N GLN S 42 -4.36 20.76 -26.00
CA GLN S 42 -5.19 21.49 -26.95
C GLN S 42 -5.32 22.95 -26.56
N GLY S 43 -5.79 23.77 -27.50
CA GLY S 43 -6.09 25.16 -27.22
C GLY S 43 -7.42 25.31 -26.51
N LEU S 44 -7.69 26.51 -25.99
CA LEU S 44 -8.97 26.82 -25.37
C LEU S 44 -10.07 26.59 -26.39
N GLU S 45 -11.18 26.02 -25.95
CA GLU S 45 -12.28 25.73 -26.87
C GLU S 45 -13.59 26.28 -26.30
N TRP S 46 -14.20 27.19 -27.04
CA TRP S 46 -15.48 27.75 -26.66
C TRP S 46 -16.59 26.73 -26.90
N MET S 47 -17.45 26.52 -25.90
CA MET S 47 -18.52 25.53 -26.00
C MET S 47 -19.83 26.23 -26.27
N GLY S 48 -20.05 27.31 -25.55
CA GLY S 48 -21.26 28.08 -25.69
C GLY S 48 -21.39 29.09 -24.59
N GLY S 49 -22.50 29.82 -24.60
CA GLY S 49 -22.81 30.74 -23.53
C GLY S 49 -24.29 30.99 -23.44
N ILE S 50 -24.67 31.66 -22.37
CA ILE S 50 -26.05 32.06 -22.18
C ILE S 50 -26.07 33.50 -21.70
N ILE S 51 -27.02 34.27 -22.19
CA ILE S 51 -27.20 35.61 -21.67
C ILE S 51 -28.38 35.42 -20.76
N PRO S 52 -28.10 35.37 -19.46
CA PRO S 52 -29.06 34.95 -18.44
C PRO S 52 -30.33 35.79 -18.40
N PHE S 53 -30.17 37.09 -18.62
CA PHE S 53 -31.24 38.07 -18.59
C PHE S 53 -32.34 37.60 -19.60
N PHE S 54 -31.95 36.93 -20.70
CA PHE S 54 -32.86 36.45 -21.77
C PHE S 54 -33.13 34.96 -21.76
N GLY S 55 -32.25 34.21 -21.11
CA GLY S 55 -32.28 32.77 -21.12
C GLY S 55 -31.70 32.26 -22.45
N THR S 56 -31.38 33.18 -23.35
CA THR S 56 -30.86 32.85 -24.68
C THR S 56 -29.51 32.16 -24.63
N THR S 57 -29.42 31.05 -25.35
CA THR S 57 -28.20 30.27 -25.39
C THR S 57 -27.63 30.19 -26.78
N ASN S 58 -26.30 30.22 -26.85
CA ASN S 58 -25.58 30.03 -28.10
C ASN S 58 -24.60 28.90 -27.85
N TYR S 59 -24.53 27.95 -28.77
CA TYR S 59 -23.68 26.78 -28.59
C TYR S 59 -22.81 26.56 -29.79
N ALA S 60 -21.59 26.08 -29.57
CA ALA S 60 -20.74 25.67 -30.67
C ALA S 60 -21.39 24.48 -31.36
N GLN S 61 -21.25 24.42 -32.69
CA GLN S 61 -21.88 23.40 -33.52
C GLN S 61 -21.50 21.99 -33.07
N LYS S 62 -20.23 21.84 -32.70
CA LYS S 62 -19.68 20.57 -32.20
C LYS S 62 -20.45 19.94 -31.04
N PHE S 63 -21.18 20.74 -30.25
CA PHE S 63 -21.82 20.22 -29.04
C PHE S 63 -23.34 20.31 -29.12
N GLN S 64 -23.85 20.89 -30.20
CA GLN S 64 -25.29 21.03 -30.39
C GLN S 64 -26.00 19.68 -30.33
N GLY S 65 -27.07 19.62 -29.54
CA GLY S 65 -27.80 18.39 -29.32
C GLY S 65 -27.30 17.64 -28.10
N ARG S 66 -26.10 17.95 -27.65
CA ARG S 66 -25.57 17.36 -26.42
C ARG S 66 -25.05 18.29 -25.32
N LEU S 67 -25.10 19.59 -25.54
CA LEU S 67 -24.71 20.53 -24.50
C LEU S 67 -25.90 21.38 -24.07
N THR S 68 -26.13 21.46 -22.76
CA THR S 68 -27.18 22.32 -22.25
C THR S 68 -26.62 23.21 -21.13
N ILE S 69 -26.83 24.51 -21.27
CA ILE S 69 -26.37 25.47 -20.28
C ILE S 69 -27.60 26.08 -19.60
N THR S 70 -27.57 26.16 -18.27
CA THR S 70 -28.69 26.72 -17.53
C THR S 70 -28.21 27.88 -16.68
N ALA S 71 -29.07 28.89 -16.50
CA ALA S 71 -28.83 29.93 -15.51
C ALA S 71 -30.00 30.11 -14.56
N ASP S 72 -29.76 29.88 -13.28
CA ASP S 72 -30.77 30.06 -12.25
C ASP S 72 -30.48 31.38 -11.55
N GLY S 73 -31.14 32.44 -12.00
CA GLY S 73 -30.93 33.77 -11.42
C GLY S 73 -31.14 33.91 -9.92
N SER S 74 -32.19 33.27 -9.42
CA SER S 74 -32.57 33.33 -8.01
C SER S 74 -31.48 32.89 -7.01
N THR S 75 -30.49 32.15 -7.49
CA THR S 75 -29.39 31.67 -6.64
C THR S 75 -28.02 32.09 -7.15
N ASN S 76 -28.00 32.94 -8.16
CA ASN S 76 -26.77 33.36 -8.83
C ASN S 76 -25.88 32.22 -9.30
N THR S 77 -26.50 31.15 -9.79
CA THR S 77 -25.74 30.00 -10.24
C THR S 77 -26.04 29.62 -11.69
N ALA S 78 -24.99 29.32 -12.45
CA ALA S 78 -25.10 28.84 -13.82
C ALA S 78 -24.63 27.39 -13.92
N TYR S 79 -25.01 26.69 -14.98
CA TYR S 79 -24.67 25.28 -15.07
C TYR S 79 -24.34 24.88 -16.49
N MET S 80 -23.48 23.87 -16.62
CA MET S 80 -23.18 23.30 -17.92
C MET S 80 -23.44 21.81 -17.80
N GLN S 81 -24.26 21.27 -18.67
CA GLN S 81 -24.46 19.82 -18.69
C GLN S 81 -24.10 19.28 -20.08
N LEU S 82 -23.21 18.30 -20.11
CA LEU S 82 -22.71 17.71 -21.35
C LEU S 82 -22.98 16.21 -21.35
N ASP S 83 -23.77 15.76 -22.33
CA ASP S 83 -24.23 14.39 -22.36
C ASP S 83 -23.36 13.54 -23.28
N SER S 84 -23.55 12.21 -23.18
CA SER S 84 -22.87 11.23 -24.04
C SER S 84 -21.35 11.44 -24.12
N LEU S 85 -20.70 11.47 -22.95
CA LEU S 85 -19.29 11.83 -22.83
C LEU S 85 -18.39 10.81 -23.51
N ARG S 86 -17.33 11.31 -24.14
CA ARG S 86 -16.31 10.47 -24.75
C ARG S 86 -14.96 10.91 -24.20
N SER S 87 -13.92 10.15 -24.51
CA SER S 87 -12.58 10.40 -23.99
C SER S 87 -12.12 11.81 -24.35
N GLU S 88 -12.56 12.31 -25.50
CA GLU S 88 -12.23 13.66 -25.92
C GLU S 88 -12.83 14.75 -25.00
N ASP S 89 -13.74 14.36 -24.10
CA ASP S 89 -14.36 15.34 -23.22
C ASP S 89 -13.57 15.53 -21.93
N THR S 90 -12.53 14.72 -21.74
CA THR S 90 -11.62 14.91 -20.63
C THR S 90 -10.93 16.27 -20.82
N ALA S 91 -11.09 17.18 -19.88
CA ALA S 91 -10.64 18.56 -20.06
C ALA S 91 -10.80 19.35 -18.77
N VAL S 92 -10.19 20.54 -18.72
CA VAL S 92 -10.52 21.49 -17.66
C VAL S 92 -11.66 22.40 -18.16
N TYR S 93 -12.74 22.49 -17.39
CA TYR S 93 -13.92 23.29 -17.76
C TYR S 93 -14.04 24.58 -16.97
N TYR S 94 -14.05 25.72 -17.67
CA TYR S 94 -14.18 27.01 -17.02
C TYR S 94 -15.54 27.64 -17.33
N CYS S 95 -16.17 28.32 -16.38
CA CYS S 95 -17.20 29.29 -16.70
C CYS S 95 -16.61 30.70 -16.59
N ALA S 96 -17.21 31.65 -17.30
CA ALA S 96 -16.66 32.99 -17.33
C ALA S 96 -17.67 34.03 -17.77
N GLY S 97 -17.44 35.27 -17.34
CA GLY S 97 -18.26 36.38 -17.77
C GLY S 97 -17.49 37.69 -17.67
N PRO S 98 -18.12 38.80 -18.07
CA PRO S 98 -17.49 40.12 -18.07
C PRO S 98 -17.86 40.96 -16.85
N SER S 99 -16.97 41.88 -16.46
CA SER S 99 -17.23 42.79 -15.35
C SER S 99 -17.86 44.06 -15.90
N ILE S 100 -18.35 43.96 -17.14
CA ILE S 100 -18.97 45.06 -17.84
C ILE S 100 -20.13 45.68 -17.06
N THR S 101 -20.22 46.99 -17.13
CA THR S 101 -21.39 47.77 -16.74
C THR S 101 -21.63 48.77 -17.87
N GLU S 102 -22.83 49.33 -17.96
CA GLU S 102 -23.13 50.32 -18.99
C GLU S 102 -23.98 51.43 -18.42
N SER S 103 -23.87 52.61 -19.01
CA SER S 103 -24.75 53.69 -18.61
C SER S 103 -26.14 53.23 -19.04
N HIS S 104 -26.21 52.59 -20.20
CA HIS S 104 -27.48 52.10 -20.71
C HIS S 104 -27.43 50.67 -21.28
N TYR S 105 -28.15 49.76 -20.60
CA TYR S 105 -28.30 48.34 -20.94
C TYR S 105 -29.34 48.06 -22.05
N CYS S 106 -28.96 47.30 -23.08
CA CYS S 106 -29.87 46.99 -24.20
C CYS S 106 -30.99 45.99 -23.92
N LEU S 107 -32.22 46.36 -24.27
CA LEU S 107 -33.36 45.50 -23.96
C LEU S 107 -33.98 44.55 -25.00
N ASP S 108 -33.53 44.61 -26.25
CA ASP S 108 -34.18 43.85 -27.31
C ASP S 108 -33.20 43.53 -28.43
N CYS S 109 -31.93 43.38 -28.06
CA CYS S 109 -30.86 43.18 -29.02
C CYS S 109 -30.48 41.75 -29.41
N ALA S 110 -29.74 41.66 -30.51
CA ALA S 110 -29.12 40.42 -30.96
C ALA S 110 -28.22 39.85 -29.88
N ALA S 111 -28.17 38.53 -29.83
CA ALA S 111 -27.39 37.82 -28.82
C ALA S 111 -25.93 38.26 -28.74
N LYS S 112 -25.31 38.49 -29.89
CA LYS S 112 -23.93 38.93 -29.92
C LYS S 112 -23.60 40.19 -29.12
N ASP S 113 -24.59 41.07 -28.91
CA ASP S 113 -24.35 42.33 -28.22
C ASP S 113 -24.07 42.23 -26.71
N TYR S 114 -24.33 41.07 -26.12
CA TYR S 114 -24.12 40.84 -24.69
C TYR S 114 -22.90 39.97 -24.44
N TYR S 115 -22.17 39.70 -25.51
CA TYR S 115 -20.92 38.98 -25.41
C TYR S 115 -19.73 39.92 -25.38
N TYR S 116 -18.92 39.80 -24.33
CA TYR S 116 -17.77 40.67 -24.13
C TYR S 116 -16.52 39.90 -23.81
N GLY S 117 -15.39 40.61 -23.86
CA GLY S 117 -14.11 40.10 -23.37
C GLY S 117 -14.31 39.54 -21.98
N LEU S 118 -13.69 38.39 -21.71
CA LEU S 118 -13.95 37.68 -20.47
C LEU S 118 -12.89 37.96 -19.40
N ASP S 119 -13.23 38.79 -18.42
CA ASP S 119 -12.29 39.15 -17.36
C ASP S 119 -12.64 38.63 -15.96
N VAL S 120 -13.72 37.86 -15.86
CA VAL S 120 -14.06 37.18 -14.62
C VAL S 120 -14.13 35.69 -14.86
N TRP S 121 -13.27 34.92 -14.19
CA TRP S 121 -13.20 33.49 -14.44
C TRP S 121 -13.39 32.68 -13.17
N GLY S 122 -14.08 31.56 -13.31
CA GLY S 122 -14.03 30.50 -12.32
C GLY S 122 -12.67 29.86 -12.26
N GLN S 123 -12.46 29.02 -11.25
CA GLN S 123 -11.17 28.39 -11.00
C GLN S 123 -11.00 27.14 -11.87
N GLY S 124 -12.07 26.72 -12.52
CA GLY S 124 -12.04 25.57 -13.41
C GLY S 124 -12.42 24.25 -12.76
N THR S 125 -13.05 23.39 -13.54
CA THR S 125 -13.48 22.07 -13.09
C THR S 125 -12.91 20.97 -13.97
N THR S 126 -12.13 20.08 -13.35
CA THR S 126 -11.53 18.96 -14.06
C THR S 126 -12.47 17.78 -14.25
N VAL S 127 -12.72 17.45 -15.51
CA VAL S 127 -13.55 16.31 -15.81
C VAL S 127 -12.65 15.34 -16.52
N THR S 128 -12.60 14.16 -15.93
CA THR S 128 -11.83 13.04 -16.40
C THR S 128 -12.85 12.01 -16.77
N VAL S 129 -12.74 11.44 -17.96
CA VAL S 129 -13.65 10.38 -18.33
C VAL S 129 -12.78 9.14 -18.20
N SER S 130 -13.03 8.39 -17.15
CA SER S 130 -12.24 7.24 -16.77
C SER S 130 -13.10 6.28 -16.02
N SER S 131 -12.80 4.99 -16.15
CA SER S 131 -13.58 3.97 -15.50
C SER S 131 -13.00 3.70 -14.12
N ALA S 132 -11.83 4.29 -13.87
CA ALA S 132 -11.11 4.11 -12.62
C ALA S 132 -11.90 4.79 -11.50
N SER S 133 -12.17 4.02 -10.45
CA SER S 133 -12.73 4.60 -9.23
C SER S 133 -11.56 4.93 -8.35
N THR S 134 -11.85 5.27 -7.10
CA THR S 134 -10.82 5.78 -6.22
C THR S 134 -9.79 4.70 -5.91
N LYS S 135 -8.50 5.05 -5.97
CA LYS S 135 -7.41 4.07 -5.79
C LYS S 135 -6.14 4.63 -5.15
N GLY S 136 -5.65 3.94 -4.11
CA GLY S 136 -4.40 4.33 -3.49
C GLY S 136 -3.23 3.92 -4.35
N PRO S 137 -2.08 4.58 -4.16
CA PRO S 137 -0.92 4.39 -5.02
C PRO S 137 -0.04 3.26 -4.54
N SER S 138 0.74 2.72 -5.46
CA SER S 138 1.83 1.83 -5.12
C SER S 138 3.12 2.65 -5.15
N VAL S 139 3.99 2.48 -4.15
CA VAL S 139 5.24 3.24 -4.11
C VAL S 139 6.47 2.33 -4.10
N PHE S 140 7.38 2.59 -5.03
CA PHE S 140 8.59 1.80 -5.16
C PHE S 140 9.82 2.70 -5.02
N PRO S 141 10.87 2.20 -4.35
CA PRO S 141 12.11 2.94 -4.19
C PRO S 141 12.94 3.03 -5.48
N LEU S 142 13.54 4.19 -5.72
CA LEU S 142 14.49 4.33 -6.81
C LEU S 142 15.89 4.54 -6.23
N ALA S 143 16.66 3.44 -6.21
CA ALA S 143 17.96 3.40 -5.54
C ALA S 143 18.99 4.31 -6.17
N PRO S 144 19.90 4.88 -5.36
CA PRO S 144 20.98 5.72 -5.89
C PRO S 144 21.91 4.93 -6.80
N SER S 145 22.31 5.55 -7.91
CA SER S 145 23.19 4.91 -8.87
C SER S 145 24.52 4.51 -8.23
N GLY S 152 30.25 15.79 -6.98
CA GLY S 152 29.90 14.39 -7.13
C GLY S 152 28.60 14.07 -6.45
N THR S 153 27.49 14.23 -7.18
CA THR S 153 26.18 14.00 -6.58
C THR S 153 25.57 12.72 -7.12
N ALA S 154 24.57 12.21 -6.42
CA ALA S 154 23.82 11.05 -6.85
C ALA S 154 22.32 11.32 -6.78
N ALA S 155 21.55 10.63 -7.61
CA ALA S 155 20.10 10.74 -7.54
C ALA S 155 19.43 9.45 -7.05
N LEU S 156 18.52 9.60 -6.09
CA LEU S 156 17.66 8.51 -5.61
C LEU S 156 16.27 9.09 -5.48
N GLY S 157 15.25 8.25 -5.40
CA GLY S 157 13.89 8.76 -5.30
C GLY S 157 12.81 7.74 -5.01
N CYS S 158 11.56 8.14 -5.22
CA CYS S 158 10.44 7.25 -5.03
C CYS S 158 9.52 7.36 -6.23
N LEU S 159 9.09 6.21 -6.73
CA LEU S 159 8.15 6.13 -7.83
C LEU S 159 6.75 5.89 -7.28
N VAL S 160 5.84 6.81 -7.58
CA VAL S 160 4.50 6.75 -7.03
C VAL S 160 3.57 6.39 -8.19
N LYS S 161 3.16 5.12 -8.25
CA LYS S 161 2.56 4.55 -9.45
C LYS S 161 1.06 4.25 -9.32
N ASP S 162 0.33 4.55 -10.39
CA ASP S 162 -1.02 4.06 -10.60
C ASP S 162 -2.05 4.51 -9.56
N TYR S 163 -2.20 5.83 -9.40
CA TYR S 163 -3.20 6.36 -8.49
C TYR S 163 -4.23 7.21 -9.23
N PHE S 164 -5.39 7.43 -8.61
CA PHE S 164 -6.38 8.32 -9.19
C PHE S 164 -7.33 8.76 -8.06
N PRO S 165 -7.73 10.05 -8.04
CA PRO S 165 -7.33 11.18 -8.89
C PRO S 165 -6.12 11.90 -8.30
N GLU S 166 -5.77 13.02 -8.93
CA GLU S 166 -4.92 14.02 -8.29
C GLU S 166 -5.63 14.52 -7.03
N PRO S 167 -4.88 15.05 -6.04
CA PRO S 167 -3.44 15.25 -6.00
C PRO S 167 -2.71 14.25 -5.10
N VAL S 168 -1.41 14.14 -5.28
CA VAL S 168 -0.55 13.44 -4.33
C VAL S 168 0.47 14.45 -3.79
N THR S 169 0.84 14.33 -2.51
CA THR S 169 2.00 15.06 -2.02
C THR S 169 3.10 14.09 -1.57
N VAL S 170 4.35 14.54 -1.64
CA VAL S 170 5.51 13.76 -1.20
C VAL S 170 6.45 14.60 -0.33
N SER S 171 6.78 14.12 0.86
CA SER S 171 7.87 14.76 1.61
C SER S 171 8.99 13.75 1.82
N TRP S 172 10.13 14.26 2.29
CA TRP S 172 11.29 13.43 2.59
C TRP S 172 11.69 13.65 4.05
N ASN S 173 11.90 12.55 4.78
CA ASN S 173 12.21 12.59 6.21
C ASN S 173 11.21 13.48 6.96
N SER S 174 9.93 13.29 6.64
CA SER S 174 8.80 13.97 7.29
C SER S 174 8.82 15.48 7.13
N GLY S 175 9.45 15.96 6.07
CA GLY S 175 9.52 17.39 5.84
C GLY S 175 10.86 17.94 6.30
N ALA S 176 11.62 17.11 7.02
CA ALA S 176 12.92 17.53 7.53
C ALA S 176 13.92 17.72 6.40
N LEU S 177 13.69 17.03 5.29
CA LEU S 177 14.60 17.12 4.14
C LEU S 177 13.90 17.92 3.03
N THR S 178 14.44 19.09 2.68
CA THR S 178 13.80 19.93 1.66
C THR S 178 14.74 20.41 0.53
N SER S 179 16.01 20.68 0.87
CA SER S 179 16.97 21.15 -0.13
C SER S 179 17.27 20.07 -1.16
N GLY S 180 17.27 20.44 -2.44
CA GLY S 180 17.64 19.51 -3.48
C GLY S 180 16.50 18.60 -3.89
N VAL S 181 15.32 18.85 -3.34
CA VAL S 181 14.17 18.01 -3.62
C VAL S 181 13.42 18.52 -4.85
N HIS S 182 13.15 17.61 -5.77
CA HIS S 182 12.37 17.92 -6.97
C HIS S 182 11.31 16.84 -7.19
N THR S 183 10.06 17.20 -6.92
CA THR S 183 8.93 16.32 -7.23
C THR S 183 8.35 16.69 -8.57
N PHE S 184 8.25 15.71 -9.47
CA PHE S 184 7.84 16.00 -10.83
C PHE S 184 6.34 15.90 -10.98
N PRO S 185 5.78 16.69 -11.90
CA PRO S 185 4.38 16.62 -12.31
C PRO S 185 4.05 15.22 -12.79
N ALA S 186 2.81 14.79 -12.56
CA ALA S 186 2.42 13.43 -12.91
C ALA S 186 2.18 13.30 -14.41
N VAL S 187 2.34 12.08 -14.91
CA VAL S 187 1.92 11.69 -16.25
C VAL S 187 0.55 11.03 -16.13
N LEU S 188 -0.36 11.32 -17.05
CA LEU S 188 -1.62 10.58 -17.10
C LEU S 188 -1.51 9.39 -18.06
N GLN S 189 -1.49 8.18 -17.49
CA GLN S 189 -1.25 6.94 -18.25
C GLN S 189 -2.45 6.39 -19.00
N SER S 190 -2.17 5.46 -19.91
CA SER S 190 -3.16 4.74 -20.71
C SER S 190 -4.19 3.95 -19.90
N SER S 191 -3.86 3.65 -18.65
CA SER S 191 -4.77 2.95 -17.75
C SER S 191 -5.85 3.85 -17.17
N GLY S 192 -5.67 5.15 -17.33
CA GLY S 192 -6.58 6.11 -16.75
C GLY S 192 -6.13 6.46 -15.34
N LEU S 193 -5.01 5.88 -14.93
CA LEU S 193 -4.39 6.20 -13.66
C LEU S 193 -3.18 7.14 -13.81
N TYR S 194 -2.86 7.89 -12.76
CA TYR S 194 -1.71 8.82 -12.75
C TYR S 194 -0.46 8.18 -12.13
N SER S 195 0.72 8.66 -12.53
CA SER S 195 1.97 8.31 -11.86
C SER S 195 2.95 9.50 -11.76
N LEU S 196 3.68 9.59 -10.65
CA LEU S 196 4.75 10.58 -10.50
C LEU S 196 5.98 10.03 -9.78
N SER S 197 7.08 10.79 -9.80
CA SER S 197 8.26 10.46 -9.00
C SER S 197 8.74 11.67 -8.20
N SER S 198 9.35 11.42 -7.04
CA SER S 198 10.05 12.46 -6.31
C SER S 198 11.51 12.04 -6.13
N VAL S 199 12.43 12.94 -6.43
CA VAL S 199 13.87 12.64 -6.34
C VAL S 199 14.62 13.64 -5.46
N VAL S 200 15.63 13.16 -4.72
CA VAL S 200 16.51 14.03 -3.93
C VAL S 200 17.97 13.91 -4.39
N THR S 201 18.63 15.05 -4.59
CA THR S 201 20.04 15.04 -4.96
C THR S 201 20.85 15.26 -3.70
N VAL S 202 21.77 14.35 -3.45
CA VAL S 202 22.51 14.29 -2.20
C VAL S 202 24.00 14.09 -2.46
N PRO S 203 24.85 14.45 -1.49
CA PRO S 203 26.24 14.10 -1.71
C PRO S 203 26.38 12.59 -1.78
N SER S 204 27.14 12.10 -2.76
CA SER S 204 27.32 10.68 -2.98
C SER S 204 28.02 10.09 -1.78
N SER S 205 28.86 10.92 -1.18
CA SER S 205 29.65 10.55 -0.02
C SER S 205 28.77 10.13 1.16
N SER S 206 27.54 10.63 1.20
CA SER S 206 26.67 10.38 2.35
C SER S 206 25.68 9.21 2.20
N LEU S 207 25.81 8.41 1.14
CA LEU S 207 24.93 7.26 0.93
C LEU S 207 25.04 6.19 2.02
N GLY S 208 26.24 6.03 2.57
CA GLY S 208 26.51 4.99 3.55
C GLY S 208 25.87 5.09 4.92
N THR S 209 25.67 6.31 5.39
CA THR S 209 25.23 6.54 6.77
C THR S 209 23.85 7.16 6.89
N GLN S 210 23.54 8.10 6.00
CA GLN S 210 22.31 8.89 6.09
C GLN S 210 21.05 8.15 5.68
N THR S 211 19.92 8.44 6.32
CA THR S 211 18.70 7.69 6.02
C THR S 211 17.73 8.56 5.23
N TYR S 212 17.09 7.95 4.23
CA TYR S 212 16.14 8.66 3.39
C TYR S 212 14.85 7.85 3.25
N ILE S 213 13.77 8.38 3.78
CA ILE S 213 12.44 7.76 3.65
C ILE S 213 11.50 8.80 3.05
N CYS S 214 10.85 8.49 1.93
CA CYS S 214 9.85 9.41 1.36
C CYS S 214 8.44 9.20 1.90
N ASN S 215 7.73 10.29 2.13
CA ASN S 215 6.37 10.24 2.68
C ASN S 215 5.34 10.76 1.70
N VAL S 216 4.53 9.85 1.18
CA VAL S 216 3.59 10.16 0.12
C VAL S 216 2.18 10.15 0.69
N ASN S 217 1.41 11.21 0.40
CA ASN S 217 0.03 11.31 0.90
C ASN S 217 -0.96 11.49 -0.24
N HIS S 218 -1.97 10.63 -0.28
CA HIS S 218 -3.06 10.76 -1.24
C HIS S 218 -4.40 10.82 -0.54
N LYS S 219 -4.83 12.02 -0.22
CA LYS S 219 -6.05 12.25 0.53
C LYS S 219 -7.33 11.65 -0.09
N PRO S 220 -7.51 11.79 -1.43
CA PRO S 220 -8.75 11.25 -2.02
C PRO S 220 -9.00 9.76 -1.80
N SER S 221 -7.95 8.95 -1.67
CA SER S 221 -8.16 7.54 -1.42
C SER S 221 -7.87 7.28 0.04
N ASN S 222 -7.49 8.37 0.69
CA ASN S 222 -7.12 8.36 2.08
C ASN S 222 -6.06 7.34 2.32
N THR S 223 -5.04 7.36 1.47
CA THR S 223 -3.94 6.42 1.50
C THR S 223 -2.63 7.17 1.74
N LYS S 224 -1.75 6.60 2.56
CA LYS S 224 -0.40 7.15 2.74
C LYS S 224 0.63 6.04 2.66
N VAL S 225 1.76 6.31 2.01
CA VAL S 225 2.84 5.33 1.88
C VAL S 225 4.17 6.01 2.22
N ASP S 226 4.96 5.38 3.09
CA ASP S 226 6.33 5.82 3.36
C ASP S 226 7.28 4.79 2.75
N LYS S 227 8.29 5.21 2.00
CA LYS S 227 9.25 4.24 1.46
C LYS S 227 10.74 4.64 1.58
N ARG S 228 11.54 3.81 2.26
CA ARG S 228 13.00 4.00 2.37
C ARG S 228 13.82 3.64 1.11
N VAL S 229 14.78 4.50 0.77
CA VAL S 229 15.60 4.34 -0.43
C VAL S 229 17.08 4.11 -0.11
N GLU S 230 17.54 2.90 -0.38
CA GLU S 230 18.91 2.46 -0.06
C GLU S 230 19.68 2.03 -1.30
N PRO S 231 21.02 2.04 -1.24
CA PRO S 231 21.74 1.52 -2.41
C PRO S 231 21.45 0.02 -2.61
N LYS S 232 21.41 -0.44 -3.86
CA LYS S 232 21.06 -1.83 -4.16
C LYS S 232 22.19 -2.81 -3.87
N GLN T 1 -7.33 23.18 -37.88
CA GLN T 1 -7.89 24.44 -38.37
C GLN T 1 -8.82 25.09 -37.35
N SER T 2 -8.34 26.16 -36.72
CA SER T 2 -9.18 27.07 -35.95
C SER T 2 -9.77 28.12 -36.88
N VAL T 3 -10.87 28.74 -36.47
CA VAL T 3 -11.55 29.72 -37.32
C VAL T 3 -10.63 30.93 -37.47
N LEU T 4 -9.93 31.26 -36.39
CA LEU T 4 -8.89 32.27 -36.43
C LEU T 4 -7.56 31.53 -36.53
N THR T 5 -6.63 32.02 -37.35
CA THR T 5 -5.37 31.32 -37.55
C THR T 5 -4.22 32.03 -36.82
N GLN T 6 -3.55 31.29 -35.94
CA GLN T 6 -2.39 31.82 -35.24
C GLN T 6 -1.18 30.94 -35.50
N PRO T 7 0.01 31.56 -35.53
CA PRO T 7 1.24 30.79 -35.56
C PRO T 7 1.36 29.94 -34.31
N PRO T 8 1.92 28.74 -34.45
CA PRO T 8 2.07 27.86 -33.28
C PRO T 8 3.09 28.37 -32.26
N SER T 9 4.04 29.21 -32.68
CA SER T 9 5.13 29.60 -31.79
C SER T 9 5.61 31.03 -31.99
N ALA T 10 6.13 31.65 -30.92
CA ALA T 10 6.80 32.95 -31.02
C ALA T 10 7.94 33.02 -30.01
N SER T 11 8.91 33.91 -30.25
CA SER T 11 10.02 34.04 -29.31
C SER T 11 10.80 35.37 -29.27
N GLY T 12 11.42 35.63 -28.11
CA GLY T 12 12.35 36.75 -27.95
C GLY T 12 13.29 36.62 -26.75
N THR T 13 14.23 37.55 -26.59
CA THR T 13 15.13 37.54 -25.43
C THR T 13 14.72 38.68 -24.47
N PRO T 14 15.28 38.73 -23.24
CA PRO T 14 14.75 39.74 -22.31
C PRO T 14 14.84 41.18 -22.80
N GLY T 15 13.73 41.91 -22.66
CA GLY T 15 13.71 43.30 -23.06
C GLY T 15 13.38 43.47 -24.52
N GLN T 16 13.33 42.37 -25.27
CA GLN T 16 12.96 42.46 -26.68
C GLN T 16 11.45 42.57 -26.81
N SER T 17 11.00 42.58 -28.06
CA SER T 17 9.60 42.61 -28.36
C SER T 17 9.24 41.56 -29.41
N VAL T 18 7.97 41.23 -29.45
CA VAL T 18 7.44 40.30 -30.44
C VAL T 18 6.08 40.80 -30.86
N THR T 19 5.63 40.38 -32.03
CA THR T 19 4.27 40.60 -32.43
C THR T 19 3.63 39.31 -32.89
N ILE T 20 2.42 39.06 -32.39
CA ILE T 20 1.71 37.85 -32.71
C ILE T 20 0.49 38.19 -33.55
N SER T 21 0.36 37.54 -34.70
CA SER T 21 -0.70 37.87 -35.62
C SER T 21 -1.88 36.93 -35.45
N CYS T 22 -3.04 37.34 -35.96
CA CYS T 22 -4.25 36.55 -35.82
C CYS T 22 -5.10 36.82 -37.06
N SER T 23 -5.34 35.80 -37.88
CA SER T 23 -6.00 36.01 -39.16
C SER T 23 -7.36 35.32 -39.20
N GLY T 24 -8.37 36.06 -39.66
CA GLY T 24 -9.72 35.57 -39.77
C GLY T 24 -10.36 35.93 -41.09
N SER T 25 -11.64 36.24 -41.03
CA SER T 25 -12.45 36.48 -42.23
C SER T 25 -13.47 37.58 -41.92
N ARG T 26 -14.20 38.02 -42.95
CA ARG T 26 -15.24 39.05 -42.83
C ARG T 26 -16.23 38.74 -41.69
N SER T 27 -16.59 37.47 -41.56
CA SER T 27 -17.62 37.05 -40.61
C SER T 27 -17.18 37.14 -39.15
N ASN T 28 -15.88 37.09 -38.91
CA ASN T 28 -15.37 37.25 -37.55
C ASN T 28 -14.63 38.56 -37.25
N ILE T 29 -13.31 38.56 -37.42
CA ILE T 29 -12.50 39.75 -37.11
C ILE T 29 -12.94 41.00 -37.89
N GLY T 30 -13.33 40.80 -39.15
CA GLY T 30 -13.80 41.87 -40.02
C GLY T 30 -14.94 42.73 -39.52
N GLY T 31 -15.86 42.14 -38.76
CA GLY T 31 -17.06 42.82 -38.29
C GLY T 31 -17.27 42.82 -36.79
N ASN T 32 -16.23 42.44 -36.05
CA ASN T 32 -16.33 42.22 -34.60
C ASN T 32 -15.05 42.62 -33.88
N THR T 33 -15.15 42.93 -32.59
CA THR T 33 -13.96 43.29 -31.85
C THR T 33 -13.17 42.05 -31.55
N VAL T 34 -11.88 42.24 -31.28
CA VAL T 34 -11.00 41.12 -30.97
C VAL T 34 -10.62 41.14 -29.50
N ASN T 35 -10.62 39.96 -28.89
CA ASN T 35 -10.13 39.78 -27.53
C ASN T 35 -8.83 39.00 -27.56
N TRP T 36 -7.91 39.31 -26.64
CA TRP T 36 -6.69 38.53 -26.54
C TRP T 36 -6.57 37.98 -25.13
N TYR T 37 -6.27 36.69 -25.03
CA TYR T 37 -6.10 36.05 -23.73
C TYR T 37 -4.68 35.51 -23.53
N GLN T 38 -4.18 35.62 -22.31
CA GLN T 38 -2.95 34.95 -21.87
C GLN T 38 -3.34 33.74 -21.03
N HIS T 39 -2.64 32.63 -21.21
CA HIS T 39 -2.93 31.39 -20.48
C HIS T 39 -1.68 30.73 -19.95
N LEU T 40 -1.58 30.67 -18.63
CA LEU T 40 -0.47 30.05 -17.94
C LEU T 40 -0.91 28.68 -17.47
N PRO T 41 0.04 27.73 -17.42
CA PRO T 41 -0.25 26.40 -16.87
C PRO T 41 -0.93 26.46 -15.51
N GLY T 42 -2.04 25.74 -15.36
CA GLY T 42 -2.70 25.56 -14.07
C GLY T 42 -3.77 26.56 -13.67
N MET T 43 -3.80 27.74 -14.28
CA MET T 43 -4.76 28.76 -13.86
C MET T 43 -5.65 29.13 -15.02
N ALA T 44 -6.72 29.85 -14.70
CA ALA T 44 -7.63 30.34 -15.72
C ALA T 44 -6.90 31.33 -16.61
N PRO T 45 -7.34 31.45 -17.88
CA PRO T 45 -6.89 32.51 -18.79
C PRO T 45 -7.17 33.90 -18.21
N LYS T 46 -6.41 34.90 -18.67
CA LYS T 46 -6.60 36.28 -18.24
C LYS T 46 -6.82 37.19 -19.43
N LEU T 47 -7.82 38.06 -19.36
CA LEU T 47 -8.03 39.02 -20.42
C LEU T 47 -6.97 40.10 -20.38
N LEU T 48 -6.26 40.25 -21.49
CA LEU T 48 -5.27 41.29 -21.65
C LEU T 48 -5.85 42.43 -22.46
N ILE T 49 -6.51 42.08 -23.56
CA ILE T 49 -6.99 43.08 -24.51
C ILE T 49 -8.46 42.84 -24.89
N TYR T 50 -9.25 43.90 -24.93
CA TYR T 50 -10.62 43.87 -25.47
C TYR T 50 -10.86 45.03 -26.43
N SER T 51 -11.96 44.98 -27.19
CA SER T 51 -12.30 46.03 -28.15
C SER T 51 -11.16 46.34 -29.14
N SER T 52 -10.42 45.29 -29.51
CA SER T 52 -9.30 45.33 -30.45
C SER T 52 -8.06 46.08 -29.96
N ASN T 53 -8.22 47.21 -29.26
CA ASN T 53 -7.04 48.01 -28.88
C ASN T 53 -7.08 48.55 -27.45
N GLN T 54 -8.01 48.06 -26.62
CA GLN T 54 -8.12 48.49 -25.23
C GLN T 54 -7.49 47.49 -24.26
N ARG T 55 -6.67 47.98 -23.35
CA ARG T 55 -6.04 47.14 -22.32
C ARG T 55 -7.01 46.95 -21.15
N SER T 56 -7.14 45.72 -20.67
CA SER T 56 -7.93 45.47 -19.46
C SER T 56 -7.28 46.19 -18.29
N SER T 57 -8.08 46.52 -17.28
CA SER T 57 -7.61 47.23 -16.09
C SER T 57 -6.37 46.60 -15.49
N GLY T 58 -5.36 47.44 -15.23
CA GLY T 58 -4.13 46.98 -14.61
C GLY T 58 -3.08 46.37 -15.52
N VAL T 59 -3.42 46.18 -16.79
CA VAL T 59 -2.47 45.57 -17.72
C VAL T 59 -1.50 46.64 -18.19
N PRO T 60 -0.19 46.37 -18.09
CA PRO T 60 0.77 47.39 -18.49
C PRO T 60 0.77 47.66 -19.98
N ASP T 61 1.21 48.84 -20.35
CA ASP T 61 1.08 49.27 -21.74
C ASP T 61 2.08 48.65 -22.70
N ARG T 62 2.97 47.81 -22.20
CA ARG T 62 3.83 47.00 -23.07
C ARG T 62 3.09 45.85 -23.77
N PHE T 63 1.87 45.54 -23.31
CA PHE T 63 0.98 44.69 -24.09
C PHE T 63 0.08 45.59 -24.90
N SER T 64 0.04 45.37 -26.20
CA SER T 64 -0.85 46.17 -27.03
C SER T 64 -1.52 45.37 -28.12
N GLY T 65 -2.78 45.71 -28.41
CA GLY T 65 -3.54 45.00 -29.41
C GLY T 65 -3.92 45.95 -30.54
N SER T 66 -4.04 45.41 -31.74
CA SER T 66 -4.52 46.18 -32.87
C SER T 66 -5.27 45.27 -33.83
N LYS T 67 -6.06 45.88 -34.71
CA LYS T 67 -6.81 45.12 -35.71
C LYS T 67 -6.96 46.04 -36.91
N SER T 68 -6.92 45.48 -38.11
CA SER T 68 -7.32 46.20 -39.31
C SER T 68 -7.76 45.23 -40.39
N GLY T 69 -8.80 45.60 -41.14
CA GLY T 69 -9.36 44.71 -42.14
C GLY T 69 -9.79 43.43 -41.47
N THR T 70 -9.17 42.32 -41.84
CA THR T 70 -9.59 41.02 -41.32
C THR T 70 -8.50 40.33 -40.50
N SER T 71 -7.53 41.10 -40.03
CA SER T 71 -6.47 40.59 -39.16
C SER T 71 -6.23 41.45 -37.91
N ALA T 72 -5.77 40.81 -36.83
CA ALA T 72 -5.52 41.52 -35.58
C ALA T 72 -4.11 41.18 -35.08
N SER T 73 -3.56 42.00 -34.19
CA SER T 73 -2.21 41.74 -33.67
C SER T 73 -2.09 42.04 -32.16
N LEU T 74 -1.31 41.23 -31.45
CA LEU T 74 -0.94 41.56 -30.08
C LEU T 74 0.57 41.77 -30.02
N ALA T 75 0.98 42.96 -29.62
CA ALA T 75 2.40 43.28 -29.52
C ALA T 75 2.84 43.34 -28.07
N ILE T 76 3.99 42.73 -27.80
CA ILE T 76 4.53 42.69 -26.45
C ILE T 76 6.00 43.13 -26.41
N SER T 77 6.27 44.24 -25.72
CA SER T 77 7.64 44.73 -25.56
C SER T 77 8.17 44.58 -24.14
N GLY T 78 9.47 44.81 -23.97
CA GLY T 78 10.08 44.77 -22.66
C GLY T 78 9.91 43.37 -22.09
N LEU T 79 10.13 42.38 -22.95
CA LEU T 79 9.83 40.99 -22.62
C LEU T 79 10.47 40.54 -21.32
N GLN T 80 9.66 39.90 -20.49
CA GLN T 80 10.09 39.34 -19.21
C GLN T 80 9.76 37.85 -19.16
N SER T 81 10.50 37.14 -18.32
CA SER T 81 10.30 35.71 -18.08
C SER T 81 8.83 35.30 -17.88
N GLU T 82 8.06 36.08 -17.10
CA GLU T 82 6.67 35.71 -16.78
C GLU T 82 5.70 35.80 -17.97
N ASP T 83 6.18 36.32 -19.09
CA ASP T 83 5.38 36.40 -20.30
C ASP T 83 5.31 35.06 -21.05
N ASP T 84 6.15 34.13 -20.62
CA ASP T 84 6.13 32.78 -21.15
C ASP T 84 4.77 32.16 -20.89
N ALA T 85 4.02 31.90 -21.96
CA ALA T 85 2.62 31.52 -21.84
C ALA T 85 2.04 31.21 -23.21
N ASP T 86 0.81 30.72 -23.22
CA ASP T 86 0.06 30.57 -24.46
C ASP T 86 -0.83 31.80 -24.62
N TYR T 87 -0.95 32.30 -25.84
CA TYR T 87 -1.77 33.46 -26.08
C TYR T 87 -2.84 33.19 -27.13
N TYR T 88 -4.08 33.53 -26.82
CA TYR T 88 -5.20 33.29 -27.73
C TYR T 88 -5.92 34.56 -28.13
N CYS T 89 -6.24 34.69 -29.41
CA CYS T 89 -7.18 35.72 -29.83
C CYS T 89 -8.59 35.13 -29.91
N ALA T 90 -9.59 36.00 -29.81
CA ALA T 90 -10.97 35.58 -29.95
C ALA T 90 -11.82 36.73 -30.47
N SER T 91 -12.95 36.38 -31.10
CA SER T 91 -13.95 37.34 -31.50
C SER T 91 -15.27 36.62 -31.74
N TRP T 92 -16.34 37.37 -31.89
CA TRP T 92 -17.62 36.80 -32.29
C TRP T 92 -17.50 36.49 -33.79
N ASP T 93 -18.22 35.46 -34.24
CA ASP T 93 -18.31 35.12 -35.67
C ASP T 93 -19.78 35.18 -36.06
N ASP T 94 -20.10 36.04 -37.03
CA ASP T 94 -21.48 36.31 -37.44
C ASP T 94 -22.13 35.18 -38.26
N SER T 95 -21.30 34.30 -38.81
CA SER T 95 -21.81 33.15 -39.57
C SER T 95 -22.12 31.94 -38.68
N LEU T 96 -21.27 31.73 -37.68
CA LEU T 96 -21.42 30.65 -36.71
C LEU T 96 -22.37 30.93 -35.54
N ASN T 97 -22.65 32.22 -35.34
CA ASN T 97 -23.43 32.69 -34.20
C ASN T 97 -22.82 32.21 -32.89
N GLY T 98 -21.56 32.54 -32.72
CA GLY T 98 -20.83 32.14 -31.53
C GLY T 98 -19.45 32.75 -31.51
N VAL T 99 -18.75 32.54 -30.40
CA VAL T 99 -17.39 33.02 -30.25
C VAL T 99 -16.42 32.04 -30.88
N VAL T 100 -15.42 32.55 -31.60
CA VAL T 100 -14.39 31.68 -32.15
C VAL T 100 -13.02 32.06 -31.60
N PHE T 101 -12.18 31.05 -31.38
CA PHE T 101 -10.82 31.26 -30.93
C PHE T 101 -9.81 30.87 -31.99
N GLY T 102 -8.67 31.58 -31.97
CA GLY T 102 -7.49 31.13 -32.69
C GLY T 102 -6.90 29.92 -31.98
N GLY T 103 -5.91 29.31 -32.62
CA GLY T 103 -5.28 28.12 -32.08
C GLY T 103 -4.33 28.36 -30.93
N GLY T 104 -4.01 29.62 -30.68
CA GLY T 104 -3.07 29.93 -29.63
C GLY T 104 -1.67 30.06 -30.19
N THR T 105 -0.89 30.94 -29.58
CA THR T 105 0.51 31.04 -29.90
C THR T 105 1.33 30.82 -28.65
N LYS T 106 2.27 29.88 -28.72
CA LYS T 106 3.18 29.65 -27.63
C LYS T 106 4.32 30.65 -27.81
N LEU T 107 4.36 31.61 -26.89
CA LEU T 107 5.41 32.62 -26.84
C LEU T 107 6.57 32.22 -25.97
N THR T 108 7.78 32.30 -26.52
CA THR T 108 8.91 32.03 -25.65
C THR T 108 9.73 33.29 -25.48
N VAL T 109 9.92 33.62 -24.21
CA VAL T 109 10.78 34.68 -23.69
C VAL T 109 12.10 34.04 -23.27
N LEU T 110 13.18 34.19 -24.04
CA LEU T 110 14.44 33.53 -23.67
C LEU T 110 15.18 34.37 -22.66
N GLY T 111 14.64 34.33 -21.44
CA GLY T 111 15.17 35.04 -20.29
C GLY T 111 16.30 34.36 -19.58
N GLN T 112 16.75 33.24 -20.14
CA GLN T 112 17.95 32.54 -19.68
C GLN T 112 18.59 31.85 -20.87
N PRO T 113 19.94 31.77 -20.87
CA PRO T 113 20.72 31.12 -21.95
C PRO T 113 20.21 29.71 -22.17
N LYS T 114 20.14 29.26 -23.43
CA LYS T 114 19.66 27.93 -23.73
C LYS T 114 20.44 26.87 -22.93
N ALA T 115 19.72 25.96 -22.29
CA ALA T 115 20.33 24.95 -21.41
C ALA T 115 19.93 23.53 -21.79
N ALA T 116 20.93 22.68 -21.98
CA ALA T 116 20.69 21.29 -22.33
C ALA T 116 20.11 20.58 -21.12
N PRO T 117 19.27 19.55 -21.36
CA PRO T 117 18.58 18.83 -20.28
C PRO T 117 19.47 17.90 -19.46
N SER T 118 19.17 17.78 -18.16
CA SER T 118 19.80 16.78 -17.30
C SER T 118 18.91 15.55 -17.23
N VAL T 119 19.50 14.37 -17.44
CA VAL T 119 18.68 13.17 -17.48
C VAL T 119 19.18 12.13 -16.48
N THR T 120 18.23 11.59 -15.71
CA THR T 120 18.47 10.49 -14.80
C THR T 120 17.50 9.38 -15.19
N LEU T 121 18.02 8.16 -15.32
CA LEU T 121 17.20 7.02 -15.71
C LEU T 121 17.27 5.95 -14.62
N PHE T 122 16.10 5.51 -14.16
CA PHE T 122 16.04 4.45 -13.16
C PHE T 122 15.49 3.16 -13.75
N PRO T 123 16.09 2.03 -13.37
CA PRO T 123 15.64 0.69 -13.71
C PRO T 123 14.48 0.29 -12.79
N PRO T 124 13.82 -0.84 -13.09
CA PRO T 124 12.82 -1.35 -12.14
C PRO T 124 13.45 -1.61 -10.76
N SER T 125 12.68 -1.33 -9.72
CA SER T 125 13.04 -1.67 -8.35
C SER T 125 12.83 -3.16 -8.16
N SER T 126 13.54 -3.74 -7.22
CA SER T 126 13.34 -5.12 -6.85
C SER T 126 11.89 -5.40 -6.45
N GLU T 127 11.28 -4.44 -5.75
CA GLU T 127 9.90 -4.57 -5.29
C GLU T 127 8.85 -4.75 -6.37
N GLU T 128 8.95 -3.93 -7.42
CA GLU T 128 7.99 -3.96 -8.52
C GLU T 128 8.02 -5.22 -9.36
N LEU T 129 9.23 -5.67 -9.71
CA LEU T 129 9.40 -6.92 -10.45
C LEU T 129 8.69 -8.07 -9.76
N GLN T 130 8.81 -8.10 -8.43
CA GLN T 130 8.12 -9.11 -7.64
C GLN T 130 6.61 -8.92 -7.73
N ALA T 131 6.16 -7.72 -8.05
CA ALA T 131 4.73 -7.51 -8.28
C ALA T 131 4.37 -7.74 -9.75
N ASN T 132 5.26 -8.43 -10.45
CA ASN T 132 5.06 -8.86 -11.84
C ASN T 132 4.89 -7.71 -12.82
N LYS T 133 5.56 -6.61 -12.52
CA LYS T 133 5.60 -5.46 -13.40
C LYS T 133 7.02 -4.88 -13.47
N ALA T 134 7.23 -3.93 -14.38
CA ALA T 134 8.55 -3.31 -14.52
C ALA T 134 8.42 -1.98 -15.23
N THR T 135 8.88 -0.93 -14.54
CA THR T 135 8.87 0.42 -15.06
C THR T 135 10.25 1.05 -14.97
N LEU T 136 10.75 1.54 -16.10
CA LEU T 136 11.96 2.34 -16.11
C LEU T 136 11.55 3.81 -16.07
N VAL T 137 12.31 4.63 -15.36
CA VAL T 137 11.86 5.98 -15.06
C VAL T 137 12.92 6.98 -15.51
N CYS T 138 12.55 7.81 -16.48
CA CYS T 138 13.47 8.75 -17.07
C CYS T 138 13.01 10.17 -16.75
N LEU T 139 13.77 10.84 -15.89
CA LEU T 139 13.42 12.15 -15.37
C LEU T 139 14.32 13.25 -15.97
N ILE T 140 13.71 14.31 -16.47
CA ILE T 140 14.42 15.30 -17.28
C ILE T 140 14.24 16.69 -16.68
N SER T 141 15.35 17.36 -16.35
CA SER T 141 15.25 18.64 -15.64
C SER T 141 16.24 19.69 -16.15
N ASP T 142 16.01 20.94 -15.74
CA ASP T 142 16.90 22.08 -15.99
C ASP T 142 17.17 22.45 -17.47
N PHE T 143 16.19 22.23 -18.35
CA PHE T 143 16.39 22.58 -19.77
C PHE T 143 15.64 23.86 -20.13
N TYR T 144 16.10 24.54 -21.16
CA TYR T 144 15.39 25.71 -21.66
C TYR T 144 15.75 25.96 -23.12
N PRO T 145 14.74 26.20 -23.99
CA PRO T 145 13.28 26.29 -23.80
C PRO T 145 12.57 24.99 -23.43
N GLY T 146 11.29 25.11 -23.08
CA GLY T 146 10.52 24.01 -22.52
C GLY T 146 9.90 23.02 -23.49
N ALA T 147 10.74 22.39 -24.30
CA ALA T 147 10.28 21.40 -25.26
C ALA T 147 11.34 20.30 -25.41
N VAL T 148 10.94 19.06 -25.21
CA VAL T 148 11.82 17.92 -25.47
C VAL T 148 11.04 16.81 -26.14
N THR T 149 11.77 15.90 -26.77
CA THR T 149 11.22 14.62 -27.18
C THR T 149 12.00 13.47 -26.57
N VAL T 150 11.31 12.36 -26.34
CA VAL T 150 11.91 11.21 -25.67
C VAL T 150 11.75 9.95 -26.52
N ALA T 151 12.85 9.22 -26.70
CA ALA T 151 12.84 7.97 -27.42
C ALA T 151 13.34 6.89 -26.49
N TRP T 152 12.84 5.68 -26.66
CA TRP T 152 13.29 4.55 -25.86
C TRP T 152 13.91 3.47 -26.74
N LYS T 153 14.90 2.77 -26.20
CA LYS T 153 15.56 1.67 -26.90
C LYS T 153 15.68 0.40 -26.06
N ALA T 154 15.50 -0.76 -26.70
CA ALA T 154 15.85 -2.05 -26.12
C ALA T 154 17.14 -2.46 -26.81
N ASP T 155 18.23 -2.59 -26.04
CA ASP T 155 19.56 -2.67 -26.63
C ASP T 155 19.75 -1.46 -27.54
N SER T 156 19.90 -1.69 -28.84
CA SER T 156 19.96 -0.58 -29.79
C SER T 156 18.65 -0.42 -30.58
N SER T 157 17.65 -1.24 -30.27
CA SER T 157 16.37 -1.23 -30.98
C SER T 157 15.36 -0.26 -30.35
N PRO T 158 14.76 0.61 -31.18
CA PRO T 158 13.74 1.60 -30.77
C PRO T 158 12.51 0.97 -30.15
N VAL T 159 12.03 1.54 -29.05
CA VAL T 159 10.80 1.09 -28.42
C VAL T 159 9.74 2.19 -28.40
N LYS T 160 8.61 1.94 -29.03
CA LYS T 160 7.54 2.92 -29.08
C LYS T 160 6.32 2.66 -28.18
N ALA T 161 5.98 1.38 -27.99
CA ALA T 161 4.81 1.02 -27.19
C ALA T 161 5.05 1.12 -25.70
N GLY T 162 4.00 1.40 -24.93
CA GLY T 162 4.12 1.37 -23.48
C GLY T 162 4.84 2.56 -22.93
N VAL T 163 4.90 3.63 -23.71
CA VAL T 163 5.63 4.83 -23.29
C VAL T 163 4.64 5.88 -22.82
N GLU T 164 4.96 6.52 -21.69
CA GLU T 164 4.12 7.59 -21.17
C GLU T 164 4.99 8.77 -20.82
N THR T 165 4.73 9.91 -21.48
CA THR T 165 5.57 11.09 -21.34
C THR T 165 4.73 12.33 -21.04
N THR T 166 5.17 13.12 -20.06
CA THR T 166 4.42 14.31 -19.64
C THR T 166 4.67 15.45 -20.62
N THR T 167 3.80 16.45 -20.58
CA THR T 167 4.11 17.74 -21.17
C THR T 167 5.13 18.42 -20.25
N PRO T 168 6.01 19.27 -20.80
CA PRO T 168 6.98 19.93 -19.92
C PRO T 168 6.33 20.94 -18.96
N SER T 169 6.93 21.09 -17.78
CA SER T 169 6.42 22.04 -16.79
C SER T 169 7.55 22.88 -16.21
N LYS T 170 7.25 24.12 -15.87
CA LYS T 170 8.23 25.02 -15.24
C LYS T 170 8.60 24.56 -13.82
N GLN T 171 9.91 24.50 -13.56
CA GLN T 171 10.46 24.28 -12.22
C GLN T 171 10.54 25.63 -11.51
N SER T 172 10.88 25.60 -10.23
CA SER T 172 10.98 26.82 -9.43
C SER T 172 12.11 27.74 -9.91
N ASN T 173 13.07 27.18 -10.65
CA ASN T 173 14.18 27.97 -11.21
C ASN T 173 13.98 28.52 -12.64
N ASN T 174 12.75 28.48 -13.15
CA ASN T 174 12.38 28.95 -14.50
C ASN T 174 12.97 28.21 -15.71
N LYS T 175 13.65 27.09 -15.46
CA LYS T 175 13.90 26.12 -16.51
C LYS T 175 12.73 25.15 -16.47
N TYR T 176 12.74 24.13 -17.32
CA TYR T 176 11.57 23.27 -17.47
C TYR T 176 11.85 21.82 -17.04
N ALA T 177 10.81 21.09 -16.66
CA ALA T 177 10.98 19.68 -16.30
C ALA T 177 9.97 18.82 -17.05
N ALA T 178 10.32 17.55 -17.24
CA ALA T 178 9.43 16.55 -17.81
C ALA T 178 9.81 15.15 -17.33
N SER T 179 8.89 14.20 -17.52
CA SER T 179 9.18 12.80 -17.16
C SER T 179 8.73 11.87 -18.28
N SER T 180 9.41 10.74 -18.42
CA SER T 180 8.99 9.67 -19.34
C SER T 180 9.12 8.31 -18.67
N TYR T 181 8.13 7.46 -18.91
CA TYR T 181 8.08 6.15 -18.29
C TYR T 181 7.94 5.02 -19.31
N LEU T 182 8.73 3.96 -19.14
CA LEU T 182 8.59 2.79 -19.99
C LEU T 182 8.14 1.58 -19.18
N SER T 183 7.01 0.99 -19.57
CA SER T 183 6.53 -0.24 -18.94
C SER T 183 7.00 -1.49 -19.66
N LEU T 184 7.56 -2.42 -18.92
CA LEU T 184 8.03 -3.67 -19.49
C LEU T 184 7.53 -4.82 -18.63
N THR T 185 7.58 -6.03 -19.18
CA THR T 185 7.46 -7.23 -18.36
C THR T 185 8.84 -7.49 -17.76
N PRO T 186 8.89 -8.17 -16.61
CA PRO T 186 10.19 -8.54 -16.03
C PRO T 186 11.01 -9.36 -17.00
N GLU T 187 10.35 -10.22 -17.78
CA GLU T 187 11.04 -11.06 -18.76
C GLU T 187 11.75 -10.23 -19.83
N GLN T 188 11.08 -9.19 -20.33
CA GLN T 188 11.68 -8.29 -21.31
C GLN T 188 12.88 -7.58 -20.70
N TRP T 189 12.69 -7.04 -19.50
CA TRP T 189 13.73 -6.30 -18.79
C TRP T 189 14.99 -7.13 -18.60
N LYS T 190 14.83 -8.40 -18.21
CA LYS T 190 15.97 -9.25 -17.89
C LYS T 190 16.64 -9.85 -19.15
N SER T 191 15.96 -9.77 -20.29
CA SER T 191 16.41 -10.45 -21.51
C SER T 191 17.35 -9.62 -22.38
N HIS T 192 17.46 -8.34 -22.08
CA HIS T 192 18.29 -7.44 -22.87
C HIS T 192 19.55 -7.11 -22.08
N ARG T 193 20.62 -6.73 -22.77
CA ARG T 193 21.83 -6.32 -22.09
C ARG T 193 21.57 -5.00 -21.40
N SER T 194 20.81 -4.13 -22.05
CA SER T 194 20.50 -2.85 -21.47
C SER T 194 19.34 -2.17 -22.18
N TYR T 195 18.85 -1.11 -21.54
CA TYR T 195 17.89 -0.18 -22.12
C TYR T 195 18.41 1.25 -21.99
N SER T 196 18.00 2.12 -22.91
CA SER T 196 18.43 3.52 -22.90
C SER T 196 17.24 4.45 -23.08
N CYS T 197 17.30 5.60 -22.41
CA CYS T 197 16.31 6.66 -22.61
C CYS T 197 16.99 7.79 -23.34
N GLN T 198 16.45 8.17 -24.50
CA GLN T 198 17.05 9.21 -25.32
C GLN T 198 16.17 10.46 -25.41
N VAL T 199 16.73 11.58 -24.95
CA VAL T 199 15.99 12.84 -24.85
C VAL T 199 16.56 13.81 -25.89
N THR T 200 15.70 14.32 -26.76
CA THR T 200 16.16 15.26 -27.78
C THR T 200 15.70 16.67 -27.46
N HIS T 201 16.66 17.58 -27.44
CA HIS T 201 16.41 18.98 -27.12
C HIS T 201 17.13 19.88 -28.13
N GLU T 202 16.37 20.70 -28.86
CA GLU T 202 16.92 21.61 -29.88
C GLU T 202 17.91 20.96 -30.86
N GLY T 203 17.56 19.78 -31.38
CA GLY T 203 18.37 19.14 -32.40
C GLY T 203 19.50 18.33 -31.80
N SER T 204 19.63 18.41 -30.49
CA SER T 204 20.67 17.74 -29.75
C SER T 204 20.04 16.61 -28.96
N THR T 205 20.57 15.40 -29.11
CA THR T 205 19.94 14.22 -28.55
C THR T 205 20.84 13.71 -27.43
N VAL T 206 20.28 13.57 -26.24
CA VAL T 206 21.03 13.02 -25.13
C VAL T 206 20.45 11.73 -24.52
N GLU T 207 21.27 10.96 -23.80
CA GLU T 207 20.81 9.64 -23.34
C GLU T 207 21.42 9.14 -22.01
N LYS T 208 20.70 8.22 -21.37
CA LYS T 208 21.15 7.43 -20.22
C LYS T 208 20.88 5.96 -20.53
N THR T 209 21.67 5.07 -19.94
CA THR T 209 21.49 3.64 -20.18
C THR T 209 21.50 2.91 -18.84
N VAL T 210 20.59 1.95 -18.70
CA VAL T 210 20.57 1.08 -17.53
C VAL T 210 20.58 -0.40 -17.90
N ALA T 211 21.04 -1.24 -16.98
CA ALA T 211 21.15 -2.67 -17.21
C ALA T 211 20.62 -3.46 -16.02
N PRO T 212 20.10 -4.67 -16.26
CA PRO T 212 19.50 -5.46 -15.18
C PRO T 212 20.52 -5.73 -14.08
N THR T 213 21.78 -5.74 -14.47
CA THR T 213 22.86 -6.15 -13.60
C THR T 213 23.60 -4.95 -13.02
N GLU U 1 -74.25 17.13 -46.32
CA GLU U 1 -72.81 16.90 -46.30
C GLU U 1 -72.40 15.96 -45.14
N VAL U 2 -72.83 16.32 -43.93
CA VAL U 2 -72.55 15.50 -42.76
C VAL U 2 -73.39 14.21 -42.77
N GLN U 3 -72.82 13.13 -42.23
CA GLN U 3 -73.59 11.91 -42.00
C GLN U 3 -73.81 11.66 -40.52
N LEU U 4 -74.92 11.00 -40.20
CA LEU U 4 -75.30 10.77 -38.82
C LEU U 4 -75.39 9.28 -38.49
N VAL U 5 -74.69 8.85 -37.45
CA VAL U 5 -74.75 7.44 -37.06
C VAL U 5 -75.18 7.32 -35.60
N GLU U 6 -76.27 6.59 -35.36
CA GLU U 6 -76.78 6.38 -34.00
C GLU U 6 -76.34 5.08 -33.36
N SER U 7 -76.41 5.03 -32.04
CA SER U 7 -76.08 3.83 -31.27
C SER U 7 -77.09 2.70 -31.53
N GLY U 8 -76.79 1.49 -31.07
CA GLY U 8 -77.59 0.33 -31.45
C GLY U 8 -78.91 0.18 -30.73
N ALA U 9 -79.72 -0.76 -31.18
CA ALA U 9 -81.03 -1.03 -30.57
C ALA U 9 -80.91 -1.33 -29.09
N GLU U 10 -81.90 -0.88 -28.31
CA GLU U 10 -81.86 -1.03 -26.86
C GLU U 10 -83.16 -1.57 -26.29
N VAL U 11 -83.02 -2.23 -25.16
CA VAL U 11 -84.17 -2.70 -24.41
C VAL U 11 -84.09 -2.43 -22.92
N LYS U 12 -85.16 -1.83 -22.41
CA LYS U 12 -85.21 -1.29 -21.07
C LYS U 12 -86.51 -1.72 -20.41
N LYS U 13 -86.47 -1.94 -19.10
CA LYS U 13 -87.67 -2.27 -18.34
C LYS U 13 -88.45 -1.01 -18.08
N PRO U 14 -89.79 -1.12 -17.91
CA PRO U 14 -90.54 0.09 -17.56
C PRO U 14 -90.02 0.73 -16.27
N GLY U 15 -89.95 2.05 -16.27
CA GLY U 15 -89.54 2.83 -15.11
C GLY U 15 -88.06 3.15 -15.17
N SER U 16 -87.34 2.44 -16.04
CA SER U 16 -85.91 2.66 -16.22
C SER U 16 -85.63 3.80 -17.19
N SER U 17 -84.36 4.05 -17.48
CA SER U 17 -83.96 5.14 -18.36
C SER U 17 -83.20 4.64 -19.59
N VAL U 18 -83.38 5.35 -20.70
CA VAL U 18 -82.62 5.07 -21.91
C VAL U 18 -81.91 6.33 -22.37
N LYS U 19 -80.70 6.17 -22.90
CA LYS U 19 -79.94 7.26 -23.51
C LYS U 19 -79.50 6.85 -24.92
N VAL U 20 -79.83 7.67 -25.92
CA VAL U 20 -79.41 7.37 -27.30
C VAL U 20 -78.41 8.40 -27.81
N SER U 21 -77.33 7.91 -28.44
CA SER U 21 -76.33 8.82 -28.99
C SER U 21 -76.48 9.00 -30.50
N CYS U 22 -75.94 10.10 -31.02
CA CYS U 22 -76.08 10.44 -32.43
C CYS U 22 -74.78 11.08 -32.90
N ARG U 23 -73.88 10.28 -33.47
CA ARG U 23 -72.58 10.79 -33.86
C ARG U 23 -72.46 11.25 -35.31
N ALA U 24 -72.09 12.50 -35.51
CA ALA U 24 -71.83 13.05 -36.84
C ALA U 24 -70.38 12.83 -37.27
N SER U 25 -70.16 12.69 -38.57
CA SER U 25 -68.80 12.47 -39.08
C SER U 25 -67.96 13.74 -39.13
N GLY U 26 -68.59 14.88 -38.87
CA GLY U 26 -67.89 16.14 -38.72
C GLY U 26 -68.72 17.17 -37.99
N THR U 27 -68.25 18.42 -37.96
CA THR U 27 -69.00 19.53 -37.34
C THR U 27 -70.45 19.63 -37.84
N PHE U 28 -71.36 19.82 -36.89
CA PHE U 28 -72.79 19.88 -37.16
C PHE U 28 -73.32 20.64 -35.97
N TYR U 29 -73.01 21.91 -35.99
CA TYR U 29 -73.03 22.76 -34.82
C TYR U 29 -73.92 23.97 -34.82
N LYS U 30 -74.26 24.45 -35.99
CA LYS U 30 -74.87 25.77 -36.05
C LYS U 30 -76.36 25.70 -35.88
N TYR U 31 -76.95 24.59 -36.32
CA TYR U 31 -78.40 24.48 -36.37
C TYR U 31 -78.97 23.38 -35.52
N ALA U 32 -80.28 23.48 -35.28
CA ALA U 32 -80.95 22.64 -34.32
C ALA U 32 -80.97 21.19 -34.76
N ILE U 33 -80.48 20.35 -33.87
CA ILE U 33 -80.58 18.91 -34.00
C ILE U 33 -81.87 18.42 -33.37
N ASN U 34 -82.75 17.84 -34.19
CA ASN U 34 -84.07 17.45 -33.73
C ASN U 34 -84.13 15.97 -33.44
N TRP U 35 -85.01 15.60 -32.51
CA TRP U 35 -85.28 14.20 -32.25
C TRP U 35 -86.76 13.92 -32.57
N VAL U 36 -86.98 12.88 -33.37
CA VAL U 36 -88.32 12.54 -33.84
C VAL U 36 -88.45 11.04 -33.75
N ARG U 37 -89.60 10.57 -33.26
CA ARG U 37 -89.79 9.13 -33.12
C ARG U 37 -91.02 8.63 -33.88
N GLN U 38 -91.08 7.32 -34.08
CA GLN U 38 -92.26 6.65 -34.63
C GLN U 38 -92.58 5.35 -33.89
N ALA U 39 -93.69 5.35 -33.18
CA ALA U 39 -94.20 4.14 -32.54
C ALA U 39 -94.92 3.29 -33.58
N PRO U 40 -94.98 1.97 -33.36
CA PRO U 40 -95.65 1.12 -34.36
C PRO U 40 -97.10 1.55 -34.58
N GLY U 41 -97.50 1.73 -35.83
CA GLY U 41 -98.85 2.15 -36.15
C GLY U 41 -99.14 3.62 -35.87
N GLN U 42 -98.12 4.40 -35.52
CA GLN U 42 -98.30 5.83 -35.24
C GLN U 42 -97.58 6.71 -36.26
N GLY U 43 -97.95 7.98 -36.27
CA GLY U 43 -97.28 8.98 -37.08
C GLY U 43 -95.98 9.45 -36.47
N LEU U 44 -95.17 10.17 -37.25
CA LEU U 44 -93.94 10.77 -36.75
C LEU U 44 -94.25 11.70 -35.60
N GLU U 45 -93.42 11.69 -34.56
CA GLU U 45 -93.67 12.53 -33.41
C GLU U 45 -92.41 13.31 -33.07
N TRP U 46 -92.53 14.63 -33.11
CA TRP U 46 -91.43 15.49 -32.72
C TRP U 46 -91.30 15.46 -31.20
N MET U 47 -90.10 15.24 -30.69
CA MET U 47 -89.89 15.14 -29.26
C MET U 47 -89.30 16.44 -28.76
N GLY U 48 -88.31 16.93 -29.49
CA GLY U 48 -87.65 18.16 -29.13
C GLY U 48 -86.41 18.38 -29.98
N GLY U 49 -85.70 19.46 -29.69
CA GLY U 49 -84.42 19.69 -30.34
C GLY U 49 -83.51 20.59 -29.54
N ILE U 50 -82.25 20.66 -29.97
CA ILE U 50 -81.28 21.55 -29.36
C ILE U 50 -80.48 22.26 -30.43
N ILE U 51 -80.19 23.52 -30.19
CA ILE U 51 -79.30 24.25 -31.07
C ILE U 51 -77.99 24.27 -30.32
N PRO U 52 -77.03 23.42 -30.74
CA PRO U 52 -75.81 23.16 -29.98
C PRO U 52 -74.98 24.42 -29.68
N PHE U 53 -74.97 25.30 -30.65
CA PHE U 53 -74.22 26.56 -30.64
C PHE U 53 -74.68 27.35 -29.36
N PHE U 54 -75.96 27.20 -28.95
CA PHE U 54 -76.55 27.90 -27.78
C PHE U 54 -76.78 27.05 -26.53
N GLY U 55 -76.81 25.74 -26.72
CA GLY U 55 -77.15 24.82 -25.66
C GLY U 55 -78.66 24.81 -25.45
N THR U 56 -79.36 25.68 -26.17
CA THR U 56 -80.82 25.83 -26.05
C THR U 56 -81.60 24.61 -26.47
N THR U 57 -82.52 24.20 -25.61
CA THR U 57 -83.33 23.04 -25.87
C THR U 57 -84.80 23.41 -25.94
N ASN U 58 -85.50 22.75 -26.85
CA ASN U 58 -86.94 22.90 -26.97
C ASN U 58 -87.53 21.50 -26.89
N TYR U 59 -88.58 21.32 -26.08
CA TYR U 59 -89.14 19.99 -25.89
C TYR U 59 -90.65 20.00 -26.10
N ALA U 60 -91.18 18.91 -26.66
CA ALA U 60 -92.62 18.73 -26.73
C ALA U 60 -93.20 18.61 -25.33
N GLN U 61 -94.40 19.15 -25.13
CA GLN U 61 -95.03 19.19 -23.81
C GLN U 61 -95.18 17.79 -23.21
N LYS U 62 -95.51 16.84 -24.08
CA LYS U 62 -95.66 15.43 -23.70
C LYS U 62 -94.44 14.84 -22.97
N PHE U 63 -93.26 15.41 -23.17
CA PHE U 63 -92.05 14.78 -22.63
C PHE U 63 -91.35 15.63 -21.57
N GLN U 64 -91.84 16.86 -21.34
CA GLN U 64 -91.23 17.75 -20.35
C GLN U 64 -91.17 17.14 -18.93
N GLY U 65 -90.00 17.23 -18.32
CA GLY U 65 -89.76 16.65 -17.02
C GLY U 65 -89.16 15.25 -17.12
N ARG U 66 -89.29 14.62 -18.28
CA ARG U 66 -88.67 13.32 -18.50
C ARG U 66 -87.77 13.12 -19.73
N LEU U 67 -87.61 14.15 -20.55
CA LEU U 67 -86.70 14.05 -21.69
C LEU U 67 -85.55 15.04 -21.54
N THR U 68 -84.31 14.57 -21.70
CA THR U 68 -83.17 15.46 -21.68
C THR U 68 -82.32 15.19 -22.92
N ILE U 69 -82.02 16.24 -23.67
CA ILE U 69 -81.20 16.13 -24.87
C ILE U 69 -79.88 16.85 -24.61
N THR U 70 -78.76 16.22 -24.98
CA THR U 70 -77.45 16.83 -24.76
C THR U 70 -76.69 16.96 -26.07
N ALA U 71 -75.90 18.03 -26.17
CA ALA U 71 -74.93 18.16 -27.25
C ALA U 71 -73.51 18.45 -26.76
N ASP U 72 -72.62 17.53 -27.07
CA ASP U 72 -71.21 17.66 -26.74
C ASP U 72 -70.47 18.08 -27.99
N GLY U 73 -70.25 19.38 -28.16
CA GLY U 73 -69.56 19.89 -29.33
C GLY U 73 -68.19 19.27 -29.57
N SER U 74 -67.44 19.09 -28.48
CA SER U 74 -66.08 18.57 -28.53
C SER U 74 -65.93 17.19 -29.21
N THR U 75 -67.01 16.43 -29.32
CA THR U 75 -66.93 15.11 -29.96
C THR U 75 -67.90 14.94 -31.14
N ASN U 76 -68.57 16.03 -31.52
CA ASN U 76 -69.61 16.00 -32.55
C ASN U 76 -70.69 14.94 -32.33
N THR U 77 -71.07 14.72 -31.07
CA THR U 77 -72.08 13.70 -30.75
C THR U 77 -73.24 14.34 -29.99
N ALA U 78 -74.46 13.97 -30.35
CA ALA U 78 -75.66 14.44 -29.66
C ALA U 78 -76.35 13.30 -28.95
N TYR U 79 -77.20 13.59 -27.97
CA TYR U 79 -77.78 12.50 -27.22
C TYR U 79 -79.23 12.77 -26.86
N MET U 80 -80.01 11.71 -26.73
CA MET U 80 -81.38 11.81 -26.27
C MET U 80 -81.51 10.85 -25.09
N GLN U 81 -81.94 11.35 -23.94
CA GLN U 81 -82.21 10.45 -22.82
C GLN U 81 -83.67 10.61 -22.38
N LEU U 82 -84.39 9.50 -22.31
CA LEU U 82 -85.81 9.50 -21.95
C LEU U 82 -86.05 8.62 -20.74
N ASP U 83 -86.57 9.23 -19.67
CA ASP U 83 -86.70 8.54 -18.39
C ASP U 83 -88.11 8.00 -18.16
N SER U 84 -88.23 7.14 -17.13
CA SER U 84 -89.51 6.58 -16.70
C SER U 84 -90.29 6.00 -17.88
N LEU U 85 -89.65 5.08 -18.61
CA LEU U 85 -90.16 4.56 -19.87
C LEU U 85 -91.43 3.75 -19.66
N ARG U 86 -92.35 3.87 -20.62
CA ARG U 86 -93.57 3.08 -20.63
C ARG U 86 -93.70 2.39 -21.97
N SER U 87 -94.68 1.49 -22.06
CA SER U 87 -94.90 0.69 -23.25
C SER U 87 -95.11 1.60 -24.45
N GLU U 88 -95.69 2.78 -24.19
CA GLU U 88 -95.91 3.77 -25.23
C GLU U 88 -94.60 4.31 -25.80
N ASP U 89 -93.48 4.02 -25.14
CA ASP U 89 -92.19 4.52 -25.61
C ASP U 89 -91.51 3.58 -26.61
N THR U 90 -92.09 2.41 -26.82
CA THR U 90 -91.60 1.50 -27.86
C THR U 90 -91.76 2.18 -29.22
N ALA U 91 -90.65 2.37 -29.93
CA ALA U 91 -90.65 3.19 -31.14
C ALA U 91 -89.30 3.13 -31.84
N VAL U 92 -89.26 3.60 -33.08
CA VAL U 92 -87.99 3.87 -33.73
C VAL U 92 -87.63 5.34 -33.44
N TYR U 93 -86.43 5.58 -32.91
CA TYR U 93 -85.99 6.93 -32.55
C TYR U 93 -84.97 7.50 -33.54
N TYR U 94 -85.31 8.63 -34.17
CA TYR U 94 -84.39 9.25 -35.12
C TYR U 94 -83.86 10.57 -34.55
N CYS U 95 -82.59 10.87 -34.79
CA CYS U 95 -82.10 12.25 -34.70
C CYS U 95 -81.96 12.81 -36.11
N ALA U 96 -82.01 14.13 -36.24
CA ALA U 96 -81.96 14.75 -37.56
C ALA U 96 -81.56 16.21 -37.47
N GLY U 97 -81.00 16.73 -38.55
CA GLY U 97 -80.67 18.13 -38.63
C GLY U 97 -80.63 18.58 -40.07
N PRO U 98 -80.35 19.87 -40.30
CA PRO U 98 -80.32 20.44 -41.65
C PRO U 98 -78.91 20.57 -42.23
N SER U 99 -78.82 20.51 -43.56
CA SER U 99 -77.56 20.70 -44.26
C SER U 99 -77.41 22.18 -44.61
N ILE U 100 -78.21 23.01 -43.94
CA ILE U 100 -78.21 24.46 -44.13
C ILE U 100 -76.83 25.09 -43.97
N THR U 101 -76.55 26.08 -44.82
CA THR U 101 -75.45 27.02 -44.66
C THR U 101 -76.02 28.41 -44.93
N GLU U 102 -75.32 29.44 -44.50
CA GLU U 102 -75.77 30.80 -44.75
C GLU U 102 -74.56 31.62 -45.07
N SER U 103 -74.76 32.66 -45.85
CA SER U 103 -73.66 33.56 -46.07
C SER U 103 -73.42 34.20 -44.72
N HIS U 104 -74.51 34.47 -44.00
CA HIS U 104 -74.44 35.06 -42.69
C HIS U 104 -75.36 34.43 -41.60
N TYR U 105 -74.70 33.85 -40.59
CA TYR U 105 -75.29 33.19 -39.40
C TYR U 105 -75.78 34.11 -38.27
N CYS U 106 -77.02 33.91 -37.81
CA CYS U 106 -77.58 34.77 -36.74
C CYS U 106 -77.06 34.55 -35.32
N LEU U 107 -76.65 35.63 -34.67
CA LEU U 107 -76.06 35.54 -33.34
C LEU U 107 -76.87 35.83 -32.07
N ASP U 108 -78.11 36.27 -32.19
CA ASP U 108 -78.87 36.70 -31.01
C ASP U 108 -80.35 36.52 -31.23
N CYS U 109 -80.71 35.51 -32.02
CA CYS U 109 -82.10 35.27 -32.41
C CYS U 109 -82.91 34.32 -31.53
N ALA U 110 -84.22 34.38 -31.72
CA ALA U 110 -85.17 33.45 -31.12
C ALA U 110 -84.81 32.03 -31.54
N ALA U 111 -85.05 31.08 -30.65
CA ALA U 111 -84.71 29.68 -30.88
C ALA U 111 -85.27 29.14 -32.20
N LYS U 112 -86.49 29.51 -32.52
CA LYS U 112 -87.14 29.07 -33.76
C LYS U 112 -86.37 29.36 -35.07
N ASP U 113 -85.53 30.38 -35.07
CA ASP U 113 -84.80 30.77 -36.28
C ASP U 113 -83.72 29.79 -36.74
N TYR U 114 -83.35 28.86 -35.88
CA TYR U 114 -82.32 27.88 -36.20
C TYR U 114 -82.92 26.52 -36.46
N TYR U 115 -84.25 26.47 -36.49
CA TYR U 115 -84.96 25.26 -36.84
C TYR U 115 -85.34 25.30 -38.32
N TYR U 116 -84.93 24.28 -39.06
CA TYR U 116 -85.16 24.19 -40.50
C TYR U 116 -85.70 22.84 -40.92
N GLY U 117 -86.15 22.77 -42.16
CA GLY U 117 -86.51 21.49 -42.78
C GLY U 117 -85.36 20.52 -42.58
N LEU U 118 -85.69 19.27 -42.24
CA LEU U 118 -84.68 18.29 -41.85
C LEU U 118 -84.26 17.37 -43.01
N ASP U 119 -83.08 17.61 -43.57
CA ASP U 119 -82.61 16.80 -44.71
C ASP U 119 -81.39 15.90 -44.43
N VAL U 120 -80.92 15.87 -43.19
CA VAL U 120 -79.87 14.94 -42.79
C VAL U 120 -80.36 14.07 -41.65
N TRP U 121 -80.42 12.77 -41.87
CA TRP U 121 -80.98 11.85 -40.89
C TRP U 121 -80.04 10.74 -40.47
N GLY U 122 -80.08 10.39 -39.19
CA GLY U 122 -79.54 9.14 -38.71
C GLY U 122 -80.33 7.93 -39.21
N GLN U 123 -79.79 6.74 -38.98
CA GLN U 123 -80.40 5.51 -39.49
C GLN U 123 -81.50 4.99 -38.54
N GLY U 124 -81.58 5.59 -37.36
CA GLY U 124 -82.59 5.23 -36.37
C GLY U 124 -82.16 4.20 -35.35
N THR U 125 -82.68 4.34 -34.13
CA THR U 125 -82.40 3.43 -33.04
C THR U 125 -83.69 2.89 -32.48
N THR U 126 -83.85 1.57 -32.54
CA THR U 126 -85.03 0.91 -32.01
C THR U 126 -84.98 0.69 -30.51
N VAL U 127 -85.94 1.29 -29.80
CA VAL U 127 -86.04 1.13 -28.36
C VAL U 127 -87.36 0.42 -28.08
N THR U 128 -87.28 -0.70 -27.37
CA THR U 128 -88.44 -1.49 -27.00
C THR U 128 -88.54 -1.44 -25.48
N VAL U 129 -89.72 -1.12 -24.96
CA VAL U 129 -89.89 -1.10 -23.52
C VAL U 129 -90.66 -2.31 -23.00
N SER U 130 -89.92 -3.19 -22.34
CA SER U 130 -90.45 -4.43 -21.77
C SER U 130 -89.57 -4.87 -20.62
N SER U 131 -90.14 -5.65 -19.70
CA SER U 131 -89.37 -6.17 -18.58
C SER U 131 -88.69 -7.48 -19.00
N ALA U 132 -89.03 -7.98 -20.19
CA ALA U 132 -88.48 -9.23 -20.68
C ALA U 132 -87.00 -9.01 -20.88
N SER U 133 -86.24 -9.91 -20.29
CA SER U 133 -84.81 -9.93 -20.50
C SER U 133 -84.60 -10.78 -21.73
N THR U 134 -83.34 -11.06 -22.04
CA THR U 134 -83.07 -11.67 -23.31
C THR U 134 -83.62 -13.10 -23.33
N LYS U 135 -84.32 -13.48 -24.40
CA LYS U 135 -84.99 -14.79 -24.44
C LYS U 135 -84.95 -15.42 -25.82
N GLY U 136 -84.49 -16.66 -25.86
CA GLY U 136 -84.46 -17.43 -27.09
C GLY U 136 -85.83 -17.94 -27.50
N PRO U 137 -85.98 -18.29 -28.78
CA PRO U 137 -87.29 -18.64 -29.33
C PRO U 137 -87.62 -20.09 -29.14
N SER U 138 -88.90 -20.38 -29.18
CA SER U 138 -89.38 -21.73 -29.30
C SER U 138 -89.69 -21.87 -30.78
N VAL U 139 -89.30 -22.99 -31.39
CA VAL U 139 -89.57 -23.18 -32.82
C VAL U 139 -90.41 -24.44 -33.04
N PHE U 140 -91.53 -24.27 -33.73
CA PHE U 140 -92.45 -25.38 -33.98
C PHE U 140 -92.64 -25.62 -35.47
N PRO U 141 -92.72 -26.89 -35.87
CA PRO U 141 -92.95 -27.27 -37.26
C PRO U 141 -94.39 -26.99 -37.73
N LEU U 142 -94.53 -26.49 -38.95
CA LEU U 142 -95.84 -26.35 -39.58
C LEU U 142 -95.93 -27.31 -40.77
N ALA U 143 -96.59 -28.44 -40.55
CA ALA U 143 -96.60 -29.55 -41.51
C ALA U 143 -97.32 -29.20 -42.81
N PRO U 144 -96.84 -29.77 -43.94
CA PRO U 144 -97.49 -29.57 -45.25
C PRO U 144 -98.91 -30.13 -45.29
N SER U 145 -99.82 -29.37 -45.91
CA SER U 145 -101.22 -29.77 -46.01
C SER U 145 -101.38 -31.08 -46.77
N GLY U 152 -99.72 -27.46 -58.64
CA GLY U 152 -100.10 -28.12 -57.41
C GLY U 152 -99.04 -27.95 -56.36
N THR U 153 -99.14 -26.87 -55.59
CA THR U 153 -98.12 -26.60 -54.58
C THR U 153 -98.68 -26.84 -53.19
N ALA U 154 -97.77 -26.97 -52.23
CA ALA U 154 -98.12 -27.11 -50.82
C ALA U 154 -97.33 -26.13 -49.97
N ALA U 155 -97.89 -25.75 -48.82
CA ALA U 155 -97.16 -24.91 -47.88
C ALA U 155 -96.81 -25.64 -46.58
N LEU U 156 -95.55 -25.51 -46.17
CA LEU U 156 -95.06 -25.99 -44.89
C LEU U 156 -94.16 -24.89 -44.31
N GLY U 157 -93.87 -24.94 -43.02
CA GLY U 157 -93.07 -23.89 -42.42
C GLY U 157 -92.59 -24.10 -41.00
N CYS U 158 -92.13 -23.02 -40.38
CA CYS U 158 -91.69 -23.05 -38.99
C CYS U 158 -92.27 -21.88 -38.24
N LEU U 159 -92.80 -22.17 -37.05
CA LEU U 159 -93.34 -21.16 -36.17
C LEU U 159 -92.30 -20.79 -35.12
N VAL U 160 -91.93 -19.51 -35.09
CA VAL U 160 -90.88 -19.06 -34.20
C VAL U 160 -91.56 -18.22 -33.12
N LYS U 161 -91.73 -18.83 -31.95
CA LYS U 161 -92.64 -18.32 -30.93
C LYS U 161 -91.92 -17.77 -29.71
N ASP U 162 -92.43 -16.65 -29.21
CA ASP U 162 -92.09 -16.17 -27.88
C ASP U 162 -90.62 -15.85 -27.71
N TYR U 163 -90.09 -14.97 -28.56
CA TYR U 163 -88.70 -14.58 -28.40
C TYR U 163 -88.63 -13.09 -28.12
N PHE U 164 -87.52 -12.64 -27.56
CA PHE U 164 -87.33 -11.22 -27.39
C PHE U 164 -85.84 -10.94 -27.21
N PRO U 165 -85.32 -9.86 -27.82
CA PRO U 165 -85.92 -8.89 -28.75
C PRO U 165 -85.74 -9.35 -30.19
N GLU U 166 -86.13 -8.49 -31.12
CA GLU U 166 -85.68 -8.60 -32.51
C GLU U 166 -84.14 -8.50 -32.50
N PRO U 167 -83.49 -9.04 -33.53
CA PRO U 167 -84.04 -9.70 -34.72
C PRO U 167 -83.88 -11.23 -34.69
N VAL U 168 -84.65 -11.91 -35.52
CA VAL U 168 -84.43 -13.32 -35.82
C VAL U 168 -84.15 -13.45 -37.30
N THR U 169 -83.26 -14.37 -37.69
CA THR U 169 -83.13 -14.77 -39.08
C THR U 169 -83.53 -16.22 -39.26
N VAL U 170 -83.99 -16.55 -40.46
CA VAL U 170 -84.36 -17.92 -40.77
C VAL U 170 -83.79 -18.36 -42.11
N SER U 171 -83.06 -19.47 -42.14
CA SER U 171 -82.70 -20.07 -43.41
C SER U 171 -83.32 -21.47 -43.49
N TRP U 172 -83.29 -22.07 -44.67
CA TRP U 172 -83.79 -23.42 -44.90
C TRP U 172 -82.68 -24.29 -45.50
N ASN U 173 -82.47 -25.49 -44.96
CA ASN U 173 -81.40 -26.39 -45.40
C ASN U 173 -80.05 -25.66 -45.48
N SER U 174 -79.76 -24.89 -44.42
CA SER U 174 -78.48 -24.18 -44.25
C SER U 174 -78.16 -23.15 -45.34
N GLY U 175 -79.20 -22.60 -45.96
CA GLY U 175 -79.00 -21.61 -47.00
C GLY U 175 -79.09 -22.20 -48.40
N ALA U 176 -79.11 -23.53 -48.46
CA ALA U 176 -79.18 -24.23 -49.74
C ALA U 176 -80.54 -24.05 -50.42
N LEU U 177 -81.56 -23.78 -49.64
CA LEU U 177 -82.92 -23.59 -50.17
C LEU U 177 -83.29 -22.11 -50.11
N THR U 178 -83.52 -21.49 -51.28
CA THR U 178 -83.83 -20.06 -51.33
C THR U 178 -85.09 -19.80 -52.14
N SER U 179 -85.31 -20.58 -53.19
CA SER U 179 -86.50 -20.39 -54.03
C SER U 179 -87.78 -20.71 -53.26
N GLY U 180 -88.79 -19.85 -53.37
CA GLY U 180 -90.07 -20.11 -52.75
C GLY U 180 -90.15 -19.76 -51.27
N VAL U 181 -89.08 -19.15 -50.74
CA VAL U 181 -89.03 -18.79 -49.32
C VAL U 181 -89.62 -17.41 -49.04
N HIS U 182 -90.53 -17.36 -48.07
CA HIS U 182 -91.11 -16.11 -47.63
C HIS U 182 -91.08 -16.09 -46.10
N THR U 183 -90.23 -15.26 -45.52
CA THR U 183 -90.23 -15.07 -44.07
C THR U 183 -91.05 -13.85 -43.71
N PHE U 184 -92.03 -14.03 -42.82
CA PHE U 184 -92.94 -12.95 -42.53
C PHE U 184 -92.41 -12.13 -41.37
N PRO U 185 -92.75 -10.83 -41.38
CA PRO U 185 -92.49 -9.91 -40.29
C PRO U 185 -93.11 -10.42 -39.00
N ALA U 186 -92.48 -10.13 -37.88
CA ALA U 186 -92.95 -10.63 -36.59
C ALA U 186 -94.15 -9.83 -36.13
N VAL U 187 -94.99 -10.46 -35.30
CA VAL U 187 -96.05 -9.76 -34.57
C VAL U 187 -95.51 -9.47 -33.17
N LEU U 188 -95.78 -8.28 -32.65
CA LEU U 188 -95.46 -8.03 -31.24
C LEU U 188 -96.69 -8.37 -30.41
N GLN U 189 -96.60 -9.47 -29.66
CA GLN U 189 -97.73 -10.02 -28.91
C GLN U 189 -98.01 -9.33 -27.58
N SER U 190 -99.19 -9.60 -27.04
CA SER U 190 -99.63 -9.10 -25.75
C SER U 190 -98.73 -9.52 -24.57
N SER U 191 -97.93 -10.56 -24.75
CA SER U 191 -96.98 -10.99 -23.73
C SER U 191 -95.75 -10.11 -23.67
N GLY U 192 -95.57 -9.29 -24.69
CA GLY U 192 -94.39 -8.46 -24.80
C GLY U 192 -93.29 -9.20 -25.52
N LEU U 193 -93.59 -10.42 -25.94
CA LEU U 193 -92.66 -11.19 -26.74
C LEU U 193 -93.08 -11.17 -28.23
N TYR U 194 -92.12 -11.36 -29.13
CA TYR U 194 -92.38 -11.39 -30.58
C TYR U 194 -92.57 -12.83 -31.09
N SER U 195 -93.30 -12.98 -32.19
CA SER U 195 -93.37 -14.24 -32.92
C SER U 195 -93.39 -14.03 -34.43
N LEU U 196 -92.72 -14.91 -35.18
CA LEU U 196 -92.82 -14.91 -36.64
C LEU U 196 -92.87 -16.32 -37.22
N SER U 197 -93.18 -16.43 -38.51
CA SER U 197 -93.11 -17.70 -39.21
C SER U 197 -92.32 -17.60 -40.53
N SER U 198 -91.67 -18.70 -40.91
CA SER U 198 -91.08 -18.81 -42.24
C SER U 198 -91.70 -20.00 -42.96
N VAL U 199 -92.12 -19.80 -44.20
CA VAL U 199 -92.76 -20.85 -44.99
C VAL U 199 -92.07 -21.07 -46.34
N VAL U 200 -92.02 -22.31 -46.80
CA VAL U 200 -91.49 -22.62 -48.13
C VAL U 200 -92.56 -23.26 -49.00
N THR U 201 -92.72 -22.78 -50.23
CA THR U 201 -93.69 -23.37 -51.14
C THR U 201 -92.93 -24.33 -52.06
N VAL U 202 -93.40 -25.56 -52.10
CA VAL U 202 -92.71 -26.65 -52.77
C VAL U 202 -93.68 -27.45 -53.62
N PRO U 203 -93.16 -28.17 -54.62
CA PRO U 203 -94.07 -29.06 -55.34
C PRO U 203 -94.60 -30.12 -54.38
N SER U 204 -95.91 -30.37 -54.42
CA SER U 204 -96.55 -31.33 -53.52
C SER U 204 -96.00 -32.71 -53.80
N SER U 205 -95.65 -32.93 -55.06
CA SER U 205 -95.13 -34.20 -55.53
C SER U 205 -93.84 -34.60 -54.81
N SER U 206 -93.10 -33.62 -54.31
CA SER U 206 -91.81 -33.90 -53.70
C SER U 206 -91.82 -34.05 -52.18
N LEU U 207 -93.02 -34.10 -51.59
CA LEU U 207 -93.14 -34.28 -50.15
C LEU U 207 -92.57 -35.61 -49.64
N GLY U 208 -92.68 -36.67 -50.44
CA GLY U 208 -92.26 -38.00 -50.03
C GLY U 208 -90.78 -38.26 -49.81
N THR U 209 -89.94 -37.58 -50.59
CA THR U 209 -88.50 -37.87 -50.62
C THR U 209 -87.60 -36.73 -50.11
N GLN U 210 -87.95 -35.49 -50.42
CA GLN U 210 -87.10 -34.31 -50.16
C GLN U 210 -87.06 -33.85 -48.69
N THR U 211 -85.92 -33.35 -48.23
CA THR U 211 -85.80 -32.98 -46.82
C THR U 211 -85.80 -31.46 -46.59
N TYR U 212 -86.49 -31.03 -45.53
CA TYR U 212 -86.59 -29.62 -45.22
C TYR U 212 -86.31 -29.39 -43.74
N ILE U 213 -85.23 -28.68 -43.43
CA ILE U 213 -84.90 -28.32 -42.04
C ILE U 213 -84.72 -26.79 -42.02
N CYS U 214 -85.47 -26.09 -41.17
CA CYS U 214 -85.27 -24.64 -41.01
C CYS U 214 -84.24 -24.26 -39.94
N ASN U 215 -83.45 -23.22 -40.22
CA ASN U 215 -82.41 -22.78 -39.31
C ASN U 215 -82.67 -21.37 -38.80
N VAL U 216 -83.00 -21.27 -37.52
CA VAL U 216 -83.41 -19.99 -36.94
C VAL U 216 -82.31 -19.49 -36.02
N ASN U 217 -81.92 -18.23 -36.18
CA ASN U 217 -80.86 -17.64 -35.36
C ASN U 217 -81.36 -16.39 -34.64
N HIS U 218 -81.17 -16.38 -33.33
CA HIS U 218 -81.47 -15.21 -32.52
C HIS U 218 -80.23 -14.81 -31.76
N LYS U 219 -79.47 -13.92 -32.37
CA LYS U 219 -78.17 -13.49 -31.84
C LYS U 219 -78.25 -12.91 -30.42
N PRO U 220 -79.26 -12.08 -30.12
CA PRO U 220 -79.26 -11.53 -28.76
C PRO U 220 -79.30 -12.57 -27.64
N SER U 221 -79.88 -13.76 -27.88
CA SER U 221 -79.89 -14.78 -26.84
C SER U 221 -78.87 -15.89 -27.07
N ASN U 222 -78.13 -15.78 -28.16
CA ASN U 222 -77.15 -16.80 -28.55
C ASN U 222 -77.82 -18.15 -28.65
N THR U 223 -78.97 -18.17 -29.30
CA THR U 223 -79.75 -19.37 -29.44
C THR U 223 -79.86 -19.66 -30.92
N LYS U 224 -79.74 -20.93 -31.29
CA LYS U 224 -79.98 -21.35 -32.66
C LYS U 224 -80.85 -22.61 -32.65
N VAL U 225 -81.82 -22.71 -33.54
CA VAL U 225 -82.68 -23.90 -33.58
C VAL U 225 -82.85 -24.45 -34.99
N ASP U 226 -82.65 -25.76 -35.17
CA ASP U 226 -82.99 -26.42 -36.44
C ASP U 226 -84.19 -27.33 -36.22
N LYS U 227 -85.20 -27.22 -37.07
CA LYS U 227 -86.37 -28.11 -36.98
C LYS U 227 -86.79 -28.66 -38.36
N ARG U 228 -86.83 -29.97 -38.51
CA ARG U 228 -87.32 -30.62 -39.73
C ARG U 228 -88.85 -30.62 -39.87
N VAL U 229 -89.34 -30.35 -41.09
CA VAL U 229 -90.78 -30.25 -41.34
C VAL U 229 -91.26 -31.34 -42.28
N GLU U 230 -92.04 -32.24 -41.70
CA GLU U 230 -92.57 -33.43 -42.36
C GLU U 230 -94.09 -33.46 -42.33
N PRO U 231 -94.71 -34.24 -43.25
CA PRO U 231 -96.17 -34.41 -43.23
C PRO U 231 -96.65 -35.12 -41.96
N LYS U 232 -97.85 -34.77 -41.48
CA LYS U 232 -98.39 -35.30 -40.23
C LYS U 232 -98.88 -36.74 -40.37
N GLN V 1 -105.94 13.66 -32.66
CA GLN V 1 -105.81 15.07 -33.03
C GLN V 1 -104.35 15.53 -33.03
N SER V 2 -103.82 15.72 -34.24
CA SER V 2 -102.56 16.43 -34.45
C SER V 2 -102.84 17.92 -34.58
N VAL V 3 -101.82 18.74 -34.34
CA VAL V 3 -101.96 20.19 -34.36
C VAL V 3 -102.25 20.63 -35.79
N LEU V 4 -101.61 19.96 -36.75
CA LEU V 4 -101.91 20.15 -38.16
C LEU V 4 -102.83 19.03 -38.59
N THR V 5 -103.84 19.34 -39.42
CA THR V 5 -104.80 18.32 -39.81
C THR V 5 -104.59 17.85 -41.25
N GLN V 6 -104.39 16.54 -41.40
CA GLN V 6 -104.26 15.92 -42.71
C GLN V 6 -105.28 14.82 -42.90
N PRO V 7 -105.75 14.61 -44.15
CA PRO V 7 -106.57 13.44 -44.44
C PRO V 7 -105.75 12.16 -44.22
N PRO V 8 -106.39 11.10 -43.72
CA PRO V 8 -105.68 9.84 -43.48
C PRO V 8 -105.20 9.07 -44.72
N SER V 9 -105.84 9.30 -45.87
CA SER V 9 -105.57 8.50 -47.07
C SER V 9 -105.69 9.33 -48.35
N ALA V 10 -104.95 8.95 -49.38
CA ALA V 10 -105.11 9.53 -50.71
C ALA V 10 -104.84 8.48 -51.78
N SER V 11 -105.35 8.69 -52.99
CA SER V 11 -105.11 7.73 -54.07
C SER V 11 -105.22 8.25 -55.52
N GLY V 12 -104.53 7.55 -56.42
CA GLY V 12 -104.63 7.77 -57.87
C GLY V 12 -104.12 6.58 -58.66
N THR V 13 -104.25 6.64 -60.00
CA THR V 13 -103.74 5.58 -60.89
C THR V 13 -102.48 6.11 -61.59
N PRO V 14 -101.71 5.24 -62.30
CA PRO V 14 -100.44 5.73 -62.84
C PRO V 14 -100.55 6.93 -63.77
N GLY V 15 -99.70 7.93 -63.56
CA GLY V 15 -99.71 9.11 -64.40
C GLY V 15 -100.70 10.16 -63.92
N GLN V 16 -101.52 9.79 -62.93
CA GLN V 16 -102.46 10.75 -62.36
C GLN V 16 -101.76 11.66 -61.38
N SER V 17 -102.56 12.51 -60.75
CA SER V 17 -102.06 13.41 -59.74
C SER V 17 -102.95 13.36 -58.51
N VAL V 18 -102.40 13.80 -57.39
CA VAL V 18 -103.14 13.90 -56.14
C VAL V 18 -102.68 15.16 -55.46
N THR V 19 -103.52 15.66 -54.57
CA THR V 19 -103.10 16.73 -53.70
C THR V 19 -103.40 16.35 -52.27
N ILE V 20 -102.41 16.55 -51.42
CA ILE V 20 -102.53 16.19 -50.03
C ILE V 20 -102.56 17.48 -49.22
N SER V 21 -103.58 17.64 -48.38
CA SER V 21 -103.75 18.89 -47.65
C SER V 21 -103.20 18.84 -46.24
N CYS V 22 -103.00 20.02 -45.66
CA CYS V 22 -102.43 20.12 -44.33
C CYS V 22 -103.02 21.38 -43.70
N SER V 23 -103.79 21.23 -42.64
CA SER V 23 -104.51 22.38 -42.08
C SER V 23 -104.02 22.73 -40.68
N GLY V 24 -103.74 24.00 -40.46
CA GLY V 24 -103.27 24.46 -39.17
C GLY V 24 -103.97 25.72 -38.68
N SER V 25 -103.20 26.58 -38.02
CA SER V 25 -103.74 27.77 -37.37
C SER V 25 -102.73 28.91 -37.49
N ARG V 26 -103.14 30.10 -37.06
CA ARG V 26 -102.28 31.29 -37.06
C ARG V 26 -100.92 30.99 -36.40
N SER V 27 -100.96 30.22 -35.32
CA SER V 27 -99.78 29.95 -34.50
C SER V 27 -98.75 29.03 -35.17
N ASN V 28 -99.20 28.19 -36.09
CA ASN V 28 -98.27 27.31 -36.83
C ASN V 28 -98.06 27.66 -38.33
N ILE V 29 -98.85 27.08 -39.22
CA ILE V 29 -98.70 27.30 -40.66
C ILE V 29 -98.80 28.77 -41.11
N GLY V 30 -99.68 29.53 -40.47
CA GLY V 30 -99.90 30.94 -40.75
C GLY V 30 -98.73 31.92 -40.71
N GLY V 31 -97.77 31.68 -39.82
CA GLY V 31 -96.66 32.57 -39.60
C GLY V 31 -95.29 31.92 -39.75
N ASN V 32 -95.29 30.73 -40.34
CA ASN V 32 -94.10 29.87 -40.40
C ASN V 32 -94.11 29.08 -41.70
N THR V 33 -92.92 28.66 -42.13
CA THR V 33 -92.84 27.89 -43.35
C THR V 33 -93.31 26.49 -43.08
N VAL V 34 -93.70 25.80 -44.13
CA VAL V 34 -94.17 24.45 -44.01
C VAL V 34 -93.14 23.51 -44.62
N ASN V 35 -92.88 22.41 -43.93
CA ASN V 35 -92.05 21.34 -44.44
C ASN V 35 -92.90 20.12 -44.76
N TRP V 36 -92.54 19.37 -45.80
CA TRP V 36 -93.25 18.14 -46.11
C TRP V 36 -92.25 16.98 -46.12
N TYR V 37 -92.61 15.88 -45.44
CA TYR V 37 -91.75 14.71 -45.41
C TYR V 37 -92.43 13.47 -46.03
N GLN V 38 -91.65 12.65 -46.74
CA GLN V 38 -92.08 11.33 -47.19
C GLN V 38 -91.46 10.28 -46.29
N HIS V 39 -92.23 9.25 -45.95
CA HIS V 39 -91.74 8.19 -45.08
C HIS V 39 -92.13 6.83 -45.62
N LEU V 40 -91.10 6.06 -45.99
CA LEU V 40 -91.24 4.71 -46.52
C LEU V 40 -90.92 3.71 -45.43
N PRO V 41 -91.57 2.54 -45.48
CA PRO V 41 -91.26 1.46 -44.52
C PRO V 41 -89.76 1.14 -44.40
N GLY V 42 -89.28 1.10 -43.17
CA GLY V 42 -87.94 0.65 -42.82
C GLY V 42 -86.82 1.67 -42.80
N MET V 43 -87.01 2.81 -43.44
CA MET V 43 -85.95 3.81 -43.52
C MET V 43 -86.39 5.12 -42.91
N ALA V 44 -85.43 6.02 -42.70
CA ALA V 44 -85.73 7.35 -42.19
C ALA V 44 -86.59 8.12 -43.20
N PRO V 45 -87.41 9.06 -42.71
CA PRO V 45 -88.12 10.01 -43.59
C PRO V 45 -87.15 10.82 -44.47
N LYS V 46 -87.67 11.31 -45.59
CA LYS V 46 -86.87 12.16 -46.49
C LYS V 46 -87.58 13.50 -46.75
N LEU V 47 -86.84 14.60 -46.66
CA LEU V 47 -87.39 15.93 -46.99
C LEU V 47 -87.62 16.14 -48.48
N LEU V 48 -88.86 16.48 -48.83
CA LEU V 48 -89.23 16.82 -50.20
C LEU V 48 -89.34 18.32 -50.41
N ILE V 49 -90.00 18.98 -49.47
CA ILE V 49 -90.31 20.40 -49.62
C ILE V 49 -89.93 21.15 -48.35
N TYR V 50 -89.30 22.32 -48.52
CA TYR V 50 -89.06 23.23 -47.40
C TYR V 50 -89.46 24.63 -47.81
N SER V 51 -89.55 25.52 -46.82
CA SER V 51 -89.94 26.91 -47.08
C SER V 51 -91.25 26.96 -47.87
N SER V 52 -92.13 26.00 -47.58
CA SER V 52 -93.46 25.87 -48.18
C SER V 52 -93.48 25.48 -49.67
N ASN V 53 -92.59 26.02 -50.51
CA ASN V 53 -92.69 25.75 -51.95
C ASN V 53 -91.34 25.47 -52.63
N GLN V 54 -90.30 25.25 -51.84
CA GLN V 54 -88.97 24.97 -52.36
C GLN V 54 -88.65 23.47 -52.31
N ARG V 55 -88.16 22.93 -53.42
CA ARG V 55 -87.78 21.52 -53.48
C ARG V 55 -86.37 21.24 -52.93
N SER V 56 -86.26 20.22 -52.08
CA SER V 56 -84.98 19.73 -51.59
C SER V 56 -84.11 19.18 -52.71
N SER V 57 -82.79 19.20 -52.51
CA SER V 57 -81.83 18.73 -53.51
C SER V 57 -82.20 17.35 -54.08
N GLY V 58 -82.20 17.25 -55.40
CA GLY V 58 -82.46 16.00 -56.09
C GLY V 58 -83.91 15.59 -56.31
N VAL V 59 -84.84 16.33 -55.73
CA VAL V 59 -86.27 16.00 -55.85
C VAL V 59 -86.85 16.48 -57.17
N PRO V 60 -87.53 15.57 -57.90
CA PRO V 60 -88.08 15.97 -59.20
C PRO V 60 -89.21 16.98 -59.05
N ASP V 61 -89.45 17.75 -60.09
CA ASP V 61 -90.37 18.87 -60.01
C ASP V 61 -91.84 18.46 -60.02
N ARG V 62 -92.11 17.16 -60.10
CA ARG V 62 -93.47 16.65 -59.90
C ARG V 62 -93.96 16.66 -58.45
N PHE V 63 -93.05 16.86 -57.48
CA PHE V 63 -93.48 17.19 -56.13
C PHE V 63 -93.46 18.69 -55.95
N SER V 64 -94.58 19.24 -55.50
CA SER V 64 -94.66 20.67 -55.26
C SER V 64 -95.45 21.00 -54.02
N GLY V 65 -95.00 22.03 -53.31
CA GLY V 65 -95.64 22.44 -52.09
C GLY V 65 -96.19 23.85 -52.26
N SER V 66 -97.27 24.15 -51.56
CA SER V 66 -97.79 25.51 -51.54
C SER V 66 -98.44 25.77 -50.19
N LYS V 67 -98.64 27.04 -49.87
CA LYS V 67 -99.27 27.43 -48.62
C LYS V 67 -99.99 28.74 -48.86
N SER V 68 -101.14 28.93 -48.21
CA SER V 68 -101.76 30.24 -48.16
C SER V 68 -102.65 30.33 -46.92
N GLY V 69 -102.66 31.51 -46.29
CA GLY V 69 -103.40 31.69 -45.06
C GLY V 69 -102.89 30.67 -44.05
N THR V 70 -103.77 29.77 -43.62
CA THR V 70 -103.43 28.81 -42.58
C THR V 70 -103.47 27.37 -43.07
N SER V 71 -103.38 27.19 -44.38
CA SER V 71 -103.33 25.84 -44.95
C SER V 71 -102.21 25.66 -45.97
N ALA V 72 -101.70 24.42 -46.08
CA ALA V 72 -100.63 24.10 -47.02
C ALA V 72 -101.00 22.87 -47.85
N SER V 73 -100.31 22.67 -48.97
CA SER V 73 -100.61 21.52 -49.84
C SER V 73 -99.36 20.85 -50.44
N LEU V 74 -99.38 19.52 -50.55
CA LEU V 74 -98.35 18.83 -51.34
C LEU V 74 -99.03 18.16 -52.53
N ALA V 75 -98.63 18.55 -53.73
CA ALA V 75 -99.19 17.98 -54.94
C ALA V 75 -98.21 17.05 -55.61
N ILE V 76 -98.70 15.88 -56.03
CA ILE V 76 -97.82 14.92 -56.68
C ILE V 76 -98.45 14.45 -58.00
N SER V 77 -97.80 14.75 -59.11
CA SER V 77 -98.26 14.31 -60.44
C SER V 77 -97.37 13.24 -61.05
N GLY V 78 -97.84 12.65 -62.16
CA GLY V 78 -97.04 11.66 -62.86
C GLY V 78 -96.80 10.50 -61.93
N LEU V 79 -97.85 10.10 -61.21
CA LEU V 79 -97.74 9.14 -60.13
C LEU V 79 -97.07 7.84 -60.57
N GLN V 80 -96.11 7.41 -59.75
CA GLN V 80 -95.36 6.18 -59.95
C GLN V 80 -95.52 5.31 -58.71
N SER V 81 -95.34 4.00 -58.89
CA SER V 81 -95.37 3.05 -57.78
C SER V 81 -94.56 3.50 -56.54
N GLU V 82 -93.35 4.03 -56.73
CA GLU V 82 -92.50 4.40 -55.58
C GLU V 82 -93.00 5.60 -54.78
N ASP V 83 -94.04 6.26 -55.29
CA ASP V 83 -94.63 7.37 -54.57
C ASP V 83 -95.54 6.90 -53.45
N ASP V 84 -95.85 5.61 -53.45
CA ASP V 84 -96.61 4.99 -52.39
C ASP V 84 -95.87 5.15 -51.08
N ALA V 85 -96.43 5.92 -50.16
CA ALA V 85 -95.71 6.31 -48.95
C ALA V 85 -96.62 7.13 -48.02
N ASP V 86 -96.11 7.42 -46.83
CA ASP V 86 -96.77 8.36 -45.91
C ASP V 86 -96.15 9.72 -46.09
N TYR V 87 -96.98 10.74 -46.07
CA TYR V 87 -96.48 12.08 -46.24
C TYR V 87 -96.90 12.92 -45.04
N TYR V 88 -95.92 13.62 -44.46
CA TYR V 88 -96.17 14.42 -43.28
C TYR V 88 -95.84 15.87 -43.57
N CYS V 89 -96.70 16.78 -43.13
CA CYS V 89 -96.33 18.18 -43.09
C CYS V 89 -95.81 18.54 -41.71
N ALA V 90 -95.02 19.60 -41.66
CA ALA V 90 -94.53 20.12 -40.40
C ALA V 90 -94.27 21.61 -40.50
N SER V 91 -94.30 22.28 -39.35
CA SER V 91 -93.92 23.69 -39.26
C SER V 91 -93.62 24.01 -37.81
N TRP V 92 -93.04 25.17 -37.57
CA TRP V 92 -92.88 25.64 -36.21
C TRP V 92 -94.26 26.10 -35.74
N ASP V 93 -94.52 25.98 -34.43
CA ASP V 93 -95.75 26.51 -33.84
C ASP V 93 -95.33 27.50 -32.75
N ASP V 94 -95.75 28.76 -32.90
CA ASP V 94 -95.33 29.84 -32.01
C ASP V 94 -95.95 29.83 -30.62
N SER V 95 -97.05 29.10 -30.47
CA SER V 95 -97.71 28.97 -29.17
C SER V 95 -97.13 27.85 -28.31
N LEU V 96 -96.77 26.75 -28.98
CA LEU V 96 -96.16 25.60 -28.34
C LEU V 96 -94.66 25.72 -28.15
N ASN V 97 -94.06 26.67 -28.88
CA ASN V 97 -92.60 26.84 -28.91
C ASN V 97 -91.93 25.53 -29.30
N GLY V 98 -92.34 25.00 -30.45
CA GLY V 98 -91.81 23.73 -30.94
C GLY V 98 -92.32 23.41 -32.33
N VAL V 99 -91.80 22.33 -32.90
CA VAL V 99 -92.20 21.86 -34.22
C VAL V 99 -93.46 21.01 -34.08
N VAL V 100 -94.40 21.19 -34.99
CA VAL V 100 -95.59 20.35 -35.00
C VAL V 100 -95.70 19.59 -36.32
N PHE V 101 -96.19 18.35 -36.24
CA PHE V 101 -96.42 17.53 -37.43
C PHE V 101 -97.91 17.28 -37.63
N GLY V 102 -98.31 17.16 -38.88
CA GLY V 102 -99.62 16.59 -39.19
C GLY V 102 -99.62 15.10 -38.91
N GLY V 103 -100.79 14.48 -38.98
CA GLY V 103 -100.90 13.07 -38.68
C GLY V 103 -100.38 12.17 -39.78
N GLY V 104 -100.10 12.76 -40.95
CA GLY V 104 -99.64 11.96 -42.07
C GLY V 104 -100.80 11.56 -42.94
N THR V 105 -100.53 11.45 -44.24
CA THR V 105 -101.50 10.91 -45.17
C THR V 105 -100.91 9.73 -45.89
N LYS V 106 -101.58 8.59 -45.84
CA LYS V 106 -101.11 7.44 -46.60
C LYS V 106 -101.63 7.53 -48.04
N LEU V 107 -100.70 7.76 -48.96
CA LEU V 107 -101.02 7.79 -50.39
C LEU V 107 -100.89 6.45 -51.06
N THR V 108 -101.94 6.04 -51.76
CA THR V 108 -101.84 4.81 -52.51
C THR V 108 -102.00 5.13 -54.00
N VAL V 109 -101.04 4.64 -54.76
CA VAL V 109 -100.99 4.67 -56.22
C VAL V 109 -101.53 3.35 -56.79
N LEU V 110 -102.76 3.30 -57.30
CA LEU V 110 -103.28 2.02 -57.78
C LEU V 110 -102.77 1.81 -59.18
N GLY V 111 -101.45 1.57 -59.21
CA GLY V 111 -100.65 1.26 -60.38
C GLY V 111 -100.51 -0.19 -60.75
N GLN V 112 -101.24 -1.06 -60.06
CA GLN V 112 -101.16 -2.50 -60.31
C GLN V 112 -102.54 -3.14 -60.13
N PRO V 113 -102.82 -4.19 -60.91
CA PRO V 113 -104.14 -4.85 -60.75
C PRO V 113 -104.34 -5.27 -59.31
N LYS V 114 -105.55 -5.01 -58.82
CA LYS V 114 -105.96 -5.36 -57.47
C LYS V 114 -105.73 -6.84 -57.26
N ALA V 115 -105.11 -7.19 -56.14
CA ALA V 115 -104.73 -8.58 -55.91
C ALA V 115 -105.36 -9.10 -54.62
N ALA V 116 -106.11 -10.19 -54.75
CA ALA V 116 -106.78 -10.81 -53.61
C ALA V 116 -105.73 -11.47 -52.74
N PRO V 117 -105.98 -11.54 -51.42
CA PRO V 117 -104.97 -12.11 -50.52
C PRO V 117 -104.89 -13.64 -50.66
N SER V 118 -103.68 -14.17 -50.52
CA SER V 118 -103.48 -15.62 -50.40
C SER V 118 -103.39 -15.97 -48.93
N VAL V 119 -104.16 -16.97 -48.51
CA VAL V 119 -104.21 -17.27 -47.09
C VAL V 119 -103.82 -18.71 -46.86
N THR V 120 -102.91 -18.91 -45.91
CA THR V 120 -102.53 -20.23 -45.45
C THR V 120 -102.79 -20.30 -43.95
N LEU V 121 -103.45 -21.34 -43.50
CA LEU V 121 -103.75 -21.50 -42.07
C LEU V 121 -103.13 -22.79 -41.56
N PHE V 122 -102.35 -22.66 -40.49
CA PHE V 122 -101.73 -23.82 -39.84
C PHE V 122 -102.36 -24.07 -38.48
N PRO V 123 -102.58 -25.34 -38.16
CA PRO V 123 -103.05 -25.79 -36.85
C PRO V 123 -101.88 -25.82 -35.86
N PRO V 124 -102.16 -26.02 -34.57
CA PRO V 124 -101.06 -26.24 -33.63
C PRO V 124 -100.22 -27.45 -34.05
N SER V 125 -98.90 -27.36 -33.84
CA SER V 125 -98.00 -28.49 -34.04
C SER V 125 -98.14 -29.45 -32.88
N SER V 126 -97.80 -30.70 -33.14
CA SER V 126 -97.76 -31.70 -32.09
C SER V 126 -96.84 -31.31 -30.92
N GLU V 127 -95.72 -30.69 -31.24
CA GLU V 127 -94.75 -30.28 -30.22
C GLU V 127 -95.31 -29.28 -29.22
N GLU V 128 -96.00 -28.27 -29.74
CA GLU V 128 -96.58 -27.22 -28.91
C GLU V 128 -97.69 -27.72 -28.00
N LEU V 129 -98.58 -28.54 -28.54
CA LEU V 129 -99.64 -29.16 -27.75
C LEU V 129 -99.06 -29.89 -26.55
N GLN V 130 -97.94 -30.59 -26.75
CA GLN V 130 -97.29 -31.25 -25.65
C GLN V 130 -96.78 -30.25 -24.63
N ALA V 131 -96.54 -29.02 -25.07
CA ALA V 131 -96.18 -27.95 -24.15
C ALA V 131 -97.37 -27.18 -23.58
N ASN V 132 -98.56 -27.77 -23.68
CA ASN V 132 -99.79 -27.22 -23.08
C ASN V 132 -100.17 -25.86 -23.66
N LYS V 133 -99.87 -25.68 -24.94
CA LYS V 133 -100.24 -24.49 -25.68
C LYS V 133 -100.77 -24.91 -27.05
N ALA V 134 -101.32 -23.93 -27.76
CA ALA V 134 -101.84 -24.17 -29.09
C ALA V 134 -101.95 -22.86 -29.83
N THR V 135 -101.28 -22.79 -30.97
CA THR V 135 -101.29 -21.61 -31.80
C THR V 135 -101.71 -22.00 -33.22
N LEU V 136 -102.73 -21.32 -33.72
CA LEU V 136 -103.10 -21.43 -35.11
C LEU V 136 -102.44 -20.28 -35.86
N VAL V 137 -101.97 -20.54 -37.08
CA VAL V 137 -101.12 -19.59 -37.76
C VAL V 137 -101.73 -19.28 -39.12
N CYS V 138 -102.13 -18.03 -39.31
CA CYS V 138 -102.80 -17.63 -40.54
C CYS V 138 -101.92 -16.66 -41.29
N LEU V 139 -101.38 -17.12 -42.42
CA LEU V 139 -100.42 -16.34 -43.18
C LEU V 139 -101.01 -15.80 -44.47
N ILE V 140 -100.84 -14.50 -44.69
CA ILE V 140 -101.55 -13.80 -45.75
C ILE V 140 -100.55 -13.08 -46.66
N SER V 141 -100.58 -13.40 -47.95
CA SER V 141 -99.55 -12.87 -48.85
C SER V 141 -100.11 -12.42 -50.20
N ASP V 142 -99.30 -11.68 -50.95
CA ASP V 142 -99.59 -11.28 -52.33
C ASP V 142 -100.86 -10.42 -52.58
N PHE V 143 -101.26 -9.58 -51.63
CA PHE V 143 -102.47 -8.75 -51.85
C PHE V 143 -102.13 -7.30 -52.19
N TYR V 144 -103.04 -6.63 -52.89
CA TYR V 144 -102.90 -5.21 -53.18
C TYR V 144 -104.26 -4.58 -53.42
N PRO V 145 -104.53 -3.42 -52.80
CA PRO V 145 -103.67 -2.64 -51.88
C PRO V 145 -103.37 -3.31 -50.54
N GLY V 146 -102.46 -2.72 -49.77
CA GLY V 146 -101.93 -3.31 -48.55
C GLY V 146 -102.69 -3.16 -47.25
N ALA V 147 -103.94 -3.62 -47.25
CA ALA V 147 -104.79 -3.55 -46.07
C ALA V 147 -105.69 -4.78 -46.00
N VAL V 148 -105.65 -5.48 -44.87
CA VAL V 148 -106.59 -6.56 -44.63
C VAL V 148 -107.10 -6.52 -43.21
N THR V 149 -108.22 -7.19 -42.98
CA THR V 149 -108.68 -7.51 -41.63
C THR V 149 -108.86 -9.00 -41.46
N VAL V 150 -108.65 -9.48 -40.23
CA VAL V 150 -108.70 -10.89 -39.94
C VAL V 150 -109.69 -11.16 -38.81
N ALA V 151 -110.57 -12.13 -39.03
CA ALA V 151 -111.53 -12.56 -38.03
C ALA V 151 -111.28 -14.03 -37.76
N TRP V 152 -111.54 -14.47 -36.53
CA TRP V 152 -111.38 -15.88 -36.21
C TRP V 152 -112.70 -16.49 -35.75
N LYS V 153 -112.88 -17.77 -36.05
CA LYS V 153 -114.08 -18.50 -35.63
C LYS V 153 -113.76 -19.85 -34.98
N ALA V 154 -114.53 -20.19 -33.95
CA ALA V 154 -114.54 -21.53 -33.39
C ALA V 154 -115.85 -22.15 -33.88
N ASP V 155 -115.75 -23.21 -34.68
CA ASP V 155 -116.90 -23.69 -35.45
C ASP V 155 -117.44 -22.52 -36.28
N SER V 156 -118.66 -22.10 -35.99
CA SER V 156 -119.22 -20.92 -36.63
C SER V 156 -119.27 -19.70 -35.71
N SER V 157 -118.75 -19.85 -34.49
CA SER V 157 -118.77 -18.78 -33.49
C SER V 157 -117.53 -17.89 -33.56
N PRO V 158 -117.73 -16.57 -33.60
CA PRO V 158 -116.64 -15.58 -33.64
C PRO V 158 -115.74 -15.66 -32.42
N VAL V 159 -114.44 -15.60 -32.65
CA VAL V 159 -113.49 -15.58 -31.55
C VAL V 159 -112.71 -14.29 -31.60
N LYS V 160 -112.82 -13.47 -30.54
CA LYS V 160 -112.10 -12.20 -30.51
C LYS V 160 -110.86 -12.14 -29.61
N ALA V 161 -110.88 -12.87 -28.50
CA ALA V 161 -109.76 -12.83 -27.55
C ALA V 161 -108.56 -13.66 -28.03
N GLY V 162 -107.35 -13.28 -27.63
CA GLY V 162 -106.18 -14.09 -27.92
C GLY V 162 -105.66 -14.04 -29.34
N VAL V 163 -106.03 -12.99 -30.05
CA VAL V 163 -105.65 -12.84 -31.45
C VAL V 163 -104.49 -11.85 -31.55
N GLU V 164 -103.49 -12.18 -32.35
CA GLU V 164 -102.37 -11.27 -32.53
C GLU V 164 -102.08 -11.11 -34.02
N THR V 165 -102.22 -9.87 -34.49
CA THR V 165 -102.12 -9.55 -35.92
C THR V 165 -101.15 -8.41 -36.25
N THR V 166 -100.33 -8.61 -37.26
CA THR V 166 -99.33 -7.62 -37.65
C THR V 166 -99.98 -6.53 -38.48
N THR V 167 -99.31 -5.39 -38.62
CA THR V 167 -99.63 -4.43 -39.67
C THR V 167 -99.12 -5.02 -41.00
N PRO V 168 -99.77 -4.69 -42.14
CA PRO V 168 -99.23 -5.25 -43.39
C PRO V 168 -97.87 -4.67 -43.77
N SER V 169 -97.04 -5.48 -44.44
CA SER V 169 -95.72 -5.06 -44.89
C SER V 169 -95.46 -5.47 -46.33
N LYS V 170 -94.69 -4.66 -47.06
CA LYS V 170 -94.32 -4.97 -48.44
C LYS V 170 -93.39 -6.19 -48.61
N GLN V 171 -93.78 -7.09 -49.51
CA GLN V 171 -92.96 -8.22 -49.96
C GLN V 171 -92.04 -7.78 -51.08
N SER V 172 -91.14 -8.67 -51.48
CA SER V 172 -90.19 -8.37 -52.54
C SER V 172 -90.86 -8.17 -53.90
N ASN V 173 -92.10 -8.66 -54.06
CA ASN V 173 -92.85 -8.46 -55.31
C ASN V 173 -93.81 -7.25 -55.40
N ASN V 174 -93.69 -6.33 -54.44
CA ASN V 174 -94.50 -5.11 -54.34
C ASN V 174 -96.01 -5.23 -54.08
N LYS V 175 -96.49 -6.44 -53.82
CA LYS V 175 -97.79 -6.65 -53.17
C LYS V 175 -97.50 -6.74 -51.67
N TYR V 176 -98.52 -6.96 -50.84
CA TYR V 176 -98.35 -6.87 -49.38
C TYR V 176 -98.57 -8.21 -48.64
N ALA V 177 -97.96 -8.34 -47.45
CA ALA V 177 -98.13 -9.53 -46.61
C ALA V 177 -98.51 -9.19 -45.18
N ALA V 178 -99.16 -10.14 -44.49
CA ALA V 178 -99.48 -10.03 -43.08
C ALA V 178 -99.60 -11.40 -42.42
N SER V 179 -99.60 -11.43 -41.08
CA SER V 179 -99.78 -12.67 -40.34
C SER V 179 -100.77 -12.45 -39.18
N SER V 180 -101.51 -13.50 -38.82
CA SER V 180 -102.39 -13.49 -37.66
C SER V 180 -102.28 -14.75 -36.83
N TYR V 181 -102.30 -14.60 -35.51
CA TYR V 181 -102.13 -15.75 -34.63
C TYR V 181 -103.26 -15.90 -33.62
N LEU V 182 -103.78 -17.12 -33.46
CA LEU V 182 -104.78 -17.38 -32.44
C LEU V 182 -104.23 -18.35 -31.39
N SER V 183 -104.22 -17.92 -30.12
CA SER V 183 -103.82 -18.77 -29.00
C SER V 183 -105.01 -19.47 -28.38
N LEU V 184 -104.90 -20.78 -28.18
CA LEU V 184 -105.97 -21.54 -27.57
C LEU V 184 -105.34 -22.43 -26.50
N THR V 185 -106.17 -22.96 -25.60
CA THR V 185 -105.73 -24.07 -24.77
C THR V 185 -105.91 -25.30 -25.63
N PRO V 186 -105.13 -26.35 -25.35
CA PRO V 186 -105.30 -27.62 -26.06
C PRO V 186 -106.72 -28.16 -25.93
N GLU V 187 -107.34 -27.93 -24.79
CA GLU V 187 -108.70 -28.38 -24.53
C GLU V 187 -109.70 -27.72 -25.48
N GLN V 188 -109.55 -26.43 -25.71
CA GLN V 188 -110.39 -25.70 -26.64
C GLN V 188 -110.22 -26.21 -28.06
N TRP V 189 -108.97 -26.38 -28.47
CA TRP V 189 -108.62 -26.86 -29.81
C TRP V 189 -109.25 -28.20 -30.17
N LYS V 190 -109.20 -29.16 -29.25
CA LYS V 190 -109.68 -30.50 -29.52
C LYS V 190 -111.20 -30.63 -29.41
N SER V 191 -111.85 -29.63 -28.81
CA SER V 191 -113.27 -29.72 -28.49
C SER V 191 -114.21 -29.22 -29.58
N HIS V 192 -113.65 -28.57 -30.59
CA HIS V 192 -114.46 -28.03 -31.66
C HIS V 192 -114.24 -28.89 -32.90
N ARG V 193 -115.19 -28.90 -33.82
CA ARG V 193 -115.00 -29.64 -35.07
C ARG V 193 -113.93 -28.95 -35.89
N SER V 194 -113.92 -27.61 -35.88
CA SER V 194 -112.93 -26.89 -36.65
C SER V 194 -112.81 -25.43 -36.21
N TYR V 195 -111.76 -24.79 -36.70
CA TYR V 195 -111.56 -23.35 -36.61
C TYR V 195 -111.29 -22.78 -37.98
N SER V 196 -111.65 -21.51 -38.17
CA SER V 196 -111.44 -20.84 -39.45
C SER V 196 -110.79 -19.48 -39.24
N CYS V 197 -109.93 -19.10 -40.17
CA CYS V 197 -109.36 -17.76 -40.19
C CYS V 197 -109.98 -17.04 -41.37
N GLN V 198 -110.65 -15.91 -41.11
CA GLN V 198 -111.33 -15.18 -42.17
C GLN V 198 -110.67 -13.81 -42.39
N VAL V 199 -110.18 -13.60 -43.62
CA VAL V 199 -109.42 -12.41 -43.98
C VAL V 199 -110.27 -11.56 -44.93
N THR V 200 -110.50 -10.30 -44.58
CA THR V 200 -111.30 -9.42 -45.42
C THR V 200 -110.42 -8.40 -46.12
N HIS V 201 -110.56 -8.32 -47.43
CA HIS V 201 -109.79 -7.43 -48.29
C HIS V 201 -110.70 -6.71 -49.28
N GLU V 202 -110.73 -5.37 -49.23
CA GLU V 202 -111.59 -4.57 -50.11
C GLU V 202 -113.04 -5.07 -50.21
N GLY V 203 -113.65 -5.37 -49.07
CA GLY V 203 -115.07 -5.73 -49.04
C GLY V 203 -115.27 -7.20 -49.32
N SER V 204 -114.17 -7.87 -49.64
CA SER V 204 -114.16 -9.28 -50.00
C SER V 204 -113.50 -10.06 -48.86
N THR V 205 -114.19 -11.09 -48.37
CA THR V 205 -113.79 -11.82 -47.19
C THR V 205 -113.37 -13.22 -47.61
N VAL V 206 -112.16 -13.63 -47.25
CA VAL V 206 -111.69 -14.98 -47.54
C VAL V 206 -111.32 -15.81 -46.31
N GLU V 207 -111.30 -17.14 -46.45
CA GLU V 207 -111.12 -18.00 -45.28
C GLU V 207 -110.39 -19.32 -45.53
N LYS V 208 -109.83 -19.87 -44.45
CA LYS V 208 -109.28 -21.23 -44.35
C LYS V 208 -109.86 -21.91 -43.14
N THR V 209 -109.93 -23.24 -43.17
CA THR V 209 -110.49 -23.98 -42.05
C THR V 209 -109.54 -25.12 -41.73
N VAL V 210 -109.30 -25.33 -40.44
CA VAL V 210 -108.52 -26.45 -39.96
C VAL V 210 -109.24 -27.30 -38.90
N ALA V 211 -108.85 -28.56 -38.77
CA ALA V 211 -109.46 -29.48 -37.81
C ALA V 211 -108.40 -30.29 -37.04
N PRO V 212 -108.72 -30.70 -35.80
CA PRO V 212 -107.76 -31.42 -34.95
C PRO V 212 -107.29 -32.71 -35.61
N THR V 213 -108.15 -33.23 -36.48
CA THR V 213 -107.94 -34.53 -37.07
C THR V 213 -107.40 -34.42 -38.49
N GLU W 1 -82.75 50.74 17.68
CA GLU W 1 -83.39 49.81 16.75
C GLU W 1 -82.81 48.40 16.89
N VAL W 2 -81.48 48.30 16.80
CA VAL W 2 -80.78 47.03 16.96
C VAL W 2 -80.82 46.65 18.45
N GLN W 3 -80.88 45.36 18.74
CA GLN W 3 -80.72 44.90 20.12
C GLN W 3 -79.40 44.15 20.28
N LEU W 4 -78.83 44.21 21.48
CA LEU W 4 -77.53 43.62 21.71
C LEU W 4 -77.65 42.51 22.74
N VAL W 5 -77.17 41.32 22.40
CA VAL W 5 -77.21 40.22 23.35
C VAL W 5 -75.82 39.64 23.55
N GLU W 6 -75.35 39.62 24.80
CA GLU W 6 -74.03 39.08 25.11
C GLU W 6 -74.11 37.62 25.59
N SER W 7 -72.99 36.89 25.49
CA SER W 7 -72.92 35.51 25.99
C SER W 7 -73.00 35.44 27.53
N GLY W 8 -73.14 34.24 28.09
CA GLY W 8 -73.43 34.12 29.51
C GLY W 8 -72.22 34.28 30.42
N ALA W 9 -72.46 34.36 31.72
CA ALA W 9 -71.41 34.49 32.73
C ALA W 9 -70.33 33.40 32.70
N GLU W 10 -69.10 33.82 33.00
CA GLU W 10 -67.91 32.96 32.94
C GLU W 10 -67.04 33.10 34.20
N VAL W 11 -66.31 32.05 34.52
CA VAL W 11 -65.34 32.07 35.61
C VAL W 11 -64.00 31.46 35.21
N LYS W 12 -62.94 32.23 35.48
CA LYS W 12 -61.60 31.95 34.98
C LYS W 12 -60.56 32.09 36.10
N LYS W 13 -59.52 31.26 36.05
CA LYS W 13 -58.42 31.37 37.00
C LYS W 13 -57.50 32.51 36.59
N PRO W 14 -56.79 33.12 37.56
CA PRO W 14 -55.81 34.15 37.20
C PRO W 14 -54.78 33.64 36.21
N GLY W 15 -54.44 34.47 35.23
CA GLY W 15 -53.41 34.16 34.26
C GLY W 15 -54.04 33.59 33.01
N SER W 16 -55.31 33.18 33.11
CA SER W 16 -56.03 32.61 31.97
C SER W 16 -56.63 33.71 31.09
N SER W 17 -57.35 33.29 30.05
CA SER W 17 -57.96 34.23 29.11
C SER W 17 -59.47 34.12 29.04
N VAL W 18 -60.12 35.25 28.80
CA VAL W 18 -61.56 35.25 28.60
C VAL W 18 -61.89 35.90 27.24
N LYS W 19 -62.90 35.38 26.58
CA LYS W 19 -63.41 35.98 25.35
C LYS W 19 -64.91 36.18 25.49
N VAL W 20 -65.38 37.42 25.29
CA VAL W 20 -66.81 37.68 25.34
C VAL W 20 -67.37 38.08 23.98
N SER W 21 -68.49 37.48 23.59
CA SER W 21 -69.12 37.82 22.31
C SER W 21 -70.30 38.76 22.52
N CYS W 22 -70.67 39.50 21.47
CA CYS W 22 -71.76 40.46 21.61
C CYS W 22 -72.54 40.47 20.30
N ARG W 23 -73.61 39.70 20.22
CA ARG W 23 -74.34 39.58 18.96
C ARG W 23 -75.52 40.52 18.82
N ALA W 24 -75.48 41.33 17.76
CA ALA W 24 -76.59 42.22 17.44
C ALA W 24 -77.63 41.53 16.57
N SER W 25 -78.87 41.97 16.73
CA SER W 25 -80.01 41.42 15.99
C SER W 25 -80.11 41.91 14.54
N GLY W 26 -79.28 42.88 14.19
CA GLY W 26 -79.17 43.33 12.80
C GLY W 26 -77.87 44.05 12.52
N THR W 27 -77.77 44.66 11.33
CA THR W 27 -76.60 45.43 10.97
C THR W 27 -76.17 46.48 12.00
N PHE W 28 -74.86 46.50 12.26
CA PHE W 28 -74.31 47.40 13.27
C PHE W 28 -72.84 47.59 12.96
N TYR W 29 -72.59 48.31 11.88
CA TYR W 29 -71.31 48.30 11.22
C TYR W 29 -70.63 49.62 11.08
N LYS W 30 -71.42 50.69 11.14
CA LYS W 30 -70.92 51.96 10.70
C LYS W 30 -70.23 52.72 11.82
N TYR W 31 -70.67 52.48 13.05
CA TYR W 31 -70.20 53.24 14.19
C TYR W 31 -69.50 52.40 15.24
N ALA W 32 -68.76 53.05 16.12
CA ALA W 32 -67.88 52.36 17.05
C ALA W 32 -68.66 51.55 18.06
N ILE W 33 -68.33 50.27 18.14
CA ILE W 33 -68.82 49.42 19.20
C ILE W 33 -67.87 49.52 20.38
N ASN W 34 -68.37 50.02 21.51
CA ASN W 34 -67.53 50.27 22.67
C ASN W 34 -67.68 49.18 23.70
N TRP W 35 -66.61 48.98 24.47
CA TRP W 35 -66.67 48.08 25.59
C TRP W 35 -66.40 48.84 26.88
N VAL W 36 -67.29 48.67 27.85
CA VAL W 36 -67.22 49.41 29.11
C VAL W 36 -67.50 48.42 30.21
N ARG W 37 -66.72 48.46 31.29
CA ARG W 37 -66.94 47.52 32.40
C ARG W 37 -67.20 48.21 33.74
N GLN W 38 -67.72 47.43 34.69
CA GLN W 38 -67.85 47.87 36.08
C GLN W 38 -67.45 46.78 37.07
N ALA W 39 -66.34 46.99 37.76
CA ALA W 39 -65.90 46.11 38.83
C ALA W 39 -66.70 46.45 40.09
N PRO W 40 -66.86 45.47 41.00
CA PRO W 40 -67.63 45.77 42.21
C PRO W 40 -67.05 46.94 43.00
N GLY W 41 -67.88 47.91 43.36
CA GLY W 41 -67.44 49.08 44.10
C GLY W 41 -66.65 50.10 43.31
N GLN W 42 -66.58 49.93 41.99
CA GLN W 42 -65.85 50.86 41.13
C GLN W 42 -66.79 51.60 40.17
N GLY W 43 -66.30 52.68 39.57
CA GLY W 43 -67.05 53.38 38.53
C GLY W 43 -66.96 52.69 37.18
N LEU W 44 -67.80 53.08 36.23
CA LEU W 44 -67.73 52.54 34.87
C LEU W 44 -66.35 52.79 34.28
N GLU W 45 -65.81 51.80 33.58
CA GLU W 45 -64.48 51.93 33.00
C GLU W 45 -64.44 51.58 31.51
N TRP W 46 -64.05 52.54 30.69
CA TRP W 46 -63.90 52.30 29.27
C TRP W 46 -62.64 51.48 29.02
N MET W 47 -62.78 50.43 28.23
CA MET W 47 -61.66 49.54 27.96
C MET W 47 -61.14 49.86 26.58
N GLY W 48 -62.08 50.02 25.66
CA GLY W 48 -61.73 50.30 24.29
C GLY W 48 -62.94 50.18 23.40
N GLY W 49 -62.73 50.38 22.11
CA GLY W 49 -63.76 50.17 21.12
C GLY W 49 -63.17 49.88 19.76
N ILE W 50 -64.04 49.47 18.85
CA ILE W 50 -63.64 49.25 17.47
C ILE W 50 -64.68 49.86 16.57
N ILE W 51 -64.23 50.46 15.47
CA ILE W 51 -65.17 50.93 14.49
C ILE W 51 -65.10 49.87 13.41
N PRO W 52 -66.12 49.00 13.40
CA PRO W 52 -66.11 47.79 12.58
C PRO W 52 -65.90 48.03 11.10
N PHE W 53 -66.51 49.09 10.60
CA PHE W 53 -66.45 49.46 9.19
C PHE W 53 -64.96 49.57 8.79
N PHE W 54 -64.10 50.02 9.71
CA PHE W 54 -62.65 50.21 9.47
C PHE W 54 -61.76 49.16 10.10
N GLY W 55 -62.30 48.45 11.08
CA GLY W 55 -61.53 47.50 11.85
C GLY W 55 -60.66 48.22 12.88
N THR W 56 -60.68 49.55 12.85
CA THR W 56 -59.86 50.38 13.73
C THR W 56 -60.22 50.22 15.19
N THR W 57 -59.20 50.00 16.01
CA THR W 57 -59.42 49.80 17.42
C THR W 57 -58.72 50.89 18.22
N ASN W 58 -59.38 51.31 19.29
CA ASN W 58 -58.81 52.24 20.23
C ASN W 58 -58.92 51.59 21.60
N TYR W 59 -57.84 51.64 22.37
CA TYR W 59 -57.82 50.97 23.65
C TYR W 59 -57.38 51.91 24.75
N ALA W 60 -57.96 51.75 25.94
CA ALA W 60 -57.48 52.48 27.10
C ALA W 60 -56.06 51.99 27.36
N GLN W 61 -55.19 52.91 27.81
CA GLN W 61 -53.78 52.60 28.03
C GLN W 61 -53.56 51.42 28.98
N LYS W 62 -54.40 51.35 30.01
CA LYS W 62 -54.37 50.29 31.00
C LYS W 62 -54.43 48.85 30.43
N PHE W 63 -54.99 48.67 29.23
CA PHE W 63 -55.22 47.33 28.71
C PHE W 63 -54.41 47.02 27.46
N GLN W 64 -53.69 48.00 26.93
CA GLN W 64 -52.88 47.81 25.72
C GLN W 64 -51.87 46.67 25.85
N GLY W 65 -51.84 45.79 24.86
CA GLY W 65 -50.98 44.63 24.88
C GLY W 65 -51.67 43.41 25.45
N ARG W 66 -52.75 43.61 26.19
CA ARG W 66 -53.53 42.48 26.68
C ARG W 66 -55.03 42.47 26.37
N LEU W 67 -55.51 43.51 25.69
CA LEU W 67 -56.91 43.51 25.29
C LEU W 67 -57.02 43.48 23.77
N THR W 68 -57.83 42.58 23.23
CA THR W 68 -58.07 42.51 21.79
C THR W 68 -59.57 42.48 21.54
N ILE W 69 -60.04 43.38 20.69
CA ILE W 69 -61.46 43.44 20.35
C ILE W 69 -61.64 43.03 18.90
N THR W 70 -62.60 42.16 18.65
CA THR W 70 -62.86 41.72 17.29
C THR W 70 -64.29 42.02 16.91
N ALA W 71 -64.49 42.35 15.63
CA ALA W 71 -65.82 42.42 15.06
C ALA W 71 -65.96 41.60 13.78
N ASP W 72 -66.84 40.61 13.80
CA ASP W 72 -67.09 39.79 12.62
C ASP W 72 -68.40 40.27 11.98
N GLY W 73 -68.28 41.16 11.00
CA GLY W 73 -69.44 41.71 10.32
C GLY W 73 -70.39 40.69 9.70
N SER W 74 -69.82 39.67 9.08
CA SER W 74 -70.58 38.63 8.38
C SER W 74 -71.62 37.91 9.24
N THR W 75 -71.45 38.01 10.56
CA THR W 75 -72.36 37.37 11.50
C THR W 75 -72.97 38.36 12.49
N ASN W 76 -72.71 39.65 12.26
CA ASN W 76 -73.13 40.70 13.19
C ASN W 76 -72.72 40.48 14.65
N THR W 77 -71.52 39.96 14.87
CA THR W 77 -71.04 39.68 16.22
C THR W 77 -69.71 40.38 16.50
N ALA W 78 -69.59 40.98 17.68
CA ALA W 78 -68.36 41.62 18.13
C ALA W 78 -67.78 40.86 19.31
N TYR W 79 -66.51 41.05 19.58
CA TYR W 79 -65.88 40.27 20.63
C TYR W 79 -64.88 41.07 21.43
N MET W 80 -64.73 40.67 22.69
CA MET W 80 -63.73 41.22 23.59
C MET W 80 -62.91 40.06 24.12
N GLN W 81 -61.59 40.13 23.96
CA GLN W 81 -60.70 39.13 24.55
C GLN W 81 -59.72 39.82 25.50
N LEU W 82 -59.67 39.35 26.74
CA LEU W 82 -58.79 39.94 27.75
C LEU W 82 -57.84 38.90 28.35
N ASP W 83 -56.53 39.14 28.19
CA ASP W 83 -55.52 38.17 28.58
C ASP W 83 -54.93 38.48 29.96
N SER W 84 -54.19 37.51 30.49
CA SER W 84 -53.47 37.63 31.76
C SER W 84 -54.36 38.17 32.87
N LEU W 85 -55.49 37.50 33.09
CA LEU W 85 -56.51 37.99 33.99
C LEU W 85 -56.02 38.03 35.43
N ARG W 86 -56.44 39.07 36.14
CA ARG W 86 -56.16 39.22 37.57
C ARG W 86 -57.47 39.45 38.30
N SER W 87 -57.40 39.42 39.62
CA SER W 87 -58.59 39.57 40.46
C SER W 87 -59.30 40.89 40.15
N GLU W 88 -58.52 41.90 39.77
CA GLU W 88 -59.07 43.21 39.41
C GLU W 88 -59.92 43.16 38.14
N ASP W 89 -59.89 42.05 37.42
CA ASP W 89 -60.66 41.94 36.18
C ASP W 89 -62.07 41.42 36.43
N THR W 90 -62.33 41.02 37.68
CA THR W 90 -63.69 40.63 38.09
C THR W 90 -64.57 41.87 37.96
N ALA W 91 -65.61 41.77 37.14
CA ALA W 91 -66.41 42.95 36.78
C ALA W 91 -67.63 42.53 35.97
N VAL W 92 -68.58 43.44 35.80
CA VAL W 92 -69.61 43.25 34.80
C VAL W 92 -69.12 43.88 33.50
N TYR W 93 -69.13 43.10 32.43
CA TYR W 93 -68.65 43.59 31.13
C TYR W 93 -69.79 43.88 30.15
N TYR W 94 -69.88 45.12 29.70
CA TYR W 94 -70.91 45.52 28.75
C TYR W 94 -70.28 45.83 27.39
N CYS W 95 -70.97 45.48 26.31
CA CYS W 95 -70.72 46.08 25.01
C CYS W 95 -71.79 47.12 24.69
N ALA W 96 -71.45 48.08 23.83
CA ALA W 96 -72.36 49.16 23.51
C ALA W 96 -72.00 49.87 22.22
N GLY W 97 -73.01 50.48 21.59
CA GLY W 97 -72.80 51.29 20.41
C GLY W 97 -73.93 52.29 20.28
N PRO W 98 -73.87 53.15 19.25
CA PRO W 98 -74.89 54.18 19.04
C PRO W 98 -75.94 53.77 18.01
N SER W 99 -77.15 54.31 18.13
CA SER W 99 -78.23 54.07 17.19
C SER W 99 -78.18 55.15 16.11
N ILE W 100 -77.04 55.82 16.05
CA ILE W 100 -76.80 56.90 15.10
C ILE W 100 -77.05 56.49 13.66
N THR W 101 -77.63 57.43 12.92
CA THR W 101 -77.70 57.42 11.48
C THR W 101 -77.31 58.84 11.04
N GLU W 102 -76.94 58.99 9.78
CA GLU W 102 -76.57 60.29 9.26
C GLU W 102 -77.19 60.32 7.90
N SER W 103 -77.50 61.51 7.41
CA SER W 103 -77.96 61.59 6.06
C SER W 103 -76.78 61.16 5.23
N HIS W 104 -75.58 61.57 5.66
CA HIS W 104 -74.36 61.22 4.97
C HIS W 104 -73.18 60.77 5.87
N TYR W 105 -72.79 59.50 5.71
CA TYR W 105 -71.68 58.80 6.42
C TYR W 105 -70.22 59.03 5.96
N CYS W 106 -69.32 59.33 6.90
CA CYS W 106 -67.90 59.61 6.57
C CYS W 106 -67.00 58.40 6.23
N LEU W 107 -66.29 58.51 5.10
CA LEU W 107 -65.45 57.39 4.61
C LEU W 107 -63.93 57.39 4.88
N ASP W 108 -63.40 58.45 5.46
CA ASP W 108 -61.94 58.57 5.59
C ASP W 108 -61.56 59.42 6.80
N CYS W 109 -62.39 59.38 7.84
CA CYS W 109 -62.18 60.23 9.01
C CYS W 109 -61.35 59.65 10.15
N ALA W 110 -60.92 60.56 11.03
CA ALA W 110 -60.27 60.22 12.28
C ALA W 110 -61.19 59.31 13.08
N ALA W 111 -60.61 58.40 13.83
CA ALA W 111 -61.37 57.42 14.60
C ALA W 111 -62.42 58.04 15.53
N LYS W 112 -62.07 59.14 16.18
CA LYS W 112 -63.00 59.81 17.08
C LYS W 112 -64.34 60.23 16.45
N ASP W 113 -64.36 60.42 15.13
CA ASP W 113 -65.58 60.87 14.45
C ASP W 113 -66.69 59.84 14.40
N TYR W 114 -66.36 58.59 14.69
CA TYR W 114 -67.33 57.50 14.66
C TYR W 114 -67.71 57.07 16.06
N TYR W 115 -67.21 57.81 17.05
CA TYR W 115 -67.59 57.58 18.41
C TYR W 115 -68.71 58.53 18.87
N TYR W 116 -69.80 57.96 19.35
CA TYR W 116 -70.97 58.75 19.78
C TYR W 116 -71.47 58.30 21.15
N GLY W 117 -72.36 59.10 21.72
CA GLY W 117 -73.10 58.72 22.91
C GLY W 117 -73.71 57.34 22.73
N LEU W 118 -73.62 56.53 23.77
CA LEU W 118 -74.01 55.13 23.69
C LEU W 118 -75.43 54.87 24.21
N ASP W 119 -76.39 54.66 23.31
CA ASP W 119 -77.78 54.42 23.74
C ASP W 119 -78.32 53.02 23.46
N VAL W 120 -77.47 52.14 22.92
CA VAL W 120 -77.82 50.73 22.74
C VAL W 120 -76.83 49.86 23.48
N TRP W 121 -77.31 49.09 24.45
CA TRP W 121 -76.43 48.30 25.28
C TRP W 121 -76.79 46.83 25.28
N GLY W 122 -75.76 45.98 25.31
CA GLY W 122 -75.94 44.59 25.67
C GLY W 122 -76.33 44.49 27.13
N GLN W 123 -76.71 43.28 27.54
CA GLN W 123 -77.19 43.05 28.90
C GLN W 123 -76.07 42.86 29.91
N GLY W 124 -74.84 42.70 29.42
CA GLY W 124 -73.68 42.55 30.29
C GLY W 124 -73.32 41.09 30.57
N THR W 125 -72.02 40.85 30.72
CA THR W 125 -71.49 39.51 31.01
C THR W 125 -70.64 39.51 32.27
N THR W 126 -71.04 38.71 33.25
CA THR W 126 -70.30 38.60 34.50
C THR W 126 -69.11 37.66 34.40
N VAL W 127 -67.93 38.21 34.63
CA VAL W 127 -66.70 37.44 34.63
C VAL W 127 -66.11 37.48 36.02
N THR W 128 -65.88 36.30 36.61
CA THR W 128 -65.29 36.20 37.94
C THR W 128 -63.93 35.53 37.88
N VAL W 129 -62.92 36.15 38.48
CA VAL W 129 -61.58 35.56 38.54
C VAL W 129 -61.21 35.01 39.93
N SER W 130 -61.20 33.67 40.05
CA SER W 130 -60.90 33.01 41.32
C SER W 130 -60.49 31.56 41.14
N SER W 131 -59.82 30.96 42.12
CA SER W 131 -59.40 29.57 42.02
C SER W 131 -60.57 28.70 42.49
N ALA W 132 -61.59 29.33 43.05
CA ALA W 132 -62.78 28.63 43.52
C ALA W 132 -63.57 28.09 42.34
N SER W 133 -63.86 26.79 42.40
CA SER W 133 -64.79 26.18 41.44
C SER W 133 -66.17 26.24 42.08
N THR W 134 -67.15 25.62 41.43
CA THR W 134 -68.56 25.74 41.86
C THR W 134 -68.74 25.01 43.18
N LYS W 135 -69.43 25.64 44.13
CA LYS W 135 -69.58 25.08 45.48
C LYS W 135 -70.94 25.40 46.09
N GLY W 136 -71.61 24.36 46.60
CA GLY W 136 -72.89 24.52 47.25
C GLY W 136 -72.77 25.11 48.64
N PRO W 137 -73.88 25.69 49.14
CA PRO W 137 -73.80 26.44 50.39
C PRO W 137 -74.00 25.55 51.60
N SER W 138 -73.48 26.04 52.71
CA SER W 138 -73.80 25.49 54.01
C SER W 138 -74.87 26.40 54.60
N VAL W 139 -75.89 25.83 55.23
CA VAL W 139 -76.96 26.63 55.80
C VAL W 139 -77.12 26.39 57.31
N PHE W 140 -77.10 27.49 58.07
CA PHE W 140 -77.20 27.41 59.53
C PHE W 140 -78.40 28.20 60.01
N PRO W 141 -79.11 27.66 61.01
CA PRO W 141 -80.25 28.35 61.61
C PRO W 141 -79.82 29.53 62.49
N LEU W 142 -80.57 30.63 62.42
CA LEU W 142 -80.37 31.75 63.34
C LEU W 142 -81.58 31.84 64.27
N ALA W 143 -81.41 31.31 65.47
CA ALA W 143 -82.50 31.14 66.43
C ALA W 143 -83.05 32.46 66.93
N PRO W 144 -84.36 32.49 67.22
CA PRO W 144 -84.99 33.69 67.78
C PRO W 144 -84.44 34.10 69.15
N SER W 145 -84.26 35.42 69.30
CA SER W 145 -83.73 36.00 70.53
C SER W 145 -84.61 35.67 71.73
N GLY W 152 -94.18 43.92 69.84
CA GLY W 152 -93.16 43.03 70.37
C GLY W 152 -92.81 41.95 69.38
N THR W 153 -91.83 42.25 68.51
CA THR W 153 -91.46 41.32 67.47
C THR W 153 -90.10 40.68 67.77
N ALA W 154 -89.83 39.57 67.10
CA ALA W 154 -88.54 38.89 67.18
C ALA W 154 -88.00 38.61 65.79
N ALA W 155 -86.67 38.52 65.67
CA ALA W 155 -86.06 38.15 64.40
C ALA W 155 -85.39 36.77 64.46
N LEU W 156 -85.67 35.94 63.44
CA LEU W 156 -85.00 34.66 63.26
C LEU W 156 -84.69 34.56 61.77
N GLY W 157 -83.78 33.66 61.40
CA GLY W 157 -83.41 33.55 60.00
C GLY W 157 -82.54 32.37 59.64
N CYS W 158 -81.95 32.43 58.46
CA CYS W 158 -81.05 31.38 58.00
C CYS W 158 -79.78 32.01 57.45
N LEU W 159 -78.65 31.45 57.85
CA LEU W 159 -77.36 31.88 57.36
C LEU W 159 -76.90 30.97 56.24
N VAL W 160 -76.68 31.55 55.08
CA VAL W 160 -76.33 30.79 53.90
C VAL W 160 -74.88 31.11 53.57
N LYS W 161 -73.98 30.18 53.93
CA LYS W 161 -72.54 30.47 54.01
C LYS W 161 -71.71 29.80 52.91
N ASP W 162 -70.75 30.54 52.38
CA ASP W 162 -69.66 29.98 51.58
C ASP W 162 -70.10 29.30 50.28
N TYR W 163 -70.80 30.03 49.40
CA TYR W 163 -71.18 29.46 48.12
C TYR W 163 -70.57 30.20 46.94
N PHE W 164 -70.54 29.53 45.78
CA PHE W 164 -70.10 30.16 44.56
C PHE W 164 -70.61 29.40 43.33
N PRO W 165 -71.05 30.12 42.29
CA PRO W 165 -71.20 31.58 42.20
C PRO W 165 -72.60 31.98 42.65
N GLU W 166 -72.94 33.25 42.52
CA GLU W 166 -74.33 33.69 42.54
C GLU W 166 -75.08 33.00 41.40
N PRO W 167 -76.42 32.87 41.52
CA PRO W 167 -77.29 33.33 42.59
C PRO W 167 -77.80 32.22 43.53
N VAL W 168 -78.30 32.63 44.69
CA VAL W 168 -79.05 31.75 45.58
C VAL W 168 -80.46 32.34 45.75
N THR W 169 -81.47 31.49 45.86
CA THR W 169 -82.80 31.94 46.31
C THR W 169 -83.20 31.32 47.65
N VAL W 170 -84.03 32.04 48.40
CA VAL W 170 -84.53 31.53 49.68
C VAL W 170 -86.04 31.75 49.80
N SER W 171 -86.77 30.69 50.09
CA SER W 171 -88.16 30.86 50.47
C SER W 171 -88.36 30.35 51.89
N TRP W 172 -89.52 30.64 52.48
CA TRP W 172 -89.86 30.18 53.81
C TRP W 172 -91.18 29.40 53.75
N ASN W 173 -91.21 28.21 54.37
CA ASN W 173 -92.38 27.34 54.33
C ASN W 173 -92.87 27.16 52.88
N SER W 174 -91.92 26.90 51.97
CA SER W 174 -92.18 26.62 50.55
C SER W 174 -92.88 27.74 49.77
N GLY W 175 -92.71 28.98 50.23
CA GLY W 175 -93.32 30.12 49.57
C GLY W 175 -94.60 30.55 50.27
N ALA W 176 -95.08 29.72 51.19
CA ALA W 176 -96.31 30.00 51.92
C ALA W 176 -96.12 31.17 52.88
N LEU W 177 -94.89 31.40 53.29
CA LEU W 177 -94.59 32.48 54.20
C LEU W 177 -93.87 33.57 53.42
N THR W 178 -94.49 34.74 53.30
CA THR W 178 -93.89 35.83 52.52
C THR W 178 -93.86 37.12 53.33
N SER W 179 -94.86 37.33 54.18
CA SER W 179 -94.91 38.54 54.99
C SER W 179 -93.77 38.56 56.01
N GLY W 180 -93.10 39.70 56.11
CA GLY W 180 -92.06 39.88 57.11
C GLY W 180 -90.73 39.29 56.69
N VAL W 181 -90.65 38.80 55.44
CA VAL W 181 -89.42 38.19 54.95
C VAL W 181 -88.50 39.22 54.32
N HIS W 182 -87.24 39.23 54.73
CA HIS W 182 -86.24 40.10 54.14
C HIS W 182 -84.99 39.29 53.85
N THR W 183 -84.73 39.01 52.58
CA THR W 183 -83.48 38.36 52.21
C THR W 183 -82.45 39.39 51.77
N PHE W 184 -81.28 39.37 52.40
CA PHE W 184 -80.29 40.41 52.15
C PHE W 184 -79.37 40.00 51.01
N PRO W 185 -78.88 41.00 50.28
CA PRO W 185 -77.84 40.83 49.27
C PRO W 185 -76.64 40.16 49.89
N ALA W 186 -75.93 39.35 49.11
CA ALA W 186 -74.81 38.60 49.63
C ALA W 186 -73.58 39.50 49.79
N VAL W 187 -72.70 39.10 50.70
CA VAL W 187 -71.37 39.70 50.80
C VAL W 187 -70.41 38.79 50.04
N LEU W 188 -69.49 39.39 49.29
CA LEU W 188 -68.42 38.62 48.67
C LEU W 188 -67.21 38.58 49.59
N GLN W 189 -66.95 37.41 50.16
CA GLN W 189 -65.91 37.27 51.17
C GLN W 189 -64.51 37.18 50.60
N SER W 190 -63.54 37.35 51.48
CA SER W 190 -62.12 37.23 51.17
C SER W 190 -61.70 35.85 50.63
N SER W 191 -62.52 34.83 50.88
CA SER W 191 -62.26 33.49 50.39
C SER W 191 -62.62 33.35 48.91
N GLY W 192 -63.34 34.34 48.40
CA GLY W 192 -63.82 34.28 47.04
C GLY W 192 -65.17 33.61 46.97
N LEU W 193 -65.69 33.22 48.12
CA LEU W 193 -67.04 32.67 48.19
C LEU W 193 -68.04 33.72 48.70
N TYR W 194 -69.31 33.57 48.33
CA TYR W 194 -70.39 34.48 48.79
C TYR W 194 -71.15 33.96 50.01
N SER W 195 -71.72 34.89 50.79
CA SER W 195 -72.67 34.51 51.85
C SER W 195 -73.83 35.51 51.97
N LEU W 196 -75.03 35.00 52.25
CA LEU W 196 -76.17 35.87 52.56
C LEU W 196 -77.03 35.27 53.68
N SER W 197 -77.96 36.07 54.20
CA SER W 197 -78.96 35.58 55.14
C SER W 197 -80.38 35.98 54.74
N SER W 198 -81.35 35.16 55.11
CA SER W 198 -82.76 35.55 54.98
C SER W 198 -83.41 35.50 56.36
N VAL W 199 -84.13 36.56 56.71
CA VAL W 199 -84.77 36.68 58.01
C VAL W 199 -86.27 36.94 57.91
N VAL W 200 -87.04 36.38 58.85
CA VAL W 200 -88.46 36.64 58.94
C VAL W 200 -88.82 37.27 60.29
N THR W 201 -89.60 38.34 60.27
CA THR W 201 -90.04 38.98 61.51
C THR W 201 -91.43 38.45 61.81
N VAL W 202 -91.58 37.90 63.01
CA VAL W 202 -92.77 37.18 63.41
C VAL W 202 -93.21 37.64 64.78
N PRO W 203 -94.50 37.42 65.11
CA PRO W 203 -94.88 37.72 66.49
C PRO W 203 -94.13 36.80 67.46
N SER W 204 -93.60 37.38 68.53
CA SER W 204 -92.82 36.65 69.50
C SER W 204 -93.76 35.63 70.13
N SER W 205 -95.03 36.03 70.22
CA SER W 205 -96.06 35.21 70.82
C SER W 205 -96.22 33.89 70.08
N SER W 206 -95.85 33.86 68.80
CA SER W 206 -96.06 32.66 67.99
C SER W 206 -94.84 31.75 67.88
N LEU W 207 -93.79 32.03 68.65
CA LEU W 207 -92.59 31.19 68.64
C LEU W 207 -92.82 29.74 69.12
N GLY W 208 -93.73 29.58 70.08
CA GLY W 208 -93.99 28.28 70.69
C GLY W 208 -94.64 27.16 69.88
N THR W 209 -95.50 27.55 68.96
CA THR W 209 -96.33 26.60 68.22
C THR W 209 -96.03 26.56 66.72
N GLN W 210 -95.74 27.72 66.15
CA GLN W 210 -95.59 27.88 64.70
C GLN W 210 -94.28 27.33 64.13
N THR W 211 -94.32 26.78 62.92
CA THR W 211 -93.12 26.17 62.36
C THR W 211 -92.50 27.03 61.27
N TYR W 212 -91.17 27.11 61.27
CA TYR W 212 -90.49 27.92 60.29
C TYR W 212 -89.34 27.12 59.68
N ILE W 213 -89.44 26.82 58.40
CA ILE W 213 -88.37 26.11 57.68
C ILE W 213 -88.01 26.97 56.46
N CYS W 214 -86.74 27.35 56.34
CA CYS W 214 -86.28 28.08 55.13
C CYS W 214 -85.82 27.16 54.00
N ASN W 215 -86.15 27.55 52.77
CA ASN W 215 -85.81 26.77 51.59
C ASN W 215 -84.85 27.53 50.70
N VAL W 216 -83.60 27.07 50.64
CA VAL W 216 -82.55 27.77 49.95
C VAL W 216 -82.18 27.02 48.67
N ASN W 217 -82.13 27.74 47.55
CA ASN W 217 -81.79 27.13 46.26
C ASN W 217 -80.59 27.79 45.60
N HIS W 218 -79.60 26.97 45.26
CA HIS W 218 -78.44 27.42 44.49
C HIS W 218 -78.27 26.58 43.23
N LYS W 219 -78.87 27.03 42.14
CA LYS W 219 -78.87 26.28 40.89
C LYS W 219 -77.49 25.93 40.29
N PRO W 220 -76.52 26.88 40.29
CA PRO W 220 -75.22 26.55 39.69
C PRO W 220 -74.51 25.35 40.30
N SER W 221 -74.74 25.07 41.58
CA SER W 221 -74.13 23.91 42.19
C SER W 221 -75.15 22.80 42.31
N ASN W 222 -76.36 23.12 41.87
CA ASN W 222 -77.47 22.19 41.94
C ASN W 222 -77.76 21.65 43.35
N THR W 223 -77.78 22.56 44.32
CA THR W 223 -77.98 22.21 45.72
C THR W 223 -79.24 22.88 46.26
N LYS W 224 -79.99 22.15 47.10
CA LYS W 224 -81.15 22.73 47.78
C LYS W 224 -81.07 22.31 49.25
N VAL W 225 -81.37 23.24 50.16
CA VAL W 225 -81.33 22.94 51.59
C VAL W 225 -82.58 23.43 52.36
N ASP W 226 -83.16 22.55 53.18
CA ASP W 226 -84.23 22.96 54.10
C ASP W 226 -83.71 22.93 55.53
N LYS W 227 -83.91 24.00 56.29
CA LYS W 227 -83.49 24.05 57.69
C LYS W 227 -84.58 24.64 58.60
N ARG W 228 -85.02 23.90 59.60
CA ARG W 228 -85.97 24.43 60.58
C ARG W 228 -85.31 25.37 61.61
N VAL W 229 -85.96 26.49 61.92
CA VAL W 229 -85.38 27.48 62.82
C VAL W 229 -86.22 27.63 64.08
N GLU W 230 -85.64 27.16 65.17
CA GLU W 230 -86.29 27.13 66.47
C GLU W 230 -85.51 27.90 67.52
N PRO W 231 -86.19 28.32 68.61
CA PRO W 231 -85.50 28.98 69.74
C PRO W 231 -84.50 28.04 70.42
N LYS W 232 -83.42 28.59 70.95
CA LYS W 232 -82.33 27.81 71.54
C LYS W 232 -82.69 27.27 72.93
N GLN X 1 -58.22 59.03 40.90
CA GLN X 1 -58.21 60.10 39.91
C GLN X 1 -58.73 59.60 38.56
N SER X 2 -59.94 60.03 38.22
CA SER X 2 -60.47 59.91 36.87
C SER X 2 -60.05 61.14 36.08
N VAL X 3 -60.04 61.02 34.75
CA VAL X 3 -59.60 62.10 33.88
C VAL X 3 -60.56 63.28 33.99
N LEU X 4 -61.84 62.96 34.10
CA LEU X 4 -62.87 63.96 34.38
C LEU X 4 -63.15 63.90 35.87
N THR X 5 -63.33 65.06 36.50
CA THR X 5 -63.54 65.08 37.94
C THR X 5 -65.00 65.37 38.28
N GLN X 6 -65.60 64.45 39.04
CA GLN X 6 -66.97 64.61 39.52
C GLN X 6 -67.03 64.53 41.04
N PRO X 7 -67.96 65.28 41.66
CA PRO X 7 -68.21 65.07 43.08
C PRO X 7 -68.72 63.65 43.30
N PRO X 8 -68.33 63.03 44.42
CA PRO X 8 -68.77 61.66 44.70
C PRO X 8 -70.27 61.55 45.00
N SER X 9 -70.88 62.64 45.45
CA SER X 9 -72.27 62.60 45.92
C SER X 9 -73.03 63.88 45.60
N ALA X 10 -74.33 63.78 45.44
CA ALA X 10 -75.20 64.95 45.32
C ALA X 10 -76.54 64.65 45.97
N SER X 11 -77.27 65.68 46.36
CA SER X 11 -78.57 65.45 46.96
C SER X 11 -79.62 66.58 46.89
N GLY X 12 -80.89 66.17 46.96
CA GLY X 12 -82.05 67.06 47.09
C GLY X 12 -83.28 66.29 47.58
N THR X 13 -84.39 66.98 47.83
CA THR X 13 -85.62 66.29 48.24
C THR X 13 -86.58 66.30 47.06
N PRO X 14 -87.69 65.53 47.14
CA PRO X 14 -88.51 65.47 45.91
C PRO X 14 -89.02 66.83 45.41
N GLY X 15 -88.89 67.05 44.09
CA GLY X 15 -89.35 68.29 43.49
C GLY X 15 -88.30 69.39 43.54
N GLN X 16 -87.23 69.13 44.27
CA GLN X 16 -86.13 70.07 44.35
C GLN X 16 -85.32 69.89 43.09
N SER X 17 -84.22 70.62 42.99
CA SER X 17 -83.34 70.47 41.86
C SER X 17 -81.91 70.35 42.33
N VAL X 18 -81.07 69.79 41.47
CA VAL X 18 -79.65 69.67 41.75
C VAL X 18 -78.90 69.90 40.45
N THR X 19 -77.64 70.27 40.57
CA THR X 19 -76.76 70.28 39.42
C THR X 19 -75.48 69.53 39.72
N ILE X 20 -75.09 68.67 38.79
CA ILE X 20 -73.90 67.87 38.99
C ILE X 20 -72.87 68.34 37.98
N SER X 21 -71.69 68.69 38.45
CA SER X 21 -70.66 69.26 37.60
C SER X 21 -69.68 68.19 37.13
N CYS X 22 -68.92 68.52 36.08
CA CYS X 22 -67.98 67.57 35.51
C CYS X 22 -66.82 68.38 34.95
N SER X 23 -65.62 68.18 35.50
CA SER X 23 -64.50 69.02 35.14
C SER X 23 -63.41 68.23 34.43
N GLY X 24 -62.94 68.79 33.32
CA GLY X 24 -61.91 68.17 32.51
C GLY X 24 -60.86 69.19 32.10
N SER X 25 -60.37 69.04 30.88
CA SER X 25 -59.25 69.83 30.38
C SER X 25 -59.46 70.12 28.89
N ARG X 26 -58.58 70.94 28.34
CA ARG X 26 -58.60 71.30 26.92
C ARG X 26 -58.68 70.04 26.05
N SER X 27 -57.95 69.00 26.44
CA SER X 27 -57.82 67.79 25.65
C SER X 27 -59.10 66.93 25.60
N ASN X 28 -59.96 67.06 26.62
CA ASN X 28 -61.23 66.33 26.61
C ASN X 28 -62.49 67.20 26.41
N ILE X 29 -63.09 67.66 27.50
CA ILE X 29 -64.32 68.44 27.46
C ILE X 29 -64.22 69.72 26.61
N GLY X 30 -63.07 70.38 26.65
CA GLY X 30 -62.83 71.59 25.88
C GLY X 30 -63.02 71.56 24.37
N GLY X 31 -62.74 70.42 23.75
CA GLY X 31 -62.79 70.28 22.30
C GLY X 31 -63.69 69.17 21.78
N ASN X 32 -64.54 68.64 22.65
CA ASN X 32 -65.34 67.46 22.38
C ASN X 32 -66.70 67.54 23.06
N THR X 33 -67.69 66.83 22.54
CA THR X 33 -68.99 66.86 23.16
C THR X 33 -68.96 66.02 24.43
N VAL X 34 -69.90 66.29 25.32
CA VAL X 34 -69.99 65.57 26.58
C VAL X 34 -71.20 64.66 26.59
N ASN X 35 -71.03 63.46 27.11
CA ASN X 35 -72.13 62.54 27.33
C ASN X 35 -72.40 62.39 28.82
N TRP X 36 -73.66 62.22 29.19
CA TRP X 36 -74.02 61.97 30.58
C TRP X 36 -74.77 60.67 30.64
N TYR X 37 -74.38 59.80 31.57
CA TYR X 37 -75.05 58.53 31.72
C TYR X 37 -75.72 58.36 33.10
N GLN X 38 -76.89 57.71 33.13
CA GLN X 38 -77.50 57.27 34.39
C GLN X 38 -77.27 55.77 34.51
N HIS X 39 -76.96 55.31 35.73
CA HIS X 39 -76.66 53.90 35.97
C HIS X 39 -77.38 53.40 37.23
N LEU X 40 -78.29 52.46 37.03
CA LEU X 40 -79.05 51.87 38.12
C LEU X 40 -78.47 50.49 38.45
N PRO X 41 -78.54 50.08 39.72
CA PRO X 41 -78.12 48.75 40.14
C PRO X 41 -78.72 47.62 39.30
N GLY X 42 -77.87 46.72 38.82
CA GLY X 42 -78.28 45.49 38.17
C GLY X 42 -78.47 45.57 36.66
N MET X 43 -78.62 46.77 36.12
CA MET X 43 -78.88 46.93 34.70
C MET X 43 -77.81 47.76 34.04
N ALA X 44 -77.79 47.75 32.71
CA ALA X 44 -76.86 48.56 31.95
C ALA X 44 -77.14 50.05 32.20
N PRO X 45 -76.11 50.90 32.06
CA PRO X 45 -76.29 52.35 32.04
C PRO X 45 -77.25 52.78 30.94
N LYS X 46 -77.86 53.95 31.10
CA LYS X 46 -78.75 54.51 30.09
C LYS X 46 -78.29 55.91 29.69
N LEU X 47 -78.25 56.18 28.38
CA LEU X 47 -77.89 57.51 27.91
C LEU X 47 -78.97 58.55 28.17
N LEU X 48 -78.59 59.61 28.88
CA LEU X 48 -79.46 60.74 29.14
C LEU X 48 -79.17 61.93 28.23
N ILE X 49 -77.89 62.27 28.09
CA ILE X 49 -77.49 63.47 27.36
C ILE X 49 -76.36 63.19 26.36
N TYR X 50 -76.46 63.73 25.14
CA TYR X 50 -75.35 63.69 24.17
C TYR X 50 -75.15 65.08 23.58
N SER X 51 -74.03 65.29 22.88
CA SER X 51 -73.74 66.59 22.26
C SER X 51 -73.81 67.76 23.25
N SER X 52 -73.39 67.51 24.49
CA SER X 52 -73.36 68.48 25.59
C SER X 52 -74.72 68.93 26.10
N ASN X 53 -75.70 69.14 25.22
CA ASN X 53 -76.98 69.69 25.65
C ASN X 53 -78.22 69.04 25.02
N GLN X 54 -78.03 67.90 24.36
CA GLN X 54 -79.13 67.19 23.73
C GLN X 54 -79.63 66.01 24.58
N ARG X 55 -80.94 65.91 24.77
CA ARG X 55 -81.56 64.81 25.50
C ARG X 55 -81.77 63.61 24.57
N SER X 56 -81.41 62.41 25.05
CA SER X 56 -81.70 61.19 24.28
C SER X 56 -83.21 61.01 24.14
N SER X 57 -83.63 60.30 23.09
CA SER X 57 -85.05 60.08 22.80
C SER X 57 -85.83 59.60 24.01
N GLY X 58 -86.96 60.26 24.27
CA GLY X 58 -87.85 59.90 25.35
C GLY X 58 -87.49 60.47 26.71
N VAL X 59 -86.34 61.11 26.84
CA VAL X 59 -85.92 61.65 28.14
C VAL X 59 -86.62 62.98 28.40
N PRO X 60 -87.26 63.12 29.57
CA PRO X 60 -87.99 64.33 29.91
C PRO X 60 -87.07 65.52 30.12
N ASP X 61 -87.61 66.71 29.95
CA ASP X 61 -86.79 67.90 29.94
C ASP X 61 -86.32 68.36 31.32
N ARG X 62 -86.71 67.66 32.38
CA ARG X 62 -86.11 67.94 33.67
C ARG X 62 -84.67 67.45 33.85
N PHE X 63 -84.21 66.58 32.96
CA PHE X 63 -82.77 66.29 32.84
C PHE X 63 -82.22 67.18 31.75
N SER X 64 -81.18 67.93 32.08
CA SER X 64 -80.55 68.78 31.09
C SER X 64 -79.03 68.81 31.22
N GLY X 65 -78.35 68.89 30.08
CA GLY X 65 -76.90 68.90 30.08
C GLY X 65 -76.41 70.22 29.52
N SER X 66 -75.25 70.67 29.99
CA SER X 66 -74.59 71.85 29.44
C SER X 66 -73.08 71.73 29.55
N LYS X 67 -72.37 72.57 28.80
CA LYS X 67 -70.92 72.56 28.81
C LYS X 67 -70.44 73.97 28.51
N SER X 68 -69.35 74.37 29.15
CA SER X 68 -68.66 75.59 28.75
C SER X 68 -67.19 75.52 29.16
N GLY X 69 -66.33 76.04 28.29
CA GLY X 69 -64.90 75.96 28.52
C GLY X 69 -64.52 74.51 28.68
N THR X 70 -64.01 74.16 29.85
CA THR X 70 -63.52 72.81 30.09
C THR X 70 -64.31 72.11 31.18
N SER X 71 -65.52 72.60 31.46
CA SER X 71 -66.40 71.96 32.42
C SER X 71 -67.82 71.75 31.91
N ALA X 72 -68.48 70.71 32.42
CA ALA X 72 -69.85 70.39 32.04
C ALA X 72 -70.73 70.20 33.28
N SER X 73 -72.04 70.29 33.11
CA SER X 73 -72.96 70.12 34.23
C SER X 73 -74.21 69.31 33.85
N LEU X 74 -74.70 68.48 34.76
CA LEU X 74 -76.01 67.86 34.56
C LEU X 74 -76.97 68.35 35.64
N ALA X 75 -78.05 68.99 35.20
CA ALA X 75 -79.05 69.50 36.12
C ALA X 75 -80.32 68.66 36.08
N ILE X 76 -80.84 68.37 37.27
CA ILE X 76 -82.04 67.56 37.39
C ILE X 76 -83.05 68.25 38.30
N SER X 77 -84.20 68.62 37.76
CA SER X 77 -85.26 69.24 38.55
C SER X 77 -86.46 68.31 38.74
N GLY X 78 -87.38 68.69 39.63
CA GLY X 78 -88.59 67.91 39.84
C GLY X 78 -88.27 66.51 40.35
N LEU X 79 -87.32 66.43 41.29
CA LEU X 79 -86.76 65.17 41.75
C LEU X 79 -87.78 64.14 42.20
N GLN X 80 -87.59 62.92 41.70
CA GLN X 80 -88.40 61.76 42.02
C GLN X 80 -87.53 60.64 42.58
N SER X 81 -88.16 59.75 43.34
CA SER X 81 -87.51 58.56 43.90
C SER X 81 -86.66 57.77 42.90
N GLU X 82 -87.16 57.58 41.68
CA GLU X 82 -86.48 56.76 40.66
C GLU X 82 -85.19 57.36 40.08
N ASP X 83 -84.90 58.59 40.44
CA ASP X 83 -83.67 59.27 40.03
C ASP X 83 -82.46 58.84 40.84
N ASP X 84 -82.71 58.10 41.93
CA ASP X 84 -81.65 57.52 42.74
C ASP X 84 -80.77 56.60 41.91
N ALA X 85 -79.53 57.03 41.72
CA ALA X 85 -78.62 56.36 40.78
C ALA X 85 -77.24 57.03 40.79
N ASP X 86 -76.31 56.42 40.07
CA ASP X 86 -75.00 57.03 39.81
C ASP X 86 -75.08 57.70 38.46
N TYR X 87 -74.47 58.86 38.35
CA TYR X 87 -74.48 59.57 37.10
C TYR X 87 -73.04 59.82 36.67
N TYR X 88 -72.74 59.48 35.42
CA TYR X 88 -71.39 59.62 34.88
C TYR X 88 -71.39 60.55 33.68
N CYS X 89 -70.41 61.44 33.62
CA CYS X 89 -70.14 62.17 32.39
C CYS X 89 -69.05 61.45 31.58
N ALA X 90 -69.02 61.70 30.28
CA ALA X 90 -67.97 61.16 29.43
C ALA X 90 -67.73 62.05 28.22
N SER X 91 -66.53 61.94 27.66
CA SER X 91 -66.18 62.59 26.41
C SER X 91 -64.96 61.92 25.81
N TRP X 92 -64.66 62.25 24.55
CA TRP X 92 -63.42 61.82 23.92
C TRP X 92 -62.29 62.65 24.50
N ASP X 93 -61.09 62.07 24.55
CA ASP X 93 -59.90 62.80 24.95
C ASP X 93 -58.89 62.73 23.80
N ASP X 94 -58.52 63.90 23.29
CA ASP X 94 -57.66 63.99 22.10
C ASP X 94 -56.21 63.64 22.37
N SER X 95 -55.80 63.68 23.64
CA SER X 95 -54.45 63.32 24.03
C SER X 95 -54.30 61.82 24.25
N LEU X 96 -55.34 61.23 24.84
CA LEU X 96 -55.39 59.80 25.10
C LEU X 96 -55.87 58.97 23.91
N ASN X 97 -56.50 59.64 22.94
CA ASN X 97 -57.11 58.98 21.79
C ASN X 97 -58.11 57.91 22.24
N GLY X 98 -59.06 58.31 23.06
CA GLY X 98 -60.06 57.40 23.58
C GLY X 98 -61.14 58.12 24.38
N VAL X 99 -62.16 57.38 24.81
CA VAL X 99 -63.23 57.97 25.62
C VAL X 99 -62.81 57.99 27.09
N VAL X 100 -63.10 59.09 27.79
CA VAL X 100 -62.83 59.15 29.22
C VAL X 100 -64.11 59.40 30.01
N PHE X 101 -64.20 58.77 31.18
CA PHE X 101 -65.32 58.98 32.10
C PHE X 101 -64.88 59.67 33.39
N GLY X 102 -65.78 60.47 33.98
CA GLY X 102 -65.62 60.92 35.35
C GLY X 102 -65.85 59.78 36.33
N GLY X 103 -65.57 60.01 37.61
CA GLY X 103 -65.73 58.97 38.60
C GLY X 103 -67.16 58.66 39.02
N GLY X 104 -68.09 59.51 38.62
CA GLY X 104 -69.49 59.36 38.98
C GLY X 104 -69.98 60.11 40.21
N THR X 105 -71.23 60.54 40.18
CA THR X 105 -71.89 61.11 41.35
C THR X 105 -73.16 60.34 41.68
N LYS X 106 -73.27 59.87 42.92
CA LYS X 106 -74.49 59.21 43.37
C LYS X 106 -75.53 60.23 43.89
N LEU X 107 -76.65 60.42 43.18
CA LEU X 107 -77.71 61.30 43.66
C LEU X 107 -78.88 60.73 44.49
N THR X 108 -79.09 61.31 45.67
CA THR X 108 -80.22 61.00 46.56
C THR X 108 -81.06 62.31 46.74
N VAL X 109 -82.39 62.50 46.58
CA VAL X 109 -83.61 61.67 46.58
C VAL X 109 -84.16 61.48 48.05
N LEU X 110 -84.22 62.60 48.81
CA LEU X 110 -84.68 62.58 50.22
C LEU X 110 -86.21 62.74 50.33
N GLY X 111 -86.92 61.70 49.91
CA GLY X 111 -88.37 61.67 49.98
C GLY X 111 -88.94 61.12 51.26
N GLN X 112 -88.05 60.81 52.21
CA GLN X 112 -88.49 60.35 53.53
C GLN X 112 -87.50 60.84 54.57
N PRO X 113 -88.00 61.15 55.77
CA PRO X 113 -87.17 61.62 56.87
C PRO X 113 -85.97 60.72 57.18
N LYS X 114 -84.87 61.33 57.59
CA LYS X 114 -83.66 60.60 57.94
C LYS X 114 -84.03 59.48 58.90
N ALA X 115 -83.56 58.26 58.62
CA ALA X 115 -83.97 57.08 59.38
C ALA X 115 -82.80 56.29 59.95
N ALA X 116 -82.83 56.07 61.27
CA ALA X 116 -81.80 55.32 61.95
C ALA X 116 -81.89 53.86 61.57
N PRO X 117 -80.74 53.15 61.58
CA PRO X 117 -80.71 51.74 61.20
C PRO X 117 -81.31 50.82 62.26
N SER X 118 -81.98 49.76 61.80
CA SER X 118 -82.40 48.68 62.68
C SER X 118 -81.34 47.60 62.62
N VAL X 119 -80.89 47.15 63.77
CA VAL X 119 -79.78 46.22 63.80
C VAL X 119 -80.24 44.96 64.51
N THR X 120 -79.98 43.82 63.90
CA THR X 120 -80.21 42.52 64.51
C THR X 120 -78.87 41.80 64.48
N LEU X 121 -78.48 41.24 65.62
CA LEU X 121 -77.22 40.53 65.69
C LEU X 121 -77.46 39.08 66.12
N PHE X 122 -76.93 38.16 65.33
CA PHE X 122 -77.03 36.74 65.64
C PHE X 122 -75.66 36.20 66.02
N PRO X 123 -75.63 35.35 67.05
CA PRO X 123 -74.42 34.63 67.45
C PRO X 123 -74.21 33.44 66.52
N PRO X 124 -73.06 32.77 66.63
CA PRO X 124 -72.89 31.51 65.90
C PRO X 124 -73.97 30.51 66.30
N SER X 125 -74.45 29.74 65.32
CA SER X 125 -75.36 28.62 65.58
C SER X 125 -74.60 27.45 66.17
N SER X 126 -75.31 26.60 66.90
CA SER X 126 -74.76 25.37 67.42
C SER X 126 -74.16 24.49 66.31
N GLU X 127 -74.85 24.46 65.17
CA GLU X 127 -74.41 23.65 64.01
C GLU X 127 -73.02 24.01 63.47
N GLU X 128 -72.79 25.31 63.30
CA GLU X 128 -71.53 25.82 62.74
C GLU X 128 -70.36 25.56 63.68
N LEU X 129 -70.57 25.81 64.97
CA LEU X 129 -69.58 25.52 66.00
C LEU X 129 -69.13 24.08 65.91
N GLN X 130 -70.08 23.20 65.65
CA GLN X 130 -69.80 21.78 65.46
C GLN X 130 -68.95 21.55 64.23
N ALA X 131 -69.02 22.47 63.26
CA ALA X 131 -68.15 22.39 62.11
C ALA X 131 -66.84 23.16 62.35
N ASN X 132 -66.53 23.44 63.62
CA ASN X 132 -65.27 24.06 64.01
C ASN X 132 -65.13 25.45 63.40
N LYS X 133 -66.27 26.11 63.24
CA LYS X 133 -66.33 27.49 62.78
C LYS X 133 -67.32 28.30 63.60
N ALA X 134 -67.34 29.61 63.40
CA ALA X 134 -68.25 30.48 64.12
C ALA X 134 -68.43 31.81 63.39
N THR X 135 -69.68 32.11 63.08
CA THR X 135 -70.01 33.36 62.41
C THR X 135 -71.09 34.09 63.19
N LEU X 136 -70.80 35.33 63.53
CA LEU X 136 -71.79 36.23 64.10
C LEU X 136 -72.35 37.04 62.94
N VAL X 137 -73.65 37.32 62.98
CA VAL X 137 -74.33 37.86 61.80
C VAL X 137 -75.05 39.16 62.17
N CYS X 138 -74.62 40.26 61.57
CA CYS X 138 -75.19 41.56 61.92
C CYS X 138 -75.93 42.13 60.72
N LEU X 139 -77.25 42.17 60.87
CA LEU X 139 -78.13 42.57 59.78
C LEU X 139 -78.74 43.94 60.04
N ILE X 140 -78.65 44.82 59.05
CA ILE X 140 -78.97 46.22 59.25
C ILE X 140 -80.01 46.65 58.22
N SER X 141 -81.15 47.15 58.68
CA SER X 141 -82.25 47.46 57.76
C SER X 141 -82.91 48.78 58.13
N ASP X 142 -83.73 49.29 57.20
CA ASP X 142 -84.58 50.47 57.39
C ASP X 142 -83.85 51.80 57.72
N PHE X 143 -82.64 52.01 57.22
CA PHE X 143 -81.94 53.28 57.49
C PHE X 143 -81.99 54.17 56.27
N TYR X 144 -81.88 55.48 56.48
CA TYR X 144 -81.81 56.38 55.34
C TYR X 144 -81.13 57.68 55.76
N PRO X 145 -80.16 58.17 54.96
CA PRO X 145 -79.60 57.71 53.67
C PRO X 145 -78.82 56.39 53.72
N GLY X 146 -78.48 55.89 52.54
CA GLY X 146 -77.89 54.57 52.38
C GLY X 146 -76.40 54.43 52.58
N ALA X 147 -75.93 54.82 53.74
CA ALA X 147 -74.52 54.71 54.08
C ALA X 147 -74.35 54.37 55.55
N VAL X 148 -73.62 53.30 55.82
CA VAL X 148 -73.25 52.96 57.19
C VAL X 148 -71.81 52.49 57.29
N THR X 149 -71.28 52.55 58.51
CA THR X 149 -70.05 51.86 58.84
C THR X 149 -70.28 50.91 60.01
N VAL X 150 -69.51 49.82 60.04
CA VAL X 150 -69.68 48.77 61.05
C VAL X 150 -68.36 48.52 61.77
N ALA X 151 -68.43 48.50 63.10
CA ALA X 151 -67.27 48.19 63.92
C ALA X 151 -67.61 46.98 64.76
N TRP X 152 -66.62 46.16 65.07
CA TRP X 152 -66.86 45.02 65.92
C TRP X 152 -66.02 45.08 67.18
N LYS X 153 -66.58 44.55 68.27
CA LYS X 153 -65.88 44.47 69.54
C LYS X 153 -65.93 43.09 70.19
N ALA X 154 -64.82 42.70 70.81
CA ALA X 154 -64.77 41.55 71.72
C ALA X 154 -64.74 42.14 73.12
N ASP X 155 -65.77 41.87 73.93
CA ASP X 155 -65.98 42.61 75.16
C ASP X 155 -66.05 44.10 74.82
N SER X 156 -65.10 44.88 75.32
CA SER X 156 -65.02 46.29 74.93
C SER X 156 -63.90 46.61 73.93
N SER X 157 -63.17 45.58 73.49
CA SER X 157 -62.03 45.76 72.58
C SER X 157 -62.45 45.66 71.11
N PRO X 158 -62.02 46.64 70.30
CA PRO X 158 -62.29 46.71 68.86
C PRO X 158 -61.72 45.50 68.11
N VAL X 159 -62.49 44.95 67.20
CA VAL X 159 -62.04 43.83 66.36
C VAL X 159 -62.06 44.25 64.89
N LYS X 160 -60.89 44.23 64.26
CA LYS X 160 -60.78 44.62 62.85
C LYS X 160 -60.61 43.51 61.81
N ALA X 161 -59.92 42.43 62.17
CA ALA X 161 -59.66 41.35 61.24
C ALA X 161 -60.88 40.44 61.02
N GLY X 162 -60.99 39.85 59.83
CA GLY X 162 -62.04 38.87 59.60
C GLY X 162 -63.43 39.43 59.40
N VAL X 163 -63.51 40.70 59.04
CA VAL X 163 -64.82 41.32 58.87
C VAL X 163 -65.20 41.44 57.39
N GLU X 164 -66.44 41.08 57.07
CA GLU X 164 -66.94 41.20 55.71
C GLU X 164 -68.30 41.89 55.74
N THR X 165 -68.34 43.04 55.08
CA THR X 165 -69.49 43.91 55.08
C THR X 165 -69.87 44.30 53.65
N THR X 166 -71.16 44.25 53.34
CA THR X 166 -71.64 44.54 52.00
C THR X 166 -71.68 46.06 51.78
N THR X 167 -71.75 46.49 50.52
CA THR X 167 -72.17 47.86 50.24
C THR X 167 -73.67 47.94 50.49
N PRO X 168 -74.18 49.13 50.88
CA PRO X 168 -75.63 49.18 51.10
C PRO X 168 -76.45 49.04 49.82
N SER X 169 -77.63 48.46 49.93
CA SER X 169 -78.53 48.27 48.79
C SER X 169 -79.94 48.70 49.17
N LYS X 170 -80.67 49.22 48.19
CA LYS X 170 -82.07 49.63 48.38
C LYS X 170 -83.02 48.45 48.62
N GLN X 171 -83.84 48.58 49.66
CA GLN X 171 -84.95 47.66 49.94
C GLN X 171 -86.17 48.11 49.14
N SER X 172 -87.21 47.29 49.17
CA SER X 172 -88.44 47.58 48.44
C SER X 172 -89.17 48.81 48.96
N ASN X 173 -88.87 49.21 50.19
CA ASN X 173 -89.46 50.40 50.79
C ASN X 173 -88.66 51.71 50.64
N ASN X 174 -87.67 51.67 49.76
CA ASN X 174 -86.79 52.81 49.47
C ASN X 174 -85.87 53.34 50.58
N LYS X 175 -85.82 52.62 51.70
CA LYS X 175 -84.71 52.78 52.65
C LYS X 175 -83.65 51.77 52.21
N TYR X 176 -82.54 51.69 52.94
CA TYR X 176 -81.40 50.88 52.51
C TYR X 176 -81.13 49.73 53.50
N ALA X 177 -80.49 48.66 53.04
CA ALA X 177 -80.13 47.53 53.92
C ALA X 177 -78.66 47.16 53.75
N ALA X 178 -78.08 46.56 54.81
CA ALA X 178 -76.73 46.02 54.76
C ALA X 178 -76.52 44.87 55.74
N SER X 179 -75.42 44.13 55.56
CA SER X 179 -75.05 43.05 56.46
C SER X 179 -73.57 43.13 56.79
N SER X 180 -73.20 42.68 57.99
CA SER X 180 -71.79 42.57 58.36
C SER X 180 -71.55 41.25 59.05
N TYR X 181 -70.42 40.62 58.73
CA TYR X 181 -70.13 39.30 59.27
C TYR X 181 -68.78 39.21 59.98
N LEU X 182 -68.75 38.60 61.17
CA LEU X 182 -67.49 38.36 61.88
C LEU X 182 -67.15 36.88 62.03
N SER X 183 -65.99 36.48 61.52
CA SER X 183 -65.50 35.11 61.68
C SER X 183 -64.61 34.99 62.92
N LEU X 184 -64.90 34.01 63.76
CA LEU X 184 -64.13 33.77 64.96
C LEU X 184 -63.84 32.27 65.01
N THR X 185 -62.87 31.87 65.83
CA THR X 185 -62.76 30.46 66.21
C THR X 185 -63.76 30.22 67.33
N PRO X 186 -64.22 28.97 67.48
CA PRO X 186 -65.09 28.64 68.61
C PRO X 186 -64.45 29.00 69.94
N GLU X 187 -63.13 28.84 70.01
CA GLU X 187 -62.38 29.16 71.22
C GLU X 187 -62.47 30.65 71.53
N GLN X 188 -62.36 31.49 70.51
CA GLN X 188 -62.51 32.94 70.70
C GLN X 188 -63.90 33.32 71.17
N TRP X 189 -64.91 32.76 70.51
CA TRP X 189 -66.31 33.03 70.81
C TRP X 189 -66.65 32.72 72.27
N LYS X 190 -66.17 31.57 72.76
CA LYS X 190 -66.53 31.11 74.11
C LYS X 190 -65.71 31.80 75.20
N SER X 191 -64.61 32.46 74.81
CA SER X 191 -63.65 33.01 75.77
C SER X 191 -63.93 34.43 76.24
N HIS X 192 -64.86 35.11 75.57
CA HIS X 192 -65.18 36.49 75.90
C HIS X 192 -66.52 36.54 76.60
N ARG X 193 -66.76 37.59 77.38
CA ARG X 193 -68.05 37.76 78.03
C ARG X 193 -69.08 38.05 76.95
N SER X 194 -68.72 38.85 75.95
CA SER X 194 -69.65 39.18 74.89
C SER X 194 -68.97 39.76 73.67
N TYR X 195 -69.73 39.84 72.58
CA TYR X 195 -69.33 40.57 71.39
C TYR X 195 -70.42 41.55 71.01
N SER X 196 -70.02 42.63 70.34
CA SER X 196 -70.97 43.65 69.90
C SER X 196 -70.74 44.05 68.46
N CYS X 197 -71.83 44.35 67.75
CA CYS X 197 -71.76 44.91 66.42
C CYS X 197 -72.20 46.36 66.54
N GLN X 198 -71.33 47.28 66.14
CA GLN X 198 -71.62 48.70 66.25
C GLN X 198 -71.76 49.35 64.88
N VAL X 199 -72.95 49.93 64.63
CA VAL X 199 -73.28 50.49 63.33
C VAL X 199 -73.37 52.00 63.43
N THR X 200 -72.57 52.71 62.62
CA THR X 200 -72.59 54.16 62.66
C THR X 200 -73.29 54.71 61.43
N HIS X 201 -74.27 55.58 61.68
CA HIS X 201 -75.07 56.19 60.63
C HIS X 201 -75.23 57.70 60.89
N GLU X 202 -74.77 58.54 59.95
CA GLU X 202 -74.84 60.00 60.11
C GLU X 202 -74.37 60.51 61.48
N GLY X 203 -73.22 60.02 61.93
CA GLY X 203 -72.61 60.54 63.15
C GLY X 203 -73.18 59.85 64.37
N SER X 204 -74.18 59.00 64.12
CA SER X 204 -74.88 58.28 65.17
C SER X 204 -74.50 56.81 65.11
N THR X 205 -74.05 56.27 66.25
CA THR X 205 -73.50 54.93 66.30
C THR X 205 -74.47 54.07 67.09
N VAL X 206 -74.92 52.97 66.49
CA VAL X 206 -75.80 52.05 67.21
C VAL X 206 -75.23 50.63 67.35
N GLU X 207 -75.73 49.85 68.31
CA GLU X 207 -75.10 48.55 68.59
C GLU X 207 -76.05 47.44 69.10
N LYS X 208 -75.60 46.21 68.91
CA LYS X 208 -76.18 45.00 69.51
C LYS X 208 -75.09 44.20 70.17
N THR X 209 -75.44 43.42 71.18
CA THR X 209 -74.45 42.62 71.89
C THR X 209 -75.01 41.21 72.02
N VAL X 210 -74.15 40.22 71.79
CA VAL X 210 -74.50 38.82 72.01
C VAL X 210 -73.53 38.05 72.91
N ALA X 211 -74.03 36.98 73.53
CA ALA X 211 -73.23 36.16 74.44
C ALA X 211 -73.41 34.66 74.19
N PRO X 212 -72.38 33.86 74.49
CA PRO X 212 -72.42 32.41 74.23
C PRO X 212 -73.56 31.76 75.00
N THR X 213 -73.94 32.39 76.10
CA THR X 213 -74.87 31.82 77.04
C THR X 213 -76.27 32.40 76.88
C1 NAG Y . 77.60 -98.39 68.22
C2 NAG Y . 78.85 -98.08 69.06
C3 NAG Y . 79.75 -96.99 68.47
C4 NAG Y . 79.91 -97.11 66.95
C5 NAG Y . 78.54 -97.30 66.31
C6 NAG Y . 78.64 -97.55 64.81
C7 NAG Y . 78.65 -98.46 71.46
C8 NAG Y . 78.53 -97.80 72.81
N2 NAG Y . 78.45 -97.67 70.40
O3 NAG Y . 81.02 -97.04 69.08
O4 NAG Y . 80.50 -95.92 66.43
O5 NAG Y . 77.90 -98.44 66.85
O6 NAG Y . 79.00 -98.89 64.58
O7 NAG Y . 78.94 -99.65 71.38
C1 NAG Y . 81.90 -96.00 66.07
C2 NAG Y . 82.04 -96.22 64.55
C3 NAG Y . 83.30 -95.67 63.89
C4 NAG Y . 83.78 -94.37 64.51
C5 NAG Y . 83.83 -94.51 66.02
C6 NAG Y . 84.31 -93.21 66.66
C7 NAG Y . 81.69 -98.03 62.95
C8 NAG Y . 82.24 -99.38 62.57
N2 NAG Y . 81.92 -97.63 64.20
O3 NAG Y . 83.06 -95.50 62.51
O4 NAG Y . 85.08 -94.05 64.03
O5 NAG Y . 82.56 -94.84 66.54
O6 NAG Y . 83.47 -92.14 66.29
O7 NAG Y . 81.08 -97.37 62.11
C1 BMA Y . 85.01 -93.13 62.93
C2 BMA Y . 86.24 -92.23 62.98
C3 BMA Y . 86.35 -91.34 61.75
C4 BMA Y . 86.07 -92.12 60.46
C5 BMA Y . 84.78 -92.92 60.60
C6 BMA Y . 84.45 -93.68 59.32
O2 BMA Y . 87.40 -93.01 63.13
O3 BMA Y . 87.64 -90.78 61.70
O4 BMA Y . 85.97 -91.22 59.37
O5 BMA Y . 84.94 -93.80 61.68
O6 BMA Y . 84.60 -95.07 59.54
C1 NAG Z . 78.87 -52.54 54.61
C2 NAG Z . 80.06 -52.41 55.54
C3 NAG Z . 79.70 -51.86 56.92
C4 NAG Z . 78.60 -50.78 56.88
C5 NAG Z . 77.49 -51.16 55.91
C6 NAG Z . 76.37 -50.12 55.83
C7 NAG Z . 81.88 -54.03 55.22
C8 NAG Z . 82.49 -55.27 55.77
N2 NAG Z . 80.66 -53.72 55.68
O3 NAG Z . 80.86 -51.35 57.52
O4 NAG Z . 78.06 -50.59 58.18
O5 NAG Z . 78.06 -51.37 54.63
O6 NAG Z . 76.86 -48.87 55.40
O7 NAG Z . 82.47 -53.34 54.38
C1 NAG Z . 78.61 -49.45 58.87
C2 NAG Z . 77.53 -48.78 59.73
C3 NAG Z . 78.09 -47.69 60.65
C4 NAG Z . 79.42 -48.07 61.30
C5 NAG Z . 80.37 -48.65 60.26
C6 NAG Z . 81.69 -49.04 60.90
C7 NAG Z . 75.25 -48.73 58.81
C8 NAG Z . 74.27 -48.02 57.91
N2 NAG Z . 76.48 -48.24 58.87
O3 NAG Z . 77.16 -47.39 61.68
O4 NAG Z . 80.01 -46.94 61.90
O5 NAG Z . 79.76 -49.76 59.64
O6 NAG Z . 81.44 -49.93 61.97
O7 NAG Z . 74.87 -49.71 59.45
C1 NAG AA . 87.84 -42.82 30.69
C2 NAG AA . 89.15 -42.64 29.89
C3 NAG AA . 90.24 -43.67 30.15
C4 NAG AA . 90.29 -44.12 31.61
C5 NAG AA . 88.87 -44.45 32.09
C6 NAG AA . 88.86 -44.94 33.53
C7 NAG AA . 89.49 -41.78 27.67
C8 NAG AA . 89.79 -42.25 26.27
N2 NAG AA . 88.87 -42.64 28.48
O3 NAG AA . 91.48 -43.15 29.75
O4 NAG AA . 91.10 -45.26 31.71
O5 NAG AA . 88.07 -43.29 32.00
O6 NAG AA . 89.62 -44.07 34.34
O7 NAG AA . 89.83 -40.67 28.04
C1 NAG AA . 92.42 -44.93 32.18
C2 NAG AA . 92.90 -46.06 33.10
C3 NAG AA . 94.38 -45.97 33.45
C4 NAG AA . 95.23 -45.64 32.23
C5 NAG AA . 94.66 -44.43 31.50
C6 NAG AA . 95.49 -44.12 30.27
C7 NAG AA . 91.27 -47.12 34.58
C8 NAG AA . 90.50 -47.04 35.87
N2 NAG AA . 92.08 -46.10 34.30
O3 NAG AA . 94.84 -47.21 33.98
O4 NAG AA . 96.56 -45.36 32.64
O5 NAG AA . 93.33 -44.70 31.11
O6 NAG AA . 95.64 -45.29 29.50
O7 NAG AA . 91.12 -48.09 33.83
C1 NAG BA . 80.01 -50.61 10.56
C2 NAG BA . 79.43 -50.45 9.16
C3 NAG BA . 79.75 -51.62 8.23
C4 NAG BA . 81.21 -52.06 8.33
C5 NAG BA . 81.65 -52.13 9.79
C6 NAG BA . 83.13 -52.47 9.95
C7 NAG BA . 77.40 -49.19 8.78
C8 NAG BA . 75.90 -49.10 8.91
N2 NAG BA . 77.98 -50.29 9.25
O3 NAG BA . 79.45 -51.27 6.90
O4 NAG BA . 81.34 -53.33 7.71
O5 NAG BA . 81.39 -50.91 10.45
O6 NAG BA . 83.95 -51.43 9.45
O7 NAG BA . 78.03 -48.28 8.26
C1 NAG BA . 82.04 -53.25 6.45
C2 NAG BA . 83.05 -54.41 6.36
C3 NAG BA . 83.67 -54.63 4.98
C4 NAG BA . 82.74 -54.31 3.81
C5 NAG BA . 81.91 -53.06 4.12
C6 NAG BA . 80.97 -52.68 2.97
C7 NAG BA . 84.40 -55.14 8.21
C8 NAG BA . 85.70 -54.97 8.96
N2 NAG BA . 84.10 -54.21 7.32
O3 NAG BA . 84.10 -55.97 4.89
O4 NAG BA . 83.53 -54.05 2.67
O5 NAG BA . 81.18 -53.26 5.33
O6 NAG BA . 80.26 -53.81 2.51
O7 NAG BA . 83.66 -56.09 8.45
C1 BMA BA . 83.78 -55.22 1.87
C2 BMA BA . 83.81 -54.78 0.41
C3 BMA BA . 84.09 -55.94 -0.54
C4 BMA BA . 85.25 -56.79 -0.03
C5 BMA BA . 85.12 -57.08 1.46
C6 BMA BA . 86.36 -57.85 1.87
O2 BMA BA . 84.82 -53.81 0.24
O3 BMA BA . 84.39 -55.40 -1.81
O4 BMA BA . 85.29 -58.02 -0.70
O5 BMA BA . 84.98 -55.89 2.19
O6 BMA BA . 86.27 -59.17 1.36
C1 MAN BA . 83.30 -55.66 -2.73
C2 MAN BA . 83.79 -55.65 -4.18
C3 MAN BA . 84.25 -54.26 -4.58
C4 MAN BA . 83.10 -53.30 -4.36
C5 MAN BA . 82.57 -53.40 -2.93
C6 MAN BA . 81.32 -52.55 -2.76
O2 MAN BA . 82.75 -56.04 -5.04
O3 MAN BA . 84.61 -54.24 -5.93
O4 MAN BA . 83.54 -51.98 -4.61
O5 MAN BA . 82.23 -54.73 -2.61
O6 MAN BA . 80.81 -52.75 -1.47
C1 MAN BA . 86.68 -60.05 2.43
C2 MAN BA . 88.20 -59.88 2.63
C3 MAN BA . 89.05 -60.94 1.94
C4 MAN BA . 88.37 -62.31 2.07
C5 MAN BA . 86.99 -62.21 1.44
C6 MAN BA . 86.32 -63.57 1.30
O2 MAN BA . 88.53 -59.80 4.01
O3 MAN BA . 90.33 -60.97 2.53
O4 MAN BA . 89.14 -63.29 1.41
O5 MAN BA . 86.21 -61.38 2.28
O6 MAN BA . 85.94 -64.08 2.56
C1 NAG CA . 69.05 -73.83 58.15
C2 NAG CA . 68.26 -74.23 59.41
C3 NAG CA . 66.76 -74.15 59.23
C4 NAG CA . 66.29 -72.92 58.44
C5 NAG CA . 67.16 -72.72 57.21
C6 NAG CA . 66.80 -71.43 56.48
C7 NAG CA . 69.21 -75.89 60.96
C8 NAG CA . 69.36 -77.35 61.27
N2 NAG CA . 68.63 -75.58 59.79
O3 NAG CA . 66.14 -74.16 60.51
O4 NAG CA . 64.93 -73.07 58.07
O5 NAG CA . 68.53 -72.65 57.57
O6 NAG CA . 67.04 -70.33 57.32
O7 NAG CA . 69.61 -75.05 61.76
C1 NAG CA . 64.07 -72.29 58.93
C2 NAG CA . 62.94 -71.71 58.08
C3 NAG CA . 61.84 -71.03 58.90
C4 NAG CA . 61.47 -71.83 60.14
C5 NAG CA . 62.72 -72.25 60.88
C6 NAG CA . 62.38 -73.02 62.15
C7 NAG CA . 63.48 -71.03 55.82
C8 NAG CA . 63.79 -69.87 54.92
N2 NAG CA . 63.49 -70.78 57.12
O3 NAG CA . 60.70 -70.86 58.10
O4 NAG CA . 60.63 -71.07 60.97
O5 NAG CA . 63.56 -73.02 60.03
O6 NAG CA . 61.30 -73.88 61.89
O7 NAG CA . 63.20 -72.13 55.35
C1 NAG DA . 73.91 -47.02 13.24
C2 NAG DA . 72.68 -46.14 13.17
C3 NAG DA . 72.61 -45.39 11.84
C4 NAG DA . 73.95 -44.76 11.45
C5 NAG DA . 75.03 -45.84 11.53
C6 NAG DA . 76.36 -45.32 11.01
C7 NAG DA . 70.85 -47.13 14.41
C8 NAG DA . 69.68 -48.05 14.37
N2 NAG DA . 71.51 -46.99 13.27
O3 NAG DA . 71.59 -44.43 11.89
O4 NAG DA . 73.87 -44.13 10.18
O5 NAG DA . 75.09 -46.32 12.88
O6 NAG DA . 76.82 -44.31 11.87
O7 NAG DA . 71.16 -46.59 15.45
C1 NAG DA . 73.64 -42.70 10.35
C2 NAG DA . 74.52 -41.89 9.38
C3 NAG DA . 74.14 -40.41 9.29
C4 NAG DA . 72.62 -40.22 9.31
C5 NAG DA . 72.03 -40.98 10.49
C6 NAG DA . 70.54 -40.70 10.69
C7 NAG DA . 76.84 -42.45 8.92
C8 NAG DA . 78.28 -42.28 9.34
N2 NAG DA . 75.92 -41.98 9.76
O3 NAG DA . 74.65 -39.84 8.11
O4 NAG DA . 72.31 -38.85 9.40
O5 NAG DA . 72.27 -42.35 10.28
O6 NAG DA . 69.82 -41.00 9.51
O7 NAG DA . 76.57 -43.00 7.85
C1 NAG EA . 43.07 -110.25 53.42
C2 NAG EA . 41.78 -110.31 54.23
C3 NAG EA . 41.15 -108.94 54.52
C4 NAG EA . 42.18 -107.88 54.88
C5 NAG EA . 43.41 -107.96 53.97
C6 NAG EA . 44.50 -107.04 54.50
C7 NAG EA . 40.19 -112.11 54.18
C8 NAG EA . 38.99 -112.72 53.49
N2 NAG EA . 40.79 -111.12 53.54
O3 NAG EA . 40.24 -109.07 55.59
O4 NAG EA . 41.58 -106.61 54.75
O5 NAG EA . 43.93 -109.26 53.95
O6 NAG EA . 45.01 -107.56 55.70
O7 NAG EA . 40.57 -112.52 55.27
C1 NAG EA . 41.39 -106.02 56.05
C2 NAG EA . 41.66 -104.51 55.94
C3 NAG EA . 41.26 -103.71 57.18
C4 NAG EA . 39.99 -104.22 57.85
C5 NAG EA . 39.93 -105.74 57.86
C6 NAG EA . 38.59 -106.22 58.38
C7 NAG EA . 43.44 -103.49 54.63
C8 NAG EA . 44.90 -103.21 54.55
N2 NAG EA . 43.05 -104.28 55.65
O3 NAG EA . 41.09 -102.37 56.77
O4 NAG EA . 39.94 -103.76 59.18
O5 NAG EA . 40.10 -106.24 56.56
O6 NAG EA . 37.59 -105.81 57.47
O7 NAG EA . 42.66 -103.02 53.81
C1 BMA EA . 39.29 -102.48 59.28
C2 BMA EA . 38.69 -102.35 60.68
C3 BMA EA . 38.07 -100.97 60.90
C4 BMA EA . 39.09 -99.89 60.48
C5 BMA EA . 39.51 -100.17 59.04
C6 BMA EA . 40.39 -99.07 58.47
O2 BMA EA . 39.68 -102.57 61.65
O3 BMA EA . 37.63 -100.82 62.24
O4 BMA EA . 38.50 -98.62 60.55
O5 BMA EA . 40.17 -101.41 59.01
O6 BMA EA . 41.75 -99.41 58.65
C1 MAN EA . 36.17 -100.91 62.27
C2 MAN EA . 35.57 -100.28 63.53
C3 MAN EA . 35.88 -101.10 64.77
C4 MAN EA . 35.46 -102.55 64.54
C5 MAN EA . 36.05 -103.07 63.23
C6 MAN EA . 35.54 -104.48 62.95
O2 MAN EA . 34.17 -100.17 63.39
O3 MAN EA . 35.15 -100.61 65.86
O4 MAN EA . 35.92 -103.34 65.61
O5 MAN EA . 35.69 -102.24 62.15
O6 MAN EA . 36.14 -104.93 61.77
C1 NAG FA . 26.84 -70.89 31.63
C2 NAG FA . 25.57 -71.00 32.46
C3 NAG FA . 24.43 -71.71 31.73
C4 NAG FA . 24.34 -71.32 30.24
C5 NAG FA . 25.73 -71.26 29.61
C6 NAG FA . 25.66 -70.84 28.13
C7 NAG FA . 25.62 -71.19 34.87
C8 NAG FA . 25.71 -72.14 36.03
N2 NAG FA . 25.86 -71.71 33.68
O3 NAG FA . 23.22 -71.41 32.38
O4 NAG FA . 23.55 -72.26 29.55
O5 NAG FA . 26.55 -70.37 30.34
O6 NAG FA . 25.11 -69.55 28.01
O7 NAG FA . 25.32 -70.00 35.04
C1 NAG FA . 22.20 -71.77 29.36
C2 NAG FA . 21.69 -72.17 27.97
C3 NAG FA . 20.20 -71.85 27.76
C4 NAG FA . 19.36 -72.17 28.99
C5 NAG FA . 20.03 -71.60 30.24
C6 NAG FA . 19.21 -71.89 31.50
C7 NAG FA . 23.19 -72.17 26.04
C8 NAG FA . 23.82 -71.36 24.95
N2 NAG FA . 22.45 -71.50 26.93
O3 NAG FA . 19.70 -72.59 26.66
O4 NAG FA . 18.08 -71.59 28.84
O5 NAG FA . 21.32 -72.18 30.37
O6 NAG FA . 19.21 -73.28 31.76
O7 NAG FA . 23.37 -73.38 26.09
C1 NAG GA . 33.89 -45.04 37.78
C2 NAG GA . 33.73 -43.84 38.72
C3 NAG GA . 33.49 -44.24 40.17
C4 NAG GA . 32.51 -45.39 40.28
C5 NAG GA . 32.82 -46.50 39.28
C6 NAG GA . 31.78 -47.61 39.33
C7 NAG GA . 34.81 -41.68 38.63
C8 NAG GA . 35.88 -40.90 39.33
N2 NAG GA . 34.92 -43.01 38.65
O3 NAG GA . 33.02 -43.11 40.89
O4 NAG GA . 32.63 -45.92 41.58
O5 NAG GA . 32.85 -45.96 37.97
O6 NAG GA . 30.48 -47.09 39.17
O7 NAG GA . 33.88 -41.11 38.07
C1 NAG GA . 31.56 -45.42 42.40
C2 NAG GA . 31.06 -46.60 43.25
C3 NAG GA . 30.15 -46.18 44.39
C4 NAG GA . 30.60 -44.89 45.07
C5 NAG GA . 30.96 -43.83 44.04
C6 NAG GA . 31.45 -42.54 44.68
C7 NAG GA . 30.74 -48.87 42.39
C8 NAG GA . 29.89 -49.78 41.55
N2 NAG GA . 30.38 -47.58 42.41
O3 NAG GA . 30.10 -47.25 45.32
O4 NAG GA . 29.56 -44.38 45.89
O5 NAG GA . 31.97 -44.32 43.19
O6 NAG GA . 32.67 -42.77 45.35
O7 NAG GA . 31.69 -49.33 43.03
C1 BMA GA . 29.61 -44.92 47.23
C2 BMA GA . 28.84 -43.96 48.13
C3 BMA GA . 28.67 -44.51 49.54
C4 BMA GA . 28.19 -45.98 49.49
C5 BMA GA . 29.17 -46.76 48.62
C6 BMA GA . 28.92 -48.27 48.66
O2 BMA GA . 27.57 -43.71 47.57
O3 BMA GA . 27.77 -43.70 50.28
O4 BMA GA . 28.17 -46.53 50.78
O5 BMA GA . 29.09 -46.23 47.32
O6 BMA GA . 28.11 -48.68 47.58
C1 MAN GA . 28.54 -42.91 51.22
C2 MAN GA . 27.63 -42.36 52.33
C3 MAN GA . 26.68 -41.31 51.78
C4 MAN GA . 27.49 -40.25 51.05
C5 MAN GA . 28.41 -40.89 50.02
C6 MAN GA . 29.29 -39.86 49.33
O2 MAN GA . 28.44 -41.76 53.32
O3 MAN GA . 25.95 -40.72 52.82
O4 MAN GA . 26.62 -39.34 50.43
O5 MAN GA . 29.25 -41.85 50.63
O6 MAN GA . 30.12 -40.52 48.39
C1 NAG HA . 55.76 -38.05 38.49
C2 NAG HA . 56.88 -37.07 38.17
C3 NAG HA . 57.97 -37.01 39.26
C4 NAG HA . 57.42 -37.12 40.68
C5 NAG HA . 56.34 -38.19 40.76
C6 NAG HA . 55.74 -38.34 42.16
C7 NAG HA . 57.37 -36.65 35.84
C8 NAG HA . 57.93 -37.17 34.55
N2 NAG HA . 57.48 -37.44 36.91
O3 NAG HA . 58.70 -35.82 39.09
O4 NAG HA . 58.47 -37.43 41.57
O5 NAG HA . 55.32 -37.91 39.83
O6 NAG HA . 55.15 -37.14 42.59
O7 NAG HA . 56.82 -35.56 35.90
C1 NAG HA . 58.92 -36.27 42.30
C2 NAG HA . 59.18 -36.68 43.76
C3 NAG HA . 59.96 -35.65 44.58
C4 NAG HA . 61.03 -34.90 43.78
C5 NAG HA . 60.47 -34.50 42.42
C6 NAG HA . 61.44 -33.66 41.58
C7 NAG HA . 57.63 -38.15 44.96
C8 NAG HA . 56.39 -38.23 45.80
N2 NAG HA . 57.91 -36.97 44.43
O3 NAG HA . 60.55 -36.31 45.69
O4 NAG HA . 61.44 -33.71 44.45
O5 NAG HA . 60.05 -35.65 41.71
O6 NAG HA . 62.76 -34.11 41.73
O7 NAG HA . 58.31 -39.15 44.77
C1 BMA HA . 62.49 -33.90 45.42
C2 BMA HA . 63.23 -32.56 45.56
C3 BMA HA . 64.25 -32.55 46.70
C4 BMA HA . 63.72 -33.25 47.96
C5 BMA HA . 62.99 -34.54 47.64
C6 BMA HA . 62.30 -35.15 48.86
O2 BMA HA . 62.32 -31.52 45.75
O3 BMA HA . 64.59 -31.19 46.95
O4 BMA HA . 64.81 -33.56 48.80
O5 BMA HA . 61.99 -34.30 46.68
O6 BMA HA . 63.20 -35.86 49.68
C1 MAN HA . 65.85 -30.86 46.32
C2 MAN HA . 66.56 -29.72 47.06
C3 MAN HA . 65.93 -28.37 46.77
C4 MAN HA . 65.86 -28.18 45.26
C5 MAN HA . 65.13 -29.34 44.60
C6 MAN HA . 65.14 -29.16 43.09
O2 MAN HA . 67.92 -29.67 46.69
O3 MAN HA . 66.72 -27.36 47.34
O4 MAN HA . 65.19 -26.99 44.95
O5 MAN HA . 65.77 -30.56 44.93
O6 MAN HA . 64.31 -30.12 42.49
C1 MAN HA . 63.05 -35.38 51.04
C2 MAN HA . 64.37 -34.89 51.57
C3 MAN HA . 65.40 -36.01 51.52
C4 MAN HA . 64.85 -37.22 52.27
C5 MAN HA . 63.44 -37.56 51.80
C6 MAN HA . 62.86 -38.70 52.63
O2 MAN HA . 64.21 -34.44 52.90
O3 MAN HA . 66.62 -35.59 52.10
O4 MAN HA . 65.70 -38.33 52.07
O5 MAN HA . 62.61 -36.43 51.88
O6 MAN HA . 62.82 -38.33 53.99
C1 NAG IA . 40.30 -89.26 34.37
C2 NAG IA . 40.17 -90.57 33.59
C3 NAG IA . 41.30 -90.83 32.60
C4 NAG IA . 41.81 -89.57 31.89
C5 NAG IA . 41.95 -88.43 32.88
C6 NAG IA . 42.40 -87.14 32.20
C7 NAG IA . 39.05 -92.44 34.70
C8 NAG IA . 39.19 -93.61 35.63
N2 NAG IA . 40.12 -91.67 34.55
O3 NAG IA . 40.87 -91.77 31.63
O4 NAG IA . 43.05 -89.86 31.28
O5 NAG IA . 40.72 -88.19 33.52
O6 NAG IA . 41.35 -86.64 31.40
O7 NAG IA . 37.98 -92.23 34.11
C1 NAG IA . 42.92 -89.95 29.85
C2 NAG IA . 44.13 -89.31 29.18
C3 NAG IA . 44.22 -89.55 27.67
C4 NAG IA . 43.79 -90.96 27.25
C5 NAG IA . 42.50 -91.35 27.99
C6 NAG IA . 42.01 -92.74 27.62
C7 NAG IA . 45.30 -87.21 29.69
C8 NAG IA . 45.48 -85.92 28.95
N2 NAG IA . 44.17 -87.88 29.44
O3 NAG IA . 45.54 -89.27 27.28
O4 NAG IA . 43.57 -91.04 25.86
O5 NAG IA . 42.71 -91.27 29.39
O6 NAG IA . 42.92 -93.70 28.10
O7 NAG IA . 46.16 -87.60 30.48
C1 BMA IA . 44.77 -91.27 25.08
C2 BMA IA . 44.40 -91.89 23.72
C3 BMA IA . 45.61 -92.08 22.81
C4 BMA IA . 46.52 -90.86 22.79
C5 BMA IA . 46.80 -90.40 24.22
C6 BMA IA . 47.72 -89.19 24.25
O2 BMA IA . 43.43 -91.09 23.08
O3 BMA IA . 45.17 -92.34 21.50
O4 BMA IA . 47.73 -91.16 22.13
O5 BMA IA . 45.56 -90.12 24.86
O6 BMA IA . 46.99 -88.01 23.96
C1 NAG JA . 55.05 -39.60 31.06
C2 NAG JA . 55.29 -39.46 29.56
C3 NAG JA . 55.74 -38.04 29.16
C4 NAG JA . 55.03 -36.94 29.94
C5 NAG JA . 55.09 -37.31 31.42
C6 NAG JA . 54.59 -36.17 32.31
C7 NAG JA . 55.96 -41.70 28.87
C8 NAG JA . 56.79 -42.79 29.49
N2 NAG JA . 56.29 -40.44 29.15
O3 NAG JA . 55.55 -37.84 27.78
O4 NAG JA . 55.64 -35.69 29.70
O5 NAG JA . 54.34 -38.50 31.59
O6 NAG JA . 53.18 -36.21 32.36
O7 NAG JA . 55.02 -41.97 28.14
C1 NAG JA . 55.00 -34.96 28.62
C2 NAG JA . 54.74 -33.50 29.04
C3 NAG JA . 54.36 -32.56 27.88
C4 NAG JA . 55.00 -32.89 26.52
C5 NAG JA . 55.03 -34.41 26.32
C6 NAG JA . 55.65 -34.83 24.98
C7 NAG JA . 53.91 -32.83 31.23
C8 NAG JA . 52.72 -32.62 32.10
N2 NAG JA . 53.71 -33.44 30.06
O3 NAG JA . 54.68 -31.25 28.27
O4 NAG JA . 54.29 -32.25 25.46
O5 NAG JA . 55.71 -35.03 27.39
O6 NAG JA . 57.06 -34.95 25.08
O7 NAG JA . 55.03 -32.45 31.59
C1 BMA JA . 54.71 -30.89 25.15
C2 BMA JA . 54.29 -30.53 23.71
C3 BMA JA . 54.69 -29.10 23.35
C4 BMA JA . 54.30 -28.13 24.45
C5 BMA JA . 54.83 -28.64 25.78
C6 BMA JA . 54.58 -27.65 26.92
O2 BMA JA . 52.90 -30.65 23.54
O3 BMA JA . 54.04 -28.72 22.14
O4 BMA JA . 54.84 -26.86 24.19
O5 BMA JA . 54.24 -29.90 26.05
O6 BMA JA . 53.25 -27.75 27.37
C1 NAG KA . 76.48 -117.55 33.31
C2 NAG KA . 76.39 -118.81 32.44
C3 NAG KA . 76.08 -118.50 30.98
C4 NAG KA . 74.91 -117.54 30.85
C5 NAG KA . 75.13 -116.32 31.74
C6 NAG KA . 73.86 -115.47 31.77
C7 NAG KA . 77.62 -120.87 32.82
C8 NAG KA . 78.88 -121.63 32.55
N2 NAG KA . 77.62 -119.58 32.51
O3 NAG KA . 75.77 -119.69 30.30
O4 NAG KA . 74.78 -117.14 29.49
O5 NAG KA . 75.37 -116.70 33.08
O6 NAG KA . 72.80 -116.26 32.25
O7 NAG KA . 76.65 -121.46 33.32
C1 NAG KA . 73.56 -117.65 28.90
C2 NAG KA . 73.01 -116.59 27.96
C3 NAG KA . 71.81 -117.07 27.12
C4 NAG KA . 71.98 -118.50 26.61
C5 NAG KA . 72.54 -119.41 27.70
C6 NAG KA . 72.88 -120.78 27.14
C7 NAG KA . 73.13 -114.23 28.45
C8 NAG KA . 72.65 -113.09 29.30
N2 NAG KA . 72.61 -115.42 28.71
O3 NAG KA . 71.67 -116.20 26.03
O4 NAG KA . 70.72 -118.99 26.18
O5 NAG KA . 73.74 -118.87 28.23
O6 NAG KA . 74.11 -120.72 26.47
O7 NAG KA . 73.96 -114.04 27.56
C1 BMA KA . 70.55 -118.82 24.75
C2 BMA KA . 69.62 -119.90 24.18
C3 BMA KA . 69.47 -119.71 22.67
C4 BMA KA . 69.00 -118.30 22.38
C5 BMA KA . 70.01 -117.34 23.01
C6 BMA KA . 69.68 -115.88 22.69
O2 BMA KA . 68.36 -119.78 24.79
O3 BMA KA . 68.61 -120.68 22.12
O4 BMA KA . 68.92 -118.07 21.00
O5 BMA KA . 70.03 -117.54 24.41
O6 BMA KA . 69.17 -115.26 23.85
C1 MAN KA . 69.33 -121.46 21.14
C2 MAN KA . 68.38 -122.05 20.10
C3 MAN KA . 67.45 -123.06 20.77
C4 MAN KA . 68.27 -124.09 21.55
C5 MAN KA . 69.31 -123.43 22.44
C6 MAN KA . 70.22 -124.50 23.03
O2 MAN KA . 69.12 -122.70 19.08
O3 MAN KA . 66.69 -123.72 19.80
O4 MAN KA . 67.40 -124.87 22.35
O5 MAN KA . 70.09 -122.50 21.71
O6 MAN KA . 70.99 -123.97 24.11
C1 MAN KA . 68.92 -113.86 23.63
C2 MAN KA . 70.11 -113.12 23.01
C3 MAN KA . 71.28 -112.98 23.99
C4 MAN KA . 70.77 -112.49 25.33
C5 MAN KA . 69.61 -113.36 25.78
C6 MAN KA . 69.10 -112.99 27.17
O2 MAN KA . 69.71 -111.85 22.57
O3 MAN KA . 72.24 -112.08 23.48
O4 MAN KA . 71.83 -112.52 26.27
O5 MAN KA . 68.56 -113.24 24.84
O6 MAN KA . 69.67 -111.76 27.53
C1 NAG LA . 77.89 -81.21 2.39
C2 NAG LA . 78.15 -82.33 1.40
C3 NAG LA . 79.61 -82.41 0.96
C4 NAG LA . 80.25 -81.05 0.76
C5 NAG LA . 79.85 -80.08 1.87
C6 NAG LA . 80.47 -78.70 1.68
C7 NAG LA . 76.71 -84.26 1.58
C8 NAG LA . 76.44 -85.55 2.30
N2 NAG LA . 77.77 -83.58 2.01
O3 NAG LA . 79.69 -83.15 -0.23
O4 NAG LA . 81.66 -81.18 0.75
O5 NAG LA . 78.44 -79.99 1.93
O6 NAG LA . 80.05 -78.10 0.48
O7 NAG LA . 76.00 -83.90 0.65
C1 NAG LA . 82.16 -81.22 -0.61
C2 NAG LA . 83.43 -80.37 -0.67
C3 NAG LA . 84.20 -80.52 -1.99
C4 NAG LA . 84.18 -81.96 -2.54
C5 NAG LA . 82.81 -82.57 -2.41
C6 NAG LA . 82.77 -84.01 -2.93
C7 NAG LA . 83.65 -78.25 0.55
C8 NAG LA . 83.42 -76.77 0.53
N2 NAG LA . 83.12 -78.96 -0.45
O3 NAG LA . 85.53 -80.12 -1.77
O4 NAG LA . 84.52 -81.95 -3.92
O5 NAG LA . 82.41 -82.54 -1.06
O6 NAG LA . 83.66 -84.81 -2.19
O7 NAG LA . 84.29 -78.77 1.48
C1 BMA LA . 85.94 -82.05 -4.14
C2 BMA LA . 86.18 -82.48 -5.58
C3 BMA LA . 87.67 -82.53 -5.91
C4 BMA LA . 88.34 -81.24 -5.46
C5 BMA LA . 88.01 -80.96 -4.02
C6 BMA LA . 88.67 -79.68 -3.52
O2 BMA LA . 85.57 -81.55 -6.46
O3 BMA LA . 87.86 -82.70 -7.30
O4 BMA LA . 89.74 -81.38 -5.63
O5 BMA LA . 86.62 -80.83 -3.89
O6 BMA LA . 87.77 -78.61 -3.69
C1 NAG MA . 56.53 -66.85 -6.62
C2 NAG MA . 55.20 -66.93 -7.39
C3 NAG MA . 54.56 -68.31 -7.42
C4 NAG MA . 55.60 -69.41 -7.66
C5 NAG MA . 56.75 -69.25 -6.66
C6 NAG MA . 57.80 -70.36 -6.78
C7 NAG MA . 53.62 -65.08 -7.59
C8 NAG MA . 52.13 -64.99 -7.41
N2 NAG MA . 54.26 -65.97 -6.83
O3 NAG MA . 53.56 -68.35 -8.41
O4 NAG MA . 54.99 -70.69 -7.52
O5 NAG MA . 57.36 -67.99 -6.84
O6 NAG MA . 58.17 -70.56 -8.12
O7 NAG MA . 54.19 -64.35 -8.40
C1 NAG MA . 54.65 -71.24 -8.80
C2 NAG MA . 55.00 -72.72 -8.77
C3 NAG MA . 54.38 -73.57 -9.88
C4 NAG MA . 52.98 -73.11 -10.29
C5 NAG MA . 52.94 -71.59 -10.41
C6 NAG MA . 51.58 -71.08 -10.85
C7 NAG MA . 57.08 -73.45 -7.75
C8 NAG MA . 58.55 -73.71 -7.94
N2 NAG MA . 56.45 -72.87 -8.77
O3 NAG MA . 54.35 -74.91 -9.44
O4 NAG MA . 52.62 -73.68 -11.54
O5 NAG MA . 53.30 -71.01 -9.16
O6 NAG MA . 50.60 -71.49 -9.92
O7 NAG MA . 56.52 -73.75 -6.71
C1 BMA MA . 51.97 -74.96 -11.42
C2 BMA MA . 51.17 -75.20 -12.71
C3 BMA MA . 50.59 -76.60 -12.80
C4 BMA MA . 51.63 -77.65 -12.42
C5 BMA MA . 52.17 -77.28 -11.04
C6 BMA MA . 53.04 -78.37 -10.41
O2 BMA MA . 51.98 -74.97 -13.84
O3 BMA MA . 50.06 -76.80 -14.10
O4 BMA MA . 51.08 -78.94 -12.38
O5 BMA MA . 52.84 -76.04 -11.16
O6 BMA MA . 54.35 -78.34 -10.94
C1 MAN MA . 48.63 -76.69 -14.02
C2 MAN MA . 47.95 -77.34 -15.23
C3 MAN MA . 48.17 -76.51 -16.49
C4 MAN MA . 47.70 -75.09 -16.23
C5 MAN MA . 48.37 -74.53 -14.98
C6 MAN MA . 47.83 -73.14 -14.66
O2 MAN MA . 46.56 -77.44 -14.98
O3 MAN MA . 47.44 -77.06 -17.57
O4 MAN MA . 48.00 -74.30 -17.34
O5 MAN MA . 48.15 -75.37 -13.86
O6 MAN MA . 48.46 -72.67 -13.49
C1 NAG NA . 41.53 -56.71 7.53
C2 NAG NA . 40.70 -55.47 7.94
C3 NAG NA . 39.43 -55.86 8.71
C4 NAG NA . 38.64 -56.96 8.02
C5 NAG NA . 39.59 -58.12 7.70
C6 NAG NA . 38.90 -59.27 6.95
C7 NAG NA . 42.08 -53.47 8.26
C8 NAG NA . 42.78 -52.57 9.24
N2 NAG NA . 41.54 -54.59 8.73
O3 NAG NA . 38.61 -54.72 8.89
O4 NAG NA . 37.58 -57.39 8.86
O5 NAG NA . 40.69 -57.67 6.91
O6 NAG NA . 38.55 -58.87 5.64
O7 NAG NA . 42.01 -53.16 7.06
C1 NAG NA . 36.26 -57.03 8.35
C2 NAG NA . 35.30 -58.20 8.54
C3 NAG NA . 33.81 -57.87 8.31
C4 NAG NA . 33.39 -56.47 8.76
C5 NAG NA . 34.49 -55.47 8.42
C6 NAG NA . 34.15 -54.06 8.88
C7 NAG NA . 35.83 -60.51 8.15
C8 NAG NA . 35.92 -61.62 7.16
N2 NAG NA . 35.67 -59.28 7.66
O3 NAG NA . 33.03 -58.86 8.94
O4 NAG NA . 32.19 -56.11 8.12
O5 NAG NA . 35.73 -55.86 8.97
O6 NAG NA . 34.10 -54.00 10.29
O7 NAG NA . 35.90 -60.73 9.35
C1 BMA NA . 30.98 -56.43 8.86
C2 BMA NA . 29.88 -55.46 8.45
C3 BMA NA . 28.56 -55.74 9.17
C4 BMA NA . 28.21 -57.22 9.01
C5 BMA NA . 29.39 -58.09 9.43
C6 BMA NA . 29.04 -59.57 9.25
O2 BMA NA . 29.66 -55.57 7.06
O3 BMA NA . 27.54 -54.90 8.65
O4 BMA NA . 27.09 -57.55 9.80
O5 BMA NA . 30.53 -57.76 8.66
O6 BMA NA . 29.41 -60.31 10.41
C1 MAN NA . 27.15 -53.90 9.63
C2 MAN NA . 25.70 -53.44 9.44
C3 MAN NA . 25.56 -52.58 8.20
C4 MAN NA . 26.55 -51.43 8.26
C5 MAN NA . 27.97 -51.95 8.52
C6 MAN NA . 28.90 -50.76 8.72
O2 MAN NA . 25.29 -52.69 10.56
O3 MAN NA . 24.26 -52.04 8.17
O4 MAN NA . 26.54 -50.73 7.04
O5 MAN NA . 28.00 -52.76 9.68
O6 MAN NA . 30.24 -51.21 8.81
C1 MAN NA . 28.49 -61.41 10.63
C2 MAN NA . 27.24 -60.92 11.39
C3 MAN NA . 26.67 -62.04 12.24
C4 MAN NA . 26.88 -63.37 11.54
C5 MAN NA . 28.38 -63.67 11.54
C6 MAN NA . 28.72 -64.77 10.53
O2 MAN NA . 26.24 -60.44 10.52
O3 MAN NA . 25.29 -61.83 12.42
O4 MAN NA . 26.20 -64.40 12.22
O5 MAN NA . 29.12 -62.47 11.35
O6 MAN NA . 27.83 -64.74 9.43
C1 NAG OA . 79.28 -91.47 23.39
C2 NAG OA . 80.52 -91.95 24.15
C3 NAG OA . 81.04 -90.93 25.17
C4 NAG OA . 81.04 -89.51 24.61
C5 NAG OA . 79.74 -89.20 23.87
C6 NAG OA . 79.79 -87.82 23.22
C7 NAG OA . 80.83 -94.33 24.59
C8 NAG OA . 80.54 -95.47 25.51
N2 NAG OA . 80.19 -93.19 24.85
O3 NAG OA . 82.34 -91.30 25.56
O4 NAG OA . 81.20 -88.59 25.69
O5 NAG OA . 79.52 -90.17 22.87
O6 NAG OA . 80.78 -87.77 22.22
O7 NAG OA . 81.61 -94.47 23.65
C1 NAG OA . 82.57 -88.16 25.80
C2 NAG OA . 82.61 -86.66 26.13
C3 NAG OA . 84.00 -86.15 26.49
C4 NAG OA . 84.76 -87.12 27.38
C5 NAG OA . 84.67 -88.54 26.81
C6 NAG OA . 85.44 -89.53 27.66
C7 NAG OA . 81.02 -85.11 25.13
C8 NAG OA . 80.69 -84.25 23.94
N2 NAG OA . 82.08 -85.90 25.01
O3 NAG OA . 83.89 -84.92 27.17
O4 NAG OA . 86.11 -86.72 27.46
O5 NAG OA . 83.32 -88.92 26.73
O6 NAG OA . 84.91 -89.53 28.98
O7 NAG OA . 80.34 -85.04 26.15
C1 NAG PA . 47.74 -52.41 8.82
C2 NAG PA . 48.49 -51.16 9.30
C3 NAG PA . 47.69 -49.87 9.08
C4 NAG PA . 46.92 -49.82 7.78
C5 NAG PA . 46.15 -51.14 7.66
C6 NAG PA . 45.12 -51.15 6.53
C7 NAG PA . 49.89 -52.06 11.07
C8 NAG PA . 49.66 -53.15 12.08
N2 NAG PA . 48.83 -51.35 10.70
O3 NAG PA . 48.57 -48.77 9.17
O4 NAG PA . 46.04 -48.71 7.78
O5 NAG PA . 47.09 -52.19 7.57
O6 NAG PA . 45.66 -50.65 5.33
O7 NAG PA . 51.02 -51.86 10.63
C1 NAG PA . 46.60 -47.54 7.13
C2 NAG PA . 45.52 -46.82 6.30
C3 NAG PA . 45.94 -45.44 5.78
C4 NAG PA . 46.88 -44.63 6.70
C5 NAG PA . 47.90 -45.57 7.35
C6 NAG PA . 48.84 -44.86 8.32
C7 NAG PA . 43.82 -48.06 5.06
C8 NAG PA . 43.47 -48.78 3.79
N2 NAG PA . 45.09 -47.67 5.21
O3 NAG PA . 44.76 -44.70 5.52
O4 NAG PA . 47.57 -43.61 5.97
O5 NAG PA . 47.24 -46.63 8.01
O6 NAG PA . 48.18 -44.55 9.53
O7 NAG PA . 42.95 -47.86 5.90
C1 BMA PA . 46.85 -42.35 5.78
C2 BMA PA . 47.85 -41.22 5.47
C3 BMA PA . 47.15 -39.88 5.25
C4 BMA PA . 46.00 -40.06 4.26
C5 BMA PA . 45.10 -41.18 4.74
C6 BMA PA . 43.87 -41.33 3.86
O2 BMA PA . 48.58 -41.51 4.31
O3 BMA PA . 48.07 -38.95 4.72
O4 BMA PA . 45.26 -38.87 4.20
O5 BMA PA . 45.85 -42.38 4.77
O6 BMA PA . 44.21 -41.97 2.65
C1 NAG QA . -44.80 105.49 -60.55
C2 NAG QA . -43.31 105.71 -60.86
C3 NAG QA . -42.37 105.22 -59.76
C4 NAG QA . -42.88 105.54 -58.35
C5 NAG QA . -44.35 105.19 -58.22
C6 NAG QA . -44.93 105.54 -56.84
C7 NAG QA . -42.50 105.75 -63.17
C8 NAG QA . -41.82 104.96 -64.24
N2 NAG QA . -42.97 105.07 -62.12
O3 NAG QA . -41.09 105.77 -59.95
O4 NAG QA . -42.12 104.81 -57.41
O5 NAG QA . -45.11 105.83 -59.21
O6 NAG QA . -45.09 106.94 -56.70
O7 NAG QA . -42.59 106.97 -63.26
C1 NAG QA . -41.24 105.65 -56.62
C2 NAG QA . -41.19 105.09 -55.19
C3 NAG QA . -40.14 105.77 -54.31
C4 NAG QA . -38.82 105.94 -55.05
C5 NAG QA . -39.06 106.56 -56.43
C6 NAG QA . -37.75 106.74 -57.17
C7 NAG QA . -43.10 104.07 -54.06
C8 NAG QA . -44.41 104.28 -53.38
N2 NAG QA . -42.49 105.15 -54.54
O3 NAG QA . -39.92 105.01 -53.15
O4 NAG QA . -37.95 106.76 -54.31
O5 NAG QA . -39.93 105.75 -57.17
O6 NAG QA . -37.02 105.53 -57.19
O7 NAG QA . -42.63 102.94 -54.15
C1 NAG RA . -28.65 56.58 -17.36
C2 NAG RA . -27.68 56.68 -16.16
C3 NAG RA . -27.33 58.13 -15.82
C4 NAG RA . -26.99 58.96 -17.06
C5 NAG RA . -28.01 58.73 -18.16
C6 NAG RA . -27.65 59.48 -19.44
C7 NAG RA . -27.75 54.92 -14.45
C8 NAG RA . -28.40 54.43 -13.19
N2 NAG RA . -28.27 56.02 -14.99
O3 NAG RA . -26.25 58.12 -14.91
O4 NAG RA . -26.95 60.34 -16.74
O5 NAG RA . -28.16 57.35 -18.44
O6 NAG RA . -26.36 59.08 -19.89
O7 NAG RA . -26.79 54.31 -14.92
C1 NAG RA . -25.61 60.85 -16.57
C2 NAG RA . -25.57 62.31 -17.04
C3 NAG RA . -24.22 63.01 -16.74
C4 NAG RA . -23.79 62.73 -15.31
C5 NAG RA . -23.82 61.23 -15.04
C6 NAG RA . -23.39 60.95 -13.61
C7 NAG RA . -26.93 63.10 -18.90
C8 NAG RA . -27.14 63.13 -20.38
N2 NAG RA . -25.88 62.40 -18.45
O3 NAG RA . -24.34 64.40 -16.91
O4 NAG RA . -22.49 63.25 -15.09
O5 NAG RA . -25.12 60.72 -15.25
O6 NAG RA . -24.14 61.79 -12.74
O7 NAG RA . -27.71 63.69 -18.14
C1 NAG SA . -46.30 57.92 -3.24
C2 NAG SA . -47.15 57.43 -2.08
C3 NAG SA . -47.77 58.58 -1.28
C4 NAG SA . -46.78 59.70 -0.98
C5 NAG SA . -46.00 60.06 -2.25
C6 NAG SA . -44.95 61.14 -2.05
C7 NAG SA . -48.31 55.30 -2.20
C8 NAG SA . -49.24 54.43 -2.99
N2 NAG SA . -48.18 56.56 -2.59
O3 NAG SA . -48.32 58.09 -0.07
O4 NAG SA . -47.48 60.85 -0.48
O5 NAG SA . -45.39 58.89 -2.79
O6 NAG SA . -43.94 60.70 -1.16
O7 NAG SA . -47.68 54.84 -1.25
C1 NAG SA . -47.26 61.11 0.93
C2 NAG SA . -47.14 62.64 1.14
C3 NAG SA . -47.23 63.07 2.60
C4 NAG SA . -48.28 62.29 3.39
C5 NAG SA . -48.06 60.82 3.15
C6 NAG SA . -49.02 60.02 4.02
C7 NAG SA . -45.91 64.02 -0.44
C8 NAG SA . -44.56 64.54 -0.87
N2 NAG SA . -45.92 63.13 0.55
O3 NAG SA . -47.58 64.44 2.69
O4 NAG SA . -48.19 62.59 4.77
O5 NAG SA . -48.25 60.54 1.77
O6 NAG SA . -50.05 60.88 4.47
O7 NAG SA . -46.93 64.43 -0.99
C1 NAG TA . -45.31 78.58 -52.49
C2 NAG TA . -46.10 79.00 -53.73
C3 NAG TA . -47.50 78.39 -53.72
C4 NAG TA . -47.45 76.89 -53.45
C5 NAG TA . -46.58 76.60 -52.22
C6 NAG TA . -46.44 75.11 -51.95
C7 NAG TA . -45.70 81.13 -54.85
C8 NAG TA . -46.61 82.16 -55.43
N2 NAG TA . -46.17 80.46 -53.79
O3 NAG TA . -48.13 78.68 -54.95
O4 NAG TA . -48.76 76.40 -53.26
O5 NAG TA . -45.29 77.17 -52.37
O6 NAG TA . -45.94 74.44 -53.08
O7 NAG TA . -44.58 80.95 -55.32
C1 NAG TA . -49.28 75.81 -54.47
C2 NAG TA . -50.00 74.50 -54.11
C3 NAG TA . -50.80 73.90 -55.27
C4 NAG TA . -51.50 74.95 -56.14
C5 NAG TA . -50.56 76.12 -56.43
C6 NAG TA . -51.20 77.19 -57.30
C7 NAG TA . -49.11 73.04 -52.40
C8 NAG TA . -48.16 71.92 -52.08
N2 NAG TA . -49.04 73.54 -53.63
O3 NAG TA . -51.74 73.00 -54.72
O4 NAG TA . -51.90 74.38 -57.38
O5 NAG TA . -50.13 76.68 -55.20
O6 NAG TA . -52.20 77.89 -56.59
O7 NAG TA . -49.88 73.46 -51.55
C1 BMA TA . -53.22 73.80 -57.32
C2 BMA TA . -53.84 73.76 -58.73
C3 BMA TA . -55.19 73.05 -58.75
C4 BMA TA . -55.13 71.74 -57.98
C5 BMA TA . -54.56 72.00 -56.60
C6 BMA TA . -54.54 70.73 -55.75
O2 BMA TA . -52.95 73.12 -59.62
O3 BMA TA . -55.58 72.82 -60.08
O4 BMA TA . -56.42 71.16 -57.87
O5 BMA TA . -53.25 72.50 -56.76
O6 BMA TA . -53.38 69.98 -56.06
C1 NAG UA . -48.65 52.31 -7.63
C2 NAG UA . -49.62 51.16 -7.85
C3 NAG UA . -49.89 50.33 -6.58
C4 NAG UA . -48.65 50.10 -5.73
C5 NAG UA . -48.04 51.49 -5.53
C6 NAG UA . -46.95 51.52 -4.44
C7 NAG UA . -50.96 52.02 -9.65
C8 NAG UA . -51.45 53.39 -10.04
N2 NAG UA . -50.84 51.75 -8.36
O3 NAG UA . -50.48 49.10 -6.94
O4 NAG UA . -49.01 49.49 -4.50
O5 NAG UA . -47.57 51.95 -6.79
O6 NAG UA . -46.16 50.37 -4.53
O7 NAG UA . -50.69 51.19 -10.51
C1 NAG UA . -48.84 48.05 -4.51
C2 NAG UA . -48.25 47.54 -3.19
C3 NAG UA . -48.27 46.01 -3.03
C4 NAG UA . -49.48 45.31 -3.65
C5 NAG UA . -49.82 45.94 -4.99
C6 NAG UA . -51.05 45.30 -5.66
C7 NAG UA . -46.49 48.62 -1.91
C8 NAG UA . -45.02 48.76 -1.69
N2 NAG UA . -46.89 48.02 -3.02
O3 NAG UA . -48.17 45.73 -1.66
O4 NAG UA . -49.23 43.91 -3.82
O5 NAG UA . -50.03 47.34 -4.83
O6 NAG UA . -52.21 45.59 -4.92
O7 NAG UA . -47.28 49.07 -1.08
C1 BMA UA . -49.47 43.08 -2.65
C2 BMA UA . -49.76 41.64 -3.10
C3 BMA UA . -49.97 40.70 -1.93
C4 BMA UA . -48.87 40.88 -0.89
C5 BMA UA . -48.75 42.36 -0.54
C6 BMA UA . -47.75 42.58 0.59
O2 BMA UA . -48.69 41.14 -3.88
O3 BMA UA . -49.96 39.37 -2.38
O4 BMA UA . -49.19 40.16 0.28
O5 BMA UA . -48.41 43.08 -1.71
O6 BMA UA . -46.44 42.29 0.15
C1 NAG VA . -84.21 100.08 -62.07
C2 NAG VA . -85.01 99.94 -63.35
C3 NAG VA . -85.15 98.49 -63.81
C4 NAG VA . -83.81 97.76 -63.80
C5 NAG VA . -83.16 97.96 -62.43
C6 NAG VA . -81.77 97.34 -62.42
C7 NAG VA . -86.73 101.60 -63.82
C8 NAG VA . -88.21 101.84 -63.86
N2 NAG VA . -86.33 100.52 -63.15
O3 NAG VA . -85.68 98.45 -65.12
O4 NAG VA . -84.00 96.38 -64.06
O5 NAG VA . -83.01 99.33 -62.14
O6 NAG VA . -80.95 98.06 -63.31
O7 NAG VA . -85.96 102.38 -64.39
C1 NAG VA . -83.53 95.98 -65.38
C2 NAG VA . -82.83 94.61 -65.28
C3 NAG VA . -82.39 94.08 -66.64
C4 NAG VA . -83.55 94.15 -67.63
C5 NAG VA . -84.13 95.55 -67.64
C6 NAG VA . -85.31 95.61 -68.60
C7 NAG VA . -81.55 93.79 -63.38
C8 NAG VA . -80.21 93.76 -62.70
N2 NAG VA . -81.69 94.66 -64.38
O3 NAG VA . -81.97 92.75 -66.53
O4 NAG VA . -83.10 93.79 -68.93
O5 NAG VA . -84.55 95.94 -66.35
O6 NAG VA . -86.16 94.50 -68.37
O7 NAG VA . -82.44 93.03 -63.01
C1 NAG WA . -88.99 55.38 -45.70
C2 NAG WA . -90.02 56.23 -46.43
C3 NAG WA . -91.46 55.92 -45.99
C4 NAG WA . -91.74 54.43 -45.85
C5 NAG WA . -90.61 53.80 -45.06
C6 NAG WA . -90.80 52.29 -44.99
C7 NAG WA . -89.88 58.60 -47.09
C8 NAG WA . -90.91 59.67 -46.83
N2 NAG WA . -89.78 57.64 -46.18
O3 NAG WA . -92.36 56.50 -46.91
O4 NAG WA . -92.98 54.21 -45.22
O5 NAG WA . -89.40 54.03 -45.75
O6 NAG WA . -90.60 51.79 -46.28
O7 NAG WA . -89.19 58.66 -48.11
C1 NAG WA . -94.01 53.88 -46.18
C2 NAG WA . -94.88 52.73 -45.64
C3 NAG WA . -96.06 52.42 -46.57
C4 NAG WA . -96.76 53.69 -47.03
C5 NAG WA . -95.74 54.66 -47.58
C6 NAG WA . -96.40 55.93 -48.13
C7 NAG WA . -93.79 51.05 -44.26
C8 NAG WA . -93.24 49.65 -44.24
N2 NAG WA . -94.08 51.54 -45.46
O3 NAG WA . -97.01 51.62 -45.90
O4 NAG WA . -97.73 53.37 -48.00
O5 NAG WA . -94.79 54.98 -46.59
O6 NAG WA . -97.19 56.52 -47.12
O7 NAG WA . -93.96 51.67 -43.22
C1 NAG XA . -69.74 36.42 -45.68
C2 NAG XA . -68.85 35.47 -46.51
C3 NAG XA . -68.39 36.10 -47.83
C4 NAG XA . -69.55 36.78 -48.55
C5 NAG XA . -70.29 37.71 -47.60
C6 NAG XA . -71.47 38.38 -48.27
C7 NAG XA . -67.26 33.81 -45.76
C8 NAG XA . -65.94 33.54 -46.42
N2 NAG XA . -67.68 35.07 -45.76
O3 NAG XA . -67.80 35.10 -48.64
O4 NAG XA . -69.08 37.51 -49.66
O5 NAG XA . -70.75 37.01 -46.47
O6 NAG XA . -72.32 37.40 -48.82
O7 NAG XA . -67.90 32.88 -45.26
C1 NAG XA . -69.23 36.74 -50.88
C2 NAG XA . -69.54 37.71 -52.02
C3 NAG XA . -69.50 37.03 -53.39
C4 NAG XA . -68.27 36.15 -53.54
C5 NAG XA . -68.20 35.19 -52.35
C6 NAG XA . -67.02 34.23 -52.47
C7 NAG XA . -70.99 39.59 -51.41
C8 NAG XA . -72.39 40.10 -51.29
N2 NAG XA . -70.84 38.32 -51.77
O3 NAG XA . -69.48 38.01 -54.41
O4 NAG XA . -68.34 35.42 -54.74
O5 NAG XA . -68.10 35.93 -51.15
O6 NAG XA . -65.83 34.97 -52.60
O7 NAG XA . -70.04 40.33 -51.17
C1 NAG YA . -49.23 39.38 -36.98
C2 NAG YA . -47.98 38.92 -36.22
C3 NAG YA . -46.68 39.50 -36.81
C4 NAG YA . -46.64 39.44 -38.34
C5 NAG YA . -47.98 39.91 -38.92
C6 NAG YA . -48.01 39.84 -40.45
C7 NAG YA . -48.18 38.39 -33.84
C8 NAG YA . -48.67 38.88 -32.51
N2 NAG YA . -48.11 39.28 -34.84
O3 NAG YA . -45.58 38.80 -36.26
O4 NAG YA . -45.59 40.25 -38.83
O5 NAG YA . -49.06 39.18 -38.38
O6 NAG YA . -47.56 38.58 -40.92
O7 NAG YA . -47.86 37.22 -33.99
C1 NAG YA . -44.46 39.46 -39.27
C2 NAG YA . -43.92 40.07 -40.58
C3 NAG YA . -42.50 39.64 -40.97
C4 NAG YA . -41.58 39.32 -39.79
C5 NAG YA . -42.35 38.57 -38.72
C6 NAG YA . -41.46 38.22 -37.53
C7 NAG YA . -45.43 40.74 -42.38
C8 NAG YA . -46.21 40.31 -43.58
N2 NAG YA . -44.84 39.77 -41.67
O3 NAG YA . -41.92 40.66 -41.75
O4 NAG YA . -40.49 38.52 -40.21
O5 NAG YA . -43.44 39.35 -38.29
O6 NAG YA . -40.51 39.24 -37.33
O7 NAG YA . -45.34 41.93 -42.08
C1 BMA YA . -39.37 39.29 -40.69
C2 BMA YA . -38.10 38.49 -40.46
C3 BMA YA . -36.87 39.14 -41.11
C4 BMA YA . -37.19 39.69 -42.50
C5 BMA YA . -38.45 40.52 -42.44
C6 BMA YA . -38.73 41.19 -43.79
O2 BMA YA . -38.25 37.18 -40.96
O3 BMA YA . -35.84 38.17 -41.19
O4 BMA YA . -36.14 40.51 -42.97
O5 BMA YA . -39.50 39.68 -42.04
O6 BMA YA . -39.20 40.25 -44.73
C1 NAG ZA . -84.84 78.65 -44.10
C2 NAG ZA . -85.18 80.04 -43.55
C3 NAG ZA . -84.67 80.21 -42.12
C4 NAG ZA . -85.10 79.05 -41.23
C5 NAG ZA . -84.80 77.71 -41.92
C6 NAG ZA . -85.35 76.54 -41.12
C7 NAG ZA . -85.34 82.01 -44.95
C8 NAG ZA . -85.19 83.38 -44.34
N2 NAG ZA . -84.60 81.05 -44.40
O3 NAG ZA . -85.14 81.45 -41.62
O4 NAG ZA . -84.43 79.12 -40.00
O5 NAG ZA . -85.36 77.67 -43.23
O6 NAG ZA . -86.74 76.72 -40.91
O7 NAG ZA . -86.11 81.81 -45.89
C1 NAG ZA . -85.26 79.77 -39.01
C2 NAG ZA . -85.16 79.02 -37.69
C3 NAG ZA . -85.81 79.75 -36.51
C4 NAG ZA . -85.66 81.27 -36.55
C5 NAG ZA . -85.86 81.80 -37.98
C6 NAG ZA . -85.64 83.29 -38.06
C7 NAG ZA . -85.04 76.60 -37.74
C8 NAG ZA . -85.80 75.31 -37.71
N2 NAG ZA . -85.77 77.72 -37.84
O3 NAG ZA . -85.22 79.26 -35.32
O4 NAG ZA . -86.63 81.90 -35.72
O5 NAG ZA . -84.95 81.14 -38.84
O6 NAG ZA . -84.31 83.61 -37.69
O7 NAG ZA . -83.82 76.61 -37.70
C1 BMA ZA . -86.17 82.05 -34.35
C2 BMA ZA . -87.03 83.10 -33.64
C3 BMA ZA . -86.67 83.23 -32.17
C4 BMA ZA . -86.53 81.87 -31.50
C5 BMA ZA . -85.62 80.98 -32.33
C6 BMA ZA . -85.46 79.60 -31.70
O2 BMA ZA . -88.40 82.75 -33.77
O3 BMA ZA . -87.66 83.97 -31.49
O4 BMA ZA . -85.98 82.03 -30.20
O5 BMA ZA . -86.19 80.84 -33.62
O6 BMA ZA . -86.63 78.85 -31.94
C1 NAG AB . -53.31 39.46 -30.60
C2 NAG AB . -53.19 39.51 -29.09
C3 NAG AB . -52.29 38.43 -28.47
C4 NAG AB . -52.33 37.11 -29.23
C5 NAG AB . -52.13 37.46 -30.70
C6 NAG AB . -51.86 36.26 -31.61
C7 NAG AB . -53.52 41.86 -28.63
C8 NAG AB . -53.20 43.12 -29.39
N2 NAG AB . -52.69 40.83 -28.78
O3 NAG AB . -52.61 38.25 -27.11
O4 NAG AB . -51.35 36.21 -28.75
O5 NAG AB . -53.29 38.15 -31.12
O6 NAG AB . -52.40 35.09 -31.05
O7 NAG AB . -54.51 41.78 -27.91
C1 NAG AB . -51.86 35.29 -27.75
C2 NAG AB . -51.31 33.87 -27.96
C3 NAG AB . -51.55 32.90 -26.79
C4 NAG AB . -51.47 33.55 -25.40
C5 NAG AB . -52.22 34.88 -25.43
C6 NAG AB . -52.25 35.57 -24.07
C7 NAG AB . -51.11 32.59 -30.01
C8 NAG AB . -51.85 31.72 -30.98
N2 NAG AB . -51.86 33.29 -29.17
O3 NAG AB . -50.61 31.85 -26.89
O4 NAG AB . -52.05 32.71 -24.41
O5 NAG AB . -51.65 35.73 -26.41
O6 NAG AB . -50.96 35.70 -23.51
O7 NAG AB . -49.88 32.62 -30.03
C1 BMA AB . -51.16 31.69 -23.88
C2 BMA AB . -51.60 31.31 -22.47
C3 BMA AB . -50.80 30.13 -21.90
C4 BMA AB . -50.70 29.01 -22.92
C5 BMA AB . -50.16 29.59 -24.22
C6 BMA AB . -49.90 28.50 -25.25
O2 BMA AB . -52.96 30.95 -22.46
O3 BMA AB . -51.44 29.63 -20.74
O4 BMA AB . -49.81 28.03 -22.45
O5 BMA AB . -51.10 30.54 -24.70
O6 BMA AB . -51.11 28.13 -25.86
C1 NAG BB . -68.04 119.03 -31.46
C2 NAG BB . -68.85 120.09 -30.70
C3 NAG BB . -69.75 119.48 -29.63
C4 NAG BB . -70.49 118.22 -30.11
C5 NAG BB . -69.56 117.30 -30.87
C6 NAG BB . -70.33 116.15 -31.49
C7 NAG BB . -68.03 122.37 -30.34
C8 NAG BB . -67.36 123.27 -29.35
N2 NAG BB . -67.96 121.06 -30.09
O3 NAG BB . -70.70 120.44 -29.22
O4 NAG BB . -71.00 117.53 -28.99
O5 NAG BB . -68.92 118.01 -31.91
O6 NAG BB . -71.34 116.66 -32.34
O7 NAG BB . -68.60 122.85 -31.33
C1 NAG BB . -72.44 117.63 -28.88
C2 NAG BB . -72.99 116.29 -28.37
C3 NAG BB . -74.49 116.36 -28.06
C4 NAG BB . -74.82 117.60 -27.25
C5 NAG BB . -74.23 118.84 -27.89
C6 NAG BB . -74.55 120.07 -27.04
C7 NAG BB . -72.13 114.07 -28.93
C8 NAG BB . -71.95 113.03 -30.01
N2 NAG BB . -72.71 115.20 -29.30
O3 NAG BB . -74.87 115.22 -27.33
O4 NAG BB . -76.23 117.75 -27.13
O5 NAG BB . -72.83 118.71 -28.05
O6 NAG BB . -74.47 119.71 -25.68
O7 NAG BB . -71.77 113.82 -27.78
C1 NAG CB . -64.05 83.74 1.08
C2 NAG CB . -64.96 84.83 1.65
C3 NAG CB . -64.35 85.56 2.85
C4 NAG CB . -63.60 84.63 3.81
C5 NAG CB . -62.77 83.62 3.03
C6 NAG CB . -62.09 82.63 3.99
C7 NAG CB . -66.50 86.09 0.28
C8 NAG CB . -66.68 87.27 -0.62
N2 NAG CB . -65.26 85.80 0.62
O3 NAG CB . -65.39 86.20 3.56
O4 NAG CB . -62.76 85.39 4.64
O5 NAG CB . -63.57 82.91 2.11
O6 NAG CB . -63.05 82.02 4.80
O7 NAG CB . -67.48 85.45 0.68
C1 NAG CB . -63.36 85.63 5.92
C2 NAG CB . -62.28 85.49 7.01
C3 NAG CB . -62.76 85.92 8.40
C4 NAG CB . -63.56 87.22 8.34
C5 NAG CB . -64.62 87.11 7.26
C6 NAG CB . -65.46 88.38 7.21
C7 NAG CB . -60.54 83.81 6.81
C8 NAG CB . -60.15 82.38 7.04
N2 NAG CB . -61.82 84.11 7.07
O3 NAG CB . -61.64 86.12 9.23
O4 NAG CB . -64.17 87.44 9.60
O5 NAG CB . -64.00 86.89 6.01
O6 NAG CB . -64.63 89.51 7.02
O7 NAG CB . -59.72 84.63 6.41
C1 NAG DB . -78.89 60.84 1.33
C2 NAG DB . -80.28 60.21 1.08
C3 NAG DB . -81.38 61.21 0.71
C4 NAG DB . -81.29 62.48 1.53
C5 NAG DB . -79.88 63.01 1.52
C6 NAG DB . -79.79 64.30 2.33
C7 NAG DB . -81.01 58.14 0.09
C8 NAG DB . -82.13 58.05 -0.90
N2 NAG DB . -80.23 59.22 0.02
O3 NAG DB . -82.65 60.62 0.90
O4 NAG DB . -82.16 63.43 0.95
O5 NAG DB . -79.00 62.05 2.06
O6 NAG DB . -80.59 64.17 3.50
O7 NAG DB . -80.82 57.25 0.91
C1 NAG DB . -83.36 63.50 1.74
C2 NAG DB . -83.81 64.96 1.74
C3 NAG DB . -85.22 65.16 2.28
C4 NAG DB . -86.20 64.05 1.88
C5 NAG DB . -85.55 62.67 2.02
C6 NAG DB . -86.46 61.55 1.55
C7 NAG DB . -82.22 66.78 1.98
C8 NAG DB . -81.34 67.57 2.91
N2 NAG DB . -82.88 65.76 2.51
O3 NAG DB . -85.67 66.42 1.81
O4 NAG DB . -87.36 64.10 2.70
O5 NAG DB . -84.36 62.64 1.26
O6 NAG DB . -86.31 61.36 0.15
O7 NAG DB . -82.31 67.08 0.79
C1 BMA DB . -88.37 64.98 2.16
C2 BMA DB . -89.73 64.66 2.76
C3 BMA DB . -90.82 65.60 2.26
C4 BMA DB . -90.34 67.05 2.33
C5 BMA DB . -88.97 67.18 1.67
C6 BMA DB . -88.45 68.63 1.62
O2 BMA DB . -89.68 64.73 4.18
O3 BMA DB . -91.97 65.43 3.05
O4 BMA DB . -91.26 67.89 1.67
O5 BMA DB . -88.08 66.36 2.37
O6 BMA DB . -87.58 68.89 2.70
C1 NAG EB . -80.90 46.86 -16.29
C2 NAG EB . -81.04 45.53 -17.02
C3 NAG EB . -81.94 45.61 -18.26
C4 NAG EB . -83.20 46.47 -18.05
C5 NAG EB . -82.83 47.75 -17.30
C6 NAG EB . -84.02 48.66 -17.04
C7 NAG EB . -79.24 43.91 -17.04
C8 NAG EB . -77.75 43.79 -16.95
N2 NAG EB . -79.72 45.09 -17.41
O3 NAG EB . -82.29 44.30 -18.66
O4 NAG EB . -83.79 46.77 -19.30
O5 NAG EB . -82.18 47.43 -16.09
O6 NAG EB . -84.99 48.02 -16.25
O7 NAG EB . -79.96 42.96 -16.80
C1 NAG EB . -85.04 46.07 -19.50
C2 NAG EB . -86.06 47.02 -20.16
C3 NAG EB . -87.29 46.29 -20.77
C4 NAG EB . -86.93 44.96 -21.41
C5 NAG EB . -86.09 44.15 -20.45
C6 NAG EB . -85.82 42.74 -20.97
C7 NAG EB . -86.39 49.33 -19.43
C8 NAG EB . -87.08 50.23 -18.44
N2 NAG EB . -86.52 48.02 -19.21
O3 NAG EB . -87.89 47.13 -21.73
O4 NAG EB . -88.10 44.25 -21.78
O5 NAG EB . -84.88 44.84 -20.19
O6 NAG EB . -86.50 42.53 -22.20
O7 NAG EB . -85.76 49.81 -20.36
C1 NAG FB . -58.55 95.41 -18.52
C2 NAG FB . -57.51 96.14 -19.36
C3 NAG FB . -56.63 95.15 -20.13
C4 NAG FB . -56.04 94.11 -19.17
C5 NAG FB . -57.16 93.46 -18.35
C6 NAG FB . -56.60 92.50 -17.32
C7 NAG FB . -57.98 98.34 -20.24
C8 NAG FB . -57.40 98.97 -21.47
N2 NAG FB . -58.17 97.03 -20.28
O3 NAG FB . -55.59 95.85 -20.78
O4 NAG FB . -55.32 93.15 -19.92
O5 NAG FB . -57.93 94.45 -17.68
O6 NAG FB . -55.65 93.15 -16.51
O7 NAG FB . -58.25 99.02 -19.26
C1 NAG FB . -53.91 93.42 -19.89
C2 NAG FB . -53.16 92.11 -19.68
C3 NAG FB . -51.64 92.21 -19.88
C4 NAG FB . -51.23 93.16 -21.02
C5 NAG FB . -52.06 94.43 -20.96
C6 NAG FB . -51.67 95.39 -22.07
C7 NAG FB . -54.09 90.46 -18.14
C8 NAG FB . -54.07 89.90 -16.74
N2 NAG FB . -53.44 91.60 -18.35
O3 NAG FB . -51.16 90.92 -20.13
O4 NAG FB . -49.86 93.49 -20.95
O5 NAG FB . -53.44 94.11 -21.04
O6 NAG FB . -51.76 94.72 -23.31
O7 NAG FB . -54.70 89.86 -19.04
C1 BMA FB . -49.03 92.54 -21.65
C2 BMA FB . -47.72 93.23 -22.08
C3 BMA FB . -46.72 92.24 -22.68
C4 BMA FB . -46.62 90.97 -21.85
C5 BMA FB . -48.00 90.41 -21.60
C6 BMA FB . -47.97 89.07 -20.87
O2 BMA FB . -47.16 93.89 -20.96
O3 BMA FB . -45.45 92.85 -22.76
O4 BMA FB . -45.82 90.02 -22.52
O5 BMA FB . -48.74 91.39 -20.88
O6 BMA FB . -47.72 89.25 -19.49
C1 NAG GB . -73.88 45.58 -14.46
C2 NAG GB . -72.63 44.78 -14.36
C3 NAG GB . -72.71 43.27 -14.37
C4 NAG GB . -73.83 42.86 -13.41
C5 NAG GB . -75.09 43.75 -13.65
C6 NAG GB . -76.35 43.35 -12.82
C7 NAG GB . -70.97 46.08 -15.54
C8 NAG GB . -70.71 46.70 -16.89
N2 NAG GB . -71.94 45.21 -15.52
O3 NAG GB . -71.44 42.76 -13.95
O4 NAG GB . -74.10 41.47 -13.49
O5 NAG GB . -74.81 45.13 -13.54
O6 NAG GB . -76.14 43.10 -11.44
O7 NAG GB . -70.35 46.29 -14.51
C1 NAG GB . -73.47 40.70 -12.45
C2 NAG GB . -74.40 39.58 -11.95
C3 NAG GB . -73.75 38.55 -11.01
C4 NAG GB . -72.29 38.20 -11.37
C5 NAG GB . -71.53 39.46 -11.75
C6 NAG GB . -70.06 39.21 -12.15
C7 NAG GB . -76.79 39.90 -11.75
C8 NAG GB . -77.94 40.36 -10.90
N2 NAG GB . -75.56 40.15 -11.29
O3 NAG GB . -74.58 37.40 -11.03
O4 NAG GB . -71.66 37.59 -10.24
O5 NAG GB . -72.20 40.16 -12.81
O6 NAG GB . -69.96 38.48 -13.36
O7 NAG GB . -77.00 39.31 -12.81
C1 BMA GB . -71.85 36.15 -10.16
C2 BMA GB . -70.73 35.54 -9.32
C3 BMA GB . -70.88 34.02 -9.18
C4 BMA GB . -72.32 33.66 -8.79
C5 BMA GB . -73.30 34.33 -9.73
C6 BMA GB . -74.74 33.91 -9.45
O2 BMA GB . -70.68 36.11 -8.02
O3 BMA GB . -69.97 33.56 -8.22
O4 BMA GB . -72.51 32.26 -8.81
O5 BMA GB . -73.11 35.73 -9.65
O6 BMA GB . -75.35 34.75 -8.49
C1 NAG HB . 92.57 -125.03 71.38
C2 NAG HB . 92.83 -123.95 72.44
C3 NAG HB . 94.31 -123.63 72.59
C4 NAG HB . 95.11 -124.92 72.74
C5 NAG HB . 94.83 -125.85 71.57
C6 NAG HB . 95.61 -127.15 71.72
C7 NAG HB . 91.35 -122.08 73.03
C8 NAG HB . 91.17 -120.61 72.80
N2 NAG HB . 92.10 -122.73 72.13
O3 NAG HB . 94.53 -122.80 73.70
O4 NAG HB . 96.49 -124.63 72.80
O5 NAG HB . 93.44 -126.14 71.49
O6 NAG HB . 95.54 -127.58 73.05
O7 NAG HB . 90.81 -122.63 73.98
C1 NAG IB . 45.03 -34.59 41.57
C2 NAG IB . 44.74 -33.89 42.89
C3 NAG IB . 44.82 -32.36 42.77
C4 NAG IB . 46.08 -31.96 42.03
C5 NAG IB . 46.15 -32.68 40.70
C6 NAG IB . 47.37 -32.25 39.90
C7 NAG IB . 43.26 -35.00 44.47
C8 NAG IB . 41.87 -35.08 45.01
N2 NAG IB . 43.43 -34.26 43.37
O3 NAG IB . 44.84 -31.77 44.06
O4 NAG IB . 46.08 -30.55 41.82
O5 NAG IB . 46.19 -34.08 40.92
O6 NAG IB . 48.49 -32.16 40.76
O7 NAG IB . 44.19 -35.59 45.02
C1 NAG JB . 47.95 -125.61 79.84
C2 NAG JB . 46.53 -125.06 79.82
C3 NAG JB . 46.16 -124.48 81.19
C4 NAG JB . 46.52 -125.43 82.32
C5 NAG JB . 47.91 -126.04 82.14
C6 NAG JB . 48.15 -127.11 83.20
C7 NAG JB . 45.51 -124.17 77.80
C8 NAG JB . 45.21 -122.91 77.02
N2 NAG JB . 46.40 -124.05 78.78
O3 NAG JB . 44.78 -124.20 81.21
O4 NAG JB . 46.47 -124.74 83.54
O5 NAG JB . 48.04 -126.59 80.85
O6 NAG JB . 47.01 -127.93 83.28
O7 NAG JB . 44.95 -125.22 77.51
C1 NAG KB . 42.68 -59.53 -3.54
C2 NAG KB . 41.84 -59.83 -4.80
C3 NAG KB . 41.15 -58.60 -5.39
C4 NAG KB . 40.59 -57.69 -4.32
C5 NAG KB . 41.69 -57.37 -3.32
C6 NAG KB . 41.24 -56.32 -2.31
C7 NAG KB . 42.50 -61.74 -6.20
C8 NAG KB . 43.22 -62.13 -7.46
N2 NAG KB . 42.68 -60.47 -5.81
O3 NAG KB . 40.11 -59.00 -6.26
O4 NAG KB . 40.09 -56.50 -4.88
O5 NAG KB . 42.10 -58.57 -2.68
O6 NAG KB . 39.90 -56.51 -1.94
O7 NAG KB . 41.82 -62.55 -5.60
C1 NAG LB . 63.90 -144.86 41.75
C2 NAG LB . 64.26 -144.80 40.25
C3 NAG LB . 63.65 -145.95 39.44
C4 NAG LB . 63.68 -147.27 40.19
C5 NAG LB . 63.14 -147.08 41.59
C6 NAG LB . 63.12 -148.42 42.30
C7 NAG LB . 64.63 -142.64 39.16
C8 NAG LB . 64.01 -141.49 38.42
N2 NAG LB . 63.81 -143.53 39.70
O3 NAG LB . 64.36 -146.12 38.23
O4 NAG LB . 62.90 -148.24 39.50
O5 NAG LB . 63.96 -146.16 42.28
O6 NAG LB . 64.19 -149.19 41.79
O7 NAG LB . 65.86 -142.70 39.26
C1 NAG MB . -29.28 63.74 -43.44
C2 NAG MB . -27.94 63.90 -42.70
C3 NAG MB . -26.76 63.70 -43.63
C4 NAG MB . -26.92 62.41 -44.42
C5 NAG MB . -28.29 62.35 -45.09
C6 NAG MB . -28.47 61.07 -45.90
C7 NAG MB . -27.45 65.34 -40.79
C8 NAG MB . -26.46 66.44 -40.52
N2 NAG MB . -27.85 65.21 -42.05
O3 NAG MB . -25.57 63.68 -42.87
O4 NAG MB . -25.89 62.30 -45.40
O5 NAG MB . -29.31 62.50 -44.13
O6 NAG MB . -28.45 59.95 -45.04
O7 NAG MB . -27.87 64.64 -39.86
C1 NAG NB . -35.45 56.43 -2.89
C2 NAG NB . -34.61 56.90 -1.70
C3 NAG NB . -35.01 56.26 -0.39
C4 NAG NB . -36.53 56.20 -0.21
C5 NAG NB . -37.16 55.60 -1.45
C6 NAG NB . -38.68 55.50 -1.29
C7 NAG NB . -32.27 57.58 -1.90
C8 NAG NB . -30.85 57.12 -1.91
N2 NAG NB . -33.20 56.62 -1.96
O3 NAG NB . -34.46 57.01 0.68
O4 NAG NB . -36.85 55.42 0.91
O5 NAG NB . -36.84 56.38 -2.58
O6 NAG NB . -39.17 56.73 -0.81
O7 NAG NB . -32.54 58.78 -1.85
C1 NAG OB . -42.06 134.63 -62.03
C2 NAG OB . -41.51 135.27 -63.30
C3 NAG OB . -40.00 135.46 -63.21
C4 NAG OB . -39.62 136.17 -61.92
C5 NAG OB . -40.31 135.53 -60.71
C6 NAG OB . -39.99 136.31 -59.44
C7 NAG OB . -42.02 135.05 -65.68
C8 NAG OB . -41.71 134.20 -66.87
N2 NAG OB . -41.86 134.49 -64.48
O3 NAG OB . -39.55 136.22 -64.31
O4 NAG OB . -38.23 136.12 -61.73
O5 NAG OB . -41.71 135.43 -60.91
O6 NAG OB . -39.86 137.68 -59.75
O7 NAG OB . -42.41 136.22 -65.83
C1 NAG PB . -54.69 32.18 -43.67
C2 NAG PB . -54.21 31.62 -45.01
C3 NAG PB . -53.39 30.35 -44.83
C4 NAG PB . -52.35 30.50 -43.73
C5 NAG PB . -52.99 31.02 -42.46
C6 NAG PB . -51.96 31.19 -41.34
C7 NAG PB . -55.48 31.94 -47.10
C8 NAG PB . -56.46 31.26 -48.03
N2 NAG PB . -55.34 31.38 -45.90
O3 NAG PB . -52.74 30.03 -46.04
O4 NAG PB . -51.71 29.27 -43.48
O5 NAG PB . -53.66 32.24 -42.70
O6 NAG PB . -50.81 31.84 -41.85
O7 NAG PB . -54.88 32.95 -47.46
C1 NAG QB . -75.79 118.40 -85.38
C2 NAG QB . -76.95 117.44 -85.58
C3 NAG QB . -76.76 116.62 -86.86
C4 NAG QB . -76.37 117.49 -88.04
C5 NAG QB . -75.20 118.39 -87.66
C6 NAG QB . -74.85 119.28 -88.84
C7 NAG QB . -78.23 116.41 -83.76
C8 NAG QB . -78.39 115.15 -82.95
N2 NAG QB . -77.09 116.55 -84.44
O3 NAG QB . -77.95 115.94 -87.15
O4 NAG QB . -75.98 116.70 -89.13
O5 NAG QB . -75.56 119.18 -86.54
O6 NAG QB . -76.06 119.65 -89.47
O7 NAG QB . -79.13 117.25 -83.76
C1 NAG RB . -85.67 48.84 -6.41
C2 NAG RB . -87.14 48.77 -5.98
C3 NAG RB . -87.66 47.33 -5.92
C4 NAG RB . -87.22 46.53 -7.14
C5 NAG RB . -85.72 46.65 -7.34
C6 NAG RB . -85.24 45.79 -8.51
C7 NAG RB . -88.22 50.41 -4.52
C8 NAG RB . -88.61 50.73 -3.11
N2 NAG RB . -87.34 49.43 -4.70
O3 NAG RB . -89.07 47.34 -5.84
O4 NAG RB . -87.58 45.18 -6.96
O5 NAG RB . -85.38 48.01 -7.52
O6 NAG RB . -86.04 46.04 -9.65
O7 NAG RB . -88.71 51.05 -5.46
C1 NAG SB . -85.88 138.55 -45.93
C2 NAG SB . -85.81 138.80 -44.43
C3 NAG SB . -87.21 138.69 -43.83
C4 NAG SB . -88.26 139.45 -44.65
C5 NAG SB . -88.10 139.20 -46.14
C6 NAG SB . -89.08 140.02 -46.96
C7 NAG SB . -83.78 138.23 -43.17
C8 NAG SB . -83.13 137.21 -42.27
N2 NAG SB . -84.90 137.86 -43.79
O3 NAG SB . -87.19 139.17 -42.51
O4 NAG SB . -89.55 139.05 -44.25
O5 NAG SB . -86.77 139.47 -46.52
O6 NAG SB . -89.02 141.37 -46.57
O7 NAG SB . -83.27 139.34 -43.32
#